data_5LEG
#
_entry.id   5LEG
#
_cell.length_a   1
_cell.length_b   1
_cell.length_c   1
_cell.angle_alpha   90
_cell.angle_beta   90
_cell.angle_gamma   90
#
_symmetry.space_group_name_H-M   'P 1'
#
loop_
_entity.id
_entity.type
_entity.pdbx_description
1 polymer Pilin
2 non-polymer 1,2-DIPALMITOYL-PHOSPHATIDYL-GLYCEROLE
#
_entity_poly.entity_id   1
_entity_poly.type   'polypeptide(L)'
_entity_poly.pdbx_seq_one_letter_code
;DLLAGGKDDVKATFGADSFVMMCIIIAELIVGVAMYIRTKNLLILLGLVVVIVFTTVGLTFIK
;
_entity_poly.pdbx_strand_id   1A,1B,1C,1D,1E,1F,1G,1H,1I,1J,1K,1L,1M,1N,1O,1P,2A,2B,2C,2D,2E,2F,2G,2H,2I,2J,2K,2L,2M,2N,2O,2P,3A,3B,3C,3D,3E,3F,3G,3H,3I,3J,3K,3L,3M,3N,3O,3P,4A,4B,4C,4D,4E,4F,4G,4H,4I,4J,4K,4L,4M,4N,4O,4P,5A,5B,5C,5D,5E,5F,5G,5H,5I,5J,5K,5L,5M,5N,5O,5P
#
loop_
_chem_comp.id
_chem_comp.type
_chem_comp.name
_chem_comp.formula
LHG non-polymer 1,2-DIPALMITOYL-PHOSPHATIDYL-GLYCEROLE 'C38 H75 O10 P'
#
# COMPACT_ATOMS: atom_id res chain seq x y z
N ASP A 1 -12.78 -64.35 -41.20
CA ASP A 1 -13.09 -65.59 -40.51
C ASP A 1 -14.25 -65.43 -39.56
N LEU A 2 -14.54 -66.48 -38.80
CA LEU A 2 -15.62 -66.44 -37.82
C LEU A 2 -15.10 -66.08 -36.43
N LEU A 3 -15.92 -65.38 -35.66
CA LEU A 3 -15.64 -65.15 -34.24
C LEU A 3 -16.71 -65.79 -33.36
N ALA A 4 -16.40 -65.92 -32.08
CA ALA A 4 -17.37 -66.41 -31.11
C ALA A 4 -17.78 -67.85 -31.41
N GLY A 5 -17.06 -68.47 -32.35
CA GLY A 5 -17.65 -69.50 -33.19
C GLY A 5 -17.34 -70.89 -32.71
N GLY A 6 -16.32 -71.01 -31.87
CA GLY A 6 -16.52 -71.20 -30.45
C GLY A 6 -15.71 -72.36 -29.88
N LYS A 7 -16.32 -73.11 -28.97
CA LYS A 7 -17.04 -74.33 -29.33
C LYS A 7 -18.38 -74.01 -29.97
N ASP A 8 -18.85 -74.91 -30.84
CA ASP A 8 -20.03 -75.72 -30.52
C ASP A 8 -19.66 -76.89 -29.62
N ASP A 9 -20.28 -76.94 -28.45
CA ASP A 9 -20.92 -78.17 -27.97
C ASP A 9 -22.38 -77.93 -27.62
N VAL A 10 -22.77 -76.66 -27.58
CA VAL A 10 -24.16 -76.29 -27.38
C VAL A 10 -25.09 -77.27 -28.09
N LYS A 11 -24.69 -77.71 -29.28
CA LYS A 11 -25.41 -78.74 -30.00
C LYS A 11 -25.55 -80.01 -29.18
N ALA A 12 -24.47 -80.47 -28.56
CA ALA A 12 -24.56 -81.67 -27.73
C ALA A 12 -25.47 -81.45 -26.53
N THR A 13 -25.61 -80.20 -26.07
CA THR A 13 -26.50 -79.93 -24.95
C THR A 13 -27.96 -80.13 -25.34
N PHE A 14 -28.35 -79.59 -26.49
CA PHE A 14 -29.72 -79.70 -26.97
C PHE A 14 -29.90 -80.82 -27.98
N GLY A 15 -28.88 -81.61 -28.25
CA GLY A 15 -28.90 -82.57 -29.34
C GLY A 15 -29.70 -83.82 -29.05
N ALA A 16 -29.40 -84.88 -29.81
CA ALA A 16 -30.18 -86.10 -29.85
C ALA A 16 -30.40 -86.69 -28.47
N ASP A 17 -29.34 -87.21 -27.85
CA ASP A 17 -29.44 -87.70 -26.48
C ASP A 17 -29.03 -86.55 -25.56
N SER A 18 -30.01 -86.01 -24.84
CA SER A 18 -29.80 -84.82 -24.05
C SER A 18 -30.70 -84.87 -22.84
N PHE A 19 -30.54 -83.87 -21.96
CA PHE A 19 -31.48 -83.72 -20.87
C PHE A 19 -32.73 -82.95 -21.31
N VAL A 20 -32.55 -81.89 -22.09
CA VAL A 20 -33.70 -81.09 -22.49
C VAL A 20 -34.53 -81.81 -23.53
N MET A 21 -33.88 -82.54 -24.44
CA MET A 21 -34.64 -83.32 -25.39
C MET A 21 -35.35 -84.48 -24.72
N MET A 22 -34.88 -84.88 -23.53
CA MET A 22 -35.52 -85.95 -22.78
C MET A 22 -36.73 -85.45 -22.02
N CYS A 23 -36.70 -84.21 -21.51
CA CYS A 23 -37.87 -83.69 -20.81
C CYS A 23 -38.91 -83.16 -21.79
N ILE A 24 -38.49 -82.62 -22.94
CA ILE A 24 -39.47 -82.06 -23.85
C ILE A 24 -40.30 -83.17 -24.48
N ILE A 25 -39.74 -84.37 -24.60
CA ILE A 25 -40.48 -85.50 -25.10
C ILE A 25 -41.37 -86.14 -24.04
N ILE A 26 -40.98 -86.05 -22.77
CA ILE A 26 -41.78 -86.71 -21.74
C ILE A 26 -42.98 -85.86 -21.38
N ALA A 27 -42.94 -84.56 -21.64
CA ALA A 27 -44.09 -83.72 -21.40
C ALA A 27 -45.18 -84.00 -22.43
N GLU A 28 -44.78 -84.23 -23.68
CA GLU A 28 -45.73 -84.62 -24.71
C GLU A 28 -46.51 -85.87 -24.30
N LEU A 29 -45.83 -86.80 -23.65
CA LEU A 29 -46.49 -88.03 -23.22
C LEU A 29 -47.50 -87.73 -22.11
N ILE A 30 -47.10 -86.94 -21.12
CA ILE A 30 -47.91 -86.86 -19.91
C ILE A 30 -49.08 -85.92 -20.10
N VAL A 31 -48.93 -84.86 -20.90
CA VAL A 31 -50.10 -84.04 -21.18
C VAL A 31 -50.82 -84.54 -22.41
N GLY A 32 -50.25 -85.50 -23.13
CA GLY A 32 -50.97 -86.13 -24.20
C GLY A 32 -52.05 -87.01 -23.63
N VAL A 33 -51.69 -87.80 -22.62
CA VAL A 33 -52.68 -88.64 -21.96
C VAL A 33 -53.72 -87.80 -21.25
N ALA A 34 -53.31 -86.69 -20.65
CA ALA A 34 -54.23 -85.78 -20.00
C ALA A 34 -55.33 -85.35 -20.96
N MET A 35 -54.97 -84.61 -22.02
CA MET A 35 -55.97 -84.13 -22.95
C MET A 35 -56.71 -85.25 -23.65
N TYR A 36 -56.21 -86.48 -23.54
CA TYR A 36 -56.97 -87.62 -24.03
C TYR A 36 -58.08 -88.00 -23.07
N ILE A 37 -57.75 -88.10 -21.78
CA ILE A 37 -58.71 -88.59 -20.81
C ILE A 37 -59.89 -87.63 -20.69
N ARG A 38 -59.60 -86.33 -20.70
CA ARG A 38 -60.65 -85.32 -20.59
C ARG A 38 -61.57 -85.31 -21.81
N THR A 39 -61.15 -85.93 -22.91
CA THR A 39 -61.90 -85.93 -24.15
C THR A 39 -62.24 -87.34 -24.60
N LYS A 40 -61.23 -88.19 -24.80
CA LYS A 40 -61.36 -89.50 -25.42
C LYS A 40 -61.78 -89.37 -26.89
N ASN A 41 -60.85 -88.82 -27.65
CA ASN A 41 -60.73 -89.03 -29.08
C ASN A 41 -59.28 -89.38 -29.35
N LEU A 42 -59.02 -90.19 -30.36
CA LEU A 42 -57.64 -90.48 -30.67
C LEU A 42 -57.31 -89.82 -32.01
N LEU A 43 -56.89 -88.57 -31.98
CA LEU A 43 -55.75 -88.11 -32.71
C LEU A 43 -54.64 -87.67 -31.79
N ILE A 44 -54.93 -87.55 -30.49
CA ILE A 44 -54.01 -86.86 -29.59
C ILE A 44 -52.90 -87.80 -29.16
N LEU A 45 -53.23 -89.06 -28.90
CA LEU A 45 -52.18 -90.03 -28.67
C LEU A 45 -51.22 -90.08 -29.84
N LEU A 46 -51.72 -89.83 -31.04
CA LEU A 46 -50.84 -89.71 -32.19
C LEU A 46 -50.04 -88.43 -32.14
N GLY A 47 -50.47 -87.45 -31.34
CA GLY A 47 -49.71 -86.23 -31.19
C GLY A 47 -48.33 -86.47 -30.60
N LEU A 48 -48.12 -87.60 -29.94
CA LEU A 48 -46.79 -87.93 -29.47
C LEU A 48 -45.89 -88.31 -30.64
N VAL A 49 -46.45 -88.93 -31.66
CA VAL A 49 -45.64 -89.37 -32.79
C VAL A 49 -45.05 -88.18 -33.52
N VAL A 50 -45.82 -87.11 -33.70
CA VAL A 50 -45.33 -85.98 -34.45
C VAL A 50 -44.22 -85.24 -33.72
N VAL A 51 -44.12 -85.41 -32.41
CA VAL A 51 -42.98 -84.84 -31.68
C VAL A 51 -41.75 -85.72 -31.84
N ILE A 52 -41.93 -87.03 -31.93
CA ILE A 52 -40.82 -87.93 -32.17
C ILE A 52 -40.11 -87.55 -33.46
N VAL A 53 -40.87 -87.49 -34.55
CA VAL A 53 -40.26 -87.24 -35.84
C VAL A 53 -39.78 -85.81 -35.95
N PHE A 54 -40.53 -84.85 -35.38
CA PHE A 54 -40.18 -83.45 -35.55
C PHE A 54 -38.82 -83.15 -34.93
N THR A 55 -38.61 -83.55 -33.68
CA THR A 55 -37.31 -83.36 -33.06
C THR A 55 -36.24 -84.12 -33.83
N THR A 56 -36.54 -85.34 -34.26
CA THR A 56 -35.56 -86.13 -34.98
C THR A 56 -35.12 -85.44 -36.27
N VAL A 57 -36.07 -85.17 -37.17
CA VAL A 57 -35.71 -84.51 -38.42
C VAL A 57 -35.40 -83.04 -38.23
N GLY A 58 -35.76 -82.47 -37.08
CA GLY A 58 -35.42 -81.09 -36.83
C GLY A 58 -33.96 -80.93 -36.48
N LEU A 59 -33.48 -81.77 -35.56
CA LEU A 59 -32.09 -81.64 -35.09
C LEU A 59 -31.08 -81.76 -36.22
N THR A 60 -31.42 -82.49 -37.29
CA THR A 60 -30.47 -82.63 -38.38
C THR A 60 -30.33 -81.37 -39.21
N PHE A 61 -31.23 -80.39 -39.05
CA PHE A 61 -31.09 -79.12 -39.75
C PHE A 61 -30.21 -78.13 -39.02
N ILE A 62 -29.83 -78.44 -37.77
CA ILE A 62 -28.99 -77.51 -37.00
C ILE A 62 -27.67 -77.27 -37.69
N LYS A 63 -27.06 -78.33 -38.21
CA LYS A 63 -25.77 -78.22 -38.87
C LYS A 63 -25.86 -77.41 -40.16
N ASP B 1 -13.76 -42.24 -51.09
CA ASP B 1 -13.71 -43.67 -50.81
C ASP B 1 -14.48 -44.00 -49.54
N LEU B 2 -14.41 -45.26 -49.12
CA LEU B 2 -15.09 -45.71 -47.91
C LEU B 2 -14.13 -45.68 -46.72
N LEU B 3 -14.68 -45.39 -45.54
CA LEU B 3 -13.95 -45.54 -44.29
C LEU B 3 -14.58 -46.60 -43.39
N ALA B 4 -13.85 -47.03 -42.38
CA ALA B 4 -14.38 -47.95 -41.38
C ALA B 4 -14.76 -49.29 -42.01
N GLY B 5 -14.37 -49.48 -43.28
CA GLY B 5 -15.15 -50.29 -44.19
C GLY B 5 -14.59 -51.69 -44.33
N GLY B 6 -13.33 -51.87 -43.93
CA GLY B 6 -13.01 -52.50 -42.66
C GLY B 6 -11.99 -53.60 -42.80
N LYS B 7 -12.18 -54.68 -42.06
CA LYS B 7 -12.89 -55.85 -42.57
C LYS B 7 -14.40 -55.61 -42.61
N ASP B 8 -15.07 -56.28 -43.54
CA ASP B 8 -16.00 -57.35 -43.17
C ASP B 8 -15.26 -58.64 -42.88
N ASP B 9 -15.42 -59.15 -41.66
CA ASP B 9 -15.76 -60.55 -41.45
C ASP B 9 -17.03 -60.70 -40.60
N VAL B 10 -17.46 -59.59 -40.01
CA VAL B 10 -18.72 -59.55 -39.29
C VAL B 10 -19.77 -60.43 -39.96
N LYS B 11 -19.78 -60.42 -41.30
CA LYS B 11 -20.64 -61.31 -42.06
C LYS B 11 -20.38 -62.77 -41.72
N ALA B 12 -19.12 -63.19 -41.65
CA ALA B 12 -18.83 -64.56 -41.28
C ALA B 12 -19.28 -64.87 -39.86
N THR B 13 -19.35 -63.87 -39.00
CA THR B 13 -19.80 -64.10 -37.63
C THR B 13 -21.29 -64.42 -37.60
N PHE B 14 -22.10 -63.66 -38.32
CA PHE B 14 -23.53 -63.87 -38.36
C PHE B 14 -23.99 -64.66 -39.58
N GLY B 15 -23.06 -65.14 -40.41
CA GLY B 15 -23.39 -65.73 -41.68
C GLY B 15 -23.95 -67.13 -41.60
N ALA B 16 -23.86 -67.84 -42.73
CA ALA B 16 -24.52 -69.13 -42.94
C ALA B 16 -24.20 -70.13 -41.83
N ASP B 17 -22.96 -70.60 -41.78
CA ASP B 17 -22.53 -71.48 -40.70
C ASP B 17 -21.92 -70.59 -39.62
N SER B 18 -22.62 -70.48 -38.50
CA SER B 18 -22.22 -69.54 -37.46
C SER B 18 -22.64 -70.10 -36.11
N PHE B 19 -22.26 -69.39 -35.05
CA PHE B 19 -22.76 -69.74 -33.73
C PHE B 19 -24.13 -69.11 -33.49
N VAL B 20 -24.31 -67.85 -33.88
CA VAL B 20 -25.59 -67.20 -33.61
C VAL B 20 -26.68 -67.72 -34.53
N MET B 21 -26.34 -68.01 -35.78
CA MET B 21 -27.32 -68.62 -36.66
C MET B 21 -27.67 -70.03 -36.23
N MET B 22 -26.79 -70.66 -35.45
CA MET B 22 -27.05 -72.00 -34.95
C MET B 22 -27.95 -71.98 -33.72
N CYS B 23 -27.83 -70.96 -32.87
CA CYS B 23 -28.72 -70.88 -31.72
C CYS B 23 -30.07 -70.28 -32.09
N ILE B 24 -30.11 -69.37 -33.05
CA ILE B 24 -31.38 -68.75 -33.39
C ILE B 24 -32.30 -69.76 -34.06
N ILE B 25 -31.73 -70.74 -34.74
CA ILE B 25 -32.53 -71.80 -35.34
C ILE B 25 -32.94 -72.87 -34.33
N ILE B 26 -32.14 -73.09 -33.29
CA ILE B 26 -32.48 -74.15 -32.34
C ILE B 26 -33.53 -73.68 -31.37
N ALA B 27 -33.68 -72.37 -31.18
CA ALA B 27 -34.73 -71.86 -30.33
C ALA B 27 -36.08 -72.02 -31.01
N GLU B 28 -36.13 -71.79 -32.32
CA GLU B 28 -37.36 -72.04 -33.08
C GLU B 28 -37.84 -73.46 -32.90
N LEU B 29 -36.92 -74.41 -32.83
CA LEU B 29 -37.31 -75.80 -32.65
C LEU B 29 -37.89 -76.03 -31.27
N ILE B 30 -37.22 -75.51 -30.24
CA ILE B 30 -37.56 -75.93 -28.88
C ILE B 30 -38.79 -75.20 -28.38
N VAL B 31 -39.00 -73.95 -28.78
CA VAL B 31 -40.25 -73.29 -28.40
C VAL B 31 -41.32 -73.54 -29.44
N GLY B 32 -40.96 -74.13 -30.57
CA GLY B 32 -41.96 -74.55 -31.52
C GLY B 32 -42.72 -75.74 -30.97
N VAL B 33 -41.97 -76.71 -30.45
CA VAL B 33 -42.61 -77.87 -29.84
C VAL B 33 -43.39 -77.46 -28.61
N ALA B 34 -42.87 -76.52 -27.83
CA ALA B 34 -43.58 -76.03 -26.66
C ALA B 34 -44.97 -75.54 -27.03
N MET B 35 -45.04 -74.48 -27.83
CA MET B 35 -46.35 -73.92 -28.20
C MET B 35 -47.20 -74.91 -28.97
N TYR B 36 -46.61 -76.01 -29.43
CA TYR B 36 -47.42 -77.07 -30.02
C TYR B 36 -48.09 -77.91 -28.95
N ILE B 37 -47.31 -78.31 -27.94
CA ILE B 37 -47.84 -79.23 -26.94
C ILE B 37 -48.96 -78.58 -26.15
N ARG B 38 -48.80 -77.30 -25.81
CA ARG B 38 -49.81 -76.58 -25.05
C ARG B 38 -51.09 -76.38 -25.85
N THR B 39 -51.04 -76.56 -27.17
CA THR B 39 -52.17 -76.33 -28.06
C THR B 39 -52.55 -77.58 -28.82
N LYS B 40 -51.61 -78.16 -29.58
CA LYS B 40 -51.86 -79.23 -30.54
C LYS B 40 -52.78 -78.75 -31.68
N ASN B 41 -52.21 -77.84 -32.44
CA ASN B 41 -52.58 -77.60 -33.83
C ASN B 41 -51.30 -77.60 -34.64
N LEU B 42 -51.36 -78.01 -35.90
CA LEU B 42 -50.15 -77.93 -36.69
C LEU B 42 -50.36 -76.88 -37.76
N LEU B 43 -50.05 -75.63 -37.44
CA LEU B 43 -49.27 -74.78 -38.30
C LEU B 43 -47.93 -74.43 -37.66
N ILE B 44 -47.76 -74.75 -36.38
CA ILE B 44 -46.65 -74.21 -35.63
C ILE B 44 -45.38 -75.01 -35.89
N LEU B 45 -45.51 -76.33 -35.98
CA LEU B 45 -44.38 -77.13 -36.43
C LEU B 45 -43.89 -76.65 -37.79
N LEU B 46 -44.80 -76.16 -38.62
CA LEU B 46 -44.38 -75.56 -39.88
C LEU B 46 -43.71 -74.21 -39.64
N GLY B 47 -43.91 -73.62 -38.47
CA GLY B 47 -43.22 -72.37 -38.16
C GLY B 47 -41.72 -72.52 -38.15
N LEU B 48 -41.21 -73.74 -37.99
CA LEU B 48 -39.78 -73.95 -38.10
C LEU B 48 -39.32 -73.79 -39.54
N VAL B 49 -40.15 -74.19 -40.49
CA VAL B 49 -39.76 -74.12 -41.89
C VAL B 49 -39.54 -72.69 -42.33
N VAL B 50 -40.41 -71.77 -41.89
CA VAL B 50 -40.29 -70.39 -42.34
C VAL B 50 -39.06 -69.72 -41.78
N VAL B 51 -38.48 -70.23 -40.69
CA VAL B 51 -37.21 -69.71 -40.20
C VAL B 51 -36.04 -70.26 -41.01
N ILE B 52 -36.16 -71.50 -41.47
CA ILE B 52 -35.13 -72.08 -42.34
C ILE B 52 -34.96 -71.22 -43.58
N VAL B 53 -36.06 -70.98 -44.29
CA VAL B 53 -35.95 -70.26 -45.54
C VAL B 53 -35.65 -68.79 -45.31
N PHE B 54 -36.20 -68.21 -44.25
CA PHE B 54 -36.03 -66.77 -44.04
C PHE B 54 -34.57 -66.42 -43.81
N THR B 55 -33.92 -67.12 -42.89
CA THR B 55 -32.50 -66.89 -42.68
C THR B 55 -31.70 -67.20 -43.95
N THR B 56 -32.06 -68.27 -44.65
CA THR B 56 -31.33 -68.62 -45.86
C THR B 56 -31.43 -67.52 -46.91
N VAL B 57 -32.65 -67.17 -47.32
CA VAL B 57 -32.79 -66.12 -48.33
C VAL B 57 -32.54 -64.74 -47.75
N GLY B 58 -32.51 -64.61 -46.44
CA GLY B 58 -32.21 -63.33 -45.85
C GLY B 58 -30.73 -63.01 -45.93
N LEU B 59 -29.89 -63.98 -45.55
CA LEU B 59 -28.45 -63.76 -45.52
C LEU B 59 -27.89 -63.36 -46.87
N THR B 60 -28.52 -63.78 -47.96
CA THR B 60 -28.02 -63.44 -49.27
C THR B 60 -28.26 -61.98 -49.63
N PHE B 61 -29.12 -61.27 -48.89
CA PHE B 61 -29.32 -59.84 -49.13
C PHE B 61 -28.30 -58.98 -48.41
N ILE B 62 -27.50 -59.55 -47.52
CA ILE B 62 -26.51 -58.76 -46.79
C ILE B 62 -25.54 -58.09 -47.73
N LYS B 63 -25.07 -58.82 -48.72
CA LYS B 63 -24.10 -58.29 -49.68
C LYS B 63 -24.71 -57.18 -50.52
N ASP C 1 -19.69 -18.77 -52.19
CA ASP C 1 -19.45 -20.19 -52.43
C ASP C 1 -19.70 -21.01 -51.17
N LEU C 2 -19.40 -22.30 -51.25
CA LEU C 2 -19.58 -23.19 -50.11
C LEU C 2 -18.27 -23.35 -49.32
N LEU C 3 -18.39 -23.52 -48.02
CA LEU C 3 -17.26 -23.89 -47.19
C LEU C 3 -17.46 -25.26 -46.54
N ALA C 4 -16.39 -25.83 -46.01
CA ALA C 4 -16.47 -27.08 -45.26
C ALA C 4 -16.96 -28.22 -46.16
N GLY C 5 -17.03 -27.96 -47.46
CA GLY C 5 -18.01 -28.60 -48.31
C GLY C 5 -17.44 -29.77 -49.08
N GLY C 6 -16.11 -29.82 -49.16
CA GLY C 6 -15.33 -30.72 -48.34
C GLY C 6 -14.33 -31.54 -49.16
N LYS C 7 -14.18 -32.81 -48.79
CA LYS C 7 -14.94 -33.88 -49.43
C LYS C 7 -16.38 -33.91 -48.92
N ASP C 8 -17.28 -34.40 -49.76
CA ASP C 8 -17.95 -35.68 -49.51
C ASP C 8 -17.06 -36.85 -49.91
N ASP C 9 -16.75 -37.71 -48.95
CA ASP C 9 -16.90 -39.15 -49.12
C ASP C 9 -17.77 -39.74 -48.03
N VAL C 10 -18.06 -38.96 -47.00
CA VAL C 10 -18.99 -39.36 -45.96
C VAL C 10 -20.14 -40.18 -46.53
N LYS C 11 -20.61 -39.78 -47.70
CA LYS C 11 -21.61 -40.56 -48.43
C LYS C 11 -21.16 -41.98 -48.68
N ALA C 12 -19.93 -42.17 -49.15
CA ALA C 12 -19.43 -43.52 -49.37
C ALA C 12 -19.33 -44.31 -48.07
N THR C 13 -19.16 -43.61 -46.95
CA THR C 13 -19.09 -44.31 -45.67
C THR C 13 -20.44 -44.90 -45.30
N PHE C 14 -21.50 -44.12 -45.44
CA PHE C 14 -22.85 -44.56 -45.10
C PHE C 14 -23.64 -45.03 -46.32
N GLY C 15 -23.02 -45.08 -47.49
CA GLY C 15 -23.74 -45.31 -48.73
C GLY C 15 -24.14 -46.75 -48.94
N ALA C 16 -24.41 -47.08 -50.22
CA ALA C 16 -24.99 -48.34 -50.63
C ALA C 16 -24.23 -49.55 -50.08
N ASP C 17 -23.03 -49.79 -50.58
CA ASP C 17 -22.18 -50.84 -50.04
C ASP C 17 -21.30 -50.22 -48.97
N SER C 18 -21.57 -50.56 -47.71
CA SER C 18 -20.91 -49.92 -46.60
C SER C 18 -20.79 -50.91 -45.46
N PHE C 19 -20.11 -50.48 -44.39
CA PHE C 19 -20.10 -51.29 -43.18
C PHE C 19 -21.34 -51.02 -42.33
N VAL C 20 -21.74 -49.75 -42.21
CA VAL C 20 -22.88 -49.44 -41.35
C VAL C 20 -24.18 -49.86 -42.01
N MET C 21 -24.28 -49.72 -43.33
CA MET C 21 -25.46 -50.20 -44.01
C MET C 21 -25.53 -51.71 -44.00
N MET C 22 -24.40 -52.38 -43.78
CA MET C 22 -24.36 -53.83 -43.70
C MET C 22 -24.78 -54.32 -42.33
N CYS C 23 -24.45 -53.60 -41.26
CA CYS C 23 -24.88 -54.02 -39.94
C CYS C 23 -26.31 -53.60 -39.64
N ILE C 24 -26.75 -52.46 -40.20
CA ILE C 24 -28.10 -52.01 -39.89
C ILE C 24 -29.12 -52.92 -40.54
N ILE C 25 -28.76 -53.56 -41.66
CA ILE C 25 -29.64 -54.51 -42.30
C ILE C 25 -29.60 -55.88 -41.63
N ILE C 26 -28.47 -56.25 -41.03
CA ILE C 26 -28.38 -57.58 -40.45
C ILE C 26 -29.06 -57.62 -39.08
N ALA C 27 -29.22 -56.47 -38.44
CA ALA C 27 -29.95 -56.43 -37.18
C ALA C 27 -31.43 -56.61 -37.42
N GLU C 28 -31.96 -56.03 -38.50
CA GLU C 28 -33.34 -56.26 -38.88
C GLU C 28 -33.63 -57.74 -39.04
N LEU C 29 -32.68 -58.48 -39.59
CA LEU C 29 -32.88 -59.91 -39.78
C LEU C 29 -32.92 -60.64 -38.44
N ILE C 30 -31.97 -60.33 -37.56
CA ILE C 30 -31.79 -61.18 -36.40
C ILE C 30 -32.81 -60.87 -35.32
N VAL C 31 -33.24 -59.61 -35.18
CA VAL C 31 -34.32 -59.33 -34.25
C VAL C 31 -35.67 -59.45 -34.93
N GLY C 32 -35.69 -59.61 -36.25
CA GLY C 32 -36.92 -59.91 -36.92
C GLY C 32 -37.36 -61.32 -36.60
N VAL C 33 -36.40 -62.25 -36.69
CA VAL C 33 -36.70 -63.63 -36.34
C VAL C 33 -37.04 -63.75 -34.87
N ALA C 34 -36.35 -63.00 -34.02
CA ALA C 34 -36.63 -63.01 -32.59
C ALA C 34 -38.10 -62.69 -32.33
N MET C 35 -38.53 -61.46 -32.67
CA MET C 35 -39.91 -61.08 -32.40
C MET C 35 -40.90 -61.94 -33.16
N TYR C 36 -40.44 -62.72 -34.12
CA TYR C 36 -41.32 -63.70 -34.76
C TYR C 36 -41.51 -64.91 -33.87
N ILE C 37 -40.41 -65.45 -33.35
CA ILE C 37 -40.49 -66.70 -32.60
C ILE C 37 -41.31 -66.52 -31.34
N ARG C 38 -41.12 -65.40 -30.66
CA ARG C 38 -41.86 -65.12 -29.43
C ARG C 38 -43.35 -64.93 -29.68
N THR C 39 -43.74 -64.70 -30.93
CA THR C 39 -45.13 -64.42 -31.29
C THR C 39 -45.66 -65.45 -32.28
N LYS C 40 -45.02 -65.60 -33.44
CA LYS C 40 -45.50 -66.37 -34.58
C LYS C 40 -46.79 -65.76 -35.14
N ASN C 41 -46.59 -64.57 -35.71
CA ASN C 41 -47.43 -64.01 -36.73
C ASN C 41 -46.52 -63.54 -37.84
N LEU C 42 -46.99 -63.57 -39.09
CA LEU C 42 -46.14 -63.05 -40.15
C LEU C 42 -46.78 -61.79 -40.68
N LEU C 43 -46.47 -60.65 -40.07
CA LEU C 43 -46.10 -59.46 -40.79
C LEU C 43 -44.66 -59.08 -40.51
N ILE C 44 -44.03 -59.72 -39.53
CA ILE C 44 -42.76 -59.23 -39.02
C ILE C 44 -41.61 -59.68 -39.92
N LEU C 45 -41.67 -60.92 -40.40
CA LEU C 45 -40.72 -61.33 -41.42
C LEU C 45 -40.76 -60.40 -42.61
N LEU C 46 -41.94 -59.85 -42.91
CA LEU C 46 -42.03 -58.85 -43.95
C LEU C 46 -41.42 -57.54 -43.51
N GLY C 47 -41.24 -57.36 -42.20
CA GLY C 47 -40.58 -56.15 -41.71
C GLY C 47 -39.15 -56.02 -42.22
N LEU C 48 -38.54 -57.12 -42.64
CA LEU C 48 -37.22 -57.03 -43.25
C LEU C 48 -37.30 -56.38 -44.63
N VAL C 49 -38.40 -56.63 -45.34
CA VAL C 49 -38.51 -56.08 -46.69
C VAL C 49 -38.57 -54.56 -46.66
N VAL C 50 -39.29 -53.99 -45.70
CA VAL C 50 -39.43 -52.55 -45.68
C VAL C 50 -38.12 -51.85 -45.33
N VAL C 51 -37.18 -52.55 -44.72
CA VAL C 51 -35.86 -51.98 -44.49
C VAL C 51 -35.02 -52.04 -45.75
N ILE C 52 -35.19 -53.10 -46.55
CA ILE C 52 -34.50 -53.21 -47.82
C ILE C 52 -34.83 -52.01 -48.71
N VAL C 53 -36.12 -51.77 -48.92
CA VAL C 53 -36.51 -50.70 -49.83
C VAL C 53 -36.25 -49.34 -49.22
N PHE C 54 -36.44 -49.20 -47.90
CA PHE C 54 -36.31 -47.89 -47.28
C PHE C 54 -34.88 -47.36 -47.42
N THR C 55 -33.90 -48.16 -47.03
CA THR C 55 -32.52 -47.75 -47.20
C THR C 55 -32.20 -47.52 -48.67
N THR C 56 -32.70 -48.39 -49.55
CA THR C 56 -32.42 -48.24 -50.97
C THR C 56 -32.95 -46.92 -51.51
N VAL C 57 -34.26 -46.69 -51.39
CA VAL C 57 -34.82 -45.44 -51.88
C VAL C 57 -34.48 -44.26 -50.99
N GLY C 58 -34.01 -44.52 -49.78
CA GLY C 58 -33.60 -43.42 -48.92
C GLY C 58 -32.27 -42.84 -49.34
N LEU C 59 -31.30 -43.71 -49.58
CA LEU C 59 -29.96 -43.24 -49.91
C LEU C 59 -29.92 -42.39 -51.16
N THR C 60 -30.87 -42.57 -52.08
CA THR C 60 -30.88 -41.77 -53.29
C THR C 60 -31.33 -40.34 -53.05
N PHE C 61 -31.92 -40.05 -51.88
CA PHE C 61 -32.30 -38.68 -51.56
C PHE C 61 -31.16 -37.89 -50.94
N ILE C 62 -30.05 -38.54 -50.59
CA ILE C 62 -28.94 -37.84 -49.97
C ILE C 62 -28.40 -36.75 -50.88
N LYS C 63 -28.26 -37.07 -52.16
CA LYS C 63 -27.73 -36.13 -53.13
C LYS C 63 -28.66 -34.94 -53.32
N ASP D 1 -27.28 2.53 -43.46
CA ASP D 1 -27.02 1.32 -44.23
C ASP D 1 -26.77 0.13 -43.31
N LEU D 2 -26.42 -1.01 -43.90
CA LEU D 2 -26.12 -2.21 -43.13
C LEU D 2 -24.63 -2.35 -42.89
N LEU D 3 -24.27 -2.91 -41.74
CA LEU D 3 -22.89 -3.30 -41.47
C LEU D 3 -22.76 -4.81 -41.29
N ALA D 4 -21.54 -5.31 -41.35
CA ALA D 4 -21.26 -6.71 -41.08
C ALA D 4 -21.94 -7.62 -42.10
N GLY D 5 -22.49 -7.00 -43.15
CA GLY D 5 -23.66 -7.53 -43.83
C GLY D 5 -23.30 -8.31 -45.08
N GLY D 6 -22.09 -8.09 -45.58
CA GLY D 6 -21.01 -9.04 -45.40
C GLY D 6 -20.31 -9.38 -46.70
N LYS D 7 -19.95 -10.65 -46.84
CA LYS D 7 -20.80 -11.62 -47.54
C LYS D 7 -21.97 -12.05 -46.65
N ASP D 8 -23.07 -12.43 -47.29
CA ASP D 8 -23.51 -13.81 -47.29
C ASP D 8 -22.75 -14.65 -48.30
N ASP D 9 -22.06 -15.67 -47.83
CA ASP D 9 -22.15 -17.00 -48.42
C ASP D 9 -22.56 -18.04 -47.38
N VAL D 10 -22.51 -17.65 -46.12
CA VAL D 10 -22.99 -18.51 -45.03
C VAL D 10 -24.20 -19.32 -45.47
N LYS D 11 -25.08 -18.69 -46.25
CA LYS D 11 -26.21 -19.38 -46.83
C LYS D 11 -25.78 -20.56 -47.68
N ALA D 12 -24.78 -20.38 -48.53
CA ALA D 12 -24.29 -21.49 -49.34
C ALA D 12 -23.70 -22.59 -48.47
N THR D 13 -23.19 -22.23 -47.30
CA THR D 13 -22.63 -23.26 -46.41
C THR D 13 -23.72 -24.16 -45.86
N PHE D 14 -24.82 -23.58 -45.39
CA PHE D 14 -25.93 -24.34 -44.83
C PHE D 14 -27.05 -24.56 -45.82
N GLY D 15 -26.88 -24.15 -47.08
CA GLY D 15 -27.97 -24.14 -48.04
C GLY D 15 -28.32 -25.51 -48.60
N ALA D 16 -28.99 -25.48 -49.76
CA ALA D 16 -29.60 -26.66 -50.37
C ALA D 16 -28.62 -27.82 -50.52
N ASP D 17 -27.64 -27.68 -51.41
CA ASP D 17 -26.59 -28.67 -51.54
C ASP D 17 -25.43 -28.25 -50.65
N SER D 18 -25.22 -28.98 -49.56
CA SER D 18 -24.25 -28.58 -48.56
C SER D 18 -23.68 -29.82 -47.92
N PHE D 19 -22.70 -29.61 -47.04
CA PHE D 19 -22.21 -30.72 -46.22
C PHE D 19 -23.09 -30.94 -45.00
N VAL D 20 -23.51 -29.85 -44.34
CA VAL D 20 -24.30 -30.02 -43.12
C VAL D 20 -25.71 -30.45 -43.45
N MET D 21 -26.28 -29.96 -44.54
CA MET D 21 -27.59 -30.42 -44.95
C MET D 21 -27.54 -31.86 -45.42
N MET D 22 -26.36 -32.34 -45.81
CA MET D 22 -26.20 -33.72 -46.23
C MET D 22 -26.07 -34.66 -45.05
N CYS D 23 -25.44 -34.23 -43.96
CA CYS D 23 -25.35 -35.09 -42.79
C CYS D 23 -26.62 -35.03 -41.94
N ILE D 24 -27.30 -33.89 -41.91
CA ILE D 24 -28.49 -33.79 -41.08
C ILE D 24 -29.61 -34.64 -41.65
N ILE D 25 -29.61 -34.86 -42.97
CA ILE D 25 -30.59 -35.72 -43.59
C ILE D 25 -30.22 -37.19 -43.47
N ILE D 26 -28.93 -37.52 -43.40
CA ILE D 26 -28.55 -38.92 -43.36
C ILE D 26 -28.71 -39.47 -41.95
N ALA D 27 -28.71 -38.61 -40.94
CA ALA D 27 -28.96 -39.07 -39.58
C ALA D 27 -30.42 -39.44 -39.40
N GLU D 28 -31.32 -38.67 -40.00
CA GLU D 28 -32.73 -39.03 -39.99
C GLU D 28 -32.97 -40.42 -40.54
N LEU D 29 -32.21 -40.80 -41.57
CA LEU D 29 -32.35 -42.12 -42.16
C LEU D 29 -31.88 -43.19 -41.20
N ILE D 30 -30.70 -42.99 -40.60
CA ILE D 30 -30.07 -44.09 -39.91
C ILE D 30 -30.67 -44.30 -38.52
N VAL D 31 -31.11 -43.23 -37.85
CA VAL D 31 -31.81 -43.44 -36.60
C VAL D 31 -33.30 -43.59 -36.83
N GLY D 32 -33.77 -43.37 -38.05
CA GLY D 32 -35.14 -43.66 -38.37
C GLY D 32 -35.33 -45.16 -38.42
N VAL D 33 -34.41 -45.84 -39.11
CA VAL D 33 -34.47 -47.30 -39.17
C VAL D 33 -34.25 -47.91 -37.79
N ALA D 34 -33.37 -47.32 -37.00
CA ALA D 34 -33.14 -47.79 -35.64
C ALA D 34 -34.44 -47.83 -34.85
N MET D 35 -35.03 -46.66 -34.61
CA MET D 35 -36.26 -46.62 -33.82
C MET D 35 -37.39 -47.39 -34.48
N TYR D 36 -37.24 -47.76 -35.75
CA TYR D 36 -38.22 -48.64 -36.37
C TYR D 36 -38.01 -50.09 -35.93
N ILE D 37 -36.76 -50.55 -35.98
CA ILE D 37 -36.48 -51.95 -35.70
C ILE D 37 -36.82 -52.30 -34.27
N ARG D 38 -36.49 -51.40 -33.34
CA ARG D 38 -36.76 -51.63 -31.93
C ARG D 38 -38.26 -51.65 -31.63
N THR D 39 -39.08 -51.14 -32.54
CA THR D 39 -40.52 -51.04 -32.35
C THR D 39 -41.29 -51.81 -33.41
N LYS D 40 -41.07 -51.49 -34.69
CA LYS D 40 -41.88 -51.97 -35.82
C LYS D 40 -43.32 -51.46 -35.72
N ASN D 41 -43.42 -50.15 -35.87
CA ASN D 41 -44.61 -49.47 -36.35
C ASN D 41 -44.16 -48.54 -37.46
N LEU D 42 -45.04 -48.30 -38.43
CA LEU D 42 -44.65 -47.34 -39.46
C LEU D 42 -45.53 -46.12 -39.31
N LEU D 43 -45.11 -45.17 -38.48
CA LEU D 43 -45.09 -43.77 -38.85
C LEU D 43 -43.68 -43.24 -38.91
N ILE D 44 -42.70 -44.01 -38.45
CA ILE D 44 -41.37 -43.47 -38.22
C ILE D 44 -40.59 -43.43 -39.52
N LEU D 45 -40.72 -44.46 -40.35
CA LEU D 45 -40.16 -44.38 -41.69
C LEU D 45 -40.68 -43.16 -42.42
N LEU D 46 -41.92 -42.77 -42.14
CA LEU D 46 -42.44 -41.55 -42.70
C LEU D 46 -41.79 -40.33 -42.06
N GLY D 47 -41.19 -40.50 -40.89
CA GLY D 47 -40.49 -39.40 -40.25
C GLY D 47 -39.35 -38.87 -41.09
N LEU D 48 -38.85 -39.68 -42.04
CA LEU D 48 -37.84 -39.17 -42.94
C LEU D 48 -38.43 -38.18 -43.93
N VAL D 49 -39.69 -38.39 -44.32
CA VAL D 49 -40.30 -37.52 -45.30
C VAL D 49 -40.45 -36.10 -44.75
N VAL D 50 -40.83 -35.98 -43.48
CA VAL D 50 -41.05 -34.65 -42.92
C VAL D 50 -39.77 -33.87 -42.77
N VAL D 51 -38.62 -34.54 -42.76
CA VAL D 51 -37.35 -33.82 -42.78
C VAL D 51 -37.00 -33.36 -44.19
N ILE D 52 -37.36 -34.16 -45.19
CA ILE D 52 -37.15 -33.75 -46.58
C ILE D 52 -37.85 -32.43 -46.85
N VAL D 53 -39.15 -32.38 -46.57
CA VAL D 53 -39.91 -31.18 -46.90
C VAL D 53 -39.54 -30.04 -45.98
N PHE D 54 -39.27 -30.31 -44.70
CA PHE D 54 -39.03 -29.24 -43.76
C PHE D 54 -37.78 -28.45 -44.14
N THR D 55 -36.68 -29.14 -44.36
CA THR D 55 -35.47 -28.45 -44.81
C THR D 55 -35.70 -27.76 -46.13
N THR D 56 -36.41 -28.41 -47.05
CA THR D 56 -36.67 -27.80 -48.36
C THR D 56 -37.44 -26.50 -48.22
N VAL D 57 -38.64 -26.56 -47.63
CA VAL D 57 -39.42 -25.33 -47.49
C VAL D 57 -38.87 -24.43 -46.40
N GLY D 58 -37.99 -24.94 -45.55
CA GLY D 58 -37.39 -24.08 -44.55
C GLY D 58 -36.34 -23.18 -45.13
N LEU D 59 -35.44 -23.75 -45.94
CA LEU D 59 -34.34 -22.98 -46.49
C LEU D 59 -34.81 -21.79 -47.32
N THR D 60 -35.99 -21.88 -47.91
CA THR D 60 -36.49 -20.77 -48.72
C THR D 60 -36.93 -19.59 -47.89
N PHE D 61 -37.09 -19.75 -46.57
CA PHE D 61 -37.43 -18.62 -45.71
C PHE D 61 -36.21 -17.86 -45.23
N ILE D 62 -35.00 -18.38 -45.48
CA ILE D 62 -33.79 -17.70 -45.04
C ILE D 62 -33.69 -16.32 -45.66
N LYS D 63 -33.97 -16.21 -46.95
CA LYS D 63 -33.89 -14.94 -47.65
C LYS D 63 -34.91 -13.94 -47.15
N ASP E 1 -32.82 18.63 -26.23
CA ASP E 1 -32.77 17.76 -27.39
C ASP E 1 -32.12 16.43 -27.05
N LEU E 2 -31.92 15.60 -28.05
CA LEU E 2 -31.29 14.29 -27.88
C LEU E 2 -29.79 14.36 -28.16
N LEU E 3 -29.02 13.56 -27.44
CA LEU E 3 -27.61 13.36 -27.75
C LEU E 3 -27.33 11.92 -28.13
N ALA E 4 -26.16 11.69 -28.73
CA ALA E 4 -25.71 10.33 -29.05
C ALA E 4 -26.64 9.67 -30.05
N GLY E 5 -27.56 10.46 -30.62
CA GLY E 5 -28.85 9.94 -31.03
C GLY E 5 -28.90 9.64 -32.52
N GLY E 6 -27.97 10.21 -33.27
CA GLY E 6 -26.82 9.46 -33.74
C GLY E 6 -26.59 9.64 -35.24
N LYS E 7 -26.22 8.55 -35.91
CA LYS E 7 -27.19 7.69 -36.58
C LYS E 7 -27.94 6.82 -35.58
N ASP E 8 -29.17 6.45 -35.93
CA ASP E 8 -29.49 5.07 -36.27
C ASP E 8 -29.06 4.72 -37.68
N ASP E 9 -28.18 3.74 -37.82
CA ASP E 9 -28.38 2.65 -38.77
C ASP E 9 -28.32 1.30 -38.07
N VAL E 10 -27.86 1.30 -36.82
CA VAL E 10 -27.87 0.10 -36.00
C VAL E 10 -29.11 -0.75 -36.28
N LYS E 11 -30.24 -0.09 -36.48
CA LYS E 11 -31.46 -0.77 -36.89
C LYS E 11 -31.26 -1.56 -38.18
N ALA E 12 -30.63 -0.96 -39.19
CA ALA E 12 -30.39 -1.69 -40.42
C ALA E 12 -29.45 -2.85 -40.21
N THR E 13 -28.58 -2.78 -39.19
CA THR E 13 -27.69 -3.90 -38.93
C THR E 13 -28.45 -5.11 -38.40
N PHE E 14 -29.35 -4.89 -37.45
CA PHE E 14 -30.14 -5.96 -36.87
C PHE E 14 -31.52 -6.09 -37.48
N GLY E 15 -31.83 -5.31 -38.50
CA GLY E 15 -33.18 -5.22 -39.03
C GLY E 15 -33.61 -6.40 -39.88
N ALA E 16 -34.64 -6.15 -40.69
CA ALA E 16 -35.34 -7.20 -41.45
C ALA E 16 -34.38 -8.05 -42.26
N ASP E 17 -33.80 -7.50 -43.31
CA ASP E 17 -32.79 -8.20 -44.09
C ASP E 17 -31.43 -7.85 -43.51
N SER E 18 -30.80 -8.82 -42.86
CA SER E 18 -29.58 -8.56 -42.13
C SER E 18 -28.72 -9.82 -42.14
N PHE E 19 -27.52 -9.70 -41.58
CA PHE E 19 -26.70 -10.89 -41.39
C PHE E 19 -27.08 -11.60 -40.10
N VAL E 20 -27.32 -10.85 -39.02
CA VAL E 20 -27.61 -11.51 -37.75
C VAL E 20 -29.03 -12.08 -37.75
N MET E 21 -29.97 -11.39 -38.38
CA MET E 21 -31.30 -11.94 -38.50
C MET E 21 -31.32 -13.15 -39.42
N MET E 22 -30.32 -13.27 -40.28
CA MET E 22 -30.22 -14.42 -41.18
C MET E 22 -29.62 -15.63 -40.47
N CYS E 23 -28.68 -15.43 -39.55
CA CYS E 23 -28.12 -16.56 -38.83
C CYS E 23 -29.02 -16.98 -37.66
N ILE E 24 -29.73 -16.03 -37.05
CA ILE E 24 -30.55 -16.41 -35.90
C ILE E 24 -31.74 -17.24 -36.36
N ILE E 25 -32.18 -17.05 -37.60
CA ILE E 25 -33.26 -17.86 -38.14
C ILE E 25 -32.77 -19.21 -38.64
N ILE E 26 -31.51 -19.31 -39.09
CA ILE E 26 -31.04 -20.57 -39.63
C ILE E 26 -30.67 -21.52 -38.52
N ALA E 27 -30.37 -21.01 -37.32
CA ALA E 27 -30.10 -21.88 -36.20
C ALA E 27 -31.37 -22.55 -35.71
N GLU E 28 -32.48 -21.81 -35.72
CA GLU E 28 -33.77 -22.41 -35.39
C GLU E 28 -34.08 -23.60 -36.28
N LEU E 29 -33.71 -23.51 -37.55
CA LEU E 29 -33.95 -24.60 -38.47
C LEU E 29 -33.10 -25.81 -38.13
N ILE E 30 -31.81 -25.58 -37.88
CA ILE E 30 -30.89 -26.71 -37.83
C ILE E 30 -30.96 -27.41 -36.48
N VAL E 31 -31.21 -26.68 -35.40
CA VAL E 31 -31.41 -27.37 -34.13
C VAL E 31 -32.87 -27.72 -33.92
N GLY E 32 -33.75 -27.24 -34.80
CA GLY E 32 -35.13 -27.67 -34.76
C GLY E 32 -35.22 -29.09 -35.25
N VAL E 33 -34.55 -29.36 -36.37
CA VAL E 33 -34.52 -30.73 -36.89
C VAL E 33 -33.80 -31.66 -35.94
N ALA E 34 -32.73 -31.18 -35.31
CA ALA E 34 -32.00 -31.98 -34.32
C ALA E 34 -32.94 -32.48 -33.24
N MET E 35 -33.50 -31.56 -32.45
CA MET E 35 -34.38 -31.97 -31.35
C MET E 35 -35.61 -32.70 -31.85
N TYR E 36 -35.88 -32.66 -33.15
CA TYR E 36 -36.95 -33.48 -33.70
C TYR E 36 -36.50 -34.93 -33.85
N ILE E 37 -35.32 -35.12 -34.44
CA ILE E 37 -34.86 -36.47 -34.76
C ILE E 37 -34.64 -37.27 -33.48
N ARG E 38 -34.08 -36.65 -32.46
CA ARG E 38 -33.83 -37.33 -31.20
C ARG E 38 -35.12 -37.70 -30.48
N THR E 39 -36.24 -37.10 -30.87
CA THR E 39 -37.53 -37.31 -30.22
C THR E 39 -38.57 -37.87 -31.18
N LYS E 40 -38.83 -37.16 -32.28
CA LYS E 40 -39.94 -37.42 -33.20
C LYS E 40 -41.28 -37.24 -32.50
N ASN E 41 -41.52 -35.98 -32.17
CA ASN E 41 -42.85 -35.42 -32.00
C ASN E 41 -42.90 -34.13 -32.81
N LEU E 42 -44.07 -33.77 -33.33
CA LEU E 42 -44.14 -32.51 -34.03
C LEU E 42 -44.98 -31.56 -33.23
N LEU E 43 -44.37 -30.84 -32.31
CA LEU E 43 -44.58 -29.43 -32.15
C LEU E 43 -43.32 -28.64 -32.47
N ILE E 44 -42.19 -29.33 -32.62
CA ILE E 44 -40.90 -28.65 -32.65
C ILE E 44 -40.63 -28.09 -34.03
N LEU E 45 -40.98 -28.84 -35.07
CA LEU E 45 -40.92 -28.27 -36.41
C LEU E 45 -41.75 -27.00 -36.50
N LEU E 46 -42.84 -26.95 -35.73
CA LEU E 46 -43.61 -25.73 -35.66
C LEU E 46 -42.87 -24.66 -34.88
N GLY E 47 -41.88 -25.06 -34.08
CA GLY E 47 -41.09 -24.08 -33.36
C GLY E 47 -40.34 -23.13 -34.29
N LEU E 48 -40.15 -23.52 -35.54
CA LEU E 48 -39.55 -22.59 -36.50
C LEU E 48 -40.53 -21.48 -36.86
N VAL E 49 -41.82 -21.80 -36.89
CA VAL E 49 -42.80 -20.80 -37.28
C VAL E 49 -42.85 -19.66 -36.27
N VAL E 50 -42.77 -19.99 -34.98
CA VAL E 50 -42.87 -18.93 -33.98
C VAL E 50 -41.68 -18.00 -33.98
N VAL E 51 -40.56 -18.43 -34.54
CA VAL E 51 -39.42 -17.53 -34.71
C VAL E 51 -39.62 -16.62 -35.91
N ILE E 52 -40.26 -17.14 -36.96
CA ILE E 52 -40.57 -16.32 -38.13
C ILE E 52 -41.41 -15.12 -37.72
N VAL E 53 -42.53 -15.40 -37.05
CA VAL E 53 -43.44 -14.31 -36.71
C VAL E 53 -42.86 -13.44 -35.62
N PHE E 54 -42.14 -14.03 -34.65
CA PHE E 54 -41.66 -13.24 -33.52
C PHE E 54 -40.68 -12.17 -33.97
N THR E 55 -39.68 -12.55 -34.76
CA THR E 55 -38.75 -11.56 -35.29
C THR E 55 -39.48 -10.56 -36.16
N THR E 56 -40.43 -11.03 -36.98
CA THR E 56 -41.15 -10.13 -37.86
C THR E 56 -41.92 -9.07 -37.07
N VAL E 57 -42.83 -9.52 -36.20
CA VAL E 57 -43.60 -8.55 -35.41
C VAL E 57 -42.78 -7.93 -34.32
N GLY E 58 -41.62 -8.48 -34.00
CA GLY E 58 -40.77 -7.88 -33.00
C GLY E 58 -40.05 -6.66 -33.54
N LEU E 59 -39.46 -6.80 -34.73
CA LEU E 59 -38.67 -5.71 -35.31
C LEU E 59 -39.49 -4.45 -35.50
N THR E 60 -40.79 -4.57 -35.69
CA THR E 60 -41.62 -3.38 -35.89
C THR E 60 -41.82 -2.59 -34.61
N PHE E 61 -41.50 -3.16 -33.44
CA PHE E 61 -41.59 -2.41 -32.20
C PHE E 61 -40.34 -1.62 -31.89
N ILE E 62 -39.27 -1.80 -32.66
CA ILE E 62 -38.02 -1.08 -32.40
C ILE E 62 -38.24 0.42 -32.52
N LYS E 63 -38.97 0.84 -33.55
CA LYS E 63 -39.22 2.25 -33.78
C LYS E 63 -40.07 2.86 -32.68
N ASP F 1 -33.11 27.74 -3.76
CA ASP F 1 -33.41 27.26 -5.10
C ASP F 1 -32.59 26.02 -5.45
N LEU F 2 -32.70 25.58 -6.70
CA LEU F 2 -31.95 24.41 -7.16
C LEU F 2 -30.66 24.82 -7.85
N LEU F 3 -29.62 24.00 -7.71
CA LEU F 3 -28.41 24.17 -8.49
C LEU F 3 -28.17 22.97 -9.41
N ALA F 4 -27.28 23.14 -10.37
CA ALA F 4 -26.87 22.04 -11.25
C ALA F 4 -28.04 21.54 -12.08
N GLY F 5 -29.15 22.28 -12.04
CA GLY F 5 -30.47 21.69 -12.18
C GLY F 5 -31.02 21.82 -13.58
N GLY F 6 -30.44 22.74 -14.35
CA GLY F 6 -29.48 22.39 -15.39
C GLY F 6 -29.80 23.03 -16.72
N LYS F 7 -29.62 22.27 -17.79
CA LYS F 7 -30.70 21.49 -18.39
C LYS F 7 -30.99 20.25 -17.55
N ASP F 8 -32.23 19.78 -17.62
CA ASP F 8 -32.54 18.52 -18.28
C ASP F 8 -32.63 18.69 -19.79
N ASP F 9 -31.78 17.96 -20.51
CA ASP F 9 -32.23 17.18 -21.65
C ASP F 9 -31.82 15.71 -21.51
N VAL F 10 -30.96 15.43 -20.54
CA VAL F 10 -30.59 14.06 -20.20
C VAL F 10 -31.78 13.13 -20.36
N LYS F 11 -32.96 13.60 -19.97
CA LYS F 11 -34.19 12.85 -20.19
C LYS F 11 -34.40 12.53 -21.66
N ALA F 12 -34.22 13.50 -22.55
CA ALA F 12 -34.36 13.23 -23.97
C ALA F 12 -33.33 12.23 -24.47
N THR F 13 -32.17 12.16 -23.79
CA THR F 13 -31.16 11.20 -24.21
C THR F 13 -31.60 9.77 -23.91
N PHE F 14 -32.13 9.53 -22.72
CA PHE F 14 -32.58 8.21 -22.32
C PHE F 14 -34.09 8.03 -22.47
N GLY F 15 -34.79 9.00 -23.03
CA GLY F 15 -36.24 9.00 -23.06
C GLY F 15 -36.85 8.06 -24.08
N ALA F 16 -38.11 8.34 -24.40
CA ALA F 16 -38.96 7.46 -25.21
C ALA F 16 -38.30 7.06 -26.52
N ASP F 17 -38.15 8.00 -27.44
CA ASP F 17 -37.43 7.74 -28.69
C ASP F 17 -35.98 8.15 -28.46
N SER F 18 -35.10 7.16 -28.40
CA SER F 18 -33.72 7.41 -28.03
C SER F 18 -32.84 6.39 -28.74
N PHE F 19 -31.53 6.55 -28.58
CA PHE F 19 -30.60 5.53 -29.05
C PHE F 19 -30.46 4.41 -28.02
N VAL F 20 -30.36 4.75 -26.74
CA VAL F 20 -30.15 3.71 -25.74
C VAL F 20 -31.43 2.93 -25.50
N MET F 21 -32.58 3.59 -25.53
CA MET F 21 -33.82 2.86 -25.42
C MET F 21 -34.07 1.99 -26.64
N MET F 22 -33.43 2.31 -27.76
CA MET F 22 -33.56 1.52 -28.96
C MET F 22 -32.68 0.27 -28.93
N CYS F 23 -31.49 0.38 -28.33
CA CYS F 23 -30.64 -0.80 -28.23
C CYS F 23 -31.04 -1.70 -27.07
N ILE F 24 -31.56 -1.13 -25.98
CA ILE F 24 -31.90 -1.95 -24.84
C ILE F 24 -33.11 -2.82 -25.15
N ILE F 25 -33.98 -2.36 -26.05
CA ILE F 25 -35.10 -3.16 -26.48
C ILE F 25 -34.72 -4.20 -27.53
N ILE F 26 -33.71 -3.93 -28.34
CA ILE F 26 -33.36 -4.86 -29.40
C ILE F 26 -32.56 -6.02 -28.84
N ALA F 27 -31.90 -5.83 -27.69
CA ALA F 27 -31.18 -6.93 -27.07
C ALA F 27 -32.16 -7.93 -26.47
N GLU F 28 -33.25 -7.43 -25.88
CA GLU F 28 -34.30 -8.31 -25.40
C GLU F 28 -34.82 -9.23 -26.49
N LEU F 29 -34.92 -8.71 -27.71
CA LEU F 29 -35.39 -9.52 -28.82
C LEU F 29 -34.39 -10.59 -29.18
N ILE F 30 -33.12 -10.22 -29.29
CA ILE F 30 -32.16 -11.13 -29.90
C ILE F 30 -31.71 -12.20 -28.92
N VAL F 31 -31.61 -11.88 -27.62
CA VAL F 31 -31.31 -12.92 -26.66
C VAL F 31 -32.57 -13.58 -26.16
N GLY F 32 -33.74 -13.03 -26.49
CA GLY F 32 -34.98 -13.70 -26.18
C GLY F 32 -35.13 -14.90 -27.08
N VAL F 33 -34.88 -14.71 -28.37
CA VAL F 33 -34.94 -15.83 -29.30
C VAL F 33 -33.87 -16.85 -28.98
N ALA F 34 -32.68 -16.39 -28.59
CA ALA F 34 -31.61 -17.30 -28.21
C ALA F 34 -32.07 -18.25 -27.12
N MET F 35 -32.38 -17.73 -25.93
CA MET F 35 -32.79 -18.59 -24.83
C MET F 35 -34.05 -19.36 -25.14
N TYR F 36 -34.77 -18.99 -26.19
CA TYR F 36 -35.90 -19.79 -26.63
C TYR F 36 -35.43 -21.02 -27.40
N ILE F 37 -34.52 -20.82 -28.35
CA ILE F 37 -34.11 -21.91 -29.22
C ILE F 37 -33.41 -23.00 -28.42
N ARG F 38 -32.56 -22.60 -27.47
CA ARG F 38 -31.83 -23.57 -26.65
C ARG F 38 -32.77 -24.36 -25.74
N THR F 39 -34.00 -23.89 -25.54
CA THR F 39 -34.96 -24.51 -24.64
C THR F 39 -36.22 -24.93 -25.36
N LYS F 40 -36.91 -24.00 -26.02
CA LYS F 40 -38.25 -24.18 -26.58
C LYS F 40 -39.27 -24.45 -25.48
N ASN F 41 -39.47 -23.40 -24.70
CA ASN F 41 -40.69 -23.16 -23.94
C ASN F 41 -41.10 -21.73 -24.23
N LEU F 42 -42.40 -21.46 -24.20
CA LEU F 42 -42.80 -20.08 -24.40
C LEU F 42 -43.38 -19.57 -23.09
N LEU F 43 -42.53 -19.05 -22.22
CA LEU F 43 -42.77 -17.80 -21.55
C LEU F 43 -41.77 -16.74 -21.95
N ILE F 44 -40.72 -17.14 -22.67
CA ILE F 44 -39.58 -16.27 -22.86
C ILE F 44 -39.84 -15.29 -23.98
N LEU F 45 -40.47 -15.76 -25.06
CA LEU F 45 -40.92 -14.83 -26.08
C LEU F 45 -41.81 -13.76 -25.47
N LEU F 46 -42.58 -14.12 -24.44
CA LEU F 46 -43.36 -13.13 -23.73
C LEU F 46 -42.47 -12.22 -22.90
N GLY F 47 -41.24 -12.65 -22.62
CA GLY F 47 -40.31 -11.80 -21.91
C GLY F 47 -40.01 -10.50 -22.63
N LEU F 48 -40.24 -10.46 -23.95
CA LEU F 48 -40.08 -9.21 -24.67
C LEU F 48 -41.19 -8.24 -24.31
N VAL F 49 -42.39 -8.76 -24.05
CA VAL F 49 -43.52 -7.88 -23.76
C VAL F 49 -43.28 -7.12 -22.47
N VAL F 50 -42.74 -7.78 -21.46
CA VAL F 50 -42.57 -7.11 -20.18
C VAL F 50 -41.51 -6.02 -20.23
N VAL F 51 -40.63 -6.06 -21.22
CA VAL F 51 -39.69 -4.95 -21.42
C VAL F 51 -40.36 -3.79 -22.12
N ILE F 52 -41.29 -4.08 -23.03
CA ILE F 52 -42.03 -3.03 -23.71
C ILE F 52 -42.77 -2.18 -22.68
N VAL F 53 -43.56 -2.82 -21.83
CA VAL F 53 -44.37 -2.07 -20.88
C VAL F 53 -43.50 -1.46 -19.79
N PHE F 54 -42.46 -2.16 -19.36
CA PHE F 54 -41.67 -1.68 -18.24
C PHE F 54 -40.99 -0.36 -18.58
N THR F 55 -40.29 -0.31 -19.71
CA THR F 55 -39.69 0.94 -20.14
C THR F 55 -40.75 2.00 -20.36
N THR F 56 -41.88 1.63 -20.95
CA THR F 56 -42.94 2.61 -21.21
C THR F 56 -43.45 3.23 -19.92
N VAL F 57 -43.96 2.39 -19.01
CA VAL F 57 -44.47 2.94 -17.75
C VAL F 57 -43.36 3.34 -16.81
N GLY F 58 -42.13 2.94 -17.08
CA GLY F 58 -41.04 3.37 -16.25
C GLY F 58 -40.64 4.80 -16.54
N LEU F 59 -40.49 5.13 -17.83
CA LEU F 59 -40.03 6.46 -18.21
C LEU F 59 -40.96 7.55 -17.72
N THR F 60 -42.24 7.26 -17.52
CA THR F 60 -43.15 8.29 -17.04
C THR F 60 -42.95 8.62 -15.57
N PHE F 61 -42.20 7.80 -14.83
CA PHE F 61 -41.91 8.13 -13.44
C PHE F 61 -40.69 9.01 -13.28
N ILE F 62 -39.94 9.25 -14.37
CA ILE F 62 -38.74 10.08 -14.27
C ILE F 62 -39.10 11.48 -13.82
N LYS F 63 -40.16 12.04 -14.36
CA LYS F 63 -40.58 13.40 -14.02
C LYS F 63 -41.03 13.49 -12.57
N ASP G 1 -26.19 29.68 19.38
CA ASP G 1 -26.89 29.57 18.11
C ASP G 1 -26.17 28.66 17.15
N LEU G 2 -26.67 28.58 15.92
CA LEU G 2 -26.05 27.75 14.89
C LEU G 2 -25.11 28.58 14.01
N LEU G 3 -24.04 27.95 13.54
CA LEU G 3 -23.19 28.55 12.53
C LEU G 3 -23.21 27.74 11.23
N ALA G 4 -22.71 28.34 10.16
CA ALA G 4 -22.57 27.63 8.89
C ALA G 4 -23.92 27.20 8.34
N GLY G 5 -24.99 27.68 8.97
CA GLY G 5 -26.22 26.92 9.04
C GLY G 5 -27.23 27.36 8.01
N GLY G 6 -27.04 28.56 7.45
CA GLY G 6 -26.48 28.70 6.12
C GLY G 6 -27.29 29.64 5.25
N LYS G 7 -27.43 29.26 3.98
CA LYS G 7 -28.59 28.51 3.52
C LYS G 7 -28.49 27.05 3.93
N ASP G 8 -29.64 26.40 4.11
CA ASP G 8 -30.07 25.36 3.19
C ASP G 8 -30.69 25.95 1.93
N ASP G 9 -30.10 25.63 0.77
CA ASP G 9 -30.86 25.14 -0.36
C ASP G 9 -30.33 23.80 -0.86
N VAL G 10 -29.16 23.40 -0.34
CA VAL G 10 -28.61 22.09 -0.62
C VAL G 10 -29.71 21.03 -0.71
N LYS G 11 -30.71 21.16 0.16
CA LYS G 11 -31.89 20.30 0.09
C LYS G 11 -32.57 20.38 -1.26
N ALA G 12 -32.78 21.59 -1.78
CA ALA G 12 -33.39 21.72 -3.10
C ALA G 12 -32.53 21.11 -4.18
N THR G 13 -31.21 21.06 -3.97
CA THR G 13 -30.33 20.46 -4.97
C THR G 13 -30.54 18.95 -5.05
N PHE G 14 -30.60 18.29 -3.90
CA PHE G 14 -30.79 16.84 -3.85
C PHE G 14 -32.24 16.44 -3.60
N GLY G 15 -33.16 17.40 -3.54
CA GLY G 15 -34.52 17.13 -3.12
C GLY G 15 -35.39 16.44 -4.16
N ALA G 16 -36.70 16.58 -3.96
CA ALA G 16 -37.70 15.83 -4.73
C ALA G 16 -37.51 15.96 -6.22
N ASP G 17 -37.76 17.14 -6.78
CA ASP G 17 -37.52 17.38 -8.19
C ASP G 17 -36.11 17.96 -8.31
N SER G 18 -35.19 17.17 -8.85
CA SER G 18 -33.79 17.56 -8.87
C SER G 18 -33.14 16.96 -10.11
N PHE G 19 -31.87 17.30 -10.31
CA PHE G 19 -31.10 16.64 -11.35
C PHE G 19 -30.54 15.32 -10.86
N VAL G 20 -30.01 15.28 -9.63
CA VAL G 20 -29.39 14.05 -9.15
C VAL G 20 -30.45 13.02 -8.81
N MET G 21 -31.58 13.44 -8.27
CA MET G 21 -32.65 12.49 -8.02
C MET G 21 -33.25 11.99 -9.32
N MET G 22 -33.07 12.73 -10.41
CA MET G 22 -33.56 12.32 -11.71
C MET G 22 -32.63 11.30 -12.36
N CYS G 23 -31.32 11.43 -12.17
CA CYS G 23 -30.41 10.45 -12.75
C CYS G 23 -30.31 9.19 -11.88
N ILE G 24 -30.45 9.33 -10.56
CA ILE G 24 -30.32 8.15 -9.71
C ILE G 24 -31.50 7.22 -9.91
N ILE G 25 -32.64 7.76 -10.30
CA ILE G 25 -33.80 6.93 -10.60
C ILE G 25 -33.74 6.33 -12.00
N ILE G 26 -33.09 7.00 -12.94
CA ILE G 26 -33.07 6.49 -14.30
C ILE G 26 -32.04 5.39 -14.45
N ALA G 27 -31.05 5.35 -13.56
CA ALA G 27 -30.08 4.26 -13.60
C ALA G 27 -30.71 2.97 -13.09
N GLU G 28 -31.56 3.07 -12.07
CA GLU G 28 -32.30 1.91 -11.61
C GLU G 28 -33.11 1.28 -12.73
N LEU G 29 -33.67 2.11 -13.61
CA LEU G 29 -34.44 1.58 -14.73
C LEU G 29 -33.55 0.85 -15.71
N ILE G 30 -32.42 1.47 -16.08
CA ILE G 30 -31.68 0.96 -17.22
C ILE G 30 -30.84 -0.25 -16.84
N VAL G 31 -30.32 -0.30 -15.61
CA VAL G 31 -29.62 -1.51 -15.20
C VAL G 31 -30.59 -2.50 -14.57
N GLY G 32 -31.82 -2.10 -14.34
CA GLY G 32 -32.83 -3.04 -13.91
C GLY G 32 -33.20 -3.94 -15.05
N VAL G 33 -33.43 -3.33 -16.23
CA VAL G 33 -33.74 -4.13 -17.41
C VAL G 33 -32.55 -4.98 -17.80
N ALA G 34 -31.33 -4.46 -17.66
CA ALA G 34 -30.14 -5.23 -17.95
C ALA G 34 -30.12 -6.53 -17.16
N MET G 35 -30.03 -6.43 -15.83
CA MET G 35 -29.96 -7.63 -15.01
C MET G 35 -31.21 -8.49 -15.15
N TYR G 36 -32.27 -7.97 -15.75
CA TYR G 36 -33.42 -8.80 -16.06
C TYR G 36 -33.16 -9.65 -17.30
N ILE G 37 -32.65 -9.01 -18.36
CA ILE G 37 -32.50 -9.71 -19.63
C ILE G 37 -31.49 -10.84 -19.49
N ARG G 38 -30.39 -10.59 -18.79
CA ARG G 38 -29.37 -11.60 -18.59
C ARG G 38 -29.86 -12.78 -17.76
N THR G 39 -30.97 -12.62 -17.05
CA THR G 39 -31.51 -13.64 -16.16
C THR G 39 -32.92 -14.06 -16.56
N LYS G 40 -33.85 -13.11 -16.62
CA LYS G 40 -35.29 -13.35 -16.77
C LYS G 40 -35.85 -14.12 -15.57
N ASN G 41 -35.83 -13.40 -14.46
CA ASN G 41 -36.72 -13.62 -13.34
C ASN G 41 -37.30 -12.26 -12.98
N LEU G 42 -38.53 -12.24 -12.47
CA LEU G 42 -39.07 -10.96 -12.05
C LEU G 42 -39.19 -10.97 -10.54
N LEU G 43 -38.14 -10.59 -9.85
CA LEU G 43 -38.21 -9.65 -8.76
C LEU G 43 -37.49 -8.36 -9.08
N ILE G 44 -36.72 -8.34 -10.17
CA ILE G 44 -35.79 -7.25 -10.39
C ILE G 44 -36.49 -6.05 -10.99
N LEU G 45 -37.43 -6.29 -11.90
CA LEU G 45 -38.27 -5.20 -12.37
C LEU G 45 -38.97 -4.54 -11.19
N LEU G 46 -39.29 -5.31 -10.16
CA LEU G 46 -39.85 -4.72 -8.95
C LEU G 46 -38.79 -3.96 -8.19
N GLY G 47 -37.51 -4.22 -8.46
CA GLY G 47 -36.45 -3.46 -7.82
C GLY G 47 -36.52 -1.98 -8.13
N LEU G 48 -37.20 -1.61 -9.22
CA LEU G 48 -37.39 -0.19 -9.49
C LEU G 48 -38.38 0.42 -8.50
N VAL G 49 -39.37 -0.35 -8.08
CA VAL G 49 -40.38 0.18 -7.17
C VAL G 49 -39.77 0.57 -5.84
N VAL G 50 -38.85 -0.26 -5.33
CA VAL G 50 -38.29 0.03 -4.02
C VAL G 50 -37.40 1.26 -4.02
N VAL G 51 -36.92 1.68 -5.19
CA VAL G 51 -36.19 2.93 -5.28
C VAL G 51 -37.14 4.11 -5.31
N ILE G 52 -38.30 3.94 -5.94
CA ILE G 52 -39.31 4.99 -5.94
C ILE G 52 -39.70 5.35 -4.53
N VAL G 53 -40.10 4.36 -3.74
CA VAL G 53 -40.58 4.64 -2.40
C VAL G 53 -39.43 5.05 -1.49
N PHE G 54 -38.25 4.46 -1.66
CA PHE G 54 -37.16 4.73 -0.74
C PHE G 54 -36.73 6.19 -0.81
N THR G 55 -36.49 6.68 -2.02
CA THR G 55 -36.16 8.10 -2.17
C THR G 55 -37.30 8.98 -1.68
N THR G 56 -38.53 8.59 -1.98
CA THR G 56 -39.68 9.40 -1.56
C THR G 56 -39.76 9.51 -0.04
N VAL G 57 -39.86 8.37 0.64
CA VAL G 57 -39.94 8.42 2.10
C VAL G 57 -38.60 8.73 2.74
N GLY G 58 -37.52 8.65 1.98
CA GLY G 58 -36.23 9.01 2.52
C GLY G 58 -36.06 10.51 2.62
N LEU G 59 -36.40 11.21 1.54
CA LEU G 59 -36.20 12.66 1.50
C LEU G 59 -36.96 13.38 2.61
N THR G 60 -38.07 12.82 3.06
CA THR G 60 -38.83 13.47 4.11
C THR G 60 -38.15 13.40 5.48
N PHE G 61 -37.14 12.55 5.64
CA PHE G 61 -36.40 12.50 6.89
C PHE G 61 -35.27 13.50 6.95
N ILE G 62 -34.96 14.17 5.84
CA ILE G 62 -33.87 15.15 5.83
C ILE G 62 -34.13 16.27 6.82
N LYS G 63 -35.37 16.76 6.85
CA LYS G 63 -35.73 17.86 7.73
C LYS G 63 -35.65 17.45 9.20
N ASP H 1 -11.76 26.00 38.51
CA ASP H 1 -12.87 26.15 37.57
C ASP H 1 -12.46 25.70 36.17
N LEU H 2 -13.35 25.89 35.21
CA LEU H 2 -13.08 25.53 33.82
C LEU H 2 -12.56 26.73 33.03
N LEU H 3 -11.69 26.47 32.07
CA LEU H 3 -11.28 27.48 31.11
C LEU H 3 -11.69 27.09 29.69
N ALA H 4 -11.65 28.06 28.78
CA ALA H 4 -11.90 27.80 27.38
C ALA H 4 -13.33 27.30 27.15
N GLY H 5 -14.14 27.37 28.20
CA GLY H 5 -15.22 26.42 28.40
C GLY H 5 -16.56 26.96 27.93
N GLY H 6 -16.65 28.28 27.78
CA GLY H 6 -16.60 28.90 26.47
C GLY H 6 -17.73 29.89 26.25
N LYS H 7 -18.29 29.89 25.04
CA LYS H 7 -19.47 29.10 24.74
C LYS H 7 -19.13 27.63 24.58
N ASP H 8 -20.09 26.76 24.87
CA ASP H 8 -20.75 25.96 23.84
C ASP H 8 -21.81 26.77 23.10
N ASP H 9 -21.63 26.91 21.79
CA ASP H 9 -22.71 26.66 20.84
C ASP H 9 -22.29 25.63 19.80
N VAL H 10 -20.99 25.32 19.76
CA VAL H 10 -20.49 24.26 18.90
C VAL H 10 -21.47 23.10 18.80
N LYS H 11 -22.11 22.79 19.92
CA LYS H 11 -23.17 21.80 19.94
C LYS H 11 -24.28 22.14 18.98
N ALA H 12 -24.75 23.39 18.97
CA ALA H 12 -25.78 23.78 18.04
C ALA H 12 -25.32 23.68 16.60
N THR H 13 -24.01 23.81 16.37
CA THR H 13 -23.50 23.70 15.00
C THR H 13 -23.61 22.26 14.50
N PHE H 14 -23.22 21.29 15.31
CA PHE H 14 -23.27 19.89 14.94
C PHE H 14 -24.51 19.19 15.47
N GLY H 15 -25.42 19.90 16.12
CA GLY H 15 -26.52 19.28 16.84
C GLY H 15 -27.64 18.78 15.95
N ALA H 16 -28.82 18.61 16.56
CA ALA H 16 -29.97 17.95 15.95
C ALA H 16 -30.32 18.54 14.59
N ASP H 17 -30.84 19.77 14.57
CA ASP H 17 -31.11 20.45 13.32
C ASP H 17 -29.89 21.29 12.98
N SER H 18 -29.16 20.87 11.95
CA SER H 18 -27.88 21.48 11.63
C SER H 18 -27.67 21.40 10.13
N PHE H 19 -26.58 22.01 9.67
CA PHE H 19 -26.18 21.83 8.29
C PHE H 19 -25.38 20.56 8.10
N VAL H 20 -24.46 20.26 9.03
CA VAL H 20 -23.62 19.07 8.86
C VAL H 20 -24.42 17.81 9.13
N MET H 21 -25.32 17.85 10.11
CA MET H 21 -26.17 16.70 10.33
C MET H 21 -27.15 16.48 9.20
N MET H 22 -27.40 17.54 8.42
CA MET H 22 -28.29 17.43 7.27
C MET H 22 -27.58 16.83 6.06
N CYS H 23 -26.29 17.14 5.88
CA CYS H 23 -25.57 16.55 4.75
C CYS H 23 -25.09 15.13 5.08
N ILE H 24 -24.77 14.84 6.34
CA ILE H 24 -24.26 13.52 6.65
C ILE H 24 -25.37 12.49 6.53
N ILE H 25 -26.63 12.90 6.71
CA ILE H 25 -27.74 12.00 6.53
C ILE H 25 -28.14 11.85 5.06
N ILE H 26 -27.91 12.88 4.25
CA ILE H 26 -28.33 12.80 2.86
C ILE H 26 -27.34 11.99 2.05
N ALA H 27 -26.09 11.87 2.52
CA ALA H 27 -25.13 11.04 1.83
C ALA H 27 -25.45 9.57 2.02
N GLU H 28 -25.90 9.21 3.23
CA GLU H 28 -26.35 7.86 3.48
C GLU H 28 -27.44 7.44 2.51
N LEU H 29 -28.33 8.37 2.19
CA LEU H 29 -29.41 8.06 1.26
C LEU H 29 -28.87 7.83 -0.14
N ILE H 30 -27.99 8.72 -0.61
CA ILE H 30 -27.65 8.71 -2.02
C ILE H 30 -26.64 7.62 -2.35
N VAL H 31 -25.73 7.30 -1.42
CA VAL H 31 -24.85 6.16 -1.69
C VAL H 31 -25.46 4.89 -1.17
N GLY H 32 -26.57 4.97 -0.44
CA GLY H 32 -27.29 3.79 -0.06
C GLY H 32 -27.97 3.20 -1.27
N VAL H 33 -28.64 4.07 -2.04
CA VAL H 33 -29.28 3.62 -3.26
C VAL H 33 -28.25 3.13 -4.27
N ALA H 34 -27.10 3.81 -4.33
CA ALA H 34 -26.03 3.38 -5.22
C ALA H 34 -25.65 1.94 -4.96
N MET H 35 -25.10 1.66 -3.78
CA MET H 35 -24.68 0.30 -3.46
C MET H 35 -25.83 -0.69 -3.50
N TYR H 36 -27.07 -0.21 -3.53
CA TYR H 36 -28.19 -1.11 -3.73
C TYR H 36 -28.32 -1.50 -5.20
N ILE H 37 -28.25 -0.51 -6.08
CA ILE H 37 -28.51 -0.76 -7.50
C ILE H 37 -27.44 -1.68 -8.07
N ARG H 38 -26.19 -1.46 -7.68
CA ARG H 38 -25.08 -2.28 -8.18
C ARG H 38 -25.18 -3.71 -7.67
N THR H 39 -25.98 -3.97 -6.65
CA THR H 39 -26.09 -5.29 -6.03
C THR H 39 -27.52 -5.81 -6.10
N LYS H 40 -28.48 -5.07 -5.53
CA LYS H 40 -29.85 -5.52 -5.32
C LYS H 40 -29.90 -6.69 -4.34
N ASN H 41 -29.55 -6.34 -3.10
CA ASN H 41 -29.98 -7.02 -1.90
C ASN H 41 -30.50 -5.96 -0.95
N LEU H 42 -31.46 -6.31 -0.11
CA LEU H 42 -31.91 -5.33 0.86
C LEU H 42 -31.50 -5.79 2.24
N LEU H 43 -30.30 -5.45 2.65
CA LEU H 43 -30.06 -4.90 3.96
C LEU H 43 -29.58 -3.46 3.89
N ILE H 44 -29.25 -3.00 2.69
CA ILE H 44 -28.52 -1.74 2.57
C ILE H 44 -29.47 -0.56 2.65
N LEU H 45 -30.66 -0.68 2.05
CA LEU H 45 -31.68 0.32 2.26
C LEU H 45 -31.97 0.48 3.75
N LEU H 46 -31.86 -0.61 4.49
CA LEU H 46 -32.00 -0.52 5.95
C LEU H 46 -30.80 0.17 6.56
N GLY H 47 -29.68 0.24 5.83
CA GLY H 47 -28.53 0.95 6.33
C GLY H 47 -28.79 2.42 6.57
N LEU H 48 -29.84 2.97 5.94
CA LEU H 48 -30.21 4.34 6.24
C LEU H 48 -30.83 4.45 7.62
N VAL H 49 -31.55 3.42 8.05
CA VAL H 49 -32.22 3.48 9.33
C VAL H 49 -31.21 3.55 10.46
N VAL H 50 -30.12 2.81 10.37
CA VAL H 50 -29.15 2.79 11.46
C VAL H 50 -28.41 4.11 11.59
N VAL H 51 -28.40 4.93 10.54
CA VAL H 51 -27.84 6.27 10.66
C VAL H 51 -28.82 7.22 11.32
N ILE H 52 -30.12 7.03 11.06
CA ILE H 52 -31.14 7.83 11.71
C ILE H 52 -31.03 7.69 13.22
N VAL H 53 -31.06 6.45 13.70
CA VAL H 53 -31.05 6.24 15.15
C VAL H 53 -29.70 6.58 15.74
N PHE H 54 -28.61 6.27 15.02
CA PHE H 54 -27.28 6.46 15.60
C PHE H 54 -27.02 7.93 15.90
N THR H 55 -27.24 8.79 14.91
CA THR H 55 -27.08 10.22 15.16
C THR H 55 -28.05 10.69 16.23
N THR H 56 -29.28 10.20 16.22
CA THR H 56 -30.26 10.62 17.21
C THR H 56 -29.81 10.28 18.62
N VAL H 57 -29.59 8.99 18.88
CA VAL H 57 -29.16 8.59 20.22
C VAL H 57 -27.70 8.94 20.48
N GLY H 58 -26.94 9.28 19.45
CA GLY H 58 -25.58 9.69 19.66
C GLY H 58 -25.50 11.10 20.20
N LEU H 59 -26.23 12.02 19.58
CA LEU H 59 -26.17 13.42 19.96
C LEU H 59 -26.54 13.64 21.42
N THR H 60 -27.38 12.78 21.98
CA THR H 60 -27.77 12.96 23.37
C THR H 60 -26.66 12.61 24.35
N PHE H 61 -25.59 11.94 23.89
CA PHE H 61 -24.46 11.66 24.77
C PHE H 61 -23.46 12.80 24.81
N ILE H 62 -23.61 13.81 23.95
CA ILE H 62 -22.66 14.92 23.93
C ILE H 62 -22.64 15.64 25.26
N LYS H 63 -23.82 15.87 25.84
CA LYS H 63 -23.92 16.57 27.11
C LYS H 63 -23.30 15.77 28.25
N ASP I 1 8.64 19.56 49.88
CA ASP I 1 7.28 19.78 49.42
C ASP I 1 7.20 19.83 47.91
N LEU I 2 6.02 20.13 47.39
CA LEU I 2 5.81 20.25 45.95
C LEU I 2 5.94 21.70 45.49
N LEU I 3 6.44 21.89 44.28
CA LEU I 3 6.40 23.20 43.64
C LEU I 3 5.56 23.17 42.37
N ALA I 4 5.21 24.35 41.87
CA ALA I 4 4.51 24.47 40.61
C ALA I 4 3.13 23.81 40.68
N GLY I 5 2.73 23.43 41.89
CA GLY I 5 1.85 22.29 42.07
C GLY I 5 0.40 22.69 42.26
N GLY I 6 0.18 23.95 42.59
CA GLY I 6 -0.29 24.92 41.61
C GLY I 6 -1.49 25.71 42.10
N LYS I 7 -2.42 25.97 41.19
CA LYS I 7 -3.59 25.10 41.03
C LYS I 7 -3.22 23.82 40.28
N ASP I 8 -3.96 22.75 40.55
CA ASP I 8 -4.87 22.19 39.57
C ASP I 8 -6.17 22.98 39.50
N ASP I 9 -6.48 23.52 38.33
CA ASP I 9 -7.80 23.36 37.73
C ASP I 9 -7.70 22.78 36.32
N VAL I 10 -6.48 22.73 35.79
CA VAL I 10 -6.22 22.08 34.52
C VAL I 10 -7.09 20.84 34.35
N LYS I 11 -7.28 20.11 35.43
CA LYS I 11 -8.20 18.97 35.44
C LYS I 11 -9.59 19.38 35.04
N ALA I 12 -10.12 20.47 35.60
CA ALA I 12 -11.45 20.92 35.21
C ALA I 12 -11.50 21.34 33.76
N THR I 13 -10.37 21.77 33.19
CA THR I 13 -10.36 22.14 31.78
C THR I 13 -10.54 20.92 30.89
N PHE I 14 -9.82 19.84 31.17
CA PHE I 14 -9.91 18.63 30.38
C PHE I 14 -10.83 17.58 31.00
N GLY I 15 -11.50 17.91 32.09
CA GLY I 15 -12.25 16.92 32.86
C GLY I 15 -13.56 16.50 32.24
N ALA I 16 -14.43 15.95 33.09
CA ALA I 16 -15.67 15.31 32.69
C ALA I 16 -16.52 16.19 31.79
N ASP I 17 -17.10 17.26 32.34
CA ASP I 17 -17.84 18.21 31.53
C ASP I 17 -16.87 19.32 31.13
N SER I 18 -16.52 19.36 29.85
CA SER I 18 -15.49 20.26 29.37
C SER I 18 -15.80 20.65 27.95
N PHE I 19 -14.99 21.55 27.42
CA PHE I 19 -15.08 21.87 26.00
C PHE I 19 -14.31 20.86 25.16
N VAL I 20 -13.11 20.48 25.60
CA VAL I 20 -12.30 19.57 24.80
C VAL I 20 -12.86 18.16 24.86
N MET I 21 -13.37 17.75 26.01
CA MET I 21 -13.99 16.44 26.10
C MET I 21 -15.29 16.41 25.32
N MET I 22 -15.88 17.57 25.05
CA MET I 22 -17.10 17.65 24.26
C MET I 22 -16.82 17.57 22.77
N CYS I 23 -15.70 18.14 22.31
CA CYS I 23 -15.37 18.04 20.90
C CYS I 23 -14.71 16.71 20.56
N ILE I 24 -13.96 16.13 21.48
CA ILE I 24 -13.28 14.88 21.17
C ILE I 24 -14.28 13.75 21.05
N ILE I 25 -15.42 13.85 21.75
CA ILE I 25 -16.48 12.86 21.62
C ILE I 25 -17.33 13.08 20.38
N ILE I 26 -17.48 14.32 19.93
CA ILE I 26 -18.34 14.58 18.80
C ILE I 26 -17.65 14.24 17.50
N ALA I 27 -16.32 14.21 17.49
CA ALA I 27 -15.60 13.80 16.30
C ALA I 27 -15.72 12.31 16.09
N GLU I 28 -15.69 11.54 17.18
CA GLU I 28 -15.93 10.10 17.09
C GLU I 28 -17.27 9.81 16.42
N LEU I 29 -18.27 10.61 16.72
CA LEU I 29 -19.59 10.40 16.11
C LEU I 29 -19.55 10.69 14.62
N ILE I 30 -18.96 11.82 14.24
CA ILE I 30 -19.13 12.28 12.88
C ILE I 30 -18.23 11.53 11.90
N VAL I 31 -17.04 11.13 12.34
CA VAL I 31 -16.22 10.31 11.46
C VAL I 31 -16.52 8.83 11.67
N GLY I 32 -17.30 8.50 12.69
CA GLY I 32 -17.76 7.14 12.86
C GLY I 32 -18.78 6.83 11.79
N VAL I 33 -19.73 7.75 11.60
CA VAL I 33 -20.73 7.57 10.56
C VAL I 33 -20.08 7.59 9.19
N ALA I 34 -19.09 8.45 9.00
CA ALA I 34 -18.36 8.50 7.73
C ALA I 34 -17.81 7.14 7.37
N MET I 35 -16.87 6.62 8.16
CA MET I 35 -16.27 5.34 7.85
C MET I 35 -17.27 4.21 7.84
N TYR I 36 -18.48 4.45 8.36
CA TYR I 36 -19.54 3.46 8.22
C TYR I 36 -20.14 3.50 6.83
N ILE I 37 -20.47 4.70 6.35
CA ILE I 37 -21.17 4.83 5.08
C ILE I 37 -20.31 4.32 3.94
N ARG I 38 -19.02 4.65 3.96
CA ARG I 38 -18.11 4.22 2.91
C ARG I 38 -17.91 2.70 2.91
N THR I 39 -18.29 2.02 3.99
CA THR I 39 -18.09 0.58 4.12
C THR I 39 -19.41 -0.15 4.33
N LYS I 40 -20.16 0.21 5.37
CA LYS I 40 -21.33 -0.52 5.84
C LYS I 40 -20.96 -1.91 6.35
N ASN I 41 -20.22 -1.88 7.45
CA ASN I 41 -20.15 -2.95 8.42
C ASN I 41 -20.38 -2.32 9.79
N LEU I 42 -20.96 -3.08 10.71
CA LEU I 42 -21.12 -2.52 12.04
C LEU I 42 -20.22 -3.29 12.98
N LEU I 43 -18.97 -2.85 13.10
CA LEU I 43 -18.32 -2.69 14.37
C LEU I 43 -18.00 -1.22 14.64
N ILE I 44 -18.15 -0.37 13.63
CA ILE I 44 -17.61 0.97 13.72
C ILE I 44 -18.56 1.88 14.49
N LEU I 45 -19.86 1.73 14.27
CA LEU I 45 -20.81 2.43 15.11
C LEU I 45 -20.58 2.09 16.58
N LEU I 46 -20.13 0.86 16.84
CA LEU I 46 -19.76 0.51 18.20
C LEU I 46 -18.47 1.19 18.62
N GLY I 47 -17.69 1.66 17.65
CA GLY I 47 -16.48 2.40 17.98
C GLY I 47 -16.75 3.67 18.77
N LEU I 48 -17.98 4.18 18.71
CA LEU I 48 -18.33 5.31 19.54
C LEU I 48 -18.44 4.90 21.00
N VAL I 49 -18.89 3.68 21.26
CA VAL I 49 -19.07 3.24 22.63
C VAL I 49 -17.73 3.17 23.36
N VAL I 50 -16.69 2.67 22.68
CA VAL I 50 -15.40 2.52 23.35
C VAL I 50 -14.77 3.86 23.69
N VAL I 51 -15.17 4.93 23.03
CA VAL I 51 -14.70 6.26 23.40
C VAL I 51 -15.46 6.78 24.61
N ILE I 52 -16.74 6.44 24.71
CA ILE I 52 -17.53 6.82 25.88
C ILE I 52 -16.89 6.28 27.14
N VAL I 53 -16.66 4.97 27.17
CA VAL I 53 -16.14 4.34 28.38
C VAL I 53 -14.69 4.73 28.60
N PHE I 54 -13.90 4.85 27.53
CA PHE I 54 -12.47 5.09 27.70
C PHE I 54 -12.23 6.43 28.38
N THR I 55 -12.84 7.49 27.85
CA THR I 55 -12.70 8.79 28.50
C THR I 55 -13.27 8.75 29.92
N THR I 56 -14.39 8.07 30.11
CA THR I 56 -14.99 8.01 31.44
C THR I 56 -14.05 7.35 32.44
N VAL I 57 -13.65 6.09 32.18
CA VAL I 57 -12.76 5.41 33.10
C VAL I 57 -11.34 5.92 33.00
N GLY I 58 -11.02 6.69 31.96
CA GLY I 58 -9.69 7.25 31.87
C GLY I 58 -9.53 8.43 32.80
N LEU I 59 -10.49 9.35 32.77
CA LEU I 59 -10.40 10.56 33.57
C LEU I 59 -10.26 10.28 35.06
N THR I 60 -10.78 9.15 35.52
CA THR I 60 -10.68 8.85 36.94
C THR I 60 -9.26 8.43 37.35
N PHE I 61 -8.39 8.13 36.40
CA PHE I 61 -7.01 7.81 36.74
C PHE I 61 -6.13 9.06 36.85
N ILE I 62 -6.64 10.22 36.46
CA ILE I 62 -5.84 11.44 36.52
C ILE I 62 -5.41 11.73 37.96
N LYS I 63 -6.32 11.57 38.90
CA LYS I 63 -6.02 11.85 40.30
C LYS I 63 -4.99 10.87 40.85
N ASP J 1 32.14 13.87 51.57
CA ASP J 1 30.69 13.96 51.65
C ASP J 1 30.09 14.45 50.35
N LEU J 2 28.78 14.66 50.35
CA LEU J 2 28.08 15.16 49.17
C LEU J 2 27.92 16.67 49.22
N LEU J 3 27.97 17.30 48.04
CA LEU J 3 27.62 18.72 47.91
C LEU J 3 26.39 18.90 47.04
N ALA J 4 25.80 20.09 47.11
CA ALA J 4 24.69 20.44 46.23
C ALA J 4 23.47 19.55 46.50
N GLY J 5 23.55 18.77 47.57
CA GLY J 5 22.87 17.49 47.62
C GLY J 5 21.56 17.55 48.35
N GLY J 6 21.37 18.60 49.15
CA GLY J 6 20.53 19.71 48.75
C GLY J 6 19.52 20.10 49.82
N LYS J 7 18.31 20.43 49.38
CA LYS J 7 17.23 19.46 49.30
C LYS J 7 17.41 18.54 48.10
N ASP J 8 16.89 17.32 48.21
CA ASP J 8 15.73 16.91 47.42
C ASP J 8 14.43 17.44 48.03
N ASP J 9 13.70 18.24 47.26
CA ASP J 9 12.27 18.02 47.08
C ASP J 9 11.91 17.91 45.60
N VAL J 10 12.87 18.24 44.74
CA VAL J 10 12.71 18.04 43.30
C VAL J 10 11.92 16.77 43.01
N LYS J 11 12.18 15.72 43.78
CA LYS J 11 11.41 14.50 43.69
C LYS J 11 9.92 14.74 43.90
N ALA J 12 9.56 15.51 44.92
CA ALA J 12 8.16 15.81 45.15
C ALA J 12 7.56 16.61 44.00
N THR J 13 8.39 17.39 43.29
CA THR J 13 7.88 18.15 42.16
C THR J 13 7.48 17.23 41.01
N PHE J 14 8.32 16.27 40.69
CA PHE J 14 8.06 15.34 39.60
C PHE J 14 7.50 14.01 40.08
N GLY J 15 7.23 13.88 41.37
CA GLY J 15 6.87 12.59 41.95
C GLY J 15 5.45 12.15 41.66
N ALA J 16 4.98 11.22 42.50
CA ALA J 16 3.71 10.51 42.31
C ALA J 16 2.54 11.45 42.06
N ASP J 17 2.12 12.19 43.09
CA ASP J 17 1.09 13.19 42.93
C ASP J 17 1.78 14.51 42.63
N SER J 18 1.65 14.99 41.41
CA SER J 18 2.38 16.16 40.96
C SER J 18 1.57 16.90 39.92
N PHE J 19 2.08 18.04 39.50
CA PHE J 19 1.47 18.73 38.37
C PHE J 19 1.97 18.17 37.05
N VAL J 20 3.27 17.91 36.94
CA VAL J 20 3.80 17.42 35.67
C VAL J 20 3.41 15.98 35.43
N MET J 21 3.37 15.17 36.48
CA MET J 21 2.90 13.80 36.31
C MET J 21 1.42 13.76 35.99
N MET J 22 0.70 14.83 36.33
CA MET J 22 -0.72 14.91 36.03
C MET J 22 -0.97 15.33 34.59
N CYS J 23 -0.13 16.19 34.04
CA CYS J 23 -0.31 16.57 32.63
C CYS J 23 0.28 15.54 31.69
N ILE J 24 1.35 14.86 32.08
CA ILE J 24 1.96 13.90 31.17
C ILE J 24 1.06 12.70 30.99
N ILE J 25 0.24 12.39 32.00
CA ILE J 25 -0.72 11.30 31.88
C ILE J 25 -1.97 11.72 31.11
N ILE J 26 -2.35 12.99 31.17
CA ILE J 26 -3.59 13.40 30.52
C ILE J 26 -3.36 13.58 29.03
N ALA J 27 -2.11 13.80 28.61
CA ALA J 27 -1.82 13.89 27.18
C ALA J 27 -1.91 12.52 26.53
N GLU J 28 -1.45 11.49 27.24
CA GLU J 28 -1.61 10.13 26.76
C GLU J 28 -3.06 9.80 26.47
N LEU J 29 -3.97 10.29 27.30
CA LEU J 29 -5.38 10.03 27.11
C LEU J 29 -5.89 10.74 25.86
N ILE J 30 -5.54 12.02 25.72
CA ILE J 30 -6.23 12.83 24.72
C ILE J 30 -5.66 12.57 23.32
N VAL J 31 -4.37 12.27 23.20
CA VAL J 31 -3.86 11.90 21.89
C VAL J 31 -3.96 10.41 21.69
N GLY J 32 -4.31 9.66 22.73
CA GLY J 32 -4.59 8.25 22.55
C GLY J 32 -5.89 8.09 21.82
N VAL J 33 -6.91 8.83 22.25
CA VAL J 33 -8.19 8.78 21.56
C VAL J 33 -8.06 9.33 20.15
N ALA J 34 -7.25 10.36 19.96
CA ALA J 34 -7.03 10.91 18.63
C ALA J 34 -6.54 9.84 17.68
N MET J 35 -5.35 9.29 17.93
CA MET J 35 -4.80 8.29 17.03
C MET J 35 -5.68 7.05 16.96
N TYR J 36 -6.64 6.90 17.86
CA TYR J 36 -7.60 5.82 17.73
C TYR J 36 -8.66 6.16 16.70
N ILE J 37 -9.21 7.36 16.77
CA ILE J 37 -10.33 7.73 15.91
C ILE J 37 -9.88 7.75 14.45
N ARG J 38 -8.69 8.27 14.19
CA ARG J 38 -8.17 8.34 12.83
C ARG J 38 -7.89 6.96 12.25
N THR J 39 -7.81 5.93 13.10
CA THR J 39 -7.47 4.57 12.68
C THR J 39 -8.58 3.59 13.03
N LYS J 40 -8.94 3.49 14.30
CA LYS J 40 -9.83 2.45 14.84
C LYS J 40 -9.20 1.06 14.69
N ASN J 41 -8.13 0.91 15.47
CA ASN J 41 -7.65 -0.37 15.95
C ASN J 41 -7.43 -0.22 17.45
N LEU J 42 -7.61 -1.30 18.20
CA LEU J 42 -7.32 -1.18 19.62
C LEU J 42 -6.10 -2.02 19.92
N LEU J 43 -4.93 -1.44 19.79
CA LEU J 43 -3.89 -1.53 20.78
C LEU J 43 -3.60 -0.18 21.41
N ILE J 44 -4.15 0.89 20.85
CA ILE J 44 -3.70 2.23 21.21
C ILE J 44 -4.38 2.69 22.48
N LEU J 45 -5.67 2.38 22.64
CA LEU J 45 -6.31 2.61 23.92
C LEU J 45 -5.56 1.91 25.03
N LEU J 46 -4.96 0.76 24.73
CA LEU J 46 -4.12 0.10 25.70
C LEU J 46 -2.82 0.85 25.90
N GLY J 47 -2.46 1.73 24.96
CA GLY J 47 -1.26 2.53 25.13
C GLY J 47 -1.33 3.44 26.34
N LEU J 48 -2.53 3.71 26.84
CA LEU J 48 -2.65 4.48 28.07
C LEU J 48 -2.21 3.64 29.27
N VAL J 49 -2.46 2.34 29.22
CA VAL J 49 -2.11 1.49 30.35
C VAL J 49 -0.61 1.46 30.55
N VAL J 50 0.17 1.38 29.47
CA VAL J 50 1.60 1.28 29.63
C VAL J 50 2.23 2.54 30.17
N VAL J 51 1.54 3.68 30.07
CA VAL J 51 2.02 4.89 30.71
C VAL J 51 1.70 4.89 32.20
N ILE J 52 0.56 4.31 32.57
CA ILE J 52 0.20 4.19 33.98
C ILE J 52 1.28 3.41 34.71
N VAL J 53 1.60 2.23 34.23
CA VAL J 53 2.55 1.38 34.94
C VAL J 53 3.95 1.94 34.82
N PHE J 54 4.31 2.51 33.66
CA PHE J 54 5.68 2.94 33.45
C PHE J 54 6.05 4.05 34.43
N THR J 55 5.22 5.09 34.51
CA THR J 55 5.48 6.15 35.49
C THR J 55 5.46 5.59 36.90
N THR J 56 4.53 4.69 37.19
CA THR J 56 4.44 4.14 38.53
C THR J 56 5.71 3.40 38.92
N VAL J 57 6.07 2.37 38.15
CA VAL J 57 7.29 1.62 38.46
C VAL J 57 8.54 2.39 38.11
N GLY J 58 8.43 3.46 37.34
CA GLY J 58 9.59 4.26 37.04
C GLY J 58 9.99 5.13 38.22
N LEU J 59 9.00 5.82 38.80
CA LEU J 59 9.29 6.75 39.89
C LEU J 59 9.96 6.07 41.07
N THR J 60 9.72 4.79 41.27
CA THR J 60 10.33 4.10 42.40
C THR J 60 11.81 3.84 42.19
N PHE J 61 12.33 4.00 40.97
CA PHE J 61 13.76 3.85 40.73
C PHE J 61 14.53 5.14 40.98
N ILE J 62 13.84 6.26 41.18
CA ILE J 62 14.52 7.54 41.41
C ILE J 62 15.40 7.46 42.64
N LYS J 63 14.89 6.87 43.72
CA LYS J 63 15.63 6.77 44.97
C LYS J 63 16.86 5.89 44.81
N ASP K 1 55.09 12.26 43.95
CA ASP K 1 53.75 12.06 44.49
C ASP K 1 52.70 12.79 43.67
N LEU K 2 51.47 12.76 44.16
CA LEU K 2 50.36 13.44 43.49
C LEU K 2 50.13 14.83 44.08
N LEU K 3 49.71 15.76 43.23
CA LEU K 3 49.24 17.06 43.71
C LEU K 3 47.77 17.27 43.37
N ALA K 4 47.16 18.27 44.00
CA ALA K 4 45.80 18.65 43.68
C ALA K 4 44.81 17.52 44.00
N GLY K 5 45.32 16.49 44.66
CA GLY K 5 44.80 15.14 44.48
C GLY K 5 43.82 14.75 45.56
N GLY K 6 43.84 15.47 46.68
CA GLY K 6 42.84 16.48 46.96
C GLY K 6 42.24 16.35 48.35
N LYS K 7 40.94 16.58 48.45
CA LYS K 7 39.98 15.49 48.38
C LYS K 7 39.79 15.01 46.94
N ASP K 8 39.42 13.74 46.80
CA ASP K 8 38.08 13.38 46.32
C ASP K 8 37.06 13.46 47.43
N ASP K 9 36.04 14.30 47.23
CA ASP K 9 34.66 13.89 47.44
C ASP K 9 33.82 14.15 46.20
N VAL K 10 34.39 14.89 45.25
CA VAL K 10 33.75 15.09 43.95
C VAL K 10 33.00 13.84 43.51
N LYS K 11 33.58 12.69 43.77
CA LYS K 11 32.91 11.42 43.51
C LYS K 11 31.59 11.33 44.23
N ALA K 12 31.55 11.67 45.52
CA ALA K 12 30.30 11.64 46.25
C ALA K 12 29.28 12.62 45.68
N THR K 13 29.76 13.70 45.05
CA THR K 13 28.83 14.66 44.46
C THR K 13 28.12 14.07 43.25
N PHE K 14 28.87 13.40 42.37
CA PHE K 14 28.31 12.80 41.17
C PHE K 14 28.03 11.31 41.33
N GLY K 15 28.24 10.76 42.52
CA GLY K 15 28.20 9.32 42.72
C GLY K 15 26.81 8.73 42.75
N ALA K 16 26.73 7.52 43.34
CA ALA K 16 25.52 6.69 43.31
C ALA K 16 24.28 7.43 43.76
N ASP K 17 24.20 7.75 45.06
CA ASP K 17 23.10 8.55 45.56
C ASP K 17 23.55 10.01 45.54
N SER K 18 22.97 10.79 44.64
CA SER K 18 23.42 12.15 44.41
C SER K 18 22.24 13.00 43.98
N PHE K 19 22.49 14.29 43.84
CA PHE K 19 21.48 15.16 43.25
C PHE K 19 21.52 15.10 41.73
N VAL K 20 22.72 15.12 41.14
CA VAL K 20 22.81 15.13 39.69
C VAL K 20 22.46 13.77 39.11
N MET K 21 22.85 12.70 39.78
CA MET K 21 22.44 11.39 39.32
C MET K 21 20.95 11.17 39.48
N MET K 22 20.32 11.94 40.36
CA MET K 22 18.88 11.85 40.56
C MET K 22 18.11 12.62 39.48
N CYS K 23 18.64 13.75 39.02
CA CYS K 23 17.95 14.48 37.96
C CYS K 23 18.26 13.89 36.59
N ILE K 24 19.44 13.34 36.39
CA ILE K 24 19.77 12.81 35.07
C ILE K 24 18.95 11.56 34.79
N ILE K 25 18.55 10.83 35.82
CA ILE K 25 17.69 9.67 35.65
C ILE K 25 16.22 10.06 35.50
N ILE K 26 15.80 11.17 36.09
CA ILE K 26 14.39 11.53 36.01
C ILE K 26 14.07 12.17 34.68
N ALA K 27 15.07 12.73 34.01
CA ALA K 27 14.83 13.28 32.68
C ALA K 27 14.63 12.17 31.67
N GLU K 28 15.37 11.08 31.80
CA GLU K 28 15.15 9.91 30.97
C GLU K 28 13.71 9.42 31.05
N LEU K 29 13.14 9.48 32.24
CA LEU K 29 11.76 9.05 32.41
C LEU K 29 10.79 9.98 31.69
N ILE K 30 10.98 11.28 31.88
CA ILE K 30 9.94 12.21 31.47
C ILE K 30 9.99 12.47 29.97
N VAL K 31 11.18 12.47 29.37
CA VAL K 31 11.23 12.59 27.92
C VAL K 31 11.17 11.22 27.27
N GLY K 32 11.25 10.15 28.05
CA GLY K 32 11.04 8.83 27.51
C GLY K 32 9.57 8.65 27.19
N VAL K 33 8.72 9.05 28.14
CA VAL K 33 7.28 8.97 27.92
C VAL K 33 6.88 9.91 26.80
N ALA K 34 7.48 11.09 26.73
CA ALA K 34 7.20 12.04 25.66
C ALA K 34 7.39 11.40 24.30
N MET K 35 8.63 11.03 23.97
CA MET K 35 8.90 10.43 22.67
C MET K 35 8.15 9.14 22.45
N TYR K 36 7.58 8.57 23.51
CA TYR K 36 6.71 7.41 23.33
C TYR K 36 5.33 7.84 22.84
N ILE K 37 4.75 8.85 23.49
CA ILE K 37 3.39 9.25 23.18
C ILE K 37 3.29 9.77 21.75
N ARG K 38 4.28 10.55 21.33
CA ARG K 38 4.28 11.10 19.98
C ARG K 38 4.45 10.03 18.91
N THR K 39 4.88 8.84 19.30
CA THR K 39 5.14 7.74 18.37
C THR K 39 4.30 6.51 18.69
N LYS K 40 4.41 5.98 19.90
CA LYS K 40 3.84 4.69 20.30
C LYS K 40 4.48 3.54 19.53
N ASN K 41 5.76 3.37 19.82
CA ASN K 41 6.48 2.11 19.68
C ASN K 41 7.19 1.86 21.00
N LEU K 42 7.37 0.59 21.36
CA LEU K 42 8.12 0.34 22.57
C LEU K 42 9.43 -0.32 22.19
N LEU K 43 10.44 0.49 21.90
CA LEU K 43 11.76 0.30 22.44
C LEU K 43 12.15 1.43 23.36
N ILE K 44 11.37 2.50 23.39
CA ILE K 44 11.82 3.73 24.03
C ILE K 44 11.59 3.66 25.52
N LEU K 45 10.47 3.09 25.94
CA LEU K 45 10.30 2.84 27.37
C LEU K 45 11.44 1.98 27.89
N LEU K 46 11.97 1.10 27.05
CA LEU K 46 13.15 0.34 27.44
C LEU K 46 14.38 1.22 27.46
N GLY K 47 14.32 2.39 26.81
CA GLY K 47 15.44 3.31 26.86
C GLY K 47 15.74 3.80 28.27
N LEU K 48 14.76 3.69 29.18
CA LEU K 48 15.04 4.03 30.57
C LEU K 48 15.92 2.98 31.21
N VAL K 49 15.77 1.72 30.81
CA VAL K 49 16.54 0.66 31.43
C VAL K 49 18.03 0.83 31.13
N VAL K 50 18.37 1.22 29.91
CA VAL K 50 19.79 1.33 29.56
C VAL K 50 20.47 2.48 30.28
N VAL K 51 19.71 3.44 30.78
CA VAL K 51 20.29 4.49 31.62
C VAL K 51 20.51 4.00 33.04
N ILE K 52 19.62 3.14 33.52
CA ILE K 52 19.78 2.55 34.84
C ILE K 52 21.11 1.80 34.92
N VAL K 53 21.32 0.88 33.98
CA VAL K 53 22.52 0.06 34.04
C VAL K 53 23.74 0.87 33.69
N PHE K 54 23.63 1.81 32.74
CA PHE K 54 24.81 2.52 32.27
C PHE K 54 25.42 3.35 33.40
N THR K 55 24.61 4.14 34.08
CA THR K 55 25.10 4.90 35.22
C THR K 55 25.62 3.96 36.30
N THR K 56 24.92 2.87 36.55
CA THR K 56 25.34 1.94 37.59
C THR K 56 26.72 1.36 37.29
N VAL K 57 26.85 0.68 36.15
CA VAL K 57 28.15 0.11 35.80
C VAL K 57 29.14 1.16 35.36
N GLY K 58 28.69 2.36 35.06
CA GLY K 58 29.62 3.41 34.71
C GLY K 58 30.34 3.96 35.92
N LEU K 59 29.58 4.26 36.98
CA LEU K 59 30.15 4.87 38.17
C LEU K 59 31.24 4.01 38.79
N THR K 60 31.18 2.69 38.61
CA THR K 60 32.20 1.84 39.20
C THR K 60 33.53 1.92 38.47
N PHE K 61 33.57 2.51 37.28
CA PHE K 61 34.84 2.70 36.58
C PHE K 61 35.54 3.98 37.00
N ILE K 62 34.90 4.85 37.77
CA ILE K 62 35.52 6.10 38.18
C ILE K 62 36.78 5.83 38.99
N LYS K 63 36.71 4.87 39.90
CA LYS K 63 37.86 4.55 40.75
C LYS K 63 39.01 3.98 39.95
N ASP L 1 73.98 17.11 29.55
CA ASP L 1 72.95 16.52 30.38
C ASP L 1 71.63 17.25 30.22
N LEU L 2 70.63 16.86 31.02
CA LEU L 2 69.32 17.49 30.99
C LEU L 2 69.21 18.58 32.06
N LEU L 3 68.46 19.64 31.75
CA LEU L 3 68.10 20.64 32.74
C LEU L 3 66.59 20.67 32.97
N ALA L 4 66.17 21.30 34.06
CA ALA L 4 64.75 21.51 34.32
C ALA L 4 64.03 20.18 34.52
N GLY L 5 64.80 19.10 34.62
CA GLY L 5 64.36 17.80 34.17
C GLY L 5 63.84 16.94 35.29
N GLY L 6 64.21 17.30 36.52
CA GLY L 6 63.29 17.99 37.42
C GLY L 6 63.24 17.35 38.79
N LYS L 7 62.03 17.30 39.36
CA LYS L 7 61.18 16.12 39.23
C LYS L 7 60.54 16.05 37.85
N ASP L 8 60.23 14.84 37.41
CA ASP L 8 58.84 14.40 37.26
C ASP L 8 58.26 13.97 38.60
N ASP L 9 57.19 14.63 39.02
CA ASP L 9 56.00 13.94 39.50
C ASP L 9 54.76 14.40 38.73
N VAL L 10 54.90 15.47 37.95
CA VAL L 10 53.85 15.92 37.07
C VAL L 10 53.08 14.75 36.48
N LYS L 11 53.79 13.69 36.15
CA LYS L 11 53.17 12.45 35.69
C LYS L 11 52.19 11.91 36.73
N ALA L 12 52.58 11.86 37.99
CA ALA L 12 51.66 11.39 39.02
C ALA L 12 50.45 12.30 39.16
N THR L 13 50.60 13.58 38.81
CA THR L 13 49.46 14.48 38.89
C THR L 13 48.42 14.15 37.84
N PHE L 14 48.85 13.92 36.60
CA PHE L 14 47.95 13.60 35.51
C PHE L 14 47.86 12.10 35.22
N GLY L 15 48.50 11.27 36.03
CA GLY L 15 48.64 9.86 35.74
C GLY L 15 47.40 9.04 36.00
N ALA L 16 47.61 7.73 36.14
CA ALA L 16 46.53 6.74 36.20
C ALA L 16 45.47 7.08 37.25
N ASP L 17 45.82 6.98 38.53
CA ASP L 17 44.92 7.39 39.59
C ASP L 17 45.23 8.85 39.92
N SER L 18 44.31 9.74 39.56
CA SER L 18 44.56 11.16 39.67
C SER L 18 43.25 11.87 39.94
N PHE L 19 43.34 13.17 40.16
CA PHE L 19 42.13 13.98 40.25
C PHE L 19 41.64 14.38 38.86
N VAL L 20 42.56 14.77 37.97
CA VAL L 20 42.13 15.24 36.65
C VAL L 20 41.70 14.07 35.79
N MET L 21 42.37 12.93 35.90
CA MET L 21 41.92 11.76 35.17
C MET L 21 40.60 11.24 35.71
N MET L 22 40.26 11.59 36.94
CA MET L 22 39.00 11.20 37.53
C MET L 22 37.85 12.08 37.08
N CYS L 23 38.10 13.38 36.87
CA CYS L 23 37.04 14.25 36.39
C CYS L 23 36.88 14.16 34.88
N ILE L 24 37.96 13.90 34.15
CA ILE L 24 37.84 13.85 32.69
C ILE L 24 37.07 12.62 32.27
N ILE L 25 37.10 11.56 33.08
CA ILE L 25 36.32 10.37 32.79
C ILE L 25 34.87 10.50 33.24
N ILE L 26 34.60 11.30 34.28
CA ILE L 26 33.24 11.41 34.76
C ILE L 26 32.43 12.34 33.89
N ALA L 27 33.08 13.24 33.17
CA ALA L 27 32.37 14.10 32.24
C ALA L 27 31.89 13.32 31.03
N GLU L 28 32.72 12.38 30.55
CA GLU L 28 32.30 11.50 29.48
C GLU L 28 31.02 10.75 29.84
N LEU L 29 30.89 10.36 31.09
CA LEU L 29 29.69 9.64 31.52
C LEU L 29 28.48 10.56 31.51
N ILE L 30 28.62 11.77 32.05
CA ILE L 30 27.44 12.57 32.31
C ILE L 30 26.95 13.27 31.05
N VAL L 31 27.85 13.65 30.14
CA VAL L 31 27.38 14.18 28.88
C VAL L 31 27.19 13.09 27.86
N GLY L 32 27.62 11.88 28.17
CA GLY L 32 27.32 10.75 27.31
C GLY L 32 25.86 10.41 27.42
N VAL L 33 25.36 10.34 28.67
CA VAL L 33 23.95 10.09 28.88
C VAL L 33 23.10 11.22 28.32
N ALA L 34 23.57 12.46 28.48
CA ALA L 34 22.86 13.61 27.93
C ALA L 34 22.62 13.43 26.43
N MET L 35 23.69 13.40 25.64
CA MET L 35 23.52 13.29 24.20
C MET L 35 22.84 11.99 23.80
N TYR L 36 22.71 11.04 24.72
CA TYR L 36 21.91 9.86 24.45
C TYR L 36 20.43 10.16 24.58
N ILE L 37 20.05 10.81 25.67
CA ILE L 37 18.63 11.03 25.95
C ILE L 37 18.01 11.91 24.88
N ARG L 38 18.73 12.95 24.46
CA ARG L 38 18.22 13.86 23.45
C ARG L 38 18.08 13.19 22.08
N THR L 39 18.71 12.03 21.90
CA THR L 39 18.70 11.33 20.62
C THR L 39 18.12 9.93 20.75
N LYS L 40 18.68 9.09 21.62
CA LYS L 40 18.38 7.67 21.72
C LYS L 40 18.79 6.93 20.44
N ASN L 41 20.10 6.91 20.26
CA ASN L 41 20.79 5.90 19.50
C ASN L 41 21.95 5.40 20.36
N LEU L 42 22.32 4.14 20.20
CA LEU L 42 23.47 3.68 20.96
C LEU L 42 24.60 3.41 20.00
N LEU L 43 25.39 4.44 19.71
CA LEU L 43 26.83 4.33 19.71
C LEU L 43 27.44 5.21 20.79
N ILE L 44 26.64 6.07 21.41
CA ILE L 44 27.19 7.11 22.26
C ILE L 44 27.51 6.57 23.64
N LEU L 45 26.66 5.71 24.17
CA LEU L 45 27.01 5.02 25.40
C LEU L 45 28.31 4.27 25.23
N LEU L 46 28.58 3.78 24.02
CA LEU L 46 29.87 3.17 23.75
C LEU L 46 30.97 4.22 23.70
N GLY L 47 30.61 5.49 23.51
CA GLY L 47 31.61 6.54 23.53
C GLY L 47 32.33 6.64 24.86
N LEU L 48 31.75 6.11 25.93
CA LEU L 48 32.47 6.07 27.19
C LEU L 48 33.60 5.05 27.15
N VAL L 49 33.40 3.96 26.41
CA VAL L 49 34.42 2.92 26.36
C VAL L 49 35.68 3.43 25.71
N VAL L 50 35.56 4.22 24.64
CA VAL L 50 36.75 4.68 23.94
C VAL L 50 37.55 5.67 24.75
N VAL L 51 36.95 6.29 25.76
CA VAL L 51 37.71 7.14 26.67
C VAL L 51 38.44 6.30 27.70
N ILE L 52 37.84 5.20 28.12
CA ILE L 52 38.50 4.28 29.05
C ILE L 52 39.81 3.80 28.46
N VAL L 53 39.75 3.24 27.25
CA VAL L 53 40.94 2.67 26.66
C VAL L 53 41.91 3.76 26.24
N PHE L 54 41.41 4.88 25.73
CA PHE L 54 42.30 5.91 25.21
C PHE L 54 43.21 6.46 26.30
N THR L 55 42.63 6.87 27.43
CA THR L 55 43.44 7.33 28.54
C THR L 55 44.37 6.23 29.03
N THR L 56 43.87 5.00 29.10
CA THR L 56 44.69 3.91 29.58
C THR L 56 45.91 3.70 28.69
N VAL L 57 45.69 3.42 27.40
CA VAL L 57 46.82 3.21 26.51
C VAL L 57 47.52 4.51 26.16
N GLY L 58 46.91 5.65 26.45
CA GLY L 58 47.58 6.90 26.20
C GLY L 58 48.64 7.19 27.24
N LEU L 59 48.28 7.03 28.51
CA LEU L 59 49.18 7.35 29.60
C LEU L 59 50.48 6.55 29.53
N THR L 60 50.45 5.37 28.95
CA THR L 60 51.67 4.57 28.87
C THR L 60 52.66 5.10 27.84
N PHE L 61 52.23 6.02 26.96
CA PHE L 61 53.16 6.63 26.02
C PHE L 61 53.88 7.84 26.60
N ILE L 62 53.48 8.30 27.78
CA ILE L 62 54.12 9.47 28.38
C ILE L 62 55.59 9.22 28.61
N LYS L 63 55.93 8.04 29.13
CA LYS L 63 57.31 7.69 29.42
C LYS L 63 58.15 7.60 28.16
N ASP M 1 86.26 29.26 12.55
CA ASP M 1 85.62 28.27 13.42
C ASP M 1 84.29 28.77 13.92
N LEU M 2 83.66 27.99 14.81
CA LEU M 2 82.39 28.36 15.39
C LEU M 2 82.58 29.05 16.75
N LEU M 3 81.69 30.00 17.06
CA LEU M 3 81.63 30.57 18.38
C LEU M 3 80.30 30.27 19.06
N ALA M 4 80.25 30.48 20.37
CA ALA M 4 79.00 30.34 21.12
C ALA M 4 78.49 28.90 21.07
N GLY M 5 79.31 28.01 20.55
CA GLY M 5 78.83 26.83 19.86
C GLY M 5 78.81 25.60 20.73
N GLY M 6 79.55 25.65 21.83
CA GLY M 6 78.97 25.87 23.14
C GLY M 6 79.43 24.85 24.17
N LYS M 7 78.51 24.43 25.03
CA LYS M 7 77.74 23.20 24.78
C LYS M 7 76.67 23.43 23.73
N ASP M 8 76.32 22.36 23.03
CA ASP M 8 75.00 21.74 23.17
C ASP M 8 74.96 20.84 24.40
N ASP M 9 74.07 21.15 25.32
CA ASP M 9 73.16 20.14 25.88
C ASP M 9 71.69 20.57 25.73
N VAL M 10 71.49 21.83 25.35
CA VAL M 10 70.16 22.33 25.05
C VAL M 10 69.32 21.25 24.36
N LYS M 11 69.95 20.48 23.48
CA LYS M 11 69.30 19.34 22.86
C LYS M 11 68.78 18.36 23.90
N ALA M 12 69.59 18.02 24.89
CA ALA M 12 69.12 17.11 25.92
C ALA M 12 67.97 17.70 26.73
N THR M 13 67.90 19.03 26.80
CA THR M 13 66.80 19.65 27.53
C THR M 13 65.47 19.46 26.80
N PHE M 14 65.47 19.69 25.48
CA PHE M 14 64.26 19.54 24.68
C PHE M 14 64.19 18.20 23.96
N GLY M 15 65.13 17.30 24.20
CA GLY M 15 65.26 16.08 23.42
C GLY M 15 64.25 15.01 23.76
N ALA M 16 64.58 13.77 23.39
CA ALA M 16 63.67 12.63 23.44
C ALA M 16 63.02 12.46 24.81
N ASP M 17 63.81 12.06 25.81
CA ASP M 17 63.30 11.98 27.17
C ASP M 17 63.60 13.30 27.85
N SER M 18 62.56 14.07 28.11
CA SER M 18 62.73 15.42 28.62
C SER M 18 61.55 15.78 29.50
N PHE M 19 61.61 16.96 30.11
CA PHE M 19 60.45 17.47 30.82
C PHE M 19 59.49 18.16 29.87
N VAL M 20 60.01 18.96 28.93
CA VAL M 20 59.12 19.70 28.05
C VAL M 20 58.49 18.77 27.01
N MET M 21 59.24 17.78 26.53
CA MET M 21 58.65 16.82 25.63
C MET M 21 57.64 15.94 26.34
N MET M 22 57.73 15.86 27.66
CA MET M 22 56.78 15.08 28.44
C MET M 22 55.48 15.84 28.68
N CYS M 23 55.56 17.16 28.86
CA CYS M 23 54.34 17.92 29.04
C CYS M 23 53.67 18.25 27.71
N ILE M 24 54.44 18.42 26.64
CA ILE M 24 53.82 18.77 25.37
C ILE M 24 53.03 17.60 24.82
N ILE M 25 53.43 16.38 25.17
CA ILE M 25 52.68 15.20 24.75
C ILE M 25 51.48 14.94 25.65
N ILE M 26 51.53 15.33 26.92
CA ILE M 26 50.42 15.04 27.81
C ILE M 26 49.28 16.03 27.60
N ALA M 27 49.58 17.21 27.05
CA ALA M 27 48.53 18.16 26.74
C ALA M 27 47.72 17.68 25.54
N GLU M 28 48.39 17.10 24.56
CA GLU M 28 47.69 16.50 23.43
C GLU M 28 46.67 15.47 23.88
N LEU M 29 47.01 14.71 24.92
CA LEU M 29 46.10 13.70 25.42
C LEU M 29 44.89 14.34 26.08
N ILE M 30 45.13 15.34 26.93
CA ILE M 30 44.06 15.82 27.80
C ILE M 30 43.12 16.74 27.07
N VAL M 31 43.61 17.53 26.11
CA VAL M 31 42.70 18.32 25.31
C VAL M 31 42.24 17.55 24.09
N GLY M 32 42.83 16.39 23.82
CA GLY M 32 42.34 15.54 22.78
C GLY M 32 41.04 14.92 23.22
N VAL M 33 41.01 14.41 24.44
CA VAL M 33 39.77 13.85 24.98
C VAL M 33 38.72 14.93 25.14
N ALA M 34 39.11 16.14 25.53
CA ALA M 34 38.18 17.24 25.65
C ALA M 34 37.45 17.48 24.34
N MET M 35 38.16 17.86 23.29
CA MET M 35 37.52 18.15 22.02
C MET M 35 36.83 16.92 21.45
N TYR M 36 37.09 15.74 21.98
CA TYR M 36 36.34 14.56 21.58
C TYR M 36 34.99 14.54 22.26
N ILE M 37 34.96 14.76 23.57
CA ILE M 37 33.72 14.63 24.32
C ILE M 37 32.70 15.66 23.87
N ARG M 38 33.15 16.89 23.62
CA ARG M 38 32.26 17.95 23.18
C ARG M 38 31.70 17.69 21.79
N THR M 39 32.30 16.77 21.03
CA THR M 39 31.91 16.48 19.66
C THR M 39 31.50 15.03 19.49
N LYS M 40 32.39 14.09 19.81
CA LYS M 40 32.25 12.66 19.51
C LYS M 40 32.23 12.42 18.00
N ASN M 41 33.39 12.68 17.43
CA ASN M 41 33.85 12.08 16.19
C ASN M 41 35.26 11.57 16.43
N LEU M 42 35.65 10.50 15.76
CA LEU M 42 37.02 10.06 15.93
C LEU M 42 37.76 10.29 14.63
N LEU M 43 38.32 11.48 14.47
CA LEU M 43 39.67 11.64 14.01
C LEU M 43 40.56 12.25 15.07
N ILE M 44 39.97 12.74 16.16
CA ILE M 44 40.70 13.57 17.09
C ILE M 44 41.52 12.72 18.05
N LEU M 45 40.96 11.60 18.50
CA LEU M 45 41.78 10.66 19.24
C LEU M 45 42.99 10.23 18.45
N LEU M 46 42.85 10.18 17.12
CA LEU M 46 44.01 9.91 16.27
C LEU M 46 44.94 11.12 16.24
N GLY M 47 44.45 12.29 16.61
CA GLY M 47 45.31 13.46 16.68
C GLY M 47 46.45 13.29 17.66
N LEU M 48 46.32 12.38 18.62
CA LEU M 48 47.44 12.10 19.51
C LEU M 48 48.54 11.36 18.78
N VAL M 49 48.18 10.51 17.82
CA VAL M 49 49.19 9.74 17.13
C VAL M 49 50.11 10.64 16.32
N VAL M 50 49.55 11.66 15.67
CA VAL M 50 50.39 12.51 14.84
C VAL M 50 51.35 13.35 15.64
N VAL M 51 51.09 13.54 16.93
CA VAL M 51 52.07 14.20 17.80
C VAL M 51 53.18 13.25 18.21
N ILE M 52 52.83 11.97 18.40
CA ILE M 52 53.84 10.97 18.71
C ILE M 52 54.90 10.92 17.63
N VAL M 53 54.46 10.74 16.38
CA VAL M 53 55.41 10.59 15.30
C VAL M 53 56.09 11.91 14.98
N PHE M 54 55.37 13.02 15.07
CA PHE M 54 55.94 14.30 14.67
C PHE M 54 57.13 14.67 15.55
N THR M 55 56.94 14.62 16.87
CA THR M 55 58.06 14.88 17.76
C THR M 55 59.18 13.86 17.54
N THR M 56 58.82 12.60 17.35
CA THR M 56 59.84 11.57 17.16
C THR M 56 60.69 11.85 15.92
N VAL M 57 60.05 11.94 14.76
CA VAL M 57 60.80 12.20 13.54
C VAL M 57 61.25 13.64 13.44
N GLY M 58 60.70 14.53 14.27
CA GLY M 58 61.15 15.89 14.26
C GLY M 58 62.48 16.05 14.96
N LEU M 59 62.59 15.47 16.16
CA LEU M 59 63.81 15.62 16.94
C LEU M 59 65.05 15.13 16.22
N THR M 60 64.90 14.17 15.31
CA THR M 60 66.07 13.67 14.60
C THR M 60 66.59 14.64 13.56
N PHE M 61 65.82 15.68 13.22
CA PHE M 61 66.33 16.70 12.30
C PHE M 61 67.11 17.79 12.99
N ILE M 62 67.11 17.82 14.33
CA ILE M 62 67.83 18.86 15.05
C ILE M 62 69.32 18.81 14.73
N LYS M 63 69.89 17.61 14.68
CA LYS M 63 71.31 17.45 14.41
C LYS M 63 71.66 17.88 12.99
N ASP N 1 90.95 47.84 -2.28
CA ASP N 1 90.72 46.55 -1.65
C ASP N 1 89.61 46.63 -0.62
N LEU N 2 89.40 45.52 0.10
CA LEU N 2 88.38 45.47 1.14
C LEU N 2 88.98 45.76 2.51
N LEU N 3 88.20 46.40 3.38
CA LEU N 3 88.56 46.54 4.78
C LEU N 3 87.57 45.82 5.69
N ALA N 4 87.96 45.62 6.94
CA ALA N 4 87.07 45.05 7.94
C ALA N 4 86.68 43.62 7.57
N GLY N 5 87.34 43.08 6.56
CA GLY N 5 86.72 42.09 5.69
C GLY N 5 87.09 40.68 6.06
N GLY N 6 88.17 40.53 6.83
CA GLY N 6 88.06 40.25 8.25
C GLY N 6 88.93 39.09 8.69
N LYS N 7 88.40 38.27 9.59
CA LYS N 7 87.69 37.05 9.18
C LYS N 7 86.29 37.38 8.65
N ASP N 8 85.79 36.52 7.78
CA ASP N 8 84.66 35.65 8.11
C ASP N 8 85.12 34.44 8.91
N ASP N 9 84.58 34.30 10.12
CA ASP N 9 84.00 33.04 10.55
C ASP N 9 82.55 33.22 11.01
N VAL N 10 82.14 34.47 11.16
CA VAL N 10 80.75 34.79 11.47
C VAL N 10 79.80 33.83 10.76
N LYS N 11 80.14 33.47 9.52
CA LYS N 11 79.39 32.46 8.78
C LYS N 11 79.34 31.15 9.54
N ALA N 12 80.47 30.68 10.06
CA ALA N 12 80.46 29.44 10.82
C ALA N 12 79.63 29.55 12.09
N THR N 13 79.48 30.77 12.62
CA THR N 13 78.67 30.95 13.82
C THR N 13 77.19 30.74 13.51
N PHE N 14 76.71 31.33 12.42
CA PHE N 14 75.32 31.21 12.02
C PHE N 14 75.08 30.15 10.95
N GLY N 15 76.12 29.41 10.57
CA GLY N 15 76.05 28.51 9.43
C GLY N 15 75.29 27.23 9.69
N ALA N 16 75.57 26.23 8.84
CA ALA N 16 74.81 24.98 8.78
C ALA N 16 74.70 24.30 10.14
N ASP N 17 75.81 23.78 10.66
CA ASP N 17 75.81 23.21 12.00
C ASP N 17 76.24 24.31 12.95
N SER N 18 75.30 24.77 13.77
CA SER N 18 75.55 25.92 14.61
C SER N 18 74.72 25.79 15.88
N PHE N 19 74.92 26.73 16.80
CA PHE N 19 74.04 26.79 17.96
C PHE N 19 72.76 27.55 17.65
N VAL N 20 72.86 28.67 16.92
CA VAL N 20 71.67 29.46 16.65
C VAL N 20 70.78 28.77 15.62
N MET N 21 71.39 28.12 14.62
CA MET N 21 70.59 27.37 13.67
C MET N 21 69.95 26.16 14.33
N MET N 22 70.51 25.70 15.44
CA MET N 22 69.94 24.58 16.18
C MET N 22 68.76 24.99 17.04
N CYS N 23 68.80 26.19 17.62
CA CYS N 23 67.67 26.64 18.41
C CYS N 23 66.57 27.21 17.55
N ILE N 24 66.90 27.82 16.41
CA ILE N 24 65.85 28.41 15.59
C ILE N 24 65.01 27.33 14.95
N ILE N 25 65.58 26.15 14.73
CA ILE N 25 64.83 25.02 14.19
C ILE N 25 64.03 24.31 15.28
N ILE N 26 64.49 24.32 16.52
CA ILE N 26 63.79 23.59 17.55
C ILE N 26 62.59 24.37 18.04
N ALA N 27 62.59 25.69 17.87
CA ALA N 27 61.42 26.48 18.23
C ALA N 27 60.29 26.24 17.25
N GLU N 28 60.60 26.10 15.97
CA GLU N 28 59.60 25.74 14.98
C GLU N 28 58.89 24.46 15.36
N LEU N 29 59.62 23.49 15.90
CA LEU N 29 59.02 22.24 16.30
C LEU N 29 58.07 22.44 17.49
N ILE N 30 58.52 23.17 18.51
CA ILE N 30 57.79 23.16 19.76
C ILE N 30 56.58 24.08 19.70
N VAL N 31 56.66 25.19 18.96
CA VAL N 31 55.46 26.00 18.80
C VAL N 31 54.67 25.55 17.60
N GLY N 32 55.21 24.65 16.79
CA GLY N 32 54.44 24.06 15.72
C GLY N 32 53.41 23.13 16.31
N VAL N 33 53.86 22.28 17.24
CA VAL N 33 52.93 21.37 17.91
C VAL N 33 51.92 22.16 18.73
N ALA N 34 52.35 23.24 19.37
CA ALA N 34 51.44 24.07 20.13
C ALA N 34 50.27 24.54 19.27
N MET N 35 50.56 25.35 18.25
CA MET N 35 49.49 25.86 17.40
C MET N 35 48.73 24.76 16.69
N TYR N 36 49.26 23.53 16.70
CA TYR N 36 48.50 22.41 16.18
C TYR N 36 47.47 21.95 17.19
N ILE N 37 47.88 21.78 18.44
CA ILE N 37 47.00 21.21 19.45
C ILE N 37 45.82 22.13 19.70
N ARG N 38 46.06 23.43 19.75
CA ARG N 38 44.99 24.40 19.99
C ARG N 38 44.00 24.45 18.83
N THR N 39 44.37 23.93 17.67
CA THR N 39 43.54 23.98 16.47
C THR N 39 43.20 22.58 15.97
N LYS N 40 44.22 21.77 15.65
CA LYS N 40 44.07 20.50 14.96
C LYS N 40 43.55 20.70 13.54
N ASN N 41 44.42 21.33 12.76
CA ASN N 41 44.46 21.21 11.30
C ASN N 41 45.89 20.91 10.93
N LEU N 42 46.10 20.18 9.84
CA LEU N 42 47.47 19.95 9.43
C LEU N 42 47.69 20.68 8.12
N LEU N 43 48.08 21.94 8.21
CA LEU N 43 49.16 22.48 7.42
C LEU N 43 50.32 22.90 8.31
N ILE N 44 50.11 22.93 9.62
CA ILE N 44 51.07 23.58 10.50
C ILE N 44 52.23 22.66 10.81
N LEU N 45 51.95 21.37 11.01
CA LEU N 45 53.03 20.40 11.11
C LEU N 45 53.92 20.46 9.88
N LEU N 46 53.33 20.78 8.73
CA LEU N 46 54.13 20.98 7.54
C LEU N 46 54.91 22.29 7.61
N GLY N 47 54.49 23.19 8.50
CA GLY N 47 55.24 24.42 8.68
C GLY N 47 56.66 24.19 9.16
N LEU N 48 56.93 23.02 9.74
CA LEU N 48 58.31 22.70 10.10
C LEU N 48 59.14 22.42 8.85
N VAL N 49 58.52 21.84 7.83
CA VAL N 49 59.27 21.50 6.64
C VAL N 49 59.80 22.74 5.94
N VAL N 50 58.98 23.79 5.88
CA VAL N 50 59.41 24.99 5.16
C VAL N 50 60.53 25.71 5.87
N VAL N 51 60.73 25.46 7.15
CA VAL N 51 61.89 26.02 7.85
C VAL N 51 63.14 25.19 7.55
N ILE N 52 62.98 23.88 7.40
CA ILE N 52 64.09 23.02 7.04
C ILE N 52 64.70 23.49 5.72
N VAL N 53 63.87 23.60 4.69
CA VAL N 53 64.39 23.94 3.38
C VAL N 53 64.83 25.40 3.34
N PHE N 54 64.10 26.30 4.02
CA PHE N 54 64.41 27.71 3.91
C PHE N 54 65.80 28.01 4.45
N THR N 55 66.09 27.55 5.66
CA THR N 55 67.43 27.74 6.20
C THR N 55 68.47 27.05 5.33
N THR N 56 68.16 25.85 4.84
CA THR N 56 69.11 25.13 4.01
C THR N 56 69.45 25.91 2.74
N VAL N 57 68.44 26.20 1.92
CA VAL N 57 68.71 26.95 0.69
C VAL N 57 68.99 28.41 0.95
N GLY N 58 68.70 28.90 2.16
CA GLY N 58 69.02 30.27 2.47
C GLY N 58 70.50 30.46 2.74
N LEU N 59 71.06 29.57 3.57
CA LEU N 59 72.46 29.70 3.96
C LEU N 59 73.40 29.67 2.76
N THR N 60 73.01 29.01 1.68
CA THR N 60 73.89 28.96 0.52
C THR N 60 73.95 30.27 -0.24
N PHE N 61 73.04 31.21 0.04
CA PHE N 61 73.11 32.53 -0.60
C PHE N 61 74.00 33.49 0.15
N ILE N 62 74.48 33.13 1.35
CA ILE N 62 75.34 34.03 2.12
C ILE N 62 76.61 34.34 1.36
N LYS N 63 77.21 33.33 0.74
CA LYS N 63 78.45 33.51 0.01
C LYS N 63 78.26 34.40 -1.23
N ASP O 1 88.83 70.47 -10.70
CA ASP O 1 88.93 69.03 -10.50
C ASP O 1 88.24 68.60 -9.21
N LEU O 2 88.37 67.31 -8.88
CA LEU O 2 87.79 66.79 -7.66
C LEU O 2 88.82 66.76 -6.53
N LEU O 3 88.34 66.97 -5.31
CA LEU O 3 89.17 66.76 -4.12
C LEU O 3 88.60 65.63 -3.25
N ALA O 4 89.42 65.16 -2.32
CA ALA O 4 88.97 64.17 -1.34
C ALA O 4 88.58 62.86 -2.03
N GLY O 5 88.88 62.76 -3.32
CA GLY O 5 88.07 61.98 -4.23
C GLY O 5 88.65 60.61 -4.49
N GLY O 6 89.94 60.44 -4.19
CA GLY O 6 90.35 59.75 -2.98
C GLY O 6 91.39 58.68 -3.25
N LYS O 7 91.27 57.56 -2.56
CA LYS O 7 90.55 56.40 -3.11
C LYS O 7 89.04 56.61 -3.04
N ASP O 8 88.33 55.97 -3.95
CA ASP O 8 87.45 54.86 -3.60
C ASP O 8 88.24 53.57 -3.43
N ASP O 9 88.17 52.99 -2.25
CA ASP O 9 87.86 51.56 -2.10
C ASP O 9 86.67 51.34 -1.18
N VAL O 10 86.24 52.40 -0.50
CA VAL O 10 85.02 52.36 0.30
C VAL O 10 83.96 51.49 -0.36
N LYS O 11 83.87 51.58 -1.68
CA LYS O 11 82.99 50.71 -2.45
C LYS O 11 83.29 49.24 -2.21
N ALA O 12 84.56 48.85 -2.25
CA ALA O 12 84.90 47.48 -1.98
C ALA O 12 84.56 47.06 -0.56
N THR O 13 84.53 48.02 0.37
CA THR O 13 84.16 47.69 1.74
C THR O 13 82.70 47.32 1.85
N PHE O 14 81.83 48.11 1.22
CA PHE O 14 80.39 47.86 1.26
C PHE O 14 79.88 47.14 0.02
N GLY O 15 80.77 46.73 -0.88
CA GLY O 15 80.37 46.20 -2.17
C GLY O 15 79.84 44.79 -2.15
N ALA O 16 79.87 44.16 -3.31
CA ALA O 16 79.23 42.86 -3.55
C ALA O 16 79.64 41.81 -2.54
N ASP O 17 80.89 41.36 -2.59
CA ASP O 17 81.42 40.44 -1.60
C ASP O 17 82.07 41.27 -0.51
N SER O 18 81.45 41.30 0.66
CA SER O 18 81.89 42.18 1.73
C SER O 18 81.56 41.53 3.06
N PHE O 19 82.00 42.18 4.13
CA PHE O 19 81.59 41.74 5.46
C PHE O 19 80.23 42.31 5.83
N VAL O 20 79.98 43.60 5.52
CA VAL O 20 78.72 44.20 5.91
C VAL O 20 77.58 43.70 5.04
N MET O 21 77.85 43.49 3.75
CA MET O 21 76.83 42.92 2.91
C MET O 21 76.54 41.48 3.27
N MET O 22 77.48 40.83 3.94
CA MET O 22 77.30 39.45 4.39
C MET O 22 76.47 39.37 5.66
N CYS O 23 76.63 40.34 6.56
CA CYS O 23 75.81 40.33 7.77
C CYS O 23 74.43 40.91 7.53
N ILE O 24 74.30 41.87 6.62
CA ILE O 24 72.99 42.48 6.41
C ILE O 24 72.06 41.50 5.74
N ILE O 25 72.60 40.56 4.96
CA ILE O 25 71.79 39.53 4.35
C ILE O 25 71.47 38.39 5.31
N ILE O 26 72.33 38.12 6.28
CA ILE O 26 72.10 37.01 7.18
C ILE O 26 71.08 37.38 8.25
N ALA O 27 70.94 38.68 8.52
CA ALA O 27 69.92 39.11 9.47
C ALA O 27 68.53 38.97 8.88
N GLU O 28 68.39 39.26 7.58
CA GLU O 28 67.13 39.03 6.89
C GLU O 28 66.69 37.58 7.02
N LEU O 29 67.62 36.65 6.97
CA LEU O 29 67.30 35.25 7.08
C LEU O 29 66.81 34.92 8.49
N ILE O 30 67.53 35.39 9.50
CA ILE O 30 67.29 34.89 10.84
C ILE O 30 66.07 35.55 11.47
N VAL O 31 65.82 36.82 11.16
CA VAL O 31 64.58 37.41 11.66
C VAL O 31 63.44 37.20 10.67
N GLY O 32 63.74 36.68 9.49
CA GLY O 32 62.69 36.31 8.58
C GLY O 32 62.00 35.07 9.10
N VAL O 33 62.80 34.08 9.52
CA VAL O 33 62.24 32.87 10.09
C VAL O 33 61.51 33.18 11.39
N ALA O 34 62.06 34.09 12.20
CA ALA O 34 61.42 34.49 13.43
C ALA O 34 60.01 34.98 13.18
N MET O 35 59.86 36.08 12.46
CA MET O 35 58.52 36.62 12.20
C MET O 35 57.65 35.65 11.44
N TYR O 36 58.23 34.60 10.87
CA TYR O 36 57.41 33.55 10.26
C TYR O 36 56.83 32.64 11.32
N ILE O 37 57.66 32.19 12.25
CA ILE O 37 57.23 31.20 13.23
C ILE O 37 56.15 31.78 14.13
N ARG O 38 56.30 33.02 14.53
CA ARG O 38 55.32 33.67 15.39
C ARG O 38 53.99 33.89 14.69
N THR O 39 53.97 33.80 13.37
CA THR O 39 52.76 34.05 12.57
C THR O 39 52.37 32.82 11.76
N LYS O 40 53.27 32.33 10.90
CA LYS O 40 52.98 31.31 9.89
C LYS O 40 51.98 31.83 8.86
N ASN O 41 52.48 32.80 8.10
CA ASN O 41 52.02 33.12 6.76
C ASN O 41 53.25 33.21 5.88
N LEU O 42 53.10 32.87 4.61
CA LEU O 42 54.26 33.03 3.74
C LEU O 42 53.97 34.13 2.75
N LEU O 43 54.26 35.36 3.13
CA LEU O 43 54.98 36.29 2.28
C LEU O 43 56.33 36.64 2.85
N ILE O 44 56.59 36.25 4.09
CA ILE O 44 57.75 36.76 4.80
C ILE O 44 59.00 36.01 4.42
N LEU O 45 58.90 34.70 4.24
CA LEU O 45 60.02 33.96 3.68
C LEU O 45 60.41 34.54 2.33
N LEU O 46 59.44 35.06 1.60
CA LEU O 46 59.76 35.74 0.35
C LEU O 46 60.42 37.09 0.63
N GLY O 47 60.28 37.60 1.84
CA GLY O 47 60.95 38.84 2.19
C GLY O 47 62.46 38.74 2.09
N LEU O 48 63.00 37.52 2.14
CA LEU O 48 64.43 37.37 1.92
C LEU O 48 64.79 37.61 0.47
N VAL O 49 63.90 37.25 -0.45
CA VAL O 49 64.21 37.42 -1.86
C VAL O 49 64.37 38.89 -2.22
N VAL O 50 63.51 39.74 -1.67
CA VAL O 50 63.57 41.15 -2.04
C VAL O 50 64.82 41.83 -1.52
N VAL O 51 65.47 41.25 -0.52
CA VAL O 51 66.76 41.78 -0.07
C VAL O 51 67.88 41.32 -0.99
N ILE O 52 67.77 40.10 -1.51
CA ILE O 52 68.74 39.61 -2.47
C ILE O 52 68.82 40.53 -3.67
N VAL O 53 67.68 40.79 -4.30
CA VAL O 53 67.68 41.59 -5.51
C VAL O 53 67.97 43.05 -5.19
N PHE O 54 67.47 43.56 -4.07
CA PHE O 54 67.62 44.97 -3.78
C PHE O 54 69.08 45.35 -3.63
N THR O 55 69.81 44.62 -2.79
CA THR O 55 71.24 44.88 -2.66
C THR O 55 71.96 44.66 -3.98
N THR O 56 71.58 43.63 -4.74
CA THR O 56 72.23 43.37 -6.01
C THR O 56 72.05 44.52 -6.98
N VAL O 57 70.80 44.87 -7.30
CA VAL O 57 70.56 45.96 -8.22
C VAL O 57 70.82 47.31 -7.58
N GLY O 58 70.94 47.37 -6.26
CA GLY O 58 71.25 48.63 -5.62
C GLY O 58 72.70 48.98 -5.77
N LEU O 59 73.58 48.02 -5.51
CA LEU O 59 75.02 48.28 -5.55
C LEU O 59 75.48 48.77 -6.91
N THR O 60 74.79 48.40 -7.97
CA THR O 60 75.20 48.84 -9.30
C THR O 60 74.90 50.31 -9.55
N PHE O 61 74.08 50.95 -8.71
CA PHE O 61 73.83 52.38 -8.85
C PHE O 61 74.87 53.23 -8.13
N ILE O 62 75.75 52.62 -7.34
CA ILE O 62 76.76 53.39 -6.62
C ILE O 62 77.66 54.14 -7.58
N LYS O 63 78.07 53.48 -8.66
CA LYS O 63 78.96 54.09 -9.63
C LYS O 63 78.29 55.24 -10.36
N ASP P 1 82.31 93.80 -9.96
CA ASP P 1 82.58 92.41 -10.30
C ASP P 1 82.41 91.51 -9.08
N LEU P 2 82.74 90.23 -9.26
CA LEU P 2 82.67 89.27 -8.17
C LEU P 2 84.01 89.10 -7.48
N LEU P 3 83.99 88.85 -6.18
CA LEU P 3 85.18 88.46 -5.44
C LEU P 3 85.04 87.04 -4.87
N ALA P 4 86.17 86.47 -4.45
CA ALA P 4 86.16 85.17 -3.79
C ALA P 4 85.65 84.08 -4.71
N GLY P 5 85.49 84.42 -5.98
CA GLY P 5 84.46 83.80 -6.81
C GLY P 5 85.01 82.69 -7.68
N GLY P 6 86.33 82.68 -7.86
CA GLY P 6 87.19 81.75 -7.15
C GLY P 6 88.14 81.01 -8.07
N LYS P 7 88.34 79.73 -7.79
CA LYS P 7 87.57 78.68 -8.44
C LYS P 7 86.17 78.58 -7.85
N ASP P 8 85.22 78.12 -8.66
CA ASP P 8 84.60 76.82 -8.45
C ASP P 8 85.49 75.69 -8.98
N ASP P 9 85.87 74.79 -8.08
CA ASP P 9 85.75 73.35 -8.34
C ASP P 9 84.96 72.67 -7.24
N VAL P 10 84.73 73.39 -6.14
CA VAL P 10 83.88 72.90 -5.07
C VAL P 10 82.71 72.08 -5.62
N LYS P 11 82.16 72.53 -6.74
CA LYS P 11 81.13 71.79 -7.45
C LYS P 11 81.60 70.39 -7.81
N ALA P 12 82.80 70.26 -8.37
CA ALA P 12 83.32 68.94 -8.70
C ALA P 12 83.52 68.09 -7.46
N THR P 13 83.74 68.71 -6.31
CA THR P 13 83.91 67.93 -5.09
C THR P 13 82.60 67.29 -4.66
N PHE P 14 81.51 68.06 -4.68
CA PHE P 14 80.20 67.55 -4.29
C PHE P 14 79.34 67.14 -5.48
N GLY P 15 79.88 67.18 -6.70
CA GLY P 15 79.09 66.99 -7.89
C GLY P 15 78.71 65.56 -8.19
N ALA P 16 78.38 65.32 -9.45
CA ALA P 16 77.79 64.05 -9.91
C ALA P 16 78.61 62.84 -9.48
N ASP P 17 79.79 62.67 -10.07
CA ASP P 17 80.69 61.60 -9.65
C ASP P 17 81.62 62.18 -8.59
N SER P 18 81.44 61.75 -7.35
CA SER P 18 82.16 62.35 -6.24
C SER P 18 82.38 61.29 -5.18
N PHE P 19 83.11 61.67 -4.14
CA PHE P 19 83.23 60.80 -2.98
C PHE P 19 82.04 60.99 -2.03
N VAL P 20 81.61 62.23 -1.81
CA VAL P 20 80.53 62.46 -0.87
C VAL P 20 79.19 62.04 -1.47
N MET P 21 79.01 62.27 -2.76
CA MET P 21 77.79 61.79 -3.39
C MET P 21 77.76 60.27 -3.47
N MET P 22 78.92 59.64 -3.37
CA MET P 22 78.99 58.19 -3.38
C MET P 22 78.67 57.59 -2.02
N CYS P 23 79.07 58.27 -0.94
CA CYS P 23 78.73 57.76 0.38
C CYS P 23 77.31 58.12 0.80
N ILE P 24 76.81 59.27 0.35
CA ILE P 24 75.47 59.67 0.76
C ILE P 24 74.43 58.77 0.12
N ILE P 25 74.73 58.21 -1.05
CA ILE P 25 73.83 57.27 -1.70
C ILE P 25 73.95 55.86 -1.12
N ILE P 26 75.12 55.49 -0.61
CA ILE P 26 75.29 54.14 -0.11
C ILE P 26 74.68 54.00 1.28
N ALA P 27 74.54 55.10 2.00
CA ALA P 27 73.91 55.05 3.30
C ALA P 27 72.40 54.84 3.14
N GLU P 28 71.81 55.47 2.14
CA GLU P 28 70.40 55.22 1.83
C GLU P 28 70.13 53.75 1.60
N LEU P 29 71.06 53.07 0.95
CA LEU P 29 70.89 51.64 0.68
C LEU P 29 70.94 50.84 1.98
N ILE P 30 71.94 51.12 2.81
CA ILE P 30 72.22 50.21 3.92
C ILE P 30 71.26 50.44 5.07
N VAL P 31 70.82 51.66 5.30
CA VAL P 31 69.80 51.86 6.33
C VAL P 31 68.41 51.74 5.73
N GLY P 32 68.30 51.66 4.41
CA GLY P 32 67.03 51.38 3.80
C GLY P 32 66.66 49.94 4.05
N VAL P 33 67.62 49.03 3.84
CA VAL P 33 67.38 47.62 4.12
C VAL P 33 67.15 47.41 5.61
N ALA P 34 67.87 48.13 6.46
CA ALA P 34 67.68 48.03 7.90
C ALA P 34 66.23 48.30 8.26
N MET P 35 65.76 49.52 8.03
CA MET P 35 64.39 49.86 8.40
C MET P 35 63.36 49.02 7.66
N TYR P 36 63.78 48.30 6.63
CA TYR P 36 62.88 47.35 5.99
C TYR P 36 62.77 46.07 6.80
N ILE P 37 63.91 45.53 7.22
CA ILE P 37 63.92 44.24 7.89
C ILE P 37 63.18 44.33 9.22
N ARG P 38 63.38 45.42 9.96
CA ARG P 38 62.72 45.59 11.24
C ARG P 38 61.21 45.76 11.10
N THR P 39 60.74 46.06 9.90
CA THR P 39 59.32 46.30 9.64
C THR P 39 58.75 45.32 8.62
N LYS P 40 59.32 45.27 7.42
CA LYS P 40 58.78 44.56 6.27
C LYS P 40 57.44 45.17 5.82
N ASN P 41 57.57 46.39 5.33
CA ASN P 41 56.65 46.99 4.39
C ASN P 41 57.49 47.56 3.25
N LEU P 42 56.93 47.59 2.04
CA LEU P 42 57.70 48.19 0.97
C LEU P 42 57.00 49.46 0.56
N LEU P 43 57.33 50.56 1.21
CA LEU P 43 57.62 51.81 0.55
C LEU P 43 59.07 52.21 0.76
N ILE P 44 59.78 51.53 1.65
CA ILE P 44 61.06 52.02 2.11
C ILE P 44 62.16 51.65 1.11
N LEU P 45 62.09 50.45 0.56
CA LEU P 45 62.99 50.12 -0.54
C LEU P 45 62.85 51.13 -1.66
N LEU P 46 61.65 51.66 -1.85
CA LEU P 46 61.46 52.72 -2.83
C LEU P 46 62.08 54.02 -2.34
N GLY P 47 62.34 54.13 -1.03
CA GLY P 47 62.99 55.32 -0.52
C GLY P 47 64.38 55.52 -1.10
N LEU P 48 64.98 54.45 -1.63
CA LEU P 48 66.26 54.63 -2.32
C LEU P 48 66.08 55.35 -3.64
N VAL P 49 64.95 55.13 -4.31
CA VAL P 49 64.73 55.74 -5.60
C VAL P 49 64.65 57.25 -5.48
N VAL P 50 63.97 57.74 -4.44
CA VAL P 50 63.81 59.18 -4.31
C VAL P 50 65.11 59.89 -4.00
N VAL P 51 66.11 59.18 -3.50
CA VAL P 51 67.43 59.78 -3.33
C VAL P 51 68.19 59.81 -4.64
N ILE P 52 67.98 58.80 -5.49
CA ILE P 52 68.60 58.79 -6.81
C ILE P 52 68.19 60.03 -7.58
N VAL P 53 66.89 60.24 -7.70
CA VAL P 53 66.40 61.35 -8.52
C VAL P 53 66.68 62.68 -7.84
N PHE P 54 66.57 62.74 -6.51
CA PHE P 54 66.70 64.02 -5.83
C PHE P 54 68.11 64.58 -6.01
N THR P 55 69.13 63.78 -5.74
CA THR P 55 70.49 64.24 -5.98
C THR P 55 70.71 64.57 -7.44
N THR P 56 70.17 63.74 -8.35
CA THR P 56 70.36 63.99 -9.76
C THR P 56 69.77 65.32 -10.18
N VAL P 57 68.46 65.51 -9.97
CA VAL P 57 67.85 66.77 -10.35
C VAL P 57 68.20 67.90 -9.41
N GLY P 58 68.78 67.58 -8.24
CA GLY P 58 69.20 68.63 -7.35
C GLY P 58 70.48 69.28 -7.81
N LEU P 59 71.47 68.45 -8.17
CA LEU P 59 72.77 68.96 -8.56
C LEU P 59 72.70 69.91 -9.76
N THR P 60 71.71 69.74 -10.62
CA THR P 60 71.60 70.62 -11.77
C THR P 60 71.12 72.02 -11.41
N PHE P 61 70.61 72.23 -10.20
CA PHE P 61 70.23 73.57 -9.77
C PHE P 61 71.38 74.35 -9.16
N ILE P 62 72.52 73.70 -8.94
CA ILE P 62 73.66 74.39 -8.34
C ILE P 62 74.12 75.54 -9.22
N LYS P 63 74.17 75.31 -10.52
CA LYS P 63 74.63 76.32 -11.46
C LYS P 63 73.66 77.50 -11.52
N ASP Q 1 -22.39 -73.76 7.77
CA ASP Q 1 -23.66 -74.06 8.41
C ASP Q 1 -24.80 -73.31 7.74
N LEU Q 2 -26.00 -73.42 8.32
CA LEU Q 2 -27.16 -72.73 7.81
C LEU Q 2 -27.40 -71.41 8.53
N LEU Q 3 -27.91 -70.42 7.80
CA LEU Q 3 -28.37 -69.18 8.41
C LEU Q 3 -29.88 -69.01 8.22
N ALA Q 4 -30.46 -68.08 8.98
CA ALA Q 4 -31.86 -67.72 8.81
C ALA Q 4 -32.77 -68.92 9.11
N GLY Q 5 -32.19 -69.98 9.65
CA GLY Q 5 -32.68 -71.32 9.40
C GLY Q 5 -33.55 -71.84 10.53
N GLY Q 6 -33.44 -71.21 11.68
CA GLY Q 6 -34.45 -70.25 12.13
C GLY Q 6 -34.92 -70.53 13.55
N LYS Q 7 -36.22 -70.35 13.77
CA LYS Q 7 -37.16 -71.47 13.70
C LYS Q 7 -37.46 -71.84 12.25
N ASP Q 8 -37.80 -73.11 12.03
CA ASP Q 8 -39.15 -73.48 11.63
C ASP Q 8 -40.08 -73.53 12.83
N ASP Q 9 -41.14 -72.71 12.79
CA ASP Q 9 -42.48 -73.18 13.07
C ASP Q 9 -43.43 -72.86 11.93
N VAL Q 10 -42.97 -72.03 11.00
CA VAL Q 10 -43.72 -71.74 9.79
C VAL Q 10 -44.47 -72.98 9.30
N LYS Q 11 -43.83 -74.14 9.42
CA LYS Q 11 -44.48 -75.41 9.11
C LYS Q 11 -45.74 -75.61 9.93
N ALA Q 12 -45.67 -75.36 11.24
CA ALA Q 12 -46.86 -75.50 12.07
C ALA Q 12 -47.94 -74.51 11.67
N THR Q 13 -47.56 -73.37 11.09
CA THR Q 13 -48.56 -72.40 10.67
C THR Q 13 -49.35 -72.93 9.47
N PHE Q 14 -48.67 -73.49 8.48
CA PHE Q 14 -49.31 -74.01 7.29
C PHE Q 14 -49.52 -75.52 7.36
N GLY Q 15 -49.19 -76.16 8.46
CA GLY Q 15 -49.18 -77.61 8.55
C GLY Q 15 -50.54 -78.26 8.65
N ALA Q 16 -50.53 -79.50 9.14
CA ALA Q 16 -51.70 -80.37 9.14
C ALA Q 16 -52.93 -79.71 9.76
N ASP Q 17 -52.92 -79.51 11.07
CA ASP Q 17 -53.98 -78.78 11.74
C ASP Q 17 -53.59 -77.32 11.79
N SER Q 18 -54.27 -76.49 11.01
CA SER Q 18 -53.87 -75.10 10.86
C SER Q 18 -55.11 -74.27 10.61
N PHE Q 19 -54.92 -72.96 10.53
CA PHE Q 19 -56.00 -72.08 10.11
C PHE Q 19 -56.09 -72.01 8.59
N VAL Q 20 -54.94 -71.92 7.92
CA VAL Q 20 -54.98 -71.77 6.46
C VAL Q 20 -55.34 -73.10 5.81
N MET Q 21 -54.87 -74.21 6.35
CA MET Q 21 -55.27 -75.50 5.82
C MET Q 21 -56.74 -75.78 6.09
N MET Q 22 -57.31 -75.10 7.07
CA MET Q 22 -58.73 -75.26 7.39
C MET Q 22 -59.60 -74.44 6.45
N CYS Q 23 -59.15 -73.27 6.03
CA CYS Q 23 -59.94 -72.48 5.10
C CYS Q 23 -59.75 -72.95 3.66
N ILE Q 24 -58.57 -73.44 3.31
CA ILE Q 24 -58.34 -73.85 1.93
C ILE Q 24 -59.14 -75.10 1.61
N ILE Q 25 -59.43 -75.93 2.62
CA ILE Q 25 -60.26 -77.09 2.43
C ILE Q 25 -61.75 -76.75 2.43
N ILE Q 26 -62.16 -75.71 3.15
CA ILE Q 26 -63.57 -75.40 3.22
C ILE Q 26 -64.03 -74.66 1.98
N ALA Q 27 -63.11 -74.02 1.27
CA ALA Q 27 -63.47 -73.37 0.01
C ALA Q 27 -63.73 -74.41 -1.06
N GLU Q 28 -62.94 -75.48 -1.09
CA GLU Q 28 -63.19 -76.59 -2.00
C GLU Q 28 -64.60 -77.13 -1.84
N LEU Q 29 -65.09 -77.19 -0.60
CA LEU Q 29 -66.43 -77.69 -0.35
C LEU Q 29 -67.47 -76.74 -0.89
N ILE Q 30 -67.32 -75.45 -0.62
CA ILE Q 30 -68.41 -74.53 -0.87
C ILE Q 30 -68.50 -74.15 -2.34
N VAL Q 31 -67.37 -74.06 -3.04
CA VAL Q 31 -67.45 -73.82 -4.47
C VAL Q 31 -67.52 -75.13 -5.23
N GLY Q 32 -67.34 -76.25 -4.54
CA GLY Q 32 -67.56 -77.54 -5.17
C GLY Q 32 -69.04 -77.74 -5.37
N VAL Q 33 -69.82 -77.46 -4.33
CA VAL Q 33 -71.27 -77.58 -4.44
C VAL Q 33 -71.80 -76.56 -5.44
N ALA Q 34 -71.23 -75.36 -5.47
CA ALA Q 34 -71.64 -74.35 -6.42
C ALA Q 34 -71.55 -74.88 -7.84
N MET Q 35 -70.33 -75.18 -8.30
CA MET Q 35 -70.15 -75.64 -9.67
C MET Q 35 -70.88 -76.94 -9.93
N TYR Q 36 -71.34 -77.62 -8.88
CA TYR Q 36 -72.18 -78.78 -9.08
C TYR Q 36 -73.61 -78.37 -9.42
N ILE Q 37 -74.16 -77.44 -8.64
CA ILE Q 37 -75.56 -77.07 -8.81
C ILE Q 37 -75.79 -76.44 -10.17
N ARG Q 38 -74.88 -75.59 -10.61
CA ARG Q 38 -75.00 -74.94 -11.90
C ARG Q 38 -74.89 -75.92 -13.06
N THR Q 39 -74.39 -77.13 -12.81
CA THR Q 39 -74.18 -78.13 -13.85
C THR Q 39 -74.95 -79.40 -13.56
N LYS Q 40 -74.73 -80.03 -12.40
CA LYS Q 40 -75.22 -81.37 -12.07
C LYS Q 40 -74.61 -82.43 -12.99
N ASN Q 41 -73.30 -82.57 -12.81
CA ASN Q 41 -72.57 -83.79 -13.12
C ASN Q 41 -71.74 -84.12 -11.89
N LEU Q 42 -71.49 -85.41 -11.66
CA LEU Q 42 -70.63 -85.73 -10.53
C LEU Q 42 -69.33 -86.30 -11.07
N LEU Q 43 -68.38 -85.44 -11.37
CA LEU Q 43 -67.00 -85.62 -10.96
C LEU Q 43 -66.58 -84.55 -9.99
N ILE Q 44 -67.38 -83.52 -9.81
CA ILE Q 44 -66.93 -82.32 -9.12
C ILE Q 44 -67.01 -82.51 -7.61
N LEU Q 45 -68.08 -83.16 -7.15
CA LEU Q 45 -68.12 -83.54 -5.75
C LEU Q 45 -66.91 -84.38 -5.39
N LEU Q 46 -66.43 -85.17 -6.33
CA LEU Q 46 -65.20 -85.91 -6.11
C LEU Q 46 -63.99 -84.99 -6.11
N GLY Q 47 -64.14 -83.79 -6.67
CA GLY Q 47 -63.06 -82.83 -6.63
C GLY Q 47 -62.66 -82.44 -5.22
N LEU Q 48 -63.54 -82.65 -4.25
CA LEU Q 48 -63.16 -82.41 -2.86
C LEU Q 48 -62.19 -83.48 -2.38
N VAL Q 49 -62.34 -84.71 -2.87
CA VAL Q 49 -61.48 -85.79 -2.40
C VAL Q 49 -60.05 -85.53 -2.80
N VAL Q 50 -59.81 -85.04 -4.02
CA VAL Q 50 -58.44 -84.84 -4.47
C VAL Q 50 -57.74 -83.74 -3.72
N VAL Q 51 -58.48 -82.84 -3.08
CA VAL Q 51 -57.86 -81.84 -2.22
C VAL Q 51 -57.50 -82.43 -0.86
N ILE Q 52 -58.33 -83.36 -0.38
CA ILE Q 52 -58.03 -84.05 0.87
C ILE Q 52 -56.68 -84.74 0.78
N VAL Q 53 -56.52 -85.59 -0.24
CA VAL Q 53 -55.30 -86.36 -0.35
C VAL Q 53 -54.13 -85.48 -0.74
N PHE Q 54 -54.35 -84.49 -1.59
CA PHE Q 54 -53.23 -83.69 -2.09
C PHE Q 54 -52.55 -82.93 -0.96
N THR Q 55 -53.34 -82.22 -0.15
CA THR Q 55 -52.76 -81.54 0.99
C THR Q 55 -52.13 -82.54 1.96
N THR Q 56 -52.78 -83.68 2.17
CA THR Q 56 -52.24 -84.67 3.09
C THR Q 56 -50.88 -85.18 2.63
N VAL Q 57 -50.81 -85.74 1.43
CA VAL Q 57 -49.55 -86.25 0.93
C VAL Q 57 -48.62 -85.13 0.50
N GLY Q 58 -49.12 -83.92 0.34
CA GLY Q 58 -48.27 -82.81 0.00
C GLY Q 58 -47.47 -82.34 1.19
N LEU Q 59 -48.15 -82.14 2.32
CA LEU Q 59 -47.48 -81.61 3.51
C LEU Q 59 -46.32 -82.48 3.97
N THR Q 60 -46.36 -83.78 3.69
CA THR Q 60 -45.27 -84.64 4.11
C THR Q 60 -44.01 -84.44 3.29
N PHE Q 61 -44.09 -83.76 2.15
CA PHE Q 61 -42.89 -83.46 1.37
C PHE Q 61 -42.18 -82.20 1.82
N ILE Q 62 -42.80 -81.42 2.72
CA ILE Q 62 -42.18 -80.18 3.18
C ILE Q 62 -40.84 -80.46 3.85
N LYS Q 63 -40.80 -81.49 4.69
CA LYS Q 63 -39.58 -81.84 5.41
C LYS Q 63 -38.48 -82.30 4.47
N ASP R 1 -4.96 -67.09 -7.69
CA ASP R 1 -5.90 -67.79 -6.83
C ASP R 1 -7.25 -67.10 -6.82
N LEU R 2 -8.16 -67.59 -5.97
CA LEU R 2 -9.48 -67.00 -5.84
C LEU R 2 -9.53 -66.00 -4.69
N LEU R 3 -10.34 -64.96 -4.84
CA LEU R 3 -10.65 -64.06 -3.74
C LEU R 3 -12.14 -64.10 -3.39
N ALA R 4 -12.48 -63.56 -2.23
CA ALA R 4 -13.87 -63.43 -1.83
C ALA R 4 -14.53 -64.79 -1.68
N GLY R 5 -13.73 -65.84 -1.74
CA GLY R 5 -14.17 -67.13 -2.26
C GLY R 5 -14.55 -68.10 -1.16
N GLY R 6 -14.10 -67.82 0.06
CA GLY R 6 -14.95 -67.23 1.08
C GLY R 6 -14.87 -67.99 2.39
N LYS R 7 -16.03 -68.13 3.06
CA LYS R 7 -16.85 -69.32 2.90
C LYS R 7 -17.60 -69.30 1.58
N ASP R 8 -17.91 -70.49 1.07
CA ASP R 8 -19.29 -70.96 1.01
C ASP R 8 -19.74 -71.53 2.35
N ASP R 9 -20.79 -70.94 2.91
CA ASP R 9 -21.91 -71.71 3.42
C ASP R 9 -23.23 -71.24 2.80
N VAL R 10 -23.18 -70.11 2.11
CA VAL R 10 -24.33 -69.62 1.36
C VAL R 10 -25.11 -70.78 0.73
N LYS R 11 -24.39 -71.79 0.26
CA LYS R 11 -25.01 -73.00 -0.24
C LYS R 11 -25.88 -73.66 0.82
N ALA R 12 -25.38 -73.79 2.04
CA ALA R 12 -26.20 -74.37 3.10
C ALA R 12 -27.42 -73.53 3.40
N THR R 13 -27.34 -72.22 3.15
CA THR R 13 -28.50 -71.37 3.40
C THR R 13 -29.61 -71.65 2.42
N PHE R 14 -29.28 -71.77 1.13
CA PHE R 14 -30.26 -72.04 0.10
C PHE R 14 -30.33 -73.51 -0.29
N GLY R 15 -29.59 -74.38 0.38
CA GLY R 15 -29.44 -75.76 -0.03
C GLY R 15 -30.64 -76.64 0.26
N ALA R 16 -30.37 -77.95 0.28
CA ALA R 16 -31.40 -78.98 0.35
C ALA R 16 -32.37 -78.76 1.50
N ASP R 17 -31.91 -78.94 2.73
CA ASP R 17 -32.74 -78.65 3.90
C ASP R 17 -32.45 -77.21 4.31
N SER R 18 -33.41 -76.33 4.11
CA SER R 18 -33.20 -74.92 4.31
C SER R 18 -34.51 -74.28 4.75
N PHE R 19 -34.44 -72.99 5.07
CA PHE R 19 -35.66 -72.25 5.31
C PHE R 19 -36.28 -71.76 4.01
N VAL R 20 -35.46 -71.26 3.09
CA VAL R 20 -36.00 -70.71 1.86
C VAL R 20 -36.48 -71.83 0.94
N MET R 21 -35.76 -72.95 0.90
CA MET R 21 -36.24 -74.07 0.12
C MET R 21 -37.49 -74.68 0.72
N MET R 22 -37.73 -74.43 2.00
CA MET R 22 -38.93 -74.93 2.66
C MET R 22 -40.14 -74.04 2.37
N CYS R 23 -39.95 -72.73 2.26
CA CYS R 23 -41.07 -71.87 1.93
C CYS R 23 -41.36 -71.85 0.43
N ILE R 24 -40.33 -72.00 -0.41
CA ILE R 24 -40.58 -71.94 -1.83
C ILE R 24 -41.35 -73.17 -2.29
N ILE R 25 -41.21 -74.29 -1.58
CA ILE R 25 -41.98 -75.48 -1.90
C ILE R 25 -43.38 -75.42 -1.32
N ILE R 26 -43.59 -74.73 -0.21
CA ILE R 26 -44.91 -74.72 0.40
C ILE R 26 -45.82 -73.75 -0.32
N ALA R 27 -45.26 -72.76 -1.02
CA ALA R 27 -46.08 -71.86 -1.81
C ALA R 27 -46.63 -72.56 -3.04
N GLU R 28 -45.82 -73.43 -3.66
CA GLU R 28 -46.30 -74.25 -4.76
C GLU R 28 -47.51 -75.06 -4.36
N LEU R 29 -47.53 -75.57 -3.13
CA LEU R 29 -48.66 -76.35 -2.66
C LEU R 29 -49.89 -75.48 -2.51
N ILE R 30 -49.75 -74.32 -1.88
CA ILE R 30 -50.92 -73.58 -1.46
C ILE R 30 -51.55 -72.81 -2.61
N VAL R 31 -50.73 -72.32 -3.56
CA VAL R 31 -51.33 -71.69 -4.73
C VAL R 31 -51.57 -72.73 -5.82
N GLY R 32 -51.08 -73.94 -5.64
CA GLY R 32 -51.41 -75.01 -6.56
C GLY R 32 -52.85 -75.40 -6.36
N VAL R 33 -53.24 -75.58 -5.09
CA VAL R 33 -54.62 -75.92 -4.78
C VAL R 33 -55.54 -74.78 -5.16
N ALA R 34 -55.11 -73.53 -4.96
CA ALA R 34 -55.90 -72.38 -5.35
C ALA R 34 -56.26 -72.44 -6.81
N MET R 35 -55.26 -72.36 -7.70
CA MET R 35 -55.55 -72.38 -9.14
C MET R 35 -56.23 -73.66 -9.57
N TYR R 36 -56.24 -74.68 -8.73
CA TYR R 36 -57.02 -75.87 -9.03
C TYR R 36 -58.50 -75.64 -8.75
N ILE R 37 -58.80 -75.09 -7.59
CA ILE R 37 -60.19 -74.95 -7.18
C ILE R 37 -60.94 -74.00 -8.11
N ARG R 38 -60.29 -72.91 -8.50
CA ARG R 38 -60.91 -71.94 -9.39
C ARG R 38 -61.15 -72.51 -10.79
N THR R 39 -60.50 -73.62 -11.13
CA THR R 39 -60.59 -74.22 -12.45
C THR R 39 -61.12 -75.65 -12.38
N LYS R 40 -60.47 -76.53 -11.64
CA LYS R 40 -60.71 -77.97 -11.62
C LYS R 40 -60.39 -78.59 -12.98
N ASN R 41 -59.09 -78.55 -13.28
CA ASN R 41 -58.43 -79.47 -14.19
C ASN R 41 -57.21 -79.99 -13.46
N LEU R 42 -56.80 -81.22 -13.75
CA LEU R 42 -55.58 -81.69 -13.13
C LEU R 42 -54.52 -81.84 -14.20
N LEU R 43 -53.79 -80.77 -14.48
CA LEU R 43 -52.36 -80.82 -14.60
C LEU R 43 -51.69 -80.01 -13.50
N ILE R 44 -52.46 -79.24 -12.74
CA ILE R 44 -51.87 -78.24 -11.87
C ILE R 44 -51.41 -78.87 -10.57
N LEU R 45 -52.20 -79.80 -10.03
CA LEU R 45 -51.72 -80.58 -8.91
C LEU R 45 -50.41 -81.26 -9.25
N LEU R 46 -50.23 -81.63 -10.51
CA LEU R 46 -48.95 -82.18 -10.93
C LEU R 46 -47.89 -81.09 -10.99
N GLY R 47 -48.31 -79.83 -11.04
CA GLY R 47 -47.35 -78.74 -11.01
C GLY R 47 -46.51 -78.72 -9.75
N LEU R 48 -46.98 -79.36 -8.69
CA LEU R 48 -46.16 -79.47 -7.49
C LEU R 48 -45.01 -80.44 -7.72
N VAL R 49 -45.23 -81.47 -8.51
CA VAL R 49 -44.19 -82.47 -8.73
C VAL R 49 -43.00 -81.86 -9.44
N VAL R 50 -43.24 -80.99 -10.43
CA VAL R 50 -42.14 -80.43 -11.19
C VAL R 50 -41.29 -79.48 -10.37
N VAL R 51 -41.83 -78.95 -9.27
CA VAL R 51 -41.02 -78.16 -8.35
C VAL R 51 -40.18 -79.05 -7.46
N ILE R 52 -40.70 -80.21 -7.08
CA ILE R 52 -39.94 -81.17 -6.29
C ILE R 52 -38.67 -81.55 -7.02
N VAL R 53 -38.81 -82.01 -8.26
CA VAL R 53 -37.65 -82.50 -9.00
C VAL R 53 -36.76 -81.34 -9.42
N PHE R 54 -37.34 -80.19 -9.77
CA PHE R 54 -36.53 -79.10 -10.29
C PHE R 54 -35.55 -78.60 -9.23
N THR R 55 -36.05 -78.31 -8.04
CA THR R 55 -35.15 -77.90 -6.97
C THR R 55 -34.16 -79.00 -6.64
N THR R 56 -34.61 -80.25 -6.63
CA THR R 56 -33.71 -81.36 -6.31
C THR R 56 -32.57 -81.44 -7.31
N VAL R 57 -32.89 -81.62 -8.60
CA VAL R 57 -31.83 -81.72 -9.59
C VAL R 57 -31.20 -80.37 -9.89
N GLY R 58 -31.82 -79.28 -9.47
CA GLY R 58 -31.22 -77.99 -9.67
C GLY R 58 -30.09 -77.75 -8.70
N LEU R 59 -30.33 -78.02 -7.41
CA LEU R 59 -29.34 -77.75 -6.38
C LEU R 59 -28.04 -78.48 -6.63
N THR R 60 -28.07 -79.63 -7.30
CA THR R 60 -26.85 -80.37 -7.55
C THR R 60 -25.97 -79.72 -8.60
N PHE R 61 -26.49 -78.75 -9.36
CA PHE R 61 -25.66 -78.04 -10.33
C PHE R 61 -24.94 -76.86 -9.71
N ILE R 62 -25.26 -76.50 -8.47
CA ILE R 62 -24.60 -75.36 -7.84
C ILE R 62 -23.10 -75.58 -7.74
N LYS R 63 -22.69 -76.78 -7.36
CA LYS R 63 -21.28 -77.09 -7.20
C LYS R 63 -20.55 -77.05 -8.54
N ASP S 1 5.44 -53.19 -24.60
CA ASP S 1 4.91 -54.27 -23.78
C ASP S 1 3.60 -53.86 -23.11
N LEU S 2 3.09 -54.73 -22.25
CA LEU S 2 1.86 -54.45 -21.53
C LEU S 2 2.14 -53.87 -20.16
N LEU S 3 1.25 -52.99 -19.69
CA LEU S 3 1.30 -52.51 -18.32
C LEU S 3 0.03 -52.92 -17.56
N ALA S 4 0.08 -52.81 -16.24
CA ALA S 4 -1.09 -53.06 -15.40
C ALA S 4 -1.57 -54.51 -15.53
N GLY S 5 -0.75 -55.34 -16.18
CA GLY S 5 -1.25 -56.46 -16.93
C GLY S 5 -1.16 -57.76 -16.16
N GLY S 6 -0.33 -57.77 -15.12
CA GLY S 6 -0.81 -57.67 -13.76
C GLY S 6 -0.22 -58.75 -12.86
N LYS S 7 -1.06 -59.28 -11.97
CA LYS S 7 -1.80 -60.50 -12.25
C LYS S 7 -2.97 -60.24 -13.19
N ASP S 8 -3.35 -61.26 -13.95
CA ASP S 8 -4.63 -61.94 -13.74
C ASP S 8 -4.53 -62.94 -12.59
N ASP S 9 -5.36 -62.73 -11.57
CA ASP S 9 -6.18 -63.81 -11.02
C ASP S 9 -7.66 -63.43 -11.01
N VAL S 10 -7.93 -62.16 -11.27
CA VAL S 10 -9.31 -61.69 -11.43
C VAL S 10 -10.18 -62.73 -12.12
N LYS S 11 -9.59 -63.41 -13.10
CA LYS S 11 -10.26 -64.52 -13.77
C LYS S 11 -10.67 -65.60 -12.77
N ALA S 12 -9.76 -66.00 -11.89
CA ALA S 12 -10.10 -66.99 -10.89
C ALA S 12 -11.20 -66.50 -9.95
N THR S 13 -11.31 -65.20 -9.76
CA THR S 13 -12.36 -64.67 -8.90
C THR S 13 -13.73 -64.85 -9.53
N PHE S 14 -13.86 -64.53 -10.81
CA PHE S 14 -15.12 -64.66 -11.53
C PHE S 14 -15.21 -65.94 -12.34
N GLY S 15 -14.22 -66.82 -12.25
CA GLY S 15 -14.14 -67.96 -13.14
C GLY S 15 -15.09 -69.09 -12.80
N ALA S 16 -14.74 -70.28 -13.30
CA ALA S 16 -15.60 -71.46 -13.27
C ALA S 16 -16.13 -71.76 -11.87
N ASP S 17 -15.26 -72.20 -10.97
CA ASP S 17 -15.63 -72.43 -9.59
C ASP S 17 -15.32 -71.15 -8.83
N SER S 18 -16.36 -70.43 -8.42
CA SER S 18 -16.18 -69.12 -7.82
C SER S 18 -17.30 -68.89 -6.83
N PHE S 19 -17.22 -67.75 -6.13
CA PHE S 19 -18.33 -67.34 -5.28
C PHE S 19 -19.39 -66.61 -6.09
N VAL S 20 -18.98 -65.73 -7.00
CA VAL S 20 -19.96 -64.95 -7.74
C VAL S 20 -20.65 -65.82 -8.79
N MET S 21 -19.91 -66.74 -9.41
CA MET S 21 -20.55 -67.65 -10.34
C MET S 21 -21.47 -68.62 -9.63
N MET S 22 -21.26 -68.81 -8.33
CA MET S 22 -22.12 -69.68 -7.53
C MET S 22 -23.41 -68.98 -7.13
N CYS S 23 -23.36 -67.68 -6.85
CA CYS S 23 -24.59 -66.97 -6.50
C CYS S 23 -25.37 -66.57 -7.74
N ILE S 24 -24.71 -66.30 -8.85
CA ILE S 24 -25.44 -65.87 -10.03
C ILE S 24 -26.23 -67.03 -10.61
N ILE S 25 -25.77 -68.25 -10.40
CA ILE S 25 -26.52 -69.43 -10.83
C ILE S 25 -27.64 -69.79 -9.87
N ILE S 26 -27.48 -69.50 -8.59
CA ILE S 26 -28.50 -69.90 -7.64
C ILE S 26 -29.68 -68.94 -7.67
N ALA S 27 -29.47 -67.71 -8.14
CA ALA S 27 -30.57 -66.78 -8.29
C ALA S 27 -31.47 -67.19 -9.44
N GLU S 28 -30.87 -67.67 -10.53
CA GLU S 28 -31.65 -68.21 -11.64
C GLU S 28 -32.59 -69.30 -11.18
N LEU S 29 -32.13 -70.14 -10.26
CA LEU S 29 -32.97 -71.21 -9.76
C LEU S 29 -34.14 -70.67 -8.95
N ILE S 30 -33.85 -69.73 -8.04
CA ILE S 30 -34.86 -69.38 -7.06
C ILE S 30 -35.89 -68.43 -7.64
N VAL S 31 -35.50 -67.55 -8.56
CA VAL S 31 -36.52 -66.73 -9.21
C VAL S 31 -37.05 -67.42 -10.45
N GLY S 32 -36.44 -68.52 -10.85
CA GLY S 32 -37.00 -69.31 -11.92
C GLY S 32 -38.25 -70.00 -11.43
N VAL S 33 -38.15 -70.61 -10.25
CA VAL S 33 -39.32 -71.26 -9.66
C VAL S 33 -40.39 -70.24 -9.33
N ALA S 34 -40.00 -69.06 -8.87
CA ALA S 34 -40.95 -68.00 -8.58
C ALA S 34 -41.80 -67.70 -9.80
N MET S 35 -41.19 -67.19 -10.87
CA MET S 35 -41.95 -66.84 -12.06
C MET S 35 -42.64 -68.04 -12.68
N TYR S 36 -42.29 -69.24 -12.25
CA TYR S 36 -43.04 -70.41 -12.69
C TYR S 36 -44.34 -70.55 -11.90
N ILE S 37 -44.25 -70.43 -10.59
CA ILE S 37 -45.42 -70.66 -9.74
C ILE S 37 -46.50 -69.63 -10.04
N ARG S 38 -46.12 -68.38 -10.21
CA ARG S 38 -47.08 -67.32 -10.50
C ARG S 38 -47.74 -67.49 -11.85
N THR S 39 -47.18 -68.33 -12.72
CA THR S 39 -47.69 -68.52 -14.08
C THR S 39 -48.06 -69.97 -14.33
N LYS S 40 -47.12 -70.90 -14.16
CA LYS S 40 -47.24 -72.30 -14.56
C LYS S 40 -47.38 -72.42 -16.08
N ASN S 41 -46.28 -72.07 -16.73
CA ASN S 41 -45.91 -72.55 -18.04
C ASN S 41 -44.47 -73.03 -17.95
N LEU S 42 -44.11 -74.03 -18.75
CA LEU S 42 -42.72 -74.44 -18.72
C LEU S 42 -42.09 -74.07 -20.06
N LEU S 43 -41.59 -72.86 -20.16
CA LEU S 43 -40.28 -72.60 -20.74
C LEU S 43 -39.33 -72.05 -19.70
N ILE S 44 -39.84 -71.67 -18.52
CA ILE S 44 -39.05 -70.89 -17.60
C ILE S 44 -38.13 -71.78 -16.79
N LEU S 45 -38.61 -72.95 -16.38
CA LEU S 45 -37.71 -73.92 -15.79
C LEU S 45 -36.55 -74.23 -16.71
N LEU S 46 -36.81 -74.19 -18.02
CA LEU S 46 -35.72 -74.34 -18.97
C LEU S 46 -34.83 -73.11 -18.99
N GLY S 47 -35.32 -71.99 -18.48
CA GLY S 47 -34.50 -70.80 -18.40
C GLY S 47 -33.28 -70.99 -17.52
N LEU S 48 -33.30 -71.98 -16.63
CA LEU S 48 -32.10 -72.29 -15.87
C LEU S 48 -31.04 -72.92 -16.74
N VAL S 49 -31.45 -73.71 -17.74
CA VAL S 49 -30.48 -74.40 -18.58
C VAL S 49 -29.66 -73.40 -19.38
N VAL S 50 -30.30 -72.34 -19.89
CA VAL S 50 -29.58 -71.40 -20.73
C VAL S 50 -28.56 -70.59 -19.93
N VAL S 51 -28.72 -70.51 -18.62
CA VAL S 51 -27.69 -69.88 -17.79
C VAL S 51 -26.52 -70.83 -17.55
N ILE S 52 -26.81 -72.13 -17.43
CA ILE S 52 -25.75 -73.11 -17.28
C ILE S 52 -24.79 -73.04 -18.46
N VAL S 53 -25.33 -73.14 -19.67
CA VAL S 53 -24.48 -73.17 -20.85
C VAL S 53 -23.86 -71.81 -21.10
N PHE S 54 -24.61 -70.72 -20.86
CA PHE S 54 -24.11 -69.40 -21.21
C PHE S 54 -22.87 -69.06 -20.40
N THR S 55 -22.93 -69.22 -19.08
CA THR S 55 -21.76 -68.99 -18.26
C THR S 55 -20.63 -69.94 -18.65
N THR S 56 -20.95 -71.20 -18.92
CA THR S 56 -19.92 -72.17 -19.29
C THR S 56 -19.20 -71.76 -20.56
N VAL S 57 -19.94 -71.61 -21.66
CA VAL S 57 -19.30 -71.22 -22.90
C VAL S 57 -18.91 -69.76 -22.92
N GLY S 58 -19.41 -68.97 -21.98
CA GLY S 58 -19.01 -67.58 -21.92
C GLY S 58 -17.63 -67.43 -21.31
N LEU S 59 -17.40 -68.11 -20.19
CA LEU S 59 -16.12 -67.96 -19.49
C LEU S 59 -14.94 -68.36 -20.35
N THR S 60 -15.13 -69.24 -21.32
CA THR S 60 -14.02 -69.65 -22.16
C THR S 60 -13.62 -68.57 -23.16
N PHE S 61 -14.43 -67.54 -23.36
CA PHE S 61 -14.05 -66.44 -24.23
C PHE S 61 -13.24 -65.37 -23.51
N ILE S 62 -13.12 -65.45 -22.19
CA ILE S 62 -12.37 -64.45 -21.43
C ILE S 62 -10.92 -64.41 -21.90
N LYS S 63 -10.33 -65.58 -22.08
CA LYS S 63 -8.93 -65.67 -22.48
C LYS S 63 -8.72 -65.11 -23.89
N ASP T 1 8.27 -33.34 -38.21
CA ASP T 1 8.13 -34.68 -37.67
C ASP T 1 7.11 -34.73 -36.55
N LEU T 2 7.00 -35.89 -35.90
CA LEU T 2 6.08 -36.06 -34.79
C LEU T 2 6.78 -35.86 -33.46
N LEU T 3 6.06 -35.32 -32.48
CA LEU T 3 6.54 -35.27 -31.11
C LEU T 3 5.65 -36.10 -30.18
N ALA T 4 6.15 -36.38 -28.99
CA ALA T 4 5.37 -37.07 -27.96
C ALA T 4 4.99 -38.47 -28.41
N GLY T 5 5.58 -38.91 -29.52
CA GLY T 5 4.92 -39.85 -30.42
C GLY T 5 5.36 -41.28 -30.18
N GLY T 6 6.51 -41.44 -29.53
CA GLY T 6 6.53 -41.83 -28.13
C GLY T 6 7.46 -43.00 -27.86
N LYS T 7 7.04 -43.90 -26.99
CA LYS T 7 6.34 -45.11 -27.42
C LYS T 7 4.90 -44.80 -27.81
N ASP T 8 4.34 -45.61 -28.71
CA ASP T 8 3.27 -46.53 -28.36
C ASP T 8 3.83 -47.78 -27.70
N ASP T 9 3.40 -48.04 -26.47
CA ASP T 9 2.91 -49.36 -26.09
C ASP T 9 1.50 -49.27 -25.50
N VAL T 10 1.06 -48.05 -25.21
CA VAL T 10 -0.31 -47.80 -24.77
C VAL T 10 -1.28 -48.74 -25.48
N LYS T 11 -1.05 -48.99 -26.76
CA LYS T 11 -1.81 -49.96 -27.51
C LYS T 11 -1.77 -51.34 -26.88
N ALA T 12 -0.58 -51.80 -26.49
CA ALA T 12 -0.49 -53.09 -25.83
C ALA T 12 -1.22 -53.11 -24.49
N THR T 13 -1.35 -51.95 -23.85
CA THR T 13 -2.07 -51.90 -22.58
C THR T 13 -3.55 -52.13 -22.79
N PHE T 14 -4.14 -51.47 -23.78
CA PHE T 14 -5.57 -51.61 -24.06
C PHE T 14 -5.85 -52.60 -25.19
N GLY T 15 -4.84 -53.28 -25.71
CA GLY T 15 -4.98 -54.08 -26.91
C GLY T 15 -5.67 -55.41 -26.70
N ALA T 16 -5.43 -56.32 -27.64
CA ALA T 16 -6.15 -57.59 -27.74
C ALA T 16 -6.13 -58.37 -26.45
N ASP T 17 -4.96 -58.89 -26.07
CA ASP T 17 -4.83 -59.57 -24.78
C ASP T 17 -4.35 -58.53 -23.77
N SER T 18 -5.23 -58.17 -22.85
CA SER T 18 -4.95 -57.08 -21.94
C SER T 18 -5.65 -57.35 -20.62
N PHE T 19 -5.42 -56.48 -19.65
CA PHE T 19 -6.18 -56.53 -18.42
C PHE T 19 -7.51 -55.81 -18.56
N VAL T 20 -7.51 -54.64 -19.20
CA VAL T 20 -8.74 -53.87 -19.31
C VAL T 20 -9.69 -54.50 -20.31
N MET T 21 -9.16 -55.04 -21.40
CA MET T 21 -10.02 -55.75 -22.34
C MET T 21 -10.55 -57.04 -21.74
N MET T 22 -9.89 -57.56 -20.71
CA MET T 22 -10.35 -58.75 -20.04
C MET T 22 -11.46 -58.45 -19.04
N CYS T 23 -11.41 -57.30 -18.38
CA CYS T 23 -12.48 -56.96 -17.46
C CYS T 23 -13.69 -56.37 -18.18
N ILE T 24 -13.47 -55.66 -19.28
CA ILE T 24 -14.60 -55.04 -19.96
C ILE T 24 -15.46 -56.11 -20.62
N ILE T 25 -14.87 -57.24 -20.98
CA ILE T 25 -15.63 -58.34 -21.54
C ILE T 25 -16.31 -59.18 -20.46
N ILE T 26 -15.74 -59.24 -19.26
CA ILE T 26 -16.34 -60.08 -18.24
C ILE T 26 -17.51 -59.38 -17.58
N ALA T 27 -17.57 -58.05 -17.66
CA ALA T 27 -18.72 -57.34 -17.13
C ALA T 27 -19.93 -57.54 -18.02
N GLU T 28 -19.72 -57.57 -19.34
CA GLU T 28 -20.79 -57.89 -20.26
C GLU T 28 -21.43 -59.23 -19.94
N LEU T 29 -20.63 -60.20 -19.53
CA LEU T 29 -21.15 -61.50 -19.19
C LEU T 29 -22.00 -61.43 -17.92
N ILE T 30 -21.48 -60.77 -16.89
CA ILE T 30 -22.10 -60.90 -15.58
C ILE T 30 -23.35 -60.02 -15.46
N VAL T 31 -23.36 -58.86 -16.11
CA VAL T 31 -24.59 -58.09 -16.10
C VAL T 31 -25.47 -58.47 -17.28
N GLY T 32 -24.98 -59.28 -18.19
CA GLY T 32 -25.81 -59.81 -19.24
C GLY T 32 -26.76 -60.83 -18.65
N VAL T 33 -26.21 -61.73 -17.82
CA VAL T 33 -27.04 -62.72 -17.16
C VAL T 33 -28.00 -62.05 -16.20
N ALA T 34 -27.56 -61.00 -15.50
CA ALA T 34 -28.43 -60.26 -14.60
C ALA T 34 -29.67 -59.77 -15.33
N MET T 35 -29.51 -58.87 -16.30
CA MET T 35 -30.65 -58.34 -17.01
C MET T 35 -31.44 -59.41 -17.74
N TYR T 36 -30.87 -60.61 -17.88
CA TYR T 36 -31.64 -61.72 -18.43
C TYR T 36 -32.57 -62.30 -17.38
N ILE T 37 -32.05 -62.55 -16.18
CA ILE T 37 -32.82 -63.23 -15.16
C ILE T 37 -34.01 -62.38 -14.73
N ARG T 38 -33.80 -61.07 -14.60
CA ARG T 38 -34.86 -60.16 -14.19
C ARG T 38 -35.95 -60.06 -15.25
N THR T 39 -35.67 -60.48 -16.48
CA THR T 39 -36.60 -60.37 -17.59
C THR T 39 -36.94 -61.73 -18.19
N LYS T 40 -35.93 -62.47 -18.64
CA LYS T 40 -36.09 -63.70 -19.43
C LYS T 40 -36.74 -63.39 -20.78
N ASN T 41 -35.96 -62.67 -21.58
CA ASN T 41 -36.05 -62.68 -23.03
C ASN T 41 -34.64 -62.90 -23.55
N LEU T 42 -34.51 -63.54 -24.71
CA LEU T 42 -33.17 -63.68 -25.25
C LEU T 42 -33.08 -62.84 -26.50
N LEU T 43 -32.74 -61.57 -26.35
CA LEU T 43 -31.73 -60.93 -27.17
C LEU T 43 -30.52 -60.54 -26.36
N ILE T 44 -30.61 -60.62 -25.04
CA ILE T 44 -29.60 -60.01 -24.18
C ILE T 44 -28.39 -60.91 -24.05
N LEU T 45 -28.61 -62.22 -23.93
CA LEU T 45 -27.51 -63.15 -24.00
C LEU T 45 -26.73 -62.96 -25.29
N LEU T 46 -27.42 -62.58 -26.36
CA LEU T 46 -26.73 -62.25 -27.60
C LEU T 46 -25.99 -60.93 -27.47
N GLY T 47 -26.36 -60.11 -26.49
CA GLY T 47 -25.64 -58.87 -26.27
C GLY T 47 -24.17 -59.08 -25.93
N LEU T 48 -23.81 -60.28 -25.47
CA LEU T 48 -22.40 -60.58 -25.25
C LEU T 48 -21.68 -60.73 -26.58
N VAL T 49 -22.36 -61.26 -27.59
CA VAL T 49 -21.69 -61.48 -28.88
C VAL T 49 -21.28 -60.16 -29.51
N VAL T 50 -22.13 -59.14 -29.41
CA VAL T 50 -21.81 -57.88 -30.06
C VAL T 50 -20.64 -57.17 -29.40
N VAL T 51 -20.33 -57.51 -28.15
CA VAL T 51 -19.13 -56.96 -27.52
C VAL T 51 -17.89 -57.72 -27.98
N ILE T 52 -18.02 -59.02 -28.23
CA ILE T 52 -16.92 -59.80 -28.75
C ILE T 52 -16.43 -59.21 -30.07
N VAL T 53 -17.35 -59.05 -31.02
CA VAL T 53 -16.96 -58.58 -32.33
C VAL T 53 -16.58 -57.12 -32.30
N PHE T 54 -17.26 -56.31 -31.48
CA PHE T 54 -17.01 -54.87 -31.50
C PHE T 54 -15.59 -54.56 -31.06
N THR T 55 -15.18 -55.11 -29.92
CA THR T 55 -13.81 -54.91 -29.47
C THR T 55 -12.83 -55.49 -30.49
N THR T 56 -13.14 -56.66 -31.04
CA THR T 56 -12.23 -57.28 -32.01
C THR T 56 -12.03 -56.39 -33.23
N VAL T 57 -13.12 -56.06 -33.93
CA VAL T 57 -12.98 -55.23 -35.11
C VAL T 57 -12.73 -53.77 -34.75
N GLY T 58 -12.93 -53.39 -33.50
CA GLY T 58 -12.62 -52.04 -33.10
C GLY T 58 -11.13 -51.83 -32.94
N LEU T 59 -10.47 -52.74 -32.24
CA LEU T 59 -9.05 -52.59 -31.96
C LEU T 59 -8.21 -52.50 -33.22
N THR T 60 -8.67 -53.08 -34.32
CA THR T 60 -7.90 -53.02 -35.56
C THR T 60 -7.95 -51.63 -36.21
N PHE T 61 -8.86 -50.76 -35.78
CA PHE T 61 -8.88 -49.40 -36.30
C PHE T 61 -7.95 -48.46 -35.55
N ILE T 62 -7.37 -48.90 -34.44
CA ILE T 62 -6.48 -48.04 -33.67
C ILE T 62 -5.28 -47.61 -34.51
N LYS T 63 -4.71 -48.55 -35.25
CA LYS T 63 -3.54 -48.26 -36.07
C LYS T 63 -3.88 -47.29 -37.20
N ASP U 1 4.74 -10.22 -44.55
CA ASP U 1 4.90 -11.66 -44.48
C ASP U 1 4.34 -12.21 -43.18
N LEU U 2 4.54 -13.51 -42.97
CA LEU U 2 4.08 -14.17 -41.75
C LEU U 2 5.20 -14.23 -40.71
N LEU U 3 4.83 -14.15 -39.43
CA LEU U 3 5.75 -14.41 -38.34
C LEU U 3 5.30 -15.62 -37.52
N ALA U 4 6.20 -16.14 -36.70
CA ALA U 4 5.88 -17.22 -35.78
C ALA U 4 5.47 -18.48 -36.54
N GLY U 5 5.66 -18.47 -37.85
CA GLY U 5 4.80 -19.20 -38.76
C GLY U 5 5.39 -20.53 -39.17
N GLY U 6 6.71 -20.67 -38.99
CA GLY U 6 7.24 -21.44 -37.88
C GLY U 6 8.29 -22.45 -38.32
N LYS U 7 8.26 -23.63 -37.73
CA LYS U 7 7.54 -24.76 -38.30
C LYS U 7 6.04 -24.61 -38.09
N ASP U 8 5.26 -25.21 -38.99
CA ASP U 8 4.45 -26.38 -38.66
C ASP U 8 5.29 -27.65 -38.66
N ASP U 9 5.34 -28.32 -37.52
CA ASP U 9 5.10 -29.75 -37.47
C ASP U 9 3.99 -30.10 -36.48
N VAL U 10 3.60 -29.11 -35.68
CA VAL U 10 2.46 -29.27 -34.79
C VAL U 10 1.36 -30.11 -35.43
N LYS U 11 1.15 -29.92 -36.72
CA LYS U 11 0.23 -30.75 -37.48
C LYS U 11 0.60 -32.23 -37.38
N ALA U 12 1.87 -32.57 -37.56
CA ALA U 12 2.28 -33.96 -37.44
C ALA U 12 2.07 -34.49 -36.03
N THR U 13 2.10 -33.60 -35.03
CA THR U 13 1.86 -34.06 -33.66
C THR U 13 0.42 -34.49 -33.46
N PHE U 14 -0.53 -33.69 -33.94
CA PHE U 14 -1.94 -33.99 -33.82
C PHE U 14 -2.53 -34.64 -35.06
N GLY U 15 -1.72 -34.93 -36.06
CA GLY U 15 -2.22 -35.37 -37.36
C GLY U 15 -2.69 -36.81 -37.40
N ALA U 16 -2.74 -37.34 -38.62
CA ALA U 16 -3.36 -38.64 -38.91
C ALA U 16 -2.82 -39.74 -38.02
N ASP U 17 -1.57 -40.15 -38.22
CA ASP U 17 -0.94 -41.12 -37.35
C ASP U 17 -0.22 -40.36 -36.25
N SER U 18 -0.74 -40.44 -35.03
CA SER U 18 -0.24 -39.63 -33.94
C SER U 18 -0.42 -40.39 -32.64
N PHE U 19 0.08 -39.82 -31.56
CA PHE U 19 -0.20 -40.36 -30.24
C PHE U 19 -1.55 -39.88 -29.71
N VAL U 20 -1.85 -38.59 -29.89
CA VAL U 20 -3.09 -38.07 -29.35
C VAL U 20 -4.28 -38.53 -30.17
N MET U 21 -4.13 -38.64 -31.49
CA MET U 21 -5.20 -39.17 -32.29
C MET U 21 -5.40 -40.66 -32.02
N MET U 22 -4.39 -41.32 -31.48
CA MET U 22 -4.50 -42.73 -31.14
C MET U 22 -5.21 -42.94 -29.81
N CYS U 23 -5.02 -42.04 -28.85
CA CYS U 23 -5.72 -42.18 -27.58
C CYS U 23 -7.14 -41.63 -27.65
N ILE U 24 -7.37 -40.60 -28.47
CA ILE U 24 -8.71 -40.03 -28.53
C ILE U 24 -9.66 -40.99 -29.20
N ILE U 25 -9.16 -41.85 -30.08
CA ILE U 25 -9.99 -42.87 -30.72
C ILE U 25 -10.19 -44.08 -29.82
N ILE U 26 -9.23 -44.39 -28.95
CA ILE U 26 -9.37 -45.58 -28.13
C ILE U 26 -10.29 -45.32 -26.96
N ALA U 27 -10.46 -44.07 -26.56
CA ALA U 27 -11.40 -43.75 -25.50
C ALA U 27 -12.83 -43.90 -25.99
N GLU U 28 -13.09 -43.51 -27.23
CA GLU U 28 -14.40 -43.74 -27.84
C GLU U 28 -14.79 -45.20 -27.80
N LEU U 29 -13.82 -46.09 -28.00
CA LEU U 29 -14.10 -47.51 -27.97
C LEU U 29 -14.46 -47.96 -26.57
N ILE U 30 -13.66 -47.54 -25.58
CA ILE U 30 -13.77 -48.16 -24.27
C ILE U 30 -14.95 -47.60 -23.49
N VAL U 31 -15.28 -46.32 -23.67
CA VAL U 31 -16.48 -45.81 -23.02
C VAL U 31 -17.69 -45.99 -23.92
N GLY U 32 -17.48 -46.39 -25.16
CA GLY U 32 -18.59 -46.75 -26.01
C GLY U 32 -19.20 -48.04 -25.54
N VAL U 33 -18.33 -49.03 -25.28
CA VAL U 33 -18.80 -50.30 -24.76
C VAL U 33 -19.42 -50.12 -23.38
N ALA U 34 -18.83 -49.26 -22.56
CA ALA U 34 -19.37 -48.99 -21.23
C ALA U 34 -20.82 -48.54 -21.33
N MET U 35 -21.07 -47.38 -21.95
CA MET U 35 -22.43 -46.88 -22.04
C MET U 35 -23.35 -47.81 -22.82
N TYR U 36 -22.79 -48.79 -23.52
CA TYR U 36 -23.62 -49.81 -24.13
C TYR U 36 -24.08 -50.84 -23.11
N ILE U 37 -23.15 -51.33 -22.29
CA ILE U 37 -23.47 -52.41 -21.37
C ILE U 37 -24.49 -51.94 -20.34
N ARG U 38 -24.34 -50.71 -19.85
CA ARG U 38 -25.26 -50.17 -18.85
C ARG U 38 -26.65 -49.95 -19.42
N THR U 39 -26.79 -49.95 -20.74
CA THR U 39 -28.06 -49.69 -21.42
C THR U 39 -28.48 -50.84 -22.29
N LYS U 40 -27.65 -51.24 -23.26
CA LYS U 40 -27.99 -52.18 -24.32
C LYS U 40 -29.09 -51.63 -25.23
N ASN U 41 -28.69 -50.58 -25.93
CA ASN U 41 -29.27 -50.18 -27.20
C ASN U 41 -28.13 -49.97 -28.17
N LEU U 42 -28.37 -50.22 -29.45
CA LEU U 42 -27.30 -49.95 -30.39
C LEU U 42 -27.70 -48.78 -31.26
N LEU U 43 -27.42 -47.57 -30.81
CA LEU U 43 -26.82 -46.55 -31.64
C LEU U 43 -25.42 -46.20 -31.15
N ILE U 44 -25.04 -46.68 -29.97
CA ILE U 44 -23.85 -46.18 -29.32
C ILE U 44 -22.60 -46.84 -29.88
N LEU U 45 -22.68 -48.15 -30.14
CA LEU U 45 -21.60 -48.80 -30.85
C LEU U 45 -21.34 -48.10 -32.18
N LEU U 46 -22.39 -47.56 -32.79
CA LEU U 46 -22.20 -46.77 -33.99
C LEU U 46 -21.56 -45.43 -33.67
N GLY U 47 -21.61 -45.01 -32.41
CA GLY U 47 -20.95 -43.78 -32.02
C GLY U 47 -19.45 -43.81 -32.24
N LEU U 48 -18.87 -45.01 -32.34
CA LEU U 48 -17.46 -45.10 -32.68
C LEU U 48 -17.23 -44.73 -34.14
N VAL U 49 -18.19 -45.04 -35.01
CA VAL U 49 -18.01 -44.76 -36.43
C VAL U 49 -17.92 -43.27 -36.67
N VAL U 50 -18.76 -42.48 -35.98
CA VAL U 50 -18.77 -41.05 -36.25
C VAL U 50 -17.50 -40.38 -35.77
N VAL U 51 -16.75 -40.99 -34.88
CA VAL U 51 -15.44 -40.46 -34.50
C VAL U 51 -14.39 -40.81 -35.54
N ILE U 52 -14.51 -41.98 -36.15
CA ILE U 52 -13.60 -42.37 -37.23
C ILE U 52 -13.66 -41.35 -38.35
N VAL U 53 -14.87 -41.08 -38.86
CA VAL U 53 -14.99 -40.18 -40.00
C VAL U 53 -14.72 -38.75 -39.58
N PHE U 54 -15.14 -38.35 -38.39
CA PHE U 54 -15.01 -36.95 -38.00
C PHE U 54 -13.55 -36.54 -37.94
N THR U 55 -12.73 -37.30 -37.22
CA THR U 55 -11.30 -37.01 -37.19
C THR U 55 -10.70 -37.08 -38.59
N THR U 56 -11.11 -38.06 -39.38
CA THR U 56 -10.56 -38.21 -40.72
C THR U 56 -10.86 -36.98 -41.57
N VAL U 57 -12.14 -36.66 -41.76
CA VAL U 57 -12.48 -35.50 -42.57
C VAL U 57 -12.23 -34.20 -41.85
N GLY U 58 -11.99 -34.24 -40.54
CA GLY U 58 -11.67 -33.03 -39.82
C GLY U 58 -10.24 -32.61 -40.07
N LEU U 59 -9.31 -33.55 -39.96
CA LEU U 59 -7.89 -33.24 -40.09
C LEU U 59 -7.56 -32.63 -41.45
N THR U 60 -8.33 -32.94 -42.48
CA THR U 60 -8.04 -32.38 -43.79
C THR U 60 -8.42 -30.91 -43.89
N PHE U 61 -9.18 -30.37 -42.94
CA PHE U 61 -9.48 -28.95 -42.94
C PHE U 61 -8.42 -28.11 -42.26
N ILE U 62 -7.45 -28.75 -41.58
CA ILE U 62 -6.41 -28.00 -40.89
C ILE U 62 -5.61 -27.14 -41.86
N LYS U 63 -5.27 -27.70 -43.01
CA LYS U 63 -4.50 -26.98 -44.00
C LYS U 63 -5.26 -25.80 -44.58
N ASP V 1 -2.41 12.72 -41.37
CA ASP V 1 -2.14 11.38 -41.84
C ASP V 1 -2.16 10.37 -40.69
N LEU V 2 -1.80 9.14 -41.00
CA LEU V 2 -1.76 8.08 -39.99
C LEU V 2 -0.35 7.91 -39.43
N LEU V 3 -0.26 7.56 -38.15
CA LEU V 3 1.00 7.16 -37.55
C LEU V 3 0.96 5.70 -37.10
N ALA V 4 2.12 5.14 -36.82
CA ALA V 4 2.22 3.79 -36.25
C ALA V 4 1.67 2.75 -37.23
N GLY V 5 1.38 3.19 -38.45
CA GLY V 5 0.31 2.60 -39.24
C GLY V 5 0.82 1.59 -40.23
N GLY V 6 2.11 1.64 -40.53
CA GLY V 6 3.06 0.68 -39.97
C GLY V 6 3.96 0.06 -41.01
N LYS V 7 4.22 -1.23 -40.87
CA LYS V 7 3.43 -2.26 -41.53
C LYS V 7 2.08 -2.45 -40.84
N ASP V 8 1.09 -2.89 -41.60
CA ASP V 8 0.53 -4.23 -41.44
C ASP V 8 1.40 -5.27 -42.13
N ASP V 9 1.89 -6.22 -41.35
CA ASP V 9 1.79 -7.64 -41.72
C ASP V 9 1.12 -8.44 -40.61
N VAL V 10 0.96 -7.82 -39.44
CA VAL V 10 0.22 -8.43 -38.35
C VAL V 10 -0.97 -9.24 -38.86
N LYS V 11 -1.63 -8.72 -39.89
CA LYS V 11 -2.69 -9.45 -40.56
C LYS V 11 -2.21 -10.79 -41.09
N ALA V 12 -1.06 -10.82 -41.75
CA ALA V 12 -0.54 -12.09 -42.23
C ALA V 12 -0.20 -13.04 -41.09
N THR V 13 0.11 -12.51 -39.91
CA THR V 13 0.40 -13.37 -38.77
C THR V 13 -0.84 -14.09 -38.29
N PHE V 14 -1.96 -13.37 -38.17
CA PHE V 14 -3.21 -13.95 -37.71
C PHE V 14 -4.15 -14.30 -38.86
N GLY V 15 -3.72 -14.14 -40.10
CA GLY V 15 -4.61 -14.26 -41.25
C GLY V 15 -4.97 -15.69 -41.61
N ALA V 16 -5.41 -15.84 -42.86
CA ALA V 16 -5.99 -17.09 -43.37
C ALA V 16 -5.10 -18.29 -43.11
N ASP V 17 -3.97 -18.38 -43.80
CA ASP V 17 -3.01 -19.44 -43.55
C ASP V 17 -2.00 -18.91 -42.54
N SER V 18 -2.06 -19.43 -41.32
CA SER V 18 -1.26 -18.90 -40.24
C SER V 18 -0.93 -20.04 -39.28
N PHE V 19 -0.12 -19.71 -38.27
CA PHE V 19 0.11 -20.66 -37.20
C PHE V 19 -0.99 -20.60 -36.16
N VAL V 20 -1.43 -19.39 -35.79
CA VAL V 20 -2.44 -19.28 -34.74
C VAL V 20 -3.80 -19.70 -35.27
N MET V 21 -4.11 -19.38 -36.52
CA MET V 21 -5.36 -19.85 -37.08
C MET V 21 -5.35 -21.35 -37.28
N MET V 22 -4.17 -21.96 -37.33
CA MET V 22 -4.05 -23.40 -37.47
C MET V 22 -4.23 -24.11 -36.14
N CYS V 23 -3.77 -23.50 -35.04
CA CYS V 23 -3.98 -24.14 -33.74
C CYS V 23 -5.36 -23.85 -33.19
N ILE V 24 -5.94 -22.69 -33.49
CA ILE V 24 -7.26 -22.38 -32.94
C ILE V 24 -8.31 -23.25 -33.57
N ILE V 25 -8.10 -23.71 -34.80
CA ILE V 25 -9.02 -24.63 -35.44
C ILE V 25 -8.81 -26.07 -34.99
N ILE V 26 -7.59 -26.44 -34.61
CA ILE V 26 -7.34 -27.83 -34.24
C ILE V 26 -7.82 -28.09 -32.82
N ALA V 27 -7.92 -27.05 -32.00
CA ALA V 27 -8.45 -27.23 -30.66
C ALA V 27 -9.95 -27.49 -30.70
N GLU V 28 -10.65 -26.81 -31.60
CA GLU V 28 -12.07 -27.08 -31.81
C GLU V 28 -12.32 -28.54 -32.15
N LEU V 29 -11.42 -29.13 -32.92
CA LEU V 29 -11.58 -30.53 -33.29
C LEU V 29 -11.38 -31.44 -32.08
N ILE V 30 -10.33 -31.19 -31.31
CA ILE V 30 -9.92 -32.17 -30.31
C ILE V 30 -10.78 -32.07 -29.06
N VAL V 31 -11.25 -30.88 -28.69
CA VAL V 31 -12.18 -30.80 -27.58
C VAL V 31 -13.61 -30.93 -28.07
N GLY V 32 -13.83 -30.92 -29.37
CA GLY V 32 -15.14 -31.19 -29.90
C GLY V 32 -15.45 -32.66 -29.73
N VAL V 33 -14.48 -33.50 -30.09
CA VAL V 33 -14.65 -34.94 -29.91
C VAL V 33 -14.75 -35.28 -28.44
N ALA V 34 -13.98 -34.60 -27.59
CA ALA V 34 -14.04 -34.83 -26.16
C ALA V 34 -15.46 -34.65 -25.65
N MET V 35 -15.99 -33.42 -25.73
CA MET V 35 -17.33 -33.17 -25.23
C MET V 35 -18.39 -33.98 -25.94
N TYR V 36 -18.05 -34.60 -27.07
CA TYR V 36 -18.96 -35.53 -27.71
C TYR V 36 -18.96 -36.87 -26.99
N ILE V 37 -17.77 -37.40 -26.72
CA ILE V 37 -17.67 -38.75 -26.15
C ILE V 37 -18.30 -38.78 -24.77
N ARG V 38 -18.06 -37.75 -23.97
CA ARG V 38 -18.62 -37.70 -22.62
C ARG V 38 -20.13 -37.58 -22.62
N THR V 39 -20.73 -37.21 -23.76
CA THR V 39 -22.17 -36.99 -23.87
C THR V 39 -22.79 -37.91 -24.91
N LYS V 40 -22.32 -37.85 -26.16
CA LYS V 40 -22.94 -38.49 -27.32
C LYS V 40 -24.32 -37.90 -27.59
N ASN V 41 -24.27 -36.64 -28.00
CA ASN V 41 -25.29 -36.00 -28.81
C ASN V 41 -24.58 -35.31 -29.96
N LEU V 42 -25.23 -35.21 -31.12
CA LEU V 42 -24.58 -34.49 -32.19
C LEU V 42 -25.35 -33.22 -32.44
N LEU V 43 -25.00 -32.16 -31.73
CA LEU V 43 -24.80 -30.86 -32.30
C LEU V 43 -23.35 -30.42 -32.19
N ILE V 44 -22.56 -31.14 -31.42
CA ILE V 44 -21.25 -30.64 -31.03
C ILE V 44 -20.23 -30.89 -32.13
N LEU V 45 -20.31 -32.05 -32.77
CA LEU V 45 -19.50 -32.25 -33.97
C LEU V 45 -19.77 -31.17 -34.99
N LEU V 46 -20.99 -30.67 -35.03
CA LEU V 46 -21.30 -29.54 -35.90
C LEU V 46 -20.68 -28.26 -35.37
N GLY V 47 -20.31 -28.25 -34.08
CA GLY V 47 -19.65 -27.08 -33.53
C GLY V 47 -18.33 -26.78 -34.21
N LEU V 48 -17.74 -27.77 -34.87
CA LEU V 48 -16.53 -27.51 -35.64
C LEU V 48 -16.85 -26.68 -36.88
N VAL V 49 -18.02 -26.90 -37.47
CA VAL V 49 -18.37 -26.19 -38.69
C VAL V 49 -18.49 -24.71 -38.44
N VAL V 50 -19.08 -24.32 -37.31
CA VAL V 50 -19.29 -22.90 -37.05
C VAL V 50 -17.98 -22.16 -36.79
N VAL V 51 -16.92 -22.88 -36.44
CA VAL V 51 -15.61 -22.25 -36.32
C VAL V 51 -14.97 -22.08 -37.69
N ILE V 52 -15.21 -23.03 -38.60
CA ILE V 52 -14.71 -22.91 -39.96
C ILE V 52 -15.23 -21.64 -40.60
N VAL V 53 -16.55 -21.46 -40.59
CA VAL V 53 -17.13 -20.31 -41.27
C VAL V 53 -16.83 -19.03 -40.51
N PHE V 54 -16.83 -19.08 -39.17
CA PHE V 54 -16.67 -17.86 -38.40
C PHE V 54 -15.32 -17.22 -38.66
N THR V 55 -14.25 -18.00 -38.54
CA THR V 55 -12.93 -17.48 -38.84
C THR V 55 -12.84 -17.03 -40.29
N THR V 56 -13.43 -17.79 -41.21
CA THR V 56 -13.38 -17.44 -42.62
C THR V 56 -14.04 -16.10 -42.88
N VAL V 57 -15.33 -15.98 -42.53
CA VAL V 57 -16.01 -14.71 -42.76
C VAL V 57 -15.61 -13.65 -41.77
N GLY V 58 -14.94 -14.04 -40.68
CA GLY V 58 -14.47 -13.04 -39.74
C GLY V 58 -13.24 -12.32 -40.26
N LEU V 59 -12.28 -13.07 -40.77
CA LEU V 59 -11.02 -12.48 -41.21
C LEU V 59 -11.23 -11.45 -42.31
N THR V 60 -12.29 -11.59 -43.10
CA THR V 60 -12.51 -10.63 -44.17
C THR V 60 -13.00 -9.28 -43.66
N PHE V 61 -13.42 -9.19 -42.39
CA PHE V 61 -13.80 -7.90 -41.83
C PHE V 61 -12.63 -7.13 -41.27
N ILE V 62 -11.45 -7.75 -41.17
CA ILE V 62 -10.28 -7.06 -40.62
C ILE V 62 -9.94 -5.83 -41.45
N LYS V 63 -9.99 -5.96 -42.77
CA LYS V 63 -9.65 -4.85 -43.66
C LYS V 63 -10.65 -3.72 -43.53
N ASP W 1 -9.59 32.07 -28.66
CA ASP W 1 -9.40 30.99 -29.62
C ASP W 1 -8.95 29.71 -28.92
N LEU W 2 -8.64 28.69 -29.72
CA LEU W 2 -8.17 27.42 -29.18
C LEU W 2 -6.65 27.35 -29.18
N LEU W 3 -6.10 26.66 -28.18
CA LEU W 3 -4.67 26.34 -28.18
C LEU W 3 -4.45 24.83 -28.24
N ALA W 4 -3.22 24.43 -28.54
CA ALA W 4 -2.85 23.02 -28.52
C ALA W 4 -3.64 22.23 -29.56
N GLY W 5 -4.35 22.94 -30.42
CA GLY W 5 -5.59 22.42 -30.98
C GLY W 5 -5.39 21.84 -32.37
N GLY W 6 -4.28 22.22 -33.01
CA GLY W 6 -3.14 21.33 -33.12
C GLY W 6 -2.63 21.21 -34.54
N LYS W 7 -2.23 20.00 -34.93
CA LYS W 7 -3.14 19.09 -35.61
C LYS W 7 -4.14 18.46 -34.65
N ASP W 8 -5.30 18.09 -35.16
CA ASP W 8 -5.68 16.69 -35.31
C ASP W 8 -5.03 16.07 -36.53
N ASP W 9 -4.23 15.03 -36.31
CA ASP W 9 -4.35 13.79 -37.07
C ASP W 9 -4.54 12.59 -36.16
N VAL W 10 -4.32 12.81 -34.86
CA VAL W 10 -4.59 11.79 -33.85
C VAL W 10 -5.81 10.96 -34.22
N LYS W 11 -6.83 11.63 -34.76
CA LYS W 11 -8.00 10.95 -35.28
C LYS W 11 -7.64 9.93 -36.34
N ALA W 12 -6.80 10.29 -37.30
CA ALA W 12 -6.39 9.33 -38.31
C ALA W 12 -5.61 8.17 -37.71
N THR W 13 -4.95 8.39 -36.58
CA THR W 13 -4.21 7.30 -35.94
C THR W 13 -5.17 6.26 -35.37
N PHE W 14 -6.21 6.70 -34.68
CA PHE W 14 -7.18 5.80 -34.08
C PHE W 14 -8.43 5.64 -34.92
N GLY W 15 -8.48 6.22 -36.11
CA GLY W 15 -9.70 6.28 -36.89
C GLY W 15 -10.06 4.98 -37.59
N ALA W 16 -10.89 5.13 -38.63
CA ALA W 16 -11.52 4.00 -39.31
C ALA W 16 -10.53 2.95 -39.76
N ASP W 17 -9.71 3.27 -40.75
CA ASP W 17 -8.65 2.38 -41.18
C ASP W 17 -7.39 2.76 -40.42
N SER W 18 -6.98 1.90 -39.49
CA SER W 18 -5.89 2.22 -38.58
C SER W 18 -5.17 0.95 -38.22
N PHE W 19 -4.08 1.10 -37.46
CA PHE W 19 -3.42 -0.07 -36.90
C PHE W 19 -4.09 -0.50 -35.60
N VAL W 20 -4.45 0.44 -34.74
CA VAL W 20 -5.04 0.06 -33.46
C VAL W 20 -6.47 -0.42 -33.64
N MET W 21 -7.21 0.18 -34.56
CA MET W 21 -8.55 -0.32 -34.83
C MET W 21 -8.50 -1.67 -35.52
N MET W 22 -7.37 -2.01 -36.13
CA MET W 22 -7.21 -3.31 -36.77
C MET W 22 -6.87 -4.39 -35.76
N CYS W 23 -6.10 -4.06 -34.72
CA CYS W 23 -5.78 -5.07 -33.72
C CYS W 23 -6.91 -5.22 -32.70
N ILE W 24 -7.63 -4.13 -32.40
CA ILE W 24 -8.68 -4.24 -31.40
C ILE W 24 -9.84 -5.08 -31.93
N ILE W 25 -10.03 -5.10 -33.24
CA ILE W 25 -11.05 -5.95 -33.84
C ILE W 25 -10.59 -7.39 -33.99
N ILE W 26 -9.30 -7.63 -34.15
CA ILE W 26 -8.84 -9.00 -34.37
C ILE W 26 -8.77 -9.74 -33.04
N ALA W 27 -8.65 -9.03 -31.93
CA ALA W 27 -8.66 -9.69 -30.63
C ALA W 27 -10.06 -10.18 -30.30
N GLU W 28 -11.08 -9.40 -30.65
CA GLU W 28 -12.46 -9.85 -30.49
C GLU W 28 -12.70 -11.17 -31.20
N LEU W 29 -12.11 -11.34 -32.37
CA LEU W 29 -12.27 -12.58 -33.11
C LEU W 29 -11.61 -13.75 -32.40
N ILE W 30 -10.36 -13.54 -31.95
CA ILE W 30 -9.57 -14.69 -31.51
C ILE W 30 -9.95 -15.12 -30.11
N VAL W 31 -10.34 -14.17 -29.24
CA VAL W 31 -10.82 -14.61 -27.94
C VAL W 31 -12.32 -14.83 -27.97
N GLY W 32 -12.98 -14.48 -29.06
CA GLY W 32 -14.37 -14.82 -29.22
C GLY W 32 -14.49 -16.30 -29.47
N VAL W 33 -13.65 -16.82 -30.37
CA VAL W 33 -13.65 -18.26 -30.63
C VAL W 33 -13.21 -19.03 -29.40
N ALA W 34 -12.24 -18.50 -28.67
CA ALA W 34 -11.78 -19.13 -27.44
C ALA W 34 -12.94 -19.37 -26.49
N MET W 35 -13.55 -18.29 -25.99
CA MET W 35 -14.64 -18.44 -25.04
C MET W 35 -15.82 -19.19 -25.63
N TYR W 36 -15.85 -19.37 -26.94
CA TYR W 36 -16.87 -20.22 -27.55
C TYR W 36 -16.52 -21.70 -27.35
N ILE W 37 -15.28 -22.06 -27.65
CA ILE W 37 -14.89 -23.47 -27.63
C ILE W 37 -14.99 -24.02 -26.22
N ARG W 38 -14.56 -23.24 -25.23
CA ARG W 38 -14.62 -23.69 -23.84
C ARG W 38 -16.04 -23.84 -23.34
N THR W 39 -17.01 -23.28 -24.04
CA THR W 39 -18.41 -23.30 -23.62
C THR W 39 -19.30 -23.96 -24.67
N LYS W 40 -19.30 -23.46 -25.90
CA LYS W 40 -20.24 -23.84 -26.96
C LYS W 40 -21.67 -23.46 -26.58
N ASN W 41 -21.85 -22.14 -26.54
CA ASN W 41 -23.13 -21.48 -26.73
C ASN W 41 -22.91 -20.38 -27.75
N LEU W 42 -23.93 -20.06 -28.54
CA LEU W 42 -23.75 -18.95 -29.46
C LEU W 42 -24.65 -17.83 -29.02
N LEU W 43 -24.15 -16.98 -28.13
CA LEU W 43 -24.26 -15.55 -28.27
C LEU W 43 -22.90 -14.91 -28.46
N ILE W 44 -21.83 -15.68 -28.27
CA ILE W 44 -20.51 -15.08 -28.16
C ILE W 44 -19.93 -14.80 -29.54
N LEU W 45 -20.14 -15.72 -30.48
CA LEU W 45 -19.78 -15.42 -31.86
C LEU W 45 -20.48 -14.15 -32.32
N LEU W 46 -21.67 -13.90 -31.81
CA LEU W 46 -22.34 -12.64 -32.12
C LEU W 46 -21.66 -11.48 -31.40
N GLY W 47 -20.88 -11.77 -30.37
CA GLY W 47 -20.14 -10.73 -29.69
C GLY W 47 -19.16 -10.00 -30.60
N LEU W 48 -18.78 -10.63 -31.70
CA LEU W 48 -17.93 -9.94 -32.67
C LEU W 48 -18.73 -8.86 -33.40
N VAL W 49 -20.01 -9.11 -33.64
CA VAL W 49 -20.82 -8.15 -34.38
C VAL W 49 -20.94 -6.84 -33.62
N VAL W 50 -21.13 -6.92 -32.30
CA VAL W 50 -21.33 -5.70 -31.53
C VAL W 50 -20.07 -4.85 -31.46
N VAL W 51 -18.91 -5.44 -31.71
CA VAL W 51 -17.69 -4.64 -31.80
C VAL W 51 -17.58 -3.97 -33.16
N ILE W 52 -18.05 -4.65 -34.21
CA ILE W 52 -18.07 -4.04 -35.54
C ILE W 52 -18.87 -2.75 -35.52
N VAL W 53 -20.11 -2.82 -35.05
CA VAL W 53 -20.96 -1.65 -35.09
C VAL W 53 -20.53 -0.62 -34.07
N PHE W 54 -20.05 -1.05 -32.90
CA PHE W 54 -19.72 -0.10 -31.85
C PHE W 54 -18.58 0.82 -32.28
N THR W 55 -17.49 0.24 -32.77
CA THR W 55 -16.40 1.06 -33.27
C THR W 55 -16.86 1.92 -34.45
N THR W 56 -17.68 1.35 -35.33
CA THR W 56 -18.14 2.11 -36.48
C THR W 56 -18.95 3.33 -36.06
N VAL W 57 -20.04 3.12 -35.32
CA VAL W 57 -20.86 4.25 -34.88
C VAL W 57 -20.19 5.02 -33.77
N GLY W 58 -19.17 4.47 -33.14
CA GLY W 58 -18.46 5.21 -32.11
C GLY W 58 -17.56 6.27 -32.71
N LEU W 59 -16.77 5.88 -33.71
CA LEU W 59 -15.80 6.78 -34.30
C LEU W 59 -16.45 8.03 -34.87
N THR W 60 -17.70 7.96 -35.30
CA THR W 60 -18.36 9.13 -35.85
C THR W 60 -18.73 10.15 -34.80
N PHE W 61 -18.68 9.80 -33.52
CA PHE W 61 -18.94 10.77 -32.46
C PHE W 61 -17.70 11.54 -32.06
N ILE W 62 -16.52 11.15 -32.55
CA ILE W 62 -15.29 11.84 -32.19
C ILE W 62 -15.35 13.30 -32.61
N LYS W 63 -15.84 13.56 -33.82
CA LYS W 63 -15.91 14.91 -34.34
C LYS W 63 -16.89 15.76 -33.55
N ASP X 1 -13.21 45.25 -8.65
CA ASP X 1 -13.29 44.55 -9.92
C ASP X 1 -12.54 43.23 -9.87
N LEU X 2 -12.45 42.56 -11.02
CA LEU X 2 -11.74 41.29 -11.11
C LEU X 2 -10.31 41.50 -11.60
N LEU X 3 -9.40 40.66 -11.11
CA LEU X 3 -8.05 40.62 -11.65
C LEU X 3 -7.75 39.26 -12.28
N ALA X 4 -6.68 39.18 -13.07
CA ALA X 4 -6.23 37.93 -13.64
C ALA X 4 -7.26 37.34 -14.58
N GLY X 5 -8.30 38.13 -14.89
CA GLY X 5 -9.61 37.59 -15.19
C GLY X 5 -9.87 37.49 -16.67
N GLY X 6 -9.09 38.22 -17.45
CA GLY X 6 -7.99 37.62 -18.21
C GLY X 6 -8.01 38.02 -19.67
N LYS X 7 -7.68 37.06 -20.54
CA LYS X 7 -8.70 36.24 -21.18
C LYS X 7 -9.24 35.19 -20.22
N ASP X 8 -10.50 34.79 -20.45
CA ASP X 8 -10.80 33.44 -20.91
C ASP X 8 -10.58 33.33 -22.42
N ASP X 9 -9.68 32.44 -22.82
CA ASP X 9 -9.98 31.47 -23.88
C ASP X 9 -9.74 30.04 -23.40
N VAL X 10 -9.10 29.91 -22.24
CA VAL X 10 -8.93 28.61 -21.61
C VAL X 10 -10.14 27.72 -21.83
N LYS X 11 -11.32 28.32 -21.78
CA LYS X 11 -12.56 27.62 -22.10
C LYS X 11 -12.52 27.03 -23.49
N ALA X 12 -12.09 27.81 -24.50
CA ALA X 12 -11.99 27.28 -25.84
C ALA X 12 -10.97 26.15 -25.93
N THR X 13 -9.98 26.14 -25.06
CA THR X 13 -8.99 25.07 -25.08
C THR X 13 -9.61 23.75 -24.63
N PHE X 14 -10.37 23.78 -23.54
CA PHE X 14 -11.01 22.58 -23.01
C PHE X 14 -12.46 22.45 -23.43
N GLY X 15 -12.96 23.34 -24.28
CA GLY X 15 -14.38 23.40 -24.59
C GLY X 15 -14.86 22.33 -25.53
N ALA X 16 -16.02 22.60 -26.14
CA ALA X 16 -16.77 21.63 -26.93
C ALA X 16 -15.91 20.95 -27.99
N ASP X 17 -15.52 21.69 -29.03
CA ASP X 17 -14.62 21.16 -30.03
C ASP X 17 -13.20 21.52 -29.61
N SER X 18 -12.43 20.52 -29.19
CA SER X 18 -11.12 20.76 -28.62
C SER X 18 -10.23 19.58 -28.94
N PHE X 19 -8.96 19.71 -28.56
CA PHE X 19 -8.06 18.57 -28.64
C PHE X 19 -8.21 17.66 -27.43
N VAL X 20 -8.32 18.23 -26.23
CA VAL X 20 -8.39 17.40 -25.05
C VAL X 20 -9.75 16.74 -24.93
N MET X 21 -10.81 17.44 -25.31
CA MET X 21 -12.11 16.81 -25.31
C MET X 21 -12.22 15.74 -26.38
N MET X 22 -11.35 15.81 -27.39
CA MET X 22 -11.33 14.80 -28.45
C MET X 22 -10.58 13.55 -28.01
N CYS X 23 -9.52 13.70 -27.23
CA CYS X 23 -8.80 12.51 -26.76
C CYS X 23 -9.49 11.88 -25.56
N ILE X 24 -10.15 12.68 -24.71
CA ILE X 24 -10.77 12.10 -23.52
C ILE X 24 -11.97 11.26 -23.92
N ILE X 25 -12.61 11.58 -25.04
CA ILE X 25 -13.72 10.78 -25.54
C ILE X 25 -13.23 9.54 -26.30
N ILE X 26 -12.06 9.59 -26.92
CA ILE X 26 -11.61 8.46 -27.71
C ILE X 26 -11.03 7.39 -26.80
N ALA X 27 -10.59 7.76 -25.61
CA ALA X 27 -10.10 6.76 -24.67
C ALA X 27 -11.25 5.95 -24.11
N GLU X 28 -12.38 6.60 -23.85
CA GLU X 28 -13.58 5.88 -23.43
C GLU X 28 -13.97 4.81 -24.43
N LEU X 29 -13.80 5.09 -25.71
CA LEU X 29 -14.13 4.11 -26.74
C LEU X 29 -13.17 2.93 -26.69
N ILE X 30 -11.87 3.22 -26.61
CA ILE X 30 -10.90 2.16 -26.85
C ILE X 30 -10.73 1.27 -25.63
N VAL X 31 -10.85 1.83 -24.41
CA VAL X 31 -10.82 0.97 -23.25
C VAL X 31 -12.21 0.49 -22.89
N GLY X 32 -13.24 1.02 -23.54
CA GLY X 32 -14.57 0.49 -23.37
C GLY X 32 -14.66 -0.85 -24.05
N VAL X 33 -14.16 -0.92 -25.29
CA VAL X 33 -14.15 -2.19 -26.00
C VAL X 33 -13.24 -3.19 -25.30
N ALA X 34 -12.12 -2.73 -24.77
CA ALA X 34 -11.23 -3.61 -24.03
C ALA X 34 -11.96 -4.31 -22.90
N MET X 35 -12.43 -3.55 -21.91
CA MET X 35 -13.11 -4.16 -20.78
C MET X 35 -14.37 -4.91 -21.19
N TYR X 36 -14.84 -4.71 -22.41
CA TYR X 36 -15.93 -5.51 -22.93
C TYR X 36 -15.44 -6.89 -23.35
N ILE X 37 -14.35 -6.93 -24.12
CA ILE X 37 -13.89 -8.19 -24.69
C ILE X 37 -13.45 -9.13 -23.59
N ARG X 38 -12.76 -8.61 -22.58
CA ARG X 38 -12.28 -9.44 -21.47
C ARG X 38 -13.43 -9.99 -20.64
N THR X 39 -14.63 -9.43 -20.78
CA THR X 39 -15.80 -9.82 -19.98
C THR X 39 -16.93 -10.31 -20.87
N LYS X 40 -17.40 -9.47 -21.79
CA LYS X 40 -18.62 -9.69 -22.57
C LYS X 40 -19.86 -9.69 -21.67
N ASN X 41 -20.10 -8.51 -21.12
CA ASN X 41 -21.41 -8.07 -20.69
C ASN X 41 -21.64 -6.69 -21.30
N LEU X 42 -22.89 -6.35 -21.58
CA LEU X 42 -23.12 -5.01 -22.08
C LEU X 42 -23.89 -4.23 -21.02
N LEU X 43 -23.17 -3.61 -20.11
CA LEU X 43 -23.42 -2.24 -19.73
C LEU X 43 -22.26 -1.34 -20.10
N ILE X 44 -21.14 -1.92 -20.51
CA ILE X 44 -19.91 -1.16 -20.62
C ILE X 44 -19.87 -0.39 -21.94
N LEU X 45 -20.34 -1.02 -23.02
CA LEU X 45 -20.51 -0.27 -24.25
C LEU X 45 -21.40 0.93 -24.04
N LEU X 46 -22.37 0.81 -23.13
CA LEU X 46 -23.18 1.96 -22.77
C LEU X 46 -22.38 2.96 -21.94
N GLY X 47 -21.26 2.52 -21.37
CA GLY X 47 -20.41 3.44 -20.64
C GLY X 47 -19.86 4.56 -21.50
N LEU X 48 -19.85 4.36 -22.82
CA LEU X 48 -19.45 5.45 -23.71
C LEU X 48 -20.52 6.52 -23.76
N VAL X 49 -21.79 6.13 -23.65
CA VAL X 49 -22.86 7.10 -23.75
C VAL X 49 -22.81 8.09 -22.59
N VAL X 50 -22.52 7.60 -21.39
CA VAL X 50 -22.52 8.49 -20.23
C VAL X 50 -21.39 9.49 -20.27
N VAL X 51 -20.34 9.23 -21.04
CA VAL X 51 -19.29 10.22 -21.24
C VAL X 51 -19.71 11.27 -22.26
N ILE X 52 -20.48 10.85 -23.27
CA ILE X 52 -20.99 11.80 -24.25
C ILE X 52 -21.82 12.86 -23.55
N VAL X 53 -22.82 12.43 -22.77
CA VAL X 53 -23.71 13.39 -22.16
C VAL X 53 -23.01 14.14 -21.04
N PHE X 54 -22.13 13.49 -20.29
CA PHE X 54 -21.52 14.14 -19.14
C PHE X 54 -20.68 15.33 -19.56
N THR X 55 -19.78 15.12 -20.54
CA THR X 55 -19.01 16.24 -21.04
C THR X 55 -19.90 17.30 -21.65
N THR X 56 -20.93 16.88 -22.38
CA THR X 56 -21.83 17.84 -23.01
C THR X 56 -22.52 18.73 -21.98
N VAL X 57 -23.26 18.10 -21.06
CA VAL X 57 -23.95 18.90 -20.04
C VAL X 57 -23.00 19.42 -18.99
N GLY X 58 -21.78 18.90 -18.93
CA GLY X 58 -20.82 19.42 -17.99
C GLY X 58 -20.26 20.75 -18.44
N LEU X 59 -19.84 20.82 -19.71
CA LEU X 59 -19.21 22.03 -20.22
C LEU X 59 -20.10 23.25 -20.11
N THR X 60 -21.42 23.07 -20.13
CA THR X 60 -22.31 24.21 -20.03
C THR X 60 -22.36 24.80 -18.63
N PHE X 61 -21.84 24.10 -17.63
CA PHE X 61 -21.78 24.66 -16.28
C PHE X 61 -20.53 25.50 -16.04
N ILE X 62 -19.58 25.48 -16.99
CA ILE X 62 -18.34 26.26 -16.81
C ILE X 62 -18.65 27.74 -16.68
N LYS X 63 -19.55 28.23 -17.51
CA LYS X 63 -19.89 29.65 -17.50
C LYS X 63 -20.60 30.04 -16.21
N ASP Y 1 -10.52 51.17 14.70
CA ASP Y 1 -10.99 50.87 13.36
C ASP Y 1 -10.18 49.75 12.73
N LEU Y 2 -10.46 49.46 11.46
CA LEU Y 2 -9.73 48.43 10.73
C LEU Y 2 -8.58 49.02 9.93
N LEU Y 3 -7.50 48.26 9.80
CA LEU Y 3 -6.43 48.61 8.88
C LEU Y 3 -6.28 47.57 7.77
N ALA Y 4 -5.55 47.93 6.73
CA ALA Y 4 -5.23 47.00 5.65
C ALA Y 4 -6.50 46.53 4.94
N GLY Y 5 -7.61 47.18 5.25
CA GLY Y 5 -8.90 46.52 5.21
C GLY Y 5 -9.66 46.81 3.93
N GLY Y 6 -9.26 47.86 3.23
CA GLY Y 6 -8.45 47.72 2.03
C GLY Y 6 -9.00 48.52 0.86
N LYS Y 7 -8.94 47.92 -0.33
CA LYS Y 7 -10.06 47.16 -0.87
C LYS Y 7 -10.16 45.79 -0.19
N ASP Y 8 -11.38 45.26 -0.14
CA ASP Y 8 -11.73 44.08 -0.92
C ASP Y 8 -12.05 44.45 -2.37
N ASP Y 9 -11.28 43.88 -3.30
CA ASP Y 9 -11.86 43.23 -4.47
C ASP Y 9 -11.37 41.79 -4.60
N VAL Y 10 -10.36 41.45 -3.81
CA VAL Y 10 -9.88 40.07 -3.73
C VAL Y 10 -11.03 39.08 -3.85
N LYS Y 11 -12.17 39.42 -3.24
CA LYS Y 11 -13.38 38.63 -3.38
C LYS Y 11 -13.79 38.49 -4.83
N ALA Y 12 -13.79 39.58 -5.59
CA ALA Y 12 -14.14 39.50 -7.00
C ALA Y 12 -13.14 38.65 -7.78
N THR Y 13 -11.89 38.56 -7.31
CA THR Y 13 -10.91 37.74 -7.99
C THR Y 13 -11.23 36.27 -7.83
N PHE Y 14 -11.56 35.83 -6.62
CA PHE Y 14 -11.89 34.44 -6.36
C PHE Y 14 -13.39 34.17 -6.33
N GLY Y 15 -14.21 35.17 -6.63
CA GLY Y 15 -15.65 35.07 -6.45
C GLY Y 15 -16.36 34.24 -7.49
N ALA Y 16 -17.67 34.46 -7.60
CA ALA Y 16 -18.57 33.65 -8.39
C ALA Y 16 -18.11 33.48 -9.83
N ASP Y 17 -18.15 34.55 -10.62
CA ASP Y 17 -17.61 34.51 -11.97
C ASP Y 17 -16.18 34.98 -11.91
N SER Y 18 -15.24 34.05 -12.12
CA SER Y 18 -13.84 34.34 -11.92
C SER Y 18 -13.02 33.50 -12.88
N PHE Y 19 -11.72 33.73 -12.88
CA PHE Y 19 -10.83 32.83 -13.62
C PHE Y 19 -10.47 31.60 -12.81
N VAL Y 20 -10.20 31.77 -11.52
CA VAL Y 20 -9.79 30.63 -10.71
C VAL Y 20 -10.97 29.73 -10.41
N MET Y 21 -12.15 30.31 -10.19
CA MET Y 21 -13.32 29.48 -10.00
C MET Y 21 -13.71 28.77 -11.28
N MET Y 22 -13.27 29.28 -12.41
CA MET Y 22 -13.54 28.66 -13.70
C MET Y 22 -12.61 27.48 -13.97
N CYS Y 23 -11.35 27.59 -13.54
CA CYS Y 23 -10.44 26.47 -13.74
C CYS Y 23 -10.61 25.40 -12.68
N ILE Y 24 -10.98 25.78 -11.45
CA ILE Y 24 -11.11 24.78 -10.40
C ILE Y 24 -12.31 23.89 -10.67
N ILE Y 25 -13.32 24.41 -11.35
CA ILE Y 25 -14.46 23.60 -11.72
C ILE Y 25 -14.20 22.74 -12.96
N ILE Y 26 -13.33 23.18 -13.86
CA ILE Y 26 -13.11 22.43 -15.08
C ILE Y 26 -12.17 21.27 -14.82
N ALA Y 27 -11.36 21.34 -13.77
CA ALA Y 27 -10.51 20.22 -13.41
C ALA Y 27 -11.33 19.09 -12.83
N GLU Y 28 -12.34 19.42 -12.03
CA GLU Y 28 -13.27 18.41 -11.53
C GLU Y 28 -13.89 17.62 -12.66
N LEU Y 29 -14.21 18.29 -13.77
CA LEU Y 29 -14.80 17.61 -14.90
C LEU Y 29 -13.81 16.66 -15.55
N ILE Y 30 -12.59 17.13 -15.79
CA ILE Y 30 -11.69 16.38 -16.64
C ILE Y 30 -11.05 15.23 -15.90
N VAL Y 31 -10.77 15.38 -14.60
CA VAL Y 31 -10.27 14.23 -13.87
C VAL Y 31 -11.42 13.43 -13.28
N GLY Y 32 -12.64 13.94 -13.37
CA GLY Y 32 -13.79 13.15 -12.98
C GLY Y 32 -14.02 12.07 -14.00
N VAL Y 33 -13.97 12.45 -15.28
CA VAL Y 33 -14.13 11.47 -16.34
C VAL Y 33 -12.97 10.49 -16.34
N ALA Y 34 -11.76 10.96 -16.06
CA ALA Y 34 -10.60 10.10 -15.96
C ALA Y 34 -10.84 8.97 -14.97
N MET Y 35 -11.00 9.31 -13.69
CA MET Y 35 -11.19 8.28 -12.67
C MET Y 35 -12.45 7.48 -12.90
N TYR Y 36 -13.34 7.94 -13.78
CA TYR Y 36 -14.48 7.13 -14.17
C TYR Y 36 -14.07 6.05 -15.16
N ILE Y 37 -13.32 6.43 -16.19
CA ILE Y 37 -12.99 5.51 -17.27
C ILE Y 37 -12.14 4.37 -16.74
N ARG Y 38 -11.17 4.69 -15.88
CA ARG Y 38 -10.29 3.67 -15.32
C ARG Y 38 -11.03 2.70 -14.40
N THR Y 39 -12.24 3.06 -13.97
CA THR Y 39 -13.02 2.25 -13.04
C THR Y 39 -14.36 1.85 -13.63
N LYS Y 40 -15.18 2.81 -14.03
CA LYS Y 40 -16.58 2.62 -14.42
C LYS Y 40 -17.41 2.13 -13.24
N ASN Y 41 -17.53 3.05 -12.28
CA ASN Y 41 -18.64 3.10 -11.34
C ASN Y 41 -19.16 4.52 -11.35
N LEU Y 42 -20.45 4.70 -11.10
CA LEU Y 42 -20.94 6.06 -11.03
C LEU Y 42 -21.34 6.35 -9.60
N LEU Y 43 -20.40 6.80 -8.79
CA LEU Y 43 -20.59 7.92 -7.92
C LEU Y 43 -19.71 9.09 -8.31
N ILE Y 44 -18.76 8.87 -9.21
CA ILE Y 44 -17.70 9.84 -9.43
C ILE Y 44 -18.18 10.95 -10.36
N LEU Y 45 -18.94 10.59 -11.39
CA LEU Y 45 -19.59 11.61 -12.18
C LEU Y 45 -20.43 12.52 -11.31
N LEU Y 46 -21.01 11.97 -10.24
CA LEU Y 46 -21.72 12.80 -9.29
C LEU Y 46 -20.76 13.64 -8.47
N GLY Y 47 -19.48 13.27 -8.45
CA GLY Y 47 -18.50 14.07 -7.75
C GLY Y 47 -18.37 15.47 -8.32
N LEU Y 48 -18.80 15.68 -9.57
CA LEU Y 48 -18.82 17.02 -10.12
C LEU Y 48 -19.90 17.86 -9.47
N VAL Y 49 -21.02 17.23 -9.11
CA VAL Y 49 -22.13 17.98 -8.54
C VAL Y 49 -21.75 18.57 -7.20
N VAL Y 50 -21.02 17.82 -6.38
CA VAL Y 50 -20.68 18.32 -5.06
C VAL Y 50 -19.71 19.47 -5.11
N VAL Y 51 -18.98 19.64 -6.20
CA VAL Y 51 -18.14 20.82 -6.37
C VAL Y 51 -18.96 22.02 -6.79
N ILE Y 52 -20.00 21.78 -7.60
CA ILE Y 52 -20.89 22.87 -7.99
C ILE Y 52 -21.50 23.52 -6.76
N VAL Y 53 -22.12 22.71 -5.90
CA VAL Y 53 -22.82 23.27 -4.76
C VAL Y 53 -21.83 23.78 -3.74
N PHE Y 54 -20.69 23.10 -3.55
CA PHE Y 54 -19.77 23.49 -2.50
C PHE Y 54 -19.21 24.88 -2.74
N THR Y 55 -18.69 25.13 -3.94
CA THR Y 55 -18.22 26.46 -4.26
C THR Y 55 -19.35 27.48 -4.17
N THR Y 56 -20.54 27.12 -4.65
CA THR Y 56 -21.66 28.04 -4.61
C THR Y 56 -22.01 28.44 -3.18
N VAL Y 57 -22.34 27.45 -2.34
CA VAL Y 57 -22.68 27.78 -0.96
C VAL Y 57 -21.47 28.14 -0.13
N GLY Y 58 -20.27 27.86 -0.63
CA GLY Y 58 -19.08 28.24 0.09
C GLY Y 58 -18.80 29.73 -0.05
N LEU Y 59 -18.86 30.23 -1.29
CA LEU Y 59 -18.54 31.63 -1.53
C LEU Y 59 -19.42 32.59 -0.75
N THR Y 60 -20.64 32.18 -0.42
CA THR Y 60 -21.52 33.07 0.32
C THR Y 60 -21.12 33.21 1.78
N PHE Y 61 -20.23 32.35 2.28
CA PHE Y 61 -19.75 32.50 3.65
C PHE Y 61 -18.55 33.45 3.75
N ILE Y 62 -17.99 33.87 2.62
CA ILE Y 62 -16.83 34.76 2.66
C ILE Y 62 -17.18 36.07 3.36
N LYS Y 63 -18.34 36.62 3.07
CA LYS Y 63 -18.77 37.88 3.66
C LYS Y 63 -18.99 37.75 5.15
N ASP Z 1 -0.26 50.41 36.64
CA ASP Z 1 -1.15 50.44 35.49
C ASP Z 1 -0.54 49.71 34.31
N LEU Z 2 -1.21 49.77 33.17
CA LEU Z 2 -0.72 49.13 31.95
C LEU Z 2 0.02 50.14 31.08
N LEU Z 3 1.04 49.65 30.37
CA LEU Z 3 1.72 50.45 29.34
C LEU Z 3 1.54 49.82 27.97
N ALA Z 4 1.82 50.59 26.93
CA ALA Z 4 1.81 50.08 25.56
C ALA Z 4 0.42 49.62 25.15
N GLY Z 5 -0.57 49.94 25.99
CA GLY Z 5 -1.74 49.10 26.13
C GLY Z 5 -2.91 49.61 25.32
N GLY Z 6 -2.86 50.88 24.93
CA GLY Z 6 -2.52 51.24 23.57
C GLY Z 6 -3.50 52.22 22.96
N LYS Z 7 -3.82 52.03 21.68
CA LYS Z 7 -5.00 51.25 21.30
C LYS Z 7 -4.76 49.76 21.47
N ASP Z 8 -5.84 49.02 21.71
CA ASP Z 8 -6.36 48.08 20.73
C ASP Z 8 -7.18 48.79 19.66
N ASP Z 9 -6.76 48.67 18.41
CA ASP Z 9 -7.66 48.29 17.32
C ASP Z 9 -7.14 47.06 16.58
N VAL Z 10 -5.90 46.70 16.86
CA VAL Z 10 -5.34 45.47 16.32
C VAL Z 10 -6.38 44.36 16.23
N LYS Z 11 -7.24 44.30 17.24
CA LYS Z 11 -8.38 43.38 17.22
C LYS Z 11 -9.25 43.60 16.02
N ALA Z 12 -9.60 44.85 15.70
CA ALA Z 12 -10.41 45.11 14.52
C ALA Z 12 -9.69 44.73 13.25
N THR Z 13 -8.36 44.74 13.25
CA THR Z 13 -7.61 44.34 12.06
C THR Z 13 -7.76 42.84 11.80
N PHE Z 14 -7.62 42.03 12.84
CA PHE Z 14 -7.72 40.58 12.71
C PHE Z 14 -9.10 40.06 13.11
N GLY Z 15 -10.04 40.92 13.42
CA GLY Z 15 -11.32 40.52 14.00
C GLY Z 15 -12.28 39.91 13.01
N ALA Z 16 -13.56 39.93 13.40
CA ALA Z 16 -14.63 39.23 12.70
C ALA Z 16 -14.68 39.57 11.22
N ASP Z 17 -15.07 40.79 10.88
CA ASP Z 17 -15.05 41.24 9.50
C ASP Z 17 -13.71 41.93 9.27
N SER Z 18 -12.85 41.29 8.49
CA SER Z 18 -11.49 41.75 8.33
C SER Z 18 -11.00 41.39 6.93
N PHE Z 19 -9.80 41.84 6.61
CA PHE Z 19 -9.16 41.38 5.38
C PHE Z 19 -8.46 40.05 5.58
N VAL Z 20 -7.76 39.89 6.71
CA VAL Z 20 -7.02 38.64 6.91
C VAL Z 20 -7.96 37.50 7.25
N MET Z 21 -9.01 37.77 8.00
CA MET Z 21 -9.99 36.73 8.26
C MET Z 21 -10.76 36.36 7.00
N MET Z 22 -10.77 37.25 6.02
CA MET Z 22 -11.43 36.98 4.75
C MET Z 22 -10.57 36.13 3.83
N CYS Z 23 -9.25 36.33 3.85
CA CYS Z 23 -8.39 35.49 3.02
C CYS Z 23 -8.10 34.15 3.67
N ILE Z 24 -8.05 34.09 5.00
CA ILE Z 24 -7.73 32.82 5.64
C ILE Z 24 -8.88 31.84 5.48
N ILE Z 25 -10.10 32.35 5.35
CA ILE Z 25 -11.25 31.48 5.10
C ILE Z 25 -11.37 31.10 3.63
N ILE Z 26 -10.90 31.93 2.71
CA ILE Z 26 -11.06 31.61 1.30
C ILE Z 26 -10.02 30.61 0.85
N ALA Z 27 -8.90 30.52 1.57
CA ALA Z 27 -7.90 29.52 1.24
C ALA Z 27 -8.38 28.14 1.64
N GLU Z 28 -9.07 28.03 2.77
CA GLU Z 28 -9.69 26.77 3.17
C GLU Z 28 -10.62 26.25 2.09
N LEU Z 29 -11.34 27.14 1.43
CA LEU Z 29 -12.26 26.73 0.38
C LEU Z 29 -11.49 26.20 -0.83
N ILE Z 30 -10.46 26.94 -1.26
CA ILE Z 30 -9.87 26.64 -2.55
C ILE Z 30 -8.92 25.45 -2.48
N VAL Z 31 -8.23 25.27 -1.36
CA VAL Z 31 -7.41 24.06 -1.24
C VAL Z 31 -8.23 22.94 -0.63
N GLY Z 32 -9.44 23.22 -0.16
CA GLY Z 32 -10.32 22.16 0.28
C GLY Z 32 -10.81 21.40 -0.92
N VAL Z 33 -11.24 22.14 -1.95
CA VAL Z 33 -11.69 21.50 -3.18
C VAL Z 33 -10.54 20.79 -3.86
N ALA Z 34 -9.34 21.36 -3.82
CA ALA Z 34 -8.16 20.73 -4.39
C ALA Z 34 -7.96 19.34 -3.81
N MET Z 35 -7.68 19.27 -2.51
CA MET Z 35 -7.44 17.96 -1.88
C MET Z 35 -8.64 17.04 -1.97
N TYR Z 36 -9.81 17.57 -2.33
CA TYR Z 36 -10.96 16.72 -2.59
C TYR Z 36 -10.84 16.07 -3.96
N ILE Z 37 -10.54 16.87 -4.98
CA ILE Z 37 -10.53 16.36 -6.35
C ILE Z 37 -9.47 15.30 -6.53
N ARG Z 38 -8.29 15.52 -5.94
CA ARG Z 38 -7.20 14.56 -6.06
C ARG Z 38 -7.50 13.25 -5.34
N THR Z 39 -8.50 13.25 -4.46
CA THR Z 39 -8.85 12.07 -3.66
C THR Z 39 -10.28 11.63 -3.91
N LYS Z 40 -11.26 12.51 -3.69
CA LYS Z 40 -12.68 12.18 -3.68
C LYS Z 40 -13.01 11.22 -2.53
N ASN Z 41 -12.86 11.78 -1.33
CA ASN Z 41 -13.56 11.36 -0.13
C ASN Z 41 -14.15 12.61 0.49
N LEU Z 42 -15.28 12.47 1.18
CA LEU Z 42 -15.81 13.65 1.84
C LEU Z 42 -15.70 13.43 3.33
N LEU Z 43 -14.57 13.78 3.91
CA LEU Z 43 -14.53 14.55 5.13
C LEU Z 43 -13.92 15.92 4.90
N ILE Z 44 -13.34 16.14 3.73
CA ILE Z 44 -12.50 17.31 3.53
C ILE Z 44 -13.35 18.53 3.22
N LEU Z 45 -14.40 18.36 2.42
CA LEU Z 45 -15.34 19.44 2.25
C LEU Z 45 -15.89 19.89 3.60
N LEU Z 46 -16.02 18.95 4.54
CA LEU Z 46 -16.41 19.33 5.89
C LEU Z 46 -15.28 20.06 6.60
N GLY Z 47 -14.06 19.92 6.10
CA GLY Z 47 -12.95 20.66 6.69
C GLY Z 47 -13.13 22.16 6.61
N LEU Z 48 -13.98 22.64 5.70
CA LEU Z 48 -14.29 24.06 5.67
C LEU Z 48 -15.14 24.46 6.87
N VAL Z 49 -16.01 23.57 7.31
CA VAL Z 49 -16.89 23.90 8.41
C VAL Z 49 -16.11 24.14 9.69
N VAL Z 50 -15.09 23.32 9.94
CA VAL Z 50 -14.35 23.46 11.18
C VAL Z 50 -13.53 24.75 11.23
N VAL Z 51 -13.25 25.35 10.08
CA VAL Z 51 -12.61 26.66 10.06
C VAL Z 51 -13.60 27.76 10.34
N ILE Z 52 -14.85 27.59 9.87
CA ILE Z 52 -15.90 28.57 10.16
C ILE Z 52 -16.08 28.70 11.66
N VAL Z 53 -16.30 27.59 12.34
CA VAL Z 53 -16.58 27.65 13.77
C VAL Z 53 -15.33 28.02 14.55
N PHE Z 54 -14.17 27.52 14.12
CA PHE Z 54 -12.95 27.75 14.91
C PHE Z 54 -12.63 29.22 14.99
N THR Z 55 -12.58 29.90 13.84
CA THR Z 55 -12.35 31.34 13.86
C THR Z 55 -13.45 32.06 14.63
N THR Z 56 -14.69 31.64 14.45
CA THR Z 56 -15.79 32.30 15.14
C THR Z 56 -15.65 32.19 16.65
N VAL Z 57 -15.59 30.97 17.18
CA VAL Z 57 -15.45 30.81 18.62
C VAL Z 57 -14.05 31.13 19.10
N GLY Z 58 -13.08 31.22 18.19
CA GLY Z 58 -11.75 31.59 18.60
C GLY Z 58 -11.64 33.07 18.89
N LEU Z 59 -12.17 33.89 17.97
CA LEU Z 59 -12.05 35.34 18.11
C LEU Z 59 -12.67 35.85 19.41
N THR Z 60 -13.66 35.16 19.94
CA THR Z 60 -14.29 35.62 21.17
C THR Z 60 -13.41 35.39 22.39
N PHE Z 61 -12.35 34.60 22.28
CA PHE Z 61 -11.42 34.43 23.39
C PHE Z 61 -10.35 35.50 23.43
N ILE Z 62 -10.24 36.34 22.40
CA ILE Z 62 -9.21 37.37 22.37
C ILE Z 62 -9.39 38.33 23.54
N LYS Z 63 -10.62 38.72 23.83
CA LYS Z 63 -10.89 39.67 24.90
C LYS Z 63 -10.57 39.06 26.26
N ASP AA 1 17.05 45.17 52.77
CA ASP AA 1 15.82 45.37 52.03
C ASP AA 1 16.03 45.14 50.54
N LEU AA 2 14.99 45.40 49.75
CA LEU AA 2 15.07 45.26 48.30
C LEU AA 2 15.39 46.58 47.63
N LEU AA 3 16.13 46.52 46.52
CA LEU AA 3 16.34 47.68 45.67
C LEU AA 3 15.74 47.46 44.29
N ALA AA 4 15.59 48.53 43.53
CA ALA AA 4 15.14 48.45 42.15
C ALA AA 4 13.72 47.89 42.07
N GLY AA 5 13.08 47.77 43.21
CA GLY AA 5 12.08 46.73 43.42
C GLY AA 5 10.67 47.23 43.24
N GLY AA 6 10.50 48.55 43.29
CA GLY AA 6 10.31 49.34 42.10
C GLY AA 6 9.11 50.27 42.18
N LYS AA 7 8.38 50.40 41.08
CA LYS AA 7 7.21 49.58 40.84
C LYS AA 7 7.59 48.16 40.43
N ASP AA 8 6.71 47.21 40.73
CA ASP AA 8 5.96 46.51 39.69
C ASP AA 8 4.76 47.34 39.24
N ASP AA 9 4.73 47.67 37.95
CA ASP AA 9 3.53 47.47 37.14
C ASP AA 9 3.84 46.62 35.90
N VAL AA 10 5.13 46.42 35.64
CA VAL AA 10 5.55 45.52 34.58
C VAL AA 10 4.63 44.33 34.45
N LYS AA 11 4.17 43.81 35.60
CA LYS AA 11 3.18 42.76 35.62
C LYS AA 11 1.91 43.16 34.89
N ALA AA 12 1.40 44.35 35.14
CA ALA AA 12 0.21 44.80 34.43
C ALA AA 12 0.46 44.94 32.93
N THR AA 13 1.71 45.18 32.53
CA THR AA 13 2.01 45.28 31.11
C THR AA 13 1.89 43.93 30.42
N PHE AA 14 2.44 42.89 31.03
CA PHE AA 14 2.40 41.55 30.47
C PHE AA 14 1.29 40.69 31.07
N GLY AA 15 0.46 41.24 31.93
CA GLY AA 15 -0.49 40.46 32.69
C GLY AA 15 -1.71 40.01 31.91
N ALA AA 16 -2.76 39.68 32.67
CA ALA AA 16 -3.96 39.04 32.13
C ALA AA 16 -4.55 39.78 30.94
N ASP AA 17 -5.12 40.96 31.17
CA ASP AA 17 -5.61 41.79 30.08
C ASP AA 17 -4.48 42.74 29.69
N SER AA 18 -3.91 42.52 28.52
CA SER AA 18 -2.72 43.25 28.11
C SER AA 18 -2.74 43.39 26.60
N PHE AA 19 -1.76 44.13 26.09
CA PHE AA 19 -1.57 44.18 24.65
C PHE AA 19 -0.74 42.98 24.17
N VAL AA 20 0.32 42.63 24.90
CA VAL AA 20 1.17 41.54 24.43
C VAL AA 20 0.49 40.20 24.64
N MET AA 21 -0.26 40.04 25.73
CA MET AA 21 -1.00 38.82 25.90
C MET AA 21 -2.13 38.70 24.90
N MET AA 22 -2.55 39.82 24.33
CA MET AA 22 -3.59 39.82 23.31
C MET AA 22 -3.06 39.44 21.95
N CYS AA 23 -1.83 39.85 21.63
CA CYS AA 23 -1.25 39.47 20.35
C CYS AA 23 -0.66 38.07 20.38
N ILE AA 24 -0.14 37.64 21.52
CA ILE AA 24 0.47 36.32 21.58
C ILE AA 24 -0.59 35.24 21.45
N ILE AA 25 -1.81 35.53 21.88
CA ILE AA 25 -2.92 34.59 21.73
C ILE AA 25 -3.52 34.62 20.33
N ILE AA 26 -3.46 35.75 19.65
CA ILE AA 26 -4.08 35.84 18.33
C ILE AA 26 -3.19 35.22 17.28
N ALA AA 27 -1.88 35.13 17.54
CA ALA AA 27 -0.99 34.46 16.61
C ALA AA 27 -1.21 32.96 16.64
N GLU AA 28 -1.45 32.41 17.83
CA GLU AA 28 -1.80 31.00 17.95
C GLU AA 28 -3.00 30.65 17.10
N LEU AA 29 -3.98 31.55 17.03
CA LEU AA 29 -5.17 31.31 16.24
C LEU AA 29 -4.84 31.30 14.75
N ILE AA 30 -4.08 32.29 14.30
CA ILE AA 30 -3.96 32.51 12.86
C ILE AA 30 -2.96 31.55 12.24
N VAL AA 31 -1.91 31.17 12.97
CA VAL AA 31 -1.03 30.14 12.42
C VAL AA 31 -1.49 28.76 12.83
N GLY AA 32 -2.47 28.67 13.72
CA GLY AA 32 -3.08 27.40 14.03
C GLY AA 32 -3.90 26.94 12.85
N VAL AA 33 -4.71 27.85 12.32
CA VAL AA 33 -5.51 27.53 11.15
C VAL AA 33 -4.62 27.27 9.95
N ALA AA 34 -3.53 28.01 9.81
CA ALA AA 34 -2.60 27.79 8.72
C ALA AA 34 -2.10 26.35 8.72
N MET AA 35 -1.37 25.95 9.77
CA MET AA 35 -0.84 24.60 9.80
C MET AA 35 -1.94 23.54 9.80
N TYR AA 36 -3.18 23.93 10.01
CA TYR AA 36 -4.28 23.00 9.85
C TYR AA 36 -4.61 22.81 8.38
N ILE AA 37 -4.74 23.90 7.65
CA ILE AA 37 -5.18 23.84 6.25
C ILE AA 37 -4.17 23.08 5.41
N ARG AA 38 -2.88 23.33 5.65
CA ARG AA 38 -1.84 22.66 4.88
C ARG AA 38 -1.78 21.16 5.17
N THR AA 39 -2.40 20.72 6.26
CA THR AA 39 -2.36 19.32 6.69
C THR AA 39 -3.75 18.72 6.75
N LYS AA 40 -4.66 19.31 7.55
CA LYS AA 40 -5.96 18.74 7.90
C LYS AA 40 -5.80 17.45 8.70
N ASN AA 41 -5.28 17.66 9.90
CA ASN AA 41 -5.48 16.78 11.04
C ASN AA 41 -5.91 17.66 12.21
N LEU AA 42 -6.72 17.14 13.11
CA LEU AA 42 -7.06 17.95 14.26
C LEU AA 42 -6.42 17.33 15.49
N LEU AA 43 -5.18 17.70 15.78
CA LEU AA 43 -4.77 18.07 17.10
C LEU AA 43 -4.38 19.53 17.16
N ILE AA 44 -4.26 20.19 16.02
CA ILE AA 44 -3.63 21.50 15.97
C ILE AA 44 -4.61 22.59 16.37
N LEU AA 45 -5.86 22.46 15.92
CA LEU AA 45 -6.88 23.36 16.42
C LEU AA 45 -6.96 23.29 17.94
N LEU AA 46 -6.68 22.12 18.51
CA LEU AA 46 -6.60 22.01 19.95
C LEU AA 46 -5.35 22.68 20.48
N GLY AA 47 -4.36 22.93 19.62
CA GLY AA 47 -3.19 23.65 20.05
C GLY AA 47 -3.48 25.05 20.53
N LEU AA 48 -4.63 25.60 20.14
CA LEU AA 48 -5.02 26.90 20.69
C LEU AA 48 -5.43 26.77 22.15
N VAL AA 49 -6.03 25.64 22.52
CA VAL AA 49 -6.50 25.48 23.89
C VAL AA 49 -5.33 25.47 24.86
N VAL AA 50 -4.22 24.81 24.49
CA VAL AA 50 -3.12 24.73 25.42
C VAL AA 50 -2.43 26.06 25.63
N VAL AA 51 -2.61 27.01 24.72
CA VAL AA 51 -2.10 28.36 24.95
C VAL AA 51 -3.02 29.14 25.88
N ILE AA 52 -4.33 28.89 25.79
CA ILE AA 52 -5.27 29.53 26.69
C ILE AA 52 -4.94 29.19 28.12
N VAL AA 53 -4.82 27.91 28.43
CA VAL AA 53 -4.59 27.50 29.80
C VAL AA 53 -3.18 27.83 30.23
N PHE AA 54 -2.20 27.71 29.34
CA PHE AA 54 -0.81 27.90 29.74
C PHE AA 54 -0.58 29.34 30.21
N THR AA 55 -0.98 30.32 29.40
CA THR AA 55 -0.86 31.70 29.82
C THR AA 55 -1.67 31.96 31.08
N THR AA 56 -2.87 31.39 31.17
CA THR AA 56 -3.70 31.60 32.34
C THR AA 56 -3.02 31.09 33.61
N VAL AA 57 -2.71 29.81 33.65
CA VAL AA 57 -2.06 29.26 34.84
C VAL AA 57 -0.60 29.67 34.93
N GLY AA 58 -0.03 30.20 33.87
CA GLY AA 58 1.33 30.67 33.94
C GLY AA 58 1.43 32.00 34.66
N LEU AA 59 0.56 32.94 34.29
CA LEU AA 59 0.62 34.27 34.86
C LEU AA 59 0.46 34.27 36.37
N THR AA 60 -0.24 33.28 36.92
CA THR AA 60 -0.42 33.25 38.36
C THR AA 60 0.84 32.84 39.10
N PHE AA 61 1.86 32.32 38.41
CA PHE AA 61 3.11 32.00 39.07
C PHE AA 61 4.06 33.18 39.12
N ILE AA 62 3.74 34.29 38.45
CA ILE AA 62 4.62 35.45 38.45
C ILE AA 62 4.80 35.98 39.86
N LYS AA 63 3.72 36.05 40.63
CA LYS AA 63 3.77 36.57 41.98
C LYS AA 63 4.59 35.66 42.90
N ASP BA 1 39.23 38.67 60.04
CA ASP BA 1 37.81 38.84 59.82
C ASP BA 1 37.50 39.11 58.35
N LEU BA 2 36.24 39.39 58.06
CA LEU BA 2 35.82 39.69 56.69
C LEU BA 2 35.80 41.19 56.44
N LEU BA 3 36.10 41.58 55.21
CA LEU BA 3 35.91 42.96 54.77
C LEU BA 3 34.88 43.04 53.65
N ALA BA 4 34.40 44.25 53.39
CA ALA BA 4 33.50 44.50 52.27
C ALA BA 4 32.19 43.73 52.44
N GLY BA 5 32.00 43.17 53.63
CA GLY BA 5 31.22 41.95 53.77
C GLY BA 5 29.79 42.22 54.21
N GLY BA 6 29.56 43.41 54.74
CA GLY BA 6 28.91 44.48 54.00
C GLY BA 6 27.76 45.10 54.76
N LYS BA 7 26.68 45.42 54.05
CA LYS BA 7 25.56 44.50 53.93
C LYS BA 7 25.87 43.36 52.97
N ASP BA 8 25.23 42.22 53.18
CA ASP BA 8 24.21 41.73 52.26
C ASP BA 8 22.87 42.44 52.51
N ASP BA 9 22.37 43.11 51.48
CA ASP BA 9 20.98 42.95 51.05
C ASP BA 9 20.90 42.57 49.57
N VAL BA 10 22.02 42.68 48.88
CA VAL BA 10 22.10 42.22 47.50
C VAL BA 10 21.28 40.96 47.28
N LYS BA 11 21.30 40.08 48.26
CA LYS BA 11 20.45 38.89 48.24
C LYS BA 11 18.98 39.25 48.10
N ALA BA 12 18.50 40.21 48.88
CA ALA BA 12 17.11 40.63 48.77
C ALA BA 12 16.82 41.23 47.41
N THR BA 13 17.82 41.80 46.74
CA THR BA 13 17.60 42.37 45.42
C THR BA 13 17.35 41.28 44.40
N PHE BA 14 18.15 40.22 44.42
CA PHE BA 14 18.01 39.12 43.48
C PHE BA 14 17.24 37.94 44.07
N GLY BA 15 16.73 38.06 45.28
CA GLY BA 15 16.15 36.93 45.99
C GLY BA 15 14.78 36.51 45.52
N ALA BA 16 14.08 35.80 46.40
CA ALA BA 16 12.82 35.13 46.08
C ALA BA 16 11.81 36.06 45.45
N ASP BA 17 11.27 37.00 46.22
CA ASP BA 17 10.37 38.01 45.68
C ASP BA 17 11.21 39.22 45.31
N SER BA 18 11.36 39.46 44.02
CA SER BA 18 12.26 40.48 43.54
C SER BA 18 11.72 41.05 42.24
N PHE BA 19 12.40 42.07 41.72
CA PHE BA 19 12.07 42.57 40.40
C PHE BA 19 12.76 41.73 39.32
N VAL BA 20 14.03 41.37 39.52
CA VAL BA 20 14.75 40.64 38.48
C VAL BA 20 14.28 39.20 38.43
N MET BA 21 13.97 38.60 39.58
CA MET BA 21 13.42 37.26 39.55
C MET BA 21 12.02 37.24 38.96
N MET BA 22 11.36 38.39 38.97
CA MET BA 22 10.03 38.49 38.37
C MET BA 22 10.08 38.63 36.86
N CYS BA 23 11.09 39.34 36.35
CA CYS BA 23 11.20 39.45 34.90
C CYS BA 23 11.86 38.23 34.27
N ILE BA 24 12.77 37.58 34.99
CA ILE BA 24 13.46 36.44 34.40
C ILE BA 24 12.50 35.27 34.27
N ILE BA 25 11.49 35.19 35.12
CA ILE BA 25 10.47 34.16 35.00
C ILE BA 25 9.43 34.49 33.96
N ILE BA 26 9.15 35.78 33.71
CA ILE BA 26 8.11 36.11 32.76
C ILE BA 26 8.62 36.00 31.33
N ALA BA 27 9.94 36.08 31.14
CA ALA BA 27 10.49 35.88 29.82
C ALA BA 27 10.39 34.42 29.41
N GLU BA 28 10.64 33.51 30.36
CA GLU BA 28 10.45 32.08 30.10
C GLU BA 28 9.04 31.79 29.60
N LEU BA 29 8.05 32.48 30.13
CA LEU BA 29 6.68 32.27 29.71
C LEU BA 29 6.47 32.76 28.28
N ILE BA 30 6.95 33.96 27.99
CA ILE BA 30 6.54 34.60 26.74
C ILE BA 30 7.32 34.05 25.56
N VAL BA 31 8.59 33.67 25.75
CA VAL BA 31 9.29 33.03 24.65
C VAL BA 31 9.10 31.53 24.70
N GLY BA 32 8.50 31.01 25.76
CA GLY BA 32 8.14 29.62 25.79
C GLY BA 32 6.98 29.38 24.85
N VAL BA 33 5.97 30.24 24.93
CA VAL BA 33 4.84 30.13 24.02
C VAL BA 33 5.27 30.39 22.59
N ALA BA 34 6.18 31.33 22.38
CA ALA BA 34 6.70 31.62 21.05
C ALA BA 34 7.26 30.35 20.42
N MET BA 35 8.33 29.80 20.99
CA MET BA 35 8.94 28.62 20.41
C MET BA 35 8.00 27.43 20.38
N TYR BA 36 6.88 27.51 21.08
CA TYR BA 36 5.86 26.48 20.97
C TYR BA 36 5.05 26.67 19.70
N ILE BA 37 4.59 27.90 19.45
CA ILE BA 37 3.70 28.15 18.33
C ILE BA 37 4.40 27.86 17.01
N ARG BA 38 5.66 28.26 16.91
CA ARG BA 38 6.43 28.05 15.68
C ARG BA 38 6.69 26.57 15.42
N THR BA 39 6.52 25.72 16.43
CA THR BA 39 6.80 24.29 16.34
C THR BA 39 5.57 23.46 16.62
N LYS BA 40 4.96 23.62 17.80
CA LYS BA 40 3.91 22.75 18.32
C LYS BA 40 4.43 21.33 18.55
N ASN BA 41 5.33 21.26 19.54
CA ASN BA 41 5.59 20.07 20.32
C ASN BA 41 5.54 20.49 21.78
N LEU BA 42 5.14 19.59 22.66
CA LEU BA 42 5.16 19.95 24.07
C LEU BA 42 6.23 19.13 24.75
N LEU BA 43 7.46 19.61 24.74
CA LEU BA 43 8.29 19.66 25.93
C LEU BA 43 8.57 21.08 26.35
N ILE BA 44 8.24 22.06 25.51
CA ILE BA 44 8.72 23.41 25.72
C ILE BA 44 7.86 24.14 26.74
N LEU BA 45 6.55 23.93 26.68
CA LEU BA 45 5.70 24.43 27.75
C LEU BA 45 6.17 23.92 29.10
N LEU BA 46 6.71 22.70 29.12
CA LEU BA 46 7.30 22.19 30.35
C LEU BA 46 8.60 22.90 30.67
N GLY BA 47 9.20 23.56 29.68
CA GLY BA 47 10.41 24.32 29.93
C GLY BA 47 10.20 25.44 30.93
N LEU BA 48 8.95 25.87 31.11
CA LEU BA 48 8.68 26.86 32.16
C LEU BA 48 8.82 26.24 33.54
N VAL BA 49 8.47 24.97 33.68
CA VAL BA 49 8.52 24.33 34.98
C VAL BA 49 9.95 24.26 35.48
N VAL BA 50 10.90 23.94 34.61
CA VAL BA 50 12.28 23.79 35.06
C VAL BA 50 12.90 25.09 35.47
N VAL BA 51 12.34 26.22 35.05
CA VAL BA 51 12.81 27.51 35.55
C VAL BA 51 12.21 27.81 36.91
N ILE BA 52 10.98 27.37 37.15
CA ILE BA 52 10.36 27.54 38.46
C ILE BA 52 11.21 26.87 39.52
N VAL BA 53 11.50 25.59 39.32
CA VAL BA 53 12.23 24.85 40.35
C VAL BA 53 13.68 25.30 40.40
N PHE BA 54 14.29 25.61 39.26
CA PHE BA 54 15.71 25.93 39.25
C PHE BA 54 15.99 27.18 40.08
N THR BA 55 15.26 28.25 39.81
CA THR BA 55 15.42 29.46 40.61
C THR BA 55 15.09 29.19 42.08
N THR BA 56 14.05 28.42 42.33
CA THR BA 56 13.67 28.13 43.70
C THR BA 56 14.77 27.41 44.45
N VAL BA 57 15.18 26.23 43.96
CA VAL BA 57 16.24 25.50 44.64
C VAL BA 57 17.60 26.11 44.41
N GLY BA 58 17.72 27.02 43.45
CA GLY BA 58 18.99 27.69 43.26
C GLY BA 58 19.23 28.74 44.31
N LEU BA 59 18.23 29.59 44.56
CA LEU BA 59 18.39 30.68 45.50
C LEU BA 59 18.77 30.21 46.90
N THR BA 60 18.38 28.99 47.27
CA THR BA 60 18.72 28.51 48.60
C THR BA 60 20.18 28.14 48.74
N PHE BA 61 20.93 28.03 47.63
CA PHE BA 61 22.35 27.77 47.71
C PHE BA 61 23.17 29.03 47.88
N ILE BA 62 22.56 30.21 47.74
CA ILE BA 62 23.30 31.47 47.87
C ILE BA 62 23.92 31.58 49.25
N LYS BA 63 23.18 31.22 50.28
CA LYS BA 63 23.67 31.33 51.64
C LYS BA 63 24.81 30.37 51.90
N ASP CA 1 62.96 34.43 57.50
CA ASP CA 1 61.54 34.40 57.80
C ASP CA 1 60.72 35.01 56.68
N LEU CA 2 59.42 35.15 56.90
CA LEU CA 2 58.53 35.75 55.92
C LEU CA 2 58.31 37.23 56.20
N LEU CA 3 58.14 38.01 55.14
CA LEU CA 3 57.71 39.39 55.27
C LEU CA 3 56.35 39.62 54.62
N ALA CA 4 55.72 40.75 54.93
CA ALA CA 4 54.48 41.13 54.29
C ALA CA 4 53.37 40.14 54.60
N GLY CA 5 53.63 39.22 55.52
CA GLY CA 5 53.05 37.90 55.49
C GLY CA 5 51.85 37.77 56.40
N GLY CA 6 51.74 38.69 57.35
CA GLY CA 6 50.79 39.79 57.25
C GLY CA 6 49.95 39.95 58.49
N LYS CA 7 48.67 40.25 58.29
CA LYS CA 7 47.63 39.23 58.22
C LYS CA 7 47.67 38.49 56.89
N ASP CA 8 47.22 37.25 56.89
CA ASP CA 8 45.98 36.86 56.23
C ASP CA 8 44.78 37.22 57.09
N ASP CA 9 43.90 38.06 56.55
CA ASP CA 9 42.46 37.78 56.55
C ASP CA 9 41.89 37.83 55.14
N VAL CA 10 42.69 38.35 54.20
CA VAL CA 10 42.32 38.34 52.80
C VAL CA 10 41.57 37.07 52.44
N LYS CA 11 41.98 35.94 53.00
CA LYS CA 11 41.26 34.69 52.85
C LYS CA 11 39.82 34.81 53.30
N ALA CA 12 39.58 35.40 54.47
CA ALA CA 12 38.21 35.57 54.93
C ALA CA 12 37.41 36.48 54.02
N THR CA 13 38.09 37.39 53.31
CA THR CA 13 37.38 38.26 52.39
C THR CA 13 36.86 37.49 51.18
N PHE CA 14 37.68 36.64 50.60
CA PHE CA 14 37.30 35.85 49.45
C PHE CA 14 36.88 34.43 49.80
N GLY CA 15 36.81 34.10 51.09
CA GLY CA 15 36.61 32.73 51.52
C GLY CA 15 35.19 32.23 51.38
N ALA CA 16 34.90 31.18 52.14
CA ALA CA 16 33.65 30.41 52.02
C ALA CA 16 32.41 31.30 52.09
N ASP CA 17 32.12 31.85 53.26
CA ASP CA 17 31.02 32.80 53.39
C ASP CA 17 31.60 34.19 53.21
N SER CA 18 31.26 34.82 52.08
CA SER CA 18 31.87 36.09 51.72
C SER CA 18 30.87 36.90 50.92
N PHE CA 19 31.25 38.13 50.59
CA PHE CA 19 30.45 38.92 49.68
C PHE CA 19 30.76 38.58 48.23
N VAL CA 20 32.05 38.41 47.90
CA VAL CA 20 32.40 38.15 46.51
C VAL CA 20 32.05 36.73 46.12
N MET CA 21 32.21 35.78 47.04
CA MET CA 21 31.79 34.43 46.74
C MET CA 21 30.28 34.33 46.64
N MET CA 22 29.56 35.29 47.23
CA MET CA 22 28.10 35.32 47.16
C MET CA 22 27.62 35.89 45.84
N CYS CA 23 28.33 36.88 45.30
CA CYS CA 23 27.91 37.44 44.01
C CYS CA 23 28.41 36.59 42.85
N ILE CA 24 29.56 35.94 42.99
CA ILE CA 24 30.07 35.16 41.86
C ILE CA 24 29.21 33.93 41.64
N ILE CA 25 28.57 33.43 42.70
CA ILE CA 25 27.65 32.30 42.56
C ILE CA 25 26.28 32.74 42.06
N ILE CA 26 25.85 33.96 42.36
CA ILE CA 26 24.52 34.37 41.95
C ILE CA 26 24.51 34.77 40.48
N ALA CA 27 25.66 35.13 39.92
CA ALA CA 27 25.73 35.43 38.51
C ALA CA 27 25.60 34.17 37.68
N GLU CA 28 26.22 33.08 38.15
CA GLU CA 28 26.06 31.78 37.50
C GLU CA 28 24.59 31.40 37.39
N LEU CA 29 23.81 31.71 38.40
CA LEU CA 29 22.39 31.38 38.38
C LEU CA 29 21.67 32.22 37.34
N ILE CA 30 21.92 33.52 37.33
CA ILE CA 30 21.06 34.42 36.56
C ILE CA 30 21.41 34.38 35.09
N VAL CA 31 22.69 34.20 34.74
CA VAL CA 31 23.00 34.04 33.32
C VAL CA 31 22.95 32.58 32.93
N GLY CA 32 22.80 31.68 33.88
CA GLY CA 32 22.56 30.29 33.55
C GLY CA 32 21.18 30.14 32.99
N VAL CA 33 20.20 30.74 33.67
CA VAL CA 33 18.83 30.70 33.17
C VAL CA 33 18.71 31.44 31.85
N ALA CA 34 19.43 32.55 31.70
CA ALA CA 34 19.43 33.30 30.45
C ALA CA 34 19.81 32.40 29.29
N MET CA 35 21.05 31.91 29.28
CA MET CA 35 21.51 31.07 28.18
C MET CA 35 20.70 29.79 28.05
N TYR CA 36 19.90 29.46 29.05
CA TYR CA 36 18.97 28.34 28.91
C TYR CA 36 17.75 28.74 28.09
N ILE CA 37 17.16 29.89 28.43
CA ILE CA 37 15.92 30.29 27.78
C ILE CA 37 16.13 30.53 26.30
N ARG CA 38 17.24 31.17 25.94
CA ARG CA 38 17.54 31.46 24.56
C ARG CA 38 17.80 30.19 23.75
N THR CA 39 18.06 29.06 24.42
CA THR CA 39 18.39 27.81 23.76
C THR CA 39 17.40 26.71 24.12
N LYS CA 40 17.24 26.41 25.41
CA LYS CA 40 16.49 25.25 25.91
C LYS CA 40 17.16 23.95 25.47
N ASN CA 41 18.34 23.76 26.05
CA ASN CA 41 18.95 22.47 26.28
C ASN CA 41 19.38 22.42 27.73
N LEU CA 42 19.37 21.24 28.33
CA LEU CA 42 19.87 21.19 29.70
C LEU CA 42 21.17 20.40 29.70
N LEU CA 43 22.27 21.08 29.48
CA LEU CA 43 23.46 20.91 30.30
C LEU CA 43 23.77 22.19 31.07
N ILE CA 44 23.09 23.28 30.75
CA ILE CA 44 23.52 24.59 31.23
C ILE CA 44 23.02 24.82 32.64
N LEU CA 45 21.79 24.40 32.94
CA LEU CA 45 21.34 24.42 34.32
C LEU CA 45 22.28 23.62 35.20
N LEU CA 46 22.88 22.57 34.65
CA LEU CA 46 23.90 21.85 35.39
C LEU CA 46 25.18 22.64 35.50
N GLY CA 47 25.35 23.67 34.65
CA GLY CA 47 26.51 24.52 34.77
C GLY CA 47 26.59 25.25 36.09
N LEU CA 48 25.46 25.37 36.79
CA LEU CA 48 25.50 25.95 38.13
C LEU CA 48 26.16 24.99 39.11
N VAL CA 49 25.96 23.69 38.91
CA VAL CA 49 26.52 22.72 39.84
C VAL CA 49 28.03 22.76 39.83
N VAL CA 50 28.63 22.89 38.65
CA VAL CA 50 30.08 22.86 38.58
C VAL CA 50 30.72 24.08 39.20
N VAL CA 51 29.97 25.17 39.36
CA VAL CA 51 30.49 26.33 40.10
C VAL CA 51 30.39 26.10 41.59
N ILE CA 52 29.35 25.40 42.03
CA ILE CA 52 29.23 25.06 43.45
C ILE CA 52 30.43 24.26 43.91
N VAL CA 53 30.74 23.18 43.21
CA VAL CA 53 31.81 22.31 43.65
C VAL CA 53 33.16 22.98 43.41
N PHE CA 54 33.31 23.72 42.31
CA PHE CA 54 34.61 24.28 41.97
C PHE CA 54 35.08 25.26 43.04
N THR CA 55 34.22 26.22 43.39
CA THR CA 55 34.57 27.15 44.45
C THR CA 55 34.79 26.41 45.77
N THR CA 56 33.96 25.42 46.06
CA THR CA 56 34.11 24.68 47.30
C THR CA 56 35.45 23.98 47.39
N VAL CA 57 35.74 23.10 46.43
CA VAL CA 57 37.02 22.39 46.46
C VAL CA 57 38.17 23.29 46.04
N GLY CA 58 37.89 24.44 45.46
CA GLY CA 58 38.95 25.36 45.12
C GLY CA 58 39.48 26.08 46.33
N LEU CA 59 38.56 26.62 47.14
CA LEU CA 59 38.96 27.41 48.30
C LEU CA 59 39.84 26.62 49.27
N THR CA 60 39.70 25.30 49.31
CA THR CA 60 40.50 24.52 50.23
C THR CA 60 41.95 24.40 49.78
N PHE CA 61 42.26 24.75 48.53
CA PHE CA 61 43.65 24.74 48.08
C PHE CA 61 44.38 26.03 48.39
N ILE CA 62 43.68 27.05 48.86
CA ILE CA 62 44.32 28.33 49.16
C ILE CA 62 45.39 28.15 50.24
N LYS CA 63 45.07 27.39 51.27
CA LYS CA 63 46.00 27.18 52.37
C LYS CA 63 47.23 26.40 51.91
N ASP DA 1 84.53 35.46 46.49
CA ASP DA 1 83.31 35.08 47.20
C ASP DA 1 82.11 35.84 46.66
N LEU DA 2 80.96 35.66 47.30
CA LEU DA 2 79.75 36.36 46.90
C LEU DA 2 79.53 37.63 47.72
N LEU DA 3 78.95 38.64 47.09
CA LEU DA 3 78.49 39.82 47.80
C LEU DA 3 76.99 39.98 47.71
N ALA DA 4 76.43 40.83 48.56
CA ALA DA 4 75.01 41.16 48.50
C ALA DA 4 74.15 39.94 48.79
N GLY DA 5 74.79 38.86 49.23
CA GLY DA 5 74.32 37.52 48.92
C GLY DA 5 73.54 36.91 50.06
N GLY DA 6 73.70 37.48 51.26
CA GLY DA 6 72.70 38.37 51.83
C GLY DA 6 72.33 38.01 53.25
N LYS DA 7 71.05 38.12 53.56
CA LYS DA 7 70.13 36.99 53.48
C LYS DA 7 69.75 36.70 52.04
N ASP DA 8 69.42 35.44 51.76
CA ASP DA 8 68.06 35.06 51.42
C ASP DA 8 67.20 34.92 52.68
N ASP DA 9 66.13 35.71 52.76
CA ASP DA 9 64.81 35.19 53.10
C ASP DA 9 63.79 35.55 52.03
N VAL DA 10 64.17 36.44 51.13
CA VAL DA 10 63.33 36.78 49.98
C VAL DA 10 62.59 35.56 49.48
N LYS DA 11 63.26 34.42 49.48
CA LYS DA 11 62.62 33.15 49.13
C LYS DA 11 61.43 32.86 50.03
N ALA DA 12 61.57 33.04 51.33
CA ALA DA 12 60.43 32.82 52.22
C ALA DA 12 59.30 33.80 51.96
N THR DA 13 59.63 34.98 51.43
CA THR DA 13 58.57 35.94 51.12
C THR DA 13 57.73 35.47 49.96
N PHE DA 14 58.35 34.99 48.89
CA PHE DA 14 57.65 34.52 47.72
C PHE DA 14 57.48 33.00 47.69
N GLY DA 15 57.89 32.31 48.74
CA GLY DA 15 57.95 30.85 48.73
C GLY DA 15 56.60 30.17 48.88
N ALA DA 16 56.67 28.91 49.29
CA ALA DA 16 55.53 28.00 49.31
C ALA DA 16 54.33 28.59 50.05
N ASP DA 17 54.42 28.72 51.37
CA ASP DA 17 53.38 29.37 52.14
C ASP DA 17 53.75 30.84 52.27
N SER DA 18 53.00 31.70 51.58
CA SER DA 18 53.36 33.10 51.49
C SER DA 18 52.08 33.91 51.36
N PHE DA 19 52.24 35.23 51.36
CA PHE DA 19 51.10 36.10 51.06
C PHE DA 19 50.93 36.26 49.57
N VAL DA 20 52.03 36.43 48.82
CA VAL DA 20 51.89 36.66 47.39
C VAL DA 20 51.52 35.36 46.67
N MET DA 21 52.05 34.23 47.12
CA MET DA 21 51.65 32.97 46.52
C MET DA 21 50.20 32.64 46.88
N MET DA 22 49.68 33.24 47.93
CA MET DA 22 48.29 33.02 48.33
C MET DA 22 47.33 33.87 47.50
N CYS DA 23 47.74 35.08 47.13
CA CYS DA 23 46.86 35.90 46.30
C CYS DA 23 46.98 35.53 44.83
N ILE DA 24 48.15 35.09 44.38
CA ILE DA 24 48.29 34.77 42.96
C ILE DA 24 47.50 33.52 42.62
N ILE DA 25 47.29 32.63 43.59
CA ILE DA 25 46.48 31.45 43.37
C ILE DA 25 44.99 31.76 43.49
N ILE DA 26 44.60 32.74 44.30
CA ILE DA 26 43.19 33.00 44.48
C ILE DA 26 42.64 33.80 43.31
N ALA DA 27 43.50 34.52 42.59
CA ALA DA 27 43.04 35.23 41.40
C ALA DA 27 42.73 34.25 40.27
N GLU DA 28 43.54 33.21 40.15
CA GLU DA 28 43.25 32.14 39.18
C GLU DA 28 41.87 31.55 39.40
N LEU DA 29 41.47 31.41 40.66
CA LEU DA 29 40.17 30.86 40.96
C LEU DA 29 39.06 31.81 40.54
N ILE DA 30 39.20 33.09 40.88
CA ILE DA 30 38.07 33.99 40.77
C ILE DA 30 37.89 34.47 39.33
N VAL DA 31 38.97 34.63 38.57
CA VAL DA 31 38.78 34.94 37.16
C VAL DA 31 38.69 33.67 36.34
N GLY DA 32 38.95 32.51 36.93
CA GLY DA 32 38.72 31.27 36.24
C GLY DA 32 37.23 31.04 36.12
N VAL DA 33 36.51 31.23 37.22
CA VAL DA 33 35.07 31.10 37.19
C VAL DA 33 34.44 32.15 36.30
N ALA DA 34 34.98 33.36 36.32
CA ALA DA 34 34.48 34.42 35.46
C ALA DA 34 34.51 33.99 33.99
N MET DA 35 35.70 33.76 33.44
CA MET DA 35 35.79 33.36 32.04
C MET DA 35 35.08 32.06 31.75
N TYR DA 36 34.70 31.31 32.78
CA TYR DA 36 33.87 30.14 32.57
C TYR DA 36 32.42 30.53 32.35
N ILE DA 37 31.90 31.40 33.21
CA ILE DA 37 30.49 31.74 33.16
C ILE DA 37 30.14 32.45 31.85
N ARG DA 38 31.02 33.34 31.41
CA ARG DA 38 30.79 34.07 30.17
C ARG DA 38 30.85 33.17 28.94
N THR DA 39 31.39 31.97 29.09
CA THR DA 39 31.56 31.03 27.99
C THR DA 39 30.83 29.72 28.24
N LYS DA 40 31.15 29.03 29.34
CA LYS DA 40 30.72 27.67 29.62
C LYS DA 40 31.29 26.68 28.59
N ASN DA 41 32.61 26.55 28.68
CA ASN DA 41 33.34 25.38 28.26
C ASN DA 41 34.26 24.99 29.40
N LEU DA 42 34.55 23.71 29.55
CA LEU DA 42 35.49 23.34 30.59
C LEU DA 42 36.75 22.84 29.93
N LEU DA 43 37.67 23.74 29.63
CA LEU DA 43 39.07 23.57 29.93
C LEU DA 43 39.54 24.60 30.94
N ILE DA 44 38.73 25.60 31.24
CA ILE DA 44 39.20 26.76 31.97
C ILE DA 44 39.21 26.47 33.46
N LEU DA 45 38.19 25.78 33.96
CA LEU DA 45 38.25 25.31 35.34
C LEU DA 45 39.50 24.47 35.56
N LEU DA 46 39.94 23.75 34.53
CA LEU DA 46 41.20 23.04 34.64
C LEU DA 46 42.38 23.98 34.62
N GLY DA 47 42.16 25.22 34.14
CA GLY DA 47 43.23 26.20 34.18
C GLY DA 47 43.71 26.51 35.58
N LEU DA 48 42.90 26.22 36.59
CA LEU DA 48 43.36 26.38 37.96
C LEU DA 48 44.39 25.31 38.31
N VAL DA 49 44.23 24.12 37.77
CA VAL DA 49 45.14 23.04 38.10
C VAL DA 49 46.55 23.35 37.63
N VAL DA 50 46.69 23.93 36.44
CA VAL DA 50 48.02 24.18 35.91
C VAL DA 50 48.75 25.26 36.68
N VAL DA 51 48.03 26.10 37.42
CA VAL DA 51 48.68 27.06 38.31
C VAL DA 51 49.14 26.39 39.59
N ILE DA 52 48.37 25.42 40.07
CA ILE DA 52 48.76 24.66 41.26
C ILE DA 52 50.11 24.01 41.03
N VAL DA 53 50.23 23.23 39.95
CA VAL DA 53 51.46 22.50 39.72
C VAL DA 53 52.58 23.43 39.31
N PHE DA 54 52.27 24.48 38.54
CA PHE DA 54 53.34 25.34 38.02
C PHE DA 54 54.07 26.03 39.15
N THR DA 55 53.33 26.67 40.05
CA THR DA 55 53.96 27.30 41.20
C THR DA 55 54.68 26.27 42.05
N THR DA 56 54.08 25.10 42.24
CA THR DA 56 54.69 24.07 43.05
C THR DA 56 56.03 23.63 42.48
N VAL DA 57 56.03 23.13 41.24
CA VAL DA 57 57.28 22.69 40.63
C VAL DA 57 58.15 23.85 40.21
N GLY DA 58 57.61 25.07 40.17
CA GLY DA 58 58.42 26.21 39.84
C GLY DA 58 59.28 26.64 41.00
N LEU DA 59 58.67 26.74 42.19
CA LEU DA 59 59.40 27.21 43.36
C LEU DA 59 60.60 26.35 43.68
N THR DA 60 60.58 25.08 43.33
CA THR DA 60 61.71 24.22 43.64
C THR DA 60 62.92 24.50 42.74
N PHE DA 61 62.75 25.25 41.65
CA PHE DA 61 63.89 25.62 40.83
C PHE DA 61 64.59 26.87 41.31
N ILE DA 62 64.02 27.57 42.29
CA ILE DA 62 64.64 28.80 42.78
C ILE DA 62 66.02 28.51 43.35
N LYS DA 63 66.14 27.44 44.11
CA LYS DA 63 67.41 27.08 44.73
C LYS DA 63 68.46 26.71 43.69
N ASP EA 1 100.77 43.50 30.41
CA ASP EA 1 99.89 42.73 31.27
C ASP EA 1 98.54 43.39 31.42
N LEU EA 2 97.70 42.83 32.29
CA LEU EA 2 96.37 43.37 32.53
C LEU EA 2 96.37 44.28 33.75
N LEU EA 3 95.53 45.31 33.71
CA LEU EA 3 95.28 46.14 34.88
C LEU EA 3 93.81 46.04 35.32
N ALA EA 4 93.54 46.50 36.53
CA ALA EA 4 92.17 46.57 37.04
C ALA EA 4 91.55 45.17 37.14
N GLY EA 5 92.38 44.15 36.96
CA GLY EA 5 91.93 42.90 36.41
C GLY EA 5 91.65 41.85 37.45
N GLY EA 6 92.17 42.06 38.66
CA GLY EA 6 91.37 42.57 39.77
C GLY EA 6 91.55 41.74 41.03
N LYS EA 7 90.45 41.53 41.75
CA LYS EA 7 89.65 40.32 41.57
C LYS EA 7 88.81 40.40 40.31
N ASP EA 8 88.49 39.24 39.74
CA ASP EA 8 87.13 38.74 39.73
C ASP EA 8 86.77 38.09 41.06
N ASP EA 9 85.75 38.61 41.73
CA ASP EA 9 84.68 37.78 42.26
C ASP EA 9 83.32 38.25 41.76
N VAL EA 10 83.30 39.42 41.14
CA VAL EA 10 82.09 39.92 40.49
C VAL EA 10 81.30 38.78 39.85
N LYS EA 11 82.01 37.83 39.26
CA LYS EA 11 81.39 36.63 38.73
C LYS EA 11 80.60 35.89 39.80
N ALA EA 12 81.18 35.69 40.98
CA ALA EA 12 80.44 35.02 42.05
C ALA EA 12 79.23 35.81 42.49
N THR EA 13 79.26 37.14 42.31
CA THR EA 13 78.11 37.94 42.68
C THR EA 13 76.93 37.69 41.75
N PHE EA 14 77.18 37.66 40.45
CA PHE EA 14 76.14 37.43 39.45
C PHE EA 14 76.08 35.99 38.98
N GLY EA 15 76.88 35.09 39.56
CA GLY EA 15 77.04 33.75 39.05
C GLY EA 15 75.89 32.82 39.36
N ALA EA 16 76.18 31.51 39.29
CA ALA EA 16 75.18 30.46 39.36
C ALA EA 16 74.27 30.58 40.57
N ASP EA 17 74.82 30.34 41.77
CA ASP EA 17 74.06 30.53 43.00
C ASP EA 17 74.36 31.95 43.48
N SER EA 18 73.35 32.81 43.38
CA SER EA 18 73.55 34.22 43.67
C SER EA 18 72.27 34.79 44.22
N PHE EA 19 72.31 36.06 44.62
CA PHE EA 19 71.10 36.76 44.98
C PHE EA 19 70.39 37.32 43.76
N VAL EA 20 71.14 37.89 42.82
CA VAL EA 20 70.49 38.49 41.66
C VAL EA 20 69.99 37.43 40.70
N MET EA 21 70.72 36.33 40.55
CA MET EA 21 70.23 35.25 39.73
C MET EA 21 69.03 34.57 40.38
N MET EA 22 68.86 34.73 41.68
CA MET EA 22 67.72 34.16 42.39
C MET EA 22 66.48 35.02 42.23
N CYS EA 23 66.64 36.35 42.18
CA CYS EA 23 65.48 37.20 41.99
C CYS EA 23 65.10 37.31 40.51
N ILE EA 24 66.06 37.22 39.60
CA ILE EA 24 65.72 37.36 38.19
C ILE EA 24 64.94 36.15 37.71
N ILE EA 25 65.17 35.00 38.34
CA ILE EA 25 64.41 33.80 38.01
C ILE EA 25 63.03 33.78 38.68
N ILE EA 26 62.89 34.41 39.83
CA ILE EA 26 61.61 34.35 40.53
C ILE EA 26 60.63 35.34 39.93
N ALA EA 27 61.13 36.37 39.25
CA ALA EA 27 60.24 37.30 38.58
C ALA EA 27 59.62 36.65 37.35
N GLU EA 28 60.41 35.86 36.63
CA GLU EA 28 59.88 35.10 35.51
C GLU EA 28 58.70 34.22 35.93
N LEU EA 29 58.78 33.65 37.12
CA LEU EA 29 57.71 32.80 37.61
C LEU EA 29 56.46 33.63 37.89
N ILE EA 30 56.62 34.76 38.59
CA ILE EA 30 55.46 35.43 39.13
C ILE EA 30 54.76 36.26 38.07
N VAL EA 31 55.49 36.82 37.11
CA VAL EA 31 54.80 37.50 36.01
C VAL EA 31 54.52 36.54 34.88
N GLY EA 32 55.04 35.33 34.94
CA GLY EA 32 54.67 34.31 33.99
C GLY EA 32 53.26 33.86 34.26
N VAL EA 33 52.96 33.59 35.54
CA VAL EA 33 51.61 33.22 35.91
C VAL EA 33 50.64 34.36 35.65
N ALA EA 34 51.06 35.59 35.91
CA ALA EA 34 50.22 36.75 35.65
C ALA EA 34 49.76 36.76 34.20
N MET EA 35 50.70 36.91 33.26
CA MET EA 35 50.33 36.98 31.85
C MET EA 35 49.64 35.71 31.37
N TYR EA 36 49.70 34.64 32.16
CA TYR EA 36 48.95 33.45 31.83
C TYR EA 36 47.48 33.62 32.22
N ILE EA 37 47.24 34.09 33.43
CA ILE EA 37 45.87 34.18 33.94
C ILE EA 37 45.06 35.15 33.12
N ARG EA 38 45.64 36.28 32.75
CA ARG EA 38 44.95 37.28 31.96
C ARG EA 38 44.63 36.80 30.56
N THR EA 39 45.28 35.73 30.11
CA THR EA 39 45.12 35.20 28.75
C THR EA 39 44.62 33.76 28.78
N LYS EA 40 45.35 32.86 29.42
CA LYS EA 40 45.14 31.41 29.35
C LYS EA 40 45.38 30.88 27.94
N ASN EA 41 46.65 30.98 27.57
CA ASN EA 41 47.28 30.13 26.57
C ASN EA 41 48.56 29.60 27.18
N LEU EA 42 48.97 28.40 26.78
CA LEU EA 42 50.24 27.92 27.30
C LEU EA 42 51.23 27.87 26.15
N LEU EA 43 51.91 28.97 25.90
CA LEU EA 43 53.34 28.97 25.69
C LEU EA 43 54.06 29.72 26.78
N ILE EA 44 53.33 30.43 27.63
CA ILE EA 44 53.95 31.39 28.53
C ILE EA 44 54.50 30.70 29.75
N LEU EA 45 53.77 29.71 30.28
CA LEU EA 45 54.34 28.89 31.33
C LEU EA 45 55.64 28.26 30.87
N LEU EA 46 55.75 27.97 29.58
CA LEU EA 46 57.01 27.48 29.04
C LEU EA 46 58.04 28.60 28.97
N GLY EA 47 57.59 29.86 29.04
CA GLY EA 47 58.52 30.96 29.06
C GLY EA 47 59.44 30.93 30.27
N LEU EA 48 59.06 30.21 31.32
CA LEU EA 48 59.96 30.05 32.45
C LEU EA 48 61.12 29.13 32.10
N VAL EA 49 60.86 28.14 31.25
CA VAL EA 49 61.91 27.19 30.91
C VAL EA 49 63.03 27.88 30.16
N VAL EA 50 62.71 28.78 29.24
CA VAL EA 50 63.75 29.42 28.45
C VAL EA 50 64.62 30.34 29.28
N VAL EA 51 64.15 30.78 30.43
CA VAL EA 51 65.00 31.54 31.34
C VAL EA 51 65.92 30.62 32.13
N ILE EA 52 65.44 29.43 32.47
CA ILE EA 52 66.28 28.45 33.14
C ILE EA 52 67.50 28.14 32.30
N VAL EA 53 67.29 27.76 31.06
CA VAL EA 53 68.40 27.35 30.22
C VAL EA 53 69.25 28.55 29.83
N PHE EA 54 68.62 29.70 29.58
CA PHE EA 54 69.37 30.84 29.08
C PHE EA 54 70.40 31.30 30.09
N THR EA 55 69.98 31.51 31.33
CA THR EA 55 70.93 31.88 32.38
C THR EA 55 71.98 30.79 32.56
N THR EA 56 71.55 29.53 32.52
CA THR EA 56 72.49 28.43 32.72
C THR EA 56 73.57 28.43 31.64
N VAL EA 57 73.17 28.33 30.38
CA VAL EA 57 74.16 28.31 29.31
C VAL EA 57 74.74 29.68 29.05
N GLY EA 58 74.13 30.74 29.59
CA GLY EA 58 74.68 32.06 29.43
C GLY EA 58 75.87 32.27 30.34
N LEU EA 59 75.72 31.91 31.61
CA LEU EA 59 76.77 32.15 32.59
C LEU EA 59 78.07 31.46 32.22
N THR EA 60 78.01 30.36 31.49
CA THR EA 60 79.24 29.66 31.12
C THR EA 60 80.03 30.40 30.05
N PHE EA 61 79.44 31.40 29.38
CA PHE EA 61 80.18 32.19 28.42
C PHE EA 61 80.92 33.36 29.05
N ILE EA 62 80.68 33.63 30.34
CA ILE EA 62 81.34 34.75 31.00
C ILE EA 62 82.85 34.57 30.98
N LYS EA 63 83.31 33.35 31.25
CA LYS EA 63 84.75 33.06 31.30
C LYS EA 63 85.38 33.20 29.93
N ASP FA 1 109.73 58.67 13.76
CA ASP FA 1 109.28 57.54 14.55
C ASP FA 1 108.01 57.86 15.31
N LEU FA 2 107.57 56.93 16.15
CA LEU FA 2 106.39 57.13 16.97
C LEU FA 2 106.74 57.64 18.36
N LEU FA 3 105.88 58.47 18.92
CA LEU FA 3 105.98 58.85 20.32
C LEU FA 3 104.78 58.37 21.14
N ALA FA 4 104.91 58.40 22.45
CA ALA FA 4 103.81 58.07 23.34
C ALA FA 4 103.37 56.62 23.16
N GLY FA 5 104.15 55.86 22.41
CA GLY FA 5 103.62 54.76 21.62
C GLY FA 5 103.79 53.42 22.30
N GLY FA 6 104.69 53.37 23.28
CA GLY FA 6 104.30 53.38 24.68
C GLY FA 6 104.96 52.26 25.47
N LYS FA 7 104.20 51.66 26.37
CA LYS FA 7 103.47 50.43 26.07
C LYS FA 7 102.24 50.73 25.23
N ASP FA 8 101.83 49.74 24.43
CA ASP FA 8 100.59 49.03 24.68
C ASP FA 8 100.77 47.96 25.75
N ASP FA 9 100.01 48.07 26.84
CA ASP FA 9 99.26 46.94 27.37
C ASP FA 9 97.78 47.29 27.49
N VAL FA 10 97.46 48.57 27.33
CA VAL FA 10 96.07 49.01 27.30
C VAL FA 10 95.18 47.98 26.59
N LYS FA 11 95.71 47.38 25.53
CA LYS FA 11 95.03 46.30 24.84
C LYS FA 11 94.71 45.15 25.79
N ALA FA 12 95.69 44.72 26.60
CA ALA FA 12 95.42 43.66 27.54
C ALA FA 12 94.38 44.05 28.58
N THR FA 13 94.26 45.35 28.87
CA THR FA 13 93.25 45.79 29.82
C THR FA 13 91.84 45.62 29.26
N PHE FA 14 91.63 46.01 28.02
CA PHE FA 14 90.33 45.90 27.38
C PHE FA 14 90.20 44.66 26.49
N GLY FA 15 91.22 43.81 26.46
CA GLY FA 15 91.28 42.72 25.50
C GLY FA 15 90.38 41.55 25.83
N ALA FA 16 90.72 40.40 25.24
CA ALA FA 16 89.88 39.21 25.25
C ALA FA 16 89.46 38.80 26.65
N ASP FA 17 90.40 38.32 27.46
CA ASP FA 17 90.11 38.02 28.86
C ASP FA 17 90.45 39.25 29.68
N SER FA 18 89.43 39.91 30.19
CA SER FA 18 89.60 41.19 30.85
C SER FA 18 88.55 41.34 31.94
N PHE FA 19 88.65 42.43 32.69
CA PHE FA 19 87.59 42.76 33.63
C PHE FA 19 86.46 43.51 32.95
N VAL FA 20 86.80 44.45 32.06
CA VAL FA 20 85.74 45.24 31.44
C VAL FA 20 85.01 44.43 30.38
N MET FA 21 85.72 43.57 29.66
CA MET FA 21 85.06 42.69 28.72
C MET FA 21 84.21 41.66 29.43
N MET FA 22 84.50 41.40 30.70
CA MET FA 22 83.72 40.46 31.49
C MET FA 22 82.43 41.09 32.02
N CYS FA 23 82.48 42.38 32.37
CA CYS FA 23 81.26 43.03 32.84
C CYS FA 23 80.38 43.48 31.68
N ILE FA 24 80.97 43.85 30.55
CA ILE FA 24 80.16 44.33 29.45
C ILE FA 24 79.35 43.18 28.85
N ILE FA 25 79.85 41.96 28.95
CA ILE FA 25 79.11 40.80 28.49
C ILE FA 25 78.06 40.34 29.51
N ILE FA 26 78.29 40.56 30.79
CA ILE FA 26 77.34 40.08 31.79
C ILE FA 26 76.14 41.00 31.88
N ALA FA 27 76.30 42.27 31.47
CA ALA FA 27 75.17 43.17 31.46
C ALA FA 27 74.20 42.81 30.33
N GLU FA 28 74.75 42.41 29.18
CA GLU FA 28 73.91 41.93 28.09
C GLU FA 28 73.03 40.77 28.53
N LEU FA 29 73.56 39.90 29.39
CA LEU FA 29 72.79 38.78 29.87
C LEU FA 29 71.66 39.24 30.78
N ILE FA 30 71.98 40.12 31.72
CA ILE FA 30 71.03 40.40 32.79
C ILE FA 30 69.94 41.35 32.34
N VAL FA 31 70.26 42.30 31.45
CA VAL FA 31 69.18 43.12 30.92
C VAL FA 31 68.58 42.50 29.67
N GLY FA 32 69.18 41.44 29.16
CA GLY FA 32 68.58 40.70 28.09
C GLY FA 32 67.38 39.93 28.61
N VAL FA 33 67.57 39.26 29.75
CA VAL FA 33 66.47 38.55 30.37
C VAL FA 33 65.39 39.53 30.83
N ALA FA 34 65.78 40.69 31.34
CA ALA FA 34 64.83 41.70 31.75
C ALA FA 34 63.89 42.05 30.60
N MET FA 35 64.42 42.64 29.53
CA MET FA 35 63.58 43.04 28.41
C MET FA 35 62.87 41.86 27.78
N TYR FA 36 63.28 40.64 28.09
CA TYR FA 36 62.53 39.47 27.64
C TYR FA 36 61.28 39.27 28.49
N ILE FA 37 61.45 39.31 29.80
CA ILE FA 37 60.35 38.99 30.71
C ILE FA 37 59.22 40.01 30.55
N ARG FA 38 59.58 41.28 30.42
CA ARG FA 38 58.57 42.32 30.27
C ARG FA 38 57.82 42.23 28.95
N THR FA 39 58.35 41.47 27.99
CA THR FA 39 57.75 41.33 26.67
C THR FA 39 57.40 39.89 26.35
N LYS FA 40 58.37 38.98 26.40
CA LYS FA 40 58.25 37.60 25.92
C LYS FA 40 58.02 37.56 24.41
N ASN FA 41 59.08 37.99 23.71
CA ASN FA 41 59.36 37.59 22.35
C ASN FA 41 60.81 37.15 22.33
N LEU FA 42 61.15 36.21 21.44
CA LEU FA 42 62.54 35.85 21.36
C LEU FA 42 63.07 36.30 20.01
N LEU FA 43 63.55 37.53 19.94
CA LEU FA 43 64.80 37.86 19.31
C LEU FA 43 65.81 38.37 20.32
N ILE FA 44 65.37 38.66 21.54
CA ILE FA 44 66.20 39.41 22.47
C ILE FA 44 67.19 38.50 23.16
N LEU FA 45 66.76 37.30 23.52
CA LEU FA 45 67.72 36.31 24.00
C LEU FA 45 68.82 36.10 22.98
N LEU FA 46 68.48 36.21 21.69
CA LEU FA 46 69.51 36.14 20.67
C LEU FA 46 70.37 37.39 20.67
N GLY FA 47 69.88 38.47 21.28
CA GLY FA 47 70.69 39.68 21.39
C GLY FA 47 71.97 39.46 22.16
N LEU FA 48 72.03 38.41 22.99
CA LEU FA 48 73.28 38.09 23.66
C LEU FA 48 74.29 37.54 22.67
N VAL FA 49 73.83 36.80 21.67
CA VAL FA 49 74.76 36.20 20.72
C VAL FA 49 75.50 37.27 19.94
N VAL FA 50 74.81 38.33 19.53
CA VAL FA 50 75.46 39.34 18.71
C VAL FA 50 76.50 40.12 19.49
N VAL FA 51 76.44 40.11 20.82
CA VAL FA 51 77.49 40.72 21.61
C VAL FA 51 78.69 39.79 21.72
N ILE FA 52 78.45 38.49 21.77
CA ILE FA 52 79.54 37.53 21.80
C ILE FA 52 80.41 37.70 20.56
N VAL FA 53 79.80 37.66 19.39
CA VAL FA 53 80.58 37.72 18.17
C VAL FA 53 81.14 39.12 17.95
N PHE FA 54 80.39 40.16 18.31
CA PHE FA 54 80.83 41.50 18.02
C PHE FA 54 82.12 41.83 18.76
N THR FA 55 82.15 41.60 20.07
CA THR FA 55 83.37 41.81 20.82
C THR FA 55 84.49 40.91 20.31
N THR FA 56 84.17 39.66 19.98
CA THR FA 56 85.20 38.75 19.50
C THR FA 56 85.83 39.25 18.20
N VAL FA 57 85.02 39.44 17.16
CA VAL FA 57 85.56 39.93 15.90
C VAL FA 57 85.92 41.40 15.95
N GLY FA 58 85.46 42.11 16.97
CA GLY FA 58 85.84 43.50 17.10
C GLY FA 58 87.25 43.65 17.61
N LEU FA 59 87.57 42.92 18.68
CA LEU FA 59 88.88 43.04 19.30
C LEU FA 59 90.02 42.74 18.34
N THR FA 60 89.78 41.91 17.34
CA THR FA 60 90.85 41.59 16.40
C THR FA 60 91.16 42.73 15.45
N PHE FA 61 90.31 43.76 15.37
CA PHE FA 61 90.61 44.91 14.55
C PHE FA 61 91.44 45.95 15.28
N ILE FA 62 91.64 45.79 16.58
CA ILE FA 62 92.41 46.78 17.34
C ILE FA 62 93.83 46.87 16.80
N LYS FA 63 94.45 45.74 16.50
CA LYS FA 63 95.81 45.71 16.01
C LYS FA 63 95.92 46.36 14.64
N ASP GA 1 -60.25 -43.24 22.44
CA ASP GA 1 -61.54 -43.03 21.82
C ASP GA 1 -61.45 -43.15 20.31
N LEU GA 2 -62.56 -42.85 19.63
CA LEU GA 2 -62.61 -42.89 18.17
C LEU GA 2 -62.38 -41.49 17.59
N LEU GA 3 -61.74 -41.45 16.43
CA LEU GA 3 -61.64 -40.22 15.65
C LEU GA 3 -62.36 -40.35 14.31
N ALA GA 4 -62.60 -39.23 13.66
CA ALA GA 4 -63.17 -39.22 12.32
C ALA GA 4 -64.57 -39.82 12.31
N GLY GA 5 -65.11 -40.06 13.50
CA GLY GA 5 -66.05 -41.15 13.71
C GLY GA 5 -67.49 -40.68 13.69
N GLY GA 6 -67.70 -39.39 13.86
CA GLY GA 6 -68.00 -38.50 12.74
C GLY GA 6 -69.22 -37.63 13.01
N LYS GA 7 -70.05 -37.44 11.99
CA LYS GA 7 -71.22 -38.28 11.79
C LYS GA 7 -70.83 -39.64 11.22
N ASP GA 8 -71.65 -40.65 11.51
CA ASP GA 8 -72.47 -41.29 10.50
C ASP GA 8 -73.73 -40.47 10.22
N ASP GA 9 -73.87 -40.04 8.97
CA ASP GA 9 -75.14 -40.23 8.25
C ASP GA 9 -74.91 -40.96 6.93
N VAL GA 10 -73.65 -41.10 6.54
CA VAL GA 10 -73.28 -41.89 5.37
C VAL GA 10 -74.19 -43.11 5.24
N LYS GA 11 -74.52 -43.73 6.37
CA LYS GA 11 -75.49 -44.82 6.39
C LYS GA 11 -76.82 -44.40 5.80
N ALA GA 12 -77.34 -43.25 6.19
CA ALA GA 12 -78.60 -42.79 5.62
C ALA GA 12 -78.49 -42.53 4.13
N THR GA 13 -77.28 -42.21 3.64
CA THR GA 13 -77.11 -41.99 2.21
C THR GA 13 -77.25 -43.28 1.44
N PHE GA 14 -76.61 -44.35 1.90
CA PHE GA 14 -76.68 -45.64 1.24
C PHE GA 14 -77.70 -46.58 1.85
N GLY GA 15 -78.47 -46.13 2.84
CA GLY GA 15 -79.33 -47.00 3.61
C GLY GA 15 -80.59 -47.43 2.90
N ALA GA 16 -81.57 -47.86 3.70
CA ALA GA 16 -82.79 -48.51 3.23
C ALA GA 16 -83.50 -47.69 2.15
N ASP GA 17 -84.07 -46.56 2.53
CA ASP GA 17 -84.69 -45.66 1.55
C ASP GA 17 -83.63 -44.65 1.15
N SER GA 18 -83.15 -44.76 -0.09
CA SER GA 18 -82.03 -43.95 -0.53
C SER GA 18 -82.18 -43.69 -2.02
N PHE GA 19 -81.27 -42.88 -2.55
CA PHE GA 19 -81.21 -42.72 -4.00
C PHE GA 19 -80.39 -43.83 -4.64
N VAL GA 20 -79.27 -44.20 -4.03
CA VAL GA 20 -78.42 -45.23 -4.65
C VAL GA 20 -79.05 -46.60 -4.49
N MET GA 21 -79.68 -46.87 -3.36
CA MET GA 21 -80.38 -48.14 -3.22
C MET GA 21 -81.59 -48.21 -4.14
N MET GA 22 -82.09 -47.06 -4.58
CA MET GA 22 -83.22 -47.03 -5.49
C MET GA 22 -82.78 -47.27 -6.93
N CYS GA 23 -81.60 -46.80 -7.32
CA CYS GA 23 -81.13 -47.06 -8.67
C CYS GA 23 -80.50 -48.44 -8.80
N ILE GA 24 -79.87 -48.94 -7.74
CA ILE GA 24 -79.22 -50.24 -7.85
C ILE GA 24 -80.25 -51.34 -7.97
N ILE GA 25 -81.45 -51.13 -7.41
CA ILE GA 25 -82.52 -52.09 -7.55
C ILE GA 25 -83.24 -51.97 -8.89
N ILE GA 26 -83.29 -50.79 -9.48
CA ILE GA 26 -84.02 -50.62 -10.72
C ILE GA 26 -83.20 -51.13 -11.89
N ALA GA 27 -81.88 -51.19 -11.76
CA ALA GA 27 -81.05 -51.75 -12.81
C ALA GA 27 -81.22 -53.26 -12.88
N GLU GA 28 -81.35 -53.91 -11.72
CA GLU GA 28 -81.64 -55.33 -11.68
C GLU GA 28 -82.90 -55.66 -12.45
N LEU GA 29 -83.90 -54.79 -12.37
CA LEU GA 29 -85.15 -55.03 -13.08
C LEU GA 29 -84.95 -54.89 -14.58
N ILE GA 30 -84.27 -53.84 -15.01
CA ILE GA 30 -84.28 -53.51 -16.43
C ILE GA 30 -83.32 -54.39 -17.21
N VAL GA 31 -82.19 -54.79 -16.61
CA VAL GA 31 -81.33 -55.73 -17.31
C VAL GA 31 -81.71 -57.16 -16.98
N GLY GA 32 -82.61 -57.35 -16.02
CA GLY GA 32 -83.14 -58.67 -15.76
C GLY GA 32 -84.06 -59.06 -16.90
N VAL GA 33 -84.94 -58.13 -17.28
CA VAL GA 33 -85.83 -58.40 -18.40
C VAL GA 33 -85.05 -58.54 -19.69
N ALA GA 34 -84.00 -57.74 -19.86
CA ALA GA 34 -83.14 -57.84 -21.03
C ALA GA 34 -82.61 -59.26 -21.20
N MET GA 35 -81.78 -59.72 -20.26
CA MET GA 35 -81.21 -61.06 -20.37
C MET GA 35 -82.27 -62.13 -20.37
N TYR GA 36 -83.50 -61.81 -20.02
CA TYR GA 36 -84.58 -62.77 -20.17
C TYR GA 36 -85.04 -62.86 -21.61
N ILE GA 37 -85.25 -61.70 -22.25
CA ILE GA 37 -85.82 -61.68 -23.59
C ILE GA 37 -84.87 -62.34 -24.57
N ARG GA 38 -83.57 -62.06 -24.44
CA ARG GA 38 -82.57 -62.63 -25.33
C ARG GA 38 -82.45 -64.15 -25.16
N THR GA 39 -82.96 -64.69 -24.06
CA THR GA 39 -82.84 -66.11 -23.76
C THR GA 39 -84.21 -66.77 -23.62
N LYS GA 40 -85.05 -66.27 -22.71
CA LYS GA 40 -86.30 -66.91 -22.31
C LYS GA 40 -86.03 -68.26 -21.62
N ASN GA 41 -85.41 -68.13 -20.46
CA ASN GA 41 -85.49 -69.09 -19.37
C ASN GA 41 -85.84 -68.32 -18.12
N LEU GA 42 -86.55 -68.95 -17.19
CA LEU GA 42 -86.82 -68.24 -15.95
C LEU GA 42 -86.06 -68.93 -14.84
N LEU GA 43 -84.82 -68.54 -14.63
CA LEU GA 43 -84.30 -68.26 -13.31
C LEU GA 43 -83.94 -66.79 -13.17
N ILE GA 44 -83.94 -66.04 -14.27
CA ILE GA 44 -83.36 -64.71 -14.26
C ILE GA 44 -84.34 -63.69 -13.70
N LEU GA 45 -85.62 -63.83 -14.04
CA LEU GA 45 -86.61 -63.02 -13.38
C LEU GA 45 -86.55 -63.20 -11.88
N LEU GA 46 -86.19 -64.40 -11.43
CA LEU GA 46 -85.98 -64.62 -10.01
C LEU GA 46 -84.71 -63.95 -9.54
N GLY GA 47 -83.81 -63.60 -10.46
CA GLY GA 47 -82.62 -62.87 -10.08
C GLY GA 47 -82.92 -61.52 -9.45
N LEU GA 48 -84.11 -60.98 -9.70
CA LEU GA 48 -84.49 -59.75 -9.03
C LEU GA 48 -84.77 -60.01 -7.56
N VAL GA 49 -85.29 -61.18 -7.22
CA VAL GA 49 -85.63 -61.46 -5.84
C VAL GA 49 -84.39 -61.50 -4.98
N VAL GA 50 -83.31 -62.09 -5.48
CA VAL GA 50 -82.11 -62.22 -4.65
C VAL GA 50 -81.45 -60.88 -4.40
N VAL GA 51 -81.73 -59.86 -5.20
CA VAL GA 51 -81.25 -58.52 -4.92
C VAL GA 51 -82.10 -57.85 -3.86
N ILE GA 52 -83.41 -58.13 -3.86
CA ILE GA 52 -84.30 -57.60 -2.83
C ILE GA 52 -83.81 -58.04 -1.45
N VAL GA 53 -83.65 -59.34 -1.27
CA VAL GA 53 -83.28 -59.84 0.04
C VAL GA 53 -81.85 -59.49 0.38
N PHE GA 54 -80.95 -59.51 -0.61
CA PHE GA 54 -79.54 -59.29 -0.31
C PHE GA 54 -79.30 -57.90 0.24
N THR GA 55 -79.81 -56.88 -0.44
CA THR GA 55 -79.69 -55.53 0.07
C THR GA 55 -80.39 -55.40 1.43
N THR GA 56 -81.56 -56.01 1.57
CA THR GA 56 -82.30 -55.92 2.82
C THR GA 56 -81.50 -56.50 3.98
N VAL GA 57 -81.13 -57.78 3.89
CA VAL GA 57 -80.38 -58.39 4.97
C VAL GA 57 -78.93 -57.94 4.98
N GLY GA 58 -78.46 -57.31 3.90
CA GLY GA 58 -77.12 -56.79 3.89
C GLY GA 58 -76.99 -55.53 4.71
N LEU GA 59 -77.92 -54.59 4.49
CA LEU GA 59 -77.85 -53.29 5.17
C LEU GA 59 -77.88 -53.42 6.67
N THR GA 60 -78.50 -54.48 7.20
CA THR GA 60 -78.56 -54.64 8.65
C THR GA 60 -77.22 -55.06 9.25
N PHE GA 61 -76.25 -55.48 8.43
CA PHE GA 61 -74.93 -55.80 8.95
C PHE GA 61 -74.02 -54.59 9.03
N ILE GA 62 -74.43 -53.45 8.47
CA ILE GA 62 -73.59 -52.25 8.49
C ILE GA 62 -73.30 -51.84 9.93
N LYS GA 63 -74.31 -51.86 10.78
CA LYS GA 63 -74.16 -51.46 12.17
C LYS GA 63 -73.23 -52.40 12.92
N ASP HA 1 -37.33 -49.49 27.25
CA ASP HA 1 -38.77 -49.36 27.17
C ASP HA 1 -39.22 -48.99 25.76
N LEU HA 2 -40.50 -48.73 25.61
CA LEU HA 2 -41.05 -48.34 24.31
C LEU HA 2 -41.15 -46.82 24.18
N LEU HA 3 -40.96 -46.32 22.96
CA LEU HA 3 -41.22 -44.92 22.66
C LEU HA 3 -42.35 -44.79 21.64
N ALA HA 4 -42.88 -43.58 21.51
CA ALA HA 4 -43.89 -43.29 20.49
C ALA HA 4 -45.16 -44.10 20.72
N GLY HA 5 -45.23 -44.77 21.86
CA GLY HA 5 -45.96 -46.02 21.97
C GLY HA 5 -47.34 -45.83 22.55
N GLY HA 6 -47.56 -44.70 23.21
CA GLY HA 6 -48.31 -43.60 22.61
C GLY HA 6 -49.40 -43.08 23.51
N LYS HA 7 -50.55 -42.75 22.92
CA LYS HA 7 -51.66 -43.70 22.82
C LYS HA 7 -51.40 -44.74 21.74
N ASP HA 8 -51.98 -45.91 21.91
CA ASP HA 8 -53.06 -46.37 21.05
C ASP HA 8 -54.40 -45.74 21.46
N ASP HA 9 -55.00 -45.00 20.54
CA ASP HA 9 -56.42 -45.19 20.22
C ASP HA 9 -56.62 -45.45 18.74
N VAL HA 10 -55.57 -45.24 17.95
CA VAL HA 10 -55.58 -45.59 16.54
C VAL HA 10 -56.39 -46.85 16.28
N LYS HA 11 -56.26 -47.82 17.19
CA LYS HA 11 -57.08 -49.03 17.15
C LYS HA 11 -58.55 -48.71 17.17
N ALA HA 12 -58.98 -47.83 18.06
CA ALA HA 12 -60.39 -47.46 18.10
C ALA HA 12 -60.83 -46.76 16.81
N THR HA 13 -59.90 -46.11 16.12
CA THR HA 13 -60.25 -45.44 14.87
C THR HA 13 -60.57 -46.46 13.78
N PHE HA 14 -59.74 -47.49 13.65
CA PHE HA 14 -59.93 -48.51 12.64
C PHE HA 14 -60.60 -49.77 13.20
N GLY HA 15 -61.01 -49.76 14.46
CA GLY HA 15 -61.48 -50.96 15.12
C GLY HA 15 -62.89 -51.39 14.73
N ALA HA 16 -63.48 -52.20 15.61
CA ALA HA 16 -64.75 -52.88 15.34
C ALA HA 16 -65.84 -51.94 14.88
N ASP HA 17 -66.34 -51.08 15.77
CA ASP HA 17 -67.30 -50.06 15.40
C ASP HA 17 -66.53 -48.81 15.05
N SER HA 18 -66.50 -48.46 13.77
CA SER HA 18 -65.67 -47.37 13.29
C SER HA 18 -66.35 -46.72 12.11
N PHE HA 19 -65.74 -45.65 11.61
CA PHE HA 19 -66.19 -45.06 10.36
C PHE HA 19 -65.59 -45.77 9.17
N VAL HA 20 -64.30 -46.10 9.23
CA VAL HA 20 -63.65 -46.72 8.08
C VAL HA 20 -64.09 -48.17 7.95
N MET HA 21 -64.27 -48.87 9.07
CA MET HA 21 -64.78 -50.23 8.98
C MET HA 21 -66.22 -50.25 8.52
N MET HA 22 -66.93 -49.13 8.66
CA MET HA 22 -68.30 -49.04 8.20
C MET HA 22 -68.38 -48.77 6.71
N CYS HA 23 -67.45 -48.00 6.15
CA CYS HA 23 -67.47 -47.76 4.72
C CYS HA 23 -66.82 -48.91 3.95
N ILE HA 24 -65.83 -49.58 4.53
CA ILE HA 24 -65.17 -50.64 3.80
C ILE HA 24 -66.10 -51.84 3.65
N ILE HA 25 -67.03 -52.01 4.58
CA ILE HA 25 -68.03 -53.07 4.47
C ILE HA 25 -69.17 -52.69 3.54
N ILE HA 26 -69.50 -51.41 3.42
CA ILE HA 26 -70.62 -51.03 2.60
C ILE HA 26 -70.24 -51.02 1.13
N ALA HA 27 -68.96 -50.88 0.83
CA ALA HA 27 -68.52 -50.95 -0.56
C ALA HA 27 -68.60 -52.38 -1.07
N GLU HA 28 -68.25 -53.35 -0.22
CA GLU HA 28 -68.42 -54.75 -0.58
C GLU HA 28 -69.85 -55.06 -0.97
N LEU HA 29 -70.80 -54.45 -0.30
CA LEU HA 29 -72.21 -54.68 -0.62
C LEU HA 29 -72.56 -54.09 -1.98
N ILE HA 30 -72.14 -52.85 -2.22
CA ILE HA 30 -72.68 -52.13 -3.37
C ILE HA 30 -71.98 -52.56 -4.65
N VAL HA 31 -70.69 -52.90 -4.60
CA VAL HA 31 -70.07 -53.44 -5.80
C VAL HA 31 -70.21 -54.94 -5.86
N GLY HA 32 -70.71 -55.56 -4.80
CA GLY HA 32 -71.02 -56.96 -4.86
C GLY HA 32 -72.24 -57.17 -5.71
N VAL HA 33 -73.27 -56.35 -5.47
CA VAL HA 33 -74.47 -56.43 -6.28
C VAL HA 33 -74.18 -56.05 -7.72
N ALA HA 34 -73.31 -55.06 -7.93
CA ALA HA 34 -72.92 -54.66 -9.28
C ALA HA 34 -72.38 -55.85 -10.05
N MET HA 35 -71.25 -56.40 -9.63
CA MET HA 35 -70.66 -57.52 -10.34
C MET HA 35 -71.57 -58.73 -10.39
N TYR HA 36 -72.62 -58.74 -9.58
CA TYR HA 36 -73.62 -59.80 -9.70
C TYR HA 36 -74.55 -59.54 -10.88
N ILE HA 37 -75.05 -58.32 -10.98
CA ILE HA 37 -76.05 -58.01 -12.00
C ILE HA 37 -75.46 -58.16 -13.39
N ARG HA 38 -74.22 -57.71 -13.58
CA ARG HA 38 -73.56 -57.80 -14.87
C ARG HA 38 -73.28 -59.25 -15.27
N THR HA 39 -73.33 -60.17 -14.32
CA THR HA 39 -73.02 -61.58 -14.56
C THR HA 39 -74.20 -62.49 -14.24
N LYS HA 40 -74.71 -62.44 -13.00
CA LYS HA 40 -75.68 -63.37 -12.46
C LYS HA 40 -75.10 -64.79 -12.39
N ASN HA 41 -74.13 -64.89 -11.50
CA ASN HA 41 -73.75 -66.13 -10.83
C ASN HA 41 -73.69 -65.84 -9.35
N LEU HA 42 -73.99 -66.82 -8.52
CA LEU HA 42 -73.86 -66.57 -7.09
C LEU HA 42 -72.71 -67.40 -6.57
N LEU HA 43 -71.49 -66.87 -6.63
CA LEU HA 43 -70.57 -66.90 -5.52
C LEU HA 43 -70.29 -65.50 -5.02
N ILE HA 44 -70.72 -64.47 -5.74
CA ILE HA 44 -70.28 -63.13 -5.47
C ILE HA 44 -71.06 -62.51 -4.34
N LEU HA 45 -72.36 -62.76 -4.29
CA LEU HA 45 -73.13 -62.37 -3.12
C LEU HA 45 -72.53 -62.98 -1.86
N LEU HA 46 -71.95 -64.17 -1.98
CA LEU HA 46 -71.24 -64.75 -0.85
C LEU HA 46 -69.94 -64.02 -0.59
N GLY HA 47 -69.45 -63.27 -1.58
CA GLY HA 47 -68.24 -62.48 -1.36
C GLY HA 47 -68.39 -61.45 -0.26
N LEU HA 48 -69.63 -61.08 0.07
CA LEU HA 48 -69.84 -60.19 1.20
C LEU HA 48 -69.57 -60.91 2.51
N VAL HA 49 -69.86 -62.20 2.58
CA VAL HA 49 -69.68 -62.93 3.81
C VAL HA 49 -68.21 -63.00 4.19
N VAL HA 50 -67.33 -63.20 3.21
CA VAL HA 50 -65.93 -63.35 3.53
C VAL HA 50 -65.31 -62.05 4.00
N VAL HA 51 -65.92 -60.91 3.71
CA VAL HA 51 -65.46 -59.64 4.27
C VAL HA 51 -65.94 -59.49 5.70
N ILE HA 52 -67.14 -59.98 6.00
CA ILE HA 52 -67.65 -59.94 7.37
C ILE HA 52 -66.68 -60.67 8.30
N VAL HA 53 -66.37 -61.92 7.98
CA VAL HA 53 -65.53 -62.70 8.88
C VAL HA 53 -64.10 -62.20 8.85
N PHE HA 54 -63.60 -61.78 7.68
CA PHE HA 54 -62.19 -61.41 7.58
C PHE HA 54 -61.88 -60.23 8.48
N THR HA 55 -62.67 -59.15 8.36
CA THR HA 55 -62.47 -58.00 9.24
C THR HA 55 -62.66 -58.40 10.69
N THR HA 56 -63.66 -59.23 10.97
CA THR HA 56 -63.91 -59.64 12.36
C THR HA 56 -62.72 -60.38 12.94
N VAL HA 57 -62.33 -61.50 12.32
CA VAL HA 57 -61.20 -62.25 12.85
C VAL HA 57 -59.87 -61.56 12.55
N GLY HA 58 -59.86 -60.57 11.68
CA GLY HA 58 -58.64 -59.85 11.42
C GLY HA 58 -58.33 -58.87 12.53
N LEU HA 59 -59.33 -58.10 12.93
CA LEU HA 59 -59.12 -57.06 13.94
C LEU HA 59 -58.61 -57.63 15.26
N THR HA 60 -58.93 -58.89 15.56
CA THR HA 60 -58.46 -59.46 16.81
C THR HA 60 -56.98 -59.78 16.80
N PHE HA 61 -56.34 -59.78 15.63
CA PHE HA 61 -54.90 -60.00 15.57
C PHE HA 61 -54.10 -58.71 15.76
N ILE HA 62 -54.76 -57.56 15.78
CA ILE HA 62 -54.05 -56.29 15.94
C ILE HA 62 -53.31 -56.27 17.27
N LYS HA 63 -53.95 -56.72 18.33
CA LYS HA 63 -53.35 -56.71 19.66
C LYS HA 63 -52.15 -57.65 19.73
N ASP IA 1 -13.80 -52.66 22.38
CA ASP IA 1 -15.19 -52.77 22.79
C ASP IA 1 -16.12 -52.10 21.81
N LEU IA 2 -17.40 -52.03 22.15
CA LEU IA 2 -18.39 -51.39 21.30
C LEU IA 2 -18.62 -49.94 21.71
N LEU IA 3 -18.91 -49.08 20.74
CA LEU IA 3 -19.37 -47.73 21.02
C LEU IA 3 -20.79 -47.51 20.49
N ALA IA 4 -21.42 -46.43 20.95
CA ALA IA 4 -22.73 -46.04 20.45
C ALA IA 4 -23.78 -47.09 20.78
N GLY IA 5 -23.40 -48.07 21.60
CA GLY IA 5 -23.95 -49.41 21.50
C GLY IA 5 -25.06 -49.65 22.50
N GLY IA 6 -25.11 -48.81 23.53
CA GLY IA 6 -26.09 -47.74 23.59
C GLY IA 6 -26.84 -47.71 24.91
N LYS IA 7 -28.13 -47.43 24.85
CA LYS IA 7 -29.14 -48.49 24.79
C LYS IA 7 -29.20 -49.11 23.40
N ASP IA 8 -29.60 -50.38 23.34
CA ASP IA 8 -30.90 -50.74 22.76
C ASP IA 8 -32.03 -50.50 23.74
N ASP IA 9 -32.97 -49.66 23.35
CA ASP IA 9 -34.39 -49.99 23.45
C ASP IA 9 -35.09 -49.85 22.10
N VAL IA 10 -34.39 -49.23 21.14
CA VAL IA 10 -34.87 -49.14 19.77
C VAL IA 10 -35.63 -50.41 19.38
N LYS IA 11 -35.13 -51.55 19.82
CA LYS IA 11 -35.82 -52.82 19.63
C LYS IA 11 -37.21 -52.79 20.20
N ALA IA 12 -37.37 -52.30 21.43
CA ALA IA 12 -38.70 -52.22 22.03
C ALA IA 12 -39.60 -51.27 21.25
N THR IA 13 -39.02 -50.29 20.57
CA THR IA 13 -39.83 -49.36 19.79
C THR IA 13 -40.44 -50.06 18.57
N PHE IA 14 -39.64 -50.83 17.85
CA PHE IA 14 -40.10 -51.54 16.67
C PHE IA 14 -40.45 -53.00 16.95
N GLY IA 15 -40.39 -53.43 18.20
CA GLY IA 15 -40.51 -54.83 18.54
C GLY IA 15 -41.92 -55.37 18.49
N ALA IA 16 -42.12 -56.50 19.18
CA ALA IA 16 -43.34 -57.29 19.10
C ALA IA 16 -44.60 -56.46 19.34
N ASP IA 17 -44.81 -56.00 20.58
CA ASP IA 17 -45.92 -55.12 20.88
C ASP IA 17 -45.40 -53.69 20.76
N SER IA 18 -45.85 -53.00 19.72
CA SER IA 18 -45.31 -51.68 19.41
C SER IA 18 -46.41 -50.84 18.78
N PHE IA 19 -46.09 -49.58 18.51
CA PHE IA 19 -46.99 -48.75 17.73
C PHE IA 19 -46.79 -48.96 16.24
N VAL IA 20 -45.53 -49.06 15.80
CA VAL IA 20 -45.30 -49.20 14.36
C VAL IA 20 -45.64 -50.60 13.89
N MET IA 21 -45.38 -51.61 14.71
CA MET IA 21 -45.79 -52.95 14.33
C MET IA 21 -47.30 -53.10 14.36
N MET IA 22 -47.98 -52.21 15.08
CA MET IA 22 -49.44 -52.23 15.13
C MET IA 22 -50.06 -51.57 13.92
N CYS IA 23 -49.43 -50.51 13.39
CA CYS IA 23 -49.96 -49.87 12.20
C CYS IA 23 -49.56 -50.61 10.93
N ILE IA 24 -48.38 -51.23 10.91
CA ILE IA 24 -47.94 -51.91 9.71
C ILE IA 24 -48.78 -53.15 9.46
N ILE IA 25 -49.31 -53.74 10.52
CA ILE IA 25 -50.20 -54.89 10.37
C ILE IA 25 -51.63 -54.47 10.02
N ILE IA 26 -52.06 -53.29 10.45
CA ILE IA 26 -53.44 -52.89 10.19
C ILE IA 26 -53.58 -52.39 8.77
N ALA IA 27 -52.50 -51.94 8.15
CA ALA IA 27 -52.56 -51.53 6.76
C ALA IA 27 -52.72 -52.74 5.84
N GLU IA 28 -52.04 -53.82 6.17
CA GLU IA 28 -52.22 -55.08 5.43
C GLU IA 28 -53.68 -55.50 5.42
N LEU IA 29 -54.38 -55.29 6.52
CA LEU IA 29 -55.78 -55.67 6.59
C LEU IA 29 -56.62 -54.78 5.68
N ILE IA 30 -56.40 -53.47 5.76
CA ILE IA 30 -57.35 -52.56 5.14
C ILE IA 30 -57.13 -52.46 3.64
N VAL IA 31 -55.88 -52.57 3.17
CA VAL IA 31 -55.68 -52.60 1.72
C VAL IA 31 -55.73 -54.03 1.22
N GLY IA 32 -55.78 -55.01 2.11
CA GLY IA 32 -55.99 -56.37 1.69
C GLY IA 32 -57.42 -56.54 1.23
N VAL IA 33 -58.35 -56.01 2.04
CA VAL IA 33 -59.76 -56.07 1.66
C VAL IA 33 -60.01 -55.23 0.42
N ALA IA 34 -59.34 -54.09 0.30
CA ALA IA 34 -59.48 -53.26 -0.88
C ALA IA 34 -59.17 -54.05 -2.15
N MET IA 35 -57.92 -54.50 -2.30
CA MET IA 35 -57.54 -55.23 -3.50
C MET IA 35 -58.32 -56.51 -3.66
N TYR IA 36 -59.03 -56.95 -2.62
CA TYR IA 36 -59.92 -58.09 -2.77
C TYR IA 36 -61.22 -57.67 -3.45
N ILE IA 37 -61.81 -56.57 -2.97
CA ILE IA 37 -63.13 -56.17 -3.47
C ILE IA 37 -63.05 -55.81 -4.94
N ARG IA 38 -61.99 -55.10 -5.34
CA ARG IA 38 -61.82 -54.70 -6.73
C ARG IA 38 -61.59 -55.89 -7.65
N THR IA 39 -61.25 -57.05 -7.10
CA THR IA 39 -60.93 -58.24 -7.88
C THR IA 39 -61.86 -59.40 -7.53
N LYS IA 40 -61.90 -59.80 -6.26
CA LYS IA 40 -62.57 -61.02 -5.79
C LYS IA 40 -61.90 -62.26 -6.38
N ASN IA 41 -60.67 -62.45 -5.92
CA ASN IA 41 -60.00 -63.74 -5.86
C ASN IA 41 -59.44 -63.89 -4.46
N LEU IA 42 -59.36 -65.11 -3.95
CA LEU IA 42 -58.75 -65.25 -2.64
C LEU IA 42 -57.44 -65.99 -2.81
N LEU IA 43 -56.37 -65.25 -3.06
CA LEU IA 43 -55.12 -65.43 -2.37
C LEU IA 43 -54.78 -64.21 -1.54
N ILE IA 44 -55.51 -63.12 -1.71
CA ILE IA 44 -55.08 -61.85 -1.15
C ILE IA 44 -55.46 -61.75 0.31
N LEU IA 45 -56.64 -62.22 0.66
CA LEU IA 45 -56.98 -62.34 2.08
C LEU IA 45 -55.94 -63.16 2.81
N LEU IA 46 -55.36 -64.14 2.13
CA LEU IA 46 -54.26 -64.90 2.72
C LEU IA 46 -53.00 -64.05 2.79
N GLY IA 47 -52.94 -62.97 2.02
CA GLY IA 47 -51.79 -62.08 2.10
C GLY IA 47 -51.62 -61.46 3.47
N LEU IA 48 -52.69 -61.43 4.27
CA LEU IA 48 -52.55 -60.96 5.64
C LEU IA 48 -51.78 -61.96 6.48
N VAL IA 49 -51.95 -63.25 6.19
CA VAL IA 49 -51.29 -64.27 7.00
C VAL IA 49 -49.79 -64.17 6.86
N VAL IA 50 -49.29 -63.93 5.64
CA VAL IA 50 -47.85 -63.89 5.44
C VAL IA 50 -47.20 -62.70 6.11
N VAL IA 51 -47.96 -61.67 6.42
CA VAL IA 51 -47.42 -60.55 7.20
C VAL IA 51 -47.37 -60.90 8.68
N ILE IA 52 -48.36 -61.68 9.16
CA ILE IA 52 -48.35 -62.12 10.54
C ILE IA 52 -47.08 -62.90 10.83
N VAL IA 53 -46.81 -63.93 10.03
CA VAL IA 53 -45.67 -64.78 10.30
C VAL IA 53 -44.37 -64.05 10.00
N PHE IA 54 -44.34 -63.22 8.95
CA PHE IA 54 -43.09 -62.59 8.55
C PHE IA 54 -42.57 -61.67 9.65
N THR IA 55 -43.42 -60.78 10.15
CA THR IA 55 -43.00 -59.93 11.25
C THR IA 55 -42.65 -60.76 12.47
N THR IA 56 -43.42 -61.80 12.76
CA THR IA 56 -43.14 -62.62 13.93
C THR IA 56 -41.77 -63.28 13.83
N VAL IA 57 -41.55 -64.07 12.78
CA VAL IA 57 -40.25 -64.73 12.64
C VAL IA 57 -39.17 -63.76 12.21
N GLY IA 58 -39.53 -62.58 11.75
CA GLY IA 58 -38.53 -61.60 11.39
C GLY IA 58 -37.92 -60.95 12.61
N LEU IA 59 -38.77 -60.52 13.54
CA LEU IA 59 -38.29 -59.81 14.71
C LEU IA 59 -37.32 -60.63 15.54
N THR IA 60 -37.42 -61.96 15.50
CA THR IA 60 -36.51 -62.78 16.27
C THR IA 60 -35.11 -62.82 15.69
N PHE IA 61 -34.91 -62.35 14.45
CA PHE IA 61 -33.57 -62.28 13.88
C PHE IA 61 -32.85 -61.00 14.23
N ILE IA 62 -33.54 -60.02 14.84
CA ILE IA 62 -32.91 -58.76 15.19
C ILE IA 62 -31.76 -58.98 16.15
N LYS IA 63 -31.95 -59.83 17.14
CA LYS IA 63 -30.92 -60.10 18.14
C LYS IA 63 -29.71 -60.79 17.52
N ASP JA 1 6.69 -50.01 9.71
CA ASP JA 1 5.55 -50.48 10.48
C ASP JA 1 4.29 -49.72 10.10
N LEU JA 2 3.20 -49.99 10.83
CA LEU JA 2 1.93 -49.32 10.59
C LEU JA 2 1.76 -48.12 11.52
N LEU JA 3 1.08 -47.09 11.03
CA LEU JA 3 0.66 -45.97 11.87
C LEU JA 3 -0.85 -45.87 11.92
N ALA JA 4 -1.36 -45.10 12.88
CA ALA JA 4 -2.79 -44.82 12.97
C ALA JA 4 -3.58 -46.09 13.23
N GLY JA 5 -2.87 -47.18 13.52
CA GLY JA 5 -3.33 -48.51 13.16
C GLY JA 5 -3.99 -49.23 14.31
N GLY JA 6 -3.74 -48.76 15.52
CA GLY JA 6 -4.71 -47.95 16.23
C GLY JA 6 -4.95 -48.43 17.65
N LYS JA 7 -6.20 -48.38 18.09
CA LYS JA 7 -7.09 -49.54 17.99
C LYS JA 7 -7.58 -49.73 16.56
N ASP JA 8 -7.90 -50.97 16.21
CA ASP JA 8 -9.27 -51.38 15.97
C ASP JA 8 -10.01 -51.65 17.28
N ASP JA 9 -11.09 -50.91 17.50
CA ASP JA 9 -12.36 -51.50 17.91
C ASP JA 9 -13.48 -51.09 16.97
N VAL JA 10 -13.21 -50.11 16.12
CA VAL JA 10 -14.15 -49.72 15.08
C VAL JA 10 -14.91 -50.92 14.54
N LYS JA 11 -14.20 -52.05 14.39
CA LYS JA 11 -14.83 -53.30 14.01
C LYS JA 11 -15.93 -53.69 14.96
N ALA JA 12 -15.69 -53.62 16.27
CA ALA JA 12 -16.72 -53.95 17.23
C ALA JA 12 -17.90 -52.99 17.14
N THR JA 13 -17.66 -51.76 16.68
CA THR JA 13 -18.76 -50.82 16.54
C THR JA 13 -19.70 -51.22 15.42
N PHE JA 14 -19.16 -51.59 14.27
CA PHE JA 14 -19.95 -52.01 13.12
C PHE JA 14 -20.07 -53.52 12.99
N GLY JA 15 -19.55 -54.28 13.94
CA GLY JA 15 -19.45 -55.72 13.81
C GLY JA 15 -20.75 -56.46 14.02
N ALA JA 16 -20.62 -57.75 14.33
CA ALA JA 16 -21.73 -58.70 14.36
C ALA JA 16 -22.88 -58.21 15.25
N ASP JA 17 -22.67 -58.18 16.56
CA ASP JA 17 -23.66 -57.63 17.47
C ASP JA 17 -23.33 -56.17 17.68
N SER JA 18 -24.16 -55.28 17.13
CA SER JA 18 -23.85 -53.87 17.12
C SER JA 18 -25.16 -53.09 17.18
N PHE JA 19 -25.04 -51.77 17.27
CA PHE JA 19 -26.21 -50.93 17.14
C PHE JA 19 -26.53 -50.66 15.67
N VAL JA 20 -25.51 -50.39 14.85
CA VAL JA 20 -25.78 -50.06 13.46
C VAL JA 20 -26.17 -51.30 12.67
N MET JA 21 -25.57 -52.44 12.98
CA MET JA 21 -25.99 -53.67 12.34
C MET JA 21 -27.38 -54.08 12.77
N MET JA 22 -27.83 -53.59 13.92
CA MET JA 22 -29.17 -53.88 14.40
C MET JA 22 -30.21 -53.01 13.73
N CYS JA 23 -29.89 -51.75 13.43
CA CYS JA 23 -30.85 -50.90 12.74
C CYS JA 23 -30.85 -51.15 11.25
N ILE JA 24 -29.72 -51.52 10.66
CA ILE JA 24 -29.69 -51.72 9.22
C ILE JA 24 -30.47 -52.97 8.84
N ILE JA 25 -30.56 -53.93 9.75
CA ILE JA 25 -31.37 -55.12 9.51
C ILE JA 25 -32.84 -54.89 9.78
N ILE JA 26 -33.18 -53.98 10.69
CA ILE JA 26 -34.59 -53.78 11.01
C ILE JA 26 -35.26 -52.91 9.96
N ALA JA 27 -34.49 -52.12 9.23
CA ALA JA 27 -35.07 -51.33 8.15
C ALA JA 27 -35.44 -52.23 6.98
N GLU JA 28 -34.62 -53.23 6.70
CA GLU JA 28 -34.96 -54.22 5.68
C GLU JA 28 -36.30 -54.88 5.97
N LEU JA 29 -36.58 -55.13 7.24
CA LEU JA 29 -37.85 -55.75 7.61
C LEU JA 29 -39.01 -54.81 7.36
N ILE JA 30 -38.87 -53.56 7.79
CA ILE JA 30 -40.04 -52.69 7.84
C ILE JA 30 -40.36 -52.12 6.46
N VAL JA 31 -39.35 -51.87 5.63
CA VAL JA 31 -39.67 -51.45 4.27
C VAL JA 31 -39.79 -52.64 3.35
N GLY JA 32 -39.45 -53.83 3.84
CA GLY JA 32 -39.71 -55.03 3.08
C GLY JA 32 -41.18 -55.30 3.06
N VAL JA 33 -41.81 -55.22 4.23
CA VAL JA 33 -43.26 -55.41 4.32
C VAL JA 33 -43.99 -54.31 3.57
N ALA JA 34 -43.49 -53.08 3.63
CA ALA JA 34 -44.08 -51.98 2.89
C ALA JA 34 -44.18 -52.30 1.41
N MET JA 35 -43.03 -52.45 0.74
CA MET JA 35 -43.05 -52.71 -0.68
C MET JA 35 -43.75 -54.03 -1.02
N TYR JA 36 -44.00 -54.86 -0.03
CA TYR JA 36 -44.82 -56.04 -0.26
C TYR JA 36 -46.30 -55.68 -0.32
N ILE JA 37 -46.77 -54.90 0.65
CA ILE JA 37 -48.19 -54.61 0.74
C ILE JA 37 -48.66 -53.82 -0.47
N ARG JA 38 -47.85 -52.87 -0.91
CA ARG JA 38 -48.21 -52.04 -2.07
C ARG JA 38 -48.24 -52.86 -3.36
N THR JA 39 -47.64 -54.05 -3.36
CA THR JA 39 -47.54 -54.88 -4.55
C THR JA 39 -48.21 -56.24 -4.34
N LYS JA 40 -47.77 -56.99 -3.33
CA LYS JA 40 -48.14 -58.39 -3.11
C LYS JA 40 -47.64 -59.27 -4.26
N ASN JA 41 -46.32 -59.36 -4.30
CA ASN JA 41 -45.58 -60.47 -4.88
C ASN JA 41 -44.56 -60.92 -3.85
N LEU JA 42 -44.22 -62.19 -3.83
CA LEU JA 42 -43.18 -62.61 -2.90
C LEU JA 42 -41.96 -63.01 -3.70
N LEU JA 43 -41.10 -62.06 -4.02
CA LEU JA 43 -39.69 -62.20 -3.84
C LEU JA 43 -39.15 -61.25 -2.79
N ILE JA 44 -39.97 -60.30 -2.36
CA ILE JA 44 -39.48 -59.18 -1.57
C ILE JA 44 -39.32 -59.58 -0.11
N LEU JA 45 -40.27 -60.34 0.41
CA LEU JA 45 -40.08 -60.92 1.73
C LEU JA 45 -38.79 -61.72 1.78
N LEU JA 46 -38.42 -62.34 0.67
CA LEU JA 46 -37.13 -63.03 0.61
C LEU JA 46 -35.99 -62.02 0.56
N GLY JA 47 -36.28 -60.78 0.22
CA GLY JA 47 -35.24 -59.76 0.23
C GLY JA 47 -34.65 -59.54 1.61
N LEU JA 48 -35.37 -59.94 2.66
CA LEU JA 48 -34.79 -59.86 4.00
C LEU JA 48 -33.71 -60.92 4.17
N VAL JA 49 -33.87 -62.08 3.54
CA VAL JA 49 -32.90 -63.15 3.71
C VAL JA 49 -31.55 -62.75 3.15
N VAL JA 50 -31.54 -62.08 2.00
CA VAL JA 50 -30.26 -61.74 1.39
C VAL JA 50 -29.51 -60.69 2.18
N VAL JA 51 -30.18 -59.94 3.04
CA VAL JA 51 -29.49 -59.03 3.94
C VAL JA 51 -28.90 -59.77 5.12
N ILE JA 52 -29.60 -60.81 5.59
CA ILE JA 52 -29.07 -61.64 6.67
C ILE JA 52 -27.73 -62.23 6.28
N VAL JA 53 -27.69 -62.91 5.14
CA VAL JA 53 -26.47 -63.58 4.74
C VAL JA 53 -25.41 -62.58 4.31
N PHE JA 54 -25.81 -61.49 3.65
CA PHE JA 54 -24.82 -60.57 3.12
C PHE JA 54 -24.02 -59.92 4.24
N THR JA 55 -24.68 -59.38 5.24
CA THR JA 55 -23.98 -58.82 6.38
C THR JA 55 -23.16 -59.90 7.08
N THR JA 56 -23.72 -61.10 7.22
CA THR JA 56 -22.99 -62.17 7.91
C THR JA 56 -21.69 -62.51 7.19
N VAL JA 57 -21.80 -62.90 5.92
CA VAL JA 57 -20.59 -63.25 5.18
C VAL JA 57 -19.79 -62.02 4.78
N GLY JA 58 -20.38 -60.84 4.87
CA GLY JA 58 -19.63 -59.64 4.57
C GLY JA 58 -18.69 -59.28 5.69
N LEU JA 59 -19.18 -59.29 6.92
CA LEU JA 59 -18.38 -58.88 8.06
C LEU JA 59 -17.12 -59.72 8.22
N THR JA 60 -17.14 -60.97 7.76
CA THR JA 60 -15.96 -61.80 7.90
C THR JA 60 -14.85 -61.42 6.93
N PHE JA 61 -15.13 -60.59 5.92
CA PHE JA 61 -14.08 -60.12 5.03
C PHE JA 61 -13.37 -58.88 5.55
N ILE JA 62 -13.88 -58.27 6.63
CA ILE JA 62 -13.25 -57.07 7.17
C ILE JA 62 -11.82 -57.35 7.60
N LYS JA 63 -11.60 -58.48 8.25
CA LYS JA 63 -10.27 -58.83 8.74
C LYS JA 63 -9.31 -59.09 7.59
N ASP KA 1 21.22 -40.16 -7.01
CA ASP KA 1 20.45 -41.03 -6.12
C ASP KA 1 19.08 -40.44 -5.81
N LEU KA 2 18.35 -41.09 -4.93
CA LEU KA 2 17.03 -40.62 -4.52
C LEU KA 2 17.11 -39.79 -3.24
N LEU KA 3 16.24 -38.80 -3.12
CA LEU KA 3 16.06 -38.08 -1.87
C LEU KA 3 14.65 -38.26 -1.32
N ALA KA 4 14.46 -37.91 -0.05
CA ALA KA 4 13.14 -37.93 0.56
C ALA KA 4 12.58 -39.34 0.60
N GLY KA 5 13.42 -40.32 0.28
CA GLY KA 5 12.95 -41.55 -0.35
C GLY KA 5 12.79 -42.67 0.65
N GLY KA 6 13.42 -42.54 1.81
CA GLY KA 6 12.70 -42.15 3.02
C GLY KA 6 13.02 -43.07 4.19
N LYS KA 7 11.99 -43.38 4.98
CA LYS KA 7 11.21 -44.59 4.78
C LYS KA 7 10.26 -44.44 3.60
N ASP KA 8 9.93 -45.57 2.97
CA ASP KA 8 8.59 -46.12 3.05
C ASP KA 8 8.37 -46.89 4.34
N ASP KA 9 7.40 -46.45 5.13
CA ASP KA 9 6.40 -47.36 5.68
C ASP KA 9 4.99 -46.91 5.33
N VAL KA 10 4.87 -45.68 4.81
CA VAL KA 10 3.60 -45.18 4.31
C VAL KA 10 2.79 -46.30 3.65
N LYS KA 11 3.47 -47.17 2.93
CA LYS KA 11 2.85 -48.35 2.36
C LYS KA 11 2.17 -49.20 3.43
N ALA KA 12 2.86 -49.47 4.53
CA ALA KA 12 2.25 -50.24 5.60
C ALA KA 12 1.05 -49.53 6.20
N THR KA 13 1.02 -48.20 6.14
CA THR KA 13 -0.12 -47.47 6.67
C THR KA 13 -1.36 -47.69 5.82
N PHE KA 14 -1.22 -47.60 4.50
CA PHE KA 14 -2.34 -47.80 3.59
C PHE KA 14 -2.40 -49.20 3.01
N GLY KA 15 -1.52 -50.10 3.44
CA GLY KA 15 -1.38 -51.40 2.81
C GLY KA 15 -2.47 -52.39 3.15
N ALA KA 16 -2.14 -53.67 2.94
CA ALA KA 16 -3.11 -54.77 3.01
C ALA KA 16 -3.90 -54.77 4.31
N ASP KA 17 -3.25 -55.09 5.42
CA ASP KA 17 -3.90 -55.02 6.72
C ASP KA 17 -3.61 -53.64 7.30
N SER KA 18 -4.64 -52.80 7.36
CA SER KA 18 -4.46 -51.41 7.73
C SER KA 18 -5.71 -50.93 8.44
N PHE KA 19 -5.65 -49.69 8.93
CA PHE KA 19 -6.86 -49.07 9.46
C PHE KA 19 -7.69 -48.45 8.34
N VAL KA 20 -7.03 -47.78 7.39
CA VAL KA 20 -7.80 -47.11 6.34
C VAL KA 20 -8.36 -48.12 5.35
N MET KA 21 -7.61 -49.17 5.05
CA MET KA 21 -8.15 -50.21 4.19
C MET KA 21 -9.25 -50.98 4.87
N MET KA 22 -9.31 -50.92 6.20
CA MET KA 22 -10.37 -51.58 6.95
C MET KA 22 -11.65 -50.76 6.97
N CYS KA 23 -11.53 -49.43 7.02
CA CYS KA 23 -12.73 -48.60 6.98
C CYS KA 23 -13.24 -48.40 5.56
N ILE KA 24 -12.35 -48.37 4.57
CA ILE KA 24 -12.82 -48.14 3.21
C ILE KA 24 -13.60 -49.35 2.70
N ILE KA 25 -13.30 -50.53 3.22
CA ILE KA 25 -14.05 -51.73 2.86
C ILE KA 25 -15.35 -51.84 3.63
N ILE KA 26 -15.42 -51.31 4.85
CA ILE KA 26 -16.63 -51.47 5.64
C ILE KA 26 -17.69 -50.47 5.20
N ALA KA 27 -17.28 -49.37 4.57
CA ALA KA 27 -18.25 -48.43 4.05
C ALA KA 27 -18.95 -49.00 2.83
N GLU KA 28 -18.20 -49.71 1.98
CA GLU KA 28 -18.82 -50.40 0.86
C GLU KA 28 -19.91 -51.35 1.31
N LEU KA 29 -19.71 -52.01 2.44
CA LEU KA 29 -20.72 -52.92 2.95
C LEU KA 29 -21.96 -52.17 3.40
N ILE KA 30 -21.77 -51.10 4.16
CA ILE KA 30 -22.90 -50.50 4.86
C ILE KA 30 -23.72 -49.62 3.93
N VAL KA 31 -23.10 -48.97 2.96
CA VAL KA 31 -23.89 -48.22 1.99
C VAL KA 31 -24.25 -49.11 0.80
N GLY KA 32 -23.68 -50.30 0.73
CA GLY KA 32 -24.10 -51.25 -0.28
C GLY KA 32 -25.47 -51.77 0.08
N VAL KA 33 -25.65 -52.15 1.35
CA VAL KA 33 -26.96 -52.61 1.80
C VAL KA 33 -27.98 -51.48 1.73
N ALA KA 34 -27.57 -50.25 2.05
CA ALA KA 34 -28.46 -49.11 1.95
C ALA KA 34 -29.05 -49.01 0.54
N MET KA 35 -28.21 -48.75 -0.45
CA MET KA 35 -28.69 -48.58 -1.81
C MET KA 35 -29.38 -49.84 -2.33
N TYR KA 36 -29.21 -50.96 -1.64
CA TYR KA 36 -29.98 -52.15 -1.99
C TYR KA 36 -31.40 -52.06 -1.48
N ILE KA 37 -31.55 -51.69 -0.21
CA ILE KA 37 -32.87 -51.70 0.41
C ILE KA 37 -33.78 -50.69 -0.26
N ARG KA 38 -33.25 -49.51 -0.58
CA ARG KA 38 -34.05 -48.47 -1.23
C ARG KA 38 -34.48 -48.87 -2.63
N THR KA 39 -33.84 -49.88 -3.21
CA THR KA 39 -34.10 -50.30 -4.58
C THR KA 39 -34.55 -51.75 -4.65
N LYS KA 40 -33.74 -52.68 -4.14
CA LYS KA 40 -33.92 -54.12 -4.30
C LYS KA 40 -33.78 -54.53 -5.77
N ASN KA 41 -32.55 -54.36 -6.24
CA ASN KA 41 -32.00 -55.11 -7.36
C ASN KA 41 -30.65 -55.64 -6.90
N LEU KA 42 -30.24 -56.78 -7.42
CA LEU KA 42 -28.91 -57.25 -7.05
C LEU KA 42 -28.03 -57.18 -8.28
N LEU KA 43 -27.40 -56.04 -8.50
CA LEU KA 43 -26.00 -55.98 -8.83
C LEU KA 43 -25.20 -55.28 -7.75
N ILE KA 44 -25.88 -54.67 -6.79
CA ILE KA 44 -25.21 -53.76 -5.87
C ILE KA 44 -24.54 -54.53 -4.76
N LEU KA 45 -25.19 -55.57 -4.25
CA LEU KA 45 -24.50 -56.46 -3.32
C LEU KA 45 -23.23 -57.00 -3.95
N LEU KA 46 -23.24 -57.20 -5.26
CA LEU KA 46 -22.01 -57.58 -5.94
C LEU KA 46 -21.03 -56.43 -6.00
N GLY KA 47 -21.51 -55.20 -5.80
CA GLY KA 47 -20.60 -54.08 -5.77
C GLY KA 47 -19.57 -54.16 -4.64
N LEU KA 48 -19.86 -54.97 -3.62
CA LEU KA 48 -18.85 -55.19 -2.59
C LEU KA 48 -17.71 -56.03 -3.12
N VAL KA 49 -18.01 -56.97 -4.02
CA VAL KA 49 -16.96 -57.85 -4.52
C VAL KA 49 -15.92 -57.07 -5.30
N VAL KA 50 -16.36 -56.10 -6.11
CA VAL KA 50 -15.41 -55.38 -6.93
C VAL KA 50 -14.49 -54.48 -6.12
N VAL KA 51 -14.87 -54.15 -4.89
CA VAL KA 51 -13.97 -53.43 -4.00
C VAL KA 51 -12.96 -54.37 -3.38
N ILE KA 52 -13.37 -55.61 -3.09
CA ILE KA 52 -12.45 -56.60 -2.56
C ILE KA 52 -11.28 -56.80 -3.53
N VAL KA 53 -11.61 -57.11 -4.79
CA VAL KA 53 -10.55 -57.40 -5.74
C VAL KA 53 -9.79 -56.15 -6.10
N PHE KA 54 -10.47 -55.00 -6.21
CA PHE KA 54 -9.79 -53.80 -6.68
C PHE KA 54 -8.69 -53.38 -5.72
N THR KA 55 -9.01 -53.28 -4.42
CA THR KA 55 -7.98 -52.96 -3.45
C THR KA 55 -6.90 -54.03 -3.43
N THR KA 56 -7.28 -55.30 -3.54
CA THR KA 56 -6.30 -56.38 -3.52
C THR KA 56 -5.32 -56.25 -4.68
N VAL KA 57 -5.83 -56.28 -5.91
CA VAL KA 57 -4.93 -56.17 -7.05
C VAL KA 57 -4.42 -54.75 -7.25
N GLY KA 58 -5.01 -53.78 -6.58
CA GLY KA 58 -4.51 -52.43 -6.68
C GLY KA 58 -3.25 -52.23 -5.85
N LEU KA 59 -3.29 -52.70 -4.61
CA LEU KA 59 -2.16 -52.50 -3.71
C LEU KA 59 -0.87 -53.12 -4.23
N THR KA 60 -0.96 -54.15 -5.04
CA THR KA 60 0.24 -54.77 -5.58
C THR KA 60 0.92 -53.93 -6.65
N PHE KA 61 0.23 -52.91 -7.18
CA PHE KA 61 0.88 -52.01 -8.14
C PHE KA 61 1.63 -50.87 -7.48
N ILE KA 62 1.49 -50.71 -6.16
CA ILE KA 62 2.19 -49.63 -5.47
C ILE KA 62 3.69 -49.76 -5.63
N LYS KA 63 4.21 -50.97 -5.48
CA LYS KA 63 5.64 -51.20 -5.58
C LYS KA 63 6.16 -50.94 -6.99
N ASP LA 1 28.25 -23.43 -23.07
CA ASP LA 1 27.89 -24.64 -22.34
C ASP LA 1 26.69 -24.42 -21.45
N LEU LA 2 26.36 -25.43 -20.65
CA LEU LA 2 25.23 -25.34 -19.72
C LEU LA 2 25.70 -24.92 -18.33
N LEU LA 3 24.86 -24.17 -17.62
CA LEU LA 3 25.09 -23.89 -16.22
C LEU LA 3 23.97 -24.48 -15.35
N ALA LA 4 24.22 -24.55 -14.05
CA ALA LA 4 23.20 -24.99 -13.10
C ALA LA 4 22.79 -26.43 -13.35
N GLY LA 5 23.53 -27.11 -14.23
CA GLY LA 5 22.96 -28.15 -15.06
C GLY LA 5 23.23 -29.54 -14.51
N GLY LA 6 24.21 -29.64 -13.61
CA GLY LA 6 23.94 -29.75 -12.19
C GLY LA 6 24.71 -30.90 -11.55
N LYS LA 7 24.05 -31.60 -10.63
CA LYS LA 7 23.33 -32.82 -10.97
C LYS LA 7 22.02 -32.51 -11.69
N ASP LA 8 21.57 -33.45 -12.51
CA ASP LA 8 20.38 -34.22 -12.22
C ASP LA 8 20.68 -35.36 -11.26
N ASP LA 9 20.02 -35.35 -10.11
CA ASP LA 9 19.35 -36.55 -9.61
C ASP LA 9 17.87 -36.27 -9.34
N VAL LA 10 17.50 -34.99 -9.36
CA VAL LA 10 16.10 -34.60 -9.24
C VAL LA 10 15.19 -35.60 -9.96
N LYS LA 11 15.63 -36.09 -11.10
CA LYS LA 11 14.93 -37.15 -11.80
C LYS LA 11 14.73 -38.38 -10.94
N ALA LA 12 15.78 -38.82 -10.24
CA ALA LA 12 15.64 -39.98 -9.36
C ALA LA 12 14.69 -39.69 -8.22
N THR LA 13 14.54 -38.43 -7.83
CA THR LA 13 13.61 -38.10 -6.75
C THR LA 13 12.17 -38.28 -7.20
N PHE LA 14 11.83 -37.81 -8.40
CA PHE LA 14 10.48 -37.92 -8.92
C PHE LA 14 10.33 -39.08 -9.90
N GLY LA 15 11.35 -39.89 -10.08
CA GLY LA 15 11.37 -40.90 -11.12
C GLY LA 15 10.52 -42.13 -10.82
N ALA LA 16 10.84 -43.21 -11.53
CA ALA LA 16 10.05 -44.43 -11.54
C ALA LA 16 9.76 -44.96 -10.14
N ASP LA 17 10.79 -45.46 -9.46
CA ASP LA 17 10.62 -45.89 -8.07
C ASP LA 17 11.00 -44.70 -7.18
N SER LA 18 10.00 -44.13 -6.54
CA SER LA 18 10.20 -42.90 -5.79
C SER LA 18 9.25 -42.88 -4.61
N PHE LA 19 9.39 -41.85 -3.78
CA PHE LA 19 8.40 -41.63 -2.74
C PHE LA 19 7.19 -40.87 -3.26
N VAL LA 20 7.42 -39.84 -4.09
CA VAL LA 20 6.29 -39.05 -4.56
C VAL LA 20 5.50 -39.81 -5.61
N MET LA 21 6.17 -40.58 -6.45
CA MET LA 21 5.44 -41.40 -7.40
C MET LA 21 4.70 -42.51 -6.71
N MET LA 22 5.10 -42.86 -5.49
CA MET LA 22 4.42 -43.89 -4.72
C MET LA 22 3.18 -43.35 -4.03
N CYS LA 23 3.21 -42.09 -3.58
CA CYS LA 23 2.02 -41.52 -2.96
C CYS LA 23 1.03 -41.02 -4.00
N ILE LA 24 1.51 -40.54 -5.14
CA ILE LA 24 0.58 -40.00 -6.14
C ILE LA 24 -0.24 -41.12 -6.75
N ILE LA 25 0.31 -42.34 -6.79
CA ILE LA 25 -0.44 -43.49 -7.29
C ILE LA 25 -1.39 -44.06 -6.23
N ILE LA 26 -1.05 -43.93 -4.94
CA ILE LA 26 -1.89 -44.52 -3.92
C ILE LA 26 -3.10 -43.64 -3.65
N ALA LA 27 -3.01 -42.36 -3.97
CA ALA LA 27 -4.18 -41.49 -3.81
C ALA LA 27 -5.22 -41.80 -4.88
N GLU LA 28 -4.77 -42.08 -6.10
CA GLU LA 28 -5.68 -42.52 -7.15
C GLU LA 28 -6.49 -43.73 -6.72
N LEU LA 29 -5.86 -44.65 -6.00
CA LEU LA 29 -6.56 -45.83 -5.54
C LEU LA 29 -7.61 -45.48 -4.50
N ILE LA 30 -7.24 -44.66 -3.52
CA ILE LA 30 -8.10 -44.51 -2.36
C ILE LA 30 -9.25 -43.56 -2.64
N VAL LA 31 -9.05 -42.53 -3.47
CA VAL LA 31 -10.18 -41.71 -3.84
C VAL LA 31 -10.87 -42.25 -5.08
N GLY LA 32 -10.29 -43.25 -5.72
CA GLY LA 32 -10.96 -43.93 -6.80
C GLY LA 32 -12.08 -44.77 -6.24
N VAL LA 33 -11.77 -45.52 -5.18
CA VAL LA 33 -12.80 -46.32 -4.52
C VAL LA 33 -13.86 -45.43 -3.90
N ALA LA 34 -13.46 -44.30 -3.34
CA ALA LA 34 -14.41 -43.35 -2.76
C ALA LA 34 -15.44 -42.94 -3.79
N MET LA 35 -15.02 -42.26 -4.85
CA MET LA 35 -15.97 -41.80 -5.86
C MET LA 35 -16.71 -42.96 -6.53
N TYR LA 36 -16.23 -44.18 -6.35
CA TYR LA 36 -16.99 -45.33 -6.83
C TYR LA 36 -18.14 -45.65 -5.90
N ILE LA 37 -17.87 -45.70 -4.60
CA ILE LA 37 -18.88 -46.12 -3.64
C ILE LA 37 -20.04 -45.15 -3.62
N ARG LA 38 -19.74 -43.85 -3.67
CA ARG LA 38 -20.78 -42.83 -3.64
C ARG LA 38 -21.64 -42.86 -4.91
N THR LA 39 -21.18 -43.52 -5.96
CA THR LA 39 -21.87 -43.58 -7.24
C THR LA 39 -22.22 -45.00 -7.64
N LYS LA 40 -21.22 -45.87 -7.75
CA LYS LA 40 -21.33 -47.22 -8.32
C LYS LA 40 -21.70 -47.15 -9.81
N ASN LA 41 -20.73 -46.64 -10.55
CA ASN LA 41 -20.54 -46.91 -11.96
C ASN LA 41 -19.09 -47.29 -12.15
N LEU LA 42 -18.81 -48.15 -13.12
CA LEU LA 42 -17.41 -48.46 -13.36
C LEU LA 42 -17.02 -47.89 -14.70
N LEU LA 43 -16.58 -46.63 -14.72
CA LEU LA 43 -15.40 -46.22 -15.42
C LEU LA 43 -14.33 -45.75 -14.46
N ILE LA 44 -14.67 -45.57 -13.20
CA ILE LA 44 -13.79 -44.86 -12.29
C ILE LA 44 -12.71 -45.78 -11.75
N LEU LA 45 -13.07 -47.03 -11.45
CA LEU LA 45 -12.04 -48.01 -11.14
C LEU LA 45 -11.03 -48.12 -12.27
N LEU LA 46 -11.48 -47.91 -13.50
CA LEU LA 46 -10.55 -47.86 -14.61
C LEU LA 46 -9.73 -46.59 -14.59
N GLY LA 47 -10.19 -45.57 -13.85
CA GLY LA 47 -9.41 -44.36 -13.71
C GLY LA 47 -8.06 -44.59 -13.06
N LEU LA 48 -7.90 -45.69 -12.34
CA LEU LA 48 -6.59 -46.02 -11.81
C LEU LA 48 -5.65 -46.45 -12.91
N VAL LA 49 -6.17 -47.12 -13.93
CA VAL LA 49 -5.31 -47.62 -15.00
C VAL LA 49 -4.68 -46.47 -15.75
N VAL LA 50 -5.43 -45.40 -16.02
CA VAL LA 50 -4.88 -44.30 -16.80
C VAL LA 50 -3.80 -43.55 -16.05
N VAL LA 51 -3.75 -43.66 -14.74
CA VAL LA 51 -2.65 -43.08 -13.98
C VAL LA 51 -1.42 -43.97 -14.05
N ILE LA 52 -1.62 -45.29 -14.08
CA ILE LA 52 -0.50 -46.21 -14.23
C ILE LA 52 0.26 -45.91 -15.51
N VAL LA 53 -0.45 -45.88 -16.63
CA VAL LA 53 0.21 -45.70 -17.91
C VAL LA 53 0.71 -44.27 -18.06
N PHE LA 54 -0.04 -43.29 -17.55
CA PHE LA 54 0.35 -41.89 -17.78
C PHE LA 54 1.69 -41.59 -17.12
N THR LA 55 1.82 -41.93 -15.84
CA THR LA 55 3.11 -41.73 -15.18
C THR LA 55 4.20 -42.54 -15.86
N THR LA 56 3.89 -43.77 -16.26
CA THR LA 56 4.89 -44.62 -16.90
C THR LA 56 5.39 -43.99 -18.19
N VAL LA 57 4.49 -43.74 -19.14
CA VAL LA 57 4.92 -43.14 -20.40
C VAL LA 57 5.24 -41.68 -20.27
N GLY LA 58 4.84 -41.05 -19.15
CA GLY LA 58 5.19 -39.66 -18.95
C GLY LA 58 6.63 -39.51 -18.54
N LEU LA 59 7.07 -40.31 -17.57
CA LEU LA 59 8.43 -40.18 -17.05
C LEU LA 59 9.49 -40.37 -18.12
N THR LA 60 9.19 -41.13 -19.17
CA THR LA 60 10.17 -41.33 -20.21
C THR LA 60 10.37 -40.11 -21.09
N PHE LA 61 9.48 -39.12 -21.02
CA PHE LA 61 9.67 -37.89 -21.77
C PHE LA 61 10.53 -36.88 -21.04
N ILE LA 62 10.86 -37.13 -19.76
CA ILE LA 62 11.67 -36.18 -19.00
C ILE LA 62 13.02 -35.99 -19.64
N LYS LA 63 13.64 -37.08 -20.09
CA LYS LA 63 14.96 -37.02 -20.70
C LYS LA 63 14.94 -36.26 -22.02
N ASP MA 1 28.03 -1.78 -33.94
CA ASP MA 1 28.04 -3.20 -33.60
C ASP MA 1 27.21 -3.46 -32.35
N LEU MA 2 27.25 -4.70 -31.88
CA LEU MA 2 26.52 -5.09 -30.67
C LEU MA 2 27.41 -5.02 -29.44
N LEU MA 3 26.82 -4.67 -28.30
CA LEU MA 3 27.51 -4.77 -27.02
C LEU MA 3 26.81 -5.78 -26.10
N ALA MA 4 27.50 -6.18 -25.05
CA ALA MA 4 26.91 -7.05 -24.03
C ALA MA 4 26.54 -8.40 -24.62
N GLY MA 5 26.97 -8.65 -25.85
CA GLY MA 5 26.23 -9.50 -26.76
C GLY MA 5 26.76 -10.91 -26.81
N GLY MA 6 28.00 -11.08 -26.36
CA GLY MA 6 28.26 -11.65 -25.05
C GLY MA 6 29.27 -12.78 -25.09
N LYS MA 7 29.03 -13.82 -24.31
CA LYS MA 7 28.32 -15.01 -24.81
C LYS MA 7 26.83 -14.74 -24.93
N ASP MA 8 26.18 -15.45 -25.84
CA ASP MA 8 25.23 -16.49 -25.47
C ASP MA 8 25.93 -17.78 -25.09
N ASP MA 9 25.71 -18.23 -23.86
CA ASP MA 9 25.33 -19.62 -23.61
C ASP MA 9 24.04 -19.70 -22.81
N VAL MA 10 23.60 -18.56 -22.29
CA VAL MA 10 22.30 -18.47 -21.63
C VAL MA 10 21.27 -19.37 -22.31
N LYS MA 11 21.32 -19.42 -23.63
CA LYS MA 11 20.48 -20.33 -24.40
C LYS MA 11 20.70 -21.78 -23.97
N ALA MA 12 21.95 -22.22 -23.84
CA ALA MA 12 22.20 -23.57 -23.39
C ALA MA 12 21.68 -23.81 -21.98
N THR MA 13 21.61 -22.76 -21.16
CA THR MA 13 21.08 -22.93 -19.81
C THR MA 13 19.59 -23.23 -19.83
N PHE MA 14 18.83 -22.50 -20.63
CA PHE MA 14 17.40 -22.68 -20.72
C PHE MA 14 16.99 -23.53 -21.92
N GLY MA 15 17.94 -24.05 -22.67
CA GLY MA 15 17.65 -24.70 -23.95
C GLY MA 15 17.06 -26.08 -23.83
N ALA MA 16 17.19 -26.84 -24.92
CA ALA MA 16 16.52 -28.13 -25.10
C ALA MA 16 16.79 -29.08 -23.93
N ASP MA 17 18.01 -29.58 -23.81
CA ASP MA 17 18.38 -30.40 -22.67
C ASP MA 17 18.96 -29.48 -21.61
N SER MA 18 18.21 -29.31 -20.52
CA SER MA 18 18.58 -28.33 -19.51
C SER MA 18 18.09 -28.83 -18.16
N PHE MA 19 18.44 -28.08 -17.12
CA PHE MA 19 17.88 -28.36 -15.80
C PHE MA 19 16.50 -27.70 -15.65
N VAL MA 20 16.35 -26.46 -16.11
CA VAL MA 20 15.08 -25.78 -15.92
C VAL MA 20 14.03 -26.32 -16.86
N MET MA 21 14.41 -26.68 -18.08
CA MET MA 21 13.46 -27.31 -18.97
C MET MA 21 13.08 -28.69 -18.50
N MET MA 22 13.91 -29.30 -17.66
CA MET MA 22 13.62 -30.61 -17.10
C MET MA 22 12.66 -30.53 -15.93
N CYS MA 23 12.76 -29.47 -15.11
CA CYS MA 23 11.83 -29.32 -14.01
C CYS MA 23 10.50 -28.72 -14.45
N ILE MA 24 10.51 -27.86 -15.46
CA ILE MA 24 9.27 -27.24 -15.87
C ILE MA 24 8.36 -28.25 -16.54
N ILE MA 25 8.94 -29.29 -17.16
CA ILE MA 25 8.15 -30.35 -17.75
C ILE MA 25 7.68 -31.37 -16.71
N ILE MA 26 8.43 -31.56 -15.63
CA ILE MA 26 8.05 -32.57 -14.66
C ILE MA 26 6.95 -32.05 -13.75
N ALA MA 27 6.83 -30.72 -13.62
CA ALA MA 27 5.74 -30.16 -12.84
C ALA MA 27 4.41 -30.33 -13.56
N GLU MA 28 4.43 -30.16 -14.88
CA GLU MA 28 3.23 -30.42 -15.68
C GLU MA 28 2.71 -31.83 -15.46
N LEU MA 29 3.62 -32.80 -15.31
CA LEU MA 29 3.21 -34.17 -15.09
C LEU MA 29 2.56 -34.33 -13.72
N ILE MA 30 3.19 -33.77 -12.69
CA ILE MA 30 2.79 -34.12 -11.34
C ILE MA 30 1.55 -33.36 -10.92
N VAL MA 31 1.38 -32.12 -11.38
CA VAL MA 31 0.13 -31.43 -11.09
C VAL MA 31 -0.90 -31.71 -12.15
N GLY MA 32 -0.51 -32.36 -13.25
CA GLY MA 32 -1.48 -32.80 -14.23
C GLY MA 32 -2.26 -33.96 -13.66
N VAL MA 33 -1.56 -34.91 -13.06
CA VAL MA 33 -2.24 -36.04 -12.42
C VAL MA 33 -3.07 -35.57 -11.25
N ALA MA 34 -2.58 -34.60 -10.49
CA ALA MA 34 -3.32 -34.04 -9.38
C ALA MA 34 -4.69 -33.56 -9.83
N MET MA 35 -4.71 -32.52 -10.68
CA MET MA 35 -5.98 -31.97 -11.12
C MET MA 35 -6.81 -32.99 -11.88
N TYR MA 36 -6.23 -34.11 -12.27
CA TYR MA 36 -7.02 -35.18 -12.85
C TYR MA 36 -7.75 -35.97 -11.78
N ILE MA 37 -7.03 -36.34 -10.72
CA ILE MA 37 -7.61 -37.20 -9.69
C ILE MA 37 -8.76 -36.50 -8.98
N ARG MA 38 -8.59 -35.21 -8.69
CA ARG MA 38 -9.62 -34.44 -8.02
C ARG MA 38 -10.87 -34.27 -8.88
N THR MA 39 -10.75 -34.49 -10.18
CA THR MA 39 -11.85 -34.29 -11.13
C THR MA 39 -12.21 -35.58 -11.85
N LYS MA 40 -11.25 -36.19 -12.55
CA LYS MA 40 -11.48 -37.30 -13.47
C LYS MA 40 -12.33 -36.87 -14.66
N ASN MA 41 -11.72 -35.99 -15.45
CA ASN MA 41 -12.03 -35.81 -16.85
C ASN MA 41 -10.70 -35.86 -17.61
N LEU MA 42 -10.73 -36.33 -18.85
CA LEU MA 42 -9.48 -36.30 -19.59
C LEU MA 42 -9.62 -35.30 -20.71
N LEU MA 43 -9.31 -34.04 -20.44
CA LEU MA 43 -8.49 -33.24 -21.29
C LEU MA 43 -7.18 -32.87 -20.62
N ILE MA 44 -7.06 -33.14 -19.32
CA ILE MA 44 -5.97 -32.59 -18.54
C ILE MA 44 -4.71 -33.42 -18.72
N LEU MA 45 -4.86 -34.74 -18.76
CA LEU MA 45 -3.73 -35.57 -19.12
C LEU MA 45 -3.16 -35.15 -20.47
N LEU MA 46 -4.03 -34.68 -21.36
CA LEU MA 46 -3.55 -34.15 -22.62
C LEU MA 46 -2.86 -32.81 -22.41
N GLY MA 47 -3.11 -32.16 -21.28
CA GLY MA 47 -2.42 -30.91 -20.99
C GLY MA 47 -0.91 -31.07 -20.91
N LEU MA 48 -0.44 -32.29 -20.69
CA LEU MA 48 1.00 -32.52 -20.72
C LEU MA 48 1.53 -32.44 -22.14
N VAL MA 49 0.72 -32.86 -23.11
CA VAL MA 49 1.18 -32.87 -24.50
C VAL MA 49 1.44 -31.45 -24.98
N VAL MA 50 0.56 -30.51 -24.62
CA VAL MA 50 0.73 -29.16 -25.12
C VAL MA 50 1.95 -28.47 -24.54
N VAL MA 51 2.46 -28.95 -23.42
CA VAL MA 51 3.72 -28.43 -22.90
C VAL MA 51 4.90 -29.02 -23.63
N ILE MA 52 4.79 -30.28 -24.04
CA ILE MA 52 5.85 -30.90 -24.83
C ILE MA 52 6.08 -30.11 -26.10
N VAL MA 53 5.03 -29.89 -26.87
CA VAL MA 53 5.20 -29.22 -28.15
C VAL MA 53 5.52 -27.75 -27.96
N PHE MA 54 4.92 -27.11 -26.95
CA PHE MA 54 5.10 -25.68 -26.80
C PHE MA 54 6.56 -25.33 -26.53
N THR MA 55 7.17 -26.00 -25.55
CA THR MA 55 8.57 -25.78 -25.28
C THR MA 55 9.42 -26.14 -26.50
N THR MA 56 9.07 -27.24 -27.17
CA THR MA 56 9.85 -27.66 -28.33
C THR MA 56 9.82 -26.61 -29.44
N VAL MA 57 8.62 -26.26 -29.92
CA VAL MA 57 8.54 -25.26 -30.97
C VAL MA 57 8.78 -23.86 -30.45
N GLY MA 58 8.76 -23.66 -29.13
CA GLY MA 58 9.06 -22.36 -28.59
C GLY MA 58 10.54 -22.07 -28.62
N LEU MA 59 11.34 -23.03 -28.16
CA LEU MA 59 12.79 -22.82 -28.08
C LEU MA 59 13.41 -22.49 -29.42
N THR MA 60 12.82 -22.95 -30.52
CA THR MA 60 13.38 -22.67 -31.83
C THR MA 60 13.18 -21.23 -32.25
N PHE MA 61 12.31 -20.48 -31.57
CA PHE MA 61 12.14 -19.07 -31.89
C PHE MA 61 13.13 -18.18 -31.17
N ILE MA 62 13.90 -18.72 -30.22
CA ILE MA 62 14.85 -17.91 -29.48
C ILE MA 62 15.89 -17.30 -30.40
N LYS MA 63 16.38 -18.09 -31.35
CA LYS MA 63 17.39 -17.61 -32.28
C LYS MA 63 16.85 -16.53 -33.20
N ASP NA 1 22.51 21.70 -36.32
CA ASP NA 1 22.75 20.27 -36.48
C ASP NA 1 22.43 19.51 -35.21
N LEU NA 2 22.72 18.22 -35.21
CA LEU NA 2 22.47 17.38 -34.05
C LEU NA 2 23.74 17.24 -33.20
N LEU NA 3 23.56 17.13 -31.89
CA LEU NA 3 24.66 16.77 -30.99
C LEU NA 3 24.39 15.44 -30.30
N ALA NA 4 25.44 14.88 -29.71
CA ALA NA 4 25.30 13.66 -28.91
C ALA NA 4 24.84 12.49 -29.76
N GLY NA 5 24.83 12.70 -31.08
CA GLY NA 5 23.87 12.04 -31.94
C GLY NA 5 24.46 10.82 -32.64
N GLY NA 6 25.79 10.74 -32.67
CA GLY NA 6 26.52 9.87 -31.78
C GLY NA 6 27.54 9.00 -32.50
N LYS NA 7 27.65 7.75 -32.08
CA LYS NA 7 26.91 6.66 -32.70
C LYS NA 7 25.45 6.68 -32.25
N ASP NA 8 24.57 6.16 -33.11
CA ASP NA 8 23.88 4.91 -32.84
C ASP NA 8 24.76 3.71 -33.14
N ASP NA 9 25.01 2.89 -32.13
CA ASP NA 9 24.85 1.44 -32.25
C ASP NA 9 23.93 0.90 -31.17
N VAL NA 10 23.61 1.75 -30.19
CA VAL NA 10 22.63 1.39 -29.17
C VAL NA 10 21.50 0.56 -29.76
N LYS NA 11 21.08 0.92 -30.97
CA LYS NA 11 20.09 0.13 -31.70
C LYS NA 11 20.54 -1.31 -31.87
N ALA NA 12 21.79 -1.54 -32.28
CA ALA NA 12 22.27 -2.90 -32.42
C ALA NA 12 22.31 -3.63 -31.08
N THR NA 13 22.44 -2.89 -29.98
CA THR NA 13 22.44 -3.53 -28.68
C THR NA 13 21.07 -4.08 -28.33
N PHE NA 14 20.02 -3.29 -28.55
CA PHE NA 14 18.66 -3.71 -28.26
C PHE NA 14 17.91 -4.22 -29.48
N GLY NA 15 18.58 -4.33 -30.62
CA GLY NA 15 17.91 -4.60 -31.88
C GLY NA 15 17.51 -6.05 -32.05
N ALA NA 16 17.29 -6.43 -33.32
CA ALA NA 16 16.70 -7.70 -33.71
C ALA NA 16 17.41 -8.89 -33.07
N ASP NA 17 18.64 -9.17 -33.50
CA ASP NA 17 19.44 -10.22 -32.88
C ASP NA 17 20.28 -9.56 -31.80
N SER NA 18 19.96 -9.84 -30.55
CA SER NA 18 20.58 -9.15 -29.43
C SER NA 18 20.64 -10.09 -28.25
N PHE NA 19 21.27 -9.63 -27.18
CA PHE NA 19 21.22 -10.38 -25.92
C PHE NA 19 19.95 -10.06 -25.15
N VAL NA 20 19.57 -8.78 -25.09
CA VAL NA 20 18.40 -8.41 -24.30
C VAL NA 20 17.12 -8.85 -25.00
N MET NA 21 17.08 -8.76 -26.33
CA MET NA 21 15.91 -9.26 -27.03
C MET NA 21 15.82 -10.77 -26.95
N MET NA 22 16.94 -11.43 -26.67
CA MET NA 22 16.95 -12.88 -26.52
C MET NA 22 16.45 -13.31 -25.15
N CYS NA 23 16.76 -12.54 -24.11
CA CYS NA 23 16.27 -12.90 -22.78
C CYS NA 23 14.83 -12.44 -22.57
N ILE NA 24 14.44 -11.33 -23.18
CA ILE NA 24 13.08 -10.85 -22.96
C ILE NA 24 12.07 -11.77 -23.62
N ILE NA 25 12.47 -12.45 -24.68
CA ILE NA 25 11.60 -13.43 -25.32
C ILE NA 25 11.60 -14.78 -24.60
N ILE NA 26 12.69 -15.14 -23.93
CA ILE NA 26 12.74 -16.43 -23.28
C ILE NA 26 12.00 -16.40 -21.96
N ALA NA 27 11.83 -15.22 -21.37
CA ALA NA 27 11.05 -15.11 -20.14
C ALA NA 27 9.57 -15.29 -20.44
N GLU NA 28 9.10 -14.75 -21.56
CA GLU NA 28 7.74 -14.98 -21.99
C GLU NA 28 7.43 -16.46 -22.11
N LEU NA 29 8.39 -17.24 -22.57
CA LEU NA 29 8.18 -18.68 -22.71
C LEU NA 29 8.07 -19.34 -21.34
N ILE NA 30 8.98 -19.00 -20.44
CA ILE NA 30 9.10 -19.80 -19.23
C ILE NA 30 8.03 -19.43 -18.20
N VAL NA 31 7.63 -18.16 -18.16
CA VAL NA 31 6.52 -17.82 -17.27
C VAL NA 31 5.19 -17.95 -18.01
N GLY NA 32 5.22 -18.18 -19.31
CA GLY NA 32 4.01 -18.48 -20.03
C GLY NA 32 3.55 -19.87 -19.67
N VAL NA 33 4.48 -20.82 -19.68
CA VAL NA 33 4.15 -22.18 -19.28
C VAL NA 33 3.75 -22.23 -17.82
N ALA NA 34 4.42 -21.45 -16.97
CA ALA NA 34 4.07 -21.39 -15.56
C ALA NA 34 2.61 -21.04 -15.38
N MET NA 35 2.21 -19.82 -15.78
CA MET NA 35 0.82 -19.41 -15.61
C MET NA 35 -0.14 -20.29 -16.36
N TYR NA 36 0.34 -21.13 -17.28
CA TYR NA 36 -0.53 -22.11 -17.90
C TYR NA 36 -0.77 -23.29 -16.97
N ILE NA 37 0.30 -23.82 -16.38
CA ILE NA 37 0.17 -25.03 -15.58
C ILE NA 37 -0.71 -24.79 -14.36
N ARG NA 38 -0.53 -23.63 -13.73
CA ARG NA 38 -1.32 -23.29 -12.54
C ARG NA 38 -2.79 -23.09 -12.87
N THR NA 39 -3.12 -22.91 -14.14
CA THR NA 39 -4.49 -22.64 -14.57
C THR NA 39 -4.99 -23.70 -15.54
N LYS NA 40 -4.31 -23.90 -16.66
CA LYS NA 40 -4.75 -24.72 -17.78
C LYS NA 40 -6.00 -24.12 -18.43
N ASN NA 41 -5.76 -22.96 -19.03
CA ASN NA 41 -6.56 -22.43 -20.13
C ASN NA 41 -5.58 -22.02 -21.21
N LEU NA 42 -6.00 -22.11 -22.47
CA LEU NA 42 -5.10 -21.64 -23.51
C LEU NA 42 -5.70 -20.39 -24.13
N LEU NA 43 -5.40 -19.24 -23.56
CA LEU NA 43 -4.98 -18.09 -24.31
C LEU NA 43 -3.55 -17.71 -23.99
N ILE NA 44 -2.96 -18.32 -22.96
CA ILE NA 44 -1.71 -17.83 -22.41
C ILE NA 44 -0.54 -18.33 -23.24
N LEU NA 45 -0.60 -19.58 -23.67
CA LEU NA 45 0.40 -20.06 -24.62
C LEU NA 45 0.41 -19.17 -25.86
N LEU NA 46 -0.74 -18.63 -26.23
CA LEU NA 46 -0.77 -17.67 -27.32
C LEU NA 46 -0.15 -16.35 -26.90
N GLY NA 47 -0.03 -16.12 -25.60
CA GLY NA 47 0.63 -14.90 -25.14
C GLY NA 47 2.07 -14.81 -25.58
N LEU NA 48 2.69 -15.94 -25.94
CA LEU NA 48 4.03 -15.88 -26.49
C LEU NA 48 4.01 -15.29 -27.89
N VAL NA 49 2.95 -15.56 -28.65
CA VAL NA 49 2.90 -15.08 -30.02
C VAL NA 49 2.87 -13.57 -30.06
N VAL NA 50 2.12 -12.93 -29.16
CA VAL NA 50 2.00 -11.49 -29.20
C VAL NA 50 3.30 -10.79 -28.83
N VAL NA 51 4.20 -11.48 -28.14
CA VAL NA 51 5.52 -10.91 -27.89
C VAL NA 51 6.41 -11.04 -29.12
N ILE NA 52 6.26 -12.13 -29.87
CA ILE NA 52 7.02 -12.30 -31.10
C ILE NA 52 6.74 -11.15 -32.05
N VAL NA 53 5.46 -10.90 -32.33
CA VAL NA 53 5.12 -9.87 -33.30
C VAL NA 53 5.38 -8.48 -32.73
N PHE NA 54 5.14 -8.28 -31.44
CA PHE NA 54 5.26 -6.94 -30.88
C PHE NA 54 6.69 -6.44 -30.97
N THR NA 55 7.65 -7.25 -30.51
CA THR NA 55 9.04 -6.86 -30.63
C THR NA 55 9.43 -6.70 -32.10
N THR NA 56 8.95 -7.60 -32.95
CA THR NA 56 9.29 -7.52 -34.37
C THR NA 56 8.81 -6.21 -34.98
N VAL NA 57 7.50 -5.95 -34.93
CA VAL NA 57 6.98 -4.72 -35.51
C VAL NA 57 7.29 -3.51 -34.65
N GLY NA 58 7.72 -3.72 -33.42
CA GLY NA 58 8.10 -2.59 -32.59
C GLY NA 58 9.45 -2.05 -32.97
N LEU NA 59 10.43 -2.95 -33.13
CA LEU NA 59 11.78 -2.51 -33.42
C LEU NA 59 11.88 -1.70 -34.71
N THR NA 60 10.98 -1.93 -35.66
CA THR NA 60 11.03 -1.18 -36.90
C THR NA 60 10.58 0.27 -36.73
N PHE NA 61 9.95 0.62 -35.61
CA PHE NA 61 9.59 2.01 -35.37
C PHE NA 61 10.70 2.81 -34.74
N ILE NA 62 11.79 2.16 -34.31
CA ILE NA 62 12.89 2.88 -33.67
C ILE NA 62 13.49 3.91 -34.61
N LYS NA 63 13.67 3.53 -35.87
CA LYS NA 63 14.26 4.43 -36.85
C LYS NA 63 13.35 5.62 -37.14
N ASP OA 1 14.90 43.47 -28.87
CA ASP OA 1 15.15 42.21 -29.57
C ASP OA 1 15.35 41.06 -28.58
N LEU OA 2 15.71 39.90 -29.11
CA LEU OA 2 15.96 38.74 -28.29
C LEU OA 2 17.44 38.58 -27.97
N LEU OA 3 17.74 38.07 -26.78
CA LEU OA 3 19.11 37.67 -26.44
C LEU OA 3 19.19 36.17 -26.19
N ALA OA 4 20.42 35.66 -26.17
CA ALA OA 4 20.65 34.26 -25.82
C ALA OA 4 20.00 33.32 -26.84
N GLY OA 5 19.51 33.89 -27.93
CA GLY OA 5 18.38 33.35 -28.64
C GLY OA 5 18.76 32.52 -29.83
N GLY OA 6 20.00 32.69 -30.30
CA GLY OA 6 21.06 31.74 -30.02
C GLY OA 6 21.81 31.32 -31.28
N LYS OA 7 22.15 30.05 -31.36
CA LYS OA 7 21.31 29.07 -32.03
C LYS OA 7 20.10 28.69 -31.19
N ASP OA 8 19.02 28.30 -31.85
CA ASP OA 8 18.56 26.91 -31.81
C ASP OA 8 19.36 26.04 -32.76
N ASP OA 9 20.01 25.02 -32.21
CA ASP OA 9 19.92 23.67 -32.76
C ASP OA 9 19.46 22.68 -31.68
N VAL OA 10 19.46 23.13 -30.43
CA VAL OA 10 18.92 22.32 -29.34
C VAL OA 10 17.71 21.51 -29.79
N LYS OA 11 16.88 22.12 -30.62
CA LYS OA 11 15.75 21.42 -31.23
C LYS OA 11 16.21 20.20 -32.00
N ALA OA 12 17.25 20.32 -32.82
CA ALA OA 12 17.75 19.18 -33.55
C ALA OA 12 18.29 18.10 -32.62
N THR OA 13 18.76 18.50 -31.44
CA THR OA 13 19.26 17.52 -30.49
C THR OA 13 18.13 16.65 -29.94
N PHE OA 14 17.03 17.27 -29.55
CA PHE OA 14 15.89 16.55 -29.01
C PHE OA 14 14.79 16.29 -30.03
N GLY OA 15 15.02 16.65 -31.29
CA GLY OA 15 13.97 16.63 -32.30
C GLY OA 15 13.63 15.24 -32.82
N ALA OA 16 13.02 15.23 -34.00
CA ALA OA 16 12.42 14.03 -34.59
C ALA OA 16 13.39 12.86 -34.64
N ASP OA 17 14.41 12.94 -35.50
CA ASP OA 17 15.45 11.92 -35.54
C ASP OA 17 16.57 12.38 -34.62
N SER OA 18 16.72 11.69 -33.50
CA SER OA 18 17.65 12.12 -32.47
C SER OA 18 18.18 10.90 -31.75
N PHE OA 19 19.12 11.14 -30.84
CA PHE OA 19 19.56 10.07 -29.95
C PHE OA 19 18.63 9.91 -28.76
N VAL OA 20 18.19 11.03 -28.17
CA VAL OA 20 17.35 10.93 -26.98
C VAL OA 20 15.94 10.50 -27.35
N MET OA 21 15.43 10.95 -28.49
CA MET OA 21 14.14 10.49 -28.93
C MET OA 21 14.18 9.03 -29.33
N MET OA 22 15.37 8.52 -29.65
CA MET OA 22 15.53 7.12 -30.01
C MET OA 22 15.58 6.23 -28.77
N CYS OA 23 16.19 6.71 -27.68
CA CYS OA 23 16.21 5.90 -26.47
C CYS OA 23 14.91 6.01 -25.69
N ILE OA 24 14.24 7.15 -25.74
CA ILE OA 24 13.02 7.30 -24.96
C ILE OA 24 11.92 6.44 -25.54
N ILE OA 25 11.96 6.18 -26.84
CA ILE OA 25 10.99 5.29 -27.47
C ILE OA 25 11.34 3.82 -27.27
N ILE OA 26 12.62 3.48 -27.13
CA ILE OA 26 12.98 2.08 -27.00
C ILE OA 26 12.75 1.60 -25.59
N ALA OA 27 12.71 2.51 -24.62
CA ALA OA 27 12.41 2.11 -23.25
C ALA OA 27 10.94 1.76 -23.12
N GLU OA 28 10.07 2.51 -23.79
CA GLU OA 28 8.66 2.18 -23.83
C GLU OA 28 8.43 0.77 -24.33
N LEU OA 29 9.22 0.34 -25.31
CA LEU OA 29 9.08 -1.01 -25.84
C LEU OA 29 9.50 -2.05 -24.82
N ILE OA 30 10.64 -1.83 -24.18
CA ILE OA 30 11.24 -2.91 -23.40
C ILE OA 30 10.57 -3.04 -22.04
N VAL OA 31 10.11 -1.95 -21.44
CA VAL OA 31 9.36 -2.09 -20.20
C VAL OA 31 7.88 -2.24 -20.49
N GLY OA 32 7.47 -2.06 -21.74
CA GLY OA 32 6.11 -2.35 -22.11
C GLY OA 32 5.90 -3.85 -22.10
N VAL OA 33 6.84 -4.57 -22.72
CA VAL OA 33 6.76 -6.03 -22.73
C VAL OA 33 6.90 -6.57 -21.31
N ALA OA 34 7.76 -5.96 -20.50
CA ALA OA 34 7.93 -6.37 -19.12
C ALA OA 34 6.60 -6.36 -18.39
N MET OA 35 6.00 -5.18 -18.22
CA MET OA 35 4.74 -5.08 -17.50
C MET OA 35 3.63 -5.86 -18.16
N TYR OA 36 3.83 -6.30 -19.40
CA TYR OA 36 2.87 -7.19 -20.03
C TYR OA 36 3.04 -8.61 -19.52
N ILE OA 37 4.28 -9.10 -19.50
CA ILE OA 37 4.53 -10.49 -19.15
C ILE OA 37 4.13 -10.77 -17.71
N ARG OA 38 4.43 -9.83 -16.81
CA ARG OA 38 4.08 -10.00 -15.40
C ARG OA 38 2.59 -9.98 -15.17
N THR OA 39 1.81 -9.50 -16.14
CA THR OA 39 0.36 -9.37 -16.01
C THR OA 39 -0.37 -10.18 -17.07
N LYS OA 40 -0.10 -9.92 -18.35
CA LYS OA 40 -0.86 -10.43 -19.49
C LYS OA 40 -2.30 -9.91 -19.47
N ASN OA 41 -2.37 -8.60 -19.70
CA ASN OA 41 -3.53 -7.93 -20.25
C ASN OA 41 -3.03 -7.06 -21.39
N LEU OA 42 -3.85 -6.84 -22.39
CA LEU OA 42 -3.41 -5.94 -23.45
C LEU OA 42 -4.27 -4.69 -23.40
N LEU OA 43 -3.86 -3.73 -22.60
CA LEU OA 43 -3.81 -2.34 -23.00
C LEU OA 43 -2.40 -1.83 -23.04
N ILE OA 44 -1.45 -2.60 -22.50
CA ILE OA 44 -0.12 -2.07 -22.25
C ILE OA 44 0.72 -2.09 -23.51
N LEU OA 45 0.60 -3.16 -24.30
CA LEU OA 45 1.23 -3.14 -25.61
C LEU OA 45 0.75 -1.95 -26.41
N LEU OA 46 -0.49 -1.53 -26.21
CA LEU OA 46 -0.98 -0.32 -26.85
C LEU OA 46 -0.34 0.91 -26.23
N GLY OA 47 0.22 0.78 -25.02
CA GLY OA 47 0.91 1.90 -24.41
C GLY OA 47 2.10 2.37 -25.22
N LEU OA 48 2.62 1.52 -26.11
CA LEU OA 48 3.68 1.98 -26.99
C LEU OA 48 3.14 2.93 -28.04
N VAL OA 49 1.90 2.72 -28.47
CA VAL OA 49 1.34 3.56 -29.51
C VAL OA 49 1.19 4.99 -29.04
N VAL OA 50 0.76 5.18 -27.79
CA VAL OA 50 0.53 6.53 -27.31
C VAL OA 50 1.82 7.31 -27.14
N VAL OA 51 2.96 6.63 -27.05
CA VAL OA 51 4.24 7.32 -27.03
C VAL OA 51 4.66 7.71 -28.44
N ILE OA 52 4.33 6.89 -29.43
CA ILE OA 52 4.61 7.22 -30.82
C ILE OA 52 3.93 8.53 -31.18
N VAL OA 53 2.63 8.62 -30.96
CA VAL OA 53 1.90 9.81 -31.38
C VAL OA 53 2.25 10.99 -30.49
N PHE OA 54 2.46 10.76 -29.19
CA PHE OA 54 2.67 11.88 -28.28
C PHE OA 54 3.94 12.63 -28.64
N THR OA 55 5.05 11.91 -28.79
CA THR OA 55 6.28 12.56 -29.21
C THR OA 55 6.12 13.21 -30.58
N THR OA 56 5.44 12.53 -31.50
CA THR OA 56 5.26 13.08 -32.83
C THR OA 56 4.50 14.40 -32.79
N VAL OA 57 3.28 14.39 -32.26
CA VAL OA 57 2.51 15.62 -32.19
C VAL OA 57 3.02 16.56 -31.13
N GLY OA 58 3.86 16.08 -30.22
CA GLY OA 58 4.42 16.97 -29.23
C GLY OA 58 5.52 17.83 -29.81
N LEU OA 59 6.44 17.22 -30.55
CA LEU OA 59 7.57 17.95 -31.09
C LEU OA 59 7.15 19.10 -31.98
N THR OA 60 5.99 19.01 -32.63
CA THR OA 60 5.56 20.08 -33.50
C THR OA 60 5.09 21.31 -32.73
N PHE OA 61 4.88 21.21 -31.42
CA PHE OA 61 4.52 22.38 -30.63
C PHE OA 61 5.73 23.14 -30.13
N ILE OA 62 6.94 22.60 -30.31
CA ILE OA 62 8.14 23.28 -29.84
C ILE OA 62 8.29 24.63 -30.52
N LYS OA 63 8.06 24.68 -31.82
CA LYS OA 63 8.19 25.91 -32.58
C LYS OA 63 7.17 26.96 -32.15
N ASP PA 1 8.86 60.39 -12.60
CA ASP PA 1 8.96 59.46 -13.73
C ASP PA 1 9.56 58.14 -13.30
N LEU PA 2 9.79 57.26 -14.26
CA LEU PA 2 10.39 55.96 -13.99
C LEU PA 2 11.90 55.99 -14.22
N LEU PA 3 12.63 55.22 -13.43
CA LEU PA 3 14.06 54.99 -13.67
C LEU PA 3 14.33 53.53 -13.98
N ALA PA 4 15.52 53.25 -14.52
CA ALA PA 4 15.95 51.88 -14.75
C ALA PA 4 15.06 51.18 -15.77
N GLY PA 5 14.18 51.96 -16.40
CA GLY PA 5 12.90 51.44 -16.85
C GLY PA 5 12.91 51.07 -18.32
N GLY PA 6 13.88 51.59 -19.05
CA GLY PA 6 15.04 50.81 -19.45
C GLY PA 6 15.33 50.91 -20.94
N LYS PA 7 15.72 49.80 -21.54
CA LYS PA 7 14.76 48.93 -22.22
C LYS PA 7 13.95 48.12 -21.22
N ASP PA 8 12.74 47.74 -21.60
CA ASP PA 8 12.41 46.35 -21.89
C ASP PA 8 12.90 45.94 -23.28
N ASP PA 9 13.77 44.94 -23.33
CA ASP PA 9 13.58 43.81 -24.23
C ASP PA 9 13.60 42.49 -23.48
N VAL PA 10 14.00 42.54 -22.21
CA VAL PA 10 13.93 41.38 -21.34
C VAL PA 10 12.71 40.54 -21.63
N LYS PA 11 11.59 41.20 -21.92
CA LYS PA 11 10.39 40.51 -22.35
C LYS PA 11 10.62 39.67 -23.58
N ALA PA 12 11.30 40.21 -24.60
CA ALA PA 12 11.59 39.43 -25.78
C ALA PA 12 12.50 38.25 -25.48
N THR PA 13 13.32 38.36 -24.43
CA THR PA 13 14.19 37.25 -24.07
C THR PA 13 13.39 36.08 -23.53
N PHE PA 14 12.45 36.35 -22.64
CA PHE PA 14 11.63 35.31 -22.04
C PHE PA 14 10.26 35.18 -22.71
N GLY PA 15 10.01 35.91 -23.78
CA GLY PA 15 8.68 36.01 -24.36
C GLY PA 15 8.28 34.80 -25.17
N ALA PA 16 7.29 35.01 -26.05
CA ALA PA 16 6.60 33.95 -26.78
C ALA PA 16 7.57 33.04 -27.52
N ASP PA 17 8.21 33.55 -28.57
CA ASP PA 17 9.25 32.79 -29.27
C ASP PA 17 10.59 33.15 -28.65
N SER PA 18 11.17 32.20 -27.92
CA SER PA 18 12.36 32.48 -27.15
C SER PA 18 13.20 31.21 -27.07
N PHE PA 19 14.38 31.33 -26.48
CA PHE PA 19 15.17 30.16 -26.19
C PHE PA 19 14.72 29.50 -24.89
N VAL PA 20 14.46 30.29 -23.85
CA VAL PA 20 14.09 29.70 -22.57
C VAL PA 20 12.68 29.15 -22.60
N MET PA 21 11.77 29.82 -23.31
CA MET PA 21 10.43 29.28 -23.45
C MET PA 21 10.44 28.04 -24.32
N MET PA 22 11.48 27.86 -25.14
CA MET PA 22 11.60 26.67 -25.97
C MET PA 22 12.14 25.49 -25.19
N CYS PA 23 13.05 25.72 -24.24
CA CYS PA 23 13.55 24.61 -23.44
C CYS PA 23 12.60 24.27 -22.30
N ILE PA 24 11.88 25.24 -21.76
CA ILE PA 24 11.01 24.93 -20.64
C ILE PA 24 9.83 24.09 -21.10
N ILE PA 25 9.44 24.23 -22.37
CA ILE PA 25 8.37 23.41 -22.93
C ILE PA 25 8.87 22.03 -23.34
N ILE PA 26 10.13 21.90 -23.73
CA ILE PA 26 10.62 20.62 -24.20
C ILE PA 26 10.93 19.71 -23.03
N ALA PA 27 11.17 20.27 -21.85
CA ALA PA 27 11.39 19.44 -20.67
C ALA PA 27 10.08 18.81 -20.22
N GLU PA 28 8.99 19.56 -20.30
CA GLU PA 28 7.68 19.01 -20.01
C GLU PA 28 7.39 17.78 -20.85
N LEU PA 29 7.81 17.81 -22.12
CA LEU PA 29 7.59 16.67 -22.99
C LEU PA 29 8.42 15.47 -22.56
N ILE PA 30 9.69 15.70 -22.27
CA ILE PA 30 10.60 14.56 -22.12
C ILE PA 30 10.46 13.91 -20.75
N VAL PA 31 10.16 14.69 -19.71
CA VAL PA 31 9.90 14.06 -18.42
C VAL PA 31 8.43 13.75 -18.27
N GLY PA 32 7.60 14.21 -19.19
CA GLY PA 32 6.22 13.79 -19.20
C GLY PA 32 6.13 12.35 -19.63
N VAL PA 33 6.83 12.02 -20.72
CA VAL PA 33 6.87 10.64 -21.18
C VAL PA 33 7.54 9.74 -20.15
N ALA PA 34 8.58 10.23 -19.49
CA ALA PA 34 9.24 9.46 -18.45
C ALA PA 34 8.25 9.03 -17.38
N MET PA 35 7.68 9.99 -16.66
CA MET PA 35 6.75 9.64 -15.59
C MET PA 35 5.52 8.89 -16.10
N TYR PA 36 5.32 8.88 -17.41
CA TYR PA 36 4.26 8.06 -17.97
C TYR PA 36 4.69 6.60 -18.05
N ILE PA 37 5.90 6.36 -18.57
CA ILE PA 37 6.35 5.00 -18.81
C ILE PA 37 6.49 4.25 -17.49
N ARG PA 38 7.02 4.91 -16.47
CA ARG PA 38 7.21 4.28 -15.17
C ARG PA 38 5.88 3.96 -14.50
N THR PA 39 4.79 4.56 -14.95
CA THR PA 39 3.47 4.39 -14.35
C THR PA 39 2.47 3.81 -15.34
N LYS PA 40 2.25 4.47 -16.47
CA LYS PA 40 1.19 4.18 -17.43
C LYS PA 40 -0.19 4.42 -16.79
N ASN PA 41 -0.43 5.69 -16.54
CA ASN PA 41 -1.74 6.29 -16.45
C ASN PA 41 -1.73 7.52 -17.31
N LEU PA 42 -2.88 7.87 -17.90
CA LEU PA 42 -2.89 9.10 -18.66
C LEU PA 42 -3.76 10.11 -17.94
N LEU PA 43 -3.18 10.85 -17.02
CA LEU PA 43 -3.37 12.28 -16.94
C LEU PA 43 -2.08 13.03 -17.23
N ILE PA 44 -0.96 12.32 -17.30
CA ILE PA 44 0.33 12.99 -17.31
C ILE PA 44 0.68 13.48 -18.69
N LEU PA 45 0.36 12.68 -19.72
CA LEU PA 45 0.49 13.19 -21.07
C LEU PA 45 -0.32 14.46 -21.25
N LEU PA 46 -1.44 14.56 -20.54
CA LEU PA 46 -2.19 15.81 -20.56
C LEU PA 46 -1.47 16.89 -19.79
N GLY PA 47 -0.52 16.52 -18.93
CA GLY PA 47 0.26 17.52 -18.23
C GLY PA 47 1.05 18.41 -19.15
N LEU PA 48 1.29 17.96 -20.38
CA LEU PA 48 1.94 18.85 -21.36
C LEU PA 48 1.00 19.95 -21.80
N VAL PA 49 -0.29 19.66 -21.88
CA VAL PA 49 -1.24 20.65 -22.35
C VAL PA 49 -1.32 21.82 -21.40
N VAL PA 50 -1.29 21.56 -20.09
CA VAL PA 50 -1.43 22.65 -19.14
C VAL PA 50 -0.22 23.56 -19.13
N VAL PA 51 0.92 23.10 -19.62
CA VAL PA 51 2.07 23.98 -19.78
C VAL PA 51 1.95 24.83 -21.02
N ILE PA 52 1.34 24.28 -22.09
CA ILE PA 52 1.10 25.05 -23.29
C ILE PA 52 0.25 26.27 -22.97
N VAL PA 53 -0.90 26.05 -22.34
CA VAL PA 53 -1.81 27.16 -22.09
C VAL PA 53 -1.26 28.07 -21.01
N PHE PA 54 -0.58 27.52 -19.99
CA PHE PA 54 -0.14 28.34 -18.88
C PHE PA 54 0.87 29.38 -19.33
N THR PA 55 1.90 28.95 -20.06
CA THR PA 55 2.86 29.90 -20.59
C THR PA 55 2.19 30.88 -21.55
N THR PA 56 1.27 30.38 -22.38
CA THR PA 56 0.59 31.25 -23.32
C THR PA 56 -0.19 32.35 -22.62
N VAL PA 57 -1.15 31.97 -21.77
CA VAL PA 57 -1.92 32.97 -21.06
C VAL PA 57 -1.14 33.64 -19.94
N GLY PA 58 -0.01 33.07 -19.57
CA GLY PA 58 0.81 33.71 -18.56
C GLY PA 58 1.57 34.89 -19.12
N LEU PA 59 2.20 34.70 -20.27
CA LEU PA 59 3.03 35.75 -20.86
C LEU PA 59 2.24 37.01 -21.14
N THR PA 60 0.94 36.90 -21.38
CA THR PA 60 0.16 38.10 -21.67
C THR PA 60 -0.10 38.94 -20.44
N PHE PA 61 0.16 38.41 -19.24
CA PHE PA 61 0.03 39.23 -18.03
C PHE PA 61 1.28 40.02 -17.70
N ILE PA 62 2.38 39.77 -18.42
CA ILE PA 62 3.63 40.49 -18.14
C ILE PA 62 3.44 41.99 -18.34
N LYS PA 63 2.76 42.37 -19.41
CA LYS PA 63 2.54 43.77 -19.71
C LYS PA 63 1.65 44.44 -18.67
N ASP QA 1 7.76 70.48 9.40
CA ASP QA 1 7.51 69.95 8.07
C ASP QA 1 8.32 68.68 7.82
N LEU QA 2 8.26 68.19 6.59
CA LEU QA 2 9.01 67.00 6.21
C LEU QA 2 10.33 67.36 5.55
N LEU QA 3 11.34 66.54 5.78
CA LEU QA 3 12.60 66.64 5.05
C LEU QA 3 12.86 65.40 4.19
N ALA QA 4 13.79 65.52 3.26
CA ALA QA 4 14.22 64.38 2.46
C ALA QA 4 13.07 63.85 1.59
N GLY QA 5 11.98 64.60 1.56
CA GLY QA 5 10.66 64.03 1.38
C GLY QA 5 10.18 64.11 -0.05
N GLY QA 6 10.80 64.99 -0.83
CA GLY QA 6 11.79 64.57 -1.81
C GLY QA 6 11.53 65.17 -3.18
N LYS QA 7 11.76 64.35 -4.21
CA LYS QA 7 10.69 63.56 -4.81
C LYS QA 7 10.34 62.36 -3.94
N ASP QA 8 9.10 61.91 -4.05
CA ASP QA 8 8.80 60.62 -4.66
C ASP QA 8 8.78 60.72 -6.17
N ASP QA 9 9.65 59.96 -6.83
CA ASP QA 9 9.24 59.13 -7.96
C ASP QA 9 9.62 57.66 -7.73
N VAL QA 10 10.43 57.42 -6.70
CA VAL QA 10 10.76 56.06 -6.30
C VAL QA 10 9.56 55.13 -6.47
N LYS QA 11 8.38 55.65 -6.16
CA LYS QA 11 7.14 54.91 -6.40
C LYS QA 11 7.00 54.51 -7.85
N ALA QA 12 7.23 55.44 -8.78
CA ALA QA 12 7.14 55.11 -10.19
C ALA QA 12 8.18 54.08 -10.59
N THR QA 13 9.30 54.02 -9.87
CA THR QA 13 10.32 53.02 -10.19
C THR QA 13 9.84 51.62 -9.86
N PHE QA 14 9.26 51.46 -8.68
CA PHE QA 14 8.77 50.15 -8.23
C PHE QA 14 7.27 49.97 -8.45
N GLY QA 15 6.61 50.94 -9.09
CA GLY QA 15 5.17 50.95 -9.17
C GLY QA 15 4.58 49.98 -10.17
N ALA QA 16 3.34 50.26 -10.57
CA ALA QA 16 2.52 49.35 -11.37
C ALA QA 16 3.23 48.89 -12.63
N ASP QA 17 3.43 49.78 -13.60
CA ASP QA 17 4.20 49.46 -14.79
C ASP QA 17 5.64 49.86 -14.52
N SER QA 18 6.51 48.86 -14.38
CA SER QA 18 7.87 49.11 -13.96
C SER QA 18 8.77 48.04 -14.58
N PHE QA 19 10.07 48.20 -14.37
CA PHE QA 19 11.00 47.15 -14.76
C PHE QA 19 11.08 46.07 -13.68
N VAL QA 20 11.13 46.47 -12.40
CA VAL QA 20 11.28 45.48 -11.35
C VAL QA 20 9.99 44.71 -11.13
N MET QA 21 8.85 45.39 -11.25
CA MET QA 21 7.58 44.68 -11.15
C MET QA 21 7.37 43.77 -12.34
N MET QA 22 8.07 44.02 -13.44
CA MET QA 22 7.97 43.17 -14.62
C MET QA 22 8.83 41.93 -14.50
N CYS QA 23 10.00 42.04 -13.86
CA CYS QA 23 10.82 40.85 -13.67
C CYS QA 23 10.36 40.02 -12.48
N ILE QA 24 9.81 40.64 -11.44
CA ILE QA 24 9.41 39.87 -10.28
C ILE QA 24 8.20 39.01 -10.61
N ILE QA 25 7.38 39.44 -11.57
CA ILE QA 25 6.25 38.64 -12.01
C ILE QA 25 6.67 37.56 -13.00
N ILE QA 26 7.71 37.78 -13.77
CA ILE QA 26 8.10 36.79 -14.77
C ILE QA 26 8.86 35.65 -14.13
N ALA QA 27 9.46 35.88 -12.97
CA ALA QA 27 10.14 34.79 -12.27
C ALA QA 27 9.13 33.84 -11.66
N GLU QA 28 8.02 34.37 -11.15
CA GLU QA 28 6.93 33.53 -10.67
C GLU QA 28 6.45 32.57 -11.75
N LEU QA 29 6.41 33.04 -12.99
CA LEU QA 29 5.96 32.19 -14.09
C LEU QA 29 6.98 31.08 -14.35
N ILE QA 30 8.25 31.43 -14.42
CA ILE QA 30 9.22 30.49 -14.94
C ILE QA 30 9.62 29.46 -13.89
N VAL QA 31 9.66 29.84 -12.62
CA VAL QA 31 9.91 28.83 -11.61
C VAL QA 31 8.61 28.22 -11.12
N GLY QA 32 7.48 28.76 -11.53
CA GLY QA 32 6.21 28.13 -11.25
C GLY QA 32 6.07 26.89 -12.09
N VAL QA 33 6.39 27.02 -13.38
CA VAL QA 33 6.35 25.86 -14.27
C VAL QA 33 7.39 24.83 -13.85
N ALA QA 34 8.57 25.29 -13.43
CA ALA QA 34 9.61 24.39 -12.96
C ALA QA 34 9.08 23.49 -11.85
N MET QA 35 8.74 24.08 -10.71
CA MET QA 35 8.27 23.27 -9.58
C MET QA 35 6.99 22.50 -9.91
N TYR QA 36 6.33 22.84 -11.02
CA TYR QA 36 5.21 22.03 -11.47
C TYR QA 36 5.70 20.76 -12.15
N ILE QA 37 6.64 20.91 -13.07
CA ILE QA 37 7.09 19.77 -13.88
C ILE QA 37 7.73 18.72 -13.01
N ARG QA 38 8.54 19.14 -12.04
CA ARG QA 38 9.21 18.20 -11.14
C ARG QA 38 8.23 17.46 -10.24
N THR QA 39 7.01 17.97 -10.12
CA THR QA 39 6.00 17.39 -9.23
C THR QA 39 4.76 16.96 -9.99
N LYS QA 40 4.11 17.87 -10.71
CA LYS QA 40 2.81 17.68 -11.33
C LYS QA 40 1.73 17.47 -10.26
N ASN QA 41 1.51 18.56 -9.53
CA ASN QA 41 0.26 18.85 -8.84
C ASN QA 41 -0.12 20.27 -9.21
N LEU QA 42 -1.42 20.56 -9.26
CA LEU QA 42 -1.78 21.94 -9.53
C LEU QA 42 -2.41 22.51 -8.27
N LEU QA 43 -1.60 23.05 -7.39
CA LEU QA 43 -1.85 24.34 -6.78
C LEU QA 43 -0.80 25.35 -7.19
N ILE QA 44 0.27 24.92 -7.84
CA ILE QA 44 1.44 25.76 -8.01
C ILE QA 44 1.24 26.70 -9.20
N LEU QA 45 0.64 26.19 -10.27
CA LEU QA 45 0.25 27.09 -11.35
C LEU QA 45 -0.65 28.18 -10.83
N LEU QA 46 -1.46 27.88 -9.82
CA LEU QA 46 -2.26 28.92 -9.19
C LEU QA 46 -1.39 29.84 -8.36
N GLY QA 47 -0.18 29.41 -8.01
CA GLY QA 47 0.72 30.29 -7.29
C GLY QA 47 1.08 31.54 -8.06
N LEU QA 48 0.91 31.52 -9.39
CA LEU QA 48 1.12 32.74 -10.15
C LEU QA 48 0.00 33.74 -9.89
N VAL QA 49 -1.22 33.25 -9.66
CA VAL QA 49 -2.33 34.15 -9.46
C VAL QA 49 -2.15 34.97 -8.19
N VAL QA 50 -1.65 34.35 -7.12
CA VAL QA 50 -1.53 35.08 -5.86
C VAL QA 50 -0.45 36.14 -5.93
N VAL QA 51 0.47 36.06 -6.87
CA VAL QA 51 1.43 37.14 -7.07
C VAL QA 51 0.82 38.28 -7.86
N ILE QA 52 -0.08 37.96 -8.79
CA ILE QA 52 -0.79 38.99 -9.54
C ILE QA 52 -1.54 39.89 -8.59
N VAL QA 53 -2.38 39.30 -7.75
CA VAL QA 53 -3.22 40.09 -6.87
C VAL QA 53 -2.39 40.74 -5.77
N PHE QA 54 -1.37 40.05 -5.26
CA PHE QA 54 -0.63 40.57 -4.13
C PHE QA 54 0.08 41.87 -4.50
N THR QA 55 0.83 41.85 -5.60
CA THR QA 55 1.47 43.08 -6.05
C THR QA 55 0.44 44.15 -6.37
N THR QA 56 -0.68 43.76 -6.99
CA THR QA 56 -1.69 44.74 -7.34
C THR QA 56 -2.26 45.42 -6.10
N VAL QA 57 -2.83 44.64 -5.18
CA VAL QA 57 -3.38 45.24 -3.97
C VAL QA 57 -2.30 45.68 -2.99
N GLY QA 58 -1.06 45.24 -3.20
CA GLY QA 58 0.00 45.70 -2.34
C GLY QA 58 0.43 47.11 -2.68
N LEU QA 59 0.64 47.37 -3.97
CA LEU QA 59 1.12 48.67 -4.40
C LEU QA 59 0.20 49.81 -3.98
N THR QA 60 -1.08 49.54 -3.83
CA THR QA 60 -2.01 50.60 -3.44
C THR QA 60 -1.87 51.00 -1.98
N PHE QA 61 -1.17 50.20 -1.17
CA PHE QA 61 -0.92 50.58 0.22
C PHE QA 61 0.31 51.45 0.38
N ILE QA 62 1.11 51.63 -0.67
CA ILE QA 62 2.31 52.45 -0.56
C ILE QA 62 1.95 53.88 -0.18
N LYS QA 63 0.92 54.43 -0.80
CA LYS QA 63 0.51 55.80 -0.53
C LYS QA 63 0.00 55.97 0.89
N ASP RA 1 13.71 73.35 32.72
CA ASP RA 1 13.05 73.20 31.43
C ASP RA 1 13.82 72.23 30.54
N LEU RA 2 13.36 72.10 29.29
CA LEU RA 2 14.01 71.23 28.32
C LEU RA 2 14.99 72.00 27.46
N LEU RA 3 16.08 71.34 27.06
CA LEU RA 3 16.98 71.89 26.06
C LEU RA 3 17.00 71.01 24.80
N ALA RA 4 17.55 71.56 23.72
CA ALA RA 4 17.75 70.79 22.50
C ALA RA 4 16.41 70.35 21.91
N GLY RA 5 15.32 70.87 22.46
CA GLY RA 5 14.07 70.15 22.52
C GLY RA 5 13.11 70.55 21.42
N GLY RA 6 13.36 71.71 20.83
CA GLY RA 6 13.98 71.79 19.52
C GLY RA 6 13.21 72.69 18.57
N LYS RA 7 13.12 72.28 17.31
CA LYS RA 7 11.96 71.52 16.84
C LYS RA 7 12.02 70.07 17.31
N ASP RA 8 10.86 69.45 17.46
CA ASP RA 8 10.45 68.37 16.58
C ASP RA 8 9.90 68.92 15.27
N ASP RA 9 10.54 68.53 14.16
CA ASP RA 9 9.82 68.00 13.00
C ASP RA 9 10.35 66.64 12.60
N VAL RA 10 11.48 66.25 13.18
CA VAL RA 10 12.03 64.91 12.99
C VAL RA 10 10.92 63.88 12.89
N LYS RA 11 9.89 64.05 13.71
CA LYS RA 11 8.70 63.21 13.63
C LYS RA 11 8.08 63.23 12.24
N ALA RA 12 7.91 64.42 11.66
CA ALA RA 12 7.35 64.50 10.32
C ALA RA 12 8.25 63.84 9.29
N THR RA 13 9.57 63.77 9.57
CA THR RA 13 10.47 63.11 8.63
C THR RA 13 10.24 61.61 8.61
N PHE RA 14 10.12 61.00 9.78
CA PHE RA 14 9.91 59.57 9.89
C PHE RA 14 8.45 59.19 10.10
N GLY RA 15 7.54 60.16 10.07
CA GLY RA 15 6.16 59.94 10.45
C GLY RA 15 5.33 59.22 9.41
N ALA RA 16 4.01 59.37 9.53
CA ALA RA 16 3.03 58.61 8.77
C ALA RA 16 3.28 58.66 7.27
N ASP RA 17 3.07 59.83 6.65
CA ASP RA 17 3.38 60.01 5.24
C ASP RA 17 4.80 60.56 5.16
N SER RA 18 5.73 59.74 4.69
CA SER RA 18 7.13 60.09 4.72
C SER RA 18 7.82 59.44 3.54
N PHE RA 19 9.11 59.74 3.39
CA PHE RA 19 9.91 59.04 2.40
C PHE RA 19 10.44 57.73 2.97
N VAL RA 20 10.90 57.74 4.22
CA VAL RA 20 11.49 56.53 4.79
C VAL RA 20 10.40 55.52 5.12
N MET RA 21 9.25 55.98 5.59
CA MET RA 21 8.16 55.07 5.83
C MET RA 21 7.60 54.51 4.53
N MET RA 22 7.85 55.20 3.43
CA MET RA 22 7.42 54.73 2.12
C MET RA 22 8.35 53.67 1.55
N CYS RA 23 9.65 53.80 1.80
CA CYS RA 23 10.57 52.78 1.31
C CYS RA 23 10.61 51.56 2.23
N ILE RA 24 10.42 51.76 3.54
CA ILE RA 24 10.50 50.62 4.45
C ILE RA 24 9.31 49.70 4.23
N ILE RA 25 8.19 50.23 3.77
CA ILE RA 25 7.03 49.40 3.46
C ILE RA 25 7.14 48.74 2.09
N ILE RA 26 7.84 49.36 1.14
CA ILE RA 26 7.92 48.79 -0.18
C ILE RA 26 8.93 47.67 -0.23
N ALA RA 27 9.89 47.66 0.69
CA ALA RA 27 10.85 46.56 0.75
C ALA RA 27 10.17 45.30 1.28
N GLU RA 28 9.28 45.45 2.25
CA GLU RA 28 8.49 44.33 2.74
C GLU RA 28 7.73 43.65 1.60
N LEU RA 29 7.22 44.44 0.67
CA LEU RA 29 6.49 43.88 -0.46
C LEU RA 29 7.41 43.10 -1.37
N ILE RA 30 8.56 43.68 -1.71
CA ILE RA 30 9.35 43.12 -2.80
C ILE RA 30 10.16 41.92 -2.33
N VAL RA 31 10.61 41.92 -1.07
CA VAL RA 31 11.27 40.71 -0.59
C VAL RA 31 10.28 39.77 0.03
N GLY RA 32 9.02 40.19 0.20
CA GLY RA 32 7.99 39.29 0.64
C GLY RA 32 7.65 38.34 -0.49
N VAL RA 33 7.48 38.90 -1.69
CA VAL RA 33 7.22 38.06 -2.86
C VAL RA 33 8.41 37.16 -3.16
N ALA RA 34 9.62 37.68 -2.99
CA ALA RA 34 10.82 36.88 -3.19
C ALA RA 34 10.79 35.62 -2.34
N MET RA 35 10.82 35.78 -1.02
CA MET RA 35 10.82 34.61 -0.14
C MET RA 35 9.59 33.76 -0.30
N TYR RA 36 8.56 34.27 -0.97
CA TYR RA 36 7.41 33.44 -1.30
C TYR RA 36 7.71 32.53 -2.48
N ILE RA 37 8.27 33.12 -3.54
CA ILE RA 37 8.47 32.36 -4.78
C ILE RA 37 9.45 31.23 -4.55
N ARG RA 38 10.52 31.49 -3.80
CA ARG RA 38 11.52 30.47 -3.52
C ARG RA 38 10.98 29.34 -2.66
N THR RA 39 9.84 29.55 -2.01
CA THR RA 39 9.25 28.57 -1.10
C THR RA 39 7.86 28.17 -1.54
N LYS RA 40 6.94 29.13 -1.68
CA LYS RA 40 5.51 28.89 -1.88
C LYS RA 40 4.89 28.18 -0.68
N ASN RA 41 4.86 28.95 0.41
CA ASN RA 41 3.93 28.80 1.50
C ASN RA 41 3.34 30.18 1.77
N LEU RA 42 2.10 30.23 2.23
CA LEU RA 42 1.57 31.54 2.56
C LEU RA 42 1.37 31.60 4.07
N LEU RA 43 2.41 32.00 4.78
CA LEU RA 43 2.30 32.98 5.83
C LEU RA 43 3.06 34.24 5.49
N ILE RA 44 3.86 34.21 4.43
CA ILE RA 44 4.83 35.28 4.20
C ILE RA 44 4.17 36.46 3.52
N LEU RA 45 3.27 36.19 2.57
CA LEU RA 45 2.46 37.27 2.04
C LEU RA 45 1.72 37.99 3.15
N LEU RA 46 1.34 37.27 4.19
CA LEU RA 46 0.75 37.91 5.35
C LEU RA 46 1.78 38.70 6.13
N GLY RA 47 3.07 38.41 5.91
CA GLY RA 47 4.10 39.18 6.57
C GLY RA 47 4.08 40.65 6.19
N LEU RA 48 3.45 40.99 5.07
CA LEU RA 48 3.30 42.40 4.73
C LEU RA 48 2.27 43.06 5.64
N VAL RA 49 1.25 42.31 6.05
CA VAL RA 49 0.21 42.90 6.89
C VAL RA 49 0.77 43.33 8.23
N VAL RA 50 1.66 42.52 8.82
CA VAL RA 50 2.17 42.87 10.14
C VAL RA 50 3.07 44.08 10.12
N VAL RA 51 3.61 44.44 8.95
CA VAL RA 51 4.36 45.68 8.84
C VAL RA 51 3.43 46.87 8.71
N ILE RA 52 2.29 46.68 8.04
CA ILE RA 52 1.29 47.75 7.95
C ILE RA 52 0.86 48.18 9.33
N VAL RA 53 0.41 47.22 10.14
CA VAL RA 53 -0.11 47.58 11.45
C VAL RA 53 1.00 48.01 12.38
N PHE RA 54 2.16 47.39 12.29
CA PHE RA 54 3.23 47.69 13.25
C PHE RA 54 3.68 49.14 13.13
N THR RA 55 3.98 49.58 11.92
CA THR RA 55 4.34 50.98 11.72
C THR RA 55 3.19 51.89 12.12
N THR RA 56 1.96 51.52 11.78
CA THR RA 56 0.82 52.35 12.12
C THR RA 56 0.68 52.53 13.62
N VAL RA 57 0.53 51.42 14.36
CA VAL RA 57 0.38 51.53 15.80
C VAL RA 57 1.69 51.86 16.48
N GLY RA 58 2.82 51.72 15.78
CA GLY RA 58 4.08 52.09 16.36
C GLY RA 58 4.26 53.59 16.40
N LEU RA 59 3.99 54.26 15.28
CA LEU RA 59 4.21 55.69 15.18
C LEU RA 59 3.42 56.48 16.21
N THR RA 60 2.28 55.95 16.65
CA THR RA 60 1.48 56.66 17.64
C THR RA 60 2.10 56.64 19.03
N PHE RA 61 3.09 55.77 19.27
CA PHE RA 61 3.78 55.78 20.55
C PHE RA 61 4.92 56.77 20.62
N ILE RA 62 5.28 57.38 19.50
CA ILE RA 62 6.39 58.34 19.49
C ILE RA 62 6.10 59.50 20.42
N LYS RA 63 4.87 60.02 20.38
CA LYS RA 63 4.49 61.16 21.20
C LYS RA 63 4.50 60.80 22.68
N ASP SA 1 27.24 70.33 52.60
CA ASP SA 1 26.18 70.45 51.60
C ASP SA 1 26.65 69.93 50.24
N LEU SA 2 25.79 70.10 49.24
CA LEU SA 2 26.13 69.67 47.88
C LEU SA 2 26.69 70.82 47.06
N LEU SA 3 27.61 70.51 46.16
CA LEU SA 3 28.07 71.48 45.16
C LEU SA 3 27.71 71.03 43.75
N ALA SA 4 27.80 71.95 42.81
CA ALA SA 4 27.61 71.63 41.40
C ALA SA 4 26.18 71.14 41.14
N GLY SA 5 25.33 71.28 42.14
CA GLY SA 5 24.23 70.35 42.33
C GLY SA 5 22.93 70.88 41.79
N GLY SA 6 22.87 72.19 41.57
CA GLY SA 6 22.97 72.76 40.24
C GLY SA 6 21.86 73.75 39.93
N LYS SA 7 21.37 73.70 38.70
CA LYS SA 7 20.18 72.91 38.39
C LYS SA 7 20.51 71.43 38.30
N ASP SA 8 19.52 70.60 38.59
CA ASP SA 8 18.89 69.76 37.57
C ASP SA 8 17.88 70.56 36.75
N ASP SA 9 18.12 70.63 35.45
CA ASP SA 9 17.08 70.35 34.46
C ASP SA 9 17.53 69.26 33.48
N VAL SA 10 18.82 68.95 33.51
CA VAL SA 10 19.35 67.84 32.72
C VAL SA 10 18.35 66.70 32.64
N LYS SA 11 17.65 66.43 33.74
CA LYS SA 11 16.58 65.46 33.75
C LYS SA 11 15.51 65.78 32.73
N ALA SA 12 15.07 67.03 32.65
CA ALA SA 12 14.08 67.40 31.65
C ALA SA 12 14.61 67.24 30.24
N THR SA 13 15.92 67.33 30.06
CA THR SA 13 16.49 67.15 28.73
C THR SA 13 16.38 65.70 28.28
N PHE SA 14 16.72 64.76 29.16
CA PHE SA 14 16.65 63.34 28.84
C PHE SA 14 15.39 62.68 29.35
N GLY SA 15 14.46 63.43 29.92
CA GLY SA 15 13.32 62.86 30.61
C GLY SA 15 12.23 62.33 29.70
N ALA SA 16 11.04 62.21 30.28
CA ALA SA 16 9.90 61.54 29.64
C ALA SA 16 9.62 62.07 28.24
N ASP SA 17 9.11 63.30 28.15
CA ASP SA 17 8.90 63.94 26.85
C ASP SA 17 10.16 64.74 26.53
N SER SA 18 10.92 64.26 25.56
CA SER SA 18 12.22 64.84 25.26
C SER SA 18 12.50 64.69 23.78
N PHE SA 19 13.62 65.27 23.35
CA PHE SA 19 14.08 65.03 21.98
C PHE SA 19 14.86 63.72 21.90
N VAL SA 20 15.74 63.46 22.87
CA VAL SA 20 16.56 62.26 22.78
C VAL SA 20 15.73 61.02 23.08
N MET SA 21 14.79 61.11 24.01
CA MET SA 21 13.91 59.98 24.26
C MET SA 21 12.98 59.73 23.09
N MET SA 22 12.78 60.75 22.25
CA MET SA 22 11.93 60.61 21.07
C MET SA 22 12.69 59.95 19.92
N CYS SA 23 13.98 60.23 19.78
CA CYS SA 23 14.75 59.58 18.72
C CYS SA 23 15.19 58.18 19.13
N ILE SA 24 15.45 57.95 20.40
CA ILE SA 24 15.92 56.62 20.80
C ILE SA 24 14.81 55.60 20.67
N ILE SA 25 13.55 56.03 20.79
CA ILE SA 25 12.43 55.15 20.60
C ILE SA 25 12.10 54.95 19.12
N ILE SA 26 12.38 55.93 18.27
CA ILE SA 26 12.03 55.80 16.87
C ILE SA 26 13.03 54.93 16.14
N ALA SA 27 14.26 54.82 16.66
CA ALA SA 27 15.23 53.95 16.06
C ALA SA 27 14.88 52.48 16.31
N GLU SA 28 14.38 52.18 17.51
CA GLU SA 28 13.89 50.85 17.79
C GLU SA 28 12.83 50.41 16.80
N LEU SA 29 11.98 51.34 16.39
CA LEU SA 29 10.93 51.00 15.43
C LEU SA 29 11.52 50.70 14.06
N ILE SA 30 12.44 51.55 13.61
CA ILE SA 30 12.84 51.48 12.21
C ILE SA 30 13.85 50.37 11.97
N VAL SA 31 14.70 50.07 12.94
CA VAL SA 31 15.58 48.91 12.77
C VAL SA 31 14.92 47.67 13.32
N GLY SA 32 13.79 47.80 13.99
CA GLY SA 32 13.04 46.63 14.40
C GLY SA 32 12.40 46.02 13.19
N VAL SA 33 11.77 46.85 12.36
CA VAL SA 33 11.18 46.36 11.12
C VAL SA 33 12.25 45.82 10.18
N ALA SA 34 13.40 46.47 10.14
CA ALA SA 34 14.51 46.00 9.31
C ALA SA 34 14.86 44.56 9.66
N MET SA 35 15.34 44.32 10.88
CA MET SA 35 15.75 42.98 11.27
C MET SA 35 14.58 42.00 11.22
N TYR SA 36 13.35 42.49 11.11
CA TYR SA 36 12.22 41.60 10.90
C TYR SA 36 12.15 41.16 9.46
N ILE SA 37 12.26 42.10 8.54
CA ILE SA 37 12.08 41.78 7.12
C ILE SA 37 13.15 40.83 6.63
N ARG SA 38 14.39 41.04 7.06
CA ARG SA 38 15.49 40.19 6.66
C ARG SA 38 15.36 38.78 7.21
N THR SA 39 14.52 38.58 8.21
CA THR SA 39 14.35 37.30 8.88
C THR SA 39 12.92 36.80 8.78
N LYS SA 40 11.95 37.56 9.27
CA LYS SA 40 10.56 37.15 9.44
C LYS SA 40 10.45 36.03 10.48
N ASN SA 41 10.77 36.42 11.71
CA ASN SA 41 10.27 35.79 12.91
C ASN SA 41 9.73 36.91 13.80
N LEU SA 42 8.72 36.61 14.61
CA LEU SA 42 8.25 37.65 15.51
C LEU SA 42 8.59 37.23 16.92
N LEU SA 43 9.78 37.58 17.37
CA LEU SA 43 9.98 38.18 18.68
C LEU SA 43 10.47 39.60 18.55
N ILE SA 44 10.86 40.02 17.36
CA ILE SA 44 11.61 41.26 17.21
C ILE SA 44 10.67 42.45 17.21
N LEU SA 45 9.52 42.32 16.55
CA LEU SA 45 8.50 43.34 16.68
C LEU SA 45 8.15 43.57 18.13
N LEU SA 46 8.21 42.51 18.94
CA LEU SA 46 8.01 42.68 20.37
C LEU SA 46 9.21 43.37 21.01
N GLY SA 47 10.35 43.39 20.33
CA GLY SA 47 11.49 44.11 20.84
C GLY SA 47 11.23 45.60 21.02
N LEU SA 48 10.23 46.13 20.31
CA LEU SA 48 9.87 47.52 20.53
C LEU SA 48 9.19 47.70 21.88
N VAL SA 49 8.43 46.70 22.31
CA VAL SA 49 7.71 46.82 23.58
C VAL SA 49 8.67 46.94 24.74
N VAL SA 50 9.76 46.17 24.73
CA VAL SA 50 10.67 46.19 25.85
C VAL SA 50 11.43 47.50 25.95
N VAL SA 51 11.49 48.27 24.88
CA VAL SA 51 12.08 49.61 24.97
C VAL SA 51 11.08 50.59 25.54
N ILE SA 52 9.79 50.40 25.23
CA ILE SA 52 8.76 51.26 25.80
C ILE SA 52 8.79 51.18 27.32
N VAL SA 53 8.73 49.97 27.86
CA VAL SA 53 8.66 49.82 29.30
C VAL SA 53 10.00 50.16 29.94
N PHE SA 54 11.12 49.81 29.29
CA PHE SA 54 12.42 50.00 29.92
C PHE SA 54 12.69 51.48 30.15
N THR SA 55 12.53 52.31 29.12
CA THR SA 55 12.69 53.74 29.31
C THR SA 55 11.70 54.28 30.33
N THR SA 56 10.45 53.79 30.27
CA THR SA 56 9.44 54.28 31.21
C THR SA 56 9.83 53.99 32.65
N VAL SA 57 10.02 52.71 32.97
CA VAL SA 57 10.39 52.36 34.35
C VAL SA 57 11.84 52.71 34.65
N GLY SA 58 12.64 52.99 33.64
CA GLY SA 58 14.00 53.40 33.89
C GLY SA 58 14.08 54.83 34.38
N LEU SA 59 13.38 55.73 33.68
CA LEU SA 59 13.45 57.14 34.01
C LEU SA 59 13.02 57.43 35.44
N THR SA 60 12.15 56.60 36.00
CA THR SA 60 11.71 56.85 37.36
C THR SA 60 12.76 56.52 38.40
N PHE SA 61 13.84 55.83 38.03
CA PHE SA 61 14.93 55.58 38.96
C PHE SA 61 15.95 56.70 38.99
N ILE SA 62 15.85 57.67 38.08
CA ILE SA 62 16.82 58.76 38.06
C ILE SA 62 16.79 59.54 39.36
N LYS SA 63 15.59 59.80 39.87
CA LYS SA 63 15.44 60.57 41.10
C LYS SA 63 16.00 59.81 42.30
N ASP TA 1 47.05 64.13 65.11
CA ASP TA 1 45.71 64.34 64.59
C ASP TA 1 45.69 64.33 63.07
N LEU TA 2 44.54 64.62 62.48
CA LEU TA 2 44.40 64.68 61.04
C LEU TA 2 44.56 66.11 60.52
N LEU TA 3 45.12 66.24 59.32
CA LEU TA 3 45.13 67.52 58.62
C LEU TA 3 44.35 67.44 57.33
N ALA TA 4 44.03 68.60 56.76
CA ALA TA 4 43.38 68.68 55.46
C ALA TA 4 41.99 68.05 55.50
N GLY TA 5 41.54 67.72 56.71
CA GLY TA 5 40.64 66.59 56.91
C GLY TA 5 39.19 67.02 57.00
N GLY TA 6 38.97 68.30 57.27
CA GLY TA 6 38.56 69.24 56.24
C GLY TA 6 37.35 70.07 56.63
N LYS TA 7 36.46 70.29 55.69
CA LYS TA 7 35.30 69.43 55.51
C LYS TA 7 35.68 68.12 54.83
N ASP TA 8 34.90 67.08 55.11
CA ASP TA 8 34.03 66.48 54.12
C ASP TA 8 32.74 67.28 53.97
N ASP TA 9 32.49 67.77 52.75
CA ASP TA 9 31.20 67.61 52.10
C ASP TA 9 31.36 66.96 50.73
N VAL TA 10 32.60 66.87 50.26
CA VAL TA 10 32.89 66.16 49.02
C VAL TA 10 32.01 64.93 48.87
N LYS TA 11 31.77 64.24 49.98
CA LYS TA 11 30.84 63.12 49.99
C LYS TA 11 29.45 63.53 49.51
N ALA TA 12 28.92 64.66 50.01
CA ALA TA 12 27.63 65.10 49.55
C ALA TA 12 27.64 65.46 48.08
N THR TA 13 28.80 65.84 47.53
CA THR TA 13 28.87 66.16 46.11
C THR TA 13 28.71 64.91 45.26
N PHE TA 14 29.40 63.84 45.63
CA PHE TA 14 29.33 62.58 44.89
C PHE TA 14 28.37 61.58 45.51
N GLY TA 15 27.65 61.95 46.57
CA GLY TA 15 26.87 61.01 47.34
C GLY TA 15 25.57 60.59 46.68
N ALA TA 16 24.66 60.09 47.51
CA ALA TA 16 23.43 59.44 47.08
C ALA TA 16 22.63 60.30 46.10
N ASP TA 17 22.04 61.39 46.59
CA ASP TA 17 21.35 62.32 45.71
C ASP TA 17 22.36 63.39 45.31
N SER TA 18 22.76 63.38 44.04
CA SER TA 18 23.83 64.24 43.57
C SER TA 18 23.58 64.58 42.12
N PHE TA 19 24.44 65.45 41.58
CA PHE TA 19 24.40 65.70 40.15
C PHE TA 19 25.19 64.64 39.39
N VAL TA 20 26.37 64.26 39.90
CA VAL TA 20 27.19 63.30 39.16
C VAL TA 20 26.62 61.91 39.26
N MET TA 21 26.05 61.56 40.42
CA MET TA 21 25.40 60.27 40.52
C MET TA 21 24.14 60.22 39.69
N MET TA 22 23.58 61.36 39.35
CA MET TA 22 22.40 61.43 38.51
C MET TA 22 22.74 61.28 37.03
N CYS TA 23 23.88 61.81 36.61
CA CYS TA 23 24.27 61.65 35.21
C CYS TA 23 24.92 60.30 34.96
N ILE TA 24 25.63 59.75 35.95
CA ILE TA 24 26.30 58.47 35.71
C ILE TA 24 25.29 57.36 35.60
N ILE TA 25 24.13 57.51 36.23
CA ILE TA 25 23.07 56.52 36.11
C ILE TA 25 22.26 56.70 34.82
N ILE TA 26 22.16 57.92 34.32
CA ILE TA 26 21.34 58.14 33.13
C ILE TA 26 22.09 57.72 31.88
N ALA TA 27 23.42 57.69 31.94
CA ALA TA 27 24.18 57.22 30.79
C ALA TA 27 24.04 55.71 30.65
N GLU TA 28 24.02 54.99 31.77
CA GLU TA 28 23.75 53.55 31.73
C GLU TA 28 22.44 53.25 31.02
N LEU TA 29 21.44 54.08 31.23
CA LEU TA 29 20.15 53.86 30.59
C LEU TA 29 20.25 54.08 29.09
N ILE TA 30 20.88 55.18 28.68
CA ILE TA 30 20.76 55.59 27.29
C ILE TA 30 21.70 54.79 26.39
N VAL TA 31 22.87 54.39 26.89
CA VAL TA 31 23.70 53.51 26.09
C VAL TA 31 23.37 52.06 26.36
N GLY TA 32 22.54 51.78 27.35
CA GLY TA 32 22.06 50.44 27.56
C GLY TA 32 21.09 50.10 26.46
N VAL TA 33 20.15 51.02 26.19
CA VAL TA 33 19.20 50.80 25.12
C VAL TA 33 19.91 50.76 23.78
N ALA TA 34 20.93 51.58 23.58
CA ALA TA 34 21.70 51.58 22.36
C ALA TA 34 22.25 50.20 22.08
N MET TA 35 23.14 49.69 22.94
CA MET TA 35 23.74 48.40 22.70
C MET TA 35 22.72 47.28 22.70
N TYR TA 36 21.50 47.55 23.14
CA TYR TA 36 20.42 46.57 23.01
C TYR TA 36 19.88 46.57 21.59
N ILE TA 37 19.60 47.75 21.05
CA ILE TA 37 18.95 47.83 19.75
C ILE TA 37 19.85 47.26 18.67
N ARG TA 38 21.14 47.56 18.74
CA ARG TA 38 22.09 47.08 17.74
C ARG TA 38 22.27 45.56 17.82
N THR TA 39 21.83 44.94 18.90
CA THR TA 39 22.00 43.51 19.11
C THR TA 39 20.66 42.81 19.30
N LYS TA 40 19.88 43.21 20.29
CA LYS TA 40 18.67 42.52 20.73
C LYS TA 40 19.01 41.14 21.31
N ASN TA 41 19.70 41.22 22.45
CA ASN TA 41 19.71 40.19 23.46
C ASN TA 41 19.43 40.87 24.79
N LEU TA 42 18.80 40.18 25.72
CA LEU TA 42 18.60 40.81 27.02
C LEU TA 42 19.44 40.06 28.03
N LEU TA 43 20.69 40.48 28.18
CA LEU TA 43 21.28 40.70 29.48
C LEU TA 43 21.60 42.16 29.69
N ILE TA 44 21.53 42.97 28.64
CA ILE TA 44 22.09 44.31 28.70
C ILE TA 44 21.12 45.27 29.37
N LEU TA 45 19.82 45.13 29.11
CA LEU TA 45 18.85 45.87 29.88
C LEU TA 45 19.01 45.59 31.36
N LEU TA 46 19.43 44.37 31.71
CA LEU TA 46 19.73 44.07 33.10
C LEU TA 46 21.02 44.76 33.53
N GLY TA 47 21.84 45.18 32.58
CA GLY TA 47 23.05 45.91 32.94
C GLY TA 47 22.76 47.21 33.65
N LEU TA 48 21.54 47.73 33.52
CA LEU TA 48 21.18 48.91 34.30
C LEU TA 48 21.01 48.57 35.76
N VAL TA 49 20.52 47.36 36.05
CA VAL TA 49 20.28 46.98 37.43
C VAL TA 49 21.58 46.93 38.21
N VAL TA 50 22.64 46.40 37.60
CA VAL TA 50 23.90 46.26 38.33
C VAL TA 50 24.54 47.59 38.63
N VAL TA 51 24.18 48.64 37.91
CA VAL TA 51 24.65 49.98 38.25
C VAL TA 51 23.85 50.57 39.40
N ILE TA 52 22.55 50.25 39.47
CA ILE TA 52 21.72 50.69 40.58
C ILE TA 52 22.30 50.18 41.89
N VAL TA 53 22.52 48.88 41.98
CA VAL TA 53 22.98 48.31 43.24
C VAL TA 53 24.42 48.68 43.50
N PHE TA 54 25.25 48.74 42.47
CA PHE TA 54 26.67 48.98 42.69
C PHE TA 54 26.92 50.34 43.31
N THR TA 55 26.34 51.38 42.72
CA THR TA 55 26.47 52.71 43.31
C THR TA 55 25.85 52.74 44.70
N THR TA 56 24.70 52.09 44.89
CA THR TA 56 24.05 52.09 46.19
C THR TA 56 24.94 51.46 47.26
N VAL TA 57 25.32 50.19 47.06
CA VAL TA 57 26.17 49.54 48.05
C VAL TA 57 27.60 50.03 48.00
N GLY TA 58 27.98 50.74 46.93
CA GLY TA 58 29.31 51.28 46.88
C GLY TA 58 29.46 52.50 47.75
N LEU TA 59 28.50 53.42 47.66
CA LEU TA 59 28.58 54.67 48.40
C LEU TA 59 28.65 54.45 49.90
N THR TA 60 28.10 53.36 50.39
CA THR TA 60 28.14 53.11 51.83
C THR TA 60 29.52 52.69 52.32
N PHE TA 61 30.44 52.34 51.42
CA PHE TA 61 31.80 52.02 51.83
C PHE TA 61 32.68 53.25 51.91
N ILE TA 62 32.21 54.41 51.47
CA ILE TA 62 33.02 55.62 51.51
C ILE TA 62 33.39 55.97 52.94
N LYS TA 63 32.44 55.86 53.85
CA LYS TA 63 32.68 56.19 55.25
C LYS TA 63 33.67 55.23 55.89
N ASP UA 1 70.36 58.20 68.06
CA ASP UA 1 68.91 58.31 68.08
C ASP UA 1 68.37 58.75 66.73
N LEU UA 2 67.06 58.99 66.67
CA LEU UA 2 66.43 59.43 65.43
C LEU UA 2 66.30 60.95 65.41
N LEU UA 3 66.40 61.53 64.21
CA LEU UA 3 66.07 62.93 64.02
C LEU UA 3 64.88 63.11 63.07
N ALA UA 4 64.31 64.30 63.06
CA ALA UA 4 63.24 64.63 62.12
C ALA UA 4 62.01 63.77 62.38
N GLY UA 5 62.03 63.03 63.49
CA GLY UA 5 61.33 61.76 63.57
C GLY UA 5 59.98 61.87 64.24
N GLY UA 6 59.78 62.96 64.97
CA GLY UA 6 58.97 64.07 64.49
C GLY UA 6 57.92 64.51 65.50
N LYS UA 7 56.75 64.85 65.00
CA LYS UA 7 55.65 63.88 64.91
C LYS UA 7 55.86 62.91 63.76
N ASP UA 8 55.32 61.71 63.90
CA ASP UA 8 54.19 61.28 63.08
C ASP UA 8 52.88 61.84 63.61
N ASP UA 9 52.19 62.62 62.77
CA ASP UA 9 50.76 62.42 62.54
C ASP UA 9 50.47 62.24 61.06
N VAL UA 10 51.47 62.52 60.22
CA VAL UA 10 51.36 62.26 58.79
C VAL UA 10 50.57 61.00 58.51
N LYS UA 11 50.78 59.98 59.35
CA LYS UA 11 50.00 58.75 59.27
C LYS UA 11 48.51 59.03 59.41
N ALA UA 12 48.11 59.85 60.39
CA ALA UA 12 46.70 60.17 60.53
C ALA UA 12 46.17 60.94 59.33
N THR UA 13 47.04 61.66 58.62
CA THR UA 13 46.59 62.39 57.44
C THR UA 13 46.23 61.43 56.31
N PHE UA 14 47.07 60.43 56.06
CA PHE UA 14 46.84 59.46 55.01
C PHE UA 14 46.23 58.16 55.52
N GLY UA 15 45.90 58.09 56.80
CA GLY UA 15 45.51 56.84 57.42
C GLY UA 15 44.09 56.40 57.10
N ALA UA 16 43.57 55.52 57.96
CA ALA UA 16 42.31 54.82 57.73
C ALA UA 16 41.16 55.76 57.40
N ASP UA 17 40.71 56.55 58.37
CA ASP UA 17 39.69 57.57 58.12
C ASP UA 17 40.42 58.86 57.80
N SER UA 18 40.35 59.28 56.55
CA SER UA 18 41.13 60.42 56.09
C SER UA 18 40.36 61.11 54.99
N PHE UA 19 40.91 62.24 54.53
CA PHE UA 19 40.36 62.88 53.35
C PHE UA 19 40.91 62.26 52.08
N VAL UA 20 42.22 61.97 52.04
CA VAL UA 20 42.79 61.42 50.81
C VAL UA 20 42.38 59.98 50.62
N MET UA 21 42.28 59.21 51.69
CA MET UA 21 41.80 57.85 51.57
C MET UA 21 40.33 57.82 51.19
N MET UA 22 39.62 58.90 51.45
CA MET UA 22 38.21 59.00 51.09
C MET UA 22 38.02 59.35 49.62
N CYS UA 23 38.91 60.18 49.06
CA CYS UA 23 38.79 60.50 47.64
C CYS UA 23 39.40 59.42 46.77
N ILE UA 24 40.45 58.74 47.24
CA ILE UA 24 41.08 57.73 46.40
C ILE UA 24 40.17 56.54 46.24
N ILE UA 25 39.31 56.28 47.22
CA ILE UA 25 38.33 55.20 47.09
C ILE UA 25 37.12 55.60 46.27
N ILE UA 26 36.76 56.88 46.26
CA ILE UA 26 35.56 57.28 45.52
C ILE UA 26 35.85 57.39 44.04
N ALA UA 27 37.12 57.58 43.67
CA ALA UA 27 37.47 57.60 42.26
C ALA UA 27 37.39 56.21 41.67
N GLU UA 28 37.81 55.20 42.43
CA GLU UA 28 37.66 53.81 41.99
C GLU UA 28 36.21 53.50 41.66
N LEU UA 29 35.27 54.04 42.44
CA LEU UA 29 33.87 53.80 42.19
C LEU UA 29 33.42 54.46 40.90
N ILE UA 30 33.79 55.72 40.71
CA ILE UA 30 33.17 56.49 39.64
C ILE UA 30 33.78 56.16 38.29
N VAL UA 31 35.08 55.84 38.24
CA VAL UA 31 35.63 55.41 36.97
C VAL UA 31 35.52 53.91 36.83
N GLY UA 32 35.11 53.21 37.88
CA GLY UA 32 34.83 51.79 37.76
C GLY UA 32 33.55 51.61 36.98
N VAL UA 33 32.52 52.39 37.33
CA VAL UA 33 31.27 52.33 36.59
C VAL UA 33 31.48 52.81 35.16
N ALA UA 34 32.30 53.83 34.95
CA ALA UA 34 32.59 54.32 33.63
C ALA UA 34 33.10 53.19 32.73
N MET UA 35 34.27 52.64 33.06
CA MET UA 35 34.84 51.59 32.23
C MET UA 35 33.95 50.36 32.17
N TYR UA 36 32.95 50.27 33.04
CA TYR UA 36 31.98 49.19 32.92
C TYR UA 36 30.97 49.50 31.82
N ILE UA 37 30.44 50.72 31.83
CA ILE UA 37 29.37 51.06 30.89
C ILE UA 37 29.88 51.00 29.47
N ARG UA 38 31.08 51.49 29.23
CA ARG UA 38 31.65 51.50 27.89
C ARG UA 38 31.95 50.09 27.38
N THR UA 39 31.97 49.11 28.28
CA THR UA 39 32.30 47.72 27.93
C THR UA 39 31.16 46.78 28.28
N LYS UA 40 30.75 46.74 29.54
CA LYS UA 40 29.82 45.74 30.08
C LYS UA 40 30.44 44.33 30.03
N ASN UA 41 31.47 44.20 30.85
CA ASN UA 41 31.91 42.94 31.41
C ASN UA 41 32.06 43.14 32.91
N LEU UA 42 31.85 42.11 33.69
CA LEU UA 42 32.07 42.28 35.12
C LEU UA 42 33.27 41.44 35.51
N LEU UA 43 34.46 42.01 35.40
CA LEU UA 43 35.45 41.94 36.45
C LEU UA 43 35.73 43.32 37.03
N ILE UA 44 35.23 44.36 36.39
CA ILE UA 44 35.67 45.71 36.72
C ILE UA 44 34.95 46.24 37.94
N LEU UA 45 33.65 45.94 38.05
CA LEU UA 45 32.96 46.25 39.29
C LEU UA 45 33.65 45.59 40.47
N LEU UA 46 34.24 44.42 40.24
CA LEU UA 46 35.04 43.79 41.28
C LEU UA 46 36.34 44.53 41.50
N GLY UA 47 36.75 45.36 40.54
CA GLY UA 47 37.94 46.15 40.73
C GLY UA 47 37.84 47.12 41.89
N LEU UA 48 36.61 47.43 42.32
CA LEU UA 48 36.47 48.25 43.51
C LEU UA 48 36.85 47.46 44.76
N VAL UA 49 36.58 46.15 44.76
CA VAL UA 49 36.86 45.36 45.94
C VAL UA 49 38.35 45.31 46.22
N VAL UA 50 39.17 45.17 45.17
CA VAL UA 50 40.60 45.06 45.39
C VAL UA 50 41.21 46.34 45.90
N VAL UA 51 40.55 47.48 45.72
CA VAL UA 51 41.02 48.72 46.32
C VAL UA 51 40.64 48.78 47.80
N ILE UA 52 39.47 48.24 48.14
CA ILE UA 52 39.06 48.18 49.54
C ILE UA 52 40.09 47.43 50.36
N VAL UA 53 40.41 46.21 49.94
CA VAL UA 53 41.32 45.39 50.73
C VAL UA 53 42.73 45.92 50.64
N PHE UA 54 43.15 46.44 49.48
CA PHE UA 54 44.54 46.84 49.32
C PHE UA 54 44.88 47.99 50.25
N THR UA 55 44.07 49.04 50.25
CA THR UA 55 44.30 50.13 51.19
C THR UA 55 44.21 49.65 52.63
N THR UA 56 43.24 48.77 52.92
CA THR UA 56 43.10 48.28 54.28
C THR UA 56 44.34 47.53 54.75
N VAL UA 57 44.72 46.47 54.03
CA VAL UA 57 45.90 45.72 54.44
C VAL UA 57 47.18 46.45 54.11
N GLY UA 58 47.12 47.49 53.28
CA GLY UA 58 48.31 48.27 53.00
C GLY UA 58 48.67 49.18 54.15
N LEU UA 59 47.67 49.91 54.66
CA LEU UA 59 47.92 50.88 55.71
C LEU UA 59 48.53 50.24 56.96
N THR UA 60 48.26 48.97 57.20
CA THR UA 60 48.81 48.33 58.39
C THR UA 60 50.30 48.04 58.26
N PHE UA 61 50.88 48.13 57.05
CA PHE UA 61 52.31 47.96 56.89
C PHE UA 61 53.08 49.25 57.11
N ILE UA 62 52.40 50.38 57.24
CA ILE UA 62 53.09 51.66 57.44
C ILE UA 62 53.92 51.63 58.71
N LYS UA 63 53.36 51.09 59.78
CA LYS UA 63 54.05 51.04 61.07
C LYS UA 63 55.27 50.13 61.01
N ASP VA 1 93.59 55.95 61.52
CA ASP VA 1 92.22 55.79 62.01
C ASP VA 1 91.23 56.49 61.12
N LEU VA 2 89.96 56.50 61.55
CA LEU VA 2 88.90 57.16 60.80
C LEU VA 2 88.66 58.58 61.33
N LEU VA 3 88.30 59.48 60.42
CA LEU VA 3 87.82 60.81 60.82
C LEU VA 3 86.38 61.03 60.40
N ALA VA 4 85.75 62.06 60.96
CA ALA VA 4 84.40 62.45 60.58
C ALA VA 4 83.40 61.34 60.90
N GLY VA 5 83.86 60.33 61.63
CA GLY VA 5 83.33 58.99 61.49
C GLY VA 5 82.30 58.65 62.54
N GLY VA 6 82.29 59.43 63.62
CA GLY VA 6 81.29 60.47 63.81
C GLY VA 6 80.64 60.40 65.18
N LYS VA 7 79.33 60.65 65.21
CA LYS VA 7 78.35 59.57 65.15
C LYS VA 7 78.20 59.03 63.73
N ASP VA 8 77.83 57.77 63.62
CA ASP VA 8 76.52 57.40 63.10
C ASP VA 8 75.44 57.54 64.17
N ASP VA 9 74.45 58.39 63.89
CA ASP VA 9 73.05 58.00 64.06
C ASP VA 9 72.27 58.23 62.76
N VAL VA 10 72.89 58.91 61.81
CA VAL VA 10 72.31 59.06 60.48
C VAL VA 10 71.56 57.81 60.05
N LYS VA 11 72.12 56.65 60.39
CA LYS VA 11 71.44 55.38 60.16
C LYS VA 11 70.08 55.34 60.82
N ALA VA 12 69.99 55.74 62.09
CA ALA VA 12 68.72 55.76 62.76
C ALA VA 12 67.74 56.73 62.13
N THR VA 13 68.25 57.78 61.46
CA THR VA 13 67.37 58.73 60.79
C THR VA 13 66.71 58.08 59.58
N PHE VA 14 67.48 57.37 58.76
CA PHE VA 14 66.96 56.73 57.57
C PHE VA 14 66.66 55.25 57.78
N GLY VA 15 66.81 54.74 59.00
CA GLY VA 15 66.73 53.31 59.26
C GLY VA 15 65.33 52.74 59.25
N ALA VA 16 65.21 51.58 59.89
CA ALA VA 16 64.00 50.75 59.84
C ALA VA 16 62.74 51.54 60.22
N ASP VA 17 62.61 51.90 61.48
CA ASP VA 17 61.50 52.75 61.91
C ASP VA 17 61.98 54.19 61.84
N SER VA 18 61.45 54.94 60.88
CA SER VA 18 61.93 56.29 60.62
C SER VA 18 60.79 57.13 60.10
N PHE VA 19 61.06 58.41 59.91
CA PHE VA 19 60.08 59.26 59.24
C PHE VA 19 60.19 59.14 57.73
N VAL VA 20 61.41 59.11 57.20
CA VAL VA 20 61.56 59.07 55.74
C VAL VA 20 61.22 57.69 55.21
N MET VA 21 61.56 56.63 55.94
CA MET VA 21 61.16 55.31 55.52
C MET VA 21 59.66 55.13 55.63
N MET VA 22 59.00 55.95 56.45
CA MET VA 22 57.56 55.88 56.59
C MET VA 22 56.84 56.60 55.46
N CYS VA 23 57.42 57.70 54.96
CA CYS VA 23 56.79 58.40 53.84
C CYS VA 23 57.13 57.75 52.51
N ILE VA 24 58.32 57.16 52.38
CA ILE VA 24 58.68 56.58 51.11
C ILE VA 24 57.86 55.33 50.84
N ILE VA 25 57.41 54.65 51.89
CA ILE VA 25 56.54 53.50 51.73
C ILE VA 25 55.09 53.90 51.50
N ILE VA 26 54.65 55.04 52.02
CA ILE VA 26 53.26 55.41 51.87
C ILE VA 26 53.00 56.00 50.51
N ALA VA 27 54.04 56.52 49.84
CA ALA VA 27 53.87 57.01 48.48
C ALA VA 27 53.68 55.86 47.52
N GLU VA 28 54.41 54.76 47.73
CA GLU VA 28 54.21 53.56 46.93
C GLU VA 28 52.76 53.10 46.98
N LEU VA 29 52.13 53.21 48.13
CA LEU VA 29 50.75 52.80 48.27
C LEU VA 29 49.83 53.72 47.48
N ILE VA 30 50.02 55.04 47.62
CA ILE VA 30 49.01 55.96 47.11
C ILE VA 30 49.14 56.15 45.62
N VAL VA 31 50.35 56.10 45.06
CA VAL VA 31 50.46 56.16 43.62
C VAL VA 31 50.41 54.77 43.01
N GLY VA 32 50.44 53.73 43.84
CA GLY VA 32 50.23 52.39 43.36
C GLY VA 32 48.77 52.21 42.99
N VAL VA 33 47.89 52.66 43.88
CA VAL VA 33 46.46 52.60 43.59
C VAL VA 33 46.11 53.50 42.42
N ALA VA 34 46.75 54.66 42.32
CA ALA VA 34 46.52 55.56 41.20
C ALA VA 34 46.77 54.86 39.89
N MET VA 35 48.01 54.46 39.63
CA MET VA 35 48.32 53.81 38.37
C MET VA 35 47.57 52.51 38.17
N TYR VA 36 46.94 51.99 39.22
CA TYR VA 36 46.06 50.84 39.06
C TYR VA 36 44.72 51.27 38.49
N ILE VA 37 44.13 52.32 39.06
CA ILE VA 37 42.78 52.72 38.68
C ILE VA 37 42.76 53.17 37.23
N ARG VA 38 43.77 53.91 36.81
CA ARG VA 38 43.83 54.41 35.45
C ARG VA 38 44.03 53.29 34.44
N THR VA 39 44.44 52.11 34.89
CA THR VA 39 44.72 50.97 34.02
C THR VA 39 43.84 49.78 34.36
N LYS VA 40 43.89 49.29 35.61
CA LYS VA 40 43.29 48.03 36.04
C LYS VA 40 43.94 46.84 35.33
N ASN VA 41 45.21 46.66 35.69
CA ASN VA 41 45.90 45.38 35.64
C ASN VA 41 46.56 45.18 36.99
N LEU VA 42 46.69 43.93 37.41
CA LEU VA 42 47.39 43.72 38.67
C LEU VA 42 48.71 43.04 38.37
N LEU VA 43 49.74 43.80 38.10
CA LEU VA 43 51.04 43.62 38.70
C LEU VA 43 51.40 44.79 39.58
N ILE VA 44 50.64 45.87 39.53
CA ILE VA 44 51.08 47.12 40.13
C ILE VA 44 50.80 47.14 41.61
N LEU VA 45 49.64 46.60 42.01
CA LEU VA 45 49.41 46.40 43.44
C LEU VA 45 50.52 45.55 44.05
N LEU VA 46 51.07 44.63 43.27
CA LEU VA 46 52.21 43.87 43.75
C LEU VA 46 53.46 44.74 43.79
N GLY VA 47 53.45 45.87 43.08
CA GLY VA 47 54.57 46.78 43.14
C GLY VA 47 54.82 47.33 44.53
N LEU VA 48 53.81 47.28 45.40
CA LEU VA 48 54.03 47.67 46.79
C LEU VA 48 54.87 46.63 47.51
N VAL VA 49 54.70 45.36 47.16
CA VAL VA 49 55.45 44.32 47.86
C VAL VA 49 56.93 44.46 47.63
N VAL VA 50 57.34 44.78 46.40
CA VAL VA 50 58.77 44.87 46.11
C VAL VA 50 59.43 46.03 46.81
N VAL VA 51 58.67 47.03 47.23
CA VAL VA 51 59.24 48.11 48.04
C VAL VA 51 59.38 47.68 49.49
N ILE VA 52 58.45 46.86 49.97
CA ILE VA 52 58.55 46.32 51.33
C ILE VA 52 59.85 45.56 51.49
N VAL VA 53 60.10 44.60 50.61
CA VAL VA 53 61.28 43.76 50.75
C VAL VA 53 62.54 44.54 50.42
N PHE VA 54 62.48 45.42 49.43
CA PHE VA 54 63.68 46.11 48.99
C PHE VA 54 64.26 46.97 50.10
N THR VA 55 63.42 47.81 50.71
CA THR VA 55 63.90 48.61 51.83
C THR VA 55 64.35 47.71 52.98
N THR VA 56 63.62 46.64 53.25
CA THR VA 56 63.98 45.75 54.34
C THR VA 56 65.36 45.14 54.12
N VAL VA 57 65.54 44.42 53.01
CA VAL VA 57 66.84 43.80 52.76
C VAL VA 57 67.86 44.82 52.31
N GLY VA 58 67.45 46.02 51.95
CA GLY VA 58 68.40 47.04 51.59
C GLY VA 58 69.07 47.63 52.80
N LEU VA 59 68.28 47.99 53.81
CA LEU VA 59 68.81 48.64 55.00
C LEU VA 59 69.86 47.79 55.70
N THR VA 60 69.78 46.48 55.58
CA THR VA 60 70.77 45.63 56.25
C THR VA 60 72.12 45.66 55.58
N PHE VA 61 72.22 46.20 54.36
CA PHE VA 61 73.53 46.34 53.71
C PHE VA 61 74.24 47.63 54.10
N ILE VA 62 73.56 48.54 54.81
CA ILE VA 62 74.19 49.80 55.19
C ILE VA 62 75.41 49.55 56.07
N LYS VA 63 75.30 48.64 57.01
CA LYS VA 63 76.39 48.34 57.93
C LYS VA 63 77.57 47.71 57.19
N ASP WA 1 -73.96 -15.02 -17.49
CA ASP WA 1 -74.31 -15.45 -18.84
C ASP WA 1 -73.49 -16.66 -19.26
N LEU WA 2 -73.64 -17.07 -20.51
CA LEU WA 2 -72.90 -18.20 -21.05
C LEU WA 2 -71.65 -17.73 -21.79
N LEU WA 3 -70.60 -18.55 -21.72
CA LEU WA 3 -69.41 -18.33 -22.55
C LEU WA 3 -69.20 -19.50 -23.52
N ALA WA 4 -68.35 -19.28 -24.52
CA ALA WA 4 -67.96 -20.34 -25.44
C ALA WA 4 -69.17 -20.82 -26.24
N GLY WA 5 -70.28 -20.11 -26.13
CA GLY WA 5 -71.59 -20.72 -26.23
C GLY WA 5 -72.21 -20.54 -27.61
N GLY WA 6 -71.68 -19.58 -28.37
CA GLY WA 6 -70.75 -19.88 -29.45
C GLY WA 6 -71.15 -19.20 -30.75
N LYS WA 7 -71.00 -19.91 -31.85
CA LYS WA 7 -72.09 -20.69 -32.43
C LYS WA 7 -72.32 -21.97 -31.63
N ASP WA 8 -73.56 -22.46 -31.66
CA ASP WA 8 -73.89 -23.69 -32.35
C ASP WA 8 -74.03 -23.47 -33.85
N ASP WA 9 -73.20 -24.16 -34.63
CA ASP WA 9 -73.69 -24.90 -35.78
C ASP WA 9 -73.26 -26.37 -35.71
N VAL WA 10 -72.35 -26.67 -34.79
CA VAL WA 10 -71.95 -28.04 -34.51
C VAL WA 10 -73.13 -29.00 -34.66
N LYS WA 11 -74.30 -28.56 -34.21
CA LYS WA 11 -75.53 -29.32 -34.40
C LYS WA 11 -75.79 -29.59 -35.87
N ALA WA 12 -75.66 -28.58 -36.73
CA ALA WA 12 -75.86 -28.81 -38.15
C ALA WA 12 -74.84 -29.77 -38.72
N THR WA 13 -73.65 -29.84 -38.11
CA THR WA 13 -72.64 -30.78 -38.60
C THR WA 13 -73.05 -32.22 -38.34
N PHE WA 14 -73.52 -32.51 -37.13
CA PHE WA 14 -73.94 -33.84 -36.75
C PHE WA 14 -75.44 -34.06 -36.86
N GLY WA 15 -76.19 -33.07 -37.36
CA GLY WA 15 -77.63 -33.10 -37.31
C GLY WA 15 -78.27 -34.01 -38.34
N ALA WA 16 -79.56 -33.74 -38.60
CA ALA WA 16 -80.41 -34.60 -39.40
C ALA WA 16 -79.80 -34.94 -40.76
N ASP WA 17 -79.71 -33.97 -41.65
CA ASP WA 17 -79.05 -34.17 -42.94
C ASP WA 17 -77.59 -33.75 -42.76
N SER WA 18 -76.69 -34.72 -42.76
CA SER WA 18 -75.30 -34.46 -42.46
C SER WA 18 -74.44 -35.44 -43.23
N PHE WA 19 -73.12 -35.26 -43.12
CA PHE WA 19 -72.21 -36.25 -43.66
C PHE WA 19 -72.00 -37.41 -42.69
N VAL WA 20 -71.85 -37.11 -41.40
CA VAL WA 20 -71.58 -38.18 -40.44
C VAL WA 20 -72.83 -38.99 -40.18
N MET WA 21 -73.99 -38.35 -40.15
CA MET WA 21 -75.23 -39.10 -40.00
C MET WA 21 -75.52 -39.93 -41.24
N MET WA 22 -74.93 -39.56 -42.37
CA MET WA 22 -75.11 -40.32 -43.60
C MET WA 22 -74.20 -41.54 -43.65
N CYS WA 23 -72.99 -41.44 -43.09
CA CYS WA 23 -72.11 -42.61 -43.08
C CYS WA 23 -72.45 -43.55 -41.93
N ILE WA 24 -72.93 -43.03 -40.81
CA ILE WA 24 -73.21 -43.90 -39.68
C ILE WA 24 -74.42 -44.77 -39.98
N ILE WA 25 -75.32 -44.30 -40.82
CA ILE WA 25 -76.47 -45.09 -41.23
C ILE WA 25 -76.11 -46.09 -42.33
N ILE WA 26 -75.14 -45.77 -43.18
CA ILE WA 26 -74.83 -46.67 -44.28
C ILE WA 26 -73.97 -47.83 -43.80
N ALA WA 27 -73.27 -47.66 -42.68
CA ALA WA 27 -72.51 -48.78 -42.13
C ALA WA 27 -73.45 -49.81 -41.52
N GLU WA 28 -74.52 -49.37 -40.87
CA GLU WA 28 -75.53 -50.28 -40.38
C GLU WA 28 -76.08 -51.16 -41.47
N LEU WA 29 -76.25 -50.60 -42.67
CA LEU WA 29 -76.75 -51.38 -43.79
C LEU WA 29 -75.75 -52.43 -44.23
N ILE WA 30 -74.49 -52.03 -44.38
CA ILE WA 30 -73.54 -52.90 -45.06
C ILE WA 30 -73.03 -53.98 -44.14
N VAL WA 31 -72.89 -53.71 -42.83
CA VAL WA 31 -72.53 -54.79 -41.94
C VAL WA 31 -73.76 -55.48 -41.40
N GLY WA 32 -74.94 -54.94 -41.67
CA GLY WA 32 -76.16 -55.63 -41.33
C GLY WA 32 -76.34 -56.81 -42.25
N VAL WA 33 -76.14 -56.57 -43.55
CA VAL WA 33 -76.22 -57.65 -44.52
C VAL WA 33 -75.13 -58.67 -44.28
N ALA WA 34 -73.93 -58.22 -43.92
CA ALA WA 34 -72.82 -59.11 -43.62
C ALA WA 34 -73.22 -60.11 -42.55
N MET WA 35 -73.49 -59.63 -41.33
CA MET WA 35 -73.84 -60.54 -40.24
C MET WA 35 -75.11 -61.32 -40.53
N TYR WA 36 -75.87 -60.92 -41.54
CA TYR WA 36 -77.00 -61.73 -41.96
C TYR WA 36 -76.55 -62.92 -42.79
N ILE WA 37 -75.69 -62.66 -43.77
CA ILE WA 37 -75.29 -63.72 -44.69
C ILE WA 37 -74.54 -64.82 -43.96
N ARG WA 38 -73.66 -64.45 -43.04
CA ARG WA 38 -72.90 -65.43 -42.29
C ARG WA 38 -73.77 -66.27 -41.36
N THR WA 39 -75.00 -65.82 -41.10
CA THR WA 39 -75.90 -66.51 -40.18
C THR WA 39 -77.20 -66.92 -40.87
N LYS WA 40 -77.92 -65.97 -41.46
CA LYS WA 40 -79.28 -66.15 -41.97
C LYS WA 40 -80.25 -66.48 -40.84
N ASN WA 41 -80.43 -65.46 -40.01
CA ASN WA 41 -81.63 -65.28 -39.19
C ASN WA 41 -82.07 -63.84 -39.41
N LEU WA 42 -83.37 -63.59 -39.32
CA LEU WA 42 -83.80 -62.21 -39.44
C LEU WA 42 -84.34 -61.76 -38.10
N LEU WA 43 -83.46 -61.26 -37.24
CA LEU WA 43 -83.69 -60.04 -36.52
C LEU WA 43 -82.72 -58.96 -36.93
N ILE WA 44 -81.69 -59.31 -37.70
CA ILE WA 44 -80.57 -58.40 -37.90
C ILE WA 44 -80.89 -57.38 -38.98
N LEU WA 45 -81.57 -57.83 -40.04
CA LEU WA 45 -82.07 -56.87 -41.01
C LEU WA 45 -82.97 -55.84 -40.33
N LEU WA 46 -83.67 -56.25 -39.28
CA LEU WA 46 -84.44 -55.30 -38.50
C LEU WA 46 -83.52 -54.41 -37.68
N GLY WA 47 -82.27 -54.83 -37.46
CA GLY WA 47 -81.33 -53.99 -36.76
C GLY WA 47 -81.08 -52.66 -37.45
N LEU WA 48 -81.37 -52.58 -38.75
CA LEU WA 48 -81.27 -51.30 -39.43
C LEU WA 48 -82.37 -50.37 -38.99
N VAL WA 49 -83.56 -50.91 -38.70
CA VAL WA 49 -84.68 -50.07 -38.33
C VAL WA 49 -84.40 -49.33 -37.03
N VAL WA 50 -83.80 -50.03 -36.06
CA VAL WA 50 -83.58 -49.40 -34.76
C VAL WA 50 -82.55 -48.30 -34.83
N VAL WA 51 -81.71 -48.28 -35.85
CA VAL WA 51 -80.79 -47.16 -36.04
C VAL WA 51 -81.51 -45.98 -36.68
N ILE WA 52 -82.47 -46.26 -37.56
CA ILE WA 52 -83.27 -45.18 -38.16
C ILE WA 52 -83.96 -44.39 -37.07
N VAL WA 53 -84.71 -45.08 -36.21
CA VAL WA 53 -85.49 -44.37 -35.20
C VAL WA 53 -84.59 -43.79 -34.13
N PHE WA 54 -83.51 -44.49 -33.77
CA PHE WA 54 -82.69 -44.03 -32.66
C PHE WA 54 -82.05 -42.69 -32.99
N THR WA 55 -81.39 -42.59 -34.14
CA THR WA 55 -80.83 -41.31 -34.55
C THR WA 55 -81.91 -40.25 -34.69
N THR WA 56 -83.06 -40.63 -35.24
CA THR WA 56 -84.14 -39.66 -35.42
C THR WA 56 -84.61 -39.10 -34.08
N VAL WA 57 -85.07 -39.97 -33.18
CA VAL WA 57 -85.54 -39.48 -31.89
C VAL WA 57 -84.39 -39.09 -30.99
N GLY WA 58 -83.17 -39.47 -31.33
CA GLY WA 58 -82.04 -39.05 -30.52
C GLY WA 58 -81.68 -37.60 -30.78
N LEU WA 59 -81.59 -37.23 -32.06
CA LEU WA 59 -81.17 -35.88 -32.41
C LEU WA 59 -82.09 -34.82 -31.84
N THR WA 60 -83.36 -35.13 -31.59
CA THR WA 60 -84.26 -34.15 -31.04
C THR WA 60 -84.01 -33.86 -29.58
N PHE WA 61 -83.22 -34.70 -28.90
CA PHE WA 61 -82.87 -34.41 -27.50
C PHE WA 61 -81.66 -33.51 -27.38
N ILE WA 62 -80.96 -33.23 -28.47
CA ILE WA 62 -79.77 -32.38 -28.41
C ILE WA 62 -80.13 -31.00 -27.88
N LYS WA 63 -81.22 -30.44 -28.36
CA LYS WA 63 -81.64 -29.11 -27.94
C LYS WA 63 -82.03 -29.07 -26.48
N ASP XA 1 -66.07 -13.80 5.38
CA ASP XA 1 -66.84 -13.87 4.15
C ASP XA 1 -66.14 -14.74 3.12
N LEU XA 2 -66.69 -14.78 1.91
CA LEU XA 2 -66.10 -15.55 0.83
C LEU XA 2 -65.23 -14.68 -0.05
N LEU XA 3 -64.16 -15.27 -0.59
CA LEU XA 3 -63.36 -14.62 -1.62
C LEU XA 3 -63.42 -15.40 -2.94
N ALA XA 4 -62.99 -14.74 -4.02
CA ALA XA 4 -62.88 -15.39 -5.32
C ALA XA 4 -64.25 -15.84 -5.82
N GLY XA 5 -65.30 -15.40 -5.14
CA GLY XA 5 -66.53 -16.18 -5.04
C GLY XA 5 -67.59 -15.72 -6.01
N GLY XA 6 -67.42 -14.50 -6.53
CA GLY XA 6 -66.93 -14.31 -7.87
C GLY XA 6 -67.79 -13.35 -8.68
N LYS XA 7 -67.98 -13.67 -9.96
CA LYS XA 7 -69.15 -14.43 -10.39
C LYS XA 7 -69.01 -15.90 -10.04
N ASP XA 8 -70.14 -16.57 -9.84
CA ASP XA 8 -70.59 -17.59 -10.77
C ASP XA 8 -71.27 -16.97 -11.99
N ASP XA 9 -70.72 -17.24 -13.16
CA ASP XA 9 -71.53 -17.70 -14.29
C ASP XA 9 -71.00 -19.02 -14.85
N VAL XA 10 -69.81 -19.40 -14.41
CA VAL XA 10 -69.24 -20.70 -14.76
C VAL XA 10 -70.33 -21.77 -14.83
N LYS XA 11 -71.29 -21.70 -13.93
CA LYS XA 11 -72.46 -22.57 -13.97
C LYS XA 11 -73.20 -22.45 -15.29
N ALA XA 12 -73.45 -21.23 -15.75
CA ALA XA 12 -74.12 -21.06 -17.04
C ALA XA 12 -73.30 -21.61 -18.19
N THR XA 13 -71.96 -21.65 -18.03
CA THR XA 13 -71.13 -22.20 -19.08
C THR XA 13 -71.32 -23.71 -19.21
N PHE XA 14 -71.32 -24.42 -18.09
CA PHE XA 14 -71.48 -25.86 -18.08
C PHE XA 14 -72.91 -26.28 -17.78
N GLY XA 15 -73.84 -25.36 -17.65
CA GLY XA 15 -75.18 -25.65 -17.18
C GLY XA 15 -76.08 -26.32 -18.21
N ALA XA 16 -77.38 -26.22 -17.96
CA ALA XA 16 -78.41 -26.95 -18.70
C ALA XA 16 -78.29 -26.78 -20.20
N ASP XA 17 -78.58 -25.57 -20.70
CA ASP XA 17 -78.40 -25.27 -22.11
C ASP XA 17 -77.00 -24.67 -22.27
N SER XA 18 -76.09 -25.42 -22.87
CA SER XA 18 -74.71 -25.02 -22.94
C SER XA 18 -74.10 -25.56 -24.22
N PHE XA 19 -72.85 -25.18 -24.47
CA PHE XA 19 -72.12 -25.80 -25.57
C PHE XA 19 -71.50 -27.12 -25.15
N VAL XA 20 -70.93 -27.20 -23.95
CA VAL XA 20 -70.27 -28.43 -23.54
C VAL XA 20 -71.29 -29.49 -23.19
N MET XA 21 -72.42 -29.11 -22.59
CA MET XA 21 -73.46 -30.09 -22.33
C MET XA 21 -74.10 -30.54 -23.62
N MET XA 22 -73.98 -29.77 -24.69
CA MET XA 22 -74.52 -30.15 -25.98
C MET XA 22 -73.60 -31.13 -26.72
N CYS XA 23 -72.29 -30.97 -26.56
CA CYS XA 23 -71.38 -31.92 -27.21
C CYS XA 23 -71.23 -33.19 -26.40
N ILE XA 24 -71.32 -33.12 -25.07
CA ILE XA 24 -71.13 -34.33 -24.28
C ILE XA 24 -72.30 -35.27 -24.46
N ILE XA 25 -73.48 -34.74 -24.77
CA ILE XA 25 -74.63 -35.58 -25.05
C ILE XA 25 -74.62 -36.13 -26.47
N ILE XA 26 -74.02 -35.41 -27.43
CA ILE XA 26 -74.05 -35.87 -28.81
C ILE XA 26 -73.01 -36.95 -29.03
N ALA XA 27 -71.97 -37.00 -28.18
CA ALA XA 27 -71.00 -38.07 -28.30
C ALA XA 27 -71.58 -39.39 -27.82
N GLU XA 28 -72.39 -39.34 -26.77
CA GLU XA 28 -73.11 -40.52 -26.31
C GLU XA 28 -73.94 -41.13 -27.42
N LEU XA 29 -74.55 -40.29 -28.25
CA LEU XA 29 -75.36 -40.78 -29.35
C LEU XA 29 -74.50 -41.46 -30.40
N ILE XA 30 -73.40 -40.81 -30.78
CA ILE XA 30 -72.70 -41.25 -31.98
C ILE XA 30 -71.82 -42.47 -31.68
N VAL XA 31 -71.26 -42.56 -30.47
CA VAL XA 31 -70.53 -43.77 -30.15
C VAL XA 31 -71.44 -44.80 -29.52
N GLY XA 32 -72.68 -44.42 -29.21
CA GLY XA 32 -73.65 -45.39 -28.77
C GLY XA 32 -74.05 -46.26 -29.93
N VAL XA 33 -74.35 -45.62 -31.06
CA VAL XA 33 -74.69 -46.37 -32.27
C VAL XA 33 -73.51 -47.20 -32.73
N ALA XA 34 -72.29 -46.66 -32.63
CA ALA XA 34 -71.10 -47.40 -33.00
C ALA XA 34 -71.03 -48.72 -32.26
N MET XA 35 -70.89 -48.67 -30.93
CA MET XA 35 -70.76 -49.90 -30.16
C MET XA 35 -72.00 -50.78 -30.29
N TYR XA 36 -73.09 -50.25 -30.82
CA TYR XA 36 -74.24 -51.09 -31.11
C TYR XA 36 -74.02 -51.88 -32.39
N ILE XA 37 -73.58 -51.21 -33.44
CA ILE XA 37 -73.46 -51.85 -34.74
C ILE XA 37 -72.43 -52.97 -34.69
N ARG XA 38 -71.31 -52.73 -34.02
CA ARG XA 38 -70.26 -53.73 -33.91
C ARG XA 38 -70.70 -54.95 -33.10
N THR XA 39 -71.78 -54.83 -32.34
CA THR XA 39 -72.26 -55.89 -31.47
C THR XA 39 -73.68 -56.32 -31.82
N LYS XA 40 -74.63 -55.38 -31.80
CA LYS XA 40 -76.06 -55.65 -31.91
C LYS XA 40 -76.56 -56.46 -30.71
N ASN XA 41 -76.51 -55.78 -29.57
CA ASN XA 41 -77.34 -56.05 -28.42
C ASN XA 41 -77.94 -54.73 -27.99
N LEU XA 42 -79.14 -54.74 -27.42
CA LEU XA 42 -79.68 -53.49 -26.94
C LEU XA 42 -79.74 -53.55 -25.43
N LEU XA 43 -78.65 -53.17 -24.77
CA LEU XA 43 -78.70 -52.28 -23.64
C LEU XA 43 -78.01 -50.97 -23.94
N ILE XA 44 -77.29 -50.89 -25.06
CA ILE XA 44 -76.39 -49.78 -25.28
C ILE XA 44 -77.14 -48.57 -25.81
N LEU XA 45 -78.11 -48.79 -26.69
CA LEU XA 45 -78.98 -47.70 -27.07
C LEU XA 45 -79.65 -47.09 -25.85
N LEU XA 46 -79.91 -47.91 -24.84
CA LEU XA 46 -80.42 -47.38 -23.58
C LEU XA 46 -79.34 -46.63 -22.83
N GLY XA 47 -78.08 -46.85 -23.18
CA GLY XA 47 -77.00 -46.10 -22.55
C GLY XA 47 -77.10 -44.60 -22.80
N LEU XA 48 -77.83 -44.20 -23.84
CA LEU XA 48 -78.06 -42.78 -24.06
C LEU XA 48 -79.01 -42.24 -23.01
N VAL XA 49 -79.97 -43.03 -22.57
CA VAL XA 49 -80.95 -42.55 -21.61
C VAL XA 49 -80.29 -42.20 -20.29
N VAL XA 50 -79.34 -43.03 -19.84
CA VAL XA 50 -78.72 -42.78 -18.54
C VAL XA 50 -77.85 -41.54 -18.55
N VAL XA 51 -77.42 -41.07 -19.72
CA VAL XA 51 -76.72 -39.80 -19.79
C VAL XA 51 -77.70 -38.63 -19.74
N ILE XA 52 -78.88 -38.80 -20.32
CA ILE XA 52 -79.91 -37.77 -20.25
C ILE XA 52 -80.24 -37.47 -18.80
N VAL XA 53 -80.59 -38.50 -18.04
CA VAL XA 53 -81.01 -38.27 -16.66
C VAL XA 53 -79.84 -37.87 -15.80
N PHE XA 54 -78.65 -38.44 -16.03
CA PHE XA 54 -77.53 -38.18 -15.15
C PHE XA 54 -77.13 -36.71 -15.19
N THR XA 55 -76.94 -36.17 -16.39
CA THR XA 55 -76.64 -34.75 -16.49
C THR XA 55 -77.77 -33.91 -15.93
N THR XA 56 -79.02 -34.30 -16.19
CA THR XA 56 -80.16 -33.54 -15.69
C THR XA 56 -80.16 -33.48 -14.17
N VAL XA 57 -80.22 -34.64 -13.52
CA VAL XA 57 -80.23 -34.65 -12.06
C VAL XA 57 -78.87 -34.34 -11.47
N GLY XA 58 -77.82 -34.37 -12.28
CA GLY XA 58 -76.52 -34.00 -11.77
C GLY XA 58 -76.38 -32.52 -11.63
N LEU XA 59 -76.76 -31.78 -12.67
CA LEU XA 59 -76.59 -30.33 -12.66
C LEU XA 59 -77.32 -29.66 -11.50
N THR XA 60 -78.39 -30.25 -11.01
CA THR XA 60 -79.12 -29.65 -9.91
C THR XA 60 -78.38 -29.76 -8.58
N PHE XA 61 -77.35 -30.61 -8.50
CA PHE XA 61 -76.56 -30.68 -7.28
C PHE XA 61 -75.44 -29.66 -7.23
N ILE XA 62 -75.19 -28.95 -8.34
CA ILE XA 62 -74.12 -27.96 -8.35
C ILE XA 62 -74.36 -26.88 -7.31
N LYS XA 63 -75.60 -26.41 -7.21
CA LYS XA 63 -75.94 -25.35 -6.27
C LYS XA 63 -75.78 -25.81 -4.83
N ASP YA 1 -50.79 -17.91 23.73
CA ASP YA 1 -51.94 -17.76 22.85
C ASP YA 1 -51.58 -18.15 21.43
N LEU YA 2 -52.52 -17.94 20.51
CA LEU YA 2 -52.30 -18.25 19.10
C LEU YA 2 -51.84 -17.00 18.33
N LEU YA 3 -50.99 -17.22 17.33
CA LEU YA 3 -50.65 -16.16 16.39
C LEU YA 3 -51.11 -16.51 14.97
N ALA YA 4 -51.13 -15.51 14.10
CA ALA YA 4 -51.44 -15.73 12.69
C ALA YA 4 -52.87 -16.24 12.51
N GLY YA 5 -53.64 -16.21 13.59
CA GLY YA 5 -54.69 -17.20 13.81
C GLY YA 5 -56.06 -16.66 13.41
N GLY YA 6 -56.17 -15.34 13.32
CA GLY YA 6 -56.19 -14.68 12.03
C GLY YA 6 -57.35 -13.70 11.90
N LYS YA 7 -57.95 -13.66 10.72
CA LYS YA 7 -59.14 -14.46 10.44
C LYS YA 7 -58.78 -15.92 10.20
N ASP YA 8 -59.72 -16.81 10.50
CA ASP YA 8 -60.40 -17.57 9.48
C ASP YA 8 -61.50 -16.76 8.81
N ASP YA 9 -61.38 -16.56 7.50
CA ASP YA 9 -62.49 -16.81 6.59
C ASP YA 9 -62.10 -17.80 5.49
N VAL YA 10 -60.80 -18.08 5.38
CA VAL YA 10 -60.32 -19.09 4.46
C VAL YA 10 -61.29 -20.26 4.38
N LYS YA 11 -61.87 -20.63 5.50
CA LYS YA 11 -62.92 -21.65 5.54
C LYS YA 11 -64.08 -21.28 4.62
N ALA YA 12 -64.56 -20.04 4.70
CA ALA YA 12 -65.64 -19.63 3.82
C ALA YA 12 -65.23 -19.67 2.35
N THR YA 13 -63.94 -19.52 2.08
CA THR YA 13 -63.49 -19.57 0.68
C THR YA 13 -63.60 -20.98 0.13
N PHE YA 14 -63.17 -21.98 0.90
CA PHE YA 14 -63.21 -23.36 0.47
C PHE YA 14 -64.42 -24.11 1.03
N GLY YA 15 -65.31 -23.44 1.74
CA GLY YA 15 -66.37 -24.09 2.48
C GLY YA 15 -67.52 -24.59 1.62
N ALA YA 16 -68.66 -24.80 2.27
CA ALA YA 16 -69.83 -25.45 1.69
C ALA YA 16 -70.25 -24.82 0.37
N ASP YA 17 -70.79 -23.60 0.42
CA ASP YA 17 -71.12 -22.88 -0.80
C ASP YA 17 -69.91 -22.01 -1.15
N SER YA 18 -69.23 -22.39 -2.23
CA SER YA 18 -67.99 -21.74 -2.58
C SER YA 18 -67.83 -21.76 -4.08
N PHE YA 19 -66.77 -21.11 -4.56
CA PHE YA 19 -66.43 -21.24 -5.98
C PHE YA 19 -65.62 -22.50 -6.24
N VAL YA 20 -64.66 -22.81 -5.37
CA VAL YA 20 -63.81 -23.97 -5.62
C VAL YA 20 -64.57 -25.26 -5.36
N MET YA 21 -65.43 -25.27 -4.34
CA MET YA 21 -66.25 -26.45 -4.12
C MET YA 21 -67.28 -26.63 -5.23
N MET YA 22 -67.58 -25.56 -5.95
CA MET YA 22 -68.52 -25.63 -7.07
C MET YA 22 -67.85 -26.17 -8.33
N CYS YA 23 -66.57 -25.84 -8.55
CA CYS YA 23 -65.90 -26.38 -9.72
C CYS YA 23 -65.38 -27.79 -9.48
N ILE YA 24 -65.00 -28.11 -8.24
CA ILE YA 24 -64.46 -29.45 -7.99
C ILE YA 24 -65.56 -30.49 -8.11
N ILE YA 25 -66.80 -30.11 -7.85
CA ILE YA 25 -67.93 -31.02 -8.03
C ILE YA 25 -68.37 -31.11 -9.48
N ILE YA 26 -68.20 -30.06 -10.27
CA ILE YA 26 -68.67 -30.10 -11.64
C ILE YA 26 -67.70 -30.87 -12.52
N ALA YA 27 -66.44 -30.97 -12.11
CA ALA YA 27 -65.49 -31.77 -12.88
C ALA YA 27 -65.78 -33.25 -12.71
N GLU YA 28 -66.17 -33.66 -11.50
CA GLU YA 28 -66.59 -35.03 -11.28
C GLU YA 28 -67.72 -35.43 -12.21
N LEU YA 29 -68.64 -34.50 -12.48
CA LEU YA 29 -69.75 -34.79 -13.36
C LEU YA 29 -69.27 -34.96 -14.79
N ILE YA 30 -68.42 -34.05 -15.26
CA ILE YA 30 -68.14 -34.00 -16.69
C ILE YA 30 -67.14 -35.06 -17.10
N VAL YA 31 -66.18 -35.40 -16.23
CA VAL YA 31 -65.30 -36.50 -16.57
C VAL YA 31 -65.86 -37.81 -16.07
N GLY YA 32 -66.94 -37.77 -15.29
CA GLY YA 32 -67.63 -38.99 -14.93
C GLY YA 32 -68.35 -39.53 -16.13
N VAL YA 33 -69.07 -38.65 -16.83
CA VAL YA 33 -69.75 -39.07 -18.05
C VAL YA 33 -68.75 -39.49 -19.10
N ALA YA 34 -67.62 -38.81 -19.21
CA ALA YA 34 -66.59 -39.18 -20.15
C ALA YA 34 -66.16 -40.63 -19.96
N MET YA 35 -65.57 -40.94 -18.81
CA MET YA 35 -65.11 -42.30 -18.57
C MET YA 35 -66.24 -43.31 -18.58
N TYR YA 36 -67.48 -42.85 -18.55
CA TYR YA 36 -68.61 -43.76 -18.74
C TYR YA 36 -68.79 -44.10 -20.21
N ILE YA 37 -68.78 -43.07 -21.06
CA ILE YA 37 -69.09 -43.27 -22.46
C ILE YA 37 -68.04 -44.16 -23.12
N ARG YA 38 -66.77 -43.94 -22.78
CA ARG YA 38 -65.68 -44.71 -23.35
C ARG YA 38 -65.72 -46.17 -22.90
N THR YA 39 -66.48 -46.48 -21.84
CA THR YA 39 -66.55 -47.82 -21.27
C THR YA 39 -67.97 -48.36 -21.29
N LYS YA 40 -68.91 -47.66 -20.68
CA LYS YA 40 -70.27 -48.13 -20.41
C LYS YA 40 -70.26 -49.34 -19.46
N ASN YA 41 -69.85 -49.03 -18.24
CA ASN YA 41 -70.23 -49.76 -17.05
C ASN YA 41 -70.71 -48.75 -16.03
N LEU YA 42 -71.64 -49.15 -15.18
CA LEU YA 42 -72.06 -48.21 -14.15
C LEU YA 42 -71.58 -48.71 -12.80
N LEU YA 43 -70.37 -48.36 -12.43
CA LEU YA 43 -70.08 -47.85 -11.11
C LEU YA 43 -69.62 -46.42 -11.16
N ILE YA 44 -69.36 -45.90 -12.34
CA ILE YA 44 -68.67 -44.62 -12.46
C ILE YA 44 -69.63 -43.46 -12.28
N LEU YA 45 -70.83 -43.58 -12.85
CA LEU YA 45 -71.86 -42.60 -12.54
C LEU YA 45 -72.09 -42.50 -11.05
N LEU YA 46 -71.92 -43.62 -10.34
CA LEU YA 46 -72.00 -43.58 -8.89
C LEU YA 46 -70.78 -42.90 -8.31
N GLY YA 47 -69.70 -42.78 -9.07
CA GLY YA 47 -68.54 -42.06 -8.59
C GLY YA 47 -68.82 -40.60 -8.29
N LEU YA 48 -69.89 -40.06 -8.86
CA LEU YA 48 -70.28 -38.70 -8.49
C LEU YA 48 -70.84 -38.65 -7.08
N VAL YA 49 -71.52 -39.71 -6.67
CA VAL YA 49 -72.14 -39.71 -5.35
C VAL YA 49 -71.09 -39.65 -4.26
N VAL YA 50 -69.98 -40.39 -4.43
CA VAL YA 50 -68.97 -40.42 -3.39
C VAL YA 50 -68.25 -39.10 -3.24
N VAL YA 51 -68.29 -38.24 -4.25
CA VAL YA 51 -67.74 -36.90 -4.11
C VAL YA 51 -68.72 -35.99 -3.37
N ILE YA 52 -70.02 -36.20 -3.59
CA ILE YA 52 -71.02 -35.43 -2.86
C ILE YA 52 -70.85 -35.62 -1.37
N VAL YA 53 -70.83 -36.88 -0.92
CA VAL YA 53 -70.76 -37.14 0.51
C VAL YA 53 -69.38 -36.81 1.05
N PHE YA 54 -68.33 -37.07 0.28
CA PHE YA 54 -66.98 -36.88 0.81
C PHE YA 54 -66.74 -35.42 1.15
N THR YA 55 -67.01 -34.52 0.21
CA THR YA 55 -66.86 -33.10 0.49
C THR YA 55 -67.78 -32.68 1.63
N THR YA 56 -69.01 -33.19 1.64
CA THR YA 56 -69.95 -32.82 2.69
C THR YA 56 -69.43 -33.22 4.07
N VAL YA 57 -69.18 -34.51 4.28
CA VAL YA 57 -68.69 -34.95 5.58
C VAL YA 57 -67.23 -34.58 5.78
N GLY YA 58 -66.52 -34.19 4.74
CA GLY YA 58 -65.15 -33.76 4.90
C GLY YA 58 -65.07 -32.38 5.49
N LEU YA 59 -65.84 -31.45 4.93
CA LEU YA 59 -65.79 -30.06 5.37
C LEU YA 59 -66.10 -29.90 6.85
N THR YA 60 -66.89 -30.79 7.42
CA THR YA 60 -67.23 -30.68 8.83
C THR YA 60 -66.07 -31.04 9.75
N PHE YA 61 -65.02 -31.67 9.22
CA PHE YA 61 -63.85 -31.96 10.03
C PHE YA 61 -62.86 -30.82 10.08
N ILE YA 62 -63.06 -29.78 9.25
CA ILE YA 62 -62.13 -28.65 9.24
C ILE YA 62 -62.06 -27.98 10.60
N LYS YA 63 -63.22 -27.79 11.23
CA LYS YA 63 -63.29 -27.13 12.53
C LYS YA 63 -62.60 -27.96 13.61
N ASP ZA 1 -29.81 -24.42 33.99
CA ASP ZA 1 -31.20 -24.22 33.60
C ASP ZA 1 -31.35 -24.10 32.09
N LEU ZA 2 -32.56 -23.80 31.64
CA LEU ZA 2 -32.82 -23.63 30.22
C LEU ZA 2 -32.74 -22.17 29.81
N LEU ZA 3 -32.29 -21.92 28.58
CA LEU ZA 3 -32.37 -20.59 27.99
C LEU ZA 3 -33.28 -20.59 26.75
N ALA ZA 4 -33.66 -19.40 26.32
CA ALA ZA 4 -34.43 -19.24 25.08
C ALA ZA 4 -35.80 -19.93 25.19
N GLY ZA 5 -36.14 -20.37 26.40
CA GLY ZA 5 -36.98 -21.52 26.59
C GLY ZA 5 -38.42 -21.16 26.84
N GLY ZA 6 -38.66 -19.91 27.23
CA GLY ZA 6 -39.17 -18.91 26.31
C GLY ZA 6 -40.36 -18.17 26.88
N LYS ZA 7 -41.35 -17.89 26.02
CA LYS ZA 7 -42.50 -18.77 25.87
C LYS ZA 7 -42.14 -20.01 25.07
N ASP ZA 8 -42.85 -21.10 25.33
CA ASP ZA 8 -43.81 -21.65 24.36
C ASP ZA 8 -45.11 -20.88 24.38
N ASP ZA 9 -45.48 -20.30 23.25
CA ASP ZA 9 -46.82 -20.46 22.69
C ASP ZA 9 -46.77 -20.99 21.26
N VAL ZA 10 -45.58 -21.00 20.68
CA VAL ZA 10 -45.37 -21.60 19.38
C VAL ZA 10 -46.22 -22.84 19.19
N LYS ZA 11 -46.36 -23.62 20.26
CA LYS ZA 11 -47.26 -24.77 20.27
C LYS ZA 11 -48.67 -24.37 19.94
N ALA ZA 12 -49.19 -23.32 20.57
CA ALA ZA 12 -50.54 -22.87 20.26
C ALA ZA 12 -50.66 -22.40 18.82
N THR ZA 13 -49.56 -21.94 18.21
CA THR ZA 13 -49.62 -21.51 16.83
C THR ZA 13 -49.82 -22.69 15.90
N PHE ZA 14 -49.07 -23.77 16.10
CA PHE ZA 14 -49.18 -24.96 15.28
C PHE ZA 14 -50.05 -26.04 15.89
N GLY ZA 15 -50.68 -25.78 17.03
CA GLY ZA 15 -51.38 -26.80 17.79
C GLY ZA 15 -52.71 -27.21 17.21
N ALA ZA 16 -53.54 -27.80 18.08
CA ALA ZA 16 -54.78 -28.46 17.69
C ALA ZA 16 -55.68 -27.55 16.86
N ASP ZA 17 -56.25 -26.53 17.48
CA ASP ZA 17 -57.04 -25.54 16.75
C ASP ZA 17 -56.11 -24.42 16.35
N SER ZA 18 -55.81 -24.33 15.06
CA SER ZA 18 -54.81 -23.39 14.58
C SER ZA 18 -55.20 -22.94 13.17
N PHE ZA 19 -54.42 -22.01 12.64
CA PHE ZA 19 -54.58 -21.65 11.24
C PHE ZA 19 -53.83 -22.61 10.33
N VAL ZA 20 -52.60 -22.99 10.71
CA VAL ZA 20 -51.82 -23.86 9.83
C VAL ZA 20 -52.35 -25.27 9.87
N MET ZA 21 -52.81 -25.74 11.03
CA MET ZA 21 -53.41 -27.06 11.08
C MET ZA 21 -54.74 -27.08 10.36
N MET ZA 22 -55.35 -25.92 10.17
CA MET ZA 22 -56.61 -25.83 9.43
C MET ZA 22 -56.39 -25.86 7.93
N CYS ZA 23 -55.30 -25.25 7.44
CA CYS ZA 23 -55.04 -25.29 6.02
C CYS ZA 23 -54.37 -26.60 5.60
N ILE ZA 24 -53.56 -27.21 6.48
CA ILE ZA 24 -52.88 -28.42 6.08
C ILE ZA 24 -53.87 -29.57 5.96
N ILE ZA 25 -54.97 -29.52 6.71
CA ILE ZA 25 -56.02 -30.52 6.59
C ILE ZA 25 -56.93 -30.26 5.41
N ILE ZA 26 -57.12 -29.00 5.00
CA ILE ZA 26 -58.04 -28.73 3.92
C ILE ZA 26 -57.39 -29.01 2.58
N ALA ZA 27 -56.06 -29.01 2.52
CA ALA ZA 27 -55.39 -29.37 1.28
C ALA ZA 27 -55.50 -30.86 1.02
N GLU ZA 28 -55.41 -31.67 2.07
CA GLU ZA 28 -55.64 -33.10 1.95
C GLU ZA 28 -56.99 -33.40 1.33
N LEU ZA 29 -58.01 -32.62 1.69
CA LEU ZA 29 -59.33 -32.82 1.14
C LEU ZA 29 -59.37 -32.49 -0.34
N ILE ZA 30 -58.80 -31.34 -0.71
CA ILE ZA 30 -59.05 -30.83 -2.05
C ILE ZA 30 -58.17 -31.52 -3.08
N VAL ZA 31 -56.96 -31.92 -2.71
CA VAL ZA 31 -56.17 -32.70 -3.66
C VAL ZA 31 -56.44 -34.19 -3.48
N GLY ZA 32 -57.17 -34.56 -2.45
CA GLY ZA 32 -57.60 -35.93 -2.31
C GLY ZA 32 -58.66 -36.23 -3.34
N VAL ZA 33 -59.64 -35.32 -3.45
CA VAL ZA 33 -60.67 -35.48 -4.47
C VAL ZA 33 -60.08 -35.39 -5.86
N ALA ZA 34 -59.11 -34.51 -6.06
CA ALA ZA 34 -58.44 -34.40 -7.35
C ALA ZA 34 -57.88 -35.74 -7.79
N MET ZA 35 -56.90 -36.27 -7.05
CA MET ZA 35 -56.29 -37.54 -7.44
C MET ZA 35 -57.29 -38.67 -7.45
N TYR ZA 36 -58.47 -38.48 -6.88
CA TYR ZA 36 -59.52 -39.48 -7.00
C TYR ZA 36 -60.18 -39.40 -8.36
N ILE ZA 37 -60.55 -38.20 -8.78
CA ILE ZA 37 -61.31 -38.03 -10.01
C ILE ZA 37 -60.49 -38.48 -11.21
N ARG ZA 38 -59.21 -38.13 -11.23
CA ARG ZA 38 -58.33 -38.51 -12.33
C ARG ZA 38 -58.11 -40.02 -12.40
N THR ZA 39 -58.42 -40.74 -11.34
CA THR ZA 39 -58.21 -42.18 -11.26
C THR ZA 39 -59.50 -42.94 -11.02
N LYS ZA 40 -60.21 -42.63 -9.94
CA LYS ZA 40 -61.35 -43.41 -9.45
C LYS ZA 40 -60.93 -44.80 -9.01
N ASN ZA 41 -60.15 -44.80 -7.94
CA ASN ZA 41 -60.02 -45.90 -7.01
C ASN ZA 41 -60.20 -45.33 -5.61
N LEU ZA 42 -60.74 -46.12 -4.69
CA LEU ZA 42 -60.84 -45.61 -3.35
C LEU ZA 42 -59.89 -46.39 -2.46
N LEU ZA 43 -58.65 -45.96 -2.38
CA LEU ZA 43 -57.95 -45.82 -1.13
C LEU ZA 43 -57.63 -44.37 -0.83
N ILE ZA 44 -57.84 -43.48 -1.79
CA ILE ZA 44 -57.32 -42.13 -1.67
C ILE ZA 44 -58.24 -41.27 -0.84
N LEU ZA 45 -59.55 -41.43 -1.02
CA LEU ZA 45 -60.47 -40.78 -0.10
C LEU ZA 45 -60.17 -41.17 1.33
N LEU ZA 46 -59.70 -42.40 1.55
CA LEU ZA 46 -59.26 -42.79 2.87
C LEU ZA 46 -57.97 -42.10 3.25
N GLY ZA 47 -57.24 -41.58 2.27
CA GLY ZA 47 -56.02 -40.84 2.58
C GLY ZA 47 -56.29 -39.60 3.42
N LEU ZA 48 -57.52 -39.11 3.43
CA LEU ZA 48 -57.85 -38.01 4.33
C LEU ZA 48 -57.88 -38.48 5.77
N VAL ZA 49 -58.31 -39.72 6.00
CA VAL ZA 49 -58.42 -40.22 7.37
C VAL ZA 49 -57.06 -40.30 8.03
N VAL ZA 50 -56.04 -40.73 7.29
CA VAL ZA 50 -54.73 -40.89 7.90
C VAL ZA 50 -54.09 -39.57 8.24
N VAL ZA 51 -54.54 -38.46 7.64
CA VAL ZA 51 -54.08 -37.14 8.06
C VAL ZA 51 -54.79 -36.68 9.32
N ILE ZA 52 -56.07 -37.05 9.46
CA ILE ZA 52 -56.80 -36.72 10.67
C ILE ZA 52 -56.10 -37.31 11.88
N VAL ZA 53 -55.85 -38.62 11.86
CA VAL ZA 53 -55.27 -39.26 13.02
C VAL ZA 53 -53.82 -38.86 13.18
N PHE ZA 54 -53.07 -38.70 12.08
CA PHE ZA 54 -51.65 -38.43 12.21
C PHE ZA 54 -51.40 -37.11 12.92
N THR ZA 55 -52.04 -36.04 12.47
CA THR ZA 55 -51.90 -34.77 13.15
C THR ZA 55 -52.40 -34.87 14.59
N THR ZA 56 -53.50 -35.58 14.80
CA THR ZA 56 -54.04 -35.70 16.16
C THR ZA 56 -53.05 -36.37 17.09
N VAL ZA 57 -52.64 -37.61 16.76
CA VAL ZA 57 -51.71 -38.31 17.62
C VAL ZA 57 -50.30 -37.77 17.48
N GLY ZA 58 -50.02 -36.97 16.46
CA GLY ZA 58 -48.72 -36.37 16.33
C GLY ZA 58 -48.53 -35.23 17.30
N LEU ZA 59 -49.51 -34.33 17.35
CA LEU ZA 59 -49.40 -33.14 18.19
C LEU ZA 59 -49.20 -33.48 19.65
N THR ZA 60 -49.68 -34.63 20.11
CA THR ZA 60 -49.51 -34.99 21.50
C THR ZA 60 -48.08 -35.39 21.83
N PHE ZA 61 -47.23 -35.65 20.83
CA PHE ZA 61 -45.84 -35.94 21.10
C PHE ZA 61 -44.97 -34.69 21.22
N ILE ZA 62 -45.52 -33.52 20.89
CA ILE ZA 62 -44.74 -32.29 20.97
C ILE ZA 62 -44.25 -32.05 22.39
N LYS ZA 63 -45.12 -32.26 23.37
CA LYS ZA 63 -44.77 -32.03 24.76
C LYS ZA 63 -43.70 -33.01 25.25
N ASP AB 1 -6.19 -29.77 34.47
CA ASP AB 1 -7.63 -29.71 34.62
C ASP AB 1 -8.29 -29.19 33.36
N LEU AB 2 -9.61 -28.99 33.43
CA LEU AB 2 -10.37 -28.47 32.29
C LEU AB 2 -10.54 -26.96 32.40
N LEU AB 3 -10.56 -26.28 31.25
CA LEU AB 3 -10.93 -24.88 31.20
C LEU AB 3 -12.21 -24.68 30.37
N ALA AB 4 -12.81 -23.50 30.51
CA ALA AB 4 -13.97 -23.13 29.70
C ALA AB 4 -15.15 -24.05 29.99
N GLY AB 5 -15.02 -24.87 31.02
CA GLY AB 5 -15.66 -26.17 31.05
C GLY AB 5 -16.95 -26.16 31.85
N GLY AB 6 -17.12 -25.14 32.68
CA GLY AB 6 -17.99 -24.03 32.36
C GLY AB 6 -18.96 -23.70 33.48
N LYS AB 7 -20.19 -23.36 33.11
CA LYS AB 7 -21.26 -24.36 33.05
C LYS AB 7 -21.12 -25.23 31.80
N ASP AB 8 -21.63 -26.45 31.88
CA ASP AB 8 -22.80 -26.86 31.14
C ASP AB 8 -24.08 -26.37 31.82
N ASP AB 9 -24.86 -25.56 31.11
CA ASP AB 9 -26.29 -25.79 30.98
C ASP AB 9 -26.71 -25.87 29.52
N VAL AB 10 -25.80 -25.48 28.62
CA VAL AB 10 -26.02 -25.63 27.19
C VAL AB 10 -26.80 -26.90 26.88
N LYS AB 11 -26.48 -27.97 27.61
CA LYS AB 11 -27.25 -29.21 27.51
C LYS AB 11 -28.72 -28.99 27.79
N ALA AB 12 -29.05 -28.27 28.85
CA ALA AB 12 -30.45 -28.01 29.14
C ALA AB 12 -31.11 -27.16 28.06
N THR AB 13 -30.32 -26.36 27.34
CA THR AB 13 -30.89 -25.57 26.27
C THR AB 13 -31.32 -26.43 25.10
N PHE AB 14 -30.48 -27.38 24.69
CA PHE AB 14 -30.78 -28.27 23.59
C PHE AB 14 -31.30 -29.63 24.05
N GLY AB 15 -31.51 -29.82 25.34
CA GLY AB 15 -31.83 -31.12 25.89
C GLY AB 15 -33.25 -31.59 25.65
N ALA AB 16 -33.67 -32.55 26.48
CA ALA AB 16 -34.92 -33.27 26.30
C ALA AB 16 -36.12 -32.34 26.14
N ASP AB 17 -36.51 -31.65 27.21
CA ASP AB 17 -37.57 -30.65 27.13
C ASP AB 17 -36.91 -29.32 26.86
N SER AB 18 -37.10 -28.80 25.66
CA SER AB 18 -36.39 -27.60 25.23
C SER AB 18 -37.27 -26.84 24.25
N PHE AB 19 -36.80 -25.67 23.85
CA PHE AB 19 -37.46 -24.95 22.77
C PHE AB 19 -37.01 -25.45 21.41
N VAL AB 20 -35.72 -25.71 21.24
CA VAL AB 20 -35.23 -26.12 19.93
C VAL AB 20 -35.62 -27.56 19.65
N MET AB 21 -35.59 -28.42 20.67
CA MET AB 21 -36.05 -29.78 20.46
C MET AB 21 -37.55 -29.83 20.22
N MET AB 22 -38.27 -28.79 20.62
CA MET AB 22 -39.70 -28.72 20.38
C MET AB 22 -40.02 -28.26 18.97
N CYS AB 23 -39.21 -27.36 18.42
CA CYS AB 23 -39.47 -26.93 17.05
C CYS AB 23 -38.89 -27.92 16.03
N ILE AB 24 -37.80 -28.59 16.36
CA ILE AB 24 -37.21 -29.52 15.39
C ILE AB 24 -38.10 -30.72 15.21
N ILE AB 25 -38.88 -31.08 16.22
CA ILE AB 25 -39.82 -32.18 16.11
C ILE AB 25 -41.10 -31.76 15.42
N ILE AB 26 -41.51 -30.50 15.54
CA ILE AB 26 -42.77 -30.08 14.95
C ILE AB 26 -42.61 -29.84 13.46
N ALA AB 27 -41.39 -29.58 13.00
CA ALA AB 27 -41.16 -29.44 11.57
C ALA AB 27 -41.25 -30.78 10.87
N GLU AB 28 -40.75 -31.84 11.51
CA GLU AB 28 -40.91 -33.18 10.99
C GLU AB 28 -42.37 -33.53 10.75
N LEU AB 29 -43.24 -33.08 11.65
CA LEU AB 29 -44.66 -33.35 11.50
C LEU AB 29 -45.24 -32.60 10.31
N ILE AB 30 -44.92 -31.32 10.19
CA ILE AB 30 -45.65 -30.49 9.24
C ILE AB 30 -45.15 -30.69 7.83
N VAL AB 31 -43.85 -30.95 7.64
CA VAL AB 31 -43.39 -31.28 6.29
C VAL AB 31 -43.48 -32.76 6.04
N GLY AB 32 -43.78 -33.55 7.06
CA GLY AB 32 -44.03 -34.95 6.86
C GLY AB 32 -45.37 -35.12 6.16
N VAL AB 33 -46.38 -34.40 6.66
CA VAL AB 33 -47.69 -34.45 6.04
C VAL AB 33 -47.63 -33.86 4.64
N ALA AB 34 -46.86 -32.79 4.45
CA ALA AB 34 -46.70 -32.19 3.14
C ALA AB 34 -46.23 -33.23 2.12
N MET AB 35 -45.02 -33.76 2.30
CA MET AB 35 -44.50 -34.73 1.34
C MET AB 35 -45.35 -35.97 1.26
N TYR AB 36 -46.26 -36.18 2.20
CA TYR AB 36 -47.22 -37.26 2.08
C TYR AB 36 -48.32 -36.90 1.10
N ILE AB 37 -48.90 -35.71 1.24
CA ILE AB 37 -50.05 -35.34 0.44
C ILE AB 37 -49.67 -35.26 -1.03
N ARG AB 38 -48.50 -34.70 -1.32
CA ARG AB 38 -48.04 -34.59 -2.71
C ARG AB 38 -47.76 -35.94 -3.34
N THR AB 39 -47.63 -36.99 -2.54
CA THR AB 39 -47.29 -38.32 -3.02
C THR AB 39 -48.37 -39.33 -2.67
N LYS AB 40 -48.68 -39.49 -1.38
CA LYS AB 40 -49.52 -40.55 -0.85
C LYS AB 40 -48.88 -41.93 -1.06
N ASN AB 41 -47.78 -42.09 -0.35
CA ASN AB 41 -47.25 -43.39 0.07
C ASN AB 41 -46.97 -43.28 1.56
N LEU AB 42 -47.10 -44.39 2.28
CA LEU AB 42 -46.75 -44.32 3.68
C LEU AB 42 -45.50 -45.14 3.91
N LEU AB 43 -44.34 -44.54 3.74
CA LEU AB 43 -43.27 -44.65 4.69
C LEU AB 43 -42.97 -43.32 5.36
N ILE AB 44 -43.56 -42.24 4.86
CA ILE AB 44 -43.13 -40.91 5.25
C ILE AB 44 -43.75 -40.51 6.57
N LEU AB 45 -45.02 -40.85 6.77
CA LEU AB 45 -45.61 -40.67 8.08
C LEU AB 45 -44.80 -41.40 9.14
N LEU AB 46 -44.20 -42.52 8.76
CA LEU AB 46 -43.30 -43.21 9.68
C LEU AB 46 -42.01 -42.44 9.84
N GLY AB 47 -41.70 -41.53 8.93
CA GLY AB 47 -40.52 -40.71 9.08
C GLY AB 47 -40.55 -39.84 10.32
N LEU AB 48 -41.74 -39.61 10.88
CA LEU AB 48 -41.81 -38.89 12.14
C LEU AB 48 -41.30 -39.77 13.28
N VAL AB 49 -41.53 -41.07 13.20
CA VAL AB 49 -41.12 -41.95 14.29
C VAL AB 49 -39.62 -41.97 14.43
N VAL AB 50 -38.89 -41.99 13.31
CA VAL AB 50 -37.45 -42.08 13.39
C VAL AB 50 -36.82 -40.82 13.96
N VAL AB 51 -37.52 -39.70 13.93
CA VAL AB 51 -37.03 -38.50 14.59
C VAL AB 51 -37.30 -38.55 16.08
N ILE AB 52 -38.41 -39.16 16.48
CA ILE AB 52 -38.71 -39.34 17.90
C ILE AB 52 -37.58 -40.13 18.57
N VAL AB 53 -37.26 -41.30 18.03
CA VAL AB 53 -36.27 -42.15 18.66
C VAL AB 53 -34.88 -41.56 18.50
N PHE AB 54 -34.59 -40.95 17.35
CA PHE AB 54 -33.22 -40.48 17.11
C PHE AB 54 -32.83 -39.40 18.10
N THR AB 55 -33.67 -38.38 18.26
CA THR AB 55 -33.39 -37.36 19.25
C THR AB 55 -33.34 -37.95 20.65
N THR AB 56 -34.25 -38.89 20.95
CA THR AB 56 -34.27 -39.49 22.28
C THR AB 56 -32.97 -40.22 22.58
N VAL AB 57 -32.62 -41.22 21.75
CA VAL AB 57 -31.39 -41.95 21.98
C VAL AB 57 -30.17 -41.16 21.61
N GLY AB 58 -30.33 -40.06 20.88
CA GLY AB 58 -29.19 -39.23 20.57
C GLY AB 58 -28.77 -38.39 21.75
N LEU AB 59 -29.72 -37.74 22.40
CA LEU AB 59 -29.41 -36.85 23.51
C LEU AB 59 -28.68 -37.56 24.64
N THR AB 60 -28.89 -38.85 24.80
CA THR AB 60 -28.22 -39.57 25.88
C THR AB 60 -26.74 -39.79 25.59
N PHE AB 61 -26.28 -39.59 24.36
CA PHE AB 61 -24.86 -39.70 24.07
C PHE AB 61 -24.10 -38.40 24.32
N ILE AB 62 -24.80 -37.31 24.60
CA ILE AB 62 -24.13 -36.03 24.84
C ILE AB 62 -23.19 -36.13 26.04
N LYS AB 63 -23.65 -36.77 27.10
CA LYS AB 63 -22.85 -36.90 28.31
C LYS AB 63 -21.62 -37.77 28.08
N ASP BB 1 16.44 -30.71 25.81
CA ASP BB 1 15.13 -30.96 26.42
C ASP BB 1 14.03 -30.22 25.67
N LEU BB 2 12.82 -30.29 26.20
CA LEU BB 2 11.68 -29.60 25.60
C LEU BB 2 11.45 -28.25 26.26
N LEU BB 3 10.97 -27.29 25.47
CA LEU BB 3 10.51 -26.01 26.01
C LEU BB 3 9.02 -25.81 25.74
N ALA BB 4 8.43 -24.85 26.43
CA ALA BB 4 7.04 -24.47 26.19
C ALA BB 4 6.10 -25.63 26.50
N GLY BB 5 6.64 -26.68 27.11
CA GLY BB 5 6.14 -28.03 26.91
C GLY BB 5 5.21 -28.48 28.01
N GLY BB 6 5.27 -27.80 29.15
CA GLY BB 6 4.27 -26.81 29.51
C GLY BB 6 3.73 -27.01 30.91
N LYS BB 7 2.44 -26.81 31.07
CA LYS BB 7 1.48 -27.90 31.01
C LYS BB 7 1.23 -28.34 29.57
N ASP BB 8 0.87 -29.61 29.39
CA ASP BB 8 -0.46 -29.97 28.94
C ASP BB 8 -1.45 -29.95 30.11
N ASP BB 9 -2.48 -29.12 29.99
CA ASP BB 9 -3.85 -29.55 30.25
C ASP BB 9 -4.74 -29.26 29.04
N VAL BB 10 -4.22 -28.48 28.09
CA VAL BB 10 -4.93 -28.24 26.84
C VAL BB 10 -5.67 -29.49 26.38
N LYS BB 11 -5.06 -30.65 26.57
CA LYS BB 11 -5.72 -31.92 26.30
C LYS BB 11 -7.01 -32.06 27.07
N ALA BB 12 -7.00 -31.76 28.37
CA ALA BB 12 -8.22 -31.84 29.15
C ALA BB 12 -9.27 -30.85 28.67
N THR BB 13 -8.84 -29.75 28.05
CA THR BB 13 -9.81 -28.78 27.54
C THR BB 13 -10.56 -29.34 26.34
N PHE BB 14 -9.84 -29.96 25.41
CA PHE BB 14 -10.45 -30.53 24.22
C PHE BB 14 -10.68 -32.03 24.33
N GLY BB 15 -10.42 -32.63 25.48
CA GLY BB 15 -10.43 -34.06 25.63
C GLY BB 15 -11.81 -34.68 25.70
N ALA BB 16 -11.85 -35.90 26.25
CA ALA BB 16 -13.03 -36.76 26.23
C ALA BB 16 -14.27 -36.05 26.77
N ASP BB 17 -14.31 -35.78 28.07
CA ASP BB 17 -15.39 -35.01 28.66
C ASP BB 17 -14.97 -33.56 28.67
N SER BB 18 -15.60 -32.75 27.82
CA SER BB 18 -15.18 -31.37 27.63
C SER BB 18 -16.39 -30.53 27.29
N PHE BB 19 -16.17 -29.23 27.17
CA PHE BB 19 -17.21 -28.36 26.66
C PHE BB 19 -17.23 -28.35 25.14
N VAL BB 20 -16.06 -28.31 24.51
CA VAL BB 20 -16.03 -28.23 23.05
C VAL BB 20 -16.39 -29.58 22.43
N MET BB 21 -15.96 -30.66 23.05
CA MET BB 21 -16.36 -31.97 22.55
C MET BB 21 -17.84 -32.21 22.77
N MET BB 22 -18.45 -31.49 23.71
CA MET BB 22 -19.87 -31.61 23.96
C MET BB 22 -20.71 -30.82 22.96
N CYS BB 23 -20.21 -29.66 22.51
CA CYS BB 23 -20.95 -28.91 21.51
C CYS BB 23 -20.70 -29.44 20.10
N ILE BB 24 -19.51 -29.97 19.83
CA ILE BB 24 -19.24 -30.45 18.48
C ILE BB 24 -20.05 -31.70 18.18
N ILE BB 25 -20.40 -32.46 19.21
CA ILE BB 25 -21.25 -33.63 19.03
C ILE BB 25 -22.72 -33.26 18.95
N ILE BB 26 -23.14 -32.18 19.60
CA ILE BB 26 -24.55 -31.84 19.61
C ILE BB 26 -24.93 -31.16 18.32
N ALA BB 27 -23.98 -30.56 17.62
CA ALA BB 27 -24.28 -29.97 16.32
C ALA BB 27 -24.51 -31.04 15.28
N GLU BB 28 -23.74 -32.13 15.34
CA GLU BB 28 -23.98 -33.28 14.47
C GLU BB 28 -25.40 -33.79 14.60
N LEU BB 29 -25.94 -33.78 15.81
CA LEU BB 29 -27.29 -34.25 16.03
C LEU BB 29 -28.31 -33.30 15.39
N ILE BB 30 -28.14 -32.00 15.62
CA ILE BB 30 -29.20 -31.08 15.28
C ILE BB 30 -29.21 -30.76 13.79
N VAL BB 31 -28.06 -30.72 13.15
CA VAL BB 31 -28.08 -30.55 11.69
C VAL BB 31 -28.14 -31.89 10.99
N GLY BB 32 -28.01 -32.99 11.73
CA GLY BB 32 -28.22 -34.28 11.16
C GLY BB 32 -29.70 -34.48 10.90
N VAL BB 33 -30.52 -34.13 11.90
CA VAL BB 33 -31.96 -34.22 11.72
C VAL BB 33 -32.43 -33.25 10.66
N ALA BB 34 -31.85 -32.06 10.61
CA ALA BB 34 -32.19 -31.08 9.60
C ALA BB 34 -32.04 -31.68 8.20
N MET BB 35 -30.82 -32.01 7.80
CA MET BB 35 -30.60 -32.55 6.47
C MET BB 35 -31.34 -33.85 6.24
N TYR BB 36 -31.86 -34.47 7.30
CA TYR BB 36 -32.72 -35.63 7.12
C TYR BB 36 -34.11 -35.21 6.70
N ILE BB 37 -34.68 -34.23 7.41
CA ILE BB 37 -36.06 -33.85 7.17
C ILE BB 37 -36.22 -33.28 5.78
N ARG BB 38 -35.27 -32.46 5.34
CA ARG BB 38 -35.33 -31.86 4.01
C ARG BB 38 -35.19 -32.90 2.90
N THR BB 39 -34.73 -34.10 3.22
CA THR BB 39 -34.49 -35.15 2.24
C THR BB 39 -35.30 -36.40 2.56
N LYS BB 40 -35.13 -36.97 3.74
CA LYS BB 40 -35.66 -38.28 4.12
C LYS BB 40 -35.04 -39.39 3.26
N ASN BB 41 -33.74 -39.56 3.51
CA ASN BB 41 -33.02 -40.80 3.29
C ASN BB 41 -32.25 -41.09 4.56
N LEU BB 42 -32.03 -42.37 4.86
CA LEU BB 42 -31.23 -42.65 6.04
C LEU BB 42 -29.92 -43.27 5.57
N LEU BB 43 -28.93 -42.44 5.28
CA LEU BB 43 -27.59 -42.63 5.74
C LEU BB 43 -27.17 -41.52 6.69
N ILE BB 44 -27.97 -40.46 6.79
CA ILE BB 44 -27.52 -39.25 7.46
C ILE BB 44 -27.67 -39.37 8.95
N LEU BB 45 -28.77 -39.97 9.41
CA LEU BB 45 -28.88 -40.29 10.82
C LEU BB 45 -27.70 -41.15 11.27
N LEU BB 46 -27.19 -41.99 10.37
CA LEU BB 46 -25.99 -42.74 10.68
C LEU BB 46 -24.77 -41.83 10.69
N GLY BB 47 -24.87 -40.66 10.08
CA GLY BB 47 -23.77 -39.71 10.12
C GLY BB 47 -23.42 -39.27 11.54
N LEU BB 48 -24.35 -39.42 12.48
CA LEU BB 48 -24.02 -39.13 13.87
C LEU BB 48 -23.09 -40.19 14.43
N VAL BB 49 -23.25 -41.43 13.99
CA VAL BB 49 -22.43 -42.51 14.53
C VAL BB 49 -20.96 -42.30 14.19
N VAL BB 50 -20.67 -41.87 12.96
CA VAL BB 50 -19.28 -41.71 12.56
C VAL BB 50 -18.59 -40.58 13.29
N VAL BB 51 -19.35 -39.65 13.86
CA VAL BB 51 -18.74 -38.61 14.70
C VAL BB 51 -18.45 -39.15 16.09
N ILE BB 52 -19.32 -40.05 16.59
CA ILE BB 52 -19.07 -40.68 17.88
C ILE BB 52 -17.74 -41.41 17.87
N VAL BB 53 -17.56 -42.29 16.90
CA VAL BB 53 -16.35 -43.10 16.87
C VAL BB 53 -15.14 -42.26 16.49
N PHE BB 54 -15.32 -41.29 15.58
CA PHE BB 54 -14.16 -40.54 15.11
C PHE BB 54 -13.52 -39.74 16.24
N THR BB 55 -14.32 -38.98 16.97
CA THR BB 55 -13.78 -38.26 18.11
C THR BB 55 -13.20 -39.23 19.14
N THR BB 56 -13.88 -40.35 19.38
CA THR BB 56 -13.40 -41.30 20.35
C THR BB 56 -12.03 -41.85 19.98
N VAL BB 57 -11.93 -42.48 18.81
CA VAL BB 57 -10.64 -43.02 18.39
C VAL BB 57 -9.69 -41.94 17.95
N GLY BB 58 -10.16 -40.73 17.71
CA GLY BB 58 -9.27 -39.65 17.36
C GLY BB 58 -8.51 -39.14 18.56
N LEU BB 59 -9.23 -38.88 19.65
CA LEU BB 59 -8.61 -38.31 20.84
C LEU BB 59 -7.48 -39.19 21.39
N THR BB 60 -7.53 -40.49 21.17
CA THR BB 60 -6.48 -41.35 21.67
C THR BB 60 -5.17 -41.21 20.89
N PHE BB 61 -5.20 -40.58 19.73
CA PHE BB 61 -3.96 -40.34 18.98
C PHE BB 61 -3.26 -39.07 19.41
N ILE BB 62 -3.88 -38.24 20.24
CA ILE BB 62 -3.26 -36.99 20.67
C ILE BB 62 -1.97 -37.26 21.42
N LYS BB 63 -1.97 -38.26 22.29
CA LYS BB 63 -0.79 -38.60 23.08
C LYS BB 63 0.33 -39.12 22.20
N ASP CB 1 34.61 -25.03 10.82
CA ASP CB 1 33.62 -25.67 11.68
C ASP CB 1 32.29 -24.95 11.60
N LEU CB 2 31.34 -25.39 12.43
CA LEU CB 2 30.01 -24.78 12.47
C LEU CB 2 29.94 -23.73 13.58
N LEU CB 3 29.15 -22.68 13.35
CA LEU CB 3 28.82 -21.73 14.40
C LEU CB 3 27.32 -21.73 14.69
N ALA CB 4 26.94 -21.13 15.81
CA ALA CB 4 25.53 -20.96 16.15
C ALA CB 4 24.83 -22.31 16.33
N GLY CB 5 25.63 -23.38 16.35
CA GLY CB 5 25.18 -24.66 15.87
C GLY CB 5 24.74 -25.58 16.99
N GLY CB 6 25.15 -25.26 18.21
CA GLY CB 6 24.26 -24.62 19.16
C GLY CB 6 24.27 -25.30 20.52
N LYS CB 7 23.10 -25.40 21.13
CA LYS CB 7 22.26 -26.58 21.00
C LYS CB 7 21.55 -26.62 19.65
N ASP CB 8 21.24 -27.82 19.17
CA ASP CB 8 19.86 -28.27 19.08
C ASP CB 8 19.35 -28.76 20.42
N ASP CB 9 18.28 -28.13 20.91
CA ASP CB 9 17.13 -28.85 21.41
C ASP CB 9 15.85 -28.40 20.71
N VAL CB 10 15.95 -27.29 19.97
CA VAL CB 10 14.84 -26.83 19.15
C VAL CB 10 14.06 -28.00 18.55
N LYS CB 11 14.78 -29.03 18.14
CA LYS CB 11 14.17 -30.26 17.67
C LYS CB 11 13.23 -30.86 18.72
N ALA CB 12 13.68 -30.95 19.97
CA ALA CB 12 12.82 -31.47 21.01
C ALA CB 12 11.60 -30.59 21.24
N THR CB 13 11.70 -29.29 20.93
CA THR CB 13 10.56 -28.41 21.10
C THR CB 13 9.48 -28.72 20.07
N PHE CB 14 9.87 -28.90 18.81
CA PHE CB 14 8.92 -29.19 17.75
C PHE CB 14 8.84 -30.68 17.42
N GLY CB 15 9.53 -31.53 18.17
CA GLY CB 15 9.68 -32.93 17.81
C GLY CB 15 8.45 -33.78 18.10
N ALA CB 16 8.69 -35.09 18.18
CA ALA CB 16 7.63 -36.10 18.25
C ALA CB 16 6.62 -35.81 19.35
N ASP CB 17 7.02 -35.95 20.61
CA ASP CB 17 6.16 -35.59 21.73
C ASP CB 17 6.47 -34.14 22.10
N SER CB 18 5.53 -33.26 21.80
CA SER CB 18 5.76 -31.84 21.96
C SER CB 18 4.44 -31.16 22.31
N PHE CB 19 4.52 -29.86 22.58
CA PHE CB 19 3.31 -29.08 22.74
C PHE CB 19 2.75 -28.64 21.39
N VAL CB 20 3.62 -28.20 20.48
CA VAL CB 20 3.13 -27.69 19.21
C VAL CB 20 2.68 -28.84 18.32
N MET CB 21 3.37 -29.97 18.36
CA MET CB 21 2.92 -31.12 17.61
C MET CB 21 1.62 -31.68 18.18
N MET CB 22 1.33 -31.38 19.44
CA MET CB 22 0.10 -31.81 20.06
C MET CB 22 -1.08 -30.94 19.69
N CYS CB 23 -0.85 -29.63 19.52
CA CYS CB 23 -1.95 -28.76 19.12
C CYS CB 23 -2.17 -28.80 17.61
N ILE CB 24 -1.12 -29.01 16.82
CA ILE CB 24 -1.31 -29.01 15.38
C ILE CB 24 -2.09 -30.24 14.94
N ILE CB 25 -1.99 -31.33 15.71
CA ILE CB 25 -2.76 -32.53 15.42
C ILE CB 25 -4.20 -32.43 15.93
N ILE CB 26 -4.44 -31.67 17.00
CA ILE CB 26 -5.77 -31.61 17.55
C ILE CB 26 -6.64 -30.65 16.75
N ALA CB 27 -6.02 -29.72 16.03
CA ALA CB 27 -6.79 -28.83 15.17
C ALA CB 27 -7.31 -29.58 13.95
N GLU CB 28 -6.49 -30.48 13.41
CA GLU CB 28 -6.94 -31.34 12.32
C GLU CB 28 -8.20 -32.12 12.70
N LEU CB 29 -8.27 -32.57 13.95
CA LEU CB 29 -9.43 -33.31 14.40
C LEU CB 29 -10.66 -32.42 14.47
N ILE CB 30 -10.51 -31.23 15.05
CA ILE CB 30 -11.69 -30.45 15.39
C ILE CB 30 -12.24 -29.73 14.18
N VAL CB 31 -11.39 -29.30 13.25
CA VAL CB 31 -11.92 -28.71 12.03
C VAL CB 31 -12.14 -29.78 10.97
N GLY CB 32 -11.68 -31.00 11.22
CA GLY CB 32 -11.99 -32.09 10.34
C GLY CB 32 -13.44 -32.46 10.51
N VAL CB 33 -13.89 -32.58 11.76
CA VAL CB 33 -15.29 -32.87 12.02
C VAL CB 33 -16.17 -31.73 11.55
N ALA CB 34 -15.72 -30.49 11.72
CA ALA CB 34 -16.47 -29.33 11.25
C ALA CB 34 -16.78 -29.46 9.76
N MET CB 35 -15.74 -29.43 8.93
CA MET CB 35 -15.97 -29.51 7.49
C MET CB 35 -16.65 -30.80 7.07
N TYR CB 36 -16.72 -31.78 7.97
CA TYR CB 36 -17.51 -32.97 7.68
C TYR CB 36 -18.99 -32.71 7.88
N ILE CB 37 -19.33 -32.09 9.02
CA ILE CB 37 -20.74 -31.91 9.35
C ILE CB 37 -21.43 -31.01 8.35
N ARG CB 38 -20.75 -29.94 7.94
CA ARG CB 38 -21.31 -28.99 6.98
C ARG CB 38 -21.50 -29.62 5.61
N THR CB 39 -20.85 -30.76 5.34
CA THR CB 39 -20.90 -31.42 4.04
C THR CB 39 -21.47 -32.83 4.15
N LYS CB 40 -20.85 -33.68 4.97
CA LYS CB 40 -21.12 -35.12 5.02
C LYS CB 40 -20.76 -35.80 3.70
N ASN CB 41 -19.45 -35.80 3.47
CA ASN CB 41 -18.78 -36.77 2.63
C ASN CB 41 -17.59 -37.27 3.43
N LEU CB 42 -17.19 -38.53 3.21
CA LEU CB 42 -16.01 -38.99 3.90
C LEU CB 42 -14.91 -39.21 2.89
N LEU CB 43 -14.16 -38.16 2.59
CA LEU CB 43 -12.71 -38.23 2.54
C LEU CB 43 -12.08 -37.40 3.62
N ILE CB 44 -12.85 -36.58 4.31
CA ILE CB 44 -12.29 -35.55 5.17
C ILE CB 44 -11.89 -36.13 6.51
N LEU CB 45 -12.72 -37.02 7.04
CA LEU CB 45 -12.30 -37.76 8.23
C LEU CB 45 -11.00 -38.48 7.97
N LEU CB 46 -10.77 -38.91 6.74
CA LEU CB 46 -9.48 -39.49 6.40
C LEU CB 46 -8.40 -38.43 6.33
N GLY CB 47 -8.79 -37.16 6.22
CA GLY CB 47 -7.82 -36.09 6.23
C GLY CB 47 -7.03 -36.03 7.52
N LEU CB 48 -7.56 -36.60 8.60
CA LEU CB 48 -6.78 -36.68 9.83
C LEU CB 48 -5.64 -37.67 9.69
N VAL CB 49 -5.85 -38.74 8.93
CA VAL CB 49 -4.83 -39.76 8.80
C VAL CB 49 -3.60 -39.21 8.11
N VAL CB 50 -3.79 -38.38 7.08
CA VAL CB 50 -2.64 -37.88 6.35
C VAL CB 50 -1.81 -36.90 7.16
N VAL CB 51 -2.38 -36.33 8.21
CA VAL CB 51 -1.59 -35.50 9.12
C VAL CB 51 -0.80 -36.37 10.09
N ILE CB 52 -1.37 -37.49 10.50
CA ILE CB 52 -0.66 -38.43 11.36
C ILE CB 52 0.64 -38.87 10.69
N VAL CB 53 0.53 -39.38 9.47
CA VAL CB 53 1.72 -39.92 8.81
C VAL CB 53 2.65 -38.80 8.39
N PHE CB 54 2.10 -37.65 7.96
CA PHE CB 54 2.96 -36.60 7.42
C PHE CB 54 3.90 -36.07 8.49
N THR CB 55 3.35 -35.72 9.66
CA THR CB 55 4.21 -35.28 10.75
C THR CB 55 5.17 -36.38 11.17
N THR CB 56 4.70 -37.62 11.21
CA THR CB 56 5.56 -38.72 11.61
C THR CB 56 6.74 -38.88 10.67
N VAL CB 57 6.47 -39.10 9.38
CA VAL CB 57 7.57 -39.26 8.43
C VAL CB 57 8.23 -37.95 8.09
N GLY CB 58 7.62 -36.83 8.46
CA GLY CB 58 8.26 -35.55 8.22
C GLY CB 58 9.35 -35.29 9.22
N LEU CB 59 9.04 -35.50 10.51
CA LEU CB 59 10.01 -35.20 11.57
C LEU CB 59 11.30 -35.97 11.41
N THR CB 60 11.26 -37.14 10.80
CA THR CB 60 12.49 -37.91 10.63
C THR CB 60 13.42 -37.32 9.59
N PHE CB 61 12.95 -36.38 8.76
CA PHE CB 61 13.83 -35.73 7.80
C PHE CB 61 14.55 -34.53 8.39
N ILE CB 62 14.19 -34.11 9.60
CA ILE CB 62 14.84 -32.95 10.21
C ILE CB 62 16.33 -33.20 10.38
N LYS CB 63 16.70 -34.39 10.83
CA LYS CB 63 18.10 -34.72 11.06
C LYS CB 63 18.88 -34.75 9.76
N ASP DB 1 45.96 -12.07 -6.22
CA ASP DB 1 45.37 -13.10 -5.37
C ASP DB 1 44.05 -12.64 -4.78
N LEU DB 2 43.49 -13.46 -3.90
CA LEU DB 2 42.23 -13.14 -3.25
C LEU DB 2 42.47 -12.49 -1.89
N LEU DB 3 41.58 -11.57 -1.51
CA LEU DB 3 41.57 -11.04 -0.15
C LEU DB 3 40.27 -11.40 0.57
N ALA DB 4 40.27 -11.23 1.89
CA ALA DB 4 39.06 -11.42 2.68
C ALA DB 4 38.57 -12.87 2.60
N GLY DB 5 39.39 -13.73 2.02
CA GLY DB 5 38.89 -14.88 1.30
C GLY DB 5 38.92 -16.15 2.13
N GLY DB 6 39.71 -16.13 3.20
CA GLY DB 6 39.19 -15.96 4.54
C GLY DB 6 39.71 -17.00 5.51
N LYS DB 7 38.83 -17.48 6.39
CA LYS DB 7 38.09 -18.71 6.12
C LYS DB 7 36.96 -18.46 5.13
N ASP DB 8 36.58 -19.51 4.40
CA ASP DB 8 35.29 -20.15 4.58
C ASP DB 8 35.31 -21.10 5.77
N ASP DB 9 34.45 -20.84 6.75
CA ASP DB 9 33.59 -21.87 7.31
C ASP DB 9 32.11 -21.47 7.24
N VAL DB 10 31.87 -20.21 6.92
CA VAL DB 10 30.52 -19.72 6.69
C VAL DB 10 29.67 -20.78 6.00
N LYS DB 11 30.28 -21.50 5.06
CA LYS DB 11 29.61 -22.64 4.43
C LYS DB 11 29.16 -23.66 5.45
N ALA DB 12 30.01 -24.03 6.40
CA ALA DB 12 29.60 -24.99 7.41
C ALA DB 12 28.48 -24.44 8.28
N THR DB 13 28.39 -23.11 8.41
CA THR DB 13 27.31 -22.54 9.21
C THR DB 13 25.97 -22.73 8.52
N PHE DB 14 25.89 -22.46 7.23
CA PHE DB 14 24.67 -22.59 6.47
C PHE DB 14 24.58 -23.90 5.71
N GLY DB 15 25.54 -24.80 5.87
CA GLY DB 15 25.66 -25.99 5.04
C GLY DB 15 24.67 -27.08 5.38
N ALA DB 16 25.01 -28.29 4.96
CA ALA DB 16 24.12 -29.45 5.00
C ALA DB 16 23.53 -29.69 6.38
N ASP DB 17 24.37 -30.11 7.34
CA ASP DB 17 23.93 -30.26 8.71
C ASP DB 17 24.23 -28.96 9.43
N SER DB 18 23.19 -28.21 9.76
CA SER DB 18 23.37 -26.87 10.30
C SER DB 18 22.21 -26.57 11.25
N PHE DB 19 22.29 -25.41 11.90
CA PHE DB 19 21.15 -24.94 12.68
C PHE DB 19 20.14 -24.23 11.80
N VAL DB 20 20.60 -23.40 10.87
CA VAL DB 20 19.66 -22.64 10.05
C VAL DB 20 19.01 -23.54 9.02
N MET DB 21 19.75 -24.50 8.46
CA MET DB 21 19.14 -25.43 7.55
C MET DB 21 18.17 -26.35 8.26
N MET DB 22 18.32 -26.49 9.58
CA MET DB 22 17.42 -27.31 10.37
C MET DB 22 16.12 -26.58 10.70
N CYS DB 23 16.18 -25.27 10.92
CA CYS DB 23 14.96 -24.53 11.18
C CYS DB 23 14.22 -24.17 9.90
N ILE DB 24 14.95 -23.94 8.80
CA ILE DB 24 14.27 -23.56 7.57
C ILE DB 24 13.47 -24.73 7.01
N ILE DB 25 13.91 -25.96 7.30
CA ILE DB 25 13.16 -27.13 6.88
C ILE DB 25 12.00 -27.44 7.81
N ILE DB 26 12.10 -27.09 9.09
CA ILE DB 26 11.03 -27.43 10.02
C ILE DB 26 9.87 -26.45 9.89
N ALA DB 27 10.14 -25.26 9.37
CA ALA DB 27 9.05 -24.31 9.14
C ALA DB 27 8.20 -24.75 7.96
N GLU DB 28 8.83 -25.29 6.92
CA GLU DB 28 8.10 -25.86 5.80
C GLU DB 28 7.12 -26.92 6.27
N LEU DB 29 7.51 -27.72 7.26
CA LEU DB 29 6.64 -28.76 7.76
C LEU DB 29 5.45 -28.16 8.50
N ILE DB 30 5.71 -27.19 9.37
CA ILE DB 30 4.67 -26.77 10.30
C ILE DB 30 3.68 -25.83 9.63
N VAL DB 31 4.12 -25.00 8.69
CA VAL DB 31 3.16 -24.19 7.96
C VAL DB 31 2.66 -24.93 6.74
N GLY DB 32 3.26 -26.06 6.41
CA GLY DB 32 2.74 -26.89 5.35
C GLY DB 32 1.46 -27.54 5.81
N VAL DB 33 1.50 -28.10 7.03
CA VAL DB 33 0.30 -28.70 7.60
C VAL DB 33 -0.77 -27.65 7.83
N ALA DB 34 -0.38 -26.45 8.26
CA ALA DB 34 -1.32 -25.36 8.46
C ALA DB 34 -2.11 -25.10 7.19
N MET DB 35 -1.44 -24.65 6.13
CA MET DB 35 -2.15 -24.34 4.90
C MET DB 35 -2.85 -25.56 4.30
N TYR DB 36 -2.54 -26.75 4.79
CA TYR DB 36 -3.28 -27.92 4.38
C TYR DB 36 -4.62 -28.00 5.11
N ILE DB 37 -4.59 -27.81 6.43
CA ILE DB 37 -5.79 -28.00 7.23
C ILE DB 37 -6.84 -26.97 6.85
N ARG DB 38 -6.42 -25.73 6.63
CA ARG DB 38 -7.36 -24.67 6.27
C ARG DB 38 -7.97 -24.89 4.89
N THR DB 39 -7.38 -25.76 4.08
CA THR DB 39 -7.83 -26.01 2.71
C THR DB 39 -8.23 -27.47 2.51
N LYS DB 40 -7.30 -28.40 2.76
CA LYS DB 40 -7.44 -29.81 2.41
C LYS DB 40 -7.53 -30.01 0.90
N ASN DB 41 -6.38 -29.70 0.28
CA ASN DB 41 -5.97 -30.24 -1.00
C ASN DB 41 -4.55 -30.74 -0.83
N LEU DB 42 -4.18 -31.78 -1.57
CA LEU DB 42 -2.79 -32.22 -1.46
C LEU DB 42 -2.11 -31.92 -2.77
N LEU DB 43 -1.57 -30.72 -2.92
CA LEU DB 43 -0.24 -30.51 -3.45
C LEU DB 43 0.68 -29.92 -2.39
N ILE DB 44 0.12 -29.50 -1.26
CA ILE DB 44 0.88 -28.68 -0.33
C ILE DB 44 1.76 -29.55 0.55
N LEU DB 45 1.24 -30.69 0.99
CA LEU DB 45 2.09 -31.65 1.66
C LEU DB 45 3.29 -32.02 0.80
N LEU DB 46 3.09 -32.03 -0.52
CA LEU DB 46 4.22 -32.25 -1.42
C LEU DB 46 5.13 -31.03 -1.45
N GLY DB 47 4.63 -29.87 -1.01
CA GLY DB 47 5.47 -28.70 -0.94
C GLY DB 47 6.66 -28.88 -0.01
N LEU DB 48 6.58 -29.83 0.91
CA LEU DB 48 7.74 -30.12 1.75
C LEU DB 48 8.82 -30.81 0.94
N VAL DB 49 8.43 -31.64 -0.03
CA VAL DB 49 9.42 -32.37 -0.80
C VAL DB 49 10.29 -31.43 -1.61
N VAL DB 50 9.70 -30.38 -2.20
CA VAL DB 50 10.48 -29.49 -3.03
C VAL DB 50 11.47 -28.67 -2.23
N VAL DB 51 11.27 -28.53 -0.93
CA VAL DB 51 12.27 -27.88 -0.09
C VAL DB 51 13.41 -28.83 0.24
N ILE DB 52 13.09 -30.12 0.40
CA ILE DB 52 14.12 -31.11 0.63
C ILE DB 52 15.13 -31.10 -0.50
N VAL DB 53 14.65 -31.25 -1.72
CA VAL DB 53 15.55 -31.35 -2.86
C VAL DB 53 16.19 -30.01 -3.15
N PHE DB 54 15.46 -28.91 -2.99
CA PHE DB 54 15.99 -27.60 -3.37
C PHE DB 54 17.22 -27.25 -2.53
N THR DB 55 17.08 -27.35 -1.21
CA THR DB 55 18.24 -27.10 -0.35
C THR DB 55 19.36 -28.09 -0.65
N THR DB 56 19.02 -29.36 -0.88
CA THR DB 56 20.04 -30.35 -1.16
C THR DB 56 20.83 -30.01 -2.41
N VAL DB 57 20.14 -29.91 -3.55
CA VAL DB 57 20.84 -29.58 -4.78
C VAL DB 57 21.26 -28.12 -4.84
N GLY DB 58 20.73 -27.29 -3.97
CA GLY DB 58 21.16 -25.91 -3.93
C GLY DB 58 22.51 -25.75 -3.29
N LEU DB 59 22.68 -26.38 -2.13
CA LEU DB 59 23.93 -26.24 -1.38
C LEU DB 59 25.15 -26.68 -2.18
N THR DB 60 24.97 -27.61 -3.11
CA THR DB 60 26.11 -28.07 -3.89
C THR DB 60 26.58 -27.04 -4.92
N PHE DB 61 25.79 -26.01 -5.18
CA PHE DB 61 26.23 -24.95 -6.09
C PHE DB 61 27.02 -23.87 -5.39
N ILE DB 62 27.09 -23.89 -4.06
CA ILE DB 62 27.82 -22.87 -3.32
C ILE DB 62 29.29 -22.87 -3.71
N LYS DB 63 29.88 -24.06 -3.82
CA LYS DB 63 31.29 -24.19 -4.17
C LYS DB 63 31.57 -23.70 -5.58
N ASP EB 1 49.71 7.11 -20.55
CA ASP EB 1 49.54 5.79 -19.96
C ASP EB 1 48.47 5.82 -18.88
N LEU EB 2 48.31 4.69 -18.19
CA LEU EB 2 47.34 4.58 -17.10
C LEU EB 2 48.00 4.83 -15.75
N LEU EB 3 47.24 5.42 -14.83
CA LEU EB 3 47.66 5.52 -13.44
C LEU EB 3 46.72 4.75 -12.52
N ALA EB 4 47.17 4.52 -11.30
CA ALA EB 4 46.33 3.89 -10.28
C ALA EB 4 45.94 2.47 -10.68
N GLY EB 5 46.57 1.97 -11.74
CA GLY EB 5 45.93 1.01 -12.62
C GLY EB 5 46.35 -0.42 -12.32
N GLY EB 6 47.45 -0.57 -11.60
CA GLY EB 6 47.41 -0.89 -10.18
C GLY EB 6 48.31 -2.07 -9.83
N LYS EB 7 47.83 -2.93 -8.95
CA LYS EB 7 47.13 -4.13 -9.35
C LYS EB 7 45.71 -3.81 -9.81
N ASP EB 8 45.18 -4.66 -10.70
CA ASP EB 8 44.07 -5.54 -10.35
C ASP EB 8 44.58 -6.78 -9.61
N ASP EB 9 44.10 -6.97 -8.39
CA ASP EB 9 43.56 -8.26 -7.98
C ASP EB 9 42.13 -8.13 -7.45
N VAL EB 10 41.71 -6.89 -7.23
CA VAL EB 10 40.33 -6.60 -6.86
C VAL EB 10 39.37 -7.55 -7.57
N LYS EB 11 39.66 -7.85 -8.83
CA LYS EB 11 38.89 -8.85 -9.57
C LYS EB 11 38.89 -10.19 -8.87
N ALA EB 12 40.05 -10.66 -8.41
CA ALA EB 12 40.09 -11.93 -7.70
C ALA EB 12 39.31 -11.87 -6.40
N THR EB 13 39.17 -10.68 -5.81
CA THR EB 13 38.40 -10.56 -4.57
C THR EB 13 36.92 -10.78 -4.83
N PHE EB 14 36.38 -10.16 -5.88
CA PHE EB 14 34.98 -10.28 -6.21
C PHE EB 14 34.72 -11.31 -7.32
N GLY EB 15 35.74 -12.02 -7.76
CA GLY EB 15 35.64 -12.88 -8.93
C GLY EB 15 34.91 -14.18 -8.69
N ALA EB 16 35.16 -15.14 -9.58
CA ALA EB 16 34.43 -16.40 -9.65
C ALA EB 16 34.39 -17.13 -8.32
N ASP EB 17 35.52 -17.65 -7.87
CA ASP EB 17 35.60 -18.27 -6.56
C ASP EB 17 36.04 -17.21 -5.57
N SER EB 18 35.14 -16.78 -4.71
CA SER EB 18 35.39 -15.65 -3.83
C SER EB 18 34.63 -15.86 -2.54
N PHE EB 19 34.85 -14.95 -1.60
CA PHE EB 19 34.03 -14.94 -0.40
C PHE EB 19 32.73 -14.19 -0.62
N VAL EB 20 32.78 -13.05 -1.31
CA VAL EB 20 31.56 -12.27 -1.51
C VAL EB 20 30.64 -12.94 -2.52
N MET EB 21 31.21 -13.53 -3.56
CA MET EB 21 30.38 -14.26 -4.50
C MET EB 21 29.79 -15.51 -3.87
N MET EB 22 30.41 -15.99 -2.79
CA MET EB 22 29.89 -17.16 -2.09
C MET EB 22 28.75 -16.79 -1.15
N CYS EB 23 28.79 -15.61 -0.54
CA CYS EB 23 27.69 -15.21 0.33
C CYS EB 23 26.53 -14.63 -0.47
N ILE EB 24 26.80 -13.98 -1.60
CA ILE EB 24 25.72 -13.37 -2.35
C ILE EB 24 24.86 -14.45 -3.00
N ILE EB 25 25.44 -15.61 -3.29
CA ILE EB 25 24.69 -16.72 -3.83
C ILE EB 25 23.94 -17.49 -2.74
N ILE EB 26 24.46 -17.52 -1.52
CA ILE EB 26 23.81 -18.30 -0.48
C ILE EB 26 22.63 -17.55 0.09
N ALA EB 27 22.60 -16.23 -0.04
CA ALA EB 27 21.45 -15.47 0.40
C ALA EB 27 20.26 -15.69 -0.53
N GLU EB 28 20.53 -15.79 -1.83
CA GLU EB 28 19.49 -16.13 -2.79
C GLU EB 28 18.82 -17.43 -2.43
N LEU EB 29 19.59 -18.40 -1.95
CA LEU EB 29 19.01 -19.68 -1.57
C LEU EB 29 18.12 -19.54 -0.35
N ILE EB 30 18.60 -18.83 0.67
CA ILE EB 30 17.92 -18.90 1.96
C ILE EB 30 16.70 -18.00 1.99
N VAL EB 31 16.73 -16.87 1.29
CA VAL EB 31 15.52 -16.07 1.21
C VAL EB 31 14.67 -16.49 0.02
N GLY EB 32 15.20 -17.35 -0.84
CA GLY EB 32 14.39 -17.91 -1.89
C GLY EB 32 13.41 -18.89 -1.30
N VAL EB 33 13.91 -19.76 -0.42
CA VAL EB 33 13.02 -20.71 0.26
C VAL EB 33 12.04 -19.98 1.15
N ALA EB 34 12.47 -18.91 1.81
CA ALA EB 34 11.58 -18.11 2.64
C ALA EB 34 10.38 -17.64 1.84
N MET EB 35 10.60 -16.79 0.85
CA MET EB 35 9.49 -16.26 0.06
C MET EB 35 8.72 -17.35 -0.65
N TYR EB 36 9.27 -18.56 -0.72
CA TYR EB 36 8.50 -19.68 -1.25
C TYR EB 36 7.51 -20.20 -0.21
N ILE EB 37 7.99 -20.41 1.02
CA ILE EB 37 7.15 -21.03 2.04
C ILE EB 37 5.97 -20.14 2.36
N ARG EB 38 6.20 -18.83 2.46
CA ARG EB 38 5.13 -17.89 2.77
C ARG EB 38 4.09 -17.80 1.66
N THR EB 39 4.42 -18.29 0.47
CA THR EB 39 3.54 -18.21 -0.69
C THR EB 39 3.20 -19.58 -1.23
N LYS EB 40 4.20 -20.37 -1.61
CA LYS EB 40 4.05 -21.62 -2.36
C LYS EB 40 3.47 -21.38 -3.74
N ASN EB 41 4.30 -20.70 -4.54
CA ASN EB 41 4.27 -20.77 -5.98
C ASN EB 41 5.69 -21.04 -6.44
N LEU EB 42 5.87 -21.73 -7.56
CA LEU EB 42 7.22 -21.90 -8.03
C LEU EB 42 7.38 -21.13 -9.32
N LEU EB 43 7.74 -19.87 -9.21
CA LEU EB 43 8.79 -19.29 -10.02
C LEU EB 43 9.98 -18.88 -9.17
N ILE EB 44 9.83 -18.90 -7.84
CA ILE EB 44 10.80 -18.27 -6.99
C ILE EB 44 11.99 -19.19 -6.76
N LEU EB 45 11.74 -20.48 -6.59
CA LEU EB 45 12.83 -21.42 -6.57
C LEU EB 45 13.68 -21.30 -7.83
N LEU EB 46 13.03 -20.96 -8.95
CA LEU EB 46 13.78 -20.71 -10.17
C LEU EB 46 14.54 -19.39 -10.07
N GLY EB 47 14.15 -18.52 -9.14
CA GLY EB 47 14.88 -17.29 -8.95
C GLY EB 47 16.33 -17.52 -8.54
N LEU EB 48 16.64 -18.70 -8.01
CA LEU EB 48 18.03 -19.01 -7.73
C LEU EB 48 18.82 -19.23 -9.01
N VAL EB 49 18.17 -19.78 -10.03
CA VAL EB 49 18.87 -20.07 -11.27
C VAL EB 49 19.34 -18.79 -11.93
N VAL EB 50 18.51 -17.75 -11.93
CA VAL EB 50 18.88 -16.52 -12.61
C VAL EB 50 20.03 -15.81 -11.93
N VAL EB 51 20.29 -16.09 -10.66
CA VAL EB 51 21.47 -15.55 -10.00
C VAL EB 51 22.71 -16.35 -10.37
N ILE EB 52 22.56 -17.65 -10.57
CA ILE EB 52 23.69 -18.47 -11.02
C ILE EB 52 24.22 -17.95 -12.33
N VAL EB 53 23.34 -17.81 -13.33
CA VAL EB 53 23.80 -17.42 -14.65
C VAL EB 53 24.21 -15.95 -14.65
N PHE EB 54 23.50 -15.10 -13.91
CA PHE EB 54 23.79 -13.68 -13.98
C PHE EB 54 25.19 -13.37 -13.49
N THR EB 55 25.54 -13.87 -12.31
CA THR EB 55 26.90 -13.68 -11.82
C THR EB 55 27.91 -14.32 -12.76
N THR EB 56 27.60 -15.50 -13.28
CA THR EB 56 28.53 -16.18 -14.18
C THR EB 56 28.80 -15.35 -15.43
N VAL EB 57 27.76 -15.04 -16.19
CA VAL EB 57 27.95 -14.25 -17.40
C VAL EB 57 28.23 -12.79 -17.09
N GLY EB 58 27.98 -12.35 -15.87
CA GLY EB 58 28.29 -10.99 -15.51
C GLY EB 58 29.77 -10.79 -15.30
N LEU EB 59 30.39 -11.69 -14.53
CA LEU EB 59 31.80 -11.55 -14.20
C LEU EB 59 32.69 -11.52 -15.43
N THR EB 60 32.27 -12.15 -16.52
CA THR EB 60 33.09 -12.15 -17.72
C THR EB 60 33.10 -10.80 -18.43
N PHE EB 61 32.19 -9.89 -18.08
CA PHE EB 61 32.21 -8.56 -18.67
C PHE EB 61 33.12 -7.60 -17.92
N ILE EB 62 33.65 -8.00 -16.76
CA ILE EB 62 34.52 -7.12 -16.00
C ILE EB 62 35.76 -6.75 -16.80
N LYS EB 63 36.35 -7.73 -17.48
CA LYS EB 63 37.56 -7.49 -18.26
C LYS EB 63 37.29 -6.58 -19.44
N ASP FB 1 46.89 29.99 -28.03
CA ASP FB 1 47.03 28.55 -27.89
C ASP FB 1 46.41 28.06 -26.59
N LEU FB 2 46.57 26.77 -26.32
CA LEU FB 2 46.05 26.18 -25.08
C LEU FB 2 47.11 26.14 -24.00
N LEU FB 3 46.69 26.29 -22.75
CA LEU FB 3 47.57 26.05 -21.61
C LEU FB 3 47.07 24.89 -20.76
N ALA FB 4 47.93 24.39 -19.88
CA ALA FB 4 47.54 23.36 -18.93
C ALA FB 4 47.13 22.07 -19.64
N GLY FB 5 47.38 22.03 -20.94
CA GLY FB 5 46.55 21.26 -21.85
C GLY FB 5 47.14 19.91 -22.18
N GLY FB 6 48.43 19.75 -21.94
CA GLY FB 6 48.91 19.03 -20.78
C GLY FB 6 49.96 17.99 -21.13
N LYS FB 7 49.88 16.83 -20.49
CA LYS FB 7 49.16 15.69 -21.03
C LYS FB 7 47.66 15.87 -20.90
N ASP FB 8 46.91 15.25 -21.80
CA ASP FB 8 46.05 14.11 -21.46
C ASP FB 8 46.88 12.82 -21.37
N ASP FB 9 46.87 12.20 -20.20
CA ASP FB 9 46.60 10.77 -20.09
C ASP FB 9 45.44 10.50 -19.14
N VAL FB 10 45.03 11.52 -18.40
CA VAL FB 10 43.85 11.43 -17.55
C VAL FB 10 42.77 10.57 -18.20
N LYS FB 11 42.62 10.71 -19.52
CA LYS FB 11 41.72 9.85 -20.27
C LYS FB 11 42.06 8.39 -20.10
N ALA FB 12 43.32 8.02 -20.21
CA ALA FB 12 43.70 6.63 -20.00
C ALA FB 12 43.43 6.16 -18.59
N THR FB 13 43.43 7.09 -17.62
CA THR FB 13 43.12 6.70 -16.25
C THR FB 13 41.67 6.31 -16.09
N PHE FB 14 40.76 7.10 -16.65
CA PHE FB 14 39.33 6.82 -16.56
C PHE FB 14 38.78 6.14 -17.80
N GLY FB 15 39.63 5.78 -18.75
CA GLY FB 15 39.18 5.29 -20.05
C GLY FB 15 38.67 3.87 -20.05
N ALA FB 16 38.67 3.28 -21.24
CA ALA FB 16 38.04 1.99 -21.50
C ALA FB 16 38.51 0.91 -20.54
N ASP FB 17 39.77 0.48 -20.67
CA ASP FB 17 40.35 -0.47 -19.73
C ASP FB 17 41.03 0.33 -18.64
N SER FB 18 40.46 0.31 -17.44
CA SER FB 18 40.93 1.16 -16.37
C SER FB 18 40.68 0.46 -15.04
N PHE FB 19 41.15 1.07 -13.97
CA PHE FB 19 40.80 0.59 -12.64
C PHE FB 19 39.45 1.12 -12.20
N VAL FB 20 39.17 2.40 -12.44
CA VAL FB 20 37.92 2.98 -11.97
C VAL FB 20 36.75 2.49 -12.82
N MET FB 21 36.96 2.33 -14.12
CA MET FB 21 35.91 1.77 -14.95
C MET FB 21 35.67 0.31 -14.62
N MET FB 22 36.65 -0.35 -14.02
CA MET FB 22 36.50 -1.75 -13.62
C MET FB 22 35.73 -1.88 -12.32
N CYS FB 23 35.91 -0.94 -11.38
CA CYS FB 23 35.15 -1.02 -10.15
C CYS FB 23 33.75 -0.44 -10.30
N ILE FB 24 33.57 0.55 -11.17
CA ILE FB 24 32.25 1.14 -11.30
C ILE FB 24 31.30 0.17 -11.97
N ILE FB 25 31.82 -0.73 -12.80
CA ILE FB 25 31.00 -1.76 -13.42
C ILE FB 25 30.74 -2.93 -12.48
N ILE FB 26 31.65 -3.22 -11.56
CA ILE FB 26 31.46 -4.37 -10.69
C ILE FB 26 30.49 -4.05 -9.58
N ALA FB 27 30.33 -2.77 -9.24
CA ALA FB 27 29.36 -2.39 -8.23
C ALA FB 27 27.94 -2.54 -8.78
N GLU FB 28 27.74 -2.20 -10.05
CA GLU FB 28 26.46 -2.43 -10.70
C GLU FB 28 26.04 -3.89 -10.61
N LEU FB 29 27.00 -4.80 -10.74
CA LEU FB 29 26.69 -6.21 -10.66
C LEU FB 29 26.26 -6.60 -9.24
N ILE FB 30 27.03 -6.15 -8.25
CA ILE FB 30 26.85 -6.70 -6.92
C ILE FB 30 25.65 -6.08 -6.21
N VAL FB 31 25.36 -4.81 -6.46
CA VAL FB 31 24.14 -4.26 -5.88
C VAL FB 31 22.96 -4.45 -6.83
N GLY FB 32 23.21 -4.92 -8.04
CA GLY FB 32 22.13 -5.28 -8.93
C GLY FB 32 21.49 -6.55 -8.42
N VAL FB 33 22.32 -7.53 -8.08
CA VAL FB 33 21.80 -8.77 -7.53
C VAL FB 33 21.14 -8.53 -6.19
N ALA FB 34 21.70 -7.64 -5.37
CA ALA FB 34 21.11 -7.30 -4.09
C ALA FB 34 19.67 -6.83 -4.26
N MET FB 35 19.47 -5.70 -4.95
CA MET FB 35 18.12 -5.18 -5.12
C MET FB 35 17.23 -6.13 -5.88
N TYR FB 36 17.80 -7.15 -6.52
CA TYR FB 36 16.97 -8.18 -7.13
C TYR FB 36 16.45 -9.14 -6.07
N ILE FB 37 17.34 -9.61 -5.21
CA ILE FB 37 16.97 -10.64 -4.24
C ILE FB 37 15.91 -10.13 -3.28
N ARG FB 38 16.06 -8.88 -2.84
CA ARG FB 38 15.11 -8.28 -1.91
C ARG FB 38 13.75 -8.06 -2.54
N THR FB 39 13.67 -8.11 -3.87
CA THR FB 39 12.43 -7.85 -4.61
C THR FB 39 12.02 -9.05 -5.45
N LYS FB 40 12.89 -9.49 -6.36
CA LYS FB 40 12.58 -10.48 -7.39
C LYS FB 40 11.52 -9.95 -8.36
N ASN FB 41 11.97 -8.93 -9.10
CA ASN FB 41 11.44 -8.58 -10.41
C ASN FB 41 12.63 -8.44 -11.33
N LEU FB 42 12.45 -8.74 -12.61
CA LEU FB 42 13.56 -8.52 -13.52
C LEU FB 42 13.21 -7.39 -14.45
N LEU FB 43 13.49 -6.17 -14.04
CA LEU FB 43 14.15 -5.20 -14.89
C LEU FB 43 15.53 -4.85 -14.36
N ILE FB 44 15.86 -5.28 -13.15
CA ILE FB 44 17.03 -4.77 -12.46
C ILE FB 44 18.29 -5.48 -12.94
N LEU FB 45 18.18 -6.80 -13.15
CA LEU FB 45 19.29 -7.49 -13.79
C LEU FB 45 19.62 -6.87 -15.13
N LEU FB 46 18.61 -6.34 -15.81
CA LEU FB 46 18.86 -5.60 -17.04
C LEU FB 46 19.51 -4.27 -16.75
N GLY FB 47 19.42 -3.79 -15.51
CA GLY FB 47 20.08 -2.55 -15.14
C GLY FB 47 21.59 -2.62 -15.30
N LEU FB 48 22.15 -3.83 -15.33
CA LEU FB 48 23.57 -3.96 -15.60
C LEU FB 48 23.87 -3.65 -17.06
N VAL FB 49 22.95 -3.99 -17.96
CA VAL FB 49 23.19 -3.77 -19.37
C VAL FB 49 23.31 -2.29 -19.68
N VAL FB 50 22.46 -1.46 -19.07
CA VAL FB 50 22.48 -0.04 -19.38
C VAL FB 50 23.75 0.64 -18.89
N VAL FB 51 24.45 0.03 -17.94
CA VAL FB 51 25.75 0.57 -17.53
C VAL FB 51 26.83 0.16 -18.51
N ILE FB 52 26.71 -1.04 -19.08
CA ILE FB 52 27.66 -1.48 -20.09
C ILE FB 52 27.66 -0.51 -21.26
N VAL FB 53 26.49 -0.26 -21.83
CA VAL FB 53 26.44 0.59 -23.01
C VAL FB 53 26.71 2.04 -22.66
N PHE FB 54 26.25 2.49 -21.49
CA PHE FB 54 26.39 3.91 -21.15
C PHE FB 54 27.86 4.30 -21.05
N THR FB 55 28.63 3.55 -20.28
CA THR FB 55 30.06 3.83 -20.19
C THR FB 55 30.72 3.68 -21.56
N THR FB 56 30.33 2.67 -22.33
CA THR FB 56 30.92 2.46 -23.64
C THR FB 56 30.69 3.65 -24.55
N VAL FB 57 29.42 3.98 -24.81
CA VAL FB 57 29.13 5.11 -25.68
C VAL FB 57 29.40 6.44 -25.00
N GLY FB 58 29.56 6.45 -23.69
CA GLY FB 58 29.88 7.69 -23.00
C GLY FB 58 31.32 8.07 -23.22
N LEU FB 59 32.23 7.12 -23.02
CA LEU FB 59 33.66 7.40 -23.11
C LEU FB 59 34.05 7.95 -24.47
N THR FB 60 33.33 7.61 -25.52
CA THR FB 60 33.68 8.10 -26.84
C THR FB 60 33.34 9.57 -27.02
N PHE FB 61 32.55 10.16 -26.14
CA PHE FB 61 32.28 11.59 -26.21
C PHE FB 61 33.32 12.43 -25.51
N ILE FB 62 34.25 11.82 -24.78
CA ILE FB 62 35.27 12.58 -24.07
C ILE FB 62 36.11 13.38 -25.04
N LYS FB 63 36.50 12.76 -26.16
CA LYS FB 63 37.34 13.42 -27.15
C LYS FB 63 36.62 14.59 -27.81
N ASP GB 1 40.06 53.17 -26.16
CA ASP GB 1 40.32 51.79 -26.55
C ASP GB 1 40.24 50.84 -25.37
N LEU GB 2 40.58 49.58 -25.60
CA LEU GB 2 40.56 48.57 -24.55
C LEU GB 2 41.94 48.41 -23.92
N LEU GB 3 41.97 48.10 -22.63
CA LEU GB 3 43.20 47.71 -21.96
C LEU GB 3 43.11 46.28 -21.44
N ALA GB 4 44.26 45.71 -21.09
CA ALA GB 4 44.30 44.39 -20.47
C ALA GB 4 43.77 43.32 -21.41
N GLY GB 5 43.54 43.70 -22.66
CA GLY GB 5 42.50 43.11 -23.47
C GLY GB 5 43.02 42.03 -24.40
N GLY GB 6 44.33 42.04 -24.64
CA GLY GB 6 45.24 41.11 -24.00
C GLY GB 6 46.16 40.43 -24.98
N LYS GB 7 46.40 39.13 -24.76
CA LYS GB 7 45.61 38.10 -25.42
C LYS GB 7 44.24 37.96 -24.77
N ASP GB 8 43.27 37.50 -25.55
CA ASP GB 8 42.67 36.18 -25.37
C ASP GB 8 43.55 35.09 -25.97
N ASP GB 9 44.00 34.16 -25.13
CA ASP GB 9 43.89 32.74 -25.44
C ASP GB 9 43.15 31.99 -24.33
N VAL GB 10 42.96 32.67 -23.19
CA VAL GB 10 42.16 32.12 -22.11
C VAL GB 10 40.98 31.32 -22.64
N LYS GB 11 40.37 31.80 -23.72
CA LYS GB 11 39.32 31.05 -24.40
C LYS GB 11 39.80 29.69 -24.84
N ALA GB 12 40.97 29.60 -25.45
CA ALA GB 12 41.50 28.30 -25.86
C ALA GB 12 41.77 27.40 -24.66
N THR GB 13 42.04 27.99 -23.49
CA THR GB 13 42.26 27.17 -22.31
C THR GB 13 40.99 26.49 -21.85
N PHE GB 14 39.89 27.24 -21.81
CA PHE GB 14 38.60 26.70 -21.38
C PHE GB 14 37.70 26.31 -22.55
N GLY GB 15 38.18 26.41 -23.77
CA GLY GB 15 37.35 26.25 -24.95
C GLY GB 15 36.98 24.82 -25.27
N ALA GB 16 36.59 24.62 -26.53
CA ALA GB 16 36.00 23.37 -27.00
C ALA GB 16 36.85 22.15 -26.66
N ASP GB 17 38.01 22.02 -27.29
CA ASP GB 17 38.94 20.95 -26.96
C ASP GB 17 39.91 21.51 -25.93
N SER GB 18 39.79 21.04 -24.69
CA SER GB 18 40.55 21.61 -23.59
C SER GB 18 40.83 20.51 -22.58
N PHE GB 19 41.60 20.86 -21.55
CA PHE GB 19 41.77 19.96 -20.43
C PHE GB 19 40.63 20.09 -19.44
N VAL GB 20 40.20 21.32 -19.14
CA VAL GB 20 39.15 21.49 -18.15
C VAL GB 20 37.80 21.08 -18.71
N MET GB 21 37.55 21.34 -19.99
CA MET GB 21 36.31 20.87 -20.59
C MET GB 21 36.31 19.36 -20.71
N MET GB 22 37.48 18.73 -20.69
CA MET GB 22 37.57 17.29 -20.76
C MET GB 22 37.32 16.64 -19.40
N CYS GB 23 37.75 17.28 -18.31
CA CYS GB 23 37.48 16.71 -17.00
C CYS GB 23 36.08 17.05 -16.52
N ILE GB 24 35.53 18.20 -16.90
CA ILE GB 24 34.21 18.56 -16.41
C ILE GB 24 33.16 17.67 -17.05
N ILE GB 25 33.41 17.16 -18.24
CA ILE GB 25 32.50 16.22 -18.89
C ILE GB 25 32.67 14.81 -18.37
N ILE GB 26 33.87 14.43 -17.92
CA ILE GB 26 34.06 13.06 -17.48
C ILE GB 26 33.53 12.86 -16.08
N ALA GB 27 33.41 13.94 -15.30
CA ALA GB 27 32.82 13.83 -13.98
C ALA GB 27 31.32 13.60 -14.08
N GLU GB 28 30.67 14.25 -15.03
CA GLU GB 28 29.26 14.00 -15.29
C GLU GB 28 29.00 12.53 -15.57
N LEU GB 29 29.92 11.87 -16.29
CA LEU GB 29 29.75 10.47 -16.59
C LEU GB 29 29.88 9.61 -15.34
N ILE GB 30 30.90 9.88 -14.54
CA ILE GB 30 31.24 8.94 -13.48
C ILE GB 30 30.33 9.10 -12.27
N VAL GB 31 29.88 10.32 -11.98
CA VAL GB 31 28.91 10.46 -10.91
C VAL GB 31 27.50 10.34 -11.45
N GLY GB 32 27.33 10.30 -12.77
CA GLY GB 32 26.04 10.02 -13.33
C GLY GB 32 25.70 8.57 -13.12
N VAL GB 33 26.66 7.69 -13.40
CA VAL GB 33 26.45 6.27 -13.16
C VAL GB 33 26.28 6.00 -11.67
N ALA GB 34 27.03 6.70 -10.83
CA ALA GB 34 26.91 6.54 -9.39
C ALA GB 34 25.47 6.77 -8.95
N MET GB 35 24.97 8.00 -9.11
CA MET GB 35 23.61 8.30 -8.67
C MET GB 35 22.57 7.46 -9.40
N TYR GB 36 22.96 6.79 -10.48
CA TYR GB 36 22.04 5.85 -11.12
C TYR GB 36 22.00 4.54 -10.35
N ILE GB 37 23.16 4.00 -9.99
CA ILE GB 37 23.22 2.69 -9.37
C ILE GB 37 22.53 2.72 -8.01
N ARG GB 38 22.75 3.78 -7.24
CA ARG GB 38 22.14 3.91 -5.92
C ARG GB 38 20.62 4.05 -6.00
N THR GB 39 20.08 4.38 -7.17
CA THR GB 39 18.66 4.61 -7.36
C THR GB 39 18.06 3.67 -8.38
N LYS GB 40 18.58 3.66 -9.61
CA LYS GB 40 18.00 2.98 -10.77
C LYS GB 40 16.64 3.57 -11.13
N ASN GB 41 16.73 4.82 -11.59
CA ASN GB 41 15.76 5.45 -12.46
C ASN GB 41 16.53 6.06 -13.62
N LEU GB 42 15.93 6.12 -14.80
CA LEU GB 42 16.64 6.78 -15.88
C LEU GB 42 15.91 8.06 -16.22
N LEU GB 43 16.24 9.14 -15.53
CA LEU GB 43 16.50 10.41 -16.16
C LEU GB 43 17.94 10.84 -15.99
N ILE GB 44 18.69 10.13 -15.16
CA ILE GB 44 19.99 10.63 -14.74
C ILE GB 44 21.04 10.32 -15.79
N LEU GB 45 20.98 9.13 -16.39
CA LEU GB 45 21.83 8.85 -17.53
C LEU GB 45 21.63 9.90 -18.61
N LEU GB 46 20.40 10.41 -18.73
CA LEU GB 46 20.16 11.51 -19.66
C LEU GB 46 20.79 12.80 -19.15
N GLY GB 47 21.09 12.87 -17.86
CA GLY GB 47 21.76 14.04 -17.32
C GLY GB 47 23.12 14.29 -17.95
N LEU GB 48 23.71 13.26 -18.55
CA LEU GB 48 24.96 13.47 -19.28
C LEU GB 48 24.70 14.24 -20.56
N VAL GB 49 23.55 14.02 -21.20
CA VAL GB 49 23.27 14.68 -22.46
C VAL GB 49 23.17 16.18 -22.27
N VAL GB 50 22.53 16.62 -21.19
CA VAL GB 50 22.35 18.06 -21.01
C VAL GB 50 23.64 18.78 -20.72
N VAL GB 51 24.68 18.07 -20.29
CA VAL GB 51 26.01 18.68 -20.15
C VAL GB 51 26.70 18.77 -21.50
N ILE GB 52 26.47 17.79 -22.36
CA ILE GB 52 27.03 17.84 -23.72
C ILE GB 52 26.57 19.10 -24.43
N VAL GB 53 25.26 19.29 -24.48
CA VAL GB 53 24.73 20.42 -25.24
C VAL GB 53 25.02 21.73 -24.51
N PHE GB 54 24.96 21.74 -23.19
CA PHE GB 54 25.11 22.99 -22.46
C PHE GB 54 26.48 23.60 -22.69
N THR GB 55 27.53 22.80 -22.49
CA THR GB 55 28.87 23.29 -22.76
C THR GB 55 29.03 23.67 -24.23
N THR GB 56 28.46 22.87 -25.13
CA THR GB 56 28.58 23.17 -26.55
C THR GB 56 27.95 24.51 -26.89
N VAL GB 57 26.66 24.67 -26.61
CA VAL GB 57 26.00 25.93 -26.93
C VAL GB 57 26.39 27.03 -25.95
N GLY GB 58 27.01 26.69 -24.83
CA GLY GB 58 27.46 27.70 -23.92
C GLY GB 58 28.71 28.38 -24.42
N LEU GB 59 29.70 27.59 -24.84
CA LEU GB 59 30.97 28.14 -25.27
C LEU GB 59 30.84 29.12 -26.42
N THR GB 60 29.80 28.97 -27.24
CA THR GB 60 29.63 29.89 -28.36
C THR GB 60 29.15 31.27 -27.93
N PHE GB 61 28.69 31.42 -26.69
CA PHE GB 61 28.30 32.74 -26.20
C PHE GB 61 29.47 33.52 -25.61
N ILE GB 62 30.63 32.88 -25.45
CA ILE GB 62 31.78 33.57 -24.88
C ILE GB 62 32.19 34.76 -25.74
N LYS GB 63 32.19 34.57 -27.05
CA LYS GB 63 32.58 35.63 -27.97
C LYS GB 63 31.60 36.79 -27.95
N ASP HB 1 32.73 73.17 -14.61
CA ASP HB 1 32.93 72.05 -15.50
C ASP HB 1 33.33 70.79 -14.75
N LEU HB 2 33.65 69.73 -15.48
CA LEU HB 2 34.08 68.48 -14.87
C LEU HB 2 35.59 68.39 -14.80
N LEU HB 3 36.09 67.74 -13.76
CA LEU HB 3 37.51 67.38 -13.67
C LEU HB 3 37.70 65.88 -13.66
N ALA HB 4 38.93 65.44 -13.89
CA ALA HB 4 39.29 64.03 -13.79
C ALA HB 4 38.52 63.20 -14.83
N GLY HB 5 37.85 63.89 -15.75
CA GLY HB 5 36.64 63.36 -16.34
C GLY HB 5 36.88 62.73 -17.70
N GLY HB 6 38.02 63.05 -18.30
CA GLY HB 6 39.15 62.14 -18.33
C GLY HB 6 39.72 61.95 -19.72
N LYS HB 7 40.10 60.71 -20.03
CA LYS HB 7 39.21 59.78 -20.72
C LYS HB 7 38.17 59.22 -19.76
N ASP HB 8 37.01 58.85 -20.32
CA ASP HB 8 36.61 57.45 -20.41
C ASP HB 8 37.30 56.76 -21.58
N ASP HB 9 38.08 55.72 -21.28
CA ASP HB 9 37.96 54.46 -21.99
C ASP HB 9 37.71 53.30 -21.03
N VAL HB 10 37.88 53.58 -19.74
CA VAL HB 10 37.55 52.60 -18.70
C VAL HB 10 36.32 51.78 -19.08
N LYS HB 11 35.35 52.44 -19.70
CA LYS HB 11 34.18 51.76 -20.23
C LYS HB 11 34.57 50.68 -21.23
N ALA HB 12 35.46 50.99 -22.17
CA ALA HB 12 35.89 49.98 -23.12
C ALA HB 12 36.62 48.83 -22.44
N THR HB 13 37.24 49.09 -21.29
CA THR HB 13 37.92 48.02 -20.58
C THR HB 13 36.93 47.01 -20.00
N PHE HB 14 35.87 47.51 -19.37
CA PHE HB 14 34.86 46.65 -18.77
C PHE HB 14 33.64 46.46 -19.67
N GLY HB 15 33.66 47.00 -20.87
CA GLY HB 15 32.47 47.05 -21.72
C GLY HB 15 32.11 45.74 -22.37
N ALA HB 16 31.32 45.83 -23.45
CA ALA HB 16 30.70 44.70 -24.10
C ALA HB 16 31.70 43.61 -24.46
N ASP HB 17 32.56 43.87 -25.44
CA ASP HB 17 33.63 42.94 -25.78
C ASP HB 17 34.85 43.33 -24.98
N SER HB 18 35.21 42.52 -23.99
CA SER HB 18 36.27 42.86 -23.06
C SER HB 18 36.96 41.59 -22.61
N PHE HB 19 38.01 41.76 -21.81
CA PHE HB 19 38.62 40.61 -21.18
C PHE HB 19 37.89 40.23 -19.89
N VAL HB 20 37.50 41.23 -19.09
CA VAL HB 20 36.86 40.91 -17.82
C VAL HB 20 35.43 40.44 -18.04
N MET HB 21 34.74 41.02 -19.01
CA MET HB 21 33.41 40.53 -19.32
C MET HB 21 33.45 39.15 -19.94
N MET HB 22 34.60 38.76 -20.49
CA MET HB 22 34.77 37.44 -21.07
C MET HB 22 35.05 36.39 -20.00
N CYS HB 23 35.78 36.75 -18.95
CA CYS HB 23 36.03 35.79 -17.88
C CYS HB 23 34.87 35.71 -16.91
N ILE HB 24 34.15 36.81 -16.69
CA ILE HB 24 33.05 36.76 -15.73
C ILE HB 24 31.92 35.93 -16.27
N ILE HB 25 31.77 35.85 -17.59
CA ILE HB 25 30.76 34.99 -18.19
C ILE HB 25 31.19 33.53 -18.26
N ILE HB 26 32.49 33.27 -18.36
CA ILE HB 26 32.93 31.89 -18.48
C ILE HB 26 32.94 31.19 -17.14
N ALA HB 27 33.02 31.96 -16.05
CA ALA HB 27 32.94 31.36 -14.72
C ALA HB 27 31.52 30.91 -14.43
N GLU HB 28 30.53 31.69 -14.86
CA GLU HB 28 29.14 31.27 -14.74
C GLU HB 28 28.90 29.92 -15.40
N LEU HB 29 29.55 29.69 -16.53
CA LEU HB 29 29.38 28.42 -17.23
C LEU HB 29 30.01 27.28 -16.43
N ILE HB 30 31.23 27.48 -15.95
CA ILE HB 30 31.97 26.34 -15.43
C ILE HB 30 31.53 25.98 -14.02
N VAL HB 31 31.13 26.96 -13.21
CA VAL HB 31 30.58 26.61 -11.91
C VAL HB 31 29.08 26.39 -12.00
N GLY HB 32 28.48 26.71 -13.14
CA GLY HB 32 27.08 26.39 -13.34
C GLY HB 32 26.95 24.89 -13.52
N VAL HB 33 27.81 24.32 -14.36
CA VAL HB 33 27.80 22.89 -14.56
C VAL HB 33 28.18 22.17 -13.29
N ALA HB 34 29.13 22.71 -12.53
CA ALA HB 34 29.52 22.11 -11.26
C ALA HB 34 28.32 21.95 -10.35
N MET HB 35 27.70 23.06 -9.93
CA MET HB 35 26.57 22.98 -9.02
C MET HB 35 25.40 22.21 -9.63
N TYR HB 36 25.43 21.96 -10.92
CA TYR HB 36 24.42 21.10 -11.53
C TYR HB 36 24.73 19.65 -11.27
N ILE HB 37 25.98 19.25 -11.49
CA ILE HB 37 26.34 17.83 -11.39
C ILE HB 37 26.17 17.34 -9.97
N ARG HB 38 26.57 18.15 -9.00
CA ARG HB 38 26.45 17.78 -7.59
C ARG HB 38 25.00 17.67 -7.14
N THR HB 39 24.07 18.22 -7.91
CA THR HB 39 22.66 18.24 -7.55
C THR HB 39 21.81 17.55 -8.60
N LYS HB 40 21.86 17.99 -9.85
CA LYS HB 40 20.96 17.59 -10.94
C LYS HB 40 19.52 18.01 -10.63
N ASN HB 41 19.36 19.33 -10.65
CA ASN HB 41 18.11 19.99 -10.93
C ASN HB 41 18.39 21.05 -11.99
N LEU HB 42 17.41 21.34 -12.82
CA LEU HB 42 17.65 22.40 -13.79
C LEU HB 42 16.75 23.58 -13.43
N LEU HB 43 17.23 24.45 -12.57
CA LEU HB 43 17.16 25.87 -12.78
C LEU HB 43 18.54 26.48 -12.94
N ILE HB 44 19.58 25.71 -12.66
CA ILE HB 44 20.91 26.28 -12.53
C ILE HB 44 21.54 26.49 -13.89
N LEU HB 45 21.36 25.54 -14.79
CA LEU HB 45 21.77 25.76 -16.16
C LEU HB 45 21.13 27.03 -16.72
N LEU HB 46 19.91 27.32 -16.28
CA LEU HB 46 19.29 28.58 -16.65
C LEU HB 46 19.95 29.76 -15.96
N GLY HB 47 20.70 29.50 -14.88
CA GLY HB 47 21.42 30.56 -14.22
C GLY HB 47 22.45 31.23 -15.11
N LEU HB 48 22.87 30.54 -16.18
CA LEU HB 48 23.75 31.18 -17.14
C LEU HB 48 23.02 32.22 -17.95
N VAL HB 49 21.74 31.99 -18.23
CA VAL HB 49 20.99 32.93 -19.05
C VAL HB 49 20.85 34.27 -18.35
N VAL HB 50 20.61 34.26 -17.03
CA VAL HB 50 20.40 35.52 -16.34
C VAL HB 50 21.67 36.35 -16.24
N VAL HB 51 22.84 35.73 -16.42
CA VAL HB 51 24.07 36.51 -16.49
C VAL HB 51 24.24 37.11 -17.88
N ILE HB 52 23.80 36.40 -18.91
CA ILE HB 52 23.85 36.94 -20.26
C ILE HB 52 23.08 38.25 -20.33
N VAL HB 53 21.82 38.22 -19.91
CA VAL HB 53 20.98 39.40 -20.04
C VAL HB 53 21.41 40.47 -19.05
N PHE HB 54 21.83 40.07 -17.85
CA PHE HB 54 22.13 41.07 -16.83
C PHE HB 54 23.30 41.95 -17.25
N THR HB 55 24.40 41.33 -17.66
CA THR HB 55 25.52 42.11 -18.15
C THR HB 55 25.13 42.92 -19.38
N THR HB 56 24.35 42.33 -20.28
CA THR HB 56 23.94 43.05 -21.48
C THR HB 56 23.14 44.30 -21.14
N VAL HB 57 22.01 44.13 -20.44
CA VAL HB 57 21.20 45.29 -20.09
C VAL HB 57 21.83 46.11 -18.98
N GLY HB 58 22.82 45.57 -18.29
CA GLY HB 58 23.49 46.34 -17.27
C GLY HB 58 24.44 47.35 -17.86
N LEU HB 59 25.27 46.90 -18.82
CA LEU HB 59 26.27 47.77 -19.40
C LEU HB 59 25.67 49.01 -20.06
N THR HB 60 24.43 48.92 -20.52
CA THR HB 60 23.82 50.09 -21.17
C THR HB 60 23.43 51.16 -20.17
N PHE HB 61 23.42 50.86 -18.86
CA PHE HB 61 23.14 51.89 -17.87
C PHE HB 61 24.37 52.66 -17.45
N ILE HB 62 25.56 52.23 -17.88
CA ILE HB 62 26.79 52.91 -17.49
C ILE HB 62 26.78 54.35 -17.99
N LYS HB 63 26.34 54.56 -19.22
CA LYS HB 63 26.31 55.90 -19.80
C LYS HB 63 25.32 56.80 -19.09
N ASP IB 1 28.53 87.29 4.64
CA ASP IB 1 28.48 86.53 3.40
C ASP IB 1 29.20 85.20 3.53
N LEU IB 2 29.33 84.48 2.43
CA LEU IB 2 30.02 83.20 2.42
C LEU IB 2 31.47 83.36 1.99
N LEU IB 3 32.35 82.53 2.54
CA LEU IB 3 33.72 82.43 2.06
C LEU IB 3 34.01 81.04 1.50
N ALA IB 4 35.11 80.93 0.77
CA ALA IB 4 35.57 79.63 0.28
C ALA IB 4 34.56 79.02 -0.69
N GLY IB 5 33.56 79.82 -1.07
CA GLY IB 5 32.26 79.28 -1.40
C GLY IB 5 32.05 79.12 -2.89
N GLY IB 6 32.88 79.80 -3.67
CA GLY IB 6 33.99 79.16 -4.35
C GLY IB 6 34.04 79.48 -5.83
N LYS IB 7 34.39 78.49 -6.64
CA LYS IB 7 33.37 77.65 -7.28
C LYS IB 7 32.77 76.66 -6.30
N ASP IB 8 31.52 76.27 -6.57
CA ASP IB 8 31.22 74.91 -6.99
C ASP IB 8 31.51 74.73 -8.48
N ASP IB 9 32.40 73.80 -8.80
CA ASP IB 9 32.12 72.80 -9.82
C ASP IB 9 32.32 71.38 -9.27
N VAL IB 10 32.90 71.30 -8.09
CA VAL IB 10 33.03 70.01 -7.39
C VAL IB 10 31.81 69.14 -7.63
N LYS IB 11 30.63 69.76 -7.65
CA LYS IB 11 29.40 69.07 -7.99
C LYS IB 11 29.48 68.42 -9.36
N ALA IB 12 29.97 69.14 -10.37
CA ALA IB 12 30.11 68.55 -11.69
C ALA IB 12 31.11 67.41 -11.70
N THR IB 13 32.07 67.42 -10.78
CA THR IB 13 33.04 66.33 -10.71
C THR IB 13 32.37 65.04 -10.23
N PHE IB 14 31.58 65.13 -9.17
CA PHE IB 14 30.90 63.97 -8.62
C PHE IB 14 29.45 63.83 -9.09
N GLY IB 15 29.01 64.70 -10.00
CA GLY IB 15 27.61 64.77 -10.37
C GLY IB 15 27.14 63.66 -11.28
N ALA IB 16 26.02 63.94 -11.95
CA ALA IB 16 25.28 62.94 -12.73
C ALA IB 16 26.16 62.21 -13.72
N ASP IB 17 26.62 62.89 -14.77
CA ASP IB 17 27.56 62.31 -15.72
C ASP IB 17 28.95 62.66 -15.25
N SER IB 18 29.68 61.67 -14.77
CA SER IB 18 30.97 61.90 -14.14
C SER IB 18 31.86 60.70 -14.37
N PHE IB 19 33.11 60.82 -13.94
CA PHE IB 19 33.99 59.66 -13.94
C PHE IB 19 33.79 58.80 -12.70
N VAL IB 20 33.64 59.43 -11.53
CA VAL IB 20 33.50 58.65 -10.31
C VAL IB 20 32.12 58.02 -10.23
N MET IB 21 31.09 58.72 -10.68
CA MET IB 21 29.77 58.12 -10.71
C MET IB 21 29.70 57.01 -11.74
N MET IB 22 30.60 57.01 -12.71
CA MET IB 22 30.65 55.96 -13.72
C MET IB 22 31.36 54.72 -13.21
N CYS IB 23 32.39 54.88 -12.37
CA CYS IB 23 33.05 53.71 -11.83
C CYS IB 23 32.32 53.14 -10.63
N ILE IB 24 31.64 53.98 -9.85
CA ILE IB 24 30.95 53.47 -8.67
C ILE IB 24 29.76 52.63 -9.07
N ILE IB 25 29.17 52.91 -10.24
CA ILE IB 25 28.08 52.11 -10.74
C ILE IB 25 28.56 50.84 -11.43
N ILE IB 26 29.75 50.85 -12.00
CA ILE IB 26 30.21 49.67 -12.72
C ILE IB 26 30.74 48.62 -11.75
N ALA IB 27 31.14 49.04 -10.54
CA ALA IB 27 31.58 48.08 -9.55
C ALA IB 27 30.39 47.30 -9.00
N GLU IB 28 29.25 47.99 -8.81
CA GLU IB 28 28.03 47.31 -8.42
C GLU IB 28 27.67 46.20 -9.39
N LEU IB 29 27.89 46.42 -10.67
CA LEU IB 29 27.59 45.41 -11.67
C LEU IB 29 28.51 44.22 -11.53
N ILE IB 30 29.81 44.48 -11.41
CA ILE IB 30 30.78 43.40 -11.56
C ILE IB 30 30.88 42.57 -10.29
N VAL IB 31 30.72 43.18 -9.12
CA VAL IB 31 30.68 42.36 -7.91
C VAL IB 31 29.27 41.93 -7.59
N GLY IB 32 28.28 42.44 -8.31
CA GLY IB 32 26.94 41.95 -8.17
C GLY IB 32 26.84 40.58 -8.80
N VAL IB 33 27.40 40.45 -10.00
CA VAL IB 33 27.41 39.15 -10.66
C VAL IB 33 28.27 38.16 -9.88
N ALA IB 34 29.38 38.62 -9.32
CA ALA IB 34 30.23 37.77 -8.51
C ALA IB 34 29.44 37.13 -7.38
N MET IB 35 28.94 37.94 -6.44
CA MET IB 35 28.20 37.39 -5.31
C MET IB 35 26.95 36.65 -5.75
N TYR IB 36 26.53 36.80 -7.00
CA TYR IB 36 25.44 35.98 -7.51
C TYR IB 36 25.92 34.59 -7.87
N ILE IB 37 27.04 34.50 -8.59
CA ILE IB 37 27.51 33.21 -9.08
C ILE IB 37 27.88 32.30 -7.92
N ARG IB 38 28.53 32.86 -6.91
CA ARG IB 38 28.94 32.07 -5.75
C ARG IB 38 27.75 31.58 -4.94
N THR IB 39 26.58 32.15 -5.15
CA THR IB 39 25.38 31.82 -4.39
C THR IB 39 24.27 31.32 -5.29
N LYS IB 40 23.85 32.12 -6.28
CA LYS IB 40 22.66 31.88 -7.10
C LYS IB 40 21.39 31.94 -6.24
N ASN IB 41 21.15 33.15 -5.77
CA ASN IB 41 19.83 33.64 -5.41
C ASN IB 41 19.65 34.99 -6.08
N LEU IB 42 18.42 35.33 -6.43
CA LEU IB 42 18.24 36.66 -7.00
C LEU IB 42 17.44 37.49 -6.02
N LEU IB 43 18.13 38.14 -5.10
CA LEU IB 43 17.89 39.53 -4.78
C LEU IB 43 19.08 40.39 -5.15
N ILE IB 44 20.21 39.78 -5.49
CA ILE IB 44 21.45 40.52 -5.58
C ILE IB 44 21.56 41.22 -6.92
N LEU IB 45 21.13 40.55 -7.99
CA LEU IB 45 21.02 41.25 -9.27
C LEU IB 45 20.14 42.47 -9.13
N LEU IB 46 19.14 42.40 -8.26
CA LEU IB 46 18.34 43.58 -7.99
C LEU IB 46 19.12 44.61 -7.18
N GLY IB 47 20.21 44.17 -6.54
CA GLY IB 47 21.04 45.13 -5.81
C GLY IB 47 21.64 46.19 -6.71
N LEU IB 48 21.71 45.92 -8.02
CA LEU IB 48 22.16 46.97 -8.94
C LEU IB 48 21.12 48.06 -9.07
N VAL IB 49 19.84 47.69 -9.00
CA VAL IB 49 18.79 48.67 -9.18
C VAL IB 49 18.82 49.70 -8.07
N VAL IB 50 19.05 49.27 -6.83
CA VAL IB 50 19.01 50.22 -5.72
C VAL IB 50 20.17 51.19 -5.75
N VAL IB 51 21.24 50.87 -6.47
CA VAL IB 51 22.32 51.84 -6.67
C VAL IB 51 21.95 52.85 -7.74
N ILE IB 52 21.22 52.40 -8.77
CA ILE IB 52 20.76 53.31 -9.81
C ILE IB 52 19.92 54.42 -9.19
N VAL IB 53 18.90 54.04 -8.45
CA VAL IB 53 18.00 55.04 -7.90
C VAL IB 53 18.66 55.83 -6.80
N PHE IB 54 19.50 55.19 -5.98
CA PHE IB 54 20.07 55.88 -4.83
C PHE IB 54 20.95 57.04 -5.28
N THR IB 55 21.88 56.78 -6.19
CA THR IB 55 22.70 57.85 -6.71
C THR IB 55 21.85 58.90 -7.41
N THR IB 56 20.84 58.47 -8.16
CA THR IB 56 19.99 59.42 -8.87
C THR IB 56 19.28 60.35 -7.90
N VAL IB 57 18.48 59.79 -6.99
CA VAL IB 57 17.77 60.63 -6.04
C VAL IB 57 18.68 61.20 -4.97
N GLY IB 58 19.90 60.66 -4.84
CA GLY IB 58 20.82 61.21 -3.88
C GLY IB 58 21.43 62.50 -4.36
N LEU IB 59 21.90 62.51 -5.62
CA LEU IB 59 22.58 63.67 -6.15
C LEU IB 59 21.69 64.91 -6.14
N THR IB 60 20.38 64.76 -6.21
CA THR IB 60 19.51 65.92 -6.20
C THR IB 60 19.42 66.57 -4.82
N PHE IB 61 19.88 65.91 -3.76
CA PHE IB 61 19.90 66.53 -2.44
C PHE IB 61 21.15 67.35 -2.20
N ILE IB 62 22.13 67.28 -3.08
CA ILE IB 62 23.37 68.03 -2.89
C ILE IB 62 23.09 69.53 -2.85
N LYS IB 63 22.24 70.01 -3.73
CA LYS IB 63 21.92 71.42 -3.81
C LYS IB 63 21.18 71.89 -2.56
N ASP JB 1 30.36 94.18 27.80
CA ASP JB 1 29.94 93.83 26.45
C ASP JB 1 30.75 92.66 25.91
N LEU JB 2 30.52 92.34 24.64
CA LEU JB 2 31.26 91.26 23.99
C LEU JB 2 32.45 91.79 23.21
N LEU JB 3 33.52 91.01 23.16
CA LEU JB 3 34.64 91.30 22.27
C LEU JB 3 34.82 90.21 21.22
N ALA JB 4 35.60 90.51 20.19
CA ALA JB 4 35.94 89.52 19.18
C ALA JB 4 34.70 89.04 18.42
N GLY JB 5 33.58 89.72 18.66
CA GLY JB 5 32.28 89.09 18.59
C GLY JB 5 31.58 89.33 17.27
N GLY JB 6 32.03 90.35 16.54
CA GLY JB 6 32.88 90.14 15.39
C GLY JB 6 32.40 90.89 14.16
N LYS JB 7 32.50 90.25 13.00
CA LYS JB 7 31.38 89.48 12.46
C LYS JB 7 31.23 88.15 13.18
N ASP JB 8 30.00 87.64 13.21
CA ASP JB 8 29.66 86.42 12.46
C ASP JB 8 29.42 86.74 10.99
N ASP JB 9 30.21 86.12 10.12
CA ASP JB 9 29.67 85.43 8.95
C ASP JB 9 30.13 83.98 8.91
N VAL JB 10 31.10 83.65 9.75
CA VAL JB 10 31.55 82.27 9.91
C VAL JB 10 30.39 81.30 9.78
N LYS JB 11 29.24 81.69 10.34
CA LYS JB 11 28.02 80.91 10.17
C LYS JB 11 27.66 80.71 8.72
N ALA JB 12 27.71 81.77 7.91
CA ALA JB 12 27.42 81.62 6.49
C ALA JB 12 28.44 80.73 5.80
N THR JB 13 29.66 80.65 6.32
CA THR JB 13 30.65 79.78 5.71
C THR JB 13 30.29 78.31 5.92
N PHE JB 14 29.91 77.95 7.14
CA PHE JB 14 29.55 76.57 7.44
C PHE JB 14 28.05 76.33 7.43
N GLY JB 15 27.25 77.32 7.04
CA GLY JB 15 25.81 77.24 7.18
C GLY JB 15 25.12 76.38 6.13
N ALA JB 16 23.83 76.64 5.97
CA ALA JB 16 22.94 75.80 5.17
C ALA JB 16 23.46 75.56 3.77
N ASP JB 17 23.47 76.59 2.92
CA ASP JB 17 24.06 76.48 1.60
C ASP JB 17 25.50 76.93 1.70
N SER JB 18 26.43 75.98 1.58
CA SER JB 18 27.83 76.26 1.82
C SER JB 18 28.66 75.35 0.93
N PHE JB 19 29.98 75.55 0.98
CA PHE JB 19 30.87 74.63 0.31
C PHE JB 19 31.18 73.42 1.19
N VAL JB 20 31.41 73.65 2.49
CA VAL JB 20 31.75 72.53 3.36
C VAL JB 20 30.54 71.67 3.65
N MET JB 21 29.37 72.28 3.79
CA MET JB 21 28.17 71.48 3.98
C MET JB 21 27.82 70.72 2.71
N MET JB 22 28.33 71.17 1.57
CA MET JB 22 28.09 70.49 0.31
C MET JB 22 29.00 69.30 0.13
N CYS JB 23 30.25 69.39 0.60
CA CYS JB 23 31.15 68.25 0.49
C CYS JB 23 30.92 67.23 1.60
N ILE JB 24 30.50 67.68 2.78
CA ILE JB 24 30.31 66.72 3.87
C ILE JB 24 29.11 65.85 3.60
N ILE JB 25 28.13 66.35 2.84
CA ILE JB 25 26.98 65.54 2.45
C ILE JB 25 27.29 64.63 1.26
N ILE JB 26 28.20 65.02 0.39
CA ILE JB 26 28.47 64.21 -0.78
C ILE JB 26 29.37 63.04 -0.43
N ALA JB 27 30.14 63.15 0.65
CA ALA JB 27 30.96 62.02 1.09
C ALA JB 27 30.08 60.93 1.68
N GLU JB 28 29.05 61.32 2.43
CA GLU JB 28 28.09 60.34 2.93
C GLU JB 28 27.49 59.51 1.81
N LEU JB 29 27.23 60.15 0.67
CA LEU JB 29 26.66 59.43 -0.46
C LEU JB 29 27.66 58.43 -1.03
N ILE JB 30 28.91 58.87 -1.24
CA ILE JB 30 29.83 58.07 -2.03
C ILE JB 30 30.42 56.94 -1.21
N VAL JB 31 30.64 57.14 0.10
CA VAL JB 31 31.09 56.02 0.90
C VAL JB 31 29.91 55.27 1.48
N GLY JB 32 28.70 55.78 1.32
CA GLY JB 32 27.52 55.05 1.69
C GLY JB 32 27.31 53.92 0.71
N VAL JB 33 27.41 54.25 -0.59
CA VAL JB 33 27.29 53.22 -1.61
C VAL JB 33 28.43 52.22 -1.51
N ALA JB 34 29.64 52.68 -1.20
CA ALA JB 34 30.77 51.80 -1.03
C ALA JB 34 30.47 50.73 0.00
N MET JB 35 30.27 51.12 1.27
CA MET JB 35 30.02 50.15 2.31
C MET JB 35 28.75 49.35 2.06
N TYR JB 36 27.91 49.79 1.13
CA TYR JB 36 26.77 48.97 0.73
C TYR JB 36 27.20 47.86 -0.20
N ILE JB 37 27.99 48.18 -1.21
CA ILE JB 37 28.35 47.20 -2.23
C ILE JB 37 29.16 46.08 -1.62
N ARG JB 38 30.09 46.41 -0.73
CA ARG JB 38 30.94 45.41 -0.09
C ARG JB 38 30.14 44.50 0.84
N THR JB 39 28.93 44.89 1.20
CA THR JB 39 28.09 44.14 2.14
C THR JB 39 26.77 43.73 1.51
N LYS JB 40 25.98 44.69 1.03
CA LYS JB 40 24.60 44.50 0.59
C LYS JB 40 23.71 44.08 1.76
N ASN JB 41 23.56 45.04 2.66
CA ASN JB 41 22.43 45.15 3.56
C ASN JB 41 21.93 46.58 3.46
N LEU JB 42 20.63 46.79 3.65
CA LEU JB 42 20.16 48.17 3.64
C LEU JB 42 19.71 48.53 5.04
N LEU JB 43 20.62 48.99 5.86
CA LEU JB 43 20.42 50.16 6.68
C LEU JB 43 21.34 51.29 6.28
N ILE JB 44 22.32 51.01 5.43
CA ILE JB 44 23.40 51.96 5.21
C ILE JB 44 22.99 53.02 4.22
N LEU JB 45 22.26 52.64 3.17
CA LEU JB 45 21.66 53.64 2.30
C LEU JB 45 20.81 54.60 3.10
N LEU JB 46 20.18 54.10 4.16
CA LEU JB 46 19.44 54.99 5.05
C LEU JB 46 20.38 55.85 5.87
N GLY JB 47 21.65 55.46 5.97
CA GLY JB 47 22.62 56.28 6.66
C GLY JB 47 22.80 57.64 6.05
N LEU JB 48 22.42 57.79 4.77
CA LEU JB 48 22.46 59.12 4.17
C LEU JB 48 21.35 60.01 4.73
N VAL JB 49 20.21 59.41 5.06
CA VAL JB 49 19.09 60.20 5.55
C VAL JB 49 19.44 60.85 6.88
N VAL JB 50 20.11 60.12 7.77
CA VAL JB 50 20.40 60.67 9.08
C VAL JB 50 21.40 61.80 9.02
N VAL JB 51 22.18 61.91 7.95
CA VAL JB 51 23.05 63.07 7.77
C VAL JB 51 22.27 64.27 7.25
N ILE JB 52 21.26 64.01 6.42
CA ILE JB 52 20.40 65.09 5.94
C ILE JB 52 19.75 65.80 7.12
N VAL JB 53 19.08 65.04 7.98
CA VAL JB 53 18.36 65.66 9.07
C VAL JB 53 19.31 66.20 10.12
N PHE JB 54 20.43 65.52 10.37
CA PHE JB 54 21.31 65.93 11.45
C PHE JB 54 21.90 67.30 11.17
N THR JB 55 22.47 67.49 9.98
CA THR JB 55 22.98 68.80 9.62
C THR JB 55 21.87 69.84 9.62
N THR JB 56 20.69 69.47 9.11
CA THR JB 56 19.58 70.42 9.06
C THR JB 56 19.19 70.89 10.46
N VAL JB 57 18.81 69.95 11.33
CA VAL JB 57 18.42 70.34 12.67
C VAL JB 57 19.60 70.71 13.54
N GLY JB 58 20.82 70.39 13.10
CA GLY JB 58 21.98 70.79 13.84
C GLY JB 58 22.29 72.26 13.66
N LEU JB 59 22.29 72.71 12.40
CA LEU JB 59 22.65 74.09 12.11
C LEU JB 59 21.76 75.09 12.81
N THR JB 60 20.52 74.73 13.10
CA THR JB 60 19.62 75.66 13.77
C THR JB 60 19.97 75.86 15.24
N PHE JB 61 20.82 75.00 15.82
CA PHE JB 61 21.25 75.20 17.20
C PHE JB 61 22.45 76.13 17.31
N ILE JB 62 23.07 76.50 16.18
CA ILE JB 62 24.24 77.37 16.23
C ILE JB 62 23.90 78.71 16.86
N LYS JB 63 22.75 79.27 16.49
CA LYS JB 63 22.33 80.57 17.00
C LYS JB 63 22.04 80.49 18.50
N ASP KB 1 39.68 94.23 50.17
CA ASP KB 1 38.84 94.21 48.99
C ASP KB 1 39.50 93.43 47.86
N LEU KB 2 38.86 93.44 46.69
CA LEU KB 2 39.39 92.75 45.52
C LEU KB 2 40.21 93.70 44.63
N LEU KB 3 41.24 93.17 43.99
CA LEU KB 3 41.95 93.90 42.96
C LEU KB 3 41.83 93.21 41.60
N ALA KB 4 42.17 93.94 40.55
CA ALA KB 4 42.21 93.36 39.21
C ALA KB 4 40.82 92.92 38.76
N GLY KB 5 39.81 93.28 39.54
CA GLY KB 5 38.61 92.47 39.67
C GLY KB 5 37.48 92.97 38.79
N GLY KB 6 37.58 94.21 38.35
CA GLY KB 6 37.98 94.51 36.99
C GLY KB 6 37.05 95.48 36.30
N LYS KB 7 36.79 95.23 35.02
CA LYS KB 7 35.61 94.47 34.61
C LYS KB 7 35.81 92.98 34.87
N ASP KB 8 34.71 92.28 35.09
CA ASP KB 8 34.21 91.29 34.12
C ASP KB 8 33.45 91.97 33.00
N ASP KB 9 33.92 91.79 31.77
CA ASP KB 9 33.05 91.39 30.67
C ASP KB 9 33.58 90.12 30.00
N VAL KB 10 34.80 89.74 30.35
CA VAL KB 10 35.37 88.47 29.88
C VAL KB 10 34.30 87.38 29.80
N LYS KB 11 33.40 87.38 30.77
CA LYS KB 11 32.26 86.48 30.75
C LYS KB 11 31.43 86.66 29.49
N ALA KB 12 31.12 87.90 29.12
CA ALA KB 12 30.36 88.12 27.89
C ALA KB 12 31.13 87.67 26.66
N THR KB 13 32.46 87.66 26.72
CA THR KB 13 33.23 87.19 25.59
C THR KB 13 33.08 85.70 25.39
N PHE KB 14 33.16 84.92 26.46
CA PHE KB 14 33.04 83.48 26.39
C PHE KB 14 31.63 82.99 26.75
N GLY KB 15 30.70 83.89 26.99
CA GLY KB 15 29.40 83.52 27.53
C GLY KB 15 28.45 82.89 26.53
N ALA KB 16 27.16 82.95 26.86
CA ALA KB 16 26.11 82.24 26.15
C ALA KB 16 26.13 82.51 24.65
N ASP KB 17 25.77 83.73 24.25
CA ASP KB 17 25.87 84.12 22.85
C ASP KB 17 27.22 84.76 22.65
N SER KB 18 28.11 84.08 21.94
CA SER KB 18 29.48 84.52 21.81
C SER KB 18 30.02 84.08 20.46
N PHE KB 19 31.24 84.48 20.16
CA PHE KB 19 31.91 83.97 18.98
C PHE KB 19 32.58 82.64 19.26
N VAL KB 20 33.23 82.51 20.43
CA VAL KB 20 33.95 81.27 20.72
C VAL KB 20 32.97 80.16 21.06
N MET KB 21 31.88 80.48 21.76
CA MET KB 21 30.88 79.46 22.02
C MET KB 21 30.16 79.06 20.74
N MET KB 22 30.20 79.91 19.73
CA MET KB 22 29.59 79.59 18.44
C MET KB 22 30.46 78.68 17.60
N CYS KB 23 31.79 78.86 17.68
CA CYS KB 23 32.68 77.98 16.91
C CYS KB 23 32.90 76.66 17.64
N ILE KB 24 32.91 76.65 18.96
CA ILE KB 24 33.18 75.41 19.67
C ILE KB 24 32.02 74.44 19.50
N ILE KB 25 30.80 74.97 19.30
CA ILE KB 25 29.65 74.11 19.04
C ILE KB 25 29.59 73.66 17.58
N ILE KB 26 30.10 74.44 16.66
CA ILE KB 26 30.00 74.07 15.26
C ILE KB 26 31.05 73.03 14.90
N ALA KB 27 32.13 72.95 15.67
CA ALA KB 27 33.13 71.92 15.42
C ALA KB 27 32.60 70.56 15.85
N GLU KB 28 31.87 70.52 16.96
CA GLU KB 28 31.21 69.29 17.38
C GLU KB 28 30.31 68.73 16.28
N LEU KB 29 29.63 69.60 15.56
CA LEU KB 29 28.76 69.16 14.50
C LEU KB 29 29.57 68.57 13.34
N ILE KB 30 30.62 69.27 12.93
CA ILE KB 30 31.25 68.91 11.67
C ILE KB 30 32.18 67.72 11.84
N VAL KB 31 32.83 67.57 13.00
CA VAL KB 31 33.60 66.35 13.20
C VAL KB 31 32.75 65.26 13.83
N GLY KB 32 31.53 65.59 14.22
CA GLY KB 32 30.62 64.57 14.67
C GLY KB 32 30.15 63.76 13.48
N VAL KB 33 29.77 64.46 12.40
CA VAL KB 33 29.37 63.78 11.20
C VAL KB 33 30.54 63.01 10.60
N ALA KB 34 31.74 63.57 10.66
CA ALA KB 34 32.92 62.89 10.17
C ALA KB 34 33.08 61.53 10.82
N MET KB 35 33.31 61.50 12.13
CA MET KB 35 33.50 60.23 12.82
C MET KB 35 32.29 59.33 12.72
N TYR KB 36 31.15 59.86 12.29
CA TYR KB 36 30.00 59.02 12.02
C TYR KB 36 30.15 58.30 10.69
N ILE KB 37 30.51 59.05 9.65
CA ILE KB 37 30.56 58.48 8.30
C ILE KB 37 31.60 57.40 8.22
N ARG KB 38 32.76 57.62 8.84
CA ARG KB 38 33.85 56.65 8.81
C ARG KB 38 33.49 55.38 9.57
N THR KB 39 32.45 55.42 10.41
CA THR KB 39 32.05 54.30 11.24
C THR KB 39 30.63 53.86 10.95
N LYS KB 40 29.66 54.76 11.09
CA LYS KB 40 28.22 54.47 11.06
C LYS KB 40 27.83 53.57 12.23
N ASN KB 41 27.94 54.17 13.41
CA ASN KB 41 27.18 53.82 14.60
C ASN KB 41 26.58 55.10 15.14
N LEU KB 42 25.43 55.02 15.77
CA LEU KB 42 24.90 56.22 16.37
C LEU KB 42 24.93 56.07 17.88
N LEU KB 43 26.05 56.43 18.48
CA LEU KB 43 26.06 57.26 19.67
C LEU KB 43 26.70 58.60 19.41
N ILE KB 44 27.34 58.76 18.25
CA ILE KB 44 28.21 59.90 18.04
C ILE KB 44 27.40 61.13 17.64
N LEU KB 45 26.38 60.94 16.81
CA LEU KB 45 25.45 62.02 16.55
C LEU KB 45 24.86 62.54 17.85
N LEU KB 46 24.68 61.65 18.82
CA LEU KB 46 24.24 62.09 20.14
C LEU KB 46 25.35 62.83 20.87
N GLY KB 47 26.60 62.66 20.42
CA GLY KB 47 27.68 63.40 21.03
C GLY KB 47 27.54 64.90 20.88
N LEU KB 48 26.73 65.34 19.91
CA LEU KB 48 26.47 66.77 19.80
C LEU KB 48 25.57 67.24 20.95
N VAL KB 49 24.66 66.38 21.39
CA VAL KB 49 23.73 66.78 22.44
C VAL KB 49 24.47 67.05 23.74
N VAL KB 50 25.47 66.24 24.07
CA VAL KB 50 26.16 66.43 25.34
C VAL KB 50 27.00 67.69 25.35
N VAL KB 51 27.33 68.24 24.20
CA VAL KB 51 28.00 69.53 24.16
C VAL KB 51 27.01 70.67 24.34
N ILE KB 52 25.79 70.50 23.83
CA ILE KB 52 24.75 71.49 24.03
C ILE KB 52 24.51 71.70 25.51
N VAL KB 53 24.23 70.63 26.23
CA VAL KB 53 23.90 70.76 27.63
C VAL KB 53 25.12 71.13 28.45
N PHE KB 54 26.30 70.60 28.10
CA PHE KB 54 27.47 70.84 28.92
C PHE KB 54 27.83 72.32 28.96
N THR KB 55 27.93 72.94 27.78
CA THR KB 55 28.19 74.37 27.75
C THR KB 55 27.08 75.14 28.44
N THR KB 56 25.83 74.73 28.23
CA THR KB 56 24.72 75.44 28.84
C THR KB 56 24.80 75.40 30.36
N VAL KB 57 24.80 74.20 30.94
CA VAL KB 57 24.88 74.10 32.40
C VAL KB 57 26.27 74.42 32.91
N GLY KB 58 27.28 74.46 32.05
CA GLY KB 58 28.60 74.82 32.49
C GLY KB 58 28.72 76.31 32.72
N LEU KB 59 28.25 77.10 31.75
CA LEU KB 59 28.39 78.55 31.83
C LEU KB 59 27.73 79.13 33.07
N THR KB 60 26.69 78.47 33.59
CA THR KB 60 26.03 79.00 34.78
C THR KB 60 26.85 78.82 36.04
N PHE KB 61 27.91 78.00 36.02
CA PHE KB 61 28.78 77.86 37.17
C PHE KB 61 29.87 78.91 37.21
N ILE KB 62 30.04 79.70 36.15
CA ILE KB 62 31.09 80.72 36.12
C ILE KB 62 30.88 81.73 37.23
N LYS KB 63 29.65 82.16 37.45
CA LYS KB 63 29.35 83.15 38.47
C LYS KB 63 29.61 82.60 39.87
N ASP LB 1 56.21 89.41 67.22
CA ASP LB 1 55.02 89.59 66.42
C ASP LB 1 55.28 89.29 64.96
N LEU LB 2 54.29 89.54 64.12
CA LEU LB 2 54.42 89.33 62.68
C LEU LB 2 54.80 90.62 61.96
N LEU LB 3 55.58 90.49 60.89
CA LEU LB 3 55.84 91.61 60.00
C LEU LB 3 55.30 91.34 58.60
N ALA LB 4 55.20 92.39 57.79
CA ALA LB 4 54.80 92.24 56.39
C ALA LB 4 53.38 91.71 56.28
N GLY LB 5 52.69 91.64 57.41
CA GLY LB 5 51.66 90.63 57.62
C GLY LB 5 50.27 91.15 57.35
N GLY LB 6 50.12 92.47 57.35
CA GLY LB 6 50.00 93.21 56.10
C GLY LB 6 48.82 94.16 56.11
N LYS LB 7 48.14 94.26 54.97
CA LYS LB 7 46.95 93.45 54.72
C LYS LB 7 47.33 92.02 54.37
N ASP LB 8 46.43 91.09 54.67
CA ASP LB 8 45.70 90.35 53.64
C ASP LB 8 44.54 91.19 53.10
N ASP LB 9 44.57 91.45 51.80
CA ASP LB 9 43.40 91.24 50.95
C ASP LB 9 43.74 90.34 49.77
N VAL LB 10 45.04 90.10 49.57
CA VAL LB 10 45.49 89.15 48.56
C VAL LB 10 44.54 87.96 48.46
N LYS LB 11 44.03 87.51 49.59
CA LYS LB 11 43.02 86.48 49.63
C LYS LB 11 41.80 86.86 48.82
N ALA LB 12 41.29 88.08 49.00
CA ALA LB 12 40.14 88.51 48.22
C ALA LB 12 40.45 88.57 46.73
N THR LB 13 41.72 88.78 46.38
CA THR LB 13 42.09 88.81 44.97
C THR LB 13 41.97 87.44 44.33
N PHE LB 14 42.48 86.42 45.01
CA PHE LB 14 42.43 85.05 44.50
C PHE LB 14 41.29 84.24 45.09
N GLY LB 15 40.43 84.85 45.90
CA GLY LB 15 39.43 84.12 46.65
C GLY LB 15 38.24 83.66 45.83
N ALA LB 16 37.15 83.38 46.55
CA ALA LB 16 35.96 82.73 46.01
C ALA LB 16 35.44 83.42 44.76
N ASP LB 17 34.87 84.62 44.91
CA ASP LB 17 34.45 85.40 43.77
C ASP LB 17 35.60 86.33 43.38
N SER LB 18 36.23 86.04 42.25
CA SER LB 18 37.44 86.74 41.86
C SER LB 18 37.50 86.81 40.35
N PHE LB 19 38.50 87.51 39.85
CA PHE LB 19 38.76 87.49 38.41
C PHE LB 19 39.58 86.27 38.02
N VAL LB 20 40.60 85.93 38.81
CA VAL LB 20 41.45 84.80 38.43
C VAL LB 20 40.74 83.49 38.66
N MET LB 21 39.95 83.38 39.73
CA MET LB 21 39.18 82.18 39.92
C MET LB 21 38.08 82.04 38.88
N MET LB 22 37.71 83.14 38.24
CA MET LB 22 36.71 83.11 37.18
C MET LB 22 37.30 82.66 35.85
N CYS LB 23 38.54 83.04 35.57
CA CYS LB 23 39.16 82.59 34.33
C CYS LB 23 39.73 81.19 34.46
N ILE LB 24 40.19 80.79 35.64
CA ILE LB 24 40.77 79.47 35.77
C ILE LB 24 39.70 78.40 35.65
N ILE LB 25 38.45 78.73 36.02
CA ILE LB 25 37.35 77.81 35.86
C ILE LB 25 36.81 77.79 34.43
N ILE LB 26 36.92 78.89 33.70
CA ILE LB 26 36.35 78.92 32.36
C ILE LB 26 37.28 78.24 31.38
N ALA LB 27 38.56 78.14 31.70
CA ALA LB 27 39.48 77.42 30.82
C ALA LB 27 39.23 75.92 30.92
N GLU LB 28 38.94 75.43 32.12
CA GLU LB 28 38.55 74.03 32.29
C GLU LB 28 37.38 73.67 31.40
N LEU LB 29 36.43 74.58 31.26
CA LEU LB 29 35.27 74.32 30.42
C LEU LB 29 35.66 74.24 28.95
N ILE LB 30 36.45 75.21 28.49
CA ILE LB 30 36.63 75.35 27.06
C ILE LB 30 37.64 74.35 26.52
N VAL LB 31 38.66 73.98 27.30
CA VAL LB 31 39.53 72.92 26.84
C VAL LB 31 39.03 71.57 27.29
N GLY LB 32 38.01 71.53 28.13
CA GLY LB 32 37.39 70.28 28.47
C GLY LB 32 36.58 69.79 27.29
N VAL LB 33 35.81 70.69 26.68
CA VAL LB 33 35.06 70.33 25.50
C VAL LB 33 36.00 69.99 24.34
N ALA LB 34 37.10 70.72 24.22
CA ALA LB 34 38.08 70.43 23.19
C ALA LB 34 38.55 68.99 23.27
N MET LB 35 39.22 68.62 24.35
CA MET LB 35 39.73 67.26 24.48
C MET LB 35 38.62 66.23 24.47
N TYR LB 36 37.37 66.65 24.61
CA TYR LB 36 36.27 65.72 24.44
C TYR LB 36 35.99 65.47 22.97
N ILE LB 37 35.91 66.54 22.19
CA ILE LB 37 35.52 66.42 20.79
C ILE LB 37 36.55 65.61 20.02
N ARG LB 38 37.83 65.85 20.29
CA ARG LB 38 38.90 65.12 19.60
C ARG LB 38 38.92 63.64 19.97
N THR LB 39 38.25 63.26 21.05
CA THR LB 39 38.24 61.88 21.53
C THR LB 39 36.83 61.30 21.57
N LYS LB 40 35.91 61.95 22.30
CA LYS LB 40 34.59 61.42 22.61
C LYS LB 40 34.69 60.16 23.48
N ASN LB 41 35.16 60.41 24.69
CA ASN LB 41 34.89 59.59 25.85
C ASN LB 41 34.44 60.52 26.96
N LEU LB 42 33.59 60.06 27.85
CA LEU LB 42 33.21 60.93 28.95
C LEU LB 42 33.79 60.34 30.23
N LEU LB 43 35.01 60.71 30.55
CA LEU LB 43 35.38 61.13 31.88
C LEU LB 43 35.80 62.59 31.90
N ILE LB 44 35.98 63.19 30.73
CA ILE LB 44 36.63 64.49 30.65
C ILE LB 44 35.65 65.61 30.95
N LEU LB 45 34.41 65.49 30.46
CA LEU LB 45 33.39 66.42 30.88
C LEU LB 45 33.26 66.42 32.40
N LEU LB 46 33.49 65.27 33.02
CA LEU LB 46 33.51 65.22 34.48
C LEU LB 46 34.75 65.90 35.03
N GLY LB 47 35.77 66.09 34.19
CA GLY LB 47 36.95 66.80 34.65
C GLY LB 47 36.65 68.23 35.06
N LEU LB 48 35.53 68.79 34.59
CA LEU LB 48 35.15 70.11 35.06
C LEU LB 48 34.67 70.06 36.50
N VAL LB 49 34.04 68.96 36.90
CA VAL LB 49 33.52 68.86 38.25
C VAL LB 49 34.64 68.88 39.28
N VAL LB 50 35.74 68.18 38.99
CA VAL LB 50 36.82 68.12 39.96
C VAL LB 50 37.52 69.44 40.14
N VAL LB 51 37.39 70.36 39.20
CA VAL LB 51 37.92 71.71 39.39
C VAL LB 51 36.97 72.55 40.24
N ILE LB 52 35.67 72.31 40.10
CA ILE LB 52 34.69 73.01 40.92
C ILE LB 52 34.97 72.73 42.40
N VAL LB 53 35.04 71.45 42.76
CA VAL LB 53 35.21 71.10 44.16
C VAL LB 53 36.61 71.44 44.64
N PHE LB 54 37.62 71.26 43.78
CA PHE LB 54 38.99 71.45 44.23
C PHE LB 54 39.24 72.89 44.64
N THR LB 55 38.88 73.84 43.78
CA THR LB 55 39.01 75.24 44.15
C THR LB 55 38.16 75.57 45.36
N THR LB 56 36.95 75.03 45.43
CA THR LB 56 36.07 75.30 46.56
C THR LB 56 36.68 74.84 47.87
N VAL LB 57 36.98 73.55 47.97
CA VAL LB 57 37.57 73.05 49.21
C VAL LB 57 39.03 73.44 49.35
N GLY LB 58 39.65 73.91 48.28
CA GLY LB 58 41.02 74.35 48.39
C GLY LB 58 41.11 75.71 49.06
N LEU LB 59 40.28 76.65 48.61
CA LEU LB 59 40.33 78.01 49.12
C LEU LB 59 40.10 78.07 50.63
N THR LB 60 39.37 77.12 51.19
CA THR LB 60 39.13 77.15 52.62
C THR LB 60 40.35 76.76 53.44
N PHE LB 61 41.38 76.18 52.81
CA PHE LB 61 42.61 75.88 53.53
C PHE LB 61 43.58 77.05 53.57
N ILE LB 62 43.30 78.13 52.84
CA ILE LB 62 44.20 79.28 52.83
C ILE LB 62 44.34 79.87 54.23
N LYS LB 63 43.22 79.98 54.94
CA LYS LB 63 43.23 80.57 56.27
C LYS LB 63 44.00 79.69 57.26
N ASP MB 1 -44.57 -28.15 -56.77
CA ASP MB 1 -44.29 -29.48 -57.31
C ASP MB 1 -44.25 -30.52 -56.20
N LEU MB 2 -43.90 -31.75 -56.56
CA LEU MB 2 -43.80 -32.84 -55.61
C LEU MB 2 -42.36 -33.01 -55.12
N LEU MB 3 -42.22 -33.40 -53.86
CA LEU MB 3 -40.93 -33.81 -53.33
C LEU MB 3 -40.94 -35.28 -52.92
N ALA MB 4 -39.74 -35.84 -52.71
CA ALA MB 4 -39.62 -37.21 -52.21
C ALA MB 4 -40.21 -38.21 -53.19
N GLY MB 5 -40.54 -37.74 -54.39
CA GLY MB 5 -41.64 -38.31 -55.15
C GLY MB 5 -41.16 -39.29 -56.21
N GLY MB 6 -39.88 -39.20 -56.55
CA GLY MB 6 -38.90 -40.16 -56.06
C GLY MB 6 -38.04 -40.73 -57.18
N LYS MB 7 -37.76 -42.02 -57.09
CA LYS MB 7 -38.57 -43.03 -57.76
C LYS MB 7 -39.88 -43.27 -57.02
N ASP MB 8 -40.90 -43.69 -57.75
CA ASP MB 8 -41.43 -45.04 -57.63
C ASP MB 8 -40.58 -46.05 -58.39
N ASP MB 9 -40.04 -47.04 -57.68
CA ASP MB 9 -40.15 -48.43 -58.09
C ASP MB 9 -40.76 -49.28 -56.98
N VAL MB 10 -40.87 -48.71 -55.79
CA VAL MB 10 -41.56 -49.37 -54.68
C VAL MB 10 -42.76 -50.17 -55.18
N LYS MB 11 -43.47 -49.62 -56.16
CA LYS MB 11 -44.55 -50.34 -56.81
C LYS MB 11 -44.08 -51.66 -57.40
N ALA MB 12 -42.95 -51.65 -58.12
CA ALA MB 12 -42.43 -52.89 -58.67
C ALA MB 12 -42.04 -53.88 -57.58
N THR MB 13 -41.69 -53.38 -56.40
CA THR MB 13 -41.33 -54.28 -55.31
C THR MB 13 -42.56 -55.04 -54.80
N PHE MB 14 -43.67 -54.34 -54.60
CA PHE MB 14 -44.89 -54.95 -54.11
C PHE MB 14 -45.89 -55.27 -55.23
N GLY MB 15 -45.50 -55.06 -56.48
CA GLY MB 15 -46.43 -55.15 -57.59
C GLY MB 15 -46.79 -56.56 -58.00
N ALA MB 16 -47.28 -56.68 -59.24
CA ALA MB 16 -47.87 -57.90 -59.76
C ALA MB 16 -46.96 -59.11 -59.60
N ASP MB 17 -45.85 -59.16 -60.34
CA ASP MB 17 -44.87 -60.22 -60.17
C ASP MB 17 -43.83 -59.71 -59.18
N SER MB 18 -43.84 -60.28 -57.98
CA SER MB 18 -43.00 -59.78 -56.90
C SER MB 18 -42.61 -60.94 -56.01
N PHE MB 19 -41.76 -60.64 -55.03
CA PHE MB 19 -41.47 -61.63 -54.00
C PHE MB 19 -42.53 -61.62 -52.91
N VAL MB 20 -42.97 -60.44 -52.48
CA VAL MB 20 -43.93 -60.38 -51.39
C VAL MB 20 -45.31 -60.80 -51.87
N MET MB 21 -45.67 -60.44 -53.09
CA MET MB 21 -46.94 -60.90 -53.63
C MET MB 21 -46.93 -62.39 -53.89
N MET MB 22 -45.74 -62.98 -54.00
CA MET MB 22 -45.61 -64.42 -54.20
C MET MB 22 -45.73 -65.18 -52.89
N CYS MB 23 -45.23 -64.61 -51.79
CA CYS MB 23 -45.37 -65.29 -50.51
C CYS MB 23 -46.73 -65.05 -49.89
N ILE MB 24 -47.34 -63.88 -50.13
CA ILE MB 24 -48.62 -63.61 -49.50
C ILE MB 24 -49.70 -64.48 -50.12
N ILE MB 25 -49.53 -64.88 -51.37
CA ILE MB 25 -50.47 -65.79 -52.01
C ILE MB 25 -50.22 -67.24 -51.63
N ILE MB 26 -48.98 -67.61 -51.31
CA ILE MB 26 -48.71 -69.00 -51.02
C ILE MB 26 -49.11 -69.33 -49.58
N ALA MB 27 -49.20 -68.33 -48.72
CA ALA MB 27 -49.67 -68.57 -47.37
C ALA MB 27 -51.16 -68.84 -47.36
N GLU MB 28 -51.91 -68.14 -48.20
CA GLU MB 28 -53.33 -68.41 -48.35
C GLU MB 28 -53.58 -69.86 -48.73
N LEU MB 29 -52.71 -70.42 -49.57
CA LEU MB 29 -52.86 -71.81 -49.99
C LEU MB 29 -52.60 -72.75 -48.82
N ILE MB 30 -51.53 -72.51 -48.08
CA ILE MB 30 -51.06 -73.53 -47.15
C ILE MB 30 -51.88 -73.49 -45.86
N VAL MB 31 -52.34 -72.32 -45.42
CA VAL MB 31 -53.22 -72.30 -44.26
C VAL MB 31 -54.67 -72.43 -44.70
N GLY MB 32 -54.93 -72.36 -45.99
CA GLY MB 32 -56.26 -72.64 -46.48
C GLY MB 32 -56.54 -74.11 -46.35
N VAL MB 33 -55.59 -74.93 -46.78
CA VAL MB 33 -55.73 -76.38 -46.66
C VAL MB 33 -55.77 -76.77 -45.19
N ALA MB 34 -54.97 -76.13 -44.36
CA ALA MB 34 -54.97 -76.40 -42.93
C ALA MB 34 -56.37 -76.25 -42.35
N MET MB 35 -56.92 -75.04 -42.36
CA MET MB 35 -58.24 -74.82 -41.79
C MET MB 35 -59.32 -75.62 -42.50
N TYR MB 36 -59.01 -76.19 -43.66
CA TYR MB 36 -59.94 -77.11 -44.29
C TYR MB 36 -59.90 -78.48 -43.63
N ILE MB 37 -58.68 -79.00 -43.43
CA ILE MB 37 -58.55 -80.36 -42.92
C ILE MB 37 -59.11 -80.47 -41.51
N ARG MB 38 -58.86 -79.46 -40.68
CA ARG MB 38 -59.36 -79.46 -39.31
C ARG MB 38 -60.87 -79.37 -39.25
N THR MB 39 -61.51 -78.96 -40.34
CA THR MB 39 -62.96 -78.76 -40.39
C THR MB 39 -63.62 -79.64 -41.43
N LYS MB 40 -63.20 -79.53 -42.69
CA LYS MB 40 -63.86 -80.13 -43.85
C LYS MB 40 -65.26 -79.55 -44.05
N ASN MB 41 -65.24 -78.28 -44.40
CA ASN MB 41 -66.31 -77.62 -45.15
C ASN MB 41 -65.64 -76.89 -46.30
N LEU MB 42 -66.35 -76.75 -47.42
CA LEU MB 42 -65.75 -75.98 -48.50
C LEU MB 42 -66.55 -74.70 -48.66
N LEU MB 43 -66.19 -73.68 -47.92
CA LEU MB 43 -66.03 -72.35 -48.46
C LEU MB 43 -64.58 -71.89 -48.38
N ILE MB 44 -63.75 -72.63 -47.67
CA ILE MB 44 -62.43 -72.13 -47.33
C ILE MB 44 -61.46 -72.32 -48.48
N LEU MB 45 -61.54 -73.45 -49.16
CA LEU MB 45 -60.79 -73.61 -50.40
C LEU MB 45 -61.11 -72.48 -51.37
N LEU MB 46 -62.35 -72.00 -51.34
CA LEU MB 46 -62.70 -70.85 -52.15
C LEU MB 46 -62.07 -69.58 -51.59
N GLY MB 47 -61.65 -69.61 -50.32
CA GLY MB 47 -60.98 -68.46 -49.76
C GLY MB 47 -59.69 -68.12 -50.47
N LEU MB 48 -59.11 -69.07 -51.20
CA LEU MB 48 -57.95 -68.76 -52.00
C LEU MB 48 -58.33 -67.89 -53.20
N VAL MB 49 -59.52 -68.11 -53.75
CA VAL MB 49 -59.94 -67.36 -54.93
C VAL MB 49 -60.06 -65.88 -54.61
N VAL MB 50 -60.61 -65.54 -53.44
CA VAL MB 50 -60.81 -64.14 -53.11
C VAL MB 50 -59.51 -63.40 -52.89
N VAL MB 51 -58.43 -64.11 -52.60
CA VAL MB 51 -57.12 -63.47 -52.52
C VAL MB 51 -56.54 -63.24 -53.91
N ILE MB 52 -56.81 -64.15 -54.84
CA ILE MB 52 -56.37 -63.98 -56.22
C ILE MB 52 -56.93 -62.69 -56.78
N VAL MB 53 -58.24 -62.53 -56.71
CA VAL MB 53 -58.86 -61.37 -57.33
C VAL MB 53 -58.56 -60.12 -56.52
N PHE MB 54 -58.50 -60.21 -55.20
CA PHE MB 54 -58.32 -59.01 -54.39
C PHE MB 54 -56.98 -58.35 -54.68
N THR MB 55 -55.90 -59.13 -54.62
CA THR MB 55 -54.61 -58.57 -54.98
C THR MB 55 -54.59 -58.07 -56.41
N THR MB 56 -55.21 -58.81 -57.33
CA THR MB 56 -55.22 -58.39 -58.72
C THR MB 56 -55.92 -57.05 -58.89
N VAL MB 57 -57.17 -56.96 -58.50
CA VAL MB 57 -57.89 -55.70 -58.65
C VAL MB 57 -57.45 -54.67 -57.63
N GLY MB 58 -56.73 -55.08 -56.59
CA GLY MB 58 -56.24 -54.12 -55.63
C GLY MB 58 -55.05 -53.37 -56.17
N LEU MB 59 -54.09 -54.09 -56.74
CA LEU MB 59 -52.86 -53.46 -57.23
C LEU MB 59 -53.12 -52.40 -58.28
N THR MB 60 -54.21 -52.51 -59.03
CA THR MB 60 -54.50 -51.51 -60.05
C THR MB 60 -54.99 -50.20 -59.46
N PHE MB 61 -55.34 -50.16 -58.17
CA PHE MB 61 -55.72 -48.90 -57.55
C PHE MB 61 -54.53 -48.13 -57.00
N ILE MB 62 -53.34 -48.74 -56.99
CA ILE MB 62 -52.16 -48.05 -56.46
C ILE MB 62 -51.88 -46.79 -57.25
N LYS MB 63 -51.97 -46.86 -58.57
CA LYS MB 63 -51.69 -45.72 -59.43
C LYS MB 63 -52.71 -44.61 -59.22
N ASP NB 1 -51.43 -9.40 -43.03
CA ASP NB 1 -51.27 -10.44 -44.04
C ASP NB 1 -50.78 -11.74 -43.42
N LEU NB 2 -50.49 -12.72 -44.27
CA LEU NB 2 -49.98 -14.00 -43.80
C LEU NB 2 -48.46 -14.06 -43.86
N LEU NB 3 -47.85 -14.77 -42.92
CA LEU NB 3 -46.43 -15.08 -42.98
C LEU NB 3 -46.19 -16.59 -43.12
N ALA NB 4 -44.97 -16.95 -43.49
CA ALA NB 4 -44.58 -18.35 -43.54
C ALA NB 4 -45.39 -19.12 -44.57
N GLY NB 5 -46.16 -18.38 -45.37
CA GLY NB 5 -47.41 -18.89 -45.90
C GLY NB 5 -47.27 -19.42 -47.32
N GLY NB 6 -46.19 -19.01 -47.98
CA GLY NB 6 -45.04 -19.88 -48.18
C GLY NB 6 -44.60 -19.93 -49.63
N LYS NB 7 -44.20 -21.12 -50.07
CA LYS NB 7 -45.12 -22.02 -50.76
C LYS NB 7 -46.07 -22.69 -49.77
N ASP NB 8 -47.26 -23.06 -50.25
CA ASP NB 8 -47.62 -24.47 -50.42
C ASP NB 8 -47.02 -25.03 -51.71
N ASP NB 9 -46.20 -26.06 -51.57
CA ASP NB 9 -46.34 -27.27 -52.36
C ASP NB 9 -46.47 -28.50 -51.48
N VAL NB 10 -46.19 -28.34 -50.19
CA VAL NB 10 -46.41 -29.40 -49.22
C VAL NB 10 -47.64 -30.23 -49.57
N LYS NB 11 -48.69 -29.56 -50.03
CA LYS NB 11 -49.88 -30.24 -50.53
C LYS NB 11 -49.54 -31.21 -51.64
N ALA NB 12 -48.75 -30.80 -52.62
CA ALA NB 12 -48.37 -31.71 -53.68
C ALA NB 12 -47.56 -32.88 -53.16
N THR NB 13 -46.85 -32.70 -52.05
CA THR NB 13 -46.07 -33.80 -51.49
C THR NB 13 -46.98 -34.88 -50.92
N PHE NB 14 -48.00 -34.48 -50.16
CA PHE NB 14 -48.94 -35.41 -49.57
C PHE NB 14 -50.22 -35.56 -50.36
N GLY NB 15 -50.33 -34.94 -51.52
CA GLY NB 15 -51.58 -34.86 -52.25
C GLY NB 15 -51.96 -36.13 -52.98
N ALA NB 16 -52.83 -35.96 -53.97
CA ALA NB 16 -53.48 -37.07 -54.66
C ALA NB 16 -52.48 -38.09 -55.20
N ASP NB 17 -51.72 -37.72 -56.21
CA ASP NB 17 -50.66 -38.58 -56.73
C ASP NB 17 -49.39 -38.21 -55.99
N SER NB 18 -48.92 -39.10 -55.12
CA SER NB 18 -47.80 -38.79 -54.25
C SER NB 18 -47.04 -40.07 -53.96
N PHE NB 19 -45.93 -39.94 -53.25
CA PHE NB 19 -45.23 -41.11 -52.76
C PHE NB 19 -45.83 -41.61 -51.46
N VAL NB 20 -46.17 -40.70 -50.55
CA VAL NB 20 -46.71 -41.14 -49.26
C VAL NB 20 -48.13 -41.63 -49.40
N MET NB 21 -48.93 -41.01 -50.26
CA MET NB 21 -50.26 -41.51 -50.50
C MET NB 21 -50.23 -42.84 -51.23
N MET NB 22 -49.13 -43.13 -51.90
CA MET NB 22 -48.97 -44.41 -52.59
C MET NB 22 -48.58 -45.53 -51.64
N CYS NB 23 -47.76 -45.23 -50.64
CA CYS NB 23 -47.40 -46.27 -49.68
C CYS NB 23 -48.48 -46.47 -48.62
N ILE NB 24 -49.20 -45.41 -48.25
CA ILE NB 24 -50.21 -45.57 -47.21
C ILE NB 24 -51.37 -46.40 -47.72
N ILE NB 25 -51.61 -46.38 -49.03
CA ILE NB 25 -52.66 -47.21 -49.61
C ILE NB 25 -52.19 -48.64 -49.84
N ILE NB 26 -50.90 -48.86 -50.07
CA ILE NB 26 -50.44 -50.21 -50.34
C ILE NB 26 -50.30 -51.00 -49.06
N ALA NB 27 -50.14 -50.33 -47.93
CA ALA NB 27 -50.09 -51.03 -46.66
C ALA NB 27 -51.47 -51.57 -46.28
N GLU NB 28 -52.51 -50.79 -46.56
CA GLU NB 28 -53.88 -51.26 -46.36
C GLU NB 28 -54.14 -52.55 -47.11
N LEU NB 29 -53.57 -52.68 -48.31
CA LEU NB 29 -53.77 -53.89 -49.09
C LEU NB 29 -53.05 -55.06 -48.45
N ILE NB 30 -51.80 -54.87 -48.05
CA ILE NB 30 -50.97 -56.01 -47.69
C ILE NB 30 -51.28 -56.50 -46.29
N VAL NB 31 -51.64 -55.60 -45.36
CA VAL NB 31 -52.08 -56.08 -44.06
C VAL NB 31 -53.56 -56.34 -44.04
N GLY NB 32 -54.28 -55.94 -45.09
CA GLY NB 32 -55.67 -56.30 -45.20
C GLY NB 32 -55.78 -57.77 -45.50
N VAL NB 33 -54.98 -58.25 -46.45
CA VAL NB 33 -54.97 -59.66 -46.77
C VAL NB 33 -54.46 -60.48 -45.60
N ALA NB 34 -53.47 -59.96 -44.88
CA ALA NB 34 -52.95 -60.63 -43.70
C ALA NB 34 -54.07 -60.92 -42.71
N MET NB 35 -54.67 -59.87 -42.14
CA MET NB 35 -55.72 -60.07 -41.16
C MET NB 35 -56.91 -60.81 -41.73
N TYR NB 36 -56.99 -60.95 -43.04
CA TYR NB 36 -58.02 -61.79 -43.63
C TYR NB 36 -57.65 -63.27 -43.51
N ILE NB 37 -56.42 -63.60 -43.88
CA ILE NB 37 -56.02 -65.00 -43.93
C ILE NB 37 -56.04 -65.62 -42.54
N ARG NB 38 -55.59 -64.87 -41.53
CA ARG NB 38 -55.57 -65.36 -40.16
C ARG NB 38 -56.98 -65.56 -39.61
N THR NB 39 -57.99 -64.98 -40.25
CA THR NB 39 -59.36 -65.03 -39.77
C THR NB 39 -60.29 -65.68 -40.80
N LYS NB 40 -60.35 -65.12 -42.01
CA LYS NB 40 -61.33 -65.47 -43.05
C LYS NB 40 -62.74 -65.12 -42.59
N ASN NB 41 -62.94 -63.81 -42.49
CA ASN NB 41 -64.24 -63.17 -42.60
C ASN NB 41 -64.07 -62.03 -43.59
N LEU NB 42 -65.13 -61.69 -44.32
CA LEU NB 42 -65.00 -60.55 -45.21
C LEU NB 42 -65.89 -59.45 -44.68
N LEU NB 43 -65.37 -58.63 -43.78
CA LEU NB 43 -65.50 -57.19 -43.87
C LEU NB 43 -64.16 -56.53 -44.10
N ILE NB 44 -63.07 -57.28 -43.97
CA ILE NB 44 -61.75 -56.68 -43.90
C ILE NB 44 -61.24 -56.34 -45.28
N LEU NB 45 -61.47 -57.22 -46.25
CA LEU NB 45 -61.19 -56.87 -47.63
C LEU NB 45 -61.91 -55.60 -48.02
N LEU NB 46 -63.09 -55.38 -47.45
CA LEU NB 46 -63.78 -54.11 -47.67
C LEU NB 46 -63.08 -52.98 -46.94
N GLY NB 47 -62.25 -53.30 -45.95
CA GLY NB 47 -61.50 -52.27 -45.27
C GLY NB 47 -60.58 -51.50 -46.19
N LEU NB 48 -60.22 -52.08 -47.34
CA LEU NB 48 -59.44 -51.34 -48.30
C LEU NB 48 -60.27 -50.25 -48.96
N VAL NB 49 -61.57 -50.50 -49.15
CA VAL NB 49 -62.40 -49.53 -49.83
C VAL NB 49 -62.52 -48.25 -49.01
N VAL NB 50 -62.65 -48.38 -47.68
CA VAL NB 50 -62.83 -47.19 -46.86
C VAL NB 50 -61.58 -46.33 -46.81
N VAL NB 51 -60.43 -46.89 -47.13
CA VAL NB 51 -59.21 -46.08 -47.25
C VAL NB 51 -59.18 -45.35 -48.58
N ILE NB 52 -59.68 -45.99 -49.63
CA ILE NB 52 -59.76 -45.35 -50.93
C ILE NB 52 -60.57 -44.07 -50.84
N VAL NB 53 -61.80 -44.17 -50.31
CA VAL NB 53 -62.67 -43.01 -50.27
C VAL NB 53 -62.19 -42.01 -49.24
N PHE NB 54 -61.66 -42.48 -48.11
CA PHE NB 54 -61.30 -41.56 -47.04
C PHE NB 54 -60.20 -40.61 -47.48
N THR NB 55 -59.12 -41.15 -48.04
CA THR NB 55 -58.06 -40.31 -48.56
C THR NB 55 -58.58 -39.41 -49.67
N THR NB 56 -59.43 -39.95 -50.55
CA THR NB 56 -59.95 -39.15 -51.64
C THR NB 56 -60.75 -37.96 -51.13
N VAL NB 57 -61.81 -38.22 -50.36
CA VAL NB 57 -62.61 -37.12 -49.85
C VAL NB 57 -61.92 -36.38 -48.73
N GLY NB 58 -60.86 -36.94 -48.17
CA GLY NB 58 -60.12 -36.23 -47.16
C GLY NB 58 -59.25 -35.14 -47.74
N LEU NB 59 -58.50 -35.48 -48.78
CA LEU NB 59 -57.57 -34.54 -49.38
C LEU NB 59 -58.27 -33.27 -49.88
N THR NB 60 -59.53 -33.36 -50.25
CA THR NB 60 -60.23 -32.18 -50.74
C THR NB 60 -60.56 -31.20 -49.62
N PHE NB 61 -60.45 -31.60 -48.36
CA PHE NB 61 -60.67 -30.66 -47.26
C PHE NB 61 -59.43 -29.89 -46.89
N ILE NB 62 -58.27 -30.25 -47.44
CA ILE NB 62 -57.03 -29.55 -47.10
C ILE NB 62 -57.13 -28.08 -47.46
N LYS NB 63 -57.67 -27.79 -48.64
CA LYS NB 63 -57.79 -26.41 -49.11
C LYS NB 63 -58.74 -25.61 -48.23
N ASP OB 1 -54.35 2.96 -22.40
CA ASP OB 1 -54.48 2.31 -23.69
C ASP OB 1 -53.71 1.00 -23.72
N LEU OB 2 -53.67 0.37 -24.89
CA LEU OB 2 -52.94 -0.88 -25.07
C LEU OB 2 -51.54 -0.63 -25.61
N LEU OB 3 -50.60 -1.47 -25.20
CA LEU OB 3 -49.26 -1.49 -25.80
C LEU OB 3 -48.99 -2.82 -26.49
N ALA OB 4 -47.94 -2.84 -27.31
CA ALA OB 4 -47.50 -4.07 -27.96
C ALA OB 4 -48.57 -4.63 -28.88
N GLY OB 5 -49.62 -3.85 -29.11
CA GLY OB 5 -50.94 -4.39 -29.37
C GLY OB 5 -51.26 -4.44 -30.85
N GLY OB 6 -50.52 -3.68 -31.65
CA GLY OB 6 -49.45 -4.23 -32.46
C GLY OB 6 -49.53 -3.78 -33.90
N LYS OB 7 -49.24 -4.70 -34.82
CA LYS OB 7 -50.28 -5.51 -35.44
C LYS OB 7 -50.77 -6.59 -34.51
N ASP OB 8 -52.02 -7.01 -34.69
CA ASP OB 8 -52.32 -8.34 -35.21
C ASP OB 8 -52.17 -8.39 -36.72
N ASP OB 9 -51.28 -9.26 -37.20
CA ASP OB 9 -51.61 -10.19 -38.27
C ASP OB 9 -51.33 -11.63 -37.86
N VAL OB 10 -50.63 -11.80 -36.74
CA VAL OB 10 -50.43 -13.12 -36.16
C VAL OB 10 -51.64 -14.01 -36.37
N LYS OB 11 -52.83 -13.43 -36.24
CA LYS OB 11 -54.06 -14.13 -36.53
C LYS OB 11 -54.08 -14.68 -37.95
N ALA OB 12 -53.70 -13.86 -38.94
CA ALA OB 12 -53.65 -14.33 -40.30
C ALA OB 12 -52.63 -15.44 -40.49
N THR OB 13 -51.60 -15.46 -39.65
CA THR OB 13 -50.60 -16.52 -39.76
C THR OB 13 -51.18 -17.86 -39.34
N PHE OB 14 -51.89 -17.89 -38.22
CA PHE OB 14 -52.49 -19.12 -37.71
C PHE OB 14 -53.96 -19.26 -38.07
N GLY OB 15 -54.50 -18.34 -38.86
CA GLY OB 15 -55.93 -18.29 -39.11
C GLY OB 15 -56.45 -19.33 -40.06
N ALA OB 16 -57.63 -19.04 -40.61
CA ALA OB 16 -58.40 -20.00 -41.41
C ALA OB 16 -57.59 -20.62 -42.54
N ASP OB 17 -57.25 -19.83 -43.55
CA ASP OB 17 -56.38 -20.32 -44.62
C ASP OB 17 -54.95 -19.95 -44.24
N SER OB 18 -54.16 -20.96 -43.90
CA SER OB 18 -52.83 -20.72 -43.36
C SER OB 18 -51.93 -21.87 -43.77
N PHE OB 19 -50.65 -21.75 -43.43
CA PHE OB 19 -49.74 -22.88 -43.60
C PHE OB 19 -49.82 -23.83 -42.43
N VAL OB 20 -49.89 -23.30 -41.21
CA VAL OB 20 -49.90 -24.19 -40.05
C VAL OB 20 -51.24 -24.87 -39.90
N MET OB 21 -52.32 -24.16 -40.21
CA MET OB 21 -53.62 -24.81 -40.18
C MET OB 21 -53.76 -25.84 -41.28
N MET OB 22 -52.94 -25.72 -42.32
CA MET OB 22 -52.95 -26.69 -43.42
C MET OB 22 -52.17 -27.94 -43.07
N CYS OB 23 -51.08 -27.82 -42.31
CA CYS OB 23 -50.34 -29.00 -41.92
C CYS OB 23 -50.95 -29.69 -40.72
N ILE OB 24 -51.58 -28.94 -39.82
CA ILE OB 24 -52.15 -29.57 -38.64
C ILE OB 24 -53.36 -30.41 -39.01
N ILE OB 25 -54.04 -30.05 -40.09
CA ILE OB 25 -55.16 -30.85 -40.57
C ILE OB 25 -54.70 -32.05 -41.39
N ILE OB 26 -53.56 -31.95 -42.06
CA ILE OB 26 -53.13 -33.06 -42.91
C ILE OB 26 -52.49 -34.16 -42.08
N ALA OB 27 -52.00 -33.83 -40.89
CA ALA OB 27 -51.46 -34.85 -40.01
C ALA OB 27 -52.58 -35.70 -39.43
N GLU OB 28 -53.71 -35.07 -39.09
CA GLU OB 28 -54.88 -35.83 -38.66
C GLU OB 28 -55.30 -36.86 -39.68
N LEU OB 29 -55.18 -36.53 -40.95
CA LEU OB 29 -55.55 -37.48 -42.01
C LEU OB 29 -54.58 -38.64 -42.05
N ILE OB 30 -53.28 -38.35 -42.01
CA ILE OB 30 -52.30 -39.37 -42.33
C ILE OB 30 -52.07 -40.30 -41.15
N VAL OB 31 -52.15 -39.79 -39.91
CA VAL OB 31 -52.06 -40.71 -38.78
C VAL OB 31 -53.42 -41.21 -38.39
N GLY OB 32 -54.49 -40.66 -38.98
CA GLY OB 32 -55.80 -41.21 -38.77
C GLY OB 32 -55.91 -42.54 -39.49
N VAL OB 33 -55.45 -42.55 -40.75
CA VAL OB 33 -55.46 -43.79 -41.51
C VAL OB 33 -54.52 -44.81 -40.89
N ALA OB 34 -53.37 -44.36 -40.39
CA ALA OB 34 -52.44 -45.25 -39.73
C ALA OB 34 -53.12 -46.00 -38.59
N MET OB 35 -53.56 -45.29 -37.55
CA MET OB 35 -54.18 -45.95 -36.42
C MET OB 35 -55.44 -46.70 -36.80
N TYR OB 36 -55.97 -46.46 -38.00
CA TYR OB 36 -57.07 -47.27 -38.49
C TYR OB 36 -56.57 -48.61 -38.99
N ILE OB 37 -55.53 -48.60 -39.80
CA ILE OB 37 -55.07 -49.83 -40.44
C ILE OB 37 -54.57 -50.82 -39.40
N ARG OB 38 -53.84 -50.32 -38.40
CA ARG OB 38 -53.32 -51.19 -37.35
C ARG OB 38 -54.43 -51.78 -36.49
N THR OB 39 -55.63 -51.24 -36.55
CA THR OB 39 -56.75 -51.67 -35.72
C THR OB 39 -57.92 -52.14 -36.58
N LYS OB 40 -58.44 -51.27 -37.45
CA LYS OB 40 -59.69 -51.48 -38.18
C LYS OB 40 -60.89 -51.53 -37.22
N ASN OB 41 -61.12 -50.37 -36.64
CA ASN OB 41 -62.42 -49.97 -36.12
C ASN OB 41 -62.69 -48.57 -36.67
N LEU OB 42 -63.96 -48.24 -36.88
CA LEU OB 42 -64.23 -46.89 -37.32
C LEU OB 42 -64.96 -46.15 -36.21
N LEU OB 43 -64.21 -45.56 -35.30
CA LEU OB 43 -64.46 -44.21 -34.86
C LEU OB 43 -63.33 -43.28 -35.25
N ILE OB 44 -62.21 -43.82 -35.72
CA ILE OB 44 -61.00 -43.05 -35.86
C ILE OB 44 -61.03 -42.24 -37.14
N LEU OB 45 -61.53 -42.83 -38.23
CA LEU OB 45 -61.76 -42.04 -39.42
C LEU OB 45 -62.66 -40.85 -39.12
N LEU OB 46 -63.58 -41.02 -38.17
CA LEU OB 46 -64.39 -39.89 -37.74
C LEU OB 46 -63.57 -38.92 -36.92
N GLY OB 47 -62.43 -39.36 -36.40
CA GLY OB 47 -61.56 -38.45 -35.67
C GLY OB 47 -61.06 -37.30 -36.53
N LEU OB 48 -61.10 -37.45 -37.85
CA LEU OB 48 -60.75 -36.32 -38.71
C LEU OB 48 -61.84 -35.26 -38.67
N VAL OB 49 -63.09 -35.68 -38.53
CA VAL OB 49 -64.18 -34.72 -38.54
C VAL OB 49 -64.09 -33.78 -37.35
N VAL OB 50 -63.74 -34.30 -36.18
CA VAL OB 50 -63.70 -33.46 -34.99
C VAL OB 50 -62.58 -32.44 -35.04
N VAL OB 51 -61.57 -32.67 -35.86
CA VAL OB 51 -60.54 -31.65 -36.06
C VAL OB 51 -61.02 -30.57 -37.02
N ILE OB 52 -61.82 -30.95 -38.02
CA ILE OB 52 -62.39 -29.98 -38.93
C ILE OB 52 -63.21 -28.95 -38.17
N VAL OB 53 -64.16 -29.43 -37.37
CA VAL OB 53 -65.04 -28.51 -36.66
C VAL OB 53 -64.30 -27.78 -35.56
N PHE OB 54 -63.38 -28.46 -34.87
CA PHE OB 54 -62.73 -27.84 -33.72
C PHE OB 54 -61.92 -26.63 -34.14
N THR OB 55 -61.07 -26.78 -35.14
CA THR OB 55 -60.32 -25.64 -35.64
C THR OB 55 -61.26 -24.57 -36.18
N THR OB 56 -62.32 -24.98 -36.88
CA THR OB 56 -63.24 -24.00 -37.43
C THR OB 56 -63.90 -23.17 -36.33
N VAL OB 57 -64.60 -23.83 -35.41
CA VAL OB 57 -65.25 -23.08 -34.34
C VAL OB 57 -64.27 -22.60 -33.29
N GLY OB 58 -63.04 -23.09 -33.32
CA GLY OB 58 -62.04 -22.59 -32.40
C GLY OB 58 -61.51 -21.24 -32.83
N LEU OB 59 -61.15 -21.12 -34.10
CA LEU OB 59 -60.56 -19.89 -34.60
C LEU OB 59 -61.47 -18.68 -34.40
N THR OB 60 -62.78 -18.88 -34.37
CA THR OB 60 -63.68 -17.76 -34.19
C THR OB 60 -63.67 -17.22 -32.77
N PHE OB 61 -63.10 -17.95 -31.81
CA PHE OB 61 -62.99 -17.44 -30.45
C PHE OB 61 -61.74 -16.59 -30.24
N ILE OB 62 -60.83 -16.56 -31.21
CA ILE OB 62 -59.60 -15.78 -31.06
C ILE OB 62 -59.92 -14.31 -30.86
N LYS OB 63 -60.86 -13.79 -31.64
CA LYS OB 63 -61.23 -12.38 -31.56
C LYS OB 63 -61.87 -12.04 -30.22
N ASP PB 1 -50.75 8.03 1.02
CA ASP PB 1 -51.26 7.76 -0.31
C ASP PB 1 -50.47 6.67 -1.01
N LEU PB 2 -50.79 6.44 -2.28
CA LEU PB 2 -50.09 5.45 -3.08
C LEU PB 2 -48.98 6.09 -3.90
N LEU PB 3 -47.90 5.35 -4.11
CA LEU PB 3 -46.87 5.74 -5.06
C LEU PB 3 -46.75 4.75 -6.20
N ALA PB 4 -46.07 5.16 -7.27
CA ALA PB 4 -45.79 4.27 -8.39
C ALA PB 4 -47.07 3.81 -9.07
N GLY PB 5 -48.19 4.44 -8.69
CA GLY PB 5 -49.47 3.76 -8.70
C GLY PB 5 -50.29 4.09 -9.94
N GLY PB 6 -49.92 5.17 -10.61
CA GLY PB 6 -49.18 5.08 -11.85
C GLY PB 6 -49.78 5.91 -12.96
N LYS PB 7 -49.76 5.38 -14.18
CA LYS PB 7 -50.90 4.61 -14.69
C LYS PB 7 -50.95 3.22 -14.07
N ASP PB 8 -52.16 2.67 -13.98
CA ASP PB 8 -52.52 1.52 -14.80
C ASP PB 8 -52.90 1.94 -16.22
N ASP PB 9 -52.18 1.42 -17.20
CA ASP PB 9 -52.80 0.80 -18.36
C ASP PB 9 -52.30 -0.62 -18.57
N VAL PB 10 -51.25 -0.98 -17.84
CA VAL PB 10 -50.76 -2.36 -17.84
C VAL PB 10 -51.90 -3.35 -17.94
N LYS PB 11 -53.00 -3.06 -17.26
CA LYS PB 11 -54.22 -3.85 -17.39
C LYS PB 11 -54.68 -3.94 -18.83
N ALA PB 12 -54.73 -2.82 -19.55
CA ALA PB 12 -55.14 -2.86 -20.94
C ALA PB 12 -54.17 -3.67 -21.79
N THR PB 13 -52.90 -3.75 -21.37
CA THR PB 13 -51.94 -4.54 -22.13
C THR PB 13 -52.23 -6.02 -22.02
N PHE PB 14 -52.51 -6.50 -20.82
CA PHE PB 14 -52.81 -7.90 -20.59
C PHE PB 14 -54.29 -8.20 -20.51
N GLY PB 15 -55.15 -7.20 -20.74
CA GLY PB 15 -56.56 -7.33 -20.49
C GLY PB 15 -57.31 -8.13 -21.54
N ALA PB 16 -58.64 -7.91 -21.58
CA ALA PB 16 -59.56 -8.71 -22.36
C ALA PB 16 -59.15 -8.82 -23.82
N ASP PB 17 -59.24 -7.73 -24.58
CA ASP PB 17 -58.77 -7.71 -25.95
C ASP PB 17 -57.33 -7.22 -25.92
N SER PB 18 -56.39 -8.13 -26.20
CA SER PB 18 -54.98 -7.82 -26.06
C SER PB 18 -54.20 -8.62 -27.09
N PHE PB 19 -52.90 -8.38 -27.14
CA PHE PB 19 -52.03 -9.22 -27.95
C PHE PB 19 -51.63 -10.48 -27.20
N VAL PB 20 -51.30 -10.35 -25.91
CA VAL PB 20 -50.85 -11.52 -25.17
C VAL PB 20 -52.01 -12.45 -24.85
N MET PB 21 -53.17 -11.90 -24.56
CA MET PB 21 -54.33 -12.74 -24.35
C MET PB 21 -54.77 -13.40 -25.64
N MET PB 22 -54.38 -12.84 -26.78
CA MET PB 22 -54.70 -13.44 -28.07
C MET PB 22 -53.77 -14.58 -28.42
N CYS PB 23 -52.49 -14.48 -28.05
CA CYS PB 23 -51.57 -15.58 -28.32
C CYS PB 23 -51.69 -16.69 -27.30
N ILE PB 24 -52.01 -16.35 -26.05
CA ILE PB 24 -52.08 -17.39 -25.03
C ILE PB 24 -53.28 -18.29 -25.27
N ILE PB 25 -54.33 -17.77 -25.90
CA ILE PB 25 -55.49 -18.58 -26.25
C ILE PB 25 -55.26 -19.37 -27.53
N ILE PB 26 -54.43 -18.88 -28.45
CA ILE PB 26 -54.25 -19.59 -29.70
C ILE PB 26 -53.29 -20.75 -29.53
N ALA PB 27 -52.43 -20.70 -28.51
CA ALA PB 27 -51.55 -21.83 -28.24
C ALA PB 27 -52.34 -23.00 -27.66
N GLU PB 28 -53.32 -22.71 -26.81
CA GLU PB 28 -54.20 -23.75 -26.30
C GLU PB 28 -54.87 -24.50 -27.44
N LEU PB 29 -55.25 -23.80 -28.50
CA LEU PB 29 -55.88 -24.44 -29.64
C LEU PB 29 -54.91 -25.36 -30.36
N ILE PB 30 -53.70 -24.86 -30.63
CA ILE PB 30 -52.83 -25.56 -31.56
C ILE PB 30 -52.14 -26.74 -30.89
N VAL PB 31 -51.82 -26.63 -29.60
CA VAL PB 31 -51.27 -27.80 -28.92
C VAL PB 31 -52.38 -28.63 -28.32
N GLY PB 32 -53.61 -28.14 -28.34
CA GLY PB 32 -54.73 -28.95 -27.93
C GLY PB 32 -54.99 -30.00 -28.98
N VAL PB 33 -55.01 -29.57 -30.25
CA VAL PB 33 -55.19 -30.51 -31.35
C VAL PB 33 -54.02 -31.48 -31.42
N ALA PB 34 -52.81 -31.00 -31.17
CA ALA PB 34 -51.63 -31.85 -31.17
C ALA PB 34 -51.82 -33.02 -30.20
N MET PB 35 -51.92 -32.73 -28.91
CA MET PB 35 -52.06 -33.79 -27.93
C MET PB 35 -53.33 -34.61 -28.13
N TYR PB 36 -54.25 -34.13 -28.96
CA TYR PB 36 -55.40 -34.94 -29.32
C TYR PB 36 -55.02 -35.97 -30.37
N ILE PB 37 -54.33 -35.54 -31.42
CA ILE PB 37 -54.03 -36.43 -32.54
C ILE PB 37 -53.14 -37.56 -32.10
N ARG PB 38 -52.14 -37.27 -31.26
CA ARG PB 38 -51.22 -38.28 -30.78
C ARG PB 38 -51.92 -39.30 -29.87
N THR PB 39 -53.09 -38.98 -29.37
CA THR PB 39 -53.83 -39.83 -28.44
C THR PB 39 -55.19 -40.24 -29.00
N LYS PB 40 -56.03 -39.26 -29.33
CA LYS PB 40 -57.45 -39.46 -29.67
C LYS PB 40 -58.23 -40.00 -28.46
N ASN PB 41 -58.32 -39.13 -27.47
CA ASN PB 41 -59.39 -39.13 -26.48
C ASN PB 41 -59.92 -37.71 -26.42
N LEU PB 42 -61.20 -37.56 -26.11
CA LEU PB 42 -61.70 -36.20 -25.96
C LEU PB 42 -62.05 -35.98 -24.50
N LEU PB 43 -61.08 -35.56 -23.72
CA LEU PB 43 -61.25 -34.46 -22.80
C LEU PB 43 -60.40 -33.27 -23.18
N ILE PB 44 -59.48 -33.44 -24.13
CA ILE PB 44 -58.44 -32.45 -24.36
C ILE PB 44 -58.98 -31.32 -25.22
N LEU PB 45 -59.78 -31.65 -26.23
CA LEU PB 45 -60.47 -30.60 -26.96
C LEU PB 45 -61.29 -29.74 -26.02
N LEU PB 46 -61.81 -30.33 -24.95
CA LEU PB 46 -62.49 -29.56 -23.93
C LEU PB 46 -61.50 -28.73 -23.13
N GLY PB 47 -60.22 -29.09 -23.17
CA GLY PB 47 -59.22 -28.29 -22.49
C GLY PB 47 -59.14 -26.87 -23.00
N LEU PB 48 -59.62 -26.63 -24.22
CA LEU PB 48 -59.68 -25.26 -24.71
C LEU PB 48 -60.75 -24.47 -23.99
N VAL PB 49 -61.84 -25.12 -23.61
CA VAL PB 49 -62.93 -24.41 -22.97
C VAL PB 49 -62.50 -23.86 -21.62
N VAL PB 50 -61.72 -24.64 -20.86
CA VAL PB 50 -61.34 -24.19 -19.54
C VAL PB 50 -60.38 -23.01 -19.58
N VAL PB 51 -59.70 -22.80 -20.71
CA VAL PB 51 -58.88 -21.61 -20.86
C VAL PB 51 -59.74 -20.40 -21.21
N ILE PB 52 -60.81 -20.61 -21.97
CA ILE PB 52 -61.73 -19.54 -22.29
C ILE PB 52 -62.30 -18.94 -21.00
N VAL PB 53 -62.87 -19.79 -20.15
CA VAL PB 53 -63.52 -19.28 -18.96
C VAL PB 53 -62.49 -18.79 -17.95
N PHE PB 54 -61.34 -19.47 -17.85
CA PHE PB 54 -60.37 -19.11 -16.82
C PHE PB 54 -59.85 -17.69 -17.03
N THR PB 55 -59.39 -17.40 -18.25
CA THR PB 55 -58.95 -16.04 -18.54
C THR PB 55 -60.08 -15.05 -18.35
N THR PB 56 -61.30 -15.42 -18.79
CA THR PB 56 -62.42 -14.50 -18.67
C THR PB 56 -62.71 -14.16 -17.22
N VAL PB 57 -62.99 -15.18 -16.39
CA VAL PB 57 -63.28 -14.91 -15.00
C VAL PB 57 -62.03 -14.57 -14.21
N GLY PB 58 -60.85 -14.82 -14.76
CA GLY PB 58 -59.63 -14.44 -14.09
C GLY PB 58 -59.39 -12.95 -14.18
N LEU PB 59 -59.50 -12.40 -15.39
CA LEU PB 59 -59.21 -10.99 -15.60
C LEU PB 59 -60.07 -10.08 -14.74
N THR PB 60 -61.27 -10.51 -14.37
CA THR PB 60 -62.12 -9.67 -13.57
C THR PB 60 -61.66 -9.57 -12.12
N PHE PB 61 -60.74 -10.44 -11.69
CA PHE PB 61 -60.20 -10.34 -10.34
C PHE PB 61 -59.03 -9.38 -10.25
N ILE PB 62 -58.51 -8.90 -11.38
CA ILE PB 62 -57.37 -7.99 -11.36
C ILE PB 62 -57.69 -6.73 -10.60
N LYS PB 63 -58.88 -6.17 -10.83
CA LYS PB 63 -59.29 -4.95 -10.17
C LYS PB 63 -59.45 -5.13 -8.67
N ASP QB 1 -39.54 6.59 22.47
CA ASP QB 1 -40.48 6.63 21.36
C ASP QB 1 -39.91 5.96 20.12
N LEU QB 2 -40.65 6.05 19.02
CA LEU QB 2 -40.19 5.48 17.75
C LEU QB 2 -39.49 6.52 16.89
N LEU QB 3 -38.50 6.07 16.12
CA LEU QB 3 -37.89 6.91 15.10
C LEU QB 3 -38.12 6.34 13.70
N ALA QB 4 -37.88 7.15 12.69
CA ALA QB 4 -37.94 6.69 11.30
C ALA QB 4 -39.35 6.23 10.94
N GLY QB 5 -40.30 6.51 11.83
CA GLY QB 5 -41.46 5.65 11.99
C GLY QB 5 -42.67 6.17 11.25
N GLY QB 6 -42.65 7.45 10.90
CA GLY QB 6 -42.37 7.86 9.53
C GLY QB 6 -43.39 8.85 9.02
N LYS QB 7 -43.75 8.71 7.75
CA LYS QB 7 -44.93 7.94 7.38
C LYS QB 7 -44.68 6.44 7.49
N ASP QB 8 -45.74 5.68 7.74
CA ASP QB 8 -46.28 4.77 6.75
C ASP QB 8 -47.16 5.51 5.75
N ASP QB 9 -46.80 5.45 4.47
CA ASP QB 9 -47.73 5.10 3.41
C ASP QB 9 -47.24 3.91 2.60
N VAL QB 10 -45.98 3.54 2.81
CA VAL QB 10 -45.42 2.34 2.19
C VAL QB 10 -46.45 1.22 2.12
N LYS QB 11 -47.27 1.11 3.16
CA LYS QB 11 -48.40 0.18 3.16
C LYS QB 11 -49.33 0.44 1.99
N ALA QB 12 -49.70 1.68 1.74
CA ALA QB 12 -50.57 1.98 0.61
C ALA QB 12 -49.89 1.65 -0.71
N THR QB 13 -48.56 1.68 -0.76
CA THR QB 13 -47.87 1.34 -2.00
C THR QB 13 -48.01 -0.14 -2.31
N PHE QB 14 -47.81 -1.00 -1.32
CA PHE QB 14 -47.91 -2.44 -1.49
C PHE QB 14 -49.25 -3.00 -1.05
N GLY QB 15 -50.20 -2.16 -0.66
CA GLY QB 15 -51.43 -2.61 -0.05
C GLY QB 15 -52.44 -3.18 -1.02
N ALA QB 16 -53.70 -3.20 -0.58
CA ALA QB 16 -54.78 -3.89 -1.27
C ALA QB 16 -54.90 -3.50 -2.73
N ASP QB 17 -55.32 -2.26 -3.00
CA ASP QB 17 -55.37 -1.76 -4.36
C ASP QB 17 -54.04 -1.05 -4.62
N SER QB 18 -53.21 -1.64 -5.45
CA SER QB 18 -51.86 -1.15 -5.66
C SER QB 18 -51.43 -1.46 -7.09
N PHE QB 19 -50.25 -0.99 -7.45
CA PHE QB 19 -49.66 -1.39 -8.71
C PHE QB 19 -48.93 -2.71 -8.59
N VAL QB 20 -48.19 -2.92 -7.51
CA VAL QB 20 -47.42 -4.14 -7.38
C VAL QB 20 -48.33 -5.32 -7.06
N MET QB 21 -49.36 -5.09 -6.24
CA MET QB 21 -50.31 -6.15 -5.99
C MET QB 21 -51.13 -6.48 -7.22
N MET QB 22 -51.19 -5.56 -8.18
CA MET QB 22 -51.91 -5.78 -9.42
C MET QB 22 -51.08 -6.58 -10.41
N CYS QB 23 -49.76 -6.37 -10.43
CA CYS QB 23 -48.92 -7.16 -11.33
C CYS QB 23 -48.59 -8.53 -10.74
N ILE QB 24 -48.47 -8.64 -9.43
CA ILE QB 24 -48.12 -9.93 -8.85
C ILE QB 24 -49.27 -10.91 -8.99
N ILE QB 25 -50.50 -10.42 -9.06
CA ILE QB 25 -51.64 -11.28 -9.30
C ILE QB 25 -51.82 -11.63 -10.76
N ILE QB 26 -51.41 -10.75 -11.67
CA ILE QB 26 -51.63 -11.01 -13.08
C ILE QB 26 -50.58 -11.98 -13.61
N ALA QB 27 -49.43 -12.08 -12.94
CA ALA QB 27 -48.44 -13.06 -13.35
C ALA QB 27 -48.89 -14.46 -12.99
N GLU QB 28 -49.52 -14.62 -11.84
CA GLU QB 28 -50.11 -15.90 -11.46
C GLU QB 28 -51.08 -16.40 -12.52
N LEU QB 29 -51.84 -15.49 -13.12
CA LEU QB 29 -52.78 -15.88 -14.15
C LEU QB 29 -52.06 -16.35 -15.41
N ILE QB 30 -51.07 -15.58 -15.84
CA ILE QB 30 -50.54 -15.82 -17.17
C ILE QB 30 -49.57 -16.99 -17.19
N VAL QB 31 -48.83 -17.21 -16.10
CA VAL QB 31 -48.00 -18.41 -16.06
C VAL QB 31 -48.77 -19.57 -15.47
N GLY QB 32 -49.95 -19.33 -14.93
CA GLY QB 32 -50.81 -20.40 -14.50
C GLY QB 32 -51.34 -21.12 -15.71
N VAL QB 33 -51.83 -20.36 -16.68
CA VAL QB 33 -52.32 -20.96 -17.92
C VAL QB 33 -51.18 -21.63 -18.67
N ALA QB 34 -49.99 -21.03 -18.66
CA ALA QB 34 -48.84 -21.63 -19.31
C ALA QB 34 -48.59 -23.04 -18.78
N MET QB 35 -48.25 -23.16 -17.50
CA MET QB 35 -47.97 -24.47 -16.94
C MET QB 35 -49.17 -25.41 -17.01
N TYR QB 36 -50.34 -24.88 -17.30
CA TYR QB 36 -51.49 -25.75 -17.54
C TYR QB 36 -51.44 -26.34 -18.94
N ILE QB 37 -51.18 -25.51 -19.94
CA ILE QB 37 -51.23 -25.95 -21.32
C ILE QB 37 -50.16 -27.00 -21.59
N ARG QB 38 -48.96 -26.78 -21.05
CA ARG QB 38 -47.87 -27.71 -21.25
C ARG QB 38 -48.13 -29.05 -20.57
N THR QB 39 -49.08 -29.11 -19.65
CA THR QB 39 -49.38 -30.32 -18.88
C THR QB 39 -50.82 -30.78 -19.09
N LYS QB 40 -51.79 -29.92 -18.79
CA LYS QB 40 -53.21 -30.26 -18.73
C LYS QB 40 -53.49 -31.26 -17.61
N ASN QB 41 -53.29 -30.76 -16.40
CA ASN QB 41 -53.94 -31.22 -15.19
C ASN QB 41 -54.51 -30.01 -14.48
N LEU QB 42 -55.61 -30.19 -13.77
CA LEU QB 42 -56.13 -29.05 -13.04
C LEU QB 42 -55.95 -29.33 -11.56
N LEU QB 43 -54.80 -28.97 -11.01
CA LEU QB 43 -54.71 -28.25 -9.77
C LEU QB 43 -54.13 -26.87 -9.97
N ILE QB 44 -53.60 -26.59 -11.16
CA ILE QB 44 -52.79 -25.40 -11.35
C ILE QB 44 -53.66 -24.19 -11.57
N LEU QB 45 -54.74 -24.35 -12.33
CA LEU QB 45 -55.72 -23.27 -12.42
C LEU QB 45 -56.20 -22.88 -11.03
N LEU QB 46 -56.28 -23.85 -10.13
CA LEU QB 46 -56.62 -23.54 -8.75
C LEU QB 46 -55.47 -22.81 -8.06
N GLY QB 47 -54.27 -22.91 -8.61
CA GLY QB 47 -53.14 -22.18 -8.04
C GLY QB 47 -53.34 -20.68 -8.06
N LEU QB 48 -54.24 -20.19 -8.91
CA LEU QB 48 -54.56 -18.77 -8.87
C LEU QB 48 -55.36 -18.42 -7.63
N VAL QB 49 -56.21 -19.35 -7.19
CA VAL QB 49 -57.05 -19.06 -6.04
C VAL QB 49 -56.21 -18.87 -4.78
N VAL QB 50 -55.18 -19.68 -4.61
CA VAL QB 50 -54.38 -19.57 -3.38
C VAL QB 50 -53.58 -18.29 -3.33
N VAL QB 51 -53.35 -17.63 -4.46
CA VAL QB 51 -52.72 -16.31 -4.46
C VAL QB 51 -53.73 -15.24 -4.09
N ILE QB 52 -54.98 -15.40 -4.53
CA ILE QB 52 -56.03 -14.46 -4.16
C ILE QB 52 -56.15 -14.38 -2.65
N VAL QB 53 -56.33 -15.54 -1.99
CA VAL QB 53 -56.56 -15.52 -0.56
C VAL QB 53 -55.28 -15.17 0.18
N PHE QB 54 -54.13 -15.63 -0.31
CA PHE QB 54 -52.89 -15.42 0.44
C PHE QB 54 -52.57 -13.94 0.57
N THR QB 55 -52.59 -13.22 -0.56
CA THR QB 55 -52.36 -11.78 -0.50
C THR QB 55 -53.43 -11.10 0.34
N THR QB 56 -54.69 -11.53 0.20
CA THR QB 56 -55.76 -10.92 0.96
C THR QB 56 -55.55 -11.08 2.47
N VAL QB 57 -55.45 -12.32 2.94
CA VAL QB 57 -55.25 -12.54 4.36
C VAL QB 57 -53.84 -12.22 4.80
N GLY QB 58 -52.92 -12.07 3.85
CA GLY QB 58 -51.57 -11.70 4.21
C GLY QB 58 -51.47 -10.23 4.55
N LEU QB 59 -52.04 -9.38 3.70
CA LEU QB 59 -51.94 -7.95 3.89
C LEU QB 59 -52.51 -7.49 5.22
N THR QB 60 -53.47 -8.22 5.77
CA THR QB 60 -54.05 -7.81 7.04
C THR QB 60 -53.11 -8.07 8.23
N PHE QB 61 -52.04 -8.84 8.04
CA PHE QB 61 -51.07 -9.04 9.10
C PHE QB 61 -50.01 -7.96 9.13
N ILE QB 62 -49.95 -7.08 8.13
CA ILE QB 62 -48.95 -6.03 8.10
C ILE QB 62 -49.07 -5.12 9.31
N LYS QB 63 -50.30 -4.76 9.66
CA LYS QB 63 -50.54 -3.86 10.78
C LYS QB 63 -50.15 -4.52 12.10
N ASP RB 1 -21.50 0.97 37.63
CA ASP RB 1 -22.77 1.17 36.95
C ASP RB 1 -22.62 1.01 35.45
N LEU RB 2 -23.69 1.28 34.72
CA LEU RB 2 -23.67 1.19 33.27
C LEU RB 2 -23.39 2.54 32.63
N LEU RB 3 -22.70 2.53 31.50
CA LEU RB 3 -22.55 3.73 30.68
C LEU RB 3 -23.20 3.55 29.31
N ALA RB 4 -23.39 4.66 28.61
CA ALA RB 4 -23.91 4.62 27.24
C ALA RB 4 -25.32 4.04 27.19
N GLY RB 5 -25.92 3.87 28.37
CA GLY RB 5 -26.88 2.80 28.58
C GLY RB 5 -28.31 3.29 28.47
N GLY RB 6 -28.49 4.60 28.58
CA GLY RB 6 -28.74 5.44 27.43
C GLY RB 6 -29.94 6.34 27.60
N LYS RB 7 -30.72 6.51 26.54
CA LYS RB 7 -31.90 5.69 26.31
C LYS RB 7 -31.52 4.29 25.83
N ASP RB 8 -32.36 3.31 26.12
CA ASP RB 8 -33.16 2.65 25.10
C ASP RB 8 -34.38 3.48 24.73
N ASP RB 9 -34.47 3.85 23.46
CA ASP RB 9 -35.70 3.67 22.69
C ASP RB 9 -35.43 2.88 21.41
N VAL RB 10 -34.15 2.70 21.09
CA VAL RB 10 -33.77 1.85 19.97
C VAL RB 10 -34.69 0.64 19.85
N LYS RB 11 -35.08 0.08 20.99
CA LYS RB 11 -36.06 -0.98 21.01
C LYS RB 11 -37.36 -0.58 20.35
N ALA RB 12 -37.89 0.60 20.66
CA ALA RB 12 -39.10 1.06 20.01
C ALA RB 12 -38.92 1.25 18.52
N THR RB 13 -37.69 1.53 18.08
CA THR RB 13 -37.45 1.69 16.65
C THR RB 13 -37.58 0.37 15.92
N PHE RB 14 -36.99 -0.68 16.46
CA PHE RB 14 -37.04 -2.01 15.84
C PHE RB 14 -38.11 -2.91 16.46
N GLY RB 15 -38.92 -2.39 17.38
CA GLY RB 15 -39.83 -3.21 18.16
C GLY RB 15 -41.07 -3.65 17.41
N ALA RB 16 -42.09 -4.02 18.18
CA ALA RB 16 -43.30 -4.67 17.68
C ALA RB 16 -43.94 -3.89 16.54
N ASP RB 17 -44.52 -2.73 16.84
CA ASP RB 17 -45.06 -1.86 15.81
C ASP RB 17 -43.97 -0.88 15.41
N SER RB 18 -43.44 -1.05 14.21
CA SER RB 18 -42.29 -0.28 13.78
C SER RB 18 -42.37 -0.09 12.28
N PHE RB 19 -41.42 0.68 11.75
CA PHE RB 19 -41.29 0.79 10.31
C PHE RB 19 -40.48 -0.37 9.74
N VAL RB 20 -39.38 -0.74 10.42
CA VAL RB 20 -38.53 -1.79 9.88
C VAL RB 20 -39.18 -3.16 10.06
N MET RB 21 -39.89 -3.37 11.17
CA MET RB 21 -40.60 -4.61 11.34
C MET RB 21 -41.78 -4.70 10.38
N MET RB 22 -42.23 -3.57 9.86
CA MET RB 22 -43.31 -3.55 8.89
C MET RB 22 -42.83 -3.86 7.49
N CYS RB 23 -41.62 -3.43 7.13
CA CYS RB 23 -41.10 -3.75 5.81
C CYS RB 23 -40.50 -5.14 5.78
N ILE RB 24 -39.92 -5.61 6.88
CA ILE RB 24 -39.29 -6.93 6.85
C ILE RB 24 -40.34 -8.02 6.74
N ILE RB 25 -41.55 -7.75 7.22
CA ILE RB 25 -42.64 -8.71 7.09
C ILE RB 25 -43.30 -8.63 5.71
N ILE RB 26 -43.29 -7.47 5.07
CA ILE RB 26 -43.97 -7.34 3.79
C ILE RB 26 -43.11 -7.91 2.67
N ALA RB 27 -41.80 -7.99 2.88
CA ALA RB 27 -40.94 -8.61 1.89
C ALA RB 27 -41.14 -10.11 1.87
N GLU RB 28 -41.32 -10.71 3.04
CA GLU RB 28 -41.64 -12.13 3.12
C GLU RB 28 -42.88 -12.47 2.31
N LEU RB 29 -43.87 -11.57 2.32
CA LEU RB 29 -45.09 -11.81 1.56
C LEU RB 29 -44.82 -11.76 0.07
N ILE RB 30 -44.10 -10.73 -0.37
CA ILE RB 30 -44.04 -10.45 -1.80
C ILE RB 30 -43.06 -11.39 -2.50
N VAL RB 31 -41.97 -11.78 -1.84
CA VAL RB 31 -41.10 -12.76 -2.46
C VAL RB 31 -41.54 -14.17 -2.09
N GLY RB 32 -42.47 -14.30 -1.17
CA GLY RB 32 -43.04 -15.60 -0.88
C GLY RB 32 -43.91 -16.02 -2.03
N VAL RB 33 -44.77 -15.10 -2.50
CA VAL RB 33 -45.61 -15.39 -3.64
C VAL RB 33 -44.77 -15.60 -4.89
N ALA RB 34 -43.69 -14.83 -5.05
CA ALA RB 34 -42.80 -15.00 -6.17
C ALA RB 34 -42.29 -16.43 -6.26
N MET RB 35 -41.51 -16.86 -5.26
CA MET RB 35 -40.96 -18.21 -5.29
C MET RB 35 -42.03 -19.27 -5.30
N TYR RB 36 -43.28 -18.91 -5.01
CA TYR RB 36 -44.37 -19.85 -5.17
C TYR RB 36 -44.77 -20.00 -6.63
N ILE RB 37 -44.94 -18.86 -7.31
CA ILE RB 37 -45.44 -18.89 -8.69
C ILE RB 37 -44.45 -19.60 -9.60
N ARG RB 38 -43.17 -19.34 -9.42
CA ARG RB 38 -42.15 -19.97 -10.25
C ARG RB 38 -42.05 -21.47 -10.01
N THR RB 39 -42.62 -21.97 -8.92
CA THR RB 39 -42.55 -23.38 -8.55
C THR RB 39 -43.92 -24.00 -8.44
N LYS RB 40 -44.80 -23.46 -7.59
CA LYS RB 40 -46.09 -24.05 -7.21
C LYS RB 40 -45.87 -25.37 -6.47
N ASN RB 41 -45.30 -25.20 -5.28
CA ASN RB 41 -45.45 -26.13 -4.17
C ASN RB 41 -45.83 -25.29 -2.95
N LEU RB 42 -46.60 -25.87 -2.03
CA LEU RB 42 -46.90 -25.11 -0.84
C LEU RB 42 -46.20 -25.77 0.34
N LEU RB 43 -44.96 -25.39 0.58
CA LEU RB 43 -44.50 -25.05 1.90
C LEU RB 43 -44.12 -23.59 2.01
N ILE RB 44 -44.06 -22.89 0.88
CA ILE RB 44 -43.44 -21.58 0.86
C ILE RB 44 -44.43 -20.52 1.34
N LEU RB 45 -45.69 -20.64 0.94
CA LEU RB 45 -46.70 -19.78 1.52
C LEU RB 45 -46.71 -19.91 3.04
N LEU RB 46 -46.39 -21.10 3.55
CA LEU RB 46 -46.25 -21.26 4.98
C LEU RB 46 -44.98 -20.58 5.48
N GLY RB 47 -44.04 -20.30 4.59
CA GLY RB 47 -42.85 -19.58 5.00
C GLY RB 47 -43.15 -18.20 5.55
N LEU RB 48 -44.31 -17.64 5.23
CA LEU RB 48 -44.71 -16.38 5.83
C LEU RB 48 -45.04 -16.56 7.31
N VAL RB 49 -45.61 -17.71 7.66
CA VAL RB 49 -46.01 -17.94 9.03
C VAL RB 49 -44.81 -17.97 9.96
N VAL RB 50 -43.72 -18.59 9.52
CA VAL RB 50 -42.57 -18.70 10.39
C VAL RB 50 -41.88 -17.37 10.63
N VAL RB 51 -42.12 -16.38 9.77
CA VAL RB 51 -41.62 -15.04 10.03
C VAL RB 51 -42.50 -14.31 11.02
N ILE RB 52 -43.81 -14.56 10.97
CA ILE RB 52 -44.73 -13.98 11.93
C ILE RB 52 -44.32 -14.37 13.35
N VAL RB 53 -44.18 -15.67 13.60
CA VAL RB 53 -43.89 -16.11 14.94
C VAL RB 53 -42.46 -15.77 15.33
N PHE RB 54 -41.52 -15.85 14.39
CA PHE RB 54 -40.12 -15.65 14.73
C PHE RB 54 -39.88 -14.24 15.24
N THR RB 55 -40.34 -13.24 14.50
CA THR RB 55 -40.21 -11.87 14.96
C THR RB 55 -40.97 -11.67 16.26
N THR RB 56 -42.16 -12.26 16.38
CA THR RB 56 -42.95 -12.10 17.60
C THR RB 56 -42.21 -12.65 18.82
N VAL RB 57 -41.87 -13.93 18.79
CA VAL RB 57 -41.16 -14.51 19.93
C VAL RB 57 -39.71 -14.09 19.98
N GLY RB 58 -39.19 -13.51 18.91
CA GLY RB 58 -37.83 -13.03 18.94
C GLY RB 58 -37.72 -11.73 19.71
N LEU RB 59 -38.62 -10.78 19.41
CA LEU RB 59 -38.55 -9.46 20.03
C LEU RB 59 -38.65 -9.53 21.54
N THR RB 60 -39.31 -10.55 22.08
CA THR RB 60 -39.43 -10.65 23.53
C THR RB 60 -38.13 -11.07 24.20
N PHE RB 61 -37.14 -11.54 23.45
CA PHE RB 61 -35.85 -11.86 24.04
C PHE RB 61 -34.91 -10.68 24.10
N ILE RB 62 -35.28 -9.54 23.48
CA ILE RB 62 -34.42 -8.37 23.49
C ILE RB 62 -34.19 -7.89 24.92
N LYS RB 63 -35.23 -7.86 25.72
CA LYS RB 63 -35.12 -7.40 27.11
C LYS RB 63 -34.26 -8.33 27.95
N ASP SB 1 1.05 -5.51 43.71
CA ASP SB 1 -0.38 -5.35 43.56
C ASP SB 1 -0.76 -5.03 42.12
N LEU SB 2 -2.04 -4.76 41.89
CA LEU SB 2 -2.52 -4.40 40.55
C LEU SB 2 -2.58 -2.90 40.36
N LEU SB 3 -2.32 -2.45 39.14
CA LEU SB 3 -2.55 -1.07 38.76
C LEU SB 3 -3.63 -0.95 37.69
N ALA SB 4 -4.13 0.26 37.49
CA ALA SB 4 -5.07 0.53 36.42
C ALA SB 4 -6.38 -0.25 36.61
N GLY SB 5 -6.51 -0.87 37.78
CA GLY SB 5 -7.27 -2.10 37.92
C GLY SB 5 -8.68 -1.86 38.42
N GLY SB 6 -8.90 -0.70 39.02
CA GLY SB 6 -9.59 0.39 38.34
C GLY SB 6 -10.71 0.97 39.18
N LYS SB 7 -11.83 1.29 38.52
CA LYS SB 7 -12.95 0.37 38.41
C LYS SB 7 -12.66 -0.72 37.40
N ASP SB 8 -13.28 -1.88 37.59
CA ASP SB 8 -14.33 -2.35 36.70
C ASP SB 8 -15.67 -1.69 37.02
N ASP SB 9 -16.22 -0.98 36.05
CA ASP SB 9 -17.62 -1.15 35.68
C ASP SB 9 -17.77 -1.46 34.19
N VAL SB 10 -16.68 -1.32 33.44
CA VAL SB 10 -16.64 -1.71 32.05
C VAL SB 10 -17.46 -2.98 31.81
N LYS SB 11 -17.39 -3.90 32.76
CA LYS SB 11 -18.23 -5.10 32.72
C LYS SB 11 -19.70 -4.75 32.67
N ALA SB 12 -20.16 -3.82 33.50
CA ALA SB 12 -21.56 -3.43 33.46
C ALA SB 12 -21.92 -2.77 32.14
N THR SB 13 -20.94 -2.16 31.47
CA THR SB 13 -21.23 -1.55 30.18
C THR SB 13 -21.51 -2.60 29.12
N PHE SB 14 -20.71 -3.65 29.06
CA PHE SB 14 -20.87 -4.72 28.09
C PHE SB 14 -21.60 -5.93 28.66
N GLY SB 15 -22.06 -5.86 29.90
CA GLY SB 15 -22.59 -7.02 30.59
C GLY SB 15 -23.98 -7.44 30.16
N ALA SB 16 -24.63 -8.20 31.05
CA ALA SB 16 -25.89 -8.87 30.76
C ALA SB 16 -26.95 -7.93 30.20
N ASP SB 17 -27.46 -7.02 31.03
CA ASP SB 17 -28.39 -6.01 30.58
C ASP SB 17 -27.58 -4.78 30.21
N SER SB 18 -27.49 -4.49 28.92
CA SER SB 18 -26.61 -3.44 28.44
C SER SB 18 -27.22 -2.83 27.19
N PHE SB 19 -26.58 -1.78 26.69
CA PHE SB 19 -26.97 -1.24 25.40
C PHE SB 19 -26.32 -2.01 24.26
N VAL SB 20 -25.04 -2.37 24.39
CA VAL SB 20 -24.36 -3.05 23.30
C VAL SB 20 -24.81 -4.50 23.20
N MET SB 21 -25.06 -5.14 24.34
CA MET SB 21 -25.59 -6.48 24.29
C MET SB 21 -27.02 -6.50 23.76
N MET SB 22 -27.70 -5.37 23.83
CA MET SB 22 -29.05 -5.26 23.31
C MET SB 22 -29.07 -5.06 21.81
N CYS SB 23 -28.09 -4.32 21.26
CA CYS SB 23 -28.05 -4.15 19.82
C CYS SB 23 -27.40 -5.34 19.12
N ILE SB 24 -26.44 -6.00 19.78
CA ILE SB 24 -25.77 -7.12 19.11
C ILE SB 24 -26.72 -8.30 18.97
N ILE SB 25 -27.69 -8.41 19.87
CA ILE SB 25 -28.70 -9.45 19.75
C ILE SB 25 -29.80 -9.09 18.76
N ILE SB 26 -30.09 -7.81 18.58
CA ILE SB 26 -31.18 -7.44 17.69
C ILE SB 26 -30.73 -7.50 16.24
N ALA SB 27 -29.43 -7.40 16.00
CA ALA SB 27 -28.93 -7.54 14.64
C ALA SB 27 -29.02 -8.99 14.18
N GLU SB 28 -28.73 -9.92 15.08
CA GLU SB 28 -28.91 -11.34 14.77
C GLU SB 28 -30.33 -11.63 14.32
N LEU SB 29 -31.30 -10.98 14.93
CA LEU SB 29 -32.69 -11.20 14.56
C LEU SB 29 -32.97 -10.65 13.16
N ILE SB 30 -32.51 -9.43 12.89
CA ILE SB 30 -32.99 -8.76 11.69
C ILE SB 30 -32.25 -9.25 10.45
N VAL SB 31 -30.97 -9.62 10.58
CA VAL SB 31 -30.30 -10.20 9.43
C VAL SB 31 -30.47 -11.71 9.42
N GLY SB 32 -31.03 -12.27 10.48
CA GLY SB 32 -31.36 -13.68 10.48
C GLY SB 32 -32.56 -13.89 9.58
N VAL SB 33 -33.58 -13.04 9.73
CA VAL SB 33 -34.75 -13.13 8.88
C VAL SB 33 -34.38 -12.82 7.44
N ALA SB 34 -33.48 -11.85 7.23
CA ALA SB 34 -33.03 -11.52 5.89
C ALA SB 34 -32.48 -12.74 5.18
N MET SB 35 -31.38 -13.30 5.68
CA MET SB 35 -30.78 -14.46 5.04
C MET SB 35 -31.72 -15.66 5.00
N TYR SB 36 -32.80 -15.61 5.76
CA TYR SB 36 -33.82 -16.65 5.64
C TYR SB 36 -34.68 -16.43 4.41
N ILE SB 37 -35.16 -15.20 4.24
CA ILE SB 37 -36.10 -14.92 3.16
C ILE SB 37 -35.46 -15.14 1.81
N ARG SB 38 -34.20 -14.72 1.66
CA ARG SB 38 -33.49 -14.88 0.40
C ARG SB 38 -33.22 -16.34 0.08
N THR SB 39 -33.34 -17.23 1.05
CA THR SB 39 -33.04 -18.65 0.89
C THR SB 39 -34.25 -19.52 1.20
N LYS SB 40 -34.80 -19.41 2.40
CA LYS SB 40 -35.83 -20.31 2.93
C LYS SB 40 -35.29 -21.73 3.09
N ASN SB 41 -34.35 -21.82 4.03
CA ASN SB 41 -34.04 -23.03 4.76
C ASN SB 41 -34.02 -22.68 6.23
N LEU SB 42 -34.38 -23.62 7.09
CA LEU SB 42 -34.30 -23.30 8.51
C LEU SB 42 -33.19 -24.14 9.12
N LEU SB 43 -31.98 -23.64 9.08
CA LEU SB 43 -31.10 -23.63 10.23
C LEU SB 43 -30.81 -22.22 10.69
N ILE SB 44 -31.20 -21.22 9.91
CA ILE SB 44 -30.72 -19.87 10.15
C ILE SB 44 -31.54 -19.19 11.22
N LEU SB 45 -32.85 -19.42 11.22
CA LEU SB 45 -33.67 -18.96 12.34
C LEU SB 45 -33.13 -19.52 13.64
N LEU SB 46 -32.57 -20.74 13.60
CA LEU SB 46 -31.93 -21.28 14.78
C LEU SB 46 -30.62 -20.56 15.07
N GLY SB 47 -30.07 -19.86 14.07
CA GLY SB 47 -28.86 -19.09 14.32
C GLY SB 47 -29.04 -18.01 15.37
N LEU SB 48 -30.29 -17.61 15.62
CA LEU SB 48 -30.52 -16.66 16.71
C LEU SB 48 -30.31 -17.33 18.05
N VAL SB 49 -30.65 -18.61 18.16
CA VAL SB 49 -30.53 -19.30 19.44
C VAL SB 49 -29.08 -19.38 19.87
N VAL SB 50 -28.16 -19.65 18.94
CA VAL SB 50 -26.77 -19.80 19.33
C VAL SB 50 -26.15 -18.49 19.78
N VAL SB 51 -26.73 -17.36 19.42
CA VAL SB 51 -26.27 -16.08 19.94
C VAL SB 51 -26.80 -15.85 21.34
N ILE SB 52 -28.02 -16.30 21.61
CA ILE SB 52 -28.58 -16.21 22.95
C ILE SB 52 -27.68 -16.90 23.95
N VAL SB 53 -27.38 -18.17 23.69
CA VAL SB 53 -26.60 -18.94 24.65
C VAL SB 53 -25.16 -18.48 24.68
N PHE SB 54 -24.60 -18.10 23.51
CA PHE SB 54 -23.19 -17.77 23.47
C PHE SB 54 -22.88 -16.55 24.32
N THR SB 55 -23.65 -15.47 24.13
CA THR SB 55 -23.46 -14.29 24.96
C THR SB 55 -23.72 -14.62 26.43
N THR SB 56 -24.75 -15.42 26.69
CA THR SB 56 -25.07 -15.77 28.08
C THR SB 56 -23.92 -16.50 28.75
N VAL SB 57 -23.52 -17.64 28.19
CA VAL SB 57 -22.43 -18.40 28.79
C VAL SB 57 -21.08 -17.75 28.53
N GLY SB 58 -21.01 -16.80 27.61
CA GLY SB 58 -19.76 -16.11 27.38
C GLY SB 58 -19.48 -15.10 28.47
N LEU SB 59 -20.48 -14.28 28.79
CA LEU SB 59 -20.30 -13.22 29.77
C LEU SB 59 -19.86 -13.74 31.13
N THR SB 60 -20.21 -14.98 31.47
CA THR SB 60 -19.82 -15.50 32.76
C THR SB 60 -18.34 -15.86 32.82
N PHE SB 61 -17.65 -15.92 31.68
CA PHE SB 61 -16.21 -16.16 31.70
C PHE SB 61 -15.40 -14.89 31.88
N ILE SB 62 -16.04 -13.72 31.81
CA ILE SB 62 -15.31 -12.46 31.95
C ILE SB 62 -14.62 -12.39 33.31
N LYS SB 63 -15.32 -12.79 34.36
CA LYS SB 63 -14.78 -12.73 35.70
C LYS SB 63 -13.61 -13.70 35.88
N ASP TB 1 24.70 -9.32 40.00
CA ASP TB 1 23.29 -9.38 40.37
C ASP TB 1 22.42 -8.73 39.30
N LEU TB 2 21.12 -8.64 39.59
CA LEU TB 2 20.18 -8.01 38.67
C LEU TB 2 19.96 -6.55 39.01
N LEU TB 3 19.73 -5.72 38.00
CA LEU TB 3 19.29 -4.35 38.20
C LEU TB 3 17.91 -4.12 37.61
N ALA TB 4 17.28 -3.02 38.00
CA ALA TB 4 16.00 -2.61 37.43
C ALA TB 4 14.91 -3.65 37.74
N GLY TB 5 15.23 -4.58 38.61
CA GLY TB 5 14.66 -5.92 38.55
C GLY TB 5 13.50 -6.10 39.51
N GLY TB 6 13.42 -5.22 40.51
CA GLY TB 6 12.46 -4.12 40.47
C GLY TB 6 11.67 -4.02 41.76
N LYS TB 7 10.38 -3.73 41.63
CA LYS TB 7 9.35 -4.76 41.57
C LYS TB 7 9.35 -5.44 40.20
N ASP TB 8 8.91 -6.70 40.18
CA ASP TB 8 7.65 -7.06 39.55
C ASP TB 8 6.47 -6.78 40.47
N ASP TB 9 5.56 -5.92 40.02
CA ASP TB 9 4.14 -6.23 40.06
C ASP TB 9 3.51 -6.11 38.67
N VAL TB 10 4.26 -5.56 37.73
CA VAL TB 10 3.83 -5.52 36.33
C VAL TB 10 3.07 -6.79 35.95
N LYS TB 11 3.53 -7.92 36.46
CA LYS TB 11 2.82 -9.18 36.29
C LYS TB 11 1.40 -9.10 36.81
N ALA TB 12 1.20 -8.56 38.01
CA ALA TB 12 -0.15 -8.42 38.53
C ALA TB 12 -1.00 -7.49 37.69
N THR TB 13 -0.36 -6.54 36.99
CA THR TB 13 -1.13 -5.64 36.13
C THR TB 13 -1.69 -6.37 34.93
N PHE TB 14 -0.87 -7.20 34.28
CA PHE TB 14 -1.30 -7.94 33.10
C PHE TB 14 -1.70 -9.38 33.43
N GLY TB 15 -1.70 -9.76 34.70
CA GLY TB 15 -1.86 -11.15 35.08
C GLY TB 15 -3.28 -11.67 34.99
N ALA TB 16 -3.53 -12.75 35.72
CA ALA TB 16 -4.77 -13.53 35.63
C ALA TB 16 -6.01 -12.66 35.78
N ASP TB 17 -6.27 -12.16 36.97
CA ASP TB 17 -7.36 -11.24 37.20
C ASP TB 17 -6.82 -9.82 37.03
N SER TB 18 -7.21 -9.16 35.95
CA SER TB 18 -6.64 -7.88 35.61
C SER TB 18 -7.68 -7.05 34.90
N PHE TB 19 -7.32 -5.81 34.60
CA PHE TB 19 -8.18 -4.98 33.74
C PHE TB 19 -7.91 -5.27 32.28
N VAL TB 20 -6.64 -5.40 31.88
CA VAL TB 20 -6.34 -5.61 30.47
C VAL TB 20 -6.70 -7.01 30.05
N MET TB 21 -6.50 -7.99 30.92
CA MET TB 21 -6.91 -9.35 30.58
C MET TB 21 -8.42 -9.46 30.54
N MET TB 22 -9.12 -8.53 31.20
CA MET TB 22 -10.58 -8.53 31.18
C MET TB 22 -11.13 -7.89 29.91
N CYS TB 23 -10.45 -6.87 29.38
CA CYS TB 23 -10.93 -6.28 28.14
C CYS TB 23 -10.48 -7.08 26.92
N ILE TB 24 -9.31 -7.72 26.99
CA ILE TB 24 -8.84 -8.46 25.82
C ILE TB 24 -9.69 -9.69 25.59
N ILE TB 25 -10.29 -10.23 26.65
CA ILE TB 25 -11.19 -11.36 26.50
C ILE TB 25 -12.59 -10.94 26.08
N ILE TB 26 -13.02 -9.73 26.43
CA ILE TB 26 -14.37 -9.32 26.10
C ILE TB 26 -14.45 -8.87 24.66
N ALA TB 27 -13.33 -8.47 24.07
CA ALA TB 27 -13.32 -8.11 22.66
C ALA TB 27 -13.46 -9.35 21.79
N GLU TB 28 -12.82 -10.44 22.19
CA GLU TB 28 -13.00 -11.71 21.50
C GLU TB 28 -14.46 -12.11 21.44
N LEU TB 29 -15.20 -11.85 22.50
CA LEU TB 29 -16.62 -12.19 22.52
C LEU TB 29 -17.39 -11.33 21.55
N ILE TB 30 -17.15 -10.02 21.57
CA ILE TB 30 -18.06 -9.12 20.87
C ILE TB 30 -17.77 -9.08 19.38
N VAL TB 31 -16.51 -9.24 18.98
CA VAL TB 31 -16.25 -9.33 17.55
C VAL TB 31 -16.30 -10.78 17.09
N GLY TB 32 -16.41 -11.72 18.01
CA GLY TB 32 -16.63 -13.09 17.65
C GLY TB 32 -18.04 -13.24 17.14
N VAL TB 33 -18.99 -12.69 17.88
CA VAL TB 33 -20.39 -12.73 17.44
C VAL TB 33 -20.56 -11.94 16.15
N ALA TB 34 -19.87 -10.81 16.01
CA ALA TB 34 -19.93 -10.02 14.80
C ALA TB 34 -19.58 -10.87 13.59
N MET TB 35 -18.34 -11.35 13.51
CA MET TB 35 -17.92 -12.13 12.35
C MET TB 35 -18.73 -13.42 12.21
N TYR TB 36 -19.48 -13.80 13.24
CA TYR TB 36 -20.40 -14.92 13.09
C TYR TB 36 -21.65 -14.50 12.34
N ILE TB 37 -22.25 -13.38 12.74
CA ILE TB 37 -23.52 -12.97 12.17
C ILE TB 37 -23.38 -12.67 10.69
N ARG TB 38 -22.29 -12.01 10.31
CA ARG TB 38 -22.05 -11.67 8.92
C ARG TB 38 -21.80 -12.89 8.06
N THR TB 39 -21.51 -14.03 8.67
CA THR TB 39 -21.19 -15.27 7.95
C THR TB 39 -22.16 -16.39 8.31
N LYS TB 40 -22.27 -16.74 9.59
CA LYS TB 40 -22.96 -17.93 10.07
C LYS TB 40 -22.30 -19.21 9.57
N ASN TB 41 -21.10 -19.39 10.09
CA ASN TB 41 -20.46 -20.70 10.23
C ASN TB 41 -19.96 -20.79 11.66
N LEU TB 42 -19.93 -21.99 12.22
CA LEU TB 42 -19.38 -22.09 13.56
C LEU TB 42 -18.08 -22.85 13.49
N LEU TB 43 -16.98 -22.15 13.24
CA LEU TB 43 -15.77 -22.33 13.99
C LEU TB 43 -15.44 -21.09 14.79
N ILE TB 44 -16.14 -19.98 14.55
CA ILE TB 44 -15.71 -18.70 15.07
C ILE TB 44 -16.14 -18.53 16.52
N LEU TB 45 -17.36 -18.97 16.84
CA LEU TB 45 -17.75 -19.01 18.24
C LEU TB 45 -16.76 -19.83 19.05
N LEU TB 46 -16.17 -20.85 18.43
CA LEU TB 46 -15.12 -21.60 19.10
C LEU TB 46 -13.85 -20.77 19.19
N GLY TB 47 -13.73 -19.73 18.37
CA GLY TB 47 -12.57 -18.86 18.47
C GLY TB 47 -12.45 -18.18 19.83
N LEU TB 48 -13.55 -18.09 20.57
CA LEU TB 48 -13.45 -17.57 21.92
C LEU TB 48 -12.75 -18.56 22.84
N VAL TB 49 -12.93 -19.84 22.60
CA VAL TB 49 -12.32 -20.84 23.47
C VAL TB 49 -10.81 -20.79 23.39
N VAL TB 50 -10.26 -20.60 22.19
CA VAL TB 50 -8.82 -20.61 22.06
C VAL TB 50 -8.17 -19.41 22.70
N VAL TB 51 -8.92 -18.34 22.94
CA VAL TB 51 -8.40 -17.20 23.69
C VAL TB 51 -8.42 -17.49 25.19
N ILE TB 52 -9.44 -18.23 25.65
CA ILE TB 52 -9.50 -18.61 27.05
C ILE TB 52 -8.26 -19.40 27.43
N VAL TB 53 -7.98 -20.46 26.68
CA VAL TB 53 -6.86 -21.33 27.04
C VAL TB 53 -5.54 -20.64 26.77
N PHE TB 54 -5.45 -19.85 25.69
CA PHE TB 54 -4.16 -19.26 25.32
C PHE TB 54 -3.67 -18.31 26.40
N THR TB 55 -4.52 -17.38 26.82
CA THR TB 55 -4.13 -16.49 27.91
C THR TB 55 -3.86 -17.28 29.17
N THR TB 56 -4.67 -18.29 29.47
CA THR TB 56 -4.46 -19.08 30.68
C THR TB 56 -3.10 -19.76 30.67
N VAL TB 57 -2.84 -20.60 29.67
CA VAL TB 57 -1.56 -21.29 29.62
C VAL TB 57 -0.43 -20.37 29.19
N GLY TB 58 -0.75 -19.19 28.66
CA GLY TB 58 0.28 -18.25 28.31
C GLY TB 58 0.85 -17.56 29.53
N LEU TB 59 -0.02 -17.07 30.41
CA LEU TB 59 0.42 -16.31 31.57
C LEU TB 59 1.33 -17.13 32.47
N THR TB 60 1.21 -18.45 32.47
CA THR TB 60 2.07 -19.25 33.32
C THR TB 60 3.50 -19.35 32.80
N PHE TB 61 3.75 -18.94 31.56
CA PHE TB 61 5.12 -18.91 31.05
C PHE TB 61 5.85 -17.62 31.37
N ILE TB 62 5.16 -16.62 31.91
CA ILE TB 62 5.79 -15.35 32.24
C ILE TB 62 6.90 -15.55 33.26
N LYS TB 63 6.64 -16.37 34.27
CA LYS TB 63 7.62 -16.61 35.32
C LYS TB 63 8.84 -17.35 34.80
N ASP UB 1 45.77 -7.58 28.16
CA ASP UB 1 44.58 -8.00 28.89
C ASP UB 1 43.36 -7.24 28.43
N LEU UB 2 42.23 -7.46 29.12
CA LEU UB 2 40.99 -6.77 28.80
C LEU UB 2 40.80 -5.53 29.66
N LEU UB 3 40.17 -4.51 29.10
CA LEU UB 3 39.74 -3.35 29.89
C LEU UB 3 38.22 -3.22 29.86
N ALA UB 4 37.69 -2.40 30.77
CA ALA UB 4 36.27 -2.08 30.79
C ALA UB 4 35.43 -3.34 31.05
N GLY UB 5 36.11 -4.42 31.42
CA GLY UB 5 35.64 -5.76 31.09
C GLY UB 5 34.92 -6.42 32.24
N GLY UB 6 35.12 -5.89 33.45
CA GLY UB 6 34.13 -5.04 34.08
C GLY UB 6 33.83 -5.46 35.50
N LYS UB 7 32.56 -5.37 35.88
CA LYS UB 7 31.66 -6.51 35.80
C LYS UB 7 31.22 -6.76 34.35
N ASP UB 8 30.89 -8.00 34.04
CA ASP UB 8 29.52 -8.39 33.75
C ASP UB 8 28.72 -8.59 35.03
N ASP UB 9 27.65 -7.82 35.18
CA ASP UB 9 26.36 -8.38 35.57
C ASP UB 9 25.27 -7.98 34.57
N VAL UB 10 25.60 -7.05 33.68
CA VAL UB 10 24.72 -6.68 32.58
C VAL UB 10 23.96 -7.89 32.05
N LYS UB 11 24.65 -9.03 31.99
CA LYS UB 11 24.01 -10.29 31.62
C LYS UB 11 22.86 -10.62 32.55
N ALA UB 12 23.05 -10.50 33.86
CA ALA UB 12 21.97 -10.77 34.79
C ALA UB 12 20.82 -9.79 34.61
N THR UB 13 21.10 -8.59 34.11
CA THR UB 13 20.02 -7.62 33.89
C THR UB 13 19.13 -8.07 32.74
N PHE UB 14 19.72 -8.50 31.63
CA PHE UB 14 18.97 -8.93 30.47
C PHE UB 14 18.82 -10.45 30.40
N GLY UB 15 19.28 -11.18 31.40
CA GLY UB 15 19.35 -12.62 31.34
C GLY UB 15 18.03 -13.33 31.51
N ALA UB 16 18.12 -14.62 31.88
CA ALA UB 16 17.00 -15.53 31.91
C ALA UB 16 15.82 -14.99 32.71
N ASP UB 17 15.97 -14.91 34.03
CA ASP UB 17 14.95 -14.31 34.87
C ASP UB 17 15.31 -12.83 35.03
N SER UB 18 14.52 -11.96 34.42
CA SER UB 18 14.85 -10.55 34.37
C SER UB 18 13.57 -9.75 34.32
N PHE UB 19 13.71 -8.43 34.37
CA PHE UB 19 12.56 -7.58 34.15
C PHE UB 19 12.32 -7.36 32.67
N VAL UB 20 13.37 -7.15 31.88
CA VAL UB 20 13.17 -6.87 30.47
C VAL UB 20 12.78 -8.13 29.72
N MET UB 21 13.36 -9.27 30.10
CA MET UB 21 12.94 -10.51 29.48
C MET UB 21 11.52 -10.88 29.87
N MET UB 22 11.03 -10.34 30.98
CA MET UB 22 9.67 -10.58 31.42
C MET UB 22 8.66 -9.72 30.66
N CYS UB 23 9.04 -8.48 30.33
CA CYS UB 23 8.12 -7.65 29.57
C CYS UB 23 8.17 -7.96 28.08
N ILE UB 24 9.33 -8.38 27.56
CA ILE UB 24 9.42 -8.63 26.13
C ILE UB 24 8.62 -9.88 25.77
N ILE UB 25 8.47 -10.81 26.71
CA ILE UB 25 7.66 -11.98 26.49
C ILE UB 25 6.17 -11.71 26.68
N ILE UB 26 5.81 -10.76 27.54
CA ILE UB 26 4.41 -10.52 27.80
C ILE UB 26 3.79 -9.68 26.68
N ALA UB 27 4.61 -8.94 25.95
CA ALA UB 27 4.09 -8.19 24.81
C ALA UB 27 3.74 -9.13 23.66
N GLU UB 28 4.57 -10.15 23.46
CA GLU UB 28 4.25 -11.18 22.47
C GLU UB 28 2.89 -11.80 22.73
N LEU UB 29 2.54 -11.99 24.00
CA LEU UB 29 1.25 -12.58 24.33
C LEU UB 29 0.13 -11.62 23.99
N ILE UB 30 0.27 -10.35 24.38
CA ILE UB 30 -0.88 -9.46 24.34
C ILE UB 30 -1.13 -8.95 22.93
N VAL UB 31 -0.08 -8.75 22.13
CA VAL UB 31 -0.33 -8.37 20.75
C VAL UB 31 -0.44 -9.60 19.88
N GLY UB 32 -0.14 -10.78 20.41
CA GLY UB 32 -0.40 -12.00 19.69
C GLY UB 32 -1.88 -12.25 19.62
N VAL UB 33 -2.56 -12.11 20.76
CA VAL UB 33 -4.00 -12.26 20.79
C VAL UB 33 -4.68 -11.18 19.96
N ALA UB 34 -4.15 -9.97 20.00
CA ALA UB 34 -4.69 -8.88 19.20
C ALA UB 34 -4.73 -9.26 17.73
N MET UB 35 -3.56 -9.45 17.12
CA MET UB 35 -3.52 -9.78 15.70
C MET UB 35 -4.23 -11.09 15.39
N TYR UB 36 -4.55 -11.88 16.41
CA TYR UB 36 -5.38 -13.05 16.18
C TYR UB 36 -6.84 -12.68 16.04
N ILE UB 37 -7.33 -11.84 16.96
CA ILE UB 37 -8.75 -11.52 16.98
C ILE UB 37 -9.15 -10.78 15.72
N ARG UB 38 -8.31 -9.85 15.27
CA ARG UB 38 -8.60 -9.07 14.06
C ARG UB 38 -8.59 -9.94 12.81
N THR UB 39 -8.03 -11.14 12.88
CA THR UB 39 -7.89 -12.03 11.73
C THR UB 39 -8.59 -13.36 11.97
N LYS UB 40 -8.22 -14.08 13.03
CA LYS UB 40 -8.62 -15.46 13.27
C LYS UB 40 -8.09 -16.39 12.20
N ASN UB 41 -6.77 -16.52 12.22
CA ASN UB 41 -6.03 -17.66 11.72
C ASN UB 41 -5.07 -18.08 12.81
N LEU UB 42 -4.75 -19.36 12.89
CA LEU UB 42 -3.77 -19.75 13.88
C LEU UB 42 -2.52 -20.21 13.15
N LEU UB 43 -1.63 -19.29 12.84
CA LEU UB 43 -0.22 -19.45 13.08
C LEU UB 43 0.28 -18.46 14.11
N ILE UB 44 -0.54 -17.48 14.47
CA ILE UB 44 -0.04 -16.35 15.23
C ILE UB 44 0.04 -16.68 16.70
N LEU UB 45 -0.95 -17.41 17.23
CA LEU UB 45 -0.83 -17.93 18.57
C LEU UB 45 0.44 -18.76 18.71
N LEU UB 46 0.84 -19.43 17.65
CA LEU UB 46 2.11 -20.14 17.67
C LEU UB 46 3.28 -19.17 17.63
N GLY UB 47 3.03 -17.93 17.23
CA GLY UB 47 4.09 -16.93 17.24
C GLY UB 47 4.63 -16.67 18.64
N LEU UB 48 3.85 -17.00 19.66
CA LEU UB 48 4.38 -16.89 21.03
C LEU UB 48 5.43 -17.95 21.29
N VAL UB 49 5.26 -19.14 20.70
CA VAL UB 49 6.20 -20.22 20.96
C VAL UB 49 7.58 -19.86 20.44
N VAL UB 50 7.67 -19.24 19.26
CA VAL UB 50 8.97 -18.95 18.69
C VAL UB 50 9.71 -17.89 19.47
N VAL UB 51 9.02 -17.09 20.27
CA VAL UB 51 9.70 -16.15 21.16
C VAL UB 51 10.22 -16.86 22.41
N ILE UB 52 9.48 -17.87 22.88
CA ILE UB 52 9.94 -18.65 24.01
C ILE UB 52 11.28 -19.29 23.71
N VAL UB 53 11.36 -20.01 22.60
CA VAL UB 53 12.59 -20.73 22.29
C VAL UB 53 13.68 -19.76 21.87
N PHE UB 54 13.33 -18.69 21.14
CA PHE UB 54 14.36 -17.80 20.62
C PHE UB 54 15.14 -17.14 21.75
N THR UB 55 14.42 -16.54 22.70
CA THR UB 55 15.09 -15.95 23.84
C THR UB 55 15.86 -17.01 24.63
N THR UB 56 15.28 -18.19 24.79
CA THR UB 56 15.94 -19.25 25.55
C THR UB 56 17.27 -19.64 24.89
N VAL UB 57 17.22 -20.09 23.64
CA VAL UB 57 18.44 -20.49 22.96
C VAL UB 57 19.28 -19.30 22.55
N GLY UB 58 18.71 -18.10 22.58
CA GLY UB 58 19.49 -16.93 22.26
C GLY UB 58 20.40 -16.54 23.40
N LEU UB 59 19.85 -16.48 24.61
CA LEU UB 59 20.62 -16.05 25.76
C LEU UB 59 21.85 -16.90 26.01
N THR UB 60 21.82 -18.17 25.60
CA THR UB 60 22.98 -19.02 25.82
C THR UB 60 24.14 -18.69 24.90
N PHE UB 61 23.91 -17.91 23.85
CA PHE UB 61 25.01 -17.48 22.98
C PHE UB 61 25.72 -16.24 23.49
N ILE UB 62 25.18 -15.58 24.52
CA ILE UB 62 25.82 -14.37 25.03
C ILE UB 62 27.21 -14.65 25.53
N LYS UB 63 27.38 -15.76 26.25
CA LYS UB 63 28.68 -16.12 26.80
C LYS UB 63 29.68 -16.44 25.70
N ASP VB 1 61.20 1.29 11.72
CA ASP VB 1 60.38 0.47 12.59
C ASP VB 1 59.01 1.10 12.81
N LEU VB 2 58.23 0.49 13.70
CA LEU VB 2 56.90 1.00 14.03
C LEU VB 2 56.94 1.88 15.27
N LEU VB 3 56.08 2.90 15.31
CA LEU VB 3 55.87 3.68 16.52
C LEU VB 3 54.44 3.54 17.02
N ALA VB 4 54.21 3.95 18.26
CA ALA VB 4 52.86 3.98 18.82
C ALA VB 4 52.26 2.58 18.90
N GLY VB 5 53.09 1.57 18.65
CA GLY VB 5 52.64 0.33 18.05
C GLY VB 5 52.40 -0.76 19.08
N GLY VB 6 52.98 -0.58 20.26
CA GLY VB 6 52.22 -0.13 21.42
C GLY VB 6 52.47 -1.00 22.64
N LYS VB 7 51.41 -1.26 23.39
CA LYS VB 7 50.61 -2.47 23.22
C LYS VB 7 49.71 -2.35 21.99
N ASP VB 8 49.39 -3.49 21.39
CA ASP VB 8 48.02 -4.02 21.42
C ASP VB 8 47.74 -4.73 22.74
N ASP VB 9 46.74 -4.23 23.47
CA ASP VB 9 45.70 -5.10 24.02
C ASP VB 9 44.31 -4.63 23.58
N VAL VB 10 44.25 -3.43 23.01
CA VAL VB 10 43.01 -2.93 22.43
C VAL VB 10 42.21 -4.06 21.79
N LYS VB 11 42.91 -4.98 21.13
CA LYS VB 11 42.27 -6.16 20.58
C LYS VB 11 41.54 -6.95 21.65
N ALA VB 12 42.18 -7.19 22.80
CA ALA VB 12 41.50 -7.91 23.87
C ALA VB 12 40.30 -7.14 24.39
N THR VB 13 40.30 -5.82 24.26
CA THR VB 13 39.15 -5.04 24.72
C THR VB 13 37.94 -5.28 23.82
N PHE VB 14 38.14 -5.25 22.51
CA PHE VB 14 37.06 -5.46 21.56
C PHE VB 14 36.99 -6.89 21.03
N GLY VB 15 37.83 -7.78 21.54
CA GLY VB 15 37.98 -9.11 20.97
C GLY VB 15 36.85 -10.07 21.30
N ALA VB 16 37.15 -11.36 21.16
CA ALA VB 16 36.17 -12.43 21.23
C ALA VB 16 35.33 -12.37 22.49
N ASP VB 17 35.92 -12.66 23.64
CA ASP VB 17 35.22 -12.52 24.91
C ASP VB 17 35.51 -11.12 25.44
N SER VB 18 34.49 -10.26 25.43
CA SER VB 18 34.69 -8.86 25.75
C SER VB 18 33.41 -8.32 26.37
N PHE VB 19 33.48 -7.08 26.82
CA PHE VB 19 32.25 -6.41 27.26
C PHE VB 19 31.49 -5.81 26.09
N VAL VB 20 32.20 -5.20 25.14
CA VAL VB 20 31.50 -4.56 24.03
C VAL VB 20 30.96 -5.59 23.06
N MET VB 21 31.71 -6.68 22.84
CA MET VB 21 31.19 -7.73 22.00
C MET VB 21 30.03 -8.46 22.66
N MET VB 22 29.92 -8.34 23.99
CA MET VB 22 28.81 -8.95 24.71
C MET VB 22 27.56 -8.10 24.64
N CYS VB 23 27.70 -6.77 24.64
CA CYS VB 23 26.52 -5.93 24.52
C CYS VB 23 26.07 -5.78 23.07
N ILE VB 24 27.00 -5.81 22.12
CA ILE VB 24 26.59 -5.62 20.74
C ILE VB 24 25.82 -6.82 20.24
N ILE VB 25 26.08 -8.00 20.82
CA ILE VB 25 25.31 -9.19 20.46
C ILE VB 25 23.97 -9.26 21.19
N ILE VB 26 23.86 -8.68 22.38
CA ILE VB 26 22.62 -8.77 23.12
C ILE VB 26 21.61 -7.78 22.60
N ALA VB 27 22.06 -6.72 21.94
CA ALA VB 27 21.12 -5.77 21.35
C ALA VB 27 20.47 -6.37 20.12
N GLU VB 28 21.24 -7.13 19.33
CA GLU VB 28 20.67 -7.87 18.21
C GLU VB 28 19.53 -8.77 18.65
N LEU VB 29 19.66 -9.39 19.81
CA LEU VB 29 18.61 -10.26 20.31
C LEU VB 29 17.37 -9.46 20.69
N ILE VB 30 17.55 -8.36 21.41
CA ILE VB 30 16.41 -7.72 22.02
C ILE VB 30 15.65 -6.87 21.03
N VAL VB 31 16.33 -6.26 20.06
CA VAL VB 31 15.58 -5.55 19.03
C VAL VB 31 15.26 -6.47 17.86
N GLY VB 32 15.81 -7.68 17.87
CA GLY VB 32 15.41 -8.66 16.89
C GLY VB 32 14.02 -9.14 17.20
N VAL VB 33 13.78 -9.46 18.47
CA VAL VB 33 12.45 -9.88 18.89
C VAL VB 33 11.45 -8.73 18.72
N ALA VB 34 11.87 -7.51 19.00
CA ALA VB 34 11.01 -6.35 18.82
C ALA VB 34 10.48 -6.29 17.39
N MET VB 35 11.38 -6.09 16.42
CA MET VB 35 10.94 -5.98 15.03
C MET VB 35 10.27 -7.24 14.54
N TYR VB 36 10.37 -8.33 15.27
CA TYR VB 36 9.61 -9.52 14.94
C TYR VB 36 8.17 -9.38 15.39
N ILE VB 37 7.97 -8.96 16.63
CA ILE VB 37 6.62 -8.92 17.20
C ILE VB 37 5.75 -7.92 16.45
N ARG VB 38 6.32 -6.77 16.11
CA ARG VB 38 5.57 -5.74 15.39
C ARG VB 38 5.21 -6.18 13.97
N THR VB 39 5.85 -7.22 13.46
CA THR VB 39 5.63 -7.71 12.09
C THR VB 39 5.15 -9.15 12.08
N LYS VB 40 5.93 -10.07 12.66
CA LYS VB 40 5.73 -11.51 12.55
C LYS VB 40 5.91 -11.98 11.10
N ASN VB 41 7.17 -11.86 10.68
CA ASN VB 41 7.75 -12.67 9.62
C ASN VB 41 9.07 -13.20 10.16
N LEU VB 42 9.48 -14.37 9.70
CA LEU VB 42 10.78 -14.85 10.15
C LEU VB 42 11.72 -14.85 8.96
N LEU VB 43 12.38 -13.73 8.72
CA LEU VB 43 13.78 -13.70 8.44
C LEU VB 43 14.55 -12.98 9.54
N ILE VB 44 13.84 -12.31 10.45
CA ILE VB 44 14.49 -11.38 11.35
C ILE VB 44 15.11 -12.11 12.53
N LEU VB 45 14.41 -13.13 13.04
CA LEU VB 45 15.03 -13.99 14.03
C LEU VB 45 16.32 -14.58 13.50
N LEU VB 46 16.37 -14.82 12.19
CA LEU VB 46 17.62 -15.26 11.58
C LEU VB 46 18.63 -14.13 11.52
N GLY VB 47 18.17 -12.89 11.64
CA GLY VB 47 19.09 -11.77 11.68
C GLY VB 47 20.06 -11.84 12.84
N LEU VB 48 19.73 -12.59 13.88
CA LEU VB 48 20.68 -12.79 14.96
C LEU VB 48 21.83 -13.67 14.53
N VAL VB 49 21.55 -14.64 13.65
CA VAL VB 49 22.60 -15.56 13.23
C VAL VB 49 23.68 -14.83 12.45
N VAL VB 50 23.30 -13.89 11.59
CA VAL VB 50 24.30 -13.21 10.79
C VAL VB 50 25.20 -12.32 11.61
N VAL VB 51 24.77 -11.93 12.80
CA VAL VB 51 25.66 -11.18 13.70
C VAL VB 51 26.62 -12.12 14.41
N ILE VB 52 26.16 -13.33 14.72
CA ILE VB 52 27.04 -14.32 15.33
C ILE VB 52 28.24 -14.58 14.43
N VAL VB 53 27.97 -14.93 13.17
CA VAL VB 53 29.06 -15.29 12.27
C VAL VB 53 29.86 -14.07 11.89
N PHE VB 54 29.22 -12.92 11.71
CA PHE VB 54 29.93 -11.74 11.23
C PHE VB 54 31.00 -11.30 12.21
N THR VB 55 30.62 -11.15 13.48
CA THR VB 55 31.62 -10.81 14.50
C THR VB 55 32.68 -11.89 14.60
N THR VB 56 32.27 -13.16 14.53
CA THR VB 56 33.24 -14.24 14.64
C THR VB 56 34.26 -14.19 13.52
N VAL VB 57 33.81 -14.26 12.27
CA VAL VB 57 34.75 -14.22 11.16
C VAL VB 57 35.31 -12.82 10.93
N GLY VB 58 34.71 -11.80 11.54
CA GLY VB 58 35.24 -10.47 11.40
C GLY VB 58 36.46 -10.28 12.27
N LEU VB 59 36.37 -10.69 13.53
CA LEU VB 59 37.45 -10.47 14.48
C LEU VB 59 38.75 -11.13 14.03
N THR VB 60 38.67 -12.20 13.25
CA THR VB 60 39.89 -12.86 12.81
C THR VB 60 40.62 -12.08 11.73
N PHE VB 61 40.00 -11.07 11.14
CA PHE VB 61 40.69 -10.23 10.17
C PHE VB 61 41.44 -9.07 10.81
N ILE VB 62 41.25 -8.85 12.11
CA ILE VB 62 41.93 -7.75 12.78
C ILE VB 62 43.44 -7.91 12.70
N LYS VB 63 43.92 -9.13 12.92
CA LYS VB 63 45.35 -9.40 12.89
C LYS VB 63 45.93 -9.20 11.50
N ASP WB 1 69.26 17.19 -4.69
CA ASP WB 1 68.86 16.02 -3.94
C ASP WB 1 67.62 16.30 -3.10
N LEU WB 2 67.23 15.33 -2.28
CA LEU WB 2 66.07 15.49 -1.41
C LEU WB 2 66.49 15.95 -0.01
N LEU WB 3 65.63 16.74 0.62
CA LEU WB 3 65.80 17.08 2.03
C LEU WB 3 64.64 16.55 2.86
N ALA WB 4 64.82 16.52 4.17
CA ALA WB 4 63.76 16.15 5.10
C ALA WB 4 63.33 14.70 4.88
N GLY WB 5 64.09 13.98 4.07
CA GLY WB 5 63.54 12.91 3.26
C GLY WB 5 63.75 11.55 3.88
N GLY WB 6 64.70 11.47 4.82
CA GLY WB 6 64.36 11.41 6.23
C GLY WB 6 65.08 10.28 6.95
N LYS WB 7 64.36 9.63 7.87
CA LYS WB 7 63.64 8.41 7.54
C LYS WB 7 62.37 8.71 6.76
N ASP WB 8 61.94 7.76 5.95
CA ASP WB 8 60.72 7.01 6.22
C ASP WB 8 60.95 5.91 7.25
N ASP WB 9 60.24 5.98 8.36
CA ASP WB 9 59.52 4.82 8.88
C ASP WB 9 58.04 5.13 9.08
N VAL WB 10 57.70 6.42 8.99
CA VAL WB 10 56.30 6.84 9.03
C VAL WB 10 55.40 5.83 8.32
N LYS WB 11 55.89 5.28 7.21
CA LYS WB 11 55.20 4.21 6.52
C LYS WB 11 54.94 3.03 7.43
N ALA WB 12 55.94 2.58 8.18
CA ALA WB 12 55.74 1.47 9.10
C ALA WB 12 54.74 1.82 10.19
N THR WB 13 54.61 3.10 10.53
CA THR WB 13 53.64 3.49 11.53
C THR WB 13 52.21 3.32 11.03
N PHE WB 14 51.93 3.75 9.81
CA PHE WB 14 50.61 3.65 9.23
C PHE WB 14 50.47 2.45 8.30
N GLY WB 15 51.49 1.61 8.20
CA GLY WB 15 51.52 0.56 7.19
C GLY WB 15 50.65 -0.64 7.51
N ALA WB 16 50.98 -1.75 6.86
CA ALA WB 16 50.15 -2.96 6.87
C ALA WB 16 49.80 -3.42 8.27
N ASP WB 17 50.77 -3.92 9.02
CA ASP WB 17 50.56 -4.29 10.41
C ASP WB 17 50.91 -3.08 11.26
N SER WB 18 49.90 -2.44 11.85
CA SER WB 18 50.10 -1.19 12.55
C SER WB 18 49.09 -1.10 13.68
N PHE WB 19 49.21 -0.04 14.47
CA PHE WB 19 48.18 0.23 15.46
C PHE WB 19 47.01 0.99 14.86
N VAL WB 20 47.30 1.98 14.00
CA VAL WB 20 46.21 2.78 13.44
C VAL WB 20 45.44 1.99 12.39
N MET WB 21 46.14 1.16 11.61
CA MET WB 21 45.44 0.33 10.66
C MET WB 21 44.63 -0.75 11.37
N MET WB 22 44.98 -1.05 12.62
CA MET WB 22 44.25 -2.03 13.40
C MET WB 22 42.99 -1.44 14.00
N CYS WB 23 43.03 -0.17 14.41
CA CYS WB 23 41.82 0.45 14.95
C CYS WB 23 40.89 0.93 13.86
N ILE WB 24 41.42 1.35 12.71
CA ILE WB 24 40.55 1.87 11.66
C ILE WB 24 39.74 0.73 11.06
N ILE WB 25 40.27 -0.49 11.09
CA ILE WB 25 39.51 -1.64 10.62
C ILE WB 25 38.52 -2.16 11.65
N ILE WB 26 38.79 -1.97 12.94
CA ILE WB 26 37.90 -2.51 13.95
C ILE WB 26 36.70 -1.60 14.13
N ALA WB 27 36.82 -0.33 13.76
CA ALA WB 27 35.67 0.56 13.83
C ALA WB 27 34.68 0.24 12.74
N GLU WB 28 35.17 -0.11 11.55
CA GLU WB 28 34.29 -0.57 10.48
C GLU WB 28 33.44 -1.75 10.91
N LEU WB 29 34.02 -2.64 11.71
CA LEU WB 29 33.28 -3.81 12.18
C LEU WB 29 32.19 -3.38 13.16
N ILE WB 30 32.53 -2.53 14.12
CA ILE WB 30 31.63 -2.31 15.24
C ILE WB 30 30.52 -1.36 14.87
N VAL WB 31 30.78 -0.37 14.00
CA VAL WB 31 29.66 0.46 13.55
C VAL WB 31 29.03 -0.13 12.30
N GLY WB 32 29.62 -1.16 11.73
CA GLY WB 32 28.97 -1.87 10.65
C GLY WB 32 27.81 -2.66 11.20
N VAL WB 33 28.05 -3.38 12.29
CA VAL WB 33 26.98 -4.13 12.94
C VAL WB 33 25.92 -3.19 13.47
N ALA WB 34 26.32 -2.05 14.01
CA ALA WB 34 25.38 -1.06 14.50
C ALA WB 34 24.38 -0.67 13.41
N MET WB 35 24.86 -0.04 12.35
CA MET WB 35 23.97 0.39 11.28
C MET WB 35 23.24 -0.77 10.63
N TYR WB 36 23.68 -1.99 10.88
CA TYR WB 36 22.93 -3.15 10.41
C TYR WB 36 21.72 -3.42 11.31
N ILE WB 37 21.95 -3.41 12.62
CA ILE WB 37 20.88 -3.78 13.55
C ILE WB 37 19.75 -2.78 13.48
N ARG WB 38 20.07 -1.49 13.38
CA ARG WB 38 19.05 -0.45 13.32
C ARG WB 38 18.24 -0.52 12.02
N THR WB 39 18.74 -1.24 11.03
CA THR WB 39 18.10 -1.33 9.72
C THR WB 39 17.75 -2.76 9.36
N LYS WB 40 18.73 -3.66 9.32
CA LYS WB 40 18.60 -5.02 8.80
C LYS WB 40 18.31 -5.00 7.30
N ASN WB 41 19.32 -4.54 6.59
CA ASN WB 41 19.57 -4.88 5.19
C ASN WB 41 21.02 -5.30 5.08
N LEU WB 42 21.32 -6.20 4.16
CA LEU WB 42 22.72 -6.54 4.00
C LEU WB 42 23.19 -6.03 2.65
N LEU WB 43 23.64 -4.79 2.62
CA LEU WB 43 24.87 -4.43 1.94
C LEU WB 43 25.91 -3.93 2.92
N ILE WB 44 25.51 -3.70 4.17
CA ILE WB 44 26.37 -2.97 5.09
C ILE WB 44 27.41 -3.90 5.70
N LEU WB 45 27.01 -5.12 6.03
CA LEU WB 45 28.00 -6.11 6.43
C LEU WB 45 29.05 -6.28 5.36
N LEU WB 46 28.66 -6.12 4.10
CA LEU WB 46 29.64 -6.13 3.03
C LEU WB 46 30.49 -4.87 3.05
N GLY WB 47 30.02 -3.82 3.72
CA GLY WB 47 30.81 -2.61 3.84
C GLY WB 47 32.14 -2.84 4.55
N LEU WB 48 32.23 -3.92 5.33
CA LEU WB 48 33.51 -4.24 5.93
C LEU WB 48 34.49 -4.74 4.88
N VAL WB 49 34.00 -5.44 3.87
CA VAL WB 49 34.89 -6.00 2.86
C VAL WB 49 35.59 -4.90 2.09
N VAL WB 50 34.86 -3.82 1.76
CA VAL WB 50 35.47 -2.78 0.95
C VAL WB 50 36.52 -2.01 1.71
N VAL WB 51 36.52 -2.06 3.04
CA VAL WB 51 37.61 -1.47 3.82
C VAL WB 51 38.82 -2.39 3.84
N ILE WB 52 38.59 -3.70 3.84
CA ILE WB 52 39.69 -4.66 3.79
C ILE WB 52 40.52 -4.42 2.53
N VAL WB 53 39.85 -4.42 1.37
CA VAL WB 53 40.58 -4.30 0.13
C VAL WB 53 41.12 -2.90 -0.05
N PHE WB 54 40.37 -1.88 0.37
CA PHE WB 54 40.79 -0.51 0.12
C PHE WB 54 42.10 -0.20 0.81
N THR WB 55 42.18 -0.48 2.11
CA THR WB 55 43.43 -0.29 2.81
C THR WB 55 44.54 -1.15 2.22
N THR WB 56 44.22 -2.38 1.85
CA THR WB 56 45.24 -3.27 1.29
C THR WB 56 45.80 -2.70 0.00
N VAL WB 57 44.95 -2.48 -0.99
CA VAL WB 57 45.44 -1.95 -2.26
C VAL WB 57 45.77 -0.48 -2.17
N GLY WB 58 45.35 0.19 -1.10
CA GLY WB 58 45.71 1.58 -0.95
C GLY WB 58 47.15 1.73 -0.47
N LEU WB 59 47.53 0.97 0.54
CA LEU WB 59 48.86 1.09 1.12
C LEU WB 59 49.96 0.83 0.10
N THR WB 60 49.70 0.04 -0.92
CA THR WB 60 50.72 -0.23 -1.92
C THR WB 60 50.98 0.95 -2.84
N PHE WB 61 50.11 1.96 -2.84
CA PHE WB 61 50.36 3.15 -3.63
C PHE WB 61 51.21 4.18 -2.90
N ILE WB 62 51.47 3.98 -1.61
CA ILE WB 62 52.26 4.94 -0.84
C ILE WB 62 53.65 5.07 -1.44
N LYS WB 63 54.26 3.96 -1.81
CA LYS WB 63 55.61 3.97 -2.36
C LYS WB 63 55.65 4.67 -3.72
N ASP XB 1 69.96 38.38 -16.45
CA ASP XB 1 69.94 36.98 -16.04
C ASP XB 1 69.05 36.78 -14.82
N LEU XB 2 69.04 35.56 -14.29
CA LEU XB 2 68.25 35.24 -13.12
C LEU XB 2 69.09 35.35 -11.85
N LEU XB 3 68.45 35.75 -10.76
CA LEU XB 3 69.08 35.69 -9.43
C LEU XB 3 68.32 34.73 -8.51
N ALA XB 4 68.96 34.36 -7.41
CA ALA XB 4 68.31 33.54 -6.39
C ALA XB 4 67.94 32.17 -6.93
N GLY XB 5 68.42 31.87 -8.14
CA GLY XB 5 67.69 31.00 -9.04
C GLY XB 5 68.20 29.57 -9.01
N GLY XB 6 69.41 29.39 -8.49
CA GLY XB 6 69.60 28.88 -7.15
C GLY XB 6 70.60 27.73 -7.11
N LYS XB 7 70.30 26.72 -6.29
CA LYS XB 7 69.59 25.54 -6.77
C LYS XB 7 68.10 25.83 -6.97
N ASP XB 8 67.49 25.08 -7.88
CA ASP XB 8 66.49 24.09 -7.52
C ASP XB 8 67.16 22.80 -7.05
N ASP XB 9 66.87 22.41 -5.81
CA ASP XB 9 66.46 21.04 -5.52
C ASP XB 9 65.13 21.01 -4.78
N VAL XB 10 64.68 22.18 -4.32
CA VAL XB 10 63.36 22.32 -3.73
C VAL XB 10 62.34 21.41 -4.41
N LYS XB 11 62.45 21.30 -5.73
CA LYS XB 11 61.63 20.38 -6.49
C LYS XB 11 61.80 18.95 -6.00
N ALA XB 12 63.03 18.50 -5.79
CA ALA XB 12 63.23 17.15 -5.28
C ALA XB 12 62.66 16.98 -3.89
N THR XB 13 62.55 18.07 -3.12
CA THR XB 13 61.99 17.96 -1.79
C THR XB 13 60.49 17.68 -1.85
N PHE XB 14 59.78 18.41 -2.71
CA PHE XB 14 58.34 18.24 -2.86
C PHE XB 14 57.96 17.36 -4.05
N GLY XB 15 58.94 16.78 -4.73
CA GLY XB 15 58.69 16.09 -5.99
C GLY XB 15 58.07 14.72 -5.84
N ALA XB 16 58.23 13.92 -6.89
CA ALA XB 16 57.55 12.63 -7.04
C ALA XB 16 57.73 11.73 -5.84
N ASP XB 17 58.94 11.21 -5.63
CA ASP XB 17 59.25 10.43 -4.45
C ASP XB 17 59.79 11.38 -3.40
N SER XB 18 59.01 11.62 -2.36
CA SER XB 18 59.35 12.62 -1.37
C SER XB 18 58.80 12.20 -0.02
N PHE XB 19 59.11 12.98 1.00
CA PHE XB 19 58.49 12.77 2.29
C PHE XB 19 57.13 13.46 2.36
N VAL XB 20 57.02 14.69 1.85
CA VAL XB 20 55.76 15.41 1.95
C VAL XB 20 54.73 14.83 0.99
N MET XB 21 55.16 14.41 -0.20
CA MET XB 21 54.24 13.77 -1.10
C MET XB 21 53.81 12.41 -0.59
N MET XB 22 54.59 11.83 0.31
CA MET XB 22 54.24 10.54 0.91
C MET XB 22 53.24 10.70 2.04
N CYS XB 23 53.32 11.79 2.81
CA CYS XB 23 52.35 11.99 3.87
C CYS XB 23 51.06 12.60 3.34
N ILE XB 24 51.13 13.42 2.29
CA ILE XB 24 49.91 14.05 1.80
C ILE XB 24 49.02 13.02 1.13
N ILE XB 25 49.60 11.95 0.59
CA ILE XB 25 48.82 10.87 0.01
C ILE XB 25 48.29 9.91 1.07
N ILE XB 26 48.98 9.76 2.19
CA ILE XB 26 48.53 8.80 3.19
C ILE XB 26 47.41 9.38 4.02
N ALA XB 27 47.31 10.71 4.08
CA ALA XB 27 46.20 11.32 4.80
C ALA XB 27 44.90 11.15 4.02
N GLU XB 28 44.97 11.26 2.70
CA GLU XB 28 43.82 10.99 1.86
C GLU XB 28 43.26 9.60 2.11
N LEU XB 29 44.13 8.63 2.33
CA LEU XB 29 43.69 7.27 2.60
C LEU XB 29 42.98 7.18 3.94
N ILE XB 30 43.58 7.77 4.98
CA ILE XB 30 43.11 7.48 6.32
C ILE XB 30 41.87 8.29 6.66
N VAL XB 31 41.74 9.51 6.14
CA VAL XB 31 40.50 10.23 6.35
C VAL XB 31 39.50 9.92 5.25
N GLY XB 32 39.93 9.22 4.21
CA GLY XB 32 39.00 8.76 3.21
C GLY XB 32 38.15 7.65 3.78
N VAL XB 33 38.83 6.70 4.45
CA VAL XB 33 38.09 5.62 5.09
C VAL XB 33 37.23 6.15 6.22
N ALA XB 34 37.71 7.14 6.96
CA ALA XB 34 36.92 7.76 8.01
C ALA XB 34 35.59 8.25 7.48
N MET XB 35 35.62 9.25 6.59
CA MET XB 35 34.38 9.81 6.07
C MET XB 35 33.56 8.77 5.32
N TYR XB 36 34.14 7.63 5.00
CA TYR XB 36 33.36 6.54 4.42
C TYR XB 36 32.57 5.82 5.50
N ILE XB 37 33.22 5.48 6.60
CA ILE XB 37 32.59 4.67 7.63
C ILE XB 37 31.42 5.43 8.26
N ARG XB 38 31.61 6.72 8.50
CA ARG XB 38 30.56 7.54 9.11
C ARG XB 38 29.36 7.71 8.19
N THR XB 39 29.53 7.41 6.89
CA THR XB 39 28.47 7.60 5.90
C THR XB 39 28.12 6.29 5.21
N LYS XB 40 29.09 5.63 4.58
CA LYS XB 40 28.89 4.48 3.69
C LYS XB 40 28.09 4.89 2.46
N ASN XB 41 28.75 5.71 1.66
CA ASN XB 41 28.51 5.84 0.24
C ASN XB 41 29.86 5.74 -0.45
N LEU XB 42 29.89 5.22 -1.67
CA LEU XB 42 31.16 5.19 -2.36
C LEU XB 42 31.09 6.15 -3.53
N LEU XB 43 31.42 7.41 -3.29
CA LEU XB 43 32.30 8.17 -4.14
C LEU XB 43 33.57 8.53 -3.42
N ILE XB 44 33.63 8.32 -2.11
CA ILE XB 44 34.70 8.89 -1.32
C ILE XB 44 35.95 8.02 -1.39
N LEU XB 45 35.78 6.70 -1.39
CA LEU XB 45 36.91 5.84 -1.66
C LEU XB 45 37.54 6.18 -3.01
N LEU XB 46 36.72 6.63 -3.96
CA LEU XB 46 37.27 7.11 -5.22
C LEU XB 46 37.97 8.44 -5.04
N GLY XB 47 37.69 9.14 -3.95
CA GLY XB 47 38.39 10.39 -3.67
C GLY XB 47 39.88 10.20 -3.53
N LEU XB 48 40.32 8.98 -3.22
CA LEU XB 48 41.76 8.72 -3.18
C LEU XB 48 42.34 8.74 -4.59
N VAL XB 49 41.58 8.28 -5.57
CA VAL XB 49 42.10 8.21 -6.93
C VAL XB 49 42.40 9.61 -7.46
N VAL XB 50 41.54 10.58 -7.18
CA VAL XB 50 41.75 11.90 -7.72
C VAL XB 50 42.95 12.59 -7.12
N VAL XB 51 43.41 12.16 -5.96
CA VAL XB 51 44.66 12.67 -5.40
C VAL XB 51 45.86 12.02 -6.06
N ILE XB 52 45.74 10.75 -6.42
CA ILE XB 52 46.81 10.07 -7.14
C ILE XB 52 47.12 10.81 -8.42
N VAL XB 53 46.10 11.02 -9.25
CA VAL XB 53 46.34 11.63 -10.55
C VAL XB 53 46.68 13.10 -10.41
N PHE XB 54 46.05 13.80 -9.46
CA PHE XB 54 46.26 15.24 -9.35
C PHE XB 54 47.72 15.56 -9.03
N THR XB 55 48.26 14.93 -7.99
CA THR XB 55 49.66 15.13 -7.69
C THR XB 55 50.55 14.69 -8.84
N THR XB 56 50.21 13.58 -9.49
CA THR XB 56 51.02 13.10 -10.59
C THR XB 56 51.06 14.11 -11.73
N VAL XB 57 49.90 14.45 -12.28
CA VAL XB 57 49.89 15.41 -13.38
C VAL XB 57 50.14 16.83 -12.91
N GLY XB 58 50.06 17.08 -11.60
CA GLY XB 58 50.36 18.39 -11.10
C GLY XB 58 51.85 18.66 -11.08
N LEU XB 59 52.61 17.70 -10.55
CA LEU XB 59 54.05 17.89 -10.40
C LEU XB 59 54.74 18.14 -11.74
N THR XB 60 54.18 17.65 -12.83
CA THR XB 60 54.81 17.87 -14.12
C THR XB 60 54.66 19.29 -14.62
N PHE XB 61 53.77 20.08 -14.01
CA PHE XB 61 53.65 21.49 -14.40
C PHE XB 61 54.62 22.39 -13.66
N ILE XB 62 55.33 21.87 -12.66
CA ILE XB 62 56.27 22.69 -11.91
C ILE XB 62 57.36 23.25 -12.82
N LYS XB 63 57.88 22.41 -13.71
CA LYS XB 63 58.94 22.83 -14.61
C LYS XB 63 58.46 23.89 -15.59
N ASP YB 1 65.04 61.83 -20.01
CA ASP YB 1 65.25 60.40 -20.11
C ASP YB 1 64.86 59.69 -18.83
N LEU YB 2 65.12 58.39 -18.76
CA LEU YB 2 64.82 57.61 -17.57
C LEU YB 2 66.04 57.48 -16.67
N LEU YB 3 65.79 57.43 -15.36
CA LEU YB 3 66.85 57.10 -14.41
C LEU YB 3 66.53 55.80 -13.67
N ALA YB 4 67.53 55.24 -13.01
CA ALA YB 4 67.35 54.07 -12.16
C ALA YB 4 66.90 52.86 -13.00
N GLY YB 5 66.94 53.02 -14.31
CA GLY YB 5 66.01 52.33 -15.20
C GLY YB 5 66.60 51.08 -15.81
N GLY YB 6 67.93 50.98 -15.78
CA GLY YB 6 68.61 50.12 -14.82
C GLY YB 6 69.63 49.22 -15.47
N LYS YB 7 69.71 47.98 -14.99
CA LYS YB 7 68.97 46.88 -15.59
C LYS YB 7 67.48 46.94 -15.21
N ASP YB 8 66.64 46.41 -16.08
CA ASP YB 8 65.91 45.18 -15.79
C ASP YB 8 66.78 43.95 -16.01
N ASP YB 9 66.98 43.17 -14.96
CA ASP YB 9 66.79 41.72 -15.03
C ASP YB 9 65.80 41.25 -13.96
N VAL YB 10 65.46 42.14 -13.03
CA VAL YB 10 64.43 41.85 -12.05
C VAL YB 10 63.30 41.01 -12.65
N LYS YB 11 62.96 41.33 -13.90
CA LYS YB 11 61.98 40.53 -14.63
C LYS YB 11 62.41 39.07 -14.72
N ALA YB 12 63.66 38.81 -15.07
CA ALA YB 12 64.13 37.42 -15.13
C ALA YB 12 64.09 36.76 -13.77
N THR YB 13 64.19 37.53 -12.69
CA THR YB 13 64.12 36.94 -11.35
C THR YB 13 62.72 36.43 -11.06
N PHE YB 14 61.70 37.23 -11.35
CA PHE YB 14 60.32 36.86 -11.09
C PHE YB 14 59.62 36.31 -12.34
N GLY YB 15 60.33 36.15 -13.44
CA GLY YB 15 59.71 35.82 -14.72
C GLY YB 15 59.28 34.38 -14.85
N ALA YB 16 59.12 33.96 -16.11
CA ALA YB 16 58.51 32.68 -16.47
C ALA YB 16 59.17 31.51 -15.75
N ASP YB 17 60.41 31.18 -16.11
CA ASP YB 17 61.16 30.16 -15.42
C ASP YB 17 61.97 30.84 -14.33
N SER YB 18 61.58 30.62 -13.08
CA SER YB 18 62.18 31.34 -11.97
C SER YB 18 62.16 30.44 -10.74
N PHE YB 19 62.76 30.94 -9.66
CA PHE YB 19 62.64 30.25 -8.40
C PHE YB 19 61.35 30.63 -7.68
N VAL YB 20 60.99 31.92 -7.70
CA VAL YB 20 59.79 32.33 -6.97
C VAL YB 20 58.53 31.89 -7.70
N MET YB 21 58.55 31.92 -9.03
CA MET YB 21 57.42 31.42 -9.78
C MET YB 21 57.29 29.91 -9.64
N MET YB 22 58.38 29.24 -9.27
CA MET YB 22 58.35 27.80 -9.07
C MET YB 22 57.79 27.43 -7.71
N CYS YB 23 58.07 28.24 -6.69
CA CYS YB 23 57.50 27.95 -5.37
C CYS YB 23 56.07 28.45 -5.24
N ILE YB 24 55.72 29.54 -5.91
CA ILE YB 24 54.36 30.05 -5.76
C ILE YB 24 53.37 29.13 -6.43
N ILE YB 25 53.80 28.38 -7.45
CA ILE YB 25 52.94 27.40 -8.09
C ILE YB 25 52.87 26.09 -7.31
N ILE YB 26 53.93 25.75 -6.58
CA ILE YB 26 53.93 24.47 -5.87
C ILE YB 26 53.13 24.57 -4.59
N ALA YB 27 52.97 25.78 -4.06
CA ALA YB 27 52.14 25.95 -2.87
C ALA YB 27 50.66 25.78 -3.22
N GLU YB 28 50.26 26.30 -4.39
CA GLU YB 28 48.90 26.07 -4.87
C GLU YB 28 48.57 24.59 -4.94
N LEU YB 29 49.53 23.77 -5.34
CA LEU YB 29 49.30 22.34 -5.42
C LEU YB 29 49.11 21.74 -4.03
N ILE YB 30 50.00 22.09 -3.10
CA ILE YB 30 50.04 21.34 -1.85
C ILE YB 30 48.95 21.78 -0.90
N VAL YB 31 48.56 23.06 -0.92
CA VAL YB 31 47.42 23.45 -0.11
C VAL YB 31 46.13 23.31 -0.88
N GLY YB 32 46.21 23.03 -2.18
CA GLY YB 32 45.02 22.73 -2.93
C GLY YB 32 44.52 21.35 -2.54
N VAL YB 33 45.44 20.39 -2.47
CA VAL YB 33 45.06 19.05 -2.03
C VAL YB 33 44.60 19.07 -0.58
N ALA YB 34 45.25 19.87 0.26
CA ALA YB 34 44.83 20.00 1.65
C ALA YB 34 43.37 20.38 1.75
N MET YB 35 43.02 21.59 1.28
CA MET YB 35 41.64 22.04 1.38
C MET YB 35 40.68 21.14 0.61
N TYR YB 36 41.19 20.26 -0.23
CA TYR YB 36 40.33 19.27 -0.86
C TYR YB 36 40.01 18.13 0.10
N ILE YB 37 41.05 17.61 0.76
CA ILE YB 37 40.86 16.44 1.61
C ILE YB 37 39.94 16.76 2.78
N ARG YB 38 40.11 17.93 3.37
CA ARG YB 38 39.29 18.34 4.50
C ARG YB 38 37.83 18.54 4.11
N THR YB 39 37.55 18.68 2.81
CA THR YB 39 36.21 18.95 2.31
C THR YB 39 35.72 17.86 1.37
N LYS YB 40 36.47 17.60 0.29
CA LYS YB 40 36.05 16.75 -0.82
C LYS YB 40 34.83 17.34 -1.55
N ASN YB 41 35.13 18.47 -2.18
CA ASN YB 41 34.39 18.97 -3.33
C ASN YB 41 35.42 19.31 -4.40
N LEU YB 42 35.05 19.19 -5.67
CA LEU YB 42 36.01 19.59 -6.68
C LEU YB 42 35.46 20.82 -7.38
N LEU YB 43 35.76 21.99 -6.83
CA LEU YB 43 36.24 23.11 -7.62
C LEU YB 43 37.67 23.47 -7.25
N ILE YB 44 38.19 22.90 -6.17
CA ILE YB 44 39.43 23.38 -5.59
C ILE YB 44 40.62 22.83 -6.34
N LEU YB 45 40.56 21.56 -6.73
CA LEU YB 45 41.58 21.02 -7.61
C LEU YB 45 41.68 21.85 -8.88
N LEU YB 46 40.55 22.41 -9.32
CA LEU YB 46 40.58 23.32 -10.45
C LEU YB 46 41.21 24.64 -10.06
N GLY YB 47 41.28 24.94 -8.76
CA GLY YB 47 41.94 26.15 -8.33
C GLY YB 47 43.41 26.20 -8.72
N LEU YB 48 44.01 25.05 -8.99
CA LEU YB 48 45.38 25.05 -9.49
C LEU YB 48 45.44 25.58 -10.90
N VAL YB 49 44.41 25.30 -11.70
CA VAL YB 49 44.42 25.73 -13.09
C VAL YB 49 44.43 27.24 -13.20
N VAL YB 50 43.65 27.92 -12.35
CA VAL YB 50 43.56 29.37 -12.46
C VAL YB 50 44.85 30.05 -12.06
N VAL YB 51 45.71 29.37 -11.32
CA VAL YB 51 47.04 29.93 -11.02
C VAL YB 51 47.98 29.73 -12.20
N ILE YB 52 47.83 28.62 -12.91
CA ILE YB 52 48.63 28.38 -14.10
C ILE YB 52 48.42 29.50 -15.11
N VAL YB 53 47.16 29.76 -15.45
CA VAL YB 53 46.89 30.75 -16.48
C VAL YB 53 47.15 32.15 -15.96
N PHE YB 54 46.86 32.42 -14.68
CA PHE YB 54 46.98 33.77 -14.17
C PHE YB 54 48.43 34.25 -14.23
N THR YB 55 49.34 33.45 -13.69
CA THR YB 55 50.75 33.79 -13.77
C THR YB 55 51.20 33.89 -15.22
N THR YB 56 50.75 32.96 -16.06
CA THR YB 56 51.15 32.98 -17.46
C THR YB 56 50.71 34.27 -18.15
N VAL YB 57 49.42 34.55 -18.16
CA VAL YB 57 48.94 35.77 -18.82
C VAL YB 57 49.24 37.00 -18.00
N GLY YB 58 49.61 36.85 -16.73
CA GLY YB 58 49.98 37.99 -15.94
C GLY YB 58 51.36 38.49 -16.28
N LEU YB 59 52.33 37.58 -16.36
CA LEU YB 59 53.71 37.97 -16.62
C LEU YB 59 53.87 38.72 -17.92
N THR YB 60 53.00 38.47 -18.90
CA THR YB 60 53.13 39.18 -20.17
C THR YB 60 52.70 40.63 -20.09
N PHE YB 61 52.03 41.05 -19.01
CA PHE YB 61 51.68 42.45 -18.84
C PHE YB 61 52.79 43.25 -18.19
N ILE YB 62 53.84 42.60 -17.68
CA ILE YB 62 54.93 43.32 -17.03
C ILE YB 62 55.58 44.29 -17.98
N LYS YB 63 55.81 43.87 -19.22
CA LYS YB 63 56.47 44.72 -20.21
C LYS YB 63 55.59 45.91 -20.58
N ASP ZB 1 57.56 84.03 -13.81
CA ASP ZB 1 57.82 82.74 -14.43
C ASP ZB 1 57.95 81.64 -13.40
N LEU ZB 2 58.31 80.45 -13.87
CA LEU ZB 2 58.50 79.31 -12.98
C LEU ZB 2 59.96 79.14 -12.58
N LEU ZB 3 60.20 78.67 -11.37
CA LEU ZB 3 61.53 78.27 -10.95
C LEU ZB 3 61.59 76.78 -10.64
N ALA ZB 4 62.80 76.24 -10.54
CA ALA ZB 4 62.99 74.85 -10.13
C ALA ZB 4 62.37 73.89 -11.13
N GLY ZB 5 61.94 74.42 -12.28
CA GLY ZB 5 60.81 73.87 -13.00
C GLY ZB 5 61.24 72.98 -14.14
N GLY ZB 6 62.49 73.12 -14.56
CA GLY ZB 6 63.52 72.16 -14.20
C GLY ZB 6 64.32 71.68 -15.40
N LYS ZB 7 64.64 70.39 -15.41
CA LYS ZB 7 63.80 69.39 -16.09
C LYS ZB 7 62.56 69.07 -15.28
N ASP ZB 8 61.50 68.68 -15.98
CA ASP ZB 8 61.00 67.31 -15.90
C ASP ZB 8 61.83 66.37 -16.78
N ASP ZB 9 62.43 65.37 -16.15
CA ASP ZB 9 62.33 64.00 -16.64
C ASP ZB 9 61.81 63.05 -15.56
N VAL ZB 10 61.76 63.56 -14.33
CA VAL ZB 10 61.17 62.81 -13.23
C VAL ZB 10 59.96 62.01 -13.70
N LYS ZB 11 59.18 62.60 -14.60
CA LYS ZB 11 58.07 61.90 -15.23
C LYS ZB 11 58.53 60.63 -15.92
N ALA ZB 12 59.60 60.71 -16.70
CA ALA ZB 12 60.11 59.52 -17.37
C ALA ZB 12 60.60 58.47 -16.37
N THR ZB 13 61.01 58.91 -15.17
CA THR ZB 13 61.45 57.95 -14.17
C THR ZB 13 60.29 57.14 -13.63
N PHE ZB 14 59.18 57.79 -13.32
CA PHE ZB 14 58.00 57.12 -12.80
C PHE ZB 14 56.95 56.85 -13.86
N GLY ZB 15 57.24 57.14 -15.13
CA GLY ZB 15 56.24 57.10 -16.17
C GLY ZB 15 55.89 55.70 -16.65
N ALA ZB 16 55.32 55.64 -17.86
CA ALA ZB 16 54.73 54.44 -18.42
C ALA ZB 16 55.67 53.24 -18.38
N ASP ZB 17 56.73 53.28 -19.20
CA ASP ZB 17 57.75 52.23 -19.15
C ASP ZB 17 58.84 52.70 -18.20
N SER ZB 18 58.93 52.06 -17.04
CA SER ZB 18 59.82 52.52 -15.99
C SER ZB 18 60.29 51.32 -15.20
N PHE ZB 19 61.19 51.57 -14.26
CA PHE ZB 19 61.57 50.54 -13.32
C PHE ZB 19 60.59 50.45 -12.16
N VAL ZB 20 60.15 51.60 -11.63
CA VAL ZB 20 59.26 51.56 -10.48
C VAL ZB 20 57.86 51.14 -10.90
N MET ZB 21 57.41 51.56 -12.07
CA MET ZB 21 56.12 51.11 -12.55
C MET ZB 21 56.16 49.63 -12.90
N MET ZB 22 57.35 49.09 -13.14
CA MET ZB 22 57.49 47.66 -13.42
C MET ZB 22 57.47 46.82 -12.16
N CYS ZB 23 58.03 47.33 -11.07
CA CYS ZB 23 57.99 46.57 -9.81
C CYS ZB 23 56.67 46.74 -9.10
N ILE ZB 24 56.02 47.91 -9.22
CA ILE ZB 24 54.77 48.10 -8.50
C ILE ZB 24 53.67 47.24 -9.10
N ILE ZB 25 53.77 46.93 -10.39
CA ILE ZB 25 52.81 46.03 -11.02
C ILE ZB 25 53.12 44.56 -10.74
N ILE ZB 26 54.38 44.21 -10.54
CA ILE ZB 26 54.72 42.81 -10.33
C ILE ZB 26 54.41 42.38 -8.91
N ALA ZB 27 54.36 43.33 -7.98
CA ALA ZB 27 53.98 42.99 -6.62
C ALA ZB 27 52.50 42.69 -6.53
N GLU ZB 28 51.67 43.43 -7.28
CA GLU ZB 28 50.25 43.12 -7.36
C GLU ZB 28 50.03 41.69 -7.82
N LEU ZB 29 50.84 41.20 -8.74
CA LEU ZB 29 50.70 39.85 -9.22
C LEU ZB 29 51.05 38.84 -8.14
N ILE ZB 30 52.18 39.05 -7.45
CA ILE ZB 30 52.71 38.00 -6.61
C ILE ZB 30 51.99 37.94 -5.27
N VAL ZB 31 51.53 39.07 -4.75
CA VAL ZB 31 50.72 38.99 -3.54
C VAL ZB 31 49.25 38.86 -3.89
N GLY ZB 32 48.90 38.99 -5.15
CA GLY ZB 32 47.54 38.71 -5.57
C GLY ZB 32 47.30 37.23 -5.51
N VAL ZB 33 48.25 36.45 -6.06
CA VAL ZB 33 48.15 35.00 -6.01
C VAL ZB 33 48.22 34.52 -4.57
N ALA ZB 34 49.06 35.14 -3.74
CA ALA ZB 34 49.15 34.77 -2.34
C ALA ZB 34 47.80 34.85 -1.67
N MET ZB 35 47.22 36.06 -1.58
CA MET ZB 35 45.93 36.20 -0.92
C MET ZB 35 44.83 35.40 -1.60
N TYR ZB 36 45.07 34.92 -2.81
CA TYR ZB 36 44.13 34.02 -3.44
C TYR ZB 36 44.24 32.62 -2.86
N ILE ZB 37 45.47 32.11 -2.77
CA ILE ZB 37 45.67 30.73 -2.35
C ILE ZB 37 45.20 30.53 -0.93
N ARG ZB 38 45.49 31.48 -0.05
CA ARG ZB 38 45.09 31.38 1.34
C ARG ZB 38 43.56 31.44 1.51
N THR ZB 39 42.85 31.90 0.48
CA THR ZB 39 41.40 32.05 0.55
C THR ZB 39 40.70 31.23 -0.52
N LYS ZB 40 41.02 31.43 -1.79
CA LYS ZB 40 40.30 30.87 -2.94
C LYS ZB 40 38.87 31.43 -3.00
N ASN ZB 41 38.84 32.72 -3.28
CA ASN ZB 41 37.73 33.40 -3.92
C ASN ZB 41 38.29 34.21 -5.06
N LEU ZB 42 37.52 34.40 -6.11
CA LEU ZB 42 38.03 35.25 -7.18
C LEU ZB 42 37.19 36.51 -7.22
N LEU ZB 43 37.58 37.51 -6.44
CA LEU ZB 43 37.67 38.87 -6.91
C LEU ZB 43 39.10 39.35 -6.90
N ILE ZB 44 40.01 38.60 -6.29
CA ILE ZB 44 41.34 39.11 -5.99
C ILE ZB 44 42.23 39.02 -7.22
N LEU ZB 45 42.12 37.92 -7.96
CA LEU ZB 45 42.81 37.87 -9.24
C LEU ZB 45 42.39 39.02 -10.13
N LEU ZB 46 41.15 39.47 -9.99
CA LEU ZB 46 40.73 40.67 -10.70
C LEU ZB 46 41.35 41.91 -10.10
N GLY ZB 47 41.86 41.82 -8.86
CA GLY ZB 47 42.54 42.96 -8.28
C GLY ZB 47 43.77 43.38 -9.05
N LEU ZB 48 44.32 42.48 -9.87
CA LEU ZB 48 45.43 42.88 -10.73
C LEU ZB 48 44.95 43.80 -11.84
N VAL ZB 49 43.73 43.58 -12.32
CA VAL ZB 49 43.23 44.39 -13.42
C VAL ZB 49 43.08 45.85 -13.00
N VAL ZB 50 42.60 46.09 -11.79
CA VAL ZB 50 42.39 47.47 -11.37
C VAL ZB 50 43.68 48.22 -11.17
N VAL ZB 51 44.80 47.53 -11.00
CA VAL ZB 51 46.09 48.21 -10.97
C VAL ZB 51 46.58 48.52 -12.37
N ILE ZB 52 46.27 47.66 -13.34
CA ILE ZB 52 46.61 47.93 -14.73
C ILE ZB 52 45.99 49.24 -15.17
N VAL ZB 53 44.67 49.36 -15.01
CA VAL ZB 53 43.99 50.54 -15.50
C VAL ZB 53 44.32 51.75 -14.65
N PHE ZB 54 44.47 51.58 -13.34
CA PHE ZB 54 44.67 52.73 -12.47
C PHE ZB 54 45.97 53.45 -12.80
N THR ZB 55 47.07 52.70 -12.87
CA THR ZB 55 48.34 53.31 -13.26
C THR ZB 55 48.25 53.90 -14.66
N THR ZB 56 47.59 53.20 -15.58
CA THR ZB 56 47.48 53.69 -16.94
C THR ZB 56 46.75 55.03 -16.99
N VAL ZB 57 45.50 55.06 -16.51
CA VAL ZB 57 44.76 56.31 -16.54
C VAL ZB 57 45.23 57.29 -15.48
N GLY ZB 58 46.03 56.83 -14.52
CA GLY ZB 58 46.57 57.74 -13.54
C GLY ZB 58 47.70 58.57 -14.10
N LEU ZB 59 48.64 57.90 -14.79
CA LEU ZB 59 49.81 58.58 -15.30
C LEU ZB 59 49.45 59.71 -16.26
N THR ZB 60 48.32 59.61 -16.94
CA THR ZB 60 47.96 60.66 -17.88
C THR ZB 60 47.48 61.93 -17.19
N PHE ZB 61 47.20 61.87 -15.89
CA PHE ZB 61 46.84 63.08 -15.15
C PHE ZB 61 48.04 63.85 -14.64
N ILE ZB 62 49.24 63.28 -14.74
CA ILE ZB 62 50.44 63.95 -14.24
C ILE ZB 62 50.65 65.27 -14.97
N LYS ZB 63 50.46 65.27 -16.28
CA LYS ZB 63 50.67 66.47 -17.08
C LYS ZB 63 49.64 67.55 -16.75
N ASP AC 1 51.18 101.72 1.48
CA ASP AC 1 51.30 100.76 0.40
C ASP AC 1 51.86 99.43 0.91
N LEU AC 2 52.12 98.51 0.00
CA LEU AC 2 52.68 97.22 0.34
C LEU AC 2 54.20 97.22 0.18
N LEU AC 3 54.88 96.45 1.03
CA LEU AC 3 56.30 96.19 0.86
C LEU AC 3 56.57 94.70 0.62
N ALA AC 4 57.76 94.39 0.15
CA ALA AC 4 58.19 93.01 0.00
C ALA AC 4 57.32 92.28 -1.03
N GLY AC 5 56.48 93.04 -1.73
CA GLY AC 5 55.21 92.53 -2.22
C GLY AC 5 55.27 92.11 -3.67
N GLY AC 6 56.30 92.57 -4.38
CA GLY AC 6 57.45 91.75 -4.69
C GLY AC 6 57.81 91.79 -6.16
N LYS AC 7 58.19 90.64 -6.71
CA LYS AC 7 57.25 89.77 -7.40
C LYS AC 7 56.39 89.01 -6.40
N ASP AC 8 55.18 88.64 -6.82
CA ASP AC 8 54.84 87.25 -7.06
C ASP AC 8 55.37 86.78 -8.40
N ASP AC 9 56.22 85.76 -8.38
CA ASP AC 9 56.05 84.59 -9.25
C ASP AC 9 56.01 83.30 -8.43
N VAL AC 10 56.36 83.40 -7.15
CA VAL AC 10 56.23 82.28 -6.24
C VAL AC 10 55.00 81.44 -6.55
N LYS AC 11 53.92 82.12 -6.92
CA LYS AC 11 52.70 81.44 -7.37
C LYS AC 11 52.98 80.53 -8.56
N ALA AC 12 53.71 81.02 -9.56
CA ALA AC 12 54.04 80.19 -10.71
C ALA AC 12 54.91 79.02 -10.31
N THR AC 13 55.68 79.14 -9.24
CA THR AC 13 56.52 78.04 -8.80
C THR AC 13 55.67 76.90 -8.24
N PHE AC 14 54.69 77.23 -7.39
CA PHE AC 14 53.83 76.23 -6.79
C PHE AC 14 52.49 76.09 -7.51
N GLY AC 15 52.30 76.80 -8.62
CA GLY AC 15 51.00 76.88 -9.27
C GLY AC 15 50.61 75.65 -10.05
N ALA AC 16 49.66 75.85 -10.97
CA ALA AC 16 49.00 74.76 -11.69
C ALA AC 16 49.97 73.81 -12.35
N ASP AC 17 50.68 74.26 -13.39
CA ASP AC 17 51.71 73.45 -14.01
C ASP AC 17 53.03 73.82 -13.35
N SER AC 18 53.56 72.89 -12.56
CA SER AC 18 54.73 73.17 -11.75
C SER AC 18 55.53 71.90 -11.59
N PHE AC 19 56.68 72.03 -10.94
CA PHE AC 19 57.44 70.84 -10.57
C PHE AC 19 56.93 70.25 -9.26
N VAL AC 20 56.62 71.09 -8.27
CA VAL AC 20 56.20 70.56 -6.98
C VAL AC 20 54.77 70.04 -7.07
N MET AC 21 53.92 70.70 -7.83
CA MET AC 21 52.58 70.17 -8.02
C MET AC 21 52.59 68.89 -8.83
N MET AC 22 53.65 68.66 -9.59
CA MET AC 22 53.80 67.45 -10.37
C MET AC 22 54.28 66.28 -9.52
N CYS AC 23 55.15 66.54 -8.54
CA CYS AC 23 55.59 65.46 -7.68
C CYS AC 23 54.59 65.16 -6.57
N ILE AC 24 53.86 66.18 -6.09
CA ILE AC 24 52.93 65.93 -5.00
C ILE AC 24 51.76 65.10 -5.49
N ILE AC 25 51.43 65.19 -6.77
CA ILE AC 25 50.37 64.36 -7.34
C ILE AC 25 50.86 62.96 -7.68
N ILE AC 26 52.13 62.79 -8.00
CA ILE AC 26 52.61 61.48 -8.40
C ILE AC 26 52.85 60.60 -7.18
N ALA AC 27 53.06 61.22 -6.02
CA ALA AC 27 53.21 60.44 -4.79
C ALA AC 27 51.88 59.85 -4.36
N GLU AC 28 50.80 60.62 -4.53
CA GLU AC 28 49.46 60.10 -4.28
C GLU AC 28 49.19 58.85 -5.09
N LEU AC 29 49.66 58.81 -6.33
CA LEU AC 29 49.46 57.65 -7.16
C LEU AC 29 50.23 56.45 -6.64
N ILE AC 30 51.51 56.66 -6.31
CA ILE AC 30 52.38 55.51 -6.08
C ILE AC 30 52.17 54.93 -4.69
N VAL AC 31 51.85 55.76 -3.69
CA VAL AC 31 51.52 55.19 -2.40
C VAL AC 31 50.03 54.91 -2.30
N GLY AC 32 49.25 55.34 -3.28
CA GLY AC 32 47.86 54.95 -3.32
C GLY AC 32 47.76 53.49 -3.70
N VAL AC 33 48.51 53.11 -4.73
CA VAL AC 33 48.53 51.70 -5.14
C VAL AC 33 49.13 50.85 -4.04
N ALA AC 34 50.16 51.33 -3.37
CA ALA AC 34 50.76 50.61 -2.27
C ALA AC 34 49.72 50.23 -1.23
N MET AC 35 49.13 51.23 -0.56
CA MET AC 35 48.15 50.94 0.47
C MET AC 35 46.94 50.21 -0.06
N TYR AC 36 46.78 50.14 -1.37
CA TYR AC 36 45.73 49.31 -1.95
C TYR AC 36 46.14 47.84 -1.95
N ILE AC 37 47.36 47.57 -2.41
CA ILE AC 37 47.80 46.18 -2.57
C ILE AC 37 47.86 45.48 -1.22
N ARG AC 38 48.36 46.18 -0.20
CA ARG AC 38 48.48 45.60 1.13
C ARG AC 38 47.12 45.34 1.77
N THR AC 39 46.06 45.93 1.22
CA THR AC 39 44.71 45.81 1.78
C THR AC 39 43.75 45.21 0.77
N LYS AC 40 43.60 45.83 -0.40
CA LYS AC 40 42.57 45.52 -1.38
C LYS AC 40 41.16 45.80 -0.82
N ASN AC 41 40.95 47.10 -0.62
CA ASN AC 41 39.63 47.71 -0.61
C ASN AC 41 39.71 48.92 -1.53
N LEU AC 42 38.60 49.26 -2.18
CA LEU AC 42 38.64 50.46 -2.99
C LEU AC 42 37.77 51.51 -2.35
N LEU AC 43 38.32 52.29 -1.44
CA LEU AC 43 38.16 53.71 -1.43
C LEU AC 43 39.47 54.43 -1.69
N ILE AC 44 40.58 53.70 -1.69
CA ILE AC 44 41.88 54.33 -1.66
C ILE AC 44 42.30 54.76 -3.05
N LEU AC 45 42.02 53.94 -4.05
CA LEU AC 45 42.21 54.38 -5.42
C LEU AC 45 41.44 55.65 -5.68
N LEU AC 46 40.29 55.82 -5.04
CA LEU AC 46 39.56 57.07 -5.13
C LEU AC 46 40.27 58.18 -4.38
N GLY AC 47 41.18 57.81 -3.47
CA GLY AC 47 41.95 58.83 -2.77
C GLY AC 47 42.80 59.68 -3.69
N LEU AC 48 43.08 59.17 -4.89
CA LEU AC 48 43.79 60.00 -5.87
C LEU AC 48 42.89 61.10 -6.40
N VAL AC 49 41.60 60.82 -6.52
CA VAL AC 49 40.69 61.81 -7.08
C VAL AC 49 40.60 63.03 -6.18
N VAL AC 50 40.55 62.82 -4.86
CA VAL AC 50 40.41 63.95 -3.96
C VAL AC 50 41.63 64.84 -3.94
N VAL AC 51 42.79 64.34 -4.35
CA VAL AC 51 43.96 65.19 -4.50
C VAL AC 51 43.90 65.99 -5.78
N ILE AC 52 43.33 65.40 -6.84
CA ILE AC 52 43.16 66.13 -8.09
C ILE AC 52 42.32 67.37 -7.86
N VAL AC 53 41.15 67.21 -7.27
CA VAL AC 53 40.26 68.34 -7.10
C VAL AC 53 40.78 69.29 -6.04
N PHE AC 54 41.38 68.77 -4.98
CA PHE AC 54 41.79 69.62 -3.88
C PHE AC 54 42.84 70.62 -4.33
N THR AC 55 43.89 70.14 -4.98
CA THR AC 55 44.90 71.05 -5.51
C THR AC 55 44.29 72.00 -6.54
N THR AC 56 43.40 71.49 -7.39
CA THR AC 56 42.78 72.34 -8.40
C THR AC 56 41.99 73.47 -7.77
N VAL AC 57 40.99 73.14 -6.96
CA VAL AC 57 40.20 74.18 -6.32
C VAL AC 57 40.95 74.88 -5.20
N GLY AC 58 42.06 74.32 -4.75
CA GLY AC 58 42.84 74.98 -3.74
C GLY AC 58 43.64 76.12 -4.30
N LEU AC 59 44.33 75.86 -5.42
CA LEU AC 59 45.20 76.88 -6.02
C LEU AC 59 44.46 78.14 -6.38
N THR AC 60 43.16 78.05 -6.68
CA THR AC 60 42.42 79.24 -7.05
C THR AC 60 42.12 80.14 -5.86
N PHE AC 61 42.33 79.67 -4.62
CA PHE AC 61 42.16 80.52 -3.46
C PHE AC 61 43.41 81.30 -3.12
N ILE AC 62 44.53 81.01 -3.76
CA ILE AC 62 45.78 81.72 -3.46
C ILE AC 62 45.63 83.21 -3.73
N LYS AC 63 45.00 83.56 -4.84
CA LYS AC 63 44.83 84.96 -5.22
C LYS AC 63 43.92 85.69 -4.24
N ASP BC 1 49.33 112.74 22.99
CA ASP BC 1 49.13 112.16 21.66
C ASP BC 1 49.92 110.88 21.51
N LEU BC 2 49.90 110.32 20.30
CA LEU BC 2 50.65 109.11 20.00
C LEU BC 2 52.00 109.42 19.39
N LEU BC 3 52.99 108.58 19.68
CA LEU BC 3 54.28 108.64 19.00
C LEU BC 3 54.55 107.36 18.22
N ALA BC 4 55.52 107.42 17.33
CA ALA BC 4 55.96 106.24 16.58
C ALA BC 4 54.84 105.70 15.70
N GLY BC 5 53.76 106.47 15.58
CA GLY BC 5 52.45 105.91 15.37
C GLY BC 5 52.03 105.94 13.91
N GLY BC 6 52.69 106.78 13.13
CA GLY BC 6 53.72 106.30 12.22
C GLY BC 6 53.54 106.83 10.81
N LYS BC 7 53.80 105.99 9.83
CA LYS BC 7 52.73 105.18 9.21
C LYS BC 7 52.33 104.03 10.11
N ASP BC 8 51.08 103.59 9.98
CA ASP BC 8 50.77 102.29 9.41
C ASP BC 8 50.84 102.34 7.88
N ASP BC 9 51.71 101.52 7.30
CA ASP BC 9 51.33 100.65 6.19
C ASP BC 9 51.67 99.19 6.49
N VAL BC 10 52.42 98.98 7.56
CA VAL BC 10 52.71 97.63 8.03
C VAL BC 10 51.51 96.72 7.86
N LYS BC 11 50.32 97.26 8.09
CA LYS BC 11 49.08 96.54 7.83
C LYS BC 11 48.99 96.09 6.38
N ALA BC 12 49.27 96.97 5.43
CA ALA BC 12 49.24 96.59 4.03
C ALA BC 12 50.28 95.51 3.72
N THR BC 13 51.38 95.47 4.49
CA THR BC 13 52.38 94.44 4.25
C THR BC 13 51.86 93.06 4.62
N PHE BC 14 51.22 92.95 5.78
CA PHE BC 14 50.69 91.69 6.25
C PHE BC 14 49.20 91.53 5.98
N GLY BC 15 48.58 92.48 5.28
CA GLY BC 15 47.14 92.51 5.13
C GLY BC 15 46.59 91.51 4.14
N ALA BC 16 45.36 91.80 3.68
CA ALA BC 16 44.56 90.87 2.88
C ALA BC 16 45.32 90.33 1.67
N ASP BC 17 45.58 91.20 0.68
CA ASP BC 17 46.39 90.80 -0.47
C ASP BC 17 47.82 91.19 -0.15
N SER BC 18 48.67 90.18 0.08
CA SER BC 18 50.02 90.42 0.54
C SER BC 18 50.91 89.31 0.00
N PHE BC 19 52.21 89.45 0.27
CA PHE BC 19 53.13 88.36 -0.04
C PHE BC 19 53.15 87.33 1.09
N VAL BC 20 53.15 87.78 2.35
CA VAL BC 20 53.24 86.84 3.45
C VAL BC 20 51.91 86.11 3.64
N MET BC 21 50.80 86.80 3.45
CA MET BC 21 49.52 86.12 3.51
C MET BC 21 49.34 85.16 2.35
N MET BC 22 50.09 85.36 1.28
CA MET BC 22 50.02 84.47 0.13
C MET BC 22 50.85 83.21 0.35
N CYS BC 23 51.99 83.32 1.03
CA CYS BC 23 52.78 82.14 1.30
C CYS BC 23 52.25 81.36 2.50
N ILE BC 24 51.67 82.04 3.49
CA ILE BC 24 51.20 81.32 4.66
C ILE BC 24 50.00 80.47 4.31
N ILE BC 25 49.22 80.88 3.30
CA ILE BC 25 48.10 80.07 2.84
C ILE BC 25 48.53 78.95 1.92
N ILE BC 26 49.62 79.11 1.18
CA ILE BC 26 50.03 78.07 0.25
C ILE BC 26 50.73 76.94 0.97
N ALA BC 27 51.30 77.22 2.14
CA ALA BC 27 51.91 76.15 2.92
C ALA BC 27 50.86 75.24 3.51
N GLU BC 28 49.73 75.82 3.96
CA GLU BC 28 48.62 75.01 4.42
C GLU BC 28 48.16 74.02 3.36
N LEU BC 29 48.18 74.43 2.10
CA LEU BC 29 47.77 73.55 1.03
C LEU BC 29 48.76 72.41 0.85
N ILE BC 30 50.05 72.74 0.83
CA ILE BC 30 51.02 71.75 0.38
C ILE BC 30 51.35 70.76 1.49
N VAL BC 31 51.35 71.19 2.75
CA VAL BC 31 51.54 70.22 3.81
C VAL BC 31 50.20 69.65 4.26
N GLY BC 32 49.09 70.20 3.78
CA GLY BC 32 47.81 69.61 4.03
C GLY BC 32 47.68 68.33 3.23
N VAL BC 33 48.05 68.40 1.96
CA VAL BC 33 48.02 67.21 1.12
C VAL BC 33 49.03 66.19 1.62
N ALA BC 34 50.19 66.63 2.07
CA ALA BC 34 51.19 65.74 2.62
C ALA BC 34 50.61 64.90 3.75
N MET BC 35 50.22 65.54 4.85
CA MET BC 35 49.69 64.79 5.97
C MET BC 35 48.41 64.03 5.62
N TYR BC 36 47.82 64.33 4.49
CA TYR BC 36 46.70 63.53 4.02
C TYR BC 36 47.18 62.22 3.40
N ILE BC 37 48.18 62.31 2.52
CA ILE BC 37 48.62 61.13 1.78
C ILE BC 37 49.21 60.10 2.72
N ARG BC 38 49.98 60.55 3.71
CA ARG BC 38 50.59 59.64 4.66
C ARG BC 38 49.56 58.96 5.56
N THR BC 39 48.35 59.49 5.60
CA THR BC 39 47.28 58.97 6.47
C THR BC 39 46.07 58.52 5.67
N LYS BC 40 45.48 59.43 4.89
CA LYS BC 40 44.19 59.23 4.23
C LYS BC 40 43.06 59.09 5.25
N ASN BC 41 42.84 60.20 5.93
CA ASN BC 41 41.57 60.55 6.55
C ASN BC 41 41.23 61.96 6.11
N LEU BC 42 39.95 62.28 6.00
CA LEU BC 42 39.63 63.64 5.65
C LEU BC 42 38.95 64.28 6.85
N LEU BC 43 39.74 64.85 7.75
CA LEU BC 43 39.49 66.16 8.29
C LEU BC 43 40.58 67.14 7.89
N ILE BC 44 41.67 66.65 7.31
CA ILE BC 44 42.85 67.47 7.15
C ILE BC 44 42.72 68.36 5.93
N LEU BC 45 42.16 67.82 4.83
CA LEU BC 45 41.84 68.68 3.71
C LEU BC 45 40.93 69.81 4.15
N LEU BC 46 40.08 69.56 5.13
CA LEU BC 46 39.27 70.64 5.69
C LEU BC 46 40.13 71.58 6.52
N GLY BC 47 41.31 71.14 6.93
CA GLY BC 47 42.20 72.03 7.65
C GLY BC 47 42.62 73.24 6.84
N LEU BC 48 42.51 73.18 5.52
CA LEU BC 48 42.76 74.35 4.71
C LEU BC 48 41.66 75.38 4.89
N VAL BC 49 40.42 74.93 5.07
CA VAL BC 49 39.32 75.86 5.20
C VAL BC 49 39.46 76.73 6.44
N VAL BC 50 39.90 76.14 7.56
CA VAL BC 50 40.00 76.91 8.78
C VAL BC 50 41.08 77.96 8.72
N VAL BC 51 42.05 77.82 7.82
CA VAL BC 51 43.05 78.87 7.62
C VAL BC 51 42.48 79.98 6.76
N ILE BC 52 41.62 79.64 5.80
CA ILE BC 52 40.97 80.66 4.99
C ILE BC 52 40.18 81.61 5.86
N VAL BC 53 39.30 81.07 6.70
CA VAL BC 53 38.44 81.92 7.50
C VAL BC 53 39.23 82.60 8.60
N PHE BC 54 40.21 81.90 9.18
CA PHE BC 54 40.92 82.47 10.32
C PHE BC 54 41.68 83.73 9.94
N THR BC 55 42.47 83.65 8.87
CA THR BC 55 43.16 84.85 8.39
C THR BC 55 42.16 85.92 8.00
N THR BC 56 41.07 85.54 7.33
CA THR BC 56 40.08 86.52 6.91
C THR BC 56 39.48 87.25 8.10
N VAL BC 57 38.85 86.53 9.02
CA VAL BC 57 38.26 87.18 10.18
C VAL BC 57 39.30 87.64 11.18
N GLY BC 58 40.54 87.17 11.05
CA GLY BC 58 41.58 87.64 11.93
C GLY BC 58 42.05 89.03 11.56
N LEU BC 59 42.32 89.24 10.27
CA LEU BC 59 42.85 90.51 9.81
C LEU BC 59 41.94 91.68 10.14
N THR BC 60 40.63 91.44 10.24
CA THR BC 60 39.73 92.54 10.54
C THR BC 60 39.81 92.99 11.99
N PHE BC 61 40.45 92.21 12.87
CA PHE BC 61 40.65 92.65 14.25
C PHE BC 61 41.89 93.50 14.43
N ILE BC 62 42.73 93.62 13.41
CA ILE BC 62 43.95 94.42 13.53
C ILE BC 62 43.61 95.87 13.84
N LYS BC 63 42.61 96.42 13.16
CA LYS BC 63 42.22 97.81 13.35
C LYS BC 63 41.65 98.04 14.74
O1 LHG CC . -60.06 -83.91 -35.47
C1 LHG CC . -60.13 -82.50 -35.25
C2 LHG CC . -60.35 -82.16 -33.80
O2 LHG CC . -61.74 -81.91 -33.56
C3 LHG CC . -59.54 -80.99 -33.29
O3 LHG CC . -59.17 -81.21 -31.92
P LHG CC . -57.62 -81.37 -31.54
O4 LHG CC . -56.92 -80.13 -31.98
O5 LHG CC . -57.53 -81.81 -30.13
O6 LHG CC . -57.13 -82.58 -32.48
C4 LHG CC . -55.72 -82.80 -32.67
C5 LHG CC . -55.42 -82.84 -34.14
C6 LHG CC . -56.23 -81.89 -34.97
O7 LHG CC . -54.01 -82.48 -34.35
C7 LHG CC . -53.12 -83.29 -33.75
O9 LHG CC . -52.37 -82.92 -32.88
C8 LHG CC . -53.18 -84.68 -34.30
C9 LHG CC . -52.02 -85.01 -35.22
C10 LHG CC . -52.33 -86.12 -36.20
O8 LHG CC . -55.99 -82.25 -36.35
C23 LHG CC . -55.89 -81.22 -37.21
O10 LHG CC . -56.79 -80.86 -37.91
C24 LHG CC . -54.52 -80.61 -37.18
C11 LHG CC . -52.07 -85.76 -37.65
C12 LHG CC . -50.72 -86.23 -38.18
C13 LHG CC . -50.29 -85.56 -39.46
C14 LHG CC . -48.89 -85.93 -39.92
C15 LHG CC . -47.84 -84.99 -39.45
C16 LHG CC . -46.58 -84.98 -39.81
C17 LHG CC . -45.65 -83.82 -39.76
C18 LHG CC . -44.44 -84.04 -38.86
C19 LHG CC . -43.60 -82.80 -38.67
C20 LHG CC . -42.11 -83.02 -38.82
C21 LHG CC . -41.30 -81.75 -38.90
C22 LHG CC . -40.01 -81.82 -38.12
C25 LHG CC . -54.30 -79.57 -38.26
C26 LHG CC . -53.73 -80.17 -39.53
C27 LHG CC . -52.77 -79.26 -40.27
C28 LHG CC . -52.49 -79.67 -41.71
C29 LHG CC . -51.02 -79.91 -42.00
C30 LHG CC . -50.07 -78.96 -41.30
C31 LHG CC . -48.64 -79.01 -41.82
C32 LHG CC . -47.61 -79.27 -40.73
C33 LHG CC . -46.37 -80.00 -41.21
C34 LHG CC . -45.11 -79.68 -40.43
C35 LHG CC . -43.84 -79.70 -41.27
C36 LHG CC . -42.64 -79.11 -40.58
C37 LHG CC . -41.33 -79.74 -40.96
C38 LHG CC . -40.17 -79.29 -40.11
O1 LHG DC . -54.55 -70.80 -38.01
C1 LHG DC . -54.64 -69.55 -37.33
C2 LHG DC . -54.37 -69.71 -35.84
O2 LHG DC . -55.59 -69.79 -35.12
C3 LHG DC . -53.51 -68.60 -35.26
O3 LHG DC . -52.68 -69.15 -34.23
P LHG DC . -51.08 -69.12 -34.42
O4 LHG DC . -50.66 -67.71 -34.61
O5 LHG DC . -50.47 -69.93 -33.34
O6 LHG DC . -50.86 -69.90 -35.81
C4 LHG DC . -49.60 -69.80 -36.48
C5 LHG DC . -49.83 -69.35 -37.90
C6 LHG DC . -50.94 -68.37 -38.06
O7 LHG DC . -48.61 -68.70 -38.39
C7 LHG DC . -47.51 -69.48 -38.40
O9 LHG DC . -46.54 -69.24 -37.75
C8 LHG DC . -47.66 -70.63 -39.34
C9 LHG DC . -46.86 -70.47 -40.63
C10 LHG DC . -47.43 -71.28 -41.79
O8 LHG DC . -51.17 -68.25 -39.49
C23 LHG DC . -51.45 -67.03 -39.94
O10 LHG DC . -52.57 -66.64 -40.16
C24 LHG DC . -50.21 -66.21 -40.13
C11 LHG DC . -47.72 -70.47 -43.03
C12 LHG DC . -46.62 -70.52 -44.07
C13 LHG DC . -46.70 -69.44 -45.12
C14 LHG DC . -45.52 -69.39 -46.09
C15 LHG DC . -44.45 -68.45 -45.67
C16 LHG DC . -43.39 -68.12 -46.39
C17 LHG DC . -42.60 -66.87 -46.23
C18 LHG DC . -41.13 -67.13 -45.89
C19 LHG DC . -40.37 -65.86 -45.55
C20 LHG DC . -39.01 -65.76 -46.22
C21 LHG DC . -38.37 -64.40 -46.11
C22 LHG DC . -36.89 -64.46 -45.83
C25 LHG DC . -50.45 -64.88 -40.82
C26 LHG DC . -50.32 -64.96 -42.33
C27 LHG DC . -49.75 -63.72 -42.98
C28 LHG DC . -49.95 -63.65 -44.47
C29 LHG DC . -48.67 -63.52 -45.27
C30 LHG DC . -47.61 -62.66 -44.61
C31 LHG DC . -46.45 -62.30 -45.53
C32 LHG DC . -45.09 -62.66 -44.97
C33 LHG DC . -44.05 -63.00 -46.03
C34 LHG DC . -42.62 -62.70 -45.61
C35 LHG DC . -41.72 -62.24 -46.75
C36 LHG DC . -40.40 -61.66 -46.30
C37 LHG DC . -39.26 -61.91 -47.26
C38 LHG DC . -37.91 -61.53 -46.72
O1 LHG EC . -51.23 -56.76 -37.57
C1 LHG EC . -51.15 -55.80 -36.51
C2 LHG EC . -50.36 -56.32 -35.33
O2 LHG EC . -51.26 -56.83 -34.34
C3 LHG EC . -49.44 -55.31 -34.70
O3 LHG EC . -48.27 -55.98 -34.23
P LHG EC . -46.84 -55.60 -34.87
O4 LHG EC . -46.62 -54.15 -34.70
O5 LHG EC . -45.84 -56.57 -34.37
O6 LHG EC . -47.07 -55.89 -36.44
C4 LHG EC . -46.13 -55.37 -37.39
C5 LHG EC . -46.86 -54.57 -38.44
C6 LHG EC . -48.04 -53.81 -37.91
O7 LHG EC . -45.95 -53.60 -39.03
C7 LHG EC . -44.87 -54.13 -39.64
O9 LHG EC . -43.75 -53.94 -39.27
C8 LHG EC . -45.26 -54.97 -40.82
C9 LHG EC . -44.99 -54.30 -42.16
C10 LHG EC . -45.84 -54.83 -43.28
O8 LHG EC . -48.76 -53.32 -39.07
C23 LHG EC . -49.26 -52.09 -38.97
O10 LHG EC . -50.41 -51.87 -38.70
C24 LHG EC . -48.22 -51.05 -39.26
C11 LHG EC . -46.61 -53.76 -44.04
C12 LHG EC . -45.94 -53.30 -45.32
C13 LHG EC . -46.47 -51.98 -45.86
C14 LHG EC . -45.71 -51.46 -47.08
C15 LHG EC . -44.62 -50.50 -46.72
C16 LHG EC . -43.90 -49.79 -47.56
C17 LHG EC . -43.20 -48.51 -47.25
C18 LHG EC . -41.69 -48.60 -47.48
C19 LHG EC . -40.95 -47.36 -46.99
C20 LHG EC . -39.92 -46.82 -47.98
C21 LHG EC . -39.38 -45.47 -47.62
C22 LHG EC . -37.90 -45.34 -47.85
C25 LHG EC . -48.79 -49.64 -39.35
C26 LHG EC . -49.19 -49.26 -40.76
C27 LHG EC . -48.96 -47.79 -41.10
C28 LHG EC . -49.69 -47.32 -42.34
C29 LHG EC . -48.78 -46.74 -43.41
C30 LHG EC . -47.61 -45.94 -42.85
C31 LHG EC . -46.88 -45.12 -43.91
C32 LHG EC . -45.38 -45.38 -43.95
C33 LHG EC . -44.75 -45.20 -45.32
C34 LHG EC . -43.29 -44.78 -45.29
C35 LHG EC . -42.90 -43.86 -46.43
C36 LHG EC . -41.53 -43.21 -46.24
C37 LHG EC . -40.80 -42.96 -47.53
C38 LHG EC . -39.36 -42.51 -47.33
O1 LHG FC . -48.95 -43.10 -33.50
C1 LHG FC . -48.59 -42.49 -32.26
C2 LHG FC . -47.40 -43.19 -31.62
O2 LHG FC . -47.85 -44.12 -30.63
C3 LHG FC . -46.39 -42.26 -31.00
O3 LHG FC . -45.07 -42.80 -31.16
P LHG FC . -43.99 -42.01 -32.05
O4 LHG FC . -43.83 -40.65 -31.49
O5 LHG FC . -42.81 -42.89 -32.24
O6 LHG FC . -44.73 -41.87 -33.48
C4 LHG FC . -44.22 -40.93 -34.44
C5 LHG FC . -45.33 -40.00 -34.87
C6 LHG FC . -46.30 -39.65 -33.79
O7 LHG FC . -44.76 -38.76 -35.36
C7 LHG FC . -43.92 -38.87 -36.41
O9 LHG FC . -42.76 -38.60 -36.36
C8 LHG FC . -44.63 -39.40 -37.63
C9 LHG FC . -44.89 -38.32 -38.67
C10 LHG FC . -46.06 -38.65 -39.58
O8 LHG FC . -47.41 -38.98 -34.44
C23 LHG FC . -47.94 -37.95 -33.78
O10 LHG FC . -48.92 -38.02 -33.12
C24 LHG FC . -47.13 -36.70 -34.00
C11 LHG FC . -47.11 -37.56 -39.66
C12 LHG FC . -46.96 -36.63 -40.86
C13 LHG FC . -47.73 -35.33 -40.73
C14 LHG FC . -47.49 -34.35 -41.87
C15 LHG FC . -46.42 -33.37 -41.57
C16 LHG FC . -46.10 -32.32 -42.31
C17 LHG FC . -45.41 -31.08 -41.82
C18 LHG FC . -44.08 -30.83 -42.51
C19 LHG FC . -43.30 -29.67 -41.89
C20 LHG FC . -42.72 -28.70 -42.90
C21 LHG FC . -42.20 -27.43 -42.30
C22 LHG FC . -40.89 -26.97 -42.91
C25 LHG FC . -47.79 -35.45 -33.44
C26 LHG FC . -48.69 -34.76 -34.45
C27 LHG FC . -48.70 -33.24 -34.33
C28 LHG FC . -49.85 -32.56 -35.05
C29 LHG FC . -49.41 -31.54 -36.09
C30 LHG FC . -48.19 -30.74 -35.68
C31 LHG FC . -47.92 -29.53 -36.57
C32 LHG FC . -46.52 -29.50 -37.16
C33 LHG FC . -46.43 -28.81 -38.51
C34 LHG FC . -45.08 -28.17 -38.79
C35 LHG FC . -45.17 -26.90 -39.62
C36 LHG FC . -43.88 -26.09 -39.65
C37 LHG FC . -43.66 -25.34 -40.95
C38 LHG FC . -42.29 -24.73 -41.06
O1 LHG GC . -46.36 -31.04 -25.98
C1 LHG GC . -45.63 -30.77 -24.79
C2 LHG GC . -44.25 -31.40 -24.82
O2 LHG GC . -44.26 -32.63 -24.11
C3 LHG GC . -43.16 -30.51 -24.26
O3 LHG GC . -41.94 -30.74 -25.00
P LHG GC . -41.31 -29.54 -25.86
O4 LHG GC . -41.05 -28.41 -24.94
O5 LHG GC . -40.20 -30.10 -26.68
O6 LHG GC . -42.51 -29.13 -26.85
C4 LHG GC . -42.43 -27.88 -27.55
C5 LHG GC . -43.69 -27.07 -27.29
C6 LHG GC . -44.23 -27.24 -25.90
O7 LHG GC . -43.41 -25.67 -27.47
C7 LHG GC . -42.98 -25.32 -28.71
O9 LHG GC . -41.90 -24.87 -28.93
C8 LHG GC . -44.04 -25.58 -29.75
C9 LHG GC . -44.72 -24.31 -30.24
C10 LHG GC . -46.11 -24.57 -30.80
O8 LHG GC . -45.55 -26.63 -25.91
C23 LHG GC . -45.88 -25.93 -24.82
O10 LHG GC . -46.57 -26.39 -23.94
C24 LHG GC . -45.30 -24.55 -24.85
C11 LHG GC . -47.19 -23.71 -30.19
C12 LHG GC . -47.54 -22.46 -30.99
C13 LHG GC . -48.31 -21.42 -30.20
C14 LHG GC . -48.55 -20.12 -30.96
C15 LHG GC . -47.50 -19.09 -30.68
C16 LHG GC . -47.53 -17.83 -31.09
C17 LHG GC . -46.82 -16.69 -30.46
C18 LHG GC . -45.83 -16.00 -31.39
C19 LHG GC . -44.96 -14.97 -30.70
C20 LHG GC . -44.85 -13.65 -31.44
C21 LHG GC . -44.23 -12.53 -30.64
C22 LHG GC . -43.26 -11.69 -31.44
C25 LHG GC . -45.81 -23.67 -23.72
C26 LHG GC . -47.04 -22.87 -24.11
C27 LHG GC . -47.12 -21.49 -23.49
C28 LHG GC . -48.49 -20.85 -23.56
C29 LHG GC . -48.51 -19.52 -24.28
C30 LHG GC . -47.29 -18.65 -24.02
C31 LHG GC . -47.43 -17.22 -24.49
C32 LHG GC . -46.33 -16.76 -25.43
C33 LHG GC . -46.77 -15.70 -26.43
C34 LHG GC . -45.66 -14.78 -26.88
C35 LHG GC . -46.11 -13.35 -27.16
C36 LHG GC . -44.98 -12.36 -27.33
C37 LHG GC . -45.27 -11.24 -28.30
C38 LHG GC . -44.07 -10.39 -28.61
O1 LHG HC . -42.18 -21.44 -16.05
C1 LHG HC . -41.10 -21.39 -15.11
C2 LHG HC . -39.77 -21.73 -15.77
O2 LHG HC . -39.45 -23.11 -15.57
C3 LHG HC . -38.62 -20.86 -15.33
O3 LHG HC . -37.73 -20.65 -16.43
P LHG HC . -37.52 -19.16 -16.99
O4 LHG HC . -37.04 -18.31 -15.88
O5 LHG HC . -36.74 -19.25 -18.24
O6 LHG HC . -39.01 -18.69 -17.36
C4 LHG HC . -39.27 -17.31 -17.59
C5 LHG HC . -40.41 -16.86 -16.70
C6 LHG HC . -40.43 -17.51 -15.35
O7 LHG HC . -40.32 -15.42 -16.48
C7 LHG HC . -40.38 -14.66 -17.59
O9 LHG HC . -39.47 -13.98 -17.97
C8 LHG HC . -41.70 -14.80 -18.28
C9 LHG HC . -42.60 -13.59 -18.09
C10 LHG HC . -44.07 -13.91 -18.25
O8 LHG HC . -41.70 -17.16 -14.76
C23 LHG HC . -41.68 -16.89 -13.44
O10 LHG HC . -41.98 -17.70 -12.60
C24 LHG HC . -41.25 -15.49 -13.18
C11 LHG HC . -44.94 -13.48 -17.07
C12 LHG HC . -45.62 -12.13 -17.26
C13 LHG HC . -46.15 -11.52 -15.97
C14 LHG HC . -46.72 -10.12 -16.15
C15 LHG HC . -45.73 -9.04 -15.88
C16 LHG HC . -45.99 -7.75 -15.80
C17 LHG HC . -45.18 -6.73 -15.08
C18 LHG HC . -44.63 -5.64 -15.98
C19 LHG HC . -43.65 -4.71 -15.28
C20 LHG HC . -43.89 -3.24 -15.55
C21 LHG HC . -43.12 -2.32 -14.64
C22 LHG HC . -42.55 -1.12 -15.37
C25 LHG HC . -41.38 -15.08 -11.73
C26 LHG HC . -42.74 -14.44 -11.43
C27 LHG HC . -42.69 -13.34 -10.39
C28 LHG HC . -44.03 -12.96 -9.81
C29 LHG HC . -44.40 -11.49 -9.99
C30 LHG HC . -43.23 -10.54 -9.86
C31 LHG HC . -43.63 -9.08 -9.75
C32 LHG HC . -42.96 -8.18 -10.77
C33 LHG HC . -43.80 -6.97 -11.17
C34 LHG HC . -42.98 -5.78 -11.60
C35 LHG HC . -43.60 -4.43 -11.24
C36 LHG HC . -42.67 -3.25 -11.40
C37 LHG HC . -43.36 -1.97 -11.79
C38 LHG HC . -42.41 -0.85 -12.16
O1 LHG IC . -35.48 -14.57 -5.26
C1 LHG IC . -34.14 -14.60 -4.75
C2 LHG IC . -33.11 -14.49 -5.86
O2 LHG IC . -32.63 -15.78 -6.23
C3 LHG IC . -31.94 -13.60 -5.52
O3 LHG IC . -31.50 -12.92 -6.71
P LHG IC . -31.60 -11.31 -6.77
O4 LHG IC . -30.82 -10.75 -5.64
O5 LHG IC . -31.30 -10.88 -8.16
O6 LHG IC . -33.16 -11.03 -6.49
C4 LHG IC . -33.59 -9.71 -6.14
C5 LHG IC . -34.37 -9.75 -4.85
C6 LHG IC . -33.87 -10.76 -3.86
O7 LHG IC . -34.31 -8.45 -4.21
C7 LHG IC . -34.81 -7.42 -4.92
O9 LHG IC . -34.15 -6.50 -5.30
C8 LHG IC . -36.28 -7.59 -5.17
C9 LHG IC . -37.13 -6.67 -4.32
C10 LHG IC . -38.55 -7.18 -4.11
O8 LHG IC . -34.88 -10.84 -2.83
C23 LHG IC . -34.42 -10.96 -1.57
O10 LHG IC . -34.36 -12.02 -1.00
C24 LHG IC . -34.02 -9.64 -1.00
C11 LHG IC . -38.98 -7.28 -2.66
C12 LHG IC . -39.77 -6.09 -2.17
C13 LHG IC . -39.85 -5.98 -0.65
C14 LHG IC . -40.55 -4.72 -0.16
C15 LHG IC . -39.61 -3.61 0.14
C16 LHG IC . -39.91 -2.47 0.72
C17 LHG IC . -38.97 -1.58 1.45
C18 LHG IC . -38.85 -0.18 0.84
C19 LHG IC . -37.76 0.65 1.48
C20 LHG IC . -38.19 2.08 1.82
C21 LHG IC . -37.21 2.82 2.69
C22 LHG IC . -37.02 4.26 2.27
C25 LHG IC . -33.68 -9.70 0.47
C26 LHG IC . -34.87 -9.44 1.36
C27 LHG IC . -34.54 -8.69 2.65
C28 LHG IC . -35.63 -8.75 3.70
C29 LHG IC . -36.14 -7.39 4.15
C30 LHG IC . -35.07 -6.32 4.23
C31 LHG IC . -35.51 -5.06 4.94
C32 LHG IC . -35.30 -3.79 4.12
C33 LHG IC . -36.31 -2.69 4.43
C34 LHG IC . -35.77 -1.29 4.20
C35 LHG IC . -36.32 -0.25 5.16
C36 LHG IC . -35.60 1.08 5.12
C37 LHG IC . -36.47 2.27 5.42
C38 LHG IC . -35.79 3.59 5.18
O1 LHG JC . -25.93 -10.05 4.58
C1 LHG JC . -24.50 -9.99 4.61
C2 LHG JC . -23.94 -9.37 3.35
O2 LHG JC . -23.52 -10.40 2.44
C3 LHG JC . -22.78 -8.43 3.59
O3 LHG JC . -22.84 -7.35 2.63
P LHG JC . -23.07 -5.85 3.15
O4 LHG JC . -21.99 -5.52 4.10
O5 LHG JC . -23.30 -4.99 1.96
O6 LHG JC . -24.44 -5.96 3.97
C4 LHG JC . -24.82 -4.89 4.85
C5 LHG JC . -25.09 -5.45 6.23
C6 LHG JC . -24.21 -6.60 6.61
O7 LHG JC . -24.91 -4.40 7.22
C7 LHG JC . -25.69 -3.32 7.07
O9 LHG JC . -25.27 -2.23 6.84
C8 LHG JC . -27.14 -3.66 7.26
C9 LHG JC . -27.71 -3.20 8.59
C10 LHG JC . -28.92 -4.01 9.03
O8 LHG JC . -24.78 -7.15 7.82
C23 LHG JC . -23.91 -7.55 8.75
O10 LHG JC . -23.58 -8.69 8.89
C24 LHG JC . -23.43 -6.40 9.58
C11 LHG JC . -28.80 -4.59 10.43
C12 LHG JC . -29.46 -3.77 11.51
C13 LHG JC . -29.02 -4.12 12.92
C14 LHG JC . -29.58 -3.20 13.99
C15 LHG JC . -28.68 -2.08 14.34
C16 LHG JC . -28.84 -1.22 15.33
C17 LHG JC . -27.77 -0.43 16.00
C18 LHG JC . -27.97 1.07 15.88
C19 LHG JC . -26.79 1.88 16.39
C20 LHG JC . -27.16 3.04 17.31
C21 LHG JC . -26.00 3.66 18.04
C22 LHG JC . -26.07 5.16 18.08
C25 LHG JC . -22.59 -6.82 10.77
C26 LHG JC . -23.42 -7.05 12.03
C27 LHG JC . -22.71 -6.66 13.31
C28 LHG JC . -23.35 -7.23 14.56
C29 LHG JC . -23.77 -6.17 15.57
C30 LHG JC . -22.81 -5.00 15.67
C31 LHG JC . -23.06 -4.09 16.87
C32 LHG JC . -23.25 -2.63 16.50
C33 LHG JC . -24.16 -1.87 17.45
C34 LHG JC . -23.84 -0.38 17.55
C35 LHG JC . -24.10 0.21 18.93
C36 LHG JC . -23.52 1.60 19.12
C37 LHG JC . -24.32 2.47 20.04
C38 LHG JC . -23.86 3.91 20.07
O1 LHG KC . -13.89 -6.95 11.93
C1 LHG KC . -12.54 -6.65 11.54
C2 LHG KC . -12.50 -5.60 10.45
O2 LHG KC . -12.38 -6.23 9.18
C3 LHG KC . -11.41 -4.57 10.63
O3 LHG KC . -11.87 -3.31 10.15
P LHG KC . -12.02 -2.08 11.18
O4 LHG KC . -10.69 -1.85 11.80
O5 LHG KC . -12.72 -0.97 10.49
O6 LHG KC . -13.02 -2.66 12.30
C4 LHG KC . -13.12 -1.98 13.56
C5 LHG KC . -12.86 -2.96 14.68
C6 LHG KC . -11.83 -3.99 14.37
O7 LHG KC . -12.42 -2.23 15.86
C7 LHG KC . -13.27 -1.32 16.34
O9 LHG KC . -13.04 -0.15 16.37
C8 LHG KC . -14.54 -1.95 16.83
C9 LHG KC . -14.64 -2.01 18.34
C10 LHG KC . -15.56 -3.11 18.84
O8 LHG KC . -11.89 -4.98 15.43
C23 LHG KC . -10.73 -5.46 15.86
O10 LHG KC . -10.28 -6.51 15.50
C24 LHG KC . -10.07 -4.54 16.84
C11 LHG KC . -14.92 -4.05 19.84
C12 LHG KC . -15.22 -3.71 21.29
C13 LHG KC . -14.29 -4.37 22.29
C14 LHG KC . -14.50 -3.93 23.73
C15 LHG KC . -13.61 -2.81 24.15
C16 LHG KC . -13.48 -2.32 25.36
C17 LHG KC . -12.30 -1.58 25.89
C18 LHG KC . -12.63 -0.17 26.35
C19 LHG KC . -11.41 0.65 26.72
C20 LHG KC . -11.53 1.40 28.03
C21 LHG KC . -10.23 1.98 28.53
C22 LHG KC . -10.38 3.37 29.10
C25 LHG KC . -8.83 -5.14 17.49
C26 LHG KC . -9.16 -5.86 18.78
C27 LHG KC . -8.08 -5.75 19.84
C28 LHG KC . -8.21 -6.75 20.98
C29 LHG KC . -8.31 -6.13 22.35
C30 LHG KC . -7.47 -4.89 22.54
C31 LHG KC . -7.34 -4.43 23.98
C32 LHG KC . -7.75 -2.98 24.21
C33 LHG KC . -8.32 -2.70 25.59
C34 LHG KC . -8.09 -1.29 26.08
C35 LHG KC . -7.89 -1.17 27.59
C36 LHG KC . -7.39 0.18 28.04
C37 LHG KC . -7.88 0.59 29.40
C38 LHG KC . -7.54 2.02 29.77
O1 LHG LC . -0.29 -4.02 15.81
C1 LHG LC . 0.80 -3.39 15.15
C2 LHG LC . 0.39 -2.08 14.52
O2 LHG LC . 0.11 -2.26 13.13
C3 LHG LC . 1.40 -0.96 14.68
O3 LHG LC . 0.71 0.28 14.83
P LHG LC . 0.84 1.11 16.20
O4 LHG LC . 2.29 1.38 16.43
O5 LHG LC . -0.12 2.23 16.17
O6 LHG LC . 0.36 0.05 17.31
C4 LHG LC . 0.64 0.31 18.69
C5 LHG LC . 1.35 -0.89 19.28
C6 LHG LC . 2.29 -1.59 18.34
O7 LHG LC . 2.13 -0.47 20.43
C7 LHG LC . 1.42 0.10 21.43
O9 LHG LC . 1.57 1.23 21.78
C8 LHG LC . 0.46 -0.88 22.05
C9 LHG LC . 0.90 -1.39 23.41
C10 LHG LC . 0.28 -2.74 23.76
O8 LHG LC . 2.65 -2.83 18.98
C23 LHG LC . 3.92 -3.20 18.84
O10 LHG LC . 4.29 -4.00 18.03
C24 LHG LC . 4.81 -2.50 19.82
C11 LHG LC . 1.30 -3.80 24.15
C12 LHG LC . 1.51 -3.95 25.65
C13 LHG LC . 2.77 -4.70 26.03
C14 LHG LC . 3.05 -4.74 27.53
C15 LHG LC . 3.93 -3.64 27.99
C16 LHG LC . 4.45 -3.52 29.19
C17 LHG LC . 5.68 -2.76 29.55
C18 LHG LC . 5.43 -1.63 30.54
C19 LHG LC . 6.66 -0.75 30.76
C20 LHG LC . 6.95 -0.45 32.22
C21 LHG LC . 8.29 0.19 32.46
C22 LHG LC . 8.25 1.30 33.48
C25 LHG LC . 6.24 -3.03 19.82
C26 LHG LC . 6.45 -4.14 20.82
C27 LHG LC . 7.82 -4.15 21.48
C28 LHG LC . 8.17 -5.45 22.18
C29 LHG LC . 8.50 -5.29 23.65
C30 LHG LC . 9.27 -4.02 23.98
C31 LHG LC . 9.86 -3.99 25.38
C32 LHG LC . 9.46 -2.77 26.19
C33 LHG LC . 9.38 -3.02 27.69
C34 LHG LC . 9.66 -1.79 28.53
C35 LHG LC . 10.37 -2.08 29.84
C36 LHG LC . 10.91 -0.86 30.55
C37 LHG LC . 10.90 -0.96 32.05
C38 LHG LC . 11.24 0.34 32.75
O1 LHG MC . 13.56 0.05 16.07
C1 LHG MC . 14.30 1.03 15.36
C2 LHG MC . 13.60 2.37 15.36
O2 LHG MC . 12.87 2.55 14.14
C3 LHG MC . 14.53 3.55 15.57
O3 LHG MC . 13.84 4.55 16.33
P LHG MC . 14.39 4.96 17.78
O4 LHG MC . 15.81 5.41 17.64
O5 LHG MC . 13.40 5.84 18.43
O6 LHG MC . 14.40 3.55 18.58
C4 LHG MC . 15.13 3.44 19.80
C5 LHG MC . 16.08 2.26 19.70
C6 LHG MC . 16.68 2.06 18.35
O7 LHG MC . 17.19 2.47 20.63
C7 LHG MC . 16.84 2.58 21.93
O9 LHG MC . 17.02 3.57 22.58
C8 LHG MC . 16.22 1.32 22.45
C9 LHG MC . 17.14 0.51 23.35
C10 LHG MC . 16.79 -0.96 23.40
O8 LHG MC . 17.33 0.77 18.39
C23 LHG MC . 18.50 0.69 17.74
O10 LHG MC . 18.62 0.24 16.64
C24 LHG MC . 19.63 1.22 18.57
C11 LHG MC . 17.94 -1.89 23.08
C12 LHG MC . 18.67 -2.43 24.30
C13 LHG MC . 20.03 -3.01 24.00
C14 LHG MC . 20.81 -3.45 25.23
C15 LHG MC . 21.73 -2.39 25.75
C16 LHG MC . 22.63 -2.53 26.70
C17 LHG MC . 23.86 -1.71 26.89
C18 LHG MC . 23.89 -0.98 28.23
C19 LHG MC . 25.04 0.01 28.34
C20 LHG MC . 25.81 -0.09 29.65
C21 LHG MC . 27.10 0.68 29.67
C22 LHG MC . 27.33 1.43 30.97
C25 LHG MC . 20.99 0.98 17.96
C26 LHG MC . 21.62 -0.32 18.42
C27 LHG MC . 23.13 -0.27 18.58
C28 LHG MC . 23.79 -1.64 18.66
C29 LHG MC . 24.61 -1.85 19.93
C30 LHG MC . 25.35 -0.62 20.40
C31 LHG MC . 26.38 -0.89 21.49
C32 LHG MC . 26.20 -0.05 22.74
C33 LHG MC . 26.67 -0.74 24.01
C34 LHG MC . 27.14 0.23 25.09
C35 LHG MC . 28.28 -0.31 25.93
C36 LHG MC . 28.95 0.73 26.81
C37 LHG MC . 29.47 0.20 28.12
C38 LHG MC . 29.94 1.28 29.07
O1 LHG NC . 26.30 6.29 13.40
C1 LHG NC . 26.69 7.55 12.87
C2 LHG NC . 25.94 8.68 13.54
O2 LHG NC . 24.82 9.07 12.74
C3 LHG NC . 26.79 9.90 13.84
O3 LHG NC . 26.34 10.50 15.06
P LHG NC . 27.34 10.54 16.32
O4 LHG NC . 28.57 11.27 15.91
O5 LHG NC . 26.57 11.01 17.50
O6 LHG NC . 27.71 9.00 16.56
C4 LHG NC . 28.83 8.67 17.37
C5 LHG NC . 29.78 7.76 16.61
C6 LHG NC . 29.87 8.07 15.15
O7 LHG NC . 31.11 7.88 17.17
C7 LHG NC . 31.23 7.54 18.47
O9 LHG NC . 31.55 8.32 19.32
C8 LHG NC . 30.92 6.10 18.69
C9 LHG NC . 32.16 5.25 18.94
C10 LHG NC . 31.95 3.78 18.61
O8 LHG NC . 30.59 6.98 14.55
C23 LHG NC . 31.47 7.29 13.59
O10 LHG NC . 31.21 7.21 12.42
C24 LHG NC . 32.77 7.75 14.17
C11 LHG NC . 32.99 3.21 17.65
C12 LHG NC . 34.13 2.49 18.33
C13 LHG NC . 35.34 2.26 17.44
C14 LHG NC . 36.53 1.64 18.17
C15 LHG NC . 37.49 2.65 18.69
C16 LHG NC . 38.67 2.40 19.22
C17 LHG NC . 39.83 3.33 19.28
C18 LHG NC . 40.27 3.63 20.71
C19 LHG NC . 41.32 4.73 20.79
C20 LHG NC . 42.50 4.40 21.69
C21 LHG NC . 43.65 5.35 21.57
C22 LHG NC . 44.28 5.72 22.89
C25 LHG NC . 33.84 7.95 13.12
C26 LHG NC . 34.68 6.71 12.90
C27 LHG NC . 36.14 6.98 12.59
C28 LHG NC . 36.88 5.79 12.00
C29 LHG NC . 38.10 5.37 12.81
C30 LHG NC . 38.88 6.52 13.42
C31 LHG NC . 40.24 6.13 13.97
C32 LHG NC . 40.45 6.52 15.42
C33 LHG NC . 41.39 5.60 16.18
C34 LHG NC . 42.13 6.27 17.31
C35 LHG NC . 43.54 5.73 17.55
C36 LHG NC . 44.39 6.57 18.47
C37 LHG NC . 45.37 5.79 19.29
C38 LHG NC . 46.06 6.61 20.35
O1 LHG OC . 36.84 15.22 9.20
C1 LHG OC . 36.92 16.64 9.03
C2 LHG OC . 36.37 17.36 10.24
O2 LHG OC . 35.02 17.77 10.01
C3 LHG OC . 37.18 18.57 10.66
O3 LHG OC . 37.15 18.70 12.08
P LHG OC . 38.53 18.55 12.91
O4 LHG OC . 39.47 19.57 12.41
O5 LHG OC . 38.19 18.51 14.35
O6 LHG OC . 39.07 17.10 12.48
C4 LHG OC . 40.42 16.76 12.76
C5 LHG OC . 41.10 16.29 11.49
C6 LHG OC . 40.66 17.02 10.26
O7 LHG OC . 42.53 16.48 11.62
C7 LHG OC . 43.13 15.81 12.62
O9 LHG OC . 43.67 16.35 13.54
C8 LHG OC . 43.02 14.33 12.43
C9 LHG OC . 44.32 13.68 11.99
C10 LHG OC . 44.11 12.37 11.25
O8 LHG OC . 41.20 16.30 9.13
C23 LHG OC . 41.65 17.04 8.12
O10 LHG OC . 41.02 17.26 7.13
C24 LHG OC . 43.04 17.54 8.39
C11 LHG OC . 44.79 12.30 9.90
C12 LHG OC . 46.14 11.62 9.91
C13 LHG OC . 46.98 11.89 8.68
C14 LHG OC . 48.38 11.30 8.74
C15 LHG OC . 49.40 12.27 9.25
C16 LHG OC . 50.71 12.09 9.28
C17 LHG OC . 51.74 13.16 9.30
C18 LHG OC . 52.63 13.11 10.52
C19 LHG OC . 53.56 14.31 10.64
C20 LHG OC . 55.00 13.95 10.97
C21 LHG OC . 55.97 15.09 10.82
C22 LHG OC . 56.99 15.15 11.93
C25 LHG OC . 43.67 18.22 7.19
C26 LHG OC . 44.46 17.26 6.32
C27 LHG OC . 45.70 17.87 5.68
C28 LHG OC . 46.27 17.07 4.54
C29 LHG OC . 47.73 16.66 4.74
C30 LHG OC . 48.58 17.70 5.43
C31 LHG OC . 50.07 17.42 5.37
C32 LHG OC . 50.75 17.40 6.73
C33 LHG OC . 51.95 16.47 6.81
C34 LHG OC . 53.00 16.91 7.81
C35 LHG OC . 54.43 16.59 7.41
C36 LHG OC . 55.48 17.27 8.25
C37 LHG OC . 56.75 16.46 8.42
C38 LHG OC . 57.71 17.05 9.42
O1 LHG PC . 44.59 26.73 5.22
C1 LHG PC . 44.51 28.13 5.52
C2 LHG PC . 44.37 28.36 7.01
O2 LHG PC . 43.00 28.57 7.35
C3 LHG PC . 45.18 29.52 7.53
O3 LHG PC . 45.65 29.22 8.86
P LHG PC . 47.22 29.09 9.12
O4 LHG PC . 47.87 30.36 8.72
O5 LHG PC . 47.42 28.57 10.50
O6 LHG PC . 47.68 27.95 8.09
C4 LHG PC . 49.07 27.78 7.81
C5 LHG PC . 49.29 27.84 6.30
C6 LHG PC . 48.39 28.81 5.59
O7 LHG PC . 50.66 28.24 6.03
C7 LHG PC . 51.61 27.42 6.53
O9 LHG PC . 52.40 27.76 7.36
C8 LHG PC . 51.55 26.06 5.90
C9 LHG PC . 52.66 25.83 4.88
C10 LHG PC . 52.30 24.76 3.86
O8 LHG PC . 48.56 28.56 4.18
C23 LHG PC . 48.58 29.63 3.39
O10 LHG PC . 47.62 30.01 2.78
C24 LHG PC . 49.93 30.26 3.36
C11 LHG PC . 52.46 25.21 2.41
C12 LHG PC . 53.78 24.81 1.78
C13 LHG PC . 54.11 25.58 0.51
C14 LHG PC . 55.49 25.27 -0.05
C15 LHG PC . 56.55 26.21 0.41
C16 LHG PC . 57.79 26.27 -0.03
C17 LHG PC . 58.69 27.46 0.03
C18 LHG PC . 59.95 27.21 0.84
C19 LHG PC . 60.78 28.47 1.06
C20 LHG PC . 62.26 28.29 0.79
C21 LHG PC . 63.04 29.58 0.74
C22 LHG PC . 64.37 29.50 1.43
C25 LHG PC . 50.06 31.37 2.33
C26 LHG PC . 50.56 30.86 1.00
C27 LHG PC . 51.45 31.85 0.25
C28 LHG PC . 51.65 31.52 -1.22
C29 LHG PC . 53.09 31.34 -1.63
C30 LHG PC . 54.06 32.28 -0.92
C31 LHG PC . 55.46 32.30 -1.52
C32 LHG PC . 56.57 32.01 -0.53
C33 LHG PC . 57.78 31.33 -1.14
C34 LHG PC . 59.08 31.63 -0.42
C35 LHG PC . 60.29 31.70 -1.33
C36 LHG PC . 61.53 32.29 -0.67
C37 LHG PC . 62.82 31.71 -1.18
C38 LHG PC . 64.04 32.14 -0.38
O1 LHG QC . 49.61 40.10 3.15
C1 LHG QC . 49.56 41.31 3.91
C2 LHG QC . 49.92 41.07 5.36
O2 LHG QC . 48.74 40.92 6.15
C3 LHG QC . 50.79 42.16 5.97
O3 LHG QC . 51.70 41.57 6.90
P LHG QC . 53.29 41.65 6.61
O4 LHG QC . 53.66 43.08 6.48
O5 LHG QC . 53.97 40.80 7.60
O6 LHG QC . 53.43 40.96 5.16
C4 LHG QC . 54.64 41.14 4.42
C5 LHG QC . 54.32 41.68 3.04
C6 LHG QC . 53.16 42.63 3.02
O7 LHG QC . 55.48 42.38 2.52
C7 LHG QC . 56.59 41.64 2.39
O9 LHG QC . 57.60 41.86 3.00
C8 LHG QC . 56.41 40.54 1.39
C9 LHG QC . 57.11 40.80 0.07
C10 LHG QC . 56.49 40.04 -1.09
O8 LHG QC . 52.84 42.83 1.62
C23 LHG QC . 52.51 44.07 1.26
O10 LHG QC . 51.37 44.44 1.14
C24 LHG QC . 53.72 44.92 1.04
C11 LHG QC . 56.11 40.92 -2.27
C12 LHG QC . 57.15 40.96 -3.37
C13 LHG QC . 56.97 42.11 -4.35
C14 LHG QC . 58.07 42.23 -5.39
C15 LHG QC . 59.15 43.17 -4.98
C16 LHG QC . 60.16 43.57 -5.73
C17 LHG QC . 60.93 44.84 -5.56
C18 LHG QC . 62.42 44.59 -5.31
C19 LHG QC . 63.18 45.87 -4.96
C20 LHG QC . 64.48 46.04 -5.70
C21 LHG QC . 65.10 47.40 -5.55
C22 LHG QC . 66.60 47.37 -5.37
C25 LHG QC . 53.39 46.29 0.46
C26 LHG QC . 53.43 46.30 -1.06
C27 LHG QC . 53.94 47.59 -1.67
C28 LHG QC . 53.63 47.75 -3.14
C29 LHG QC . 54.86 47.96 -4.01
C30 LHG QC . 55.94 48.81 -3.37
C31 LHG QC . 57.03 49.26 -4.33
C32 LHG QC . 58.44 48.90 -3.88
C33 LHG QC . 59.41 48.66 -5.02
C34 LHG QC . 60.85 48.97 -4.68
C35 LHG QC . 61.66 49.52 -5.85
C36 LHG QC . 63.01 50.09 -5.45
C37 LHG QC . 64.08 49.94 -6.49
C38 LHG QC . 65.45 50.32 -6.01
O1 LHG RC . -65.75 -85.30 -17.46
C1 LHG RC . -65.11 -84.24 -18.15
C2 LHG RC . -65.84 -82.92 -17.98
O2 LHG RC . -66.68 -82.68 -19.11
C3 LHG RC . -64.94 -81.74 -17.75
O3 LHG RC . -65.59 -80.81 -16.86
P LHG RC . -64.92 -80.51 -15.43
O4 LHG RC . -63.55 -80.00 -15.65
O5 LHG RC . -65.89 -79.72 -14.62
O6 LHG RC . -64.81 -81.97 -14.76
C4 LHG RC . -63.98 -82.16 -13.61
C5 LHG RC . -63.01 -83.28 -13.88
C6 LHG RC . -62.52 -83.36 -15.29
O7 LHG RC . -61.83 -83.11 -13.03
C7 LHG RC . -62.07 -83.11 -11.70
O9 LHG RC . -61.87 -82.17 -11.00
C8 LHG RC . -62.60 -84.44 -11.24
C9 LHG RC . -61.59 -85.26 -10.49
C10 LHG RC . -61.89 -86.76 -10.52
O8 LHG RC . -61.82 -84.62 -15.42
C23 LHG RC . -60.71 -84.60 -16.16
O10 LHG RC . -60.69 -84.96 -17.30
C24 LHG RC . -59.54 -84.09 -15.38
C11 LHG RC . -60.72 -87.61 -11.02
C12 LHG RC . -59.89 -88.22 -9.91
C13 LHG RC . -58.53 -88.73 -10.37
C14 LHG RC . -57.64 -89.23 -9.24
C15 LHG RC . -56.71 -88.18 -8.72
C16 LHG RC . -55.73 -88.36 -7.86
C17 LHG RC . -54.52 -87.51 -7.71
C18 LHG RC . -54.40 -86.89 -6.32
C19 LHG RC . -53.27 -85.87 -6.22
C20 LHG RC . -52.39 -86.04 -5.00
C21 LHG RC . -51.13 -85.23 -5.03
C22 LHG RC . -50.80 -84.58 -3.70
C25 LHG RC . -58.22 -84.24 -16.12
C26 LHG RC . -57.52 -85.55 -15.83
C27 LHG RC . -56.01 -85.46 -15.79
C28 LHG RC . -55.29 -86.79 -15.87
C29 LHG RC . -54.37 -87.07 -14.70
C30 LHG RC . -53.63 -85.86 -14.19
C31 LHG RC . -52.50 -86.18 -13.23
C32 LHG RC . -52.59 -85.45 -11.90
C33 LHG RC . -51.99 -86.20 -10.72
C34 LHG RC . -51.47 -85.32 -9.62
C35 LHG RC . -50.24 -85.87 -8.91
C36 LHG RC . -49.53 -84.88 -8.01
C37 LHG RC . -48.88 -85.50 -6.80
C38 LHG RC . -48.37 -84.47 -5.81
O1 LHG SC . -53.49 -78.40 -20.65
C1 LHG SC . -53.19 -77.08 -21.11
C2 LHG SC . -53.92 -76.03 -20.30
O2 LHG SC . -55.11 -75.63 -20.96
C3 LHG SC . -53.08 -74.82 -19.97
O3 LHG SC . -53.43 -74.33 -18.67
P LHG SC . -52.34 -74.34 -17.50
O4 LHG SC . -51.16 -73.55 -17.95
O5 LHG SC . -53.02 -74.00 -16.22
O6 LHG SC . -51.90 -75.89 -17.43
C4 LHG SC . -50.70 -76.24 -16.72
C5 LHG SC . -49.80 -77.05 -17.64
C6 LHG SC . -49.84 -76.62 -19.07
O7 LHG SC . -48.43 -76.93 -17.19
C7 LHG SC . -48.18 -77.36 -15.94
O9 LHG SC . -47.81 -76.63 -15.05
C8 LHG SC . -48.43 -78.82 -15.80
C9 LHG SC . -47.15 -79.65 -15.72
C10 LHG SC . -47.34 -81.09 -16.16
O8 LHG SC . -49.14 -77.64 -19.82
C23 LHG SC . -48.37 -77.22 -20.81
O10 LHG SC . -48.71 -77.21 -21.96
C24 LHG SC . -47.03 -76.75 -20.32
C11 LHG SC . -46.38 -81.54 -17.25
C12 LHG SC . -45.15 -82.27 -16.72
C13 LHG SC . -44.02 -82.38 -17.72
C14 LHG SC . -42.75 -83.02 -17.15
C15 LHG SC . -41.78 -82.02 -16.63
C16 LHG SC . -40.55 -82.27 -16.23
C17 LHG SC . -39.43 -81.30 -16.18
C18 LHG SC . -38.87 -81.08 -14.77
C19 LHG SC . -37.85 -79.97 -14.70
C20 LHG SC . -36.59 -80.32 -13.92
C21 LHG SC . -35.48 -79.31 -14.07
C22 LHG SC . -34.75 -79.03 -12.77
C25 LHG SC . -46.05 -76.43 -21.43
C26 LHG SC . -45.21 -77.62 -21.83
C27 LHG SC . -43.78 -77.28 -22.23
C28 LHG SC . -43.05 -78.38 -22.97
C29 LHG SC . -41.76 -78.81 -22.31
C30 LHG SC . -40.97 -77.69 -21.66
C31 LHG SC . -39.55 -78.07 -21.27
C32 LHG SC . -39.23 -77.78 -19.82
C33 LHG SC . -38.21 -78.73 -19.21
C34 LHG SC . -37.39 -78.12 -18.08
C35 LHG SC . -35.96 -78.63 -18.02
C36 LHG SC . -35.05 -77.83 -17.10
C37 LHG SC . -33.98 -78.65 -16.43
C38 LHG SC . -33.23 -77.89 -15.37
O1 LHG TC . -43.62 -68.77 -24.97
C1 LHG TC . -43.61 -67.35 -25.04
C2 LHG TC . -44.07 -66.73 -23.73
O2 LHG TC . -45.45 -66.37 -23.81
C3 LHG TC . -43.26 -65.53 -23.29
O3 LHG TC . -43.18 -65.52 -21.85
P LHG TC . -41.73 -65.67 -21.16
O4 LHG TC . -40.86 -64.59 -21.65
O5 LHG TC . -41.95 -65.85 -19.70
O6 LHG TC . -41.19 -67.07 -21.75
C4 LHG TC . -39.80 -67.39 -21.61
C5 LHG TC . -39.22 -67.72 -22.97
C6 LHG TC . -39.80 -66.91 -24.10
O7 LHG TC . -37.79 -67.48 -22.95
C7 LHG TC . -37.09 -68.21 -22.06
O9 LHG TC . -36.50 -67.72 -21.14
C8 LHG TC . -37.18 -69.68 -22.35
C9 LHG TC . -35.90 -70.24 -22.95
C10 LHG TC . -36.12 -71.50 -23.77
O8 LHG TC . -39.33 -67.52 -25.31
C23 LHG TC . -38.99 -66.69 -26.30
O10 LHG TC . -39.71 -66.42 -27.21
C24 LHG TC . -37.60 -66.16 -26.11
C11 LHG TC . -35.57 -71.43 -25.18
C12 LHG TC . -34.20 -72.06 -25.34
C13 LHG TC . -33.48 -71.67 -26.61
C14 LHG TC . -32.05 -72.20 -26.71
C15 LHG TC . -31.02 -71.24 -26.21
C16 LHG TC . -29.72 -71.37 -26.31
C17 LHG TC . -28.72 -70.26 -26.29
C18 LHG TC . -27.72 -70.38 -25.14
C19 LHG TC . -26.83 -69.16 -25.01
C20 LHG TC . -25.35 -69.49 -24.82
C21 LHG TC . -24.44 -68.31 -24.96
C22 LHG TC . -23.32 -68.30 -23.94
C25 LHG TC . -37.09 -65.36 -27.29
C26 LHG TC . -36.35 -66.22 -28.31
C27 LHG TC . -35.19 -65.51 -28.98
C28 LHG TC . -34.69 -66.20 -30.24
C29 LHG TC . -33.21 -66.58 -30.20
C30 LHG TC . -32.33 -65.56 -29.50
C31 LHG TC . -30.85 -65.78 -29.70
C32 LHG TC . -30.06 -65.88 -28.41
C33 LHG TC . -28.83 -66.76 -28.50
C34 LHG TC . -27.71 -66.37 -27.55
C35 LHG TC . -26.31 -66.60 -28.11
C36 LHG TC . -25.21 -65.96 -27.30
C37 LHG TC . -23.91 -66.73 -27.30
C38 LHG TC . -22.89 -66.19 -26.34
O1 LHG UC . -36.61 -56.70 -28.63
C1 LHG UC . -36.71 -55.34 -28.21
C2 LHG UC . -36.73 -55.22 -26.71
O2 LHG UC . -38.07 -55.10 -26.24
C3 LHG UC . -35.90 -54.08 -26.16
O3 LHG UC . -35.31 -54.47 -24.91
P LHG UC . -33.72 -54.56 -24.78
O4 LHG UC . -33.16 -53.23 -25.13
O5 LHG UC . -33.40 -55.18 -23.48
O6 LHG UC . -33.32 -55.59 -25.94
C4 LHG UC . -31.96 -55.69 -26.36
C5 LHG UC . -31.87 -55.51 -27.86
C6 LHG UC . -32.86 -54.51 -28.41
O7 LHG UC . -30.54 -55.03 -28.20
C7 LHG UC . -29.53 -55.85 -27.86
O9 LHG UC . -28.68 -55.54 -27.07
C8 LHG UC . -29.59 -57.16 -28.59
C9 LHG UC . -28.57 -57.28 -29.70
C10 LHG UC . -28.98 -58.27 -30.78
O8 LHG UC . -32.80 -54.65 -29.84
C23 LHG UC . -32.88 -53.52 -30.55
O10 LHG UC . -33.90 -53.13 -31.05
C24 LHG UC . -31.56 -52.83 -30.63
C11 LHG UC . -28.97 -57.69 -32.19
C12 LHG UC . -27.69 -57.98 -32.97
C13 LHG UC . -27.49 -57.11 -34.19
C14 LHG UC . -26.16 -57.33 -34.90
C15 LHG UC . -25.10 -56.39 -34.44
C16 LHG UC . -23.90 -56.25 -34.99
C17 LHG UC . -23.04 -55.03 -34.90
C18 LHG UC . -21.69 -55.29 -34.23
C19 LHG UC . -20.89 -54.03 -33.97
C20 LHG UC . -19.43 -54.13 -34.37
C21 LHG UC . -18.70 -52.81 -34.38
C22 LHG UC . -17.31 -52.90 -33.81
C25 LHG UC . -31.55 -51.64 -31.58
C26 LHG UC . -31.15 -52.02 -32.99
C27 LHG UC . -30.35 -50.95 -33.71
C28 LHG UC . -30.28 -51.15 -35.22
C29 LHG UC . -28.87 -51.25 -35.77
C30 LHG UC . -27.87 -50.34 -35.07
C31 LHG UC . -26.54 -50.21 -35.78
C32 LHG UC . -25.34 -50.54 -34.91
C33 LHG UC . -24.16 -51.12 -35.66
C34 LHG UC . -22.81 -50.83 -35.03
C35 LHG UC . -21.68 -50.63 -36.03
C36 LHG UC . -20.41 -50.06 -35.44
C37 LHG UC . -19.14 -50.55 -36.10
C38 LHG UC . -17.89 -50.14 -35.37
O1 LHG VC . -32.18 -43.03 -30.01
C1 LHG VC . -32.23 -41.89 -29.16
C2 LHG VC . -31.72 -42.22 -27.77
O2 LHG VC . -32.83 -42.49 -26.90
C3 LHG VC . -30.85 -41.16 -27.15
O3 LHG VC . -29.84 -41.78 -26.34
P LHG VC . -28.28 -41.61 -26.76
O4 LHG VC . -27.97 -40.17 -26.80
O5 LHG VC . -27.49 -42.52 -25.91
O6 LHG VC . -28.25 -42.18 -28.26
C4 LHG VC . -27.10 -41.90 -29.08
C5 LHG VC . -27.57 -41.27 -30.38
C6 LHG VC . -28.74 -40.36 -30.24
O7 LHG VC . -26.48 -40.49 -30.94
C7 LHG VC . -25.35 -41.18 -31.22
O9 LHG VC . -24.31 -40.97 -30.68
C8 LHG VC . -25.58 -42.19 -32.30
C9 LHG VC . -25.02 -41.81 -33.64
C10 LHG VC . -25.70 -42.50 -34.80
O8 LHG VC . -29.19 -40.07 -31.58
C23 LHG VC . -29.59 -38.81 -31.81
O10 LHG VC . -30.75 -38.48 -31.81
C24 LHG VC . -28.43 -37.90 -32.06
C11 LHG VC . -26.21 -41.55 -35.87
C12 LHG VC . -25.27 -41.38 -37.05
C13 LHG VC . -25.57 -40.16 -37.92
C14 LHG VC . -24.57 -39.91 -39.03
C15 LHG VC . -23.48 -38.97 -38.64
C16 LHG VC . -22.57 -38.47 -39.43
C17 LHG VC . -21.81 -37.20 -39.22
C18 LHG VC . -20.30 -37.40 -39.12
C19 LHG VC . -19.56 -36.14 -38.72
C20 LHG VC . -18.33 -35.86 -39.56
C21 LHG VC . -17.74 -34.48 -39.35
C22 LHG VC . -16.24 -34.47 -39.30
C25 LHG VC . -28.85 -36.51 -32.50
C26 LHG VC . -28.94 -36.38 -34.01
C27 LHG VC . -28.53 -35.02 -34.55
C28 LHG VC . -28.97 -34.75 -35.97
C29 LHG VC . -27.83 -34.43 -36.92
C30 LHG VC . -26.72 -33.60 -36.30
C31 LHG VC . -25.73 -33.03 -37.31
C32 LHG VC . -24.28 -33.38 -37.01
C33 LHG VC . -23.40 -33.50 -38.25
C34 LHG VC . -21.94 -33.16 -38.00
C35 LHG VC . -21.26 -32.49 -39.18
C36 LHG VC . -19.90 -31.89 -38.85
C37 LHG VC . -18.92 -31.93 -39.99
C38 LHG VC . -17.52 -31.53 -39.59
O1 LHG WC . -29.50 -28.98 -28.04
C1 LHG WC . -29.32 -28.16 -26.87
C2 LHG WC . -28.34 -28.79 -25.90
O2 LHG WC . -29.04 -29.49 -24.88
C3 LHG WC . -27.38 -27.81 -25.26
O3 LHG WC . -26.10 -28.46 -25.08
P LHG WC . -24.82 -27.90 -25.85
O4 LHG WC . -24.64 -26.48 -25.51
O5 LHG WC . -23.71 -28.86 -25.65
O6 LHG WC . -25.26 -27.99 -27.40
C4 LHG WC . -24.51 -27.28 -28.39
C5 LHG WC . -25.44 -26.40 -29.20
C6 LHG WC . -26.55 -25.80 -28.40
O7 LHG WC . -24.66 -25.30 -29.77
C7 LHG WC . -23.67 -25.66 -30.59
O9 LHG WC . -22.52 -25.44 -30.36
C8 LHG WC . -24.19 -26.36 -31.81
C9 LHG WC . -24.15 -25.49 -33.06
C10 LHG WC . -25.15 -25.93 -34.12
O8 LHG WC . -27.46 -25.21 -29.36
C23 LHG WC . -28.00 -24.04 -29.02
O10 LHG WC . -29.10 -23.94 -28.55
C24 LHG WC . -27.06 -22.89 -29.29
C11 LHG WC . -26.07 -24.81 -34.59
C12 LHG WC . -25.62 -24.14 -35.87
C13 LHG WC . -26.30 -22.80 -36.14
C14 LHG WC . -25.75 -22.07 -37.36
C15 LHG WC . -24.67 -21.09 -37.03
C16 LHG WC . -24.13 -20.22 -37.85
C17 LHG WC . -23.44 -18.96 -37.47
C18 LHG WC . -21.99 -18.90 -37.92
C19 LHG WC . -21.24 -17.71 -37.37
C20 LHG WC . -20.39 -16.97 -38.41
C21 LHG WC . -19.88 -15.63 -37.94
C22 LHG WC . -18.45 -15.38 -38.35
C25 LHG WC . -27.71 -21.53 -29.09
C26 LHG WC . -28.33 -20.99 -30.36
C27 LHG WC . -28.23 -19.48 -30.51
C28 LHG WC . -29.16 -18.90 -31.56
C29 LHG WC . -28.45 -18.11 -32.65
C30 LHG WC . -27.25 -17.31 -32.15
C31 LHG WC . -26.72 -16.31 -33.17
C32 LHG WC . -25.24 -16.46 -33.47
C33 LHG WC . -24.85 -16.05 -34.88
C34 LHG WC . -23.43 -15.54 -35.00
C35 LHG WC . -23.23 -14.45 -36.04
C36 LHG WC . -21.90 -13.74 -35.95
C37 LHG WC . -21.38 -13.26 -37.29
C38 LHG WC . -19.95 -12.75 -37.23
O1 LHG XC . -27.29 -15.87 -22.39
C1 LHG XC . -26.77 -15.41 -21.14
C2 LHG XC . -25.47 -16.11 -20.79
O2 LHG XC . -25.72 -17.19 -19.90
C3 LHG XC . -24.42 -15.20 -20.20
O3 LHG XC . -23.12 -15.63 -20.63
P LHG XC . -22.23 -14.65 -21.53
O4 LHG XC . -22.04 -13.37 -20.80
O5 LHG XC . -21.05 -15.41 -22.01
O6 LHG XC . -23.18 -14.37 -22.80
C4 LHG XC . -22.87 -13.28 -23.68
C5 LHG XC . -24.08 -12.37 -23.81
C6 LHG XC . -24.88 -12.25 -22.56
O7 LHG XC . -23.64 -11.05 -24.19
C7 LHG XC . -22.97 -10.96 -25.35
O9 LHG XC . -21.83 -10.61 -25.44
C8 LHG XC . -23.84 -11.35 -26.52
C9 LHG XC . -24.30 -10.17 -27.35
C10 LHG XC . -25.57 -10.45 -28.13
O8 LHG XC . -26.11 -11.57 -22.94
C23 LHG XC . -26.58 -10.67 -22.07
O10 LHG XC . -27.45 -10.91 -21.29
C24 LHG XC . -25.88 -9.35 -22.23
C11 LHG XC . -26.68 -9.43 -27.89
C12 LHG XC . -26.75 -8.34 -28.95
C13 LHG XC . -27.57 -7.13 -28.53
C14 LHG XC . -27.54 -5.99 -29.53
C15 LHG XC . -26.48 -4.98 -29.26
C16 LHG XC . -26.32 -3.82 -29.87
C17 LHG XC . -25.63 -2.62 -29.31
C18 LHG XC . -24.43 -2.18 -30.14
C19 LHG XC . -23.62 -1.08 -29.48
C20 LHG XC . -23.26 0.07 -30.41
C21 LHG XC . -22.70 1.28 -29.70
C22 LHG XC . -21.53 1.90 -30.43
C25 LHG XC . -26.51 -8.24 -21.39
C26 LHG XC . -27.57 -7.48 -22.15
C27 LHG XC . -27.64 -6.00 -21.80
C28 LHG XC . -28.92 -5.31 -22.26
C29 LHG XC . -28.69 -4.13 -23.19
C30 LHG XC . -27.46 -3.31 -22.85
C31 LHG XC . -27.38 -1.98 -23.58
C32 LHG XC . -26.10 -1.77 -24.35
C33 LHG XC . -26.25 -0.89 -25.59
C34 LHG XC . -24.99 -0.13 -25.97
C35 LHG XC . -25.26 1.24 -26.58
C36 LHG XC . -24.03 2.12 -26.69
C37 LHG XC . -24.04 3.04 -27.88
C38 LHG XC . -22.73 3.77 -28.09
O1 LHG YC . -24.17 -4.80 -13.66
C1 LHG YC . -23.28 -4.65 -12.56
C2 LHG YC . -21.89 -5.16 -12.88
O2 LHG YC . -21.74 -6.49 -12.37
C3 LHG YC . -20.77 -4.29 -12.36
O3 LHG YC . -19.68 -4.34 -13.30
P LHG YC . -19.23 -2.99 -14.05
O4 LHG YC . -18.90 -1.98 -13.03
O5 LHG YC . -18.24 -3.36 -15.10
O6 LHG YC . -20.58 -2.52 -14.79
C4 LHG YC . -20.68 -1.19 -15.31
C5 LHG YC . -21.92 -0.53 -14.75
C6 LHG YC . -22.25 -0.91 -13.33
O7 LHG YC . -21.73 0.92 -14.77
C7 LHG YC . -21.52 1.45 -15.99
O9 LHG YC . -20.51 2.01 -16.29
C8 LHG YC . -22.71 1.27 -16.88
C9 LHG YC . -23.52 2.54 -17.09
C10 LHG YC . -24.96 2.27 -17.48
O8 LHG YC . -23.56 -0.39 -13.07
C23 LHG YC . -23.77 0.12 -11.85
O10 LHG YC . -24.29 -0.49 -10.96
C24 LHG YC . -23.26 1.52 -11.76
C11 LHG YC . -25.97 2.96 -16.59
C12 LHG YC . -26.50 4.27 -17.14
C13 LHG YC . -27.19 5.15 -16.12
C14 LHG YC . -27.60 6.52 -16.64
C15 LHG YC . -26.59 7.58 -16.37
C16 LHG YC . -26.73 8.87 -16.58
C17 LHG YC . -25.99 9.96 -15.90
C18 LHG YC . -25.18 10.83 -16.86
C19 LHG YC . -24.28 11.82 -16.15
C20 LHG YC . -24.34 13.23 -16.70
C21 LHG YC . -23.65 14.27 -15.85
C22 LHG YC . -22.86 15.28 -16.65
C25 LHG YC . -23.63 2.21 -10.46
C26 LHG YC . -24.95 2.96 -10.55
C27 LHG YC . -24.99 4.24 -9.74
C28 LHG YC . -26.39 4.78 -9.51
C29 LHG YC . -26.58 6.21 -10.01
C30 LHG YC . -25.38 7.10 -9.82
C31 LHG YC . -25.67 8.59 -10.05
C32 LHG YC . -24.74 9.24 -11.05
C33 LHG YC . -25.37 10.39 -11.82
C34 LHG YC . -24.39 11.44 -12.29
C35 LHG YC . -24.95 12.86 -12.30
C36 LHG YC . -23.90 13.94 -12.47
C37 LHG YC . -24.40 15.15 -13.21
C38 LHG YC . -23.30 16.13 -13.57
O1 LHG ZC . -18.98 3.62 -3.14
C1 LHG ZC . -17.78 3.62 -2.38
C2 LHG ZC . -16.56 3.46 -3.26
O2 LHG ZC . -16.15 2.09 -3.30
C3 LHG ZC . -15.39 4.33 -2.87
O3 LHG ZC . -14.69 4.75 -4.04
P LHG ZC . -14.64 6.32 -4.41
O4 LHG ZC . -14.03 7.04 -3.26
O5 LHG ZC . -14.05 6.46 -5.75
O6 LHG ZC . -16.19 6.74 -4.49
C4 LHG ZC . -16.55 8.12 -4.47
C5 LHG ZC . -17.56 8.36 -3.37
C6 LHG ZC . -17.35 7.53 -2.14
O7 LHG ZC . -17.51 9.75 -2.97
C7 LHG ZC . -17.77 10.65 -3.94
O9 LHG ZC . -16.97 11.45 -4.33
C8 LHG ZC . -19.17 10.53 -4.44
C9 LHG ZC . -20.09 11.63 -3.94
C10 LHG ZC . -21.56 11.24 -3.94
O8 LHG ZC . -18.53 7.70 -1.32
C23 LHG ZC . -18.32 7.79 -0.01
O10 LHG ZC . -18.46 6.87 0.74
C24 LHG ZC . -17.92 9.18 0.39
C11 LHG ZC . -22.24 11.44 -2.60
C12 LHG ZC . -23.02 12.74 -2.49
C13 LHG ZC . -23.37 13.14 -1.07
C14 LHG ZC . -24.03 14.51 -0.95
C15 LHG ZC . -23.07 15.61 -0.67
C16 LHG ZC . -23.36 16.85 -0.38
C17 LHG ZC . -22.51 17.82 0.37
C18 LHG ZC . -22.15 19.06 -0.44
C19 LHG ZC . -21.13 19.95 0.24
C20 LHG ZC . -21.48 21.42 0.23
C21 LHG ZC . -20.62 22.26 1.13
C22 LHG ZC . -20.22 23.58 0.52
C25 LHG ZC . -17.86 9.38 1.89
C26 LHG ZC . -19.17 9.87 2.47
C27 LHG ZC . -19.01 10.83 3.64
C28 LHG ZC . -20.28 11.02 4.45
C29 LHG ZC . -20.74 12.46 4.54
C30 LHG ZC . -19.60 13.47 4.64
C31 LHG ZC . -20.05 14.88 5.02
C32 LHG ZC . -19.59 15.95 4.06
C33 LHG ZC . -20.54 17.15 3.95
C34 LHG ZC . -19.86 18.44 3.59
C35 LHG ZC . -20.48 19.67 4.23
C36 LHG ZC . -19.64 20.93 4.11
C37 LHG ZC . -20.45 22.20 4.01
C38 LHG ZC . -19.61 23.42 3.68
O1 LHG AD . -11.06 9.41 7.44
C1 LHG AD . -9.66 9.39 7.75
C2 LHG AD . -8.83 9.73 6.53
O2 LHG AD . -8.35 8.53 5.92
C3 LHG AD . -7.66 10.64 6.82
O3 LHG AD . -7.44 11.51 5.70
P LHG AD . -7.62 13.10 5.88
O4 LHG AD . -6.71 13.55 6.96
O5 LHG AD . -7.56 13.73 4.55
O6 LHG AD . -9.13 13.23 6.43
C4 LHG AD . -9.56 14.46 7.01
C5 LHG AD . -10.15 14.18 8.39
C6 LHG AD . -9.45 13.08 9.14
O7 LHG AD . -10.05 15.39 9.20
C7 LHG AD . -10.70 16.46 8.72
O9 LHG AD . -10.14 17.47 8.38
C8 LHG AD . -12.17 16.24 8.66
C9 LHG AD . -12.93 16.97 9.76
C10 LHG AD . -14.27 16.33 10.08
O8 LHG AD . -10.27 12.80 10.29
C23 LHG AD . -9.63 12.54 11.43
O10 LHG AD . -9.43 11.42 11.83
C24 LHG AD . -9.22 13.79 12.12
C11 LHG AD . -14.47 16.01 11.56
C12 LHG AD . -15.24 17.06 12.32
C13 LHG AD . -15.10 16.96 13.83
C14 LHG AD . -15.77 18.10 14.61
C15 LHG AD . -14.85 19.22 14.92
C16 LHG AD . -15.11 20.25 15.69
C17 LHG AD . -14.12 21.10 16.41
C18 LHG AD . -14.16 22.55 15.99
C19 LHG AD . -13.02 23.38 16.59
C20 LHG AD . -13.46 24.70 17.19
C21 LHG AD . -12.40 25.39 18.00
C22 LHG AD . -12.34 26.88 17.77
C25 LHG AD . -8.65 13.56 13.51
C26 LHG AD . -9.70 13.62 14.60
C27 LHG AD . -9.22 14.21 15.90
C28 LHG AD . -10.13 13.92 17.09
C29 LHG AD . -10.63 15.17 17.79
C30 LHG AD . -9.61 16.29 17.87
C31 LHG AD . -10.00 17.42 18.81
C32 LHG AD . -9.98 18.80 18.17
C33 LHG AD . -10.98 19.77 18.77
C34 LHG AD . -10.55 21.22 18.67
C35 LHG AD . -11.01 22.09 19.85
C36 LHG AD . -10.35 23.44 19.90
C37 LHG AD . -11.23 24.53 20.48
C38 LHG AD . -10.65 25.91 20.35
O1 LHG BD . -0.35 13.20 16.36
C1 LHG BD . 1.05 13.34 16.20
C2 LHG BD . 1.39 14.16 14.98
O2 LHG BD . 1.70 13.31 13.88
C3 LHG BD . 2.52 15.15 15.18
O3 LHG BD . 2.27 16.33 14.40
P LHG BD . 2.05 17.73 15.16
O4 LHG BD . 3.25 18.01 15.98
O5 LHG BD . 1.59 18.72 14.16
O6 LHG BD . 0.82 17.42 16.15
C4 LHG BD . 0.53 18.33 17.22
C5 LHG BD . 0.49 17.57 18.52
C6 LHG BD . 1.48 16.45 18.61
O7 LHG BD . 0.78 18.48 19.62
C7 LHG BD . -0.08 19.52 19.75
O9 LHG BD . 0.26 20.66 19.62
C8 LHG BD . -1.46 19.06 20.09
C9 LHG BD . -1.83 19.28 21.54
C10 LHG BD . -2.93 18.35 22.02
O8 LHG BD . 1.13 15.69 19.79
C23 LHG BD . 2.15 15.23 20.52
O10 LHG BD . 2.55 14.10 20.44
C24 LHG BD . 2.69 16.28 21.43
C11 LHG BD . -2.57 17.59 23.29
C12 LHG BD . -3.09 18.22 24.57
C13 LHG BD . -2.43 17.70 25.83
C14 LHG BD . -2.87 18.42 27.10
C15 LHG BD . -1.98 19.55 27.48
C16 LHG BD . -2.02 20.25 28.58
C17 LHG BD . -0.90 21.01 29.20
C18 LHG BD . -1.19 22.50 29.34
C19 LHG BD . 0.02 23.31 29.79
C20 LHG BD . -0.27 24.29 30.90
C21 LHG BD . 0.95 24.89 31.53
C22 LHG BD . 0.83 26.37 31.80
C25 LHG BD . 3.72 15.76 22.41
C26 LHG BD . 3.11 15.31 23.72
C27 LHG BD . 3.98 15.56 24.94
C28 LHG BD . 3.57 14.80 26.18
C29 LHG BD . 3.25 15.67 27.37
C30 LHG BD . 4.16 16.88 27.51
C31 LHG BD . 4.05 17.60 28.84
C32 LHG BD . 3.74 19.08 28.73
C33 LHG BD . 2.96 19.64 29.90
C34 LHG BD . 3.21 21.11 30.16
C35 LHG BD . 3.13 21.50 31.64
C36 LHG BD . 3.67 22.89 31.95
C37 LHG BD . 2.98 23.57 33.09
C38 LHG BD . 3.37 25.02 33.26
O1 LHG CD . 12.50 16.08 22.28
C1 LHG CD . 13.75 16.52 21.75
C2 LHG CD . 13.58 17.71 20.83
O2 LHG CD . 13.54 17.28 19.47
C3 LHG CD . 14.63 18.77 20.99
O3 LHG CD . 14.04 20.06 20.77
P LHG CD . 14.00 21.12 21.98
O4 LHG CD . 15.38 21.36 22.44
O5 LHG CD . 13.15 22.27 21.56
O6 LHG CD . 13.22 20.32 23.14
C4 LHG CD . 13.26 20.82 24.49
C5 LHG CD . 13.74 19.72 25.41
C6 LHG CD . 14.76 18.81 24.81
O7 LHG CD . 14.33 20.31 26.59
C7 LHG CD . 13.50 21.09 27.32
O9 LHG CD . 13.69 22.26 27.48
C8 LHG CD . 12.36 20.30 27.89
C9 LHG CD . 12.49 20.03 29.38
C10 LHG CD . 11.71 18.81 29.83
O8 LHG CD . 14.90 17.69 25.71
C23 LHG CD . 16.15 17.23 25.89
O10 LHG CD . 16.58 16.27 25.31
C24 LHG CD . 16.90 18.06 26.89
C11 LHG CD . 12.54 17.79 30.60
C12 LHG CD . 12.45 17.92 32.10
C13 LHG CD . 13.55 17.19 32.86
C14 LHG CD . 13.54 17.42 34.36
C15 LHG CD . 14.43 18.53 34.79
C16 LHG CD . 14.72 18.85 36.04
C17 LHG CD . 15.92 19.59 36.50
C18 LHG CD . 15.60 20.90 37.20
C19 LHG CD . 16.83 21.74 37.50
C20 LHG CD . 16.87 22.30 38.91
C21 LHG CD . 18.20 22.89 39.30
C22 LHG CD . 18.07 24.18 40.08
C25 LHG CD . 18.24 17.46 27.26
C26 LHG CD . 18.16 16.54 28.47
C27 LHG CD . 19.37 16.59 29.37
C28 LHG CD . 19.48 15.43 30.35
C29 LHG CD . 19.54 15.85 31.80
C30 LHG CD . 20.35 17.11 32.04
C31 LHG CD . 20.66 17.38 33.51
C32 LHG CD . 20.23 18.75 34.00
C33 LHG CD . 19.87 18.80 35.47
C34 LHG CD . 20.10 20.15 36.13
C35 LHG CD . 20.51 20.07 37.58
C36 LHG CD . 21.02 21.38 38.15
C37 LHG CD . 20.73 21.57 39.62
C38 LHG CD . 21.05 22.94 40.13
O1 LHG DD . 26.37 19.38 24.55
C1 LHG DD . 27.32 20.18 23.84
C2 LHG DD . 26.75 21.52 23.47
O2 LHG DD . 26.28 21.51 22.13
C3 LHG DD . 27.71 22.67 23.64
O3 LHG DD . 27.00 23.84 24.07
P LHG DD . 27.30 24.47 25.52
O4 LHG DD . 28.75 24.81 25.57
O5 LHG DD . 26.29 25.53 25.79
O6 LHG DD . 27.04 23.24 26.52
C4 LHG DD . 27.52 23.33 27.87
C5 LHG DD . 28.36 22.10 28.16
C6 LHG DD . 29.17 21.62 27.01
O7 LHG DD . 29.29 22.43 29.25
C7 LHG DD . 28.72 22.80 30.41
O9 LHG DD . 28.86 23.89 30.89
C8 LHG DD . 27.90 21.70 31.00
C9 LHG DD . 28.57 21.03 32.20
C10 LHG DD . 28.09 19.61 32.44
O8 LHG DD . 29.70 20.34 27.41
C23 LHG DD . 30.96 20.07 27.03
O10 LHG DD . 31.23 19.41 26.06
C24 LHG DD . 31.95 20.69 27.96
C11 LHG DD . 29.20 18.58 32.52
C12 LHG DD . 29.63 18.25 33.93
C13 LHG DD . 30.97 17.54 34.02
C14 LHG DD . 31.47 17.31 35.44
C15 LHG DD . 32.37 18.39 35.92
C16 LHG DD . 33.06 18.38 37.05
C17 LHG DD . 34.30 19.16 37.34
C18 LHG DD . 34.15 20.12 38.50
C19 LHG DD . 35.34 21.05 38.67
C20 LHG DD . 35.84 21.17 40.10
C21 LHG DD . 37.17 21.86 40.23
C22 LHG DD . 37.23 22.82 41.40
C25 LHG DD . 33.38 20.26 27.68
C26 LHG DD . 33.79 19.04 28.48
C27 LHG DD . 35.24 19.04 28.92
C28 LHG DD . 35.75 17.67 29.37
C29 LHG DD . 36.30 17.67 30.79
C30 LHG DD . 37.05 18.92 31.17
C31 LHG DD . 37.84 18.81 32.47
C32 LHG DD . 37.51 19.87 33.49
C33 LHG DD . 37.67 19.42 34.94
C34 LHG DD . 38.02 20.55 35.90
C35 LHG DD . 38.93 20.12 37.04
C36 LHG DD . 39.51 21.28 37.84
C37 LHG DD . 39.74 20.97 39.29
C38 LHG DD . 40.12 22.18 40.11
O1 LHG ED . 39.89 24.32 23.40
C1 LHG ED . 40.47 25.44 22.74
C2 LHG ED . 39.71 26.71 23.04
O2 LHG ED . 38.80 27.01 21.99
C3 LHG ED . 40.59 27.91 23.29
O3 LHG ED . 39.99 28.76 24.27
P LHG ED . 40.74 28.99 25.68
O4 LHG ED . 42.08 29.55 25.40
O5 LHG ED . 39.81 29.72 26.58
O6 LHG ED . 40.93 27.50 26.24
C4 LHG ED . 41.84 27.27 27.32
C5 LHG ED . 42.82 26.19 26.92
C6 LHG ED . 43.21 26.21 25.48
O7 LHG ED . 44.03 26.34 27.71
C7 LHG ED . 43.89 26.25 29.04
O9 LHG ED . 44.11 27.15 29.79
C8 LHG ED . 43.42 24.89 29.46
C9 LHG ED . 44.50 24.03 30.09
C10 LHG ED . 44.23 22.55 29.98
O8 LHG ED . 43.93 24.98 25.23
C23 LHG ED . 44.99 25.07 24.43
O10 LHG ED . 44.95 24.78 23.27
C24 LHG ED . 46.20 25.55 25.16
C11 LHG ED . 45.37 21.76 29.36
C12 LHG ED . 46.30 21.10 30.37
C13 LHG ED . 47.63 20.65 29.79
C14 LHG ED . 48.60 20.12 30.84
C15 LHG ED . 49.55 21.16 31.35
C16 LHG ED . 50.57 20.94 32.14
C17 LHG ED . 51.78 21.82 32.26
C18 LHG ED . 51.98 22.36 33.68
C19 LHG ED . 53.09 23.39 33.77
C20 LHG ED . 54.04 23.18 34.93
C21 LHG ED . 55.28 24.03 34.86
C22 LHG ED . 55.69 24.60 36.21
C25 LHG ED . 47.48 25.50 24.33
C26 LHG ED . 48.22 24.18 24.50
C27 LHG ED . 49.73 24.32 24.44
C28 LHG ED . 50.45 23.01 24.23
C29 LHG ED . 51.47 22.68 25.32
C30 LHG ED . 52.22 23.88 25.86
C31 LHG ED . 53.41 23.54 26.73
C32 LHG ED . 53.39 24.19 28.10
C33 LHG ED . 54.08 23.37 29.18
C34 LHG ED . 54.66 24.20 30.30
C35 LHG ED . 55.94 23.63 30.90
C36 LHG ED . 56.68 24.60 31.82
C37 LHG ED . 57.42 23.92 32.94
C38 LHG ED . 57.98 24.90 33.95
O1 LHG FD . 51.76 31.72 19.87
C1 LHG FD . 52.00 33.07 19.48
C2 LHG FD . 51.31 34.05 20.41
O2 LHG FD . 50.07 34.47 19.84
C3 LHG FD . 52.13 35.27 20.75
O3 LHG FD . 51.86 35.66 22.10
P LHG FD . 53.02 35.61 23.20
O4 LHG FD . 54.14 36.46 22.71
O5 LHG FD . 52.42 35.86 24.53
O6 LHG FD . 53.51 34.08 23.14
C4 LHG FD . 54.76 33.71 23.74
C5 LHG FD . 55.61 32.98 22.73
C6 LHG FD . 55.47 33.50 21.33
O7 LHG FD . 57.01 33.12 23.09
C7 LHG FD . 57.34 32.62 24.30
O9 LHG FD . 57.75 33.29 25.20
C8 LHG FD . 57.14 31.14 24.37
C9 LHG FD . 58.43 30.34 24.30
C10 LHG FD . 58.26 28.93 23.79
O8 LHG FD . 56.14 32.55 20.47
C23 LHG FD . 56.84 33.05 19.46
O10 LHG FD . 56.42 33.11 18.34
C24 LHG FD . 58.19 33.51 19.90
C11 LHG FD . 59.16 28.57 22.62
C12 LHG FD . 60.42 27.83 23.02
C13 LHG FD . 61.49 27.82 21.95
C14 LHG FD . 62.80 27.18 22.39
C15 LHG FD . 63.80 28.18 22.91
C16 LHG FD . 65.05 27.94 23.22
C17 LHG FD . 66.15 28.93 23.26
C18 LHG FD . 66.79 29.08 24.63
C19 LHG FD . 67.79 30.21 24.72
C20 LHG FD . 69.10 29.85 25.39
C21 LHG FD . 70.18 30.89 25.24
C22 LHG FD . 70.98 31.11 26.50
C25 LHG FD . 59.09 33.93 18.75
C26 LHG FD . 59.94 32.78 18.23
C27 LHG FD . 61.32 33.19 17.75
C28 LHG FD . 62.02 32.15 16.91
C29 LHG FD . 63.37 31.71 17.45
C30 LHG FD . 64.17 32.82 18.11
C31 LHG FD . 65.62 32.46 18.40
C32 LHG FD . 66.03 32.65 19.85
C33 LHG FD . 67.11 31.70 20.32
C34 LHG FD . 67.99 32.27 21.42
C35 LHG FD . 69.43 31.79 21.37
C36 LHG FD . 70.37 32.56 22.27
C37 LHG FD . 71.50 31.73 22.82
C38 LHG FD . 72.31 32.45 23.88
O1 LHG GD . -79.82 -72.90 -14.81
C1 LHG GD . -78.44 -72.69 -15.09
C2 LHG GD . -78.23 -71.77 -16.26
O2 LHG GD . -78.00 -72.52 -17.44
C3 LHG GD . -77.12 -70.76 -16.08
O3 LHG GD . -77.47 -69.54 -16.73
P LHG GD . -77.67 -68.21 -15.85
O4 LHG GD . -76.41 -67.95 -15.11
O5 LHG GD . -78.24 -67.15 -16.73
O6 LHG GD . -78.80 -68.64 -14.79
C4 LHG GD . -79.02 -67.82 -13.63
C5 LHG GD . -78.92 -68.68 -12.39
C6 LHG GD . -77.89 -69.77 -12.48
O7 LHG GD . -78.56 -67.84 -11.26
C7 LHG GD . -79.42 -66.85 -10.97
O9 LHG GD . -79.14 -65.69 -11.04
C8 LHG GD . -80.76 -67.39 -10.56
C9 LHG GD . -81.02 -67.28 -9.06
C10 LHG GD . -82.03 -68.29 -8.55
O8 LHG GD . -78.12 -70.63 -11.34
C23 LHG GD . -77.03 -71.11 -10.74
O10 LHG GD . -76.60 -72.21 -10.94
C24 LHG GD . -76.44 -70.10 -9.79
C11 LHG GD . -81.55 -69.14 -7.40
C12 LHG GD . -81.97 -68.63 -6.04
C13 LHG GD . -81.19 -69.22 -4.88
C14 LHG GD . -81.54 -68.61 -3.51
C15 LHG GD . -80.65 -67.49 -3.13
C16 LHG GD . -80.62 -66.88 -1.97
C17 LHG GD . -79.47 -66.13 -1.39
C18 LHG GD . -79.78 -64.67 -1.11
C19 LHG GD . -78.57 -63.85 -0.70
C20 LHG GD . -78.80 -62.96 0.50
C21 LHG GD . -77.53 -62.37 1.08
C22 LHG GD . -77.68 -60.93 1.49
C25 LHG GD . -75.31 -70.67 -8.94
C26 LHG GD . -75.79 -71.25 -7.63
C27 LHG GD . -74.82 -71.05 -6.47
C28 LHG GD . -75.11 -71.93 -5.27
C29 LHG GD . -75.34 -71.16 -3.98
C30 LHG GD . -74.46 -69.93 -3.83
C31 LHG GD . -74.47 -69.33 -2.44
C32 LHG GD . -74.83 -67.85 -2.40
C33 LHG GD . -75.54 -67.40 -1.13
C34 LHG GD . -75.31 -65.95 -0.77
C35 LHG GD . -75.25 -65.68 0.72
C36 LHG GD . -74.73 -64.31 1.10
C37 LHG GD . -75.35 -63.74 2.35
C38 LHG GD . -74.98 -62.30 2.59
O1 LHG HD . -66.59 -70.02 -9.79
C1 LHG HD . -65.41 -69.50 -10.39
C2 LHG HD . -65.69 -68.26 -11.20
O2 LHG HD . -65.84 -68.58 -12.59
C3 LHG HD . -64.66 -67.16 -11.04
O3 LHG HD . -65.30 -65.88 -11.11
P LHG HD . -65.28 -64.92 -9.81
O4 LHG HD . -63.85 -64.68 -9.45
O5 LHG HD . -66.19 -63.78 -10.06
O6 LHG HD . -65.93 -65.83 -8.66
C4 LHG HD . -65.78 -65.45 -7.29
C5 LHG HD . -65.19 -66.60 -6.50
C6 LHG HD . -64.19 -67.42 -7.27
O7 LHG HD . -64.52 -66.08 -5.32
C7 LHG HD . -65.30 -65.39 -4.47
O9 LHG HD . -65.14 -64.23 -4.23
C8 LHG HD . -66.37 -66.26 -3.87
C9 LHG HD . -66.09 -66.64 -2.43
C10 LHG HD . -66.79 -67.92 -2.00
O8 LHG HD . -63.94 -68.59 -6.46
C23 LHG HD . -62.67 -69.03 -6.43
O10 LHG HD . -62.27 -69.93 -7.11
C24 LHG HD . -61.87 -68.25 -5.43
C11 LHG HD . -65.87 -68.96 -1.41
C12 LHG HD . -65.83 -68.95 0.11
C13 LHG HD . -64.65 -69.70 0.71
C14 LHG HD . -64.54 -69.59 2.22
C15 LHG HD . -63.65 -68.49 2.67
C16 LHG HD . -63.26 -68.26 3.91
C17 LHG HD . -62.04 -67.51 4.31
C18 LHG HD . -62.34 -66.26 5.15
C19 LHG HD . -61.12 -65.41 5.41
C20 LHG HD . -60.96 -64.96 6.85
C21 LHG HD . -59.62 -64.35 7.17
C22 LHG HD . -59.72 -63.13 8.06
C25 LHG HD . -60.47 -68.82 -5.22
C26 LHG HD . -60.43 -69.84 -4.09
C27 LHG HD . -59.13 -69.82 -3.30
C28 LHG HD . -58.92 -71.04 -2.43
C29 LHG HD . -58.73 -70.74 -0.96
C30 LHG HD . -57.95 -69.47 -0.68
C31 LHG HD . -57.52 -69.31 0.77
C32 LHG HD . -57.94 -67.99 1.40
C33 LHG HD . -58.18 -68.08 2.90
C34 LHG HD . -57.93 -66.77 3.64
C35 LHG HD . -57.39 -66.95 5.04
C36 LHG HD . -56.87 -65.68 5.67
C37 LHG HD . -57.04 -65.61 7.17
C38 LHG HD . -56.71 -64.26 7.76
O1 LHG ID . -52.67 -66.41 -8.45
C1 LHG ID . -51.82 -65.53 -9.17
C2 LHG ID . -52.45 -64.18 -9.38
O2 LHG ID . -53.04 -64.11 -10.68
C3 LHG ID . -51.51 -63.01 -9.20
O3 LHG ID . -52.22 -61.92 -8.63
P LHG ID . -51.81 -61.37 -7.16
O4 LHG ID . -50.38 -60.99 -7.20
O5 LHG ID . -52.83 -60.39 -6.73
O6 LHG ID . -51.95 -62.69 -6.24
C4 LHG ID . -51.35 -62.69 -4.94
C5 LHG ID . -50.46 -63.90 -4.81
C6 LHG ID . -49.73 -64.27 -6.07
O7 LHG ID . -49.45 -63.64 -3.79
C7 LHG ID . -49.93 -63.38 -2.55
O9 LHG ID . -49.77 -62.33 -2.00
C8 LHG ID . -50.66 -64.55 -1.98
C9 LHG ID . -49.86 -65.29 -0.91
C10 LHG ID . -50.29 -66.73 -0.74
O8 LHG ID . -49.13 -65.57 -5.82
C23 LHG ID . -47.91 -65.75 -6.32
O10 LHG ID . -47.71 -66.33 -7.36
C24 LHG ID . -46.86 -65.18 -5.43
C11 LHG ID . -49.14 -67.72 -0.84
C12 LHG ID . -48.58 -68.16 0.49
C13 LHG ID . -47.21 -68.82 0.42
C14 LHG ID . -46.58 -69.14 1.76
C15 LHG ID . -45.68 -68.07 2.25
C16 LHG ID . -44.89 -68.14 3.32
C17 LHG ID . -43.66 -67.34 3.55
C18 LHG ID . -43.73 -66.47 4.81
C19 LHG ID . -42.56 -65.52 4.94
C20 LHG ID . -41.95 -65.49 6.33
C21 LHG ID . -40.63 -64.77 6.41
C22 LHG ID . -40.49 -63.91 7.63
C25 LHG ID . -45.44 -65.52 -5.86
C26 LHG ID . -44.94 -66.79 -5.20
C27 LHG ID . -43.45 -66.78 -4.89
C28 LHG ID . -42.86 -68.15 -4.60
C29 LHG ID . -42.19 -68.25 -3.24
C30 LHG ID . -41.45 -67.00 -2.81
C31 LHG ID . -40.55 -67.19 -1.60
C32 LHG ID . -40.81 -66.22 -0.47
C33 LHG ID . -40.51 -66.77 0.91
C34 LHG ID . -40.13 -65.72 1.93
C35 LHG ID . -39.10 -66.19 2.95
C36 LHG ID . -38.49 -65.08 3.78
C37 LHG ID . -38.12 -65.50 5.19
C38 LHG ID . -37.71 -64.34 6.06
O1 LHG JD . -39.46 -60.92 -10.34
C1 LHG JD . -38.97 -59.74 -10.95
C2 LHG JD . -39.73 -58.51 -10.49
O2 LHG JD . -40.75 -58.17 -11.44
C3 LHG JD . -38.87 -57.30 -10.23
O3 LHG JD . -39.41 -56.55 -9.12
P LHG JD . -38.55 -56.41 -7.78
O4 LHG JD . -37.25 -55.77 -8.12
O5 LHG JD . -39.42 -55.79 -6.74
O6 LHG JD . -38.27 -57.93 -7.35
C4 LHG JD . -37.26 -58.21 -6.38
C5 LHG JD . -36.28 -59.22 -6.94
C6 LHG JD . -36.02 -59.07 -8.40
O7 LHG JD . -35.01 -59.09 -6.26
C7 LHG JD . -35.04 -59.29 -4.92
O9 LHG JD . -34.78 -58.44 -4.13
C8 LHG JD . -35.44 -60.69 -4.58
C9 LHG JD . -34.27 -61.55 -4.11
C10 LHG JD . -34.51 -63.03 -4.32
O8 LHG JD . -35.30 -60.26 -8.80
C23 LHG JD . -34.31 -60.07 -9.69
O10 LHG JD . -34.44 -60.26 -10.87
C24 LHG JD . -33.05 -59.59 -9.03
C11 LHG JD . -33.41 -63.74 -5.10
C12 LHG JD . -32.38 -64.43 -4.22
C13 LHG JD . -31.08 -64.78 -4.94
C14 LHG JD . -30.01 -65.36 -4.04
C15 LHG JD . -29.06 -64.34 -3.51
C16 LHG JD . -27.95 -64.57 -2.84
C17 LHG JD . -26.77 -63.67 -2.74
C18 LHG JD . -26.47 -63.23 -1.32
C19 LHG JD . -25.38 -62.16 -1.23
C20 LHG JD . -24.33 -62.43 -0.18
C21 LHG JD . -23.12 -61.54 -0.28
C22 LHG JD . -22.62 -61.06 1.06
C25 LHG JD . -31.86 -59.54 -9.96
C26 LHG JD . -31.07 -60.84 -9.96
C27 LHG JD . -29.57 -60.64 -10.14
C28 LHG JD . -28.82 -61.90 -10.52
C29 LHG JD . -27.72 -62.29 -9.55
C30 LHG JD . -26.96 -61.10 -8.97
C31 LHG JD . -25.68 -61.47 -8.24
C32 LHG JD . -25.60 -60.93 -6.82
C33 LHG JD . -24.80 -61.80 -5.88
C34 LHG JD . -24.15 -61.04 -4.75
C35 LHG JD . -22.80 -61.60 -4.31
C36 LHG JD . -22.02 -60.69 -3.39
C37 LHG JD . -21.16 -61.41 -2.38
C38 LHG JD . -20.54 -60.51 -1.34
O1 LHG KD . -28.15 -52.84 -14.26
C1 LHG KD . -27.99 -51.46 -14.56
C2 LHG KD . -28.63 -50.58 -13.50
O2 LHG KD . -29.93 -50.17 -13.92
C3 LHG KD . -27.81 -49.36 -13.14
O3 LHG KD . -27.99 -49.08 -11.73
P LHG KD . -26.72 -49.18 -10.75
O4 LHG KD . -25.68 -48.26 -11.25
O5 LHG KD . -27.21 -49.06 -9.35
O6 LHG KD . -26.20 -50.69 -10.97
C4 LHG KD . -24.89 -51.05 -10.50
C5 LHG KD . -24.12 -51.67 -11.65
C6 LHG KD . -24.40 -51.05 -12.99
O7 LHG KD . -22.69 -51.51 -11.39
C7 LHG KD . -22.25 -52.09 -10.26
O9 LHG KD . -21.78 -51.47 -9.34
C8 LHG KD . -22.40 -53.58 -10.30
C9 LHG KD . -21.09 -54.31 -10.52
C10 LHG KD . -21.27 -55.69 -11.14
O8 LHG KD . -23.78 -51.91 -13.96
C23 LHG KD . -23.18 -51.30 -14.99
O10 LHG KD . -23.70 -51.18 -16.07
C24 LHG KD . -21.81 -50.83 -14.63
C11 LHG KD . -20.46 -55.93 -12.41
C12 LHG KD . -19.15 -56.65 -12.18
C13 LHG KD . -18.17 -56.54 -13.33
C14 LHG KD . -16.81 -57.15 -13.05
C15 LHG KD . -15.81 -56.18 -12.55
C16 LHG KD . -14.53 -56.39 -12.36
C17 LHG KD . -13.46 -55.36 -12.34
C18 LHG KD . -12.70 -55.31 -11.01
C19 LHG KD . -11.73 -54.14 -10.92
C20 LHG KD . -10.36 -54.51 -10.40
C21 LHG KD . -9.33 -53.43 -10.56
C22 LHG KD . -8.43 -53.28 -9.36
C25 LHG KD . -21.03 -50.29 -15.81
C26 LHG KD . -20.19 -51.36 -16.49
C27 LHG KD . -18.87 -50.86 -17.05
C28 LHG KD . -18.21 -51.81 -18.03
C29 LHG KD . -16.81 -52.25 -17.64
C30 LHG KD . -15.99 -51.16 -16.96
C31 LHG KD . -14.51 -51.50 -16.83
C32 LHG KD . -13.98 -51.39 -15.41
C33 LHG KD . -12.84 -52.34 -15.10
C34 LHG KD . -11.88 -51.84 -14.04
C35 LHG KD . -10.44 -52.25 -14.26
C36 LHG KD . -9.44 -51.52 -13.38
C37 LHG KD . -8.24 -52.34 -12.99
C38 LHG KD . -7.37 -51.69 -11.96
O1 LHG LD . -19.53 -42.08 -18.54
C1 LHG LD . -19.58 -40.66 -18.39
C2 LHG LD . -19.87 -40.26 -16.96
O2 LHG LD . -21.26 -39.98 -16.79
C3 LHG LD . -19.06 -39.08 -16.47
O3 LHG LD . -18.75 -39.26 -15.08
P LHG LD . -17.21 -39.41 -14.63
O4 LHG LD . -16.48 -38.20 -15.09
O5 LHG LD . -17.19 -39.79 -13.20
O6 LHG LD . -16.71 -40.67 -15.49
C4 LHG LD . -15.29 -40.91 -15.60
C5 LHG LD . -14.92 -41.01 -17.06
C6 LHG LD . -15.70 -40.10 -17.96
O7 LHG LD . -13.52 -40.69 -17.22
C7 LHG LD . -12.66 -41.49 -16.54
O9 LHG LD . -11.95 -41.08 -15.67
C8 LHG LD . -12.71 -42.90 -17.04
C9 LHG LD . -11.52 -43.28 -17.89
C10 LHG LD . -11.82 -44.43 -18.84
O8 LHG LD . -15.39 -40.51 -19.32
C23 LHG LD . -15.24 -39.53 -20.20
O10 LHG LD . -16.11 -39.19 -20.95
C24 LHG LD . -13.86 -38.94 -20.15
C11 LHG LD . -11.48 -44.15 -20.29
C12 LHG LD . -10.13 -44.65 -20.73
C13 LHG LD . -9.62 -44.04 -22.03
C14 LHG LD . -8.21 -44.46 -22.41
C15 LHG LD . -7.17 -43.50 -21.93
C16 LHG LD . -5.88 -43.53 -22.24
C17 LHG LD . -4.94 -42.38 -22.21
C18 LHG LD . -3.78 -42.58 -21.24
C19 LHG LD . -2.93 -41.33 -21.07
C20 LHG LD . -1.43 -41.59 -21.14
C21 LHG LD . -0.60 -40.33 -21.25
C22 LHG LD . 0.65 -40.38 -20.41
C25 LHG LD . -13.59 -37.96 -21.27
C26 LHG LD . -12.98 -38.62 -22.49
C27 LHG LD . -11.97 -37.75 -23.22
C28 LHG LD . -11.64 -38.23 -24.62
C29 LHG LD . -10.16 -38.51 -24.84
C30 LHG LD . -9.24 -37.54 -24.14
C31 LHG LD . -7.78 -37.62 -24.59
C32 LHG LD . -6.80 -37.84 -23.46
C33 LHG LD . -5.55 -38.62 -23.86
C34 LHG LD . -4.32 -38.29 -23.03
C35 LHG LD . -3.01 -38.35 -23.81
C36 LHG LD . -1.83 -37.75 -23.09
C37 LHG LD . -0.51 -38.42 -23.39
C38 LHG LD . 0.62 -37.94 -22.51
O1 LHG MD . -13.72 -29.18 -21.41
C1 LHG MD . -13.82 -27.90 -20.79
C2 LHG MD . -13.61 -27.99 -19.29
O2 LHG MD . -14.86 -28.03 -18.62
C3 LHG MD . -12.76 -26.87 -18.71
O3 LHG MD . -11.97 -27.39 -17.63
P LHG MD . -10.37 -27.39 -17.75
O4 LHG MD . -9.93 -25.99 -17.98
O5 LHG MD . -9.83 -28.16 -16.60
O6 LHG MD . -10.11 -28.23 -19.09
C4 LHG MD . -8.82 -28.18 -19.71
C5 LHG MD . -8.97 -27.78 -21.16
C6 LHG MD . -10.07 -26.79 -21.41
O7 LHG MD . -7.74 -27.18 -21.63
C7 LHG MD . -6.64 -27.97 -21.55
O9 LHG MD . -5.70 -27.72 -20.86
C8 LHG MD . -6.77 -29.16 -22.45
C9 LHG MD . -5.92 -29.07 -23.71
C10 LHG MD . -6.45 -29.93 -24.84
O8 LHG MD . -10.24 -26.73 -22.85
C23 LHG MD . -10.47 -25.53 -23.36
O10 LHG MD . -11.57 -25.14 -23.65
C24 LHG MD . -9.21 -24.75 -23.54
C11 LHG MD . -6.67 -29.17 -26.14
C12 LHG MD . -5.52 -29.27 -27.13
C13 LHG MD . -5.55 -28.23 -28.23
C14 LHG MD . -4.33 -28.25 -29.14
C15 LHG MD . -3.26 -27.31 -28.73
C16 LHG MD . -2.17 -27.02 -29.40
C17 LHG MD . -1.36 -25.78 -29.28
C18 LHG MD . 0.08 -26.04 -28.84
C19 LHG MD . 0.86 -24.77 -28.53
C20 LHG MD . 2.24 -24.72 -29.15
C21 LHG MD . 2.89 -23.36 -29.08
C22 LHG MD . 4.36 -23.43 -28.73
C25 LHG MD . -9.41 -23.44 -24.29
C26 LHG MD . -9.22 -23.60 -25.79
C27 LHG MD . -8.60 -22.39 -26.46
C28 LHG MD . -8.73 -22.38 -27.97
C29 LHG MD . -7.42 -22.30 -28.72
C30 LHG MD . -6.37 -21.43 -28.06
C31 LHG MD . -5.17 -21.13 -28.93
C32 LHG MD . -3.84 -21.48 -28.30
C33 LHG MD . -2.76 -21.88 -29.30
C34 LHG MD . -1.36 -21.58 -28.83
C35 LHG MD . -0.39 -21.19 -29.95
C36 LHG MD . 0.92 -20.62 -29.47
C37 LHG MD . 2.09 -20.92 -30.37
C38 LHG MD . 3.42 -20.52 -29.78
O1 LHG ND . -10.19 -15.18 -21.43
C1 LHG ND . -10.15 -14.17 -20.43
C2 LHG ND . -9.43 -14.65 -19.18
O2 LHG ND . -10.37 -15.11 -18.22
C3 LHG ND . -8.52 -13.62 -18.56
O3 LHG ND . -7.36 -14.29 -18.01
P LHG ND . -5.92 -13.96 -18.61
O4 LHG ND . -5.68 -12.50 -18.49
O5 LHG ND . -4.95 -14.92 -18.03
O6 LHG ND . -6.07 -14.32 -20.17
C4 LHG ND . -5.09 -13.85 -21.11
C5 LHG ND . -5.77 -13.09 -22.21
C6 LHG ND . -6.96 -12.29 -21.77
O7 LHG ND . -4.82 -12.16 -22.81
C7 LHG ND . -3.72 -12.73 -23.34
O9 LHG ND . -2.61 -12.53 -22.94
C8 LHG ND . -4.06 -13.62 -24.50
C9 LHG ND . -3.73 -13.01 -25.85
C10 LHG ND . -4.55 -13.58 -26.99
O8 LHG ND . -7.61 -11.84 -22.97
C23 LHG ND . -8.10 -10.60 -22.96
O10 LHG ND . -9.25 -10.35 -22.75
C24 LHG ND . -7.04 -9.58 -23.24
C11 LHG ND . -5.27 -12.52 -27.82
C12 LHG ND . -4.53 -12.13 -29.09
C13 LHG ND . -5.01 -10.84 -29.72
C14 LHG ND . -4.19 -10.37 -30.92
C15 LHG ND . -3.11 -9.42 -30.56
C16 LHG ND . -2.35 -8.76 -31.39
C17 LHG ND . -1.63 -7.48 -31.12
C18 LHG ND . -0.12 -7.59 -31.27
C19 LHG ND . 0.61 -6.35 -30.80
C20 LHG ND . 1.69 -5.87 -31.76
C21 LHG ND . 2.24 -4.50 -31.44
C22 LHG ND . 3.73 -4.40 -31.61
C25 LHG ND . -7.58 -8.18 -23.41
C26 LHG ND . -7.91 -7.85 -24.86
C27 LHG ND . -7.65 -6.40 -25.25
C28 LHG ND . -8.31 -5.98 -26.55
C29 LHG ND . -7.35 -5.46 -27.60
C30 LHG ND . -6.20 -4.64 -27.03
C31 LHG ND . -5.40 -3.89 -28.09
C32 LHG ND . -3.90 -4.17 -28.05
C33 LHG ND . -3.23 -4.06 -29.40
C34 LHG ND . -1.76 -3.66 -29.33
C35 LHG ND . -1.30 -2.79 -30.48
C36 LHG ND . 0.07 -2.16 -30.27
C37 LHG ND . 0.86 -1.98 -31.53
C38 LHG ND . 2.29 -1.54 -31.29
O1 LHG OD . -7.88 -1.38 -17.87
C1 LHG OD . -7.56 -0.73 -16.65
C2 LHG OD . -6.42 -1.41 -15.92
O2 LHG OD . -6.92 -2.29 -14.92
C3 LHG OD . -5.42 -0.46 -15.30
O3 LHG OD . -4.10 -1.03 -15.39
P LHG OD . -2.98 -0.30 -16.27
O4 LHG OD . -2.82 1.08 -15.74
O5 LHG OD . -1.81 -1.19 -16.36
O6 LHG OD . -3.65 -0.19 -17.73
C4 LHG OD . -3.09 0.68 -18.70
C5 LHG OD . -4.17 1.60 -19.23
C6 LHG OD . -5.18 2.02 -18.20
O7 LHG OD . -3.55 2.81 -19.74
C7 LHG OD . -2.68 2.64 -20.75
O9 LHG OD . -1.51 2.90 -20.66
C8 LHG OD . -3.34 2.08 -21.97
C9 LHG OD . -3.54 3.11 -23.07
C10 LHG OD . -4.67 2.76 -24.02
O8 LHG OD . -6.24 2.67 -18.92
C23 LHG OD . -6.78 3.74 -18.33
O10 LHG OD . -7.80 3.71 -17.70
C24 LHG OD . -5.96 4.97 -18.57
C11 LHG OD . -5.71 3.85 -24.19
C12 LHG OD . -5.49 4.73 -25.41
C13 LHG OD . -6.24 6.04 -25.38
C14 LHG OD . -5.93 6.97 -26.55
C15 LHG OD . -4.86 7.95 -26.24
C16 LHG OD . -4.49 8.96 -27.00
C17 LHG OD . -3.81 10.21 -26.55
C18 LHG OD . -2.44 10.42 -27.19
C19 LHG OD . -1.68 11.58 -26.59
C20 LHG OD . -1.05 12.50 -27.61
C21 LHG OD . -0.53 13.80 -27.04
C22 LHG OD . 0.81 14.20 -27.62
C25 LHG OD . -6.62 6.25 -18.10
C26 LHG OD . -7.46 6.91 -19.17
C27 LHG OD . -7.45 8.42 -19.11
C28 LHG OD . -8.56 9.09 -19.92
C29 LHG OD . -8.06 10.06 -20.97
C30 LHG OD . -6.84 10.86 -20.56
C31 LHG OD . -6.52 12.02 -21.49
C32 LHG OD . -5.09 12.01 -22.01
C33 LHG OD . -4.94 12.64 -23.39
C34 LHG OD . -3.57 13.25 -23.64
C35 LHG OD . -3.60 14.48 -24.52
C36 LHG OD . -2.29 15.26 -24.54
C37 LHG OD . -2.00 15.94 -25.85
C38 LHG OD . -0.62 16.55 -25.93
O1 LHG PD . -5.44 10.96 -10.78
C1 LHG PD . -4.75 11.28 -9.58
C2 LHG PD . -3.39 10.63 -9.52
O2 LHG PD . -3.44 9.42 -8.76
C3 LHG PD . -2.30 11.52 -8.96
O3 LHG PD . -1.07 11.24 -9.63
P LHG PD . -0.38 12.39 -10.51
O4 LHG PD . -0.13 13.57 -9.63
O5 LHG PD . 0.75 11.79 -11.26
O6 LHG PD . -1.52 12.79 -11.56
C4 LHG PD . -1.39 14.00 -12.32
C5 LHG PD . -2.65 14.82 -12.14
C6 LHG PD . -3.26 14.73 -10.78
O7 LHG PD . -2.34 16.22 -12.38
C7 LHG PD . -1.86 16.51 -13.61
O9 LHG PD . -0.76 16.94 -13.80
C8 LHG PD . -2.87 16.22 -14.67
C9 LHG PD . -3.51 17.47 -15.26
C10 LHG PD . -4.88 17.21 -15.87
O8 LHG PD . -4.55 15.37 -10.87
C23 LHG PD . -4.93 16.11 -9.83
O10 LHG PD . -5.66 15.71 -8.96
C24 LHG PD . -4.33 17.47 -9.88
C11 LHG PD . -5.98 18.11 -15.33
C12 LHG PD . -6.27 19.32 -16.20
C13 LHG PD . -7.06 20.41 -15.50
C14 LHG PD . -7.23 21.68 -16.32
C15 LHG PD . -6.19 22.72 -16.05
C16 LHG PD . -6.19 23.95 -16.51
C17 LHG PD . -5.48 25.11 -15.89
C18 LHG PD . -4.44 25.73 -16.81
C19 LHG PD . -3.60 26.79 -16.13
C20 LHG PD . -3.43 28.07 -16.93
C21 LHG PD . -2.82 29.21 -16.15
C22 LHG PD . -1.82 30.00 -16.94
C25 LHG PD . -4.87 18.42 -8.83
C26 LHG PD . -6.07 19.20 -9.30
C27 LHG PD . -6.16 20.62 -8.75
C28 LHG PD . -7.51 21.28 -8.90
C29 LHG PD . -7.49 22.58 -9.67
C30 LHG PD . -6.26 23.43 -9.41
C31 LHG PD . -6.36 24.85 -9.94
C32 LHG PD . -5.21 25.26 -10.85
C33 LHG PD . -5.59 26.27 -11.91
C34 LHG PD . -4.45 27.17 -12.35
C35 LHG PD . -4.86 28.58 -12.72
C36 LHG PD . -3.71 29.54 -12.88
C37 LHG PD . -3.95 30.62 -13.91
C38 LHG PD . -2.72 31.45 -14.21
O1 LHG QD . -1.53 20.93 -1.10
C1 LHG QD . -0.49 21.01 -0.13
C2 LHG QD . 0.85 20.62 -0.71
O2 LHG QD . 1.14 19.26 -0.43
C3 LHG QD . 2.00 21.49 -0.25
O3 LHG QD . 2.94 21.64 -1.33
P LHG QD . 3.20 23.11 -1.94
O4 LHG QD . 3.64 24.00 -0.84
O5 LHG QD . 4.03 22.95 -3.15
O6 LHG QD . 1.73 23.58 -2.40
C4 LHG QD . 1.50 24.96 -2.69
C5 LHG QD . 0.33 25.46 -1.88
C6 LHG QD . 0.24 24.86 -0.51
O7 LHG QD . 0.44 26.90 -1.72
C7 LHG QD . 0.44 27.61 -2.86
O9 LHG QD . 1.36 28.27 -3.23
C8 LHG QD . -0.87 27.47 -3.61
C9 LHG QD . -1.75 28.70 -3.50
C10 LHG QD . -3.22 28.39 -3.71
O8 LHG QD . -1.05 25.25 0.02
C23 LHG QD . -1.08 25.58 1.31
O10 LHG QD . -1.43 24.83 2.17
C24 LHG QD . -0.64 26.99 1.54
C11 LHG QD . -4.12 28.89 -2.59
C12 LHG QD . -4.78 30.22 -2.87
C13 LHG QD . -5.35 30.90 -1.64
C14 LHG QD . -5.89 32.30 -1.89
C15 LHG QD . -4.90 33.38 -1.63
C16 LHG QD . -5.14 34.67 -1.63
C17 LHG QD . -4.34 35.71 -0.91
C18 LHG QD . -3.74 36.75 -1.83
C19 LHG QD . -2.78 37.70 -1.13
C20 LHG QD . -2.99 39.16 -1.47
C21 LHG QD . -2.24 40.11 -0.58
C22 LHG QD . -1.62 41.27 -1.33
C25 LHG QD . -0.83 27.47 2.96
C26 LHG QD . -2.18 28.14 3.18
C27 LHG QD . -2.15 29.29 4.16
C28 LHG QD . -3.53 29.71 4.67
C29 LHG QD . -3.87 31.17 4.41
C30 LHG QD . -2.68 32.11 4.55
C31 LHG QD . -3.07 33.57 4.58
C32 LHG QD . -2.34 34.43 3.55
C33 LHG QD . -3.13 35.62 3.06
C34 LHG QD . -2.28 36.80 2.61
C35 LHG QD . -2.90 38.16 2.89
C36 LHG QD . -1.95 39.31 2.72
C37 LHG QD . -2.61 40.59 2.24
C38 LHG QD . -1.62 41.68 1.87
O1 LHG RD . 4.82 28.19 9.65
C1 LHG RD . 6.12 28.16 10.22
C2 LHG RD . 7.19 28.21 9.15
O2 LHG RD . 7.66 26.89 8.86
C3 LHG RD . 8.37 29.10 9.50
O3 LHG RD . 8.86 29.73 8.31
P LHG RD . 8.79 31.32 8.17
O4 LHG RD . 9.52 31.92 9.31
O5 LHG RD . 9.15 31.68 6.77
O6 LHG RD . 7.23 31.63 8.37
C4 LHG RD . 6.81 32.98 8.64
C5 LHG RD . 5.96 33.00 9.90
C6 LHG RD . 6.40 32.03 10.96
O7 LHG RD . 6.02 34.33 10.49
C7 LHG RD . 5.57 35.33 9.70
O9 LHG RD . 6.26 36.22 9.32
C8 LHG RD . 4.11 35.18 9.40
C9 LHG RD . 3.22 36.14 10.18
C10 LHG RD . 1.80 35.65 10.34
O8 LHG RD . 5.36 32.01 11.95
C23 LHG RD . 5.76 31.93 13.22
O10 LHG RD . 5.78 30.91 13.84
C24 LHG RD . 6.15 33.28 13.75
C11 LHG RD . 1.32 35.62 11.78
C12 LHG RD . 0.51 36.85 12.19
C13 LHG RD . 0.36 37.03 13.69
C14 LHG RD . -0.33 38.31 14.09
C15 LHG RD . 0.61 39.44 14.38
C16 LHG RD . 0.30 40.60 14.89
C17 LHG RD . 1.22 41.52 15.64
C18 LHG RD . 1.39 42.87 14.97
C19 LHG RD . 2.46 43.72 15.62
C20 LHG RD . 2.04 45.16 15.87
C21 LHG RD . 3.00 45.94 16.76
C22 LHG RD . 3.23 47.35 16.28
C25 LHG RD . 6.43 33.28 15.24
C26 LHG RD . 5.20 33.60 16.07
C27 LHG RD . 5.49 34.39 17.33
C28 LHG RD . 4.35 34.40 18.34
C29 LHG RD . 3.85 35.78 18.70
C30 LHG RD . 4.94 36.84 18.79
C31 LHG RD . 4.49 38.14 19.41
C32 LHG RD . 4.74 39.37 18.56
C33 LHG RD . 3.74 40.49 18.77
C34 LHG RD . 4.31 41.87 18.50
C35 LHG RD . 3.73 42.96 19.39
C36 LHG RD . 4.48 44.28 19.33
C37 LHG RD . 3.61 45.49 19.53
C38 LHG RD . 4.33 46.80 19.26
O1 LHG SD . 14.00 33.01 19.70
C1 LHG SD . 15.42 33.05 19.79
C2 LHG SD . 16.05 33.60 18.53
O2 LHG SD . 16.47 32.53 17.68
C3 LHG SD . 17.21 34.54 18.76
O3 LHG SD . 17.20 35.57 17.76
P LHG SD . 16.98 37.10 18.20
O4 LHG SD . 18.02 37.46 19.19
O5 LHG SD . 16.80 37.90 16.97
O6 LHG SD . 15.56 37.06 18.97
C4 LHG SD . 15.17 38.16 19.79
C5 LHG SD . 14.83 37.67 21.17
C6 LHG SD . 15.67 36.53 21.64
O7 LHG SD . 14.99 38.75 22.12
C7 LHG SD . 14.23 39.84 21.89
O9 LHG SD . 14.68 40.91 21.64
C8 LHG SD . 12.76 39.52 22.03
C9 LHG SD . 12.15 40.05 23.32
C10 LHG SD . 10.91 39.29 23.74
O8 LHG SD . 15.05 36.03 22.85
C23 LHG SD . 15.87 35.66 23.83
O10 LHG SD . 16.18 34.52 24.03
C24 LHG SD . 16.33 36.84 24.63
C11 LHG SD . 10.96 38.75 25.16
C12 LHG SD . 10.27 39.64 26.18
C13 LHG SD . 10.64 39.34 27.62
C14 LHG SD . 10.04 40.31 28.62
C15 LHG SD . 10.95 41.45 28.96
C16 LHG SD . 10.76 42.34 29.91
C17 LHG SD . 11.82 43.14 30.59
C18 LHG SD . 11.64 44.65 30.40
C19 LHG SD . 12.81 45.46 30.93
C20 LHG SD . 12.41 46.66 31.76
C21 LHG SD . 13.55 47.29 32.52
C22 LHG SD . 13.51 48.80 32.50
C25 LHG SD . 17.11 36.45 25.87
C26 LHG SD . 16.23 36.29 27.10
C27 LHG SD . 16.89 36.73 28.40
C28 LHG SD . 16.18 36.23 29.64
C29 LHG SD . 15.74 37.34 30.58
C30 LHG SD . 16.71 38.50 30.68
C31 LHG SD . 16.42 39.46 31.82
C32 LHG SD . 16.27 40.91 31.38
C33 LHG SD . 15.33 41.73 32.25
C34 LHG SD . 15.67 43.21 32.30
C35 LHG SD . 15.36 43.86 33.65
C36 LHG SD . 15.95 45.26 33.80
C37 LHG SD . 15.13 46.18 34.65
C38 LHG SD . 15.61 47.61 34.62
O1 LHG TD . 25.76 36.26 27.41
C1 LHG TD . 27.11 36.53 27.07
C2 LHG TD . 27.21 37.53 25.93
O2 LHG TD . 27.39 36.85 24.69
C3 LHG TD . 28.31 38.55 26.11
O3 LHG TD . 27.90 39.80 25.56
P LHG TD . 27.72 41.07 26.54
O4 LHG TD . 29.02 41.31 27.20
O5 LHG TD . 27.08 42.16 25.76
O6 LHG TD . 26.68 40.56 27.64
C4 LHG TD . 26.53 41.29 28.85
C5 LHG TD . 26.72 40.36 30.03
C6 LHG TD . 27.76 39.29 29.81
O7 LHG TD . 27.13 41.13 31.19
C7 LHG TD . 26.26 42.08 31.60
O9 LHG TD . 26.51 43.25 31.58
C8 LHG TD . 24.97 41.48 32.05
C9 LHG TD . 24.80 41.49 33.56
C10 LHG TD . 23.84 40.43 34.07
O8 LHG TD . 27.63 38.37 30.91
C23 LHG TD . 28.77 37.88 31.41
O10 LHG TD . 29.21 36.81 31.12
C24 LHG TD . 29.39 38.84 32.38
C11 LHG TD . 24.43 39.53 35.14
C12 LHG TD . 24.07 39.94 36.55
C13 LHG TD . 24.95 39.31 37.63
C14 LHG TD . 24.68 39.81 39.03
C15 LHG TD . 25.57 40.94 39.44
C16 LHG TD . 25.66 41.48 40.64
C17 LHG TD . 26.82 42.23 41.19
C18 LHG TD . 26.49 43.66 41.56
C19 LHG TD . 27.72 44.48 41.95
C20 LHG TD . 27.55 45.29 43.23
C21 LHG TD . 28.84 45.87 43.74
C22 LHG TD . 28.68 47.29 44.25
C25 LHG TD . 30.59 38.26 33.11
C26 LHG TD . 30.21 37.59 34.41
C27 LHG TD . 31.24 37.74 35.52
C28 LHG TD . 31.05 36.79 36.68
C29 LHG TD . 30.89 37.48 38.02
C30 LHG TD . 31.75 38.72 38.19
C31 LHG TD . 31.82 39.23 39.62
C32 LHG TD . 31.43 40.69 39.76
C33 LHG TD . 30.79 41.03 41.11
C34 LHG TD . 31.02 42.47 41.54
C35 LHG TD . 31.16 42.64 43.05
C36 LHG TD . 31.68 44.01 43.46
C37 LHG TD . 31.13 44.49 44.79
C38 LHG TD . 31.47 45.92 45.10
O1 LHG UD . 39.21 39.18 31.75
C1 LHG UD . 40.35 39.77 31.11
C2 LHG UD . 39.98 41.06 30.40
O2 LHG UD . 39.75 40.82 29.02
C3 LHG UD . 40.99 42.16 30.56
O3 LHG UD . 40.32 43.43 30.62
P LHG UD . 40.41 44.31 31.96
O4 LHG UD . 41.84 44.57 32.24
O5 LHG UD . 39.47 45.44 31.84
O6 LHG UD . 39.86 43.32 33.10
C4 LHG UD . 40.09 43.62 34.47
C5 LHG UD . 40.74 42.44 35.15
C6 LHG UD . 41.71 41.69 34.27
O7 LHG UD . 41.48 42.89 36.32
C7 LHG UD . 40.75 43.51 37.26
O9 LHG UD . 40.90 44.67 37.56
C8 LHG UD . 39.74 42.60 37.86
C9 LHG UD . 40.12 42.14 39.26
C10 LHG UD . 39.47 40.81 39.65
O8 LHG UD . 42.04 40.47 34.99
C23 LHG UD . 43.31 40.08 34.92
O10 LHG UD . 43.70 39.24 34.16
C24 LHG UD . 44.18 40.81 35.90
C11 LHG UD . 40.46 39.75 40.12
C12 LHG UD . 40.59 39.67 41.64
C13 LHG UD . 41.83 38.92 42.11
C14 LHG UD . 42.03 38.94 43.62
C15 LHG UD . 42.92 40.04 44.08
C16 LHG UD . 43.39 40.21 45.29
C17 LHG UD . 44.62 40.96 45.67
C18 LHG UD . 44.35 42.15 46.60
C19 LHG UD . 45.56 43.02 46.83
C20 LHG UD . 45.80 43.37 48.28
C21 LHG UD . 47.14 44.01 48.56
C22 LHG UD . 47.07 45.16 49.52
C25 LHG UD . 45.59 40.26 35.99
C26 LHG UD . 45.73 39.19 37.05
C27 LHG UD . 47.07 39.19 37.76
C28 LHG UD . 47.37 37.92 38.53
C29 LHG UD . 47.64 38.14 40.01
C30 LHG UD . 48.42 39.41 40.31
C31 LHG UD . 48.94 39.50 41.74
C32 LHG UD . 48.53 40.76 42.48
C33 LHG UD . 48.38 40.58 43.98
C34 LHG UD . 48.65 41.84 44.78
C35 LHG UD . 49.30 41.60 46.14
C36 LHG UD . 49.82 42.85 46.80
C37 LHG UD . 49.74 42.81 48.31
C38 LHG UD . 50.08 44.14 48.97
O1 LHG VD . -82.79 -63.86 -31.18
C1 LHG VD . -81.68 -63.84 -30.30
C2 LHG VD . -80.38 -64.13 -31.03
O2 LHG VD . -80.03 -65.50 -30.87
C3 LHG VD . -79.22 -63.27 -30.59
O3 LHG VD . -78.38 -62.99 -31.73
P LHG VD . -78.22 -61.48 -32.23
O4 LHG VD . -77.69 -60.67 -31.11
O5 LHG VD . -77.48 -61.50 -33.53
O6 LHG VD . -79.73 -61.02 -32.52
C4 LHG VD . -80.02 -59.62 -32.70
C5 LHG VD . -81.13 -59.23 -31.74
C6 LHG VD . -81.08 -59.93 -30.42
O7 LHG VD . -81.04 -57.81 -31.48
C7 LHG VD . -81.17 -57.01 -32.56
O9 LHG VD . -80.29 -56.29 -32.95
C8 LHG VD . -82.52 -57.14 -33.19
C9 LHG VD . -83.42 -55.95 -32.92
C10 LHG VD . -84.90 -56.29 -33.02
O8 LHG VD . -82.33 -59.63 -29.76
C23 LHG VD . -82.26 -59.41 -28.44
O10 LHG VD . -82.51 -60.25 -27.62
C24 LHG VD . -81.83 -58.00 -28.15
C11 LHG VD . -85.72 -55.92 -31.79
C12 LHG VD . -86.43 -54.59 -31.91
C13 LHG VD . -86.91 -54.03 -30.58
C14 LHG VD . -87.52 -52.62 -30.68
C15 LHG VD . -86.53 -51.53 -30.41
C16 LHG VD . -86.80 -50.26 -30.27
C17 LHG VD . -85.97 -49.25 -29.55
C18 LHG VD . -85.48 -48.12 -30.43
C19 LHG VD . -84.49 -47.21 -29.74
C20 LHG VD . -84.77 -45.72 -29.93
C21 LHG VD . -83.96 -44.82 -29.04
C22 LHG VD . -83.44 -43.59 -29.74
C25 LHG VD . -81.92 -57.65 -26.67
C26 LHG VD . -83.26 -57.05 -26.29
C27 LHG VD . -83.18 -55.98 -25.21
C28 LHG VD . -84.51 -55.65 -24.57
C29 LHG VD . -84.91 -54.18 -24.68
C30 LHG VD . -83.75 -53.22 -24.56
C31 LHG VD . -84.17 -51.77 -24.38
C32 LHG VD . -83.56 -50.82 -25.39
C33 LHG VD . -84.43 -49.61 -25.71
C34 LHG VD . -83.65 -48.38 -26.13
C35 LHG VD . -84.27 -47.07 -25.70
C36 LHG VD . -83.37 -45.87 -25.85
C37 LHG VD . -84.09 -44.58 -26.17
C38 LHG VD . -83.18 -43.44 -26.53
O1 LHG WD . -75.74 -57.27 -20.45
C1 LHG WD . -74.38 -57.30 -19.99
C2 LHG WD . -73.41 -57.13 -21.14
O2 LHG WD . -72.93 -58.41 -21.58
C3 LHG WD . -72.23 -56.24 -20.83
O3 LHG WD . -71.87 -55.50 -22.00
P LHG WD . -71.99 -53.90 -22.00
O4 LHG WD . -71.17 -53.37 -20.88
O5 LHG WD . -71.76 -53.42 -23.38
O6 LHG WD . -73.54 -53.66 -21.64
C4 LHG WD . -73.98 -52.35 -21.23
C5 LHG WD . -74.70 -52.46 -19.90
C6 LHG WD . -74.14 -53.49 -18.97
O7 LHG WD . -74.62 -51.18 -19.22
C7 LHG WD . -75.17 -50.13 -19.88
O9 LHG WD . -74.54 -49.19 -20.25
C8 LHG WD . -76.65 -50.32 -20.06
C9 LHG WD . -77.48 -49.44 -19.14
C10 LHG WD . -78.87 -50.00 -18.90
O8 LHG WD . -75.10 -53.63 -17.90
C23 LHG WD . -74.59 -53.79 -16.68
O10 LHG WD . -74.48 -54.86 -16.15
C24 LHG WD . -74.18 -52.48 -16.08
C11 LHG WD . -79.23 -50.15 -17.43
C12 LHG WD . -80.03 -48.99 -16.86
C13 LHG WD . -80.05 -48.94 -15.35
C14 LHG WD . -80.75 -47.70 -14.78
C15 LHG WD . -79.81 -46.58 -14.47
C16 LHG WD . -80.10 -45.47 -13.84
C17 LHG WD . -79.15 -44.59 -13.11
C18 LHG WD . -79.08 -43.18 -13.67
C19 LHG WD . -77.97 -42.34 -13.06
C20 LHG WD . -78.40 -40.94 -12.65
C21 LHG WD . -77.40 -40.22 -11.79
C22 LHG WD . -77.25 -38.76 -12.17
C25 LHG WD . -73.77 -52.59 -14.62
C26 LHG WD . -74.94 -52.38 -13.67
C27 LHG WD . -74.56 -51.67 -12.38
C28 LHG WD . -75.60 -51.79 -11.28
C29 LHG WD . -76.11 -50.45 -10.76
C30 LHG WD . -75.05 -49.38 -10.69
C31 LHG WD . -75.48 -48.14 -9.91
C32 LHG WD . -75.33 -46.84 -10.69
C33 LHG WD . -76.34 -45.77 -10.31
C34 LHG WD . -75.84 -44.35 -10.50
C35 LHG WD . -76.37 -43.36 -9.48
C36 LHG WD . -75.65 -42.02 -9.50
C37 LHG WD . -76.54 -40.85 -9.12
C38 LHG WD . -75.88 -39.50 -9.34
O1 LHG XD . -65.84 -52.95 -10.86
C1 LHG XD . -64.43 -52.87 -10.89
C2 LHG XD . -63.92 -52.20 -12.14
O2 LHG XD . -63.54 -53.19 -13.11
C3 LHG XD . -62.77 -51.24 -11.93
O3 LHG XD . -62.89 -50.14 -12.84
P LHG XD . -63.13 -48.66 -12.27
O4 LHG XD . -62.00 -48.34 -11.34
O5 LHG XD . -63.42 -47.76 -13.40
O6 LHG XD . -64.46 -48.81 -11.39
C4 LHG XD . -64.81 -47.79 -10.44
C5 LHG XD . -65.02 -48.40 -9.08
C6 LHG XD . -64.11 -49.55 -8.77
O7 LHG XD . -64.80 -47.39 -8.06
C7 LHG XD . -65.60 -46.31 -8.13
O9 LHG XD . -65.21 -45.20 -8.34
C8 LHG XD . -67.04 -46.69 -7.90
C9 LHG XD . -67.55 -46.29 -6.54
C10 LHG XD . -68.74 -47.13 -6.07
O8 LHG XD . -64.61 -50.16 -7.56
C23 LHG XD . -63.70 -50.57 -6.69
O10 LHG XD . -63.34 -51.71 -6.61
C24 LHG XD . -63.20 -49.45 -5.83
C11 LHG XD . -68.55 -47.77 -4.71
C12 LHG XD . -69.18 -46.99 -3.56
C13 LHG XD . -68.68 -47.38 -2.19
C14 LHG XD . -69.20 -46.51 -1.05
C15 LHG XD . -68.30 -45.38 -0.70
C16 LHG XD . -68.43 -44.57 0.32
C17 LHG XD . -67.35 -43.79 0.98
C18 LHG XD . -67.57 -42.28 0.92
C19 LHG XD . -66.38 -41.48 1.41
C20 LHG XD . -66.74 -40.37 2.38
C21 LHG XD . -65.55 -39.75 3.08
C22 LHG XD . -65.65 -38.25 3.19
C25 LHG XD . -62.29 -49.90 -4.71
C26 LHG XD . -63.07 -50.18 -3.43
C27 LHG XD . -62.31 -49.84 -2.16
C28 LHG XD . -62.89 -50.45 -0.90
C29 LHG XD . -63.28 -49.43 0.17
C30 LHG XD . -62.34 -48.25 0.26
C31 LHG XD . -62.55 -47.40 1.50
C32 LHG XD . -62.78 -45.93 1.21
C33 LHG XD . -63.66 -45.21 2.22
C34 LHG XD . -63.36 -43.73 2.36
C35 LHG XD . -63.57 -43.19 3.77
C36 LHG XD . -62.99 -41.80 3.98
C37 LHG XD . -63.77 -40.98 4.97
C38 LHG XD . -63.33 -39.53 5.03
O1 LHG YD . -53.55 -49.92 -3.92
C1 LHG YD . -52.24 -49.59 -4.35
C2 LHG YD . -52.26 -48.50 -5.41
O2 LHG YD . -52.17 -49.07 -6.71
C3 LHG YD . -51.17 -47.46 -5.25
O3 LHG YD . -51.68 -46.18 -5.66
P LHG YD . -51.80 -45.00 -4.57
O4 LHG YD . -50.45 -44.77 -3.99
O5 LHG YD . -52.53 -43.87 -5.20
O6 LHG YD . -52.73 -45.63 -3.43
C4 LHG YD . -52.80 -45.01 -2.14
C5 LHG YD . -52.48 -46.02 -1.07
C6 LHG YD . -51.44 -47.02 -1.46
O7 LHG YD . -51.98 -45.32 0.12
C7 LHG YD . -52.84 -44.44 0.66
O9 LHG YD . -52.62 -43.26 0.72
C8 LHG YD . -54.07 -45.11 1.18
C9 LHG YD . -54.11 -45.23 2.69
C10 LHG YD . -54.98 -46.36 3.19
O8 LHG YD . -51.44 -48.03 -0.43
C23 LHG YD . -50.25 -48.52 -0.07
O10 LHG YD . -49.80 -49.55 -0.50
C24 LHG YD . -49.57 -47.62 0.91
C11 LHG YD . -54.29 -47.32 4.13
C12 LHG YD . -54.52 -47.04 5.60
C13 LHG YD . -53.54 -47.72 6.54
C14 LHG YD . -53.71 -47.33 8.00
C15 LHG YD . -52.82 -46.22 8.42
C16 LHG YD . -52.64 -45.78 9.64
C17 LHG YD . -51.45 -45.03 10.15
C18 LHG YD . -51.78 -43.65 10.68
C19 LHG YD . -50.55 -42.82 11.02
C20 LHG YD . -50.63 -42.12 12.36
C21 LHG YD . -49.32 -41.53 12.82
C22 LHG YD . -49.47 -40.17 13.45
C25 LHG YD . -48.29 -48.22 1.49
C26 LHG YD . -48.54 -49.00 2.76
C27 LHG YD . -47.43 -48.90 3.78
C28 LHG YD . -47.48 -49.95 4.87
C29 LHG YD . -47.54 -49.38 6.28
C30 LHG YD . -46.71 -48.13 6.48
C31 LHG YD . -46.54 -47.73 7.94
C32 LHG YD . -46.95 -46.29 8.23
C33 LHG YD . -47.47 -46.08 9.64
C34 LHG YD . -47.25 -44.67 10.17
C35 LHG YD . -46.98 -44.61 11.66
C36 LHG YD . -46.47 -43.27 12.15
C37 LHG YD . -46.90 -42.92 13.55
C38 LHG YD . -46.58 -41.50 13.94
O1 LHG ZD . -39.85 -46.90 -0.51
C1 LHG ZD . -38.80 -46.23 -1.20
C2 LHG ZD . -39.26 -44.90 -1.76
O2 LHG ZD . -39.59 -45.05 -3.14
C3 LHG ZD . -38.26 -43.78 -1.60
O3 LHG ZD . -38.96 -42.54 -1.38
P LHG ZD . -38.78 -41.77 0.01
O4 LHG ZD . -37.33 -41.49 0.19
O5 LHG ZD . -39.76 -40.67 0.06
O6 LHG ZD . -39.20 -42.87 1.10
C4 LHG ZD . -38.86 -42.67 2.48
C5 LHG ZD . -38.11 -43.88 3.00
C6 LHG ZD . -37.21 -44.52 1.99
O7 LHG ZD . -37.29 -43.48 4.13
C7 LHG ZD . -37.96 -42.96 5.17
O9 LHG ZD . -37.81 -41.84 5.55
C8 LHG ZD . -38.88 -43.96 5.80
C9 LHG ZD . -38.38 -44.53 7.11
C10 LHG ZD . -38.95 -45.89 7.45
O8 LHG ZD . -36.78 -45.77 2.56
C23 LHG ZD . -35.51 -46.12 2.36
O10 LHG ZD . -35.18 -46.89 1.50
C24 LHG ZD . -34.60 -45.44 3.33
C11 LHG ZD . -37.90 -46.95 7.75
C12 LHG ZD . -37.63 -47.15 9.23
C13 LHG ZD . -36.34 -47.89 9.53
C14 LHG ZD . -36.01 -47.98 11.01
C15 LHG ZD . -35.11 -46.89 11.48
C16 LHG ZD . -34.55 -46.81 12.67
C17 LHG ZD . -33.31 -46.05 12.99
C18 LHG ZD . -33.53 -44.96 14.04
C19 LHG ZD . -32.32 -44.06 14.24
C20 LHG ZD . -31.97 -43.80 15.70
C21 LHG ZD . -30.62 -43.16 15.90
C22 LHG ZD . -30.64 -42.09 16.96
C25 LHG ZD . -33.17 -45.94 3.25
C26 LHG ZD . -32.89 -47.10 4.20
C27 LHG ZD . -31.50 -47.10 4.80
C28 LHG ZD . -31.11 -48.42 5.43
C29 LHG ZD . -30.71 -48.31 6.90
C30 LHG ZD . -29.95 -47.04 7.23
C31 LHG ZD . -29.30 -47.05 8.61
C32 LHG ZD . -29.68 -45.87 9.48
C33 LHG ZD . -29.69 -46.16 10.97
C34 LHG ZD . -29.39 -44.96 11.84
C35 LHG ZD . -28.63 -45.30 13.12
C36 LHG ZD . -28.07 -44.09 13.84
C37 LHG ZD . -28.02 -44.24 15.34
C38 LHG ZD . -27.66 -42.96 16.06
O1 LHG AE . -26.06 -42.62 -0.70
C1 LHG AE . -25.36 -41.60 -1.40
C2 LHG AE . -26.08 -40.27 -1.32
O2 LHG AE . -26.87 -40.06 -2.50
C3 LHG AE . -25.18 -39.08 -1.11
O3 LHG AE . -25.84 -38.11 -0.29
P LHG AE . -25.23 -37.75 1.16
O4 LHG AE . -23.84 -37.27 0.98
O5 LHG AE . -26.21 -36.91 1.88
O6 LHG AE . -25.17 -39.19 1.90
C4 LHG AE . -24.38 -39.33 3.08
C5 LHG AE . -23.42 -40.48 2.92
C6 LHG AE . -22.89 -40.64 1.51
O7 LHG AE . -22.29 -40.29 3.79
C7 LHG AE . -22.58 -40.24 5.10
O9 LHG AE . -22.39 -39.27 5.78
C8 LHG AE . -23.15 -41.53 5.61
C9 LHG AE . -22.18 -42.34 6.43
C10 LHG AE . -22.51 -43.83 6.45
O8 LHG AE . -22.20 -41.91 1.48
C23 LHG AE . -21.06 -41.95 0.79
O10 LHG AE . -20.99 -42.35 -0.34
C24 LHG AE . -19.92 -41.42 1.60
C11 LHG AE . -21.35 -44.72 6.05
C12 LHG AE . -20.57 -45.29 7.21
C13 LHG AE . -19.20 -45.85 6.83
C14 LHG AE . -18.37 -46.31 8.02
C15 LHG AE . -17.45 -45.26 8.53
C16 LHG AE . -16.51 -45.42 9.44
C17 LHG AE . -15.29 -44.59 9.60
C18 LHG AE . -15.21 -43.91 10.97
C19 LHG AE . -14.07 -42.91 11.07
C20 LHG AE . -13.25 -43.03 12.35
C21 LHG AE . -11.97 -42.24 12.33
C22 LHG AE . -11.68 -41.54 13.64
C25 LHG AE . -18.57 -41.62 0.92
C26 LHG AE . -17.90 -42.93 1.30
C27 LHG AE . -16.39 -42.86 1.39
C28 LHG AE . -15.71 -44.22 1.39
C29 LHG AE . -14.84 -44.46 2.62
C30 LHG AE . -14.09 -43.24 3.10
C31 LHG AE . -13.01 -43.53 4.13
C32 LHG AE . -13.14 -42.74 5.42
C33 LHG AE . -12.61 -43.46 6.65
C34 LHG AE . -12.11 -42.53 7.73
C35 LHG AE . -10.93 -43.07 8.52
C36 LHG AE . -10.24 -42.05 9.40
C37 LHG AE . -9.65 -42.63 10.67
C38 LHG AE . -9.16 -41.57 11.63
O1 LHG BE . -13.54 -36.08 -3.67
C1 LHG BE . -13.20 -34.78 -4.17
C2 LHG BE . -13.94 -33.68 -3.43
O2 LHG BE . -15.10 -33.28 -4.16
C3 LHG BE . -13.10 -32.47 -3.12
O3 LHG BE . -13.50 -31.92 -1.86
P LHG BE . -12.44 -31.90 -0.64
O4 LHG BE . -11.24 -31.14 -1.08
O5 LHG BE . -13.18 -31.49 0.58
O6 LHG BE . -12.04 -33.45 -0.49
C4 LHG BE . -10.88 -33.79 0.27
C5 LHG BE . -9.96 -34.65 -0.56
C6 LHG BE . -9.94 -34.29 -2.01
O7 LHG BE . -8.60 -34.52 -0.05
C7 LHG BE . -8.42 -34.91 1.22
O9 LHG BE . -8.08 -34.16 2.08
C8 LHG BE . -8.71 -36.37 1.41
C9 LHG BE . -7.44 -37.21 1.58
C10 LHG BE . -7.64 -38.66 1.19
O8 LHG BE . -9.22 -35.34 -2.68
C23 LHG BE . -8.40 -34.98 -3.67
O10 LHG BE . -8.69 -35.02 -4.82
C24 LHG BE . -7.08 -34.52 -3.13
C11 LHG BE . -6.64 -39.18 0.17
C12 LHG BE . -5.46 -39.92 0.78
C13 LHG BE . -4.28 -40.08 -0.17
C14 LHG BE . -3.05 -40.71 0.48
C15 LHG BE . -2.07 -39.70 1.00
C16 LHG BE . -0.88 -39.96 1.46
C17 LHG BE . 0.27 -39.00 1.52
C18 LHG BE . 0.76 -38.74 2.94
C19 LHG BE . 1.81 -37.63 3.01
C20 LHG BE . 3.02 -37.97 3.85
C21 LHG BE . 4.15 -37.00 3.71
C22 LHG BE . 4.83 -36.68 5.02
C25 LHG BE . -6.04 -34.26 -4.21
C26 LHG BE . -5.20 -35.49 -4.51
C27 LHG BE . -3.76 -35.18 -4.87
C28 LHG BE . -3.02 -36.34 -5.54
C29 LHG BE . -1.76 -36.77 -4.80
C30 LHG BE . -0.99 -35.62 -4.18
C31 LHG BE . 0.41 -36.01 -3.70
C32 LHG BE . 0.67 -35.66 -2.25
C33 LHG BE . 1.65 -36.60 -1.57
C34 LHG BE . 2.44 -35.95 -0.44
C35 LHG BE . 3.85 -36.49 -0.29
C36 LHG BE . 4.74 -35.66 0.63
C37 LHG BE . 5.76 -36.46 1.38
C38 LHG BE . 6.49 -35.66 2.44
O1 LHG CE . -3.34 -26.81 -7.98
C1 LHG CE . -3.28 -25.39 -8.10
C2 LHG CE . -3.79 -24.71 -6.84
O2 LHG CE . -5.16 -24.33 -7.00
C3 LHG CE . -2.97 -23.51 -6.42
O3 LHG CE . -2.95 -23.44 -4.99
P LHG CE . -1.54 -23.59 -4.23
O4 LHG CE . -0.63 -22.53 -4.73
O5 LHG CE . -1.82 -23.68 -2.77
O6 LHG CE . -0.99 -25.00 -4.73
C4 LHG CE . 0.38 -25.35 -4.52
C5 LHG CE . 0.99 -25.75 -5.84
C6 LHG CE . 0.49 -24.98 -7.03
O7 LHG CE . 2.44 -25.54 -5.77
C7 LHG CE . 3.08 -26.24 -4.82
O9 LHG CE . 3.65 -25.72 -3.90
C8 LHG CE . 2.99 -27.72 -5.05
C9 LHG CE . 4.27 -28.32 -5.57
C10 LHG CE . 4.06 -29.62 -6.34
O8 LHG CE . 1.00 -25.66 -8.20
C23 LHG CE . 1.40 -24.87 -9.19
O10 LHG CE . 0.72 -24.63 -10.15
C24 LHG CE . 2.79 -24.36 -8.97
C11 LHG CE . 4.67 -29.62 -7.73
C12 LHG CE . 6.04 -30.28 -7.81
C13 LHG CE . 6.82 -29.95 -9.06
C14 LHG CE . 8.24 -30.51 -9.08
C15 LHG CE . 9.26 -29.55 -8.58
C16 LHG CE . 10.56 -29.70 -8.62
C17 LHG CE . 11.58 -28.62 -8.60
C18 LHG CE . 12.53 -28.70 -7.41
C19 LHG CE . 13.45 -27.50 -7.29
C20 LHG CE . 14.90 -27.84 -7.03
C21 LHG CE . 15.85 -26.68 -7.18
C22 LHG CE . 16.92 -26.64 -6.11
C25 LHG CE . 3.36 -23.62 -10.17
C26 LHG CE . 4.12 -24.53 -11.12
C27 LHG CE . 5.32 -23.88 -11.77
C28 LHG CE . 5.85 -24.64 -12.97
C29 LHG CE . 7.32 -25.03 -12.85
C30 LHG CE . 8.19 -24.00 -12.16
C31 LHG CE . 9.69 -24.25 -12.29
C32 LHG CE . 10.42 -24.30 -10.96
C33 LHG CE . 11.64 -25.21 -10.97
C34 LHG CE . 12.72 -24.80 -9.99
C35 LHG CE . 14.14 -25.09 -10.47
C36 LHG CE . 15.22 -24.42 -9.65
C37 LHG CE . 16.50 -25.21 -9.56
C38 LHG CE . 17.50 -24.64 -8.57
O1 LHG DE . 4.06 -15.04 -11.87
C1 LHG DE . 3.96 -13.65 -11.51
C2 LHG DE . 3.88 -13.47 -10.01
O2 LHG DE . 2.53 -13.31 -9.60
C3 LHG DE . 4.71 -12.32 -9.48
O3 LHG DE . 5.23 -12.67 -8.19
P LHG DE . 6.83 -12.78 -7.99
O4 LHG DE . 7.43 -11.48 -8.37
O5 LHG DE . 7.08 -13.34 -6.64
O6 LHG DE . 7.25 -13.87 -9.09
C4 LHG DE . 8.63 -14.00 -9.44
C5 LHG DE . 8.78 -13.88 -10.94
C6 LHG DE . 7.84 -12.90 -11.57
O7 LHG DE . 10.14 -13.45 -11.24
C7 LHG DE . 11.11 -14.27 -10.83
O9 LHG DE . 11.93 -13.95 -10.02
C8 LHG DE . 11.05 -15.61 -11.51
C9 LHG DE . 12.11 -15.80 -12.57
C10 LHG DE . 11.73 -16.83 -13.62
O8 LHG DE . 7.95 -13.11 -13.00
C23 LHG DE . 7.92 -12.01 -13.75
O10 LHG DE . 6.93 -11.63 -14.31
C24 LHG DE . 9.27 -11.35 -13.82
C11 LHG DE . 11.82 -16.31 -15.05
C12 LHG DE . 13.12 -16.67 -15.76
C13 LHG DE . 13.39 -15.85 -17.00
C14 LHG DE . 14.75 -16.12 -17.65
C15 LHG DE . 15.80 -15.17 -17.19
C16 LHG DE . 17.02 -15.08 -17.68
C17 LHG DE . 17.90 -13.88 -17.62
C18 LHG DE . 19.21 -14.14 -16.87
C19 LHG DE . 20.03 -12.88 -16.65
C20 LHG DE . 21.50 -13.02 -16.98
C21 LHG DE . 22.26 -11.71 -17.01
C22 LHG DE . 23.62 -11.80 -16.39
C25 LHG DE . 9.32 -10.20 -14.80
C26 LHG DE . 9.77 -10.65 -16.18
C27 LHG DE . 10.62 -9.63 -16.92
C28 LHG DE . 10.75 -9.90 -18.41
C29 LHG DE . 12.19 -10.04 -18.89
C30 LHG DE . 13.17 -9.11 -18.20
C31 LHG DE . 14.54 -9.04 -18.85
C32 LHG DE . 15.69 -9.35 -17.91
C33 LHG DE . 16.89 -9.99 -18.60
C34 LHG DE . 18.21 -9.69 -17.93
C35 LHG DE . 19.39 -9.57 -18.89
C36 LHG DE . 20.65 -8.98 -18.27
C37 LHG DE . 21.92 -9.52 -18.85
C38 LHG DE . 23.16 -9.10 -18.09
O1 LHG EE . 8.79 -1.51 -13.66
C1 LHG EE . 8.74 -0.34 -12.84
C2 LHG EE . 9.17 -0.62 -11.43
O2 LHG EE . 8.03 -0.83 -10.59
C3 LHG EE . 10.05 0.46 -10.82
O3 LHG EE . 11.01 -0.15 -9.94
P LHG EE . 12.57 -0.03 -10.30
O4 LHG EE . 12.92 1.41 -10.39
O5 LHG EE . 13.32 -0.91 -9.37
O6 LHG EE . 12.68 -0.66 -11.77
C4 LHG EE . 13.85 -0.43 -12.55
C5 LHG EE . 13.45 0.14 -13.90
C6 LHG EE . 12.29 1.07 -13.85
O7 LHG EE . 14.58 0.88 -14.45
C7 LHG EE . 15.70 0.17 -14.65
O9 LHG EE . 16.72 0.38 -14.07
C8 LHG EE . 15.49 -0.90 -15.68
C9 LHG EE . 16.13 -0.58 -17.02
C10 LHG EE . 15.47 -1.31 -18.19
O8 LHG EE . 11.90 1.33 -15.22
C23 LHG EE . 11.53 2.58 -15.51
O10 LHG EE . 10.39 2.92 -15.57
C24 LHG EE . 12.72 3.46 -15.75
C11 LHG EE . 15.02 -0.40 -19.31
C12 LHG EE . 16.01 -0.29 -20.46
C13 LHG EE . 15.77 0.89 -21.38
C14 LHG EE . 16.83 1.07 -22.45
C15 LHG EE . 17.92 2.01 -22.06
C16 LHG EE . 18.88 2.46 -22.84
C17 LHG EE . 19.64 3.73 -22.66
C18 LHG EE . 21.14 3.51 -22.48
C19 LHG EE . 21.90 4.77 -22.11
C20 LHG EE . 23.16 4.99 -22.91
C21 LHG EE . 23.76 6.36 -22.73
C22 LHG EE . 25.26 6.34 -22.61
C25 LHG EE . 12.36 4.83 -16.27
C26 LHG EE . 12.32 4.90 -17.78
C27 LHG EE . 12.78 6.22 -18.36
C28 LHG EE . 12.41 6.43 -19.82
C29 LHG EE . 13.59 6.69 -20.73
C30 LHG EE . 14.69 7.53 -20.11
C31 LHG EE . 15.73 8.03 -21.09
C32 LHG EE . 17.16 7.67 -20.72
C33 LHG EE . 18.08 7.50 -21.91
C34 LHG EE . 19.54 7.81 -21.61
C35 LHG EE . 20.29 8.42 -22.80
C36 LHG EE . 21.63 9.01 -22.43
C37 LHG EE . 22.66 8.90 -23.53
C38 LHG EE . 24.06 9.29 -23.09
O1 LHG FE . 11.66 12.56 -12.17
C1 LHG FE . 11.81 13.42 -11.04
C2 LHG FE . 12.74 12.82 -10.00
O2 LHG FE . 11.98 12.18 -8.98
C3 LHG FE . 13.68 13.81 -9.37
O3 LHG FE . 14.93 13.16 -9.10
P LHG FE . 16.26 13.65 -9.85
O4 LHG FE . 16.45 15.09 -9.56
O5 LHG FE . 17.35 12.69 -9.55
O6 LHG FE . 15.88 13.50 -11.40
C4 LHG FE . 16.69 14.16 -12.39
C5 LHG FE . 15.81 15.02 -13.27
C6 LHG FE . 14.67 15.67 -12.55
O7 LHG FE . 16.62 16.08 -13.86
C7 LHG FE . 17.64 15.66 -14.63
O9 LHG FE . 18.79 15.88 -14.35
C8 LHG FE . 17.17 14.92 -15.83
C9 LHG FE . 17.27 15.73 -17.11
C10 LHG FE . 16.30 15.27 -18.19
O8 LHG FE . 13.82 16.24 -13.57
C23 LHG FE . 13.29 17.43 -13.30
O10 LHG FE . 12.17 17.57 -12.89
C24 LHG FE . 14.25 18.55 -13.59
C11 LHG FE . 15.43 16.37 -18.75
C12 LHG FE . 15.94 16.99 -20.05
C13 LHG FE . 15.32 18.32 -20.40
C14 LHG FE . 15.91 18.99 -21.62
C15 LHG FE . 17.00 19.96 -21.29
C16 LHG FE . 17.60 20.78 -22.13
C17 LHG FE . 18.29 22.05 -21.78
C18 LHG FE . 19.76 22.05 -22.16
C19 LHG FE . 20.51 23.27 -21.62
C20 LHG FE . 21.40 23.94 -22.66
C21 LHG FE . 21.93 25.29 -22.23
C22 LHG FE . 23.37 25.51 -22.59
C25 LHG FE . 13.63 19.93 -13.47
C26 LHG FE . 13.07 20.42 -14.80
C27 LHG FE . 13.21 21.91 -15.00
C28 LHG FE . 12.33 22.47 -16.11
C29 LHG FE . 13.10 23.19 -17.20
C30 LHG FE . 14.28 23.99 -16.70
C31 LHG FE . 14.88 24.94 -17.73
C32 LHG FE . 16.37 24.75 -17.96
C33 LHG FE . 16.83 25.10 -19.37
C34 LHG FE . 18.27 25.57 -19.44
C35 LHG FE . 18.52 26.62 -20.52
C36 LHG FE . 19.86 27.30 -20.42
C37 LHG FE . 20.45 27.71 -21.75
C38 LHG FE . 21.88 28.20 -21.65
O1 LHG GE . 13.88 25.87 -7.02
C1 LHG GE . 14.36 26.36 -5.77
C2 LHG GE . 15.62 25.66 -5.33
O2 LHG GE . 15.32 24.62 -4.40
C3 LHG GE . 16.66 26.58 -4.73
O3 LHG GE . 17.97 26.11 -5.09
P LHG GE . 18.92 27.03 -6.01
O4 LHG GE . 19.10 28.34 -5.31
O5 LHG GE . 20.10 26.24 -6.40
O6 LHG GE . 18.03 27.28 -7.32
C4 LHG GE . 18.40 28.33 -8.23
C5 LHG GE . 17.21 29.23 -8.46
C6 LHG GE . 16.35 29.44 -7.24
O7 LHG GE . 17.69 30.55 -8.87
C7 LHG GE . 18.41 30.57 -10.01
O9 LHG GE . 19.55 30.89 -10.05
C8 LHG GE . 17.59 30.13 -11.18
C9 LHG GE . 17.18 31.29 -12.08
C10 LHG GE . 15.93 31.00 -12.90
O8 LHG GE . 15.16 30.11 -7.69
C23 LHG GE . 14.67 31.06 -6.89
O10 LHG GE . 13.77 30.87 -6.13
C24 LHG GE . 15.39 32.36 -7.07
C11 LHG GE . 14.84 32.04 -12.75
C12 LHG GE . 14.82 33.08 -13.86
C13 LHG GE . 14.03 34.32 -13.54
C14 LHG GE . 14.11 35.43 -14.59
C15 LHG GE . 15.18 36.42 -14.30
C16 LHG GE . 15.38 37.55 -14.96
C17 LHG GE . 16.07 38.76 -14.43
C18 LHG GE . 17.31 39.15 -15.22
C19 LHG GE . 18.10 40.27 -14.57
C20 LHG GE . 18.53 41.35 -15.54
C21 LHG GE . 19.09 42.59 -14.86
C22 LHG GE . 20.29 43.16 -15.57
C25 LHG GE . 14.76 33.51 -6.32
C26 LHG GE . 13.74 34.26 -7.15
C27 LHG GE . 13.69 35.76 -6.88
C28 LHG GE . 12.45 36.44 -7.41
C29 LHG GE . 12.74 37.58 -8.37
C30 LHG GE . 13.97 38.40 -8.03
C31 LHG GE . 14.09 39.69 -8.81
C32 LHG GE . 15.41 39.85 -9.54
C33 LHG GE . 15.33 40.66 -10.81
C34 LHG GE . 16.61 41.39 -11.17
C35 LHG GE . 16.40 42.72 -11.86
C36 LHG GE . 17.65 43.59 -11.95
C37 LHG GE . 17.70 44.46 -13.18
C38 LHG GE . 19.04 45.15 -13.37
O1 LHG HE . 16.84 37.25 1.35
C1 LHG HE . 17.68 37.45 2.48
C2 LHG HE . 19.07 36.88 2.24
O2 LHG HE . 19.18 35.59 2.82
C3 LHG HE . 20.19 37.75 2.77
O3 LHG HE . 21.33 37.65 1.88
P LHG HE . 21.82 38.96 1.09
O4 LHG HE . 22.15 40.02 2.08
O5 LHG HE . 22.85 38.53 0.11
O6 LHG HE . 20.51 39.42 0.28
C4 LHG HE . 20.47 40.73 -0.30
C5 LHG HE . 19.22 41.44 0.17
C6 LHG HE . 18.82 41.13 1.59
O7 LHG HE . 19.43 42.88 0.09
C7 LHG HE . 19.70 43.35 -1.14
O9 LHG HE . 20.74 43.88 -1.42
C8 LHG HE . 18.55 43.14 -2.08
C9 LHG HE . 17.78 44.42 -2.37
C10 LHG HE . 16.35 44.16 -2.80
O8 LHG HE . 17.51 41.68 1.77
C23 LHG HE . 17.27 42.24 2.96
O10 LHG HE . 16.69 41.68 3.85
C24 LHG HE . 17.79 43.64 3.01
C11 LHG HE . 15.31 44.91 -1.99
C12 LHG HE . 14.84 46.21 -2.62
C13 LHG HE . 14.11 47.14 -1.66
C14 LHG HE . 13.75 48.49 -2.27
C15 LHG HE . 14.78 49.54 -2.00
C16 LHG HE . 14.66 50.83 -2.27
C17 LHG HE . 15.40 51.93 -1.60
C18 LHG HE . 16.25 52.74 -2.56
C19 LHG HE . 17.15 53.75 -1.86
C20 LHG HE . 17.14 55.14 -2.49
C21 LHG HE . 17.80 56.20 -1.64
C22 LHG HE . 18.65 57.15 -2.45
C25 LHG HE . 17.38 44.40 4.26
C26 LHG HE . 16.08 45.16 4.08
C27 LHG HE . 16.03 46.47 4.85
C28 LHG HE . 14.63 47.06 4.99
C29 LHG HE . 14.48 48.45 4.42
C30 LHG HE . 15.69 49.34 4.63
C31 LHG HE . 15.46 50.81 4.32
C32 LHG HE . 16.43 51.41 3.32
C33 LHG HE . 15.85 52.53 2.48
C34 LHG HE . 16.88 53.54 2.01
C35 LHG HE . 16.34 54.97 1.91
C36 LHG HE . 17.41 56.03 1.74
C37 LHG HE . 16.98 57.21 0.92
C38 LHG HE . 18.10 58.15 0.57
O1 LHG IE . 21.74 46.05 11.70
C1 LHG IE . 22.92 46.05 12.51
C2 LHG IE . 24.17 45.83 11.69
O2 LHG IE . 24.56 44.46 11.72
C3 LHG IE . 25.34 46.71 12.10
O3 LHG IE . 26.09 47.06 10.94
P LHG IE . 26.18 48.61 10.50
O4 LHG IE . 26.76 49.37 11.64
O5 LHG IE . 26.83 48.68 9.18
O6 LHG IE . 24.65 49.05 10.33
C4 LHG IE . 24.31 50.43 10.28
C5 LHG IE . 23.26 50.74 11.32
C6 LHG IE . 23.41 49.96 12.60
O7 LHG IE . 23.33 52.15 11.67
C7 LHG IE . 23.12 53.01 10.65
O9 LHG IE . 23.95 53.77 10.26
C8 LHG IE . 21.74 52.89 10.10
C9 LHG IE . 20.82 54.03 10.51
C10 LHG IE . 19.35 53.66 10.47
O8 LHG IE . 22.21 50.19 13.36
C23 LHG IE . 22.35 50.34 14.67
O10 LHG IE . 22.17 49.45 15.46
C24 LHG IE . 22.77 51.74 15.02
C11 LHG IE . 18.61 53.94 11.77
C12 LHG IE . 17.86 55.25 11.78
C13 LHG IE . 17.46 55.73 13.17
C14 LHG IE . 16.81 57.10 13.21
C15 LHG IE . 17.80 58.20 13.47
C16 LHG IE . 17.51 59.46 13.70
C17 LHG IE . 18.35 60.44 14.44
C18 LHG IE . 18.76 61.64 13.59
C19 LHG IE . 19.78 62.53 14.27
C20 LHG IE . 19.45 64.02 14.19
C21 LHG IE . 20.29 64.89 15.09
C22 LHG IE . 20.73 66.17 14.43
C25 LHG IE . 22.77 52.00 16.52
C26 LHG IE . 21.45 52.54 17.02
C27 LHG IE . 21.57 53.54 18.16
C28 LHG IE . 20.28 53.80 18.90
C29 LHG IE . 19.83 55.25 18.91
C30 LHG IE . 20.99 56.24 19.02
C31 LHG IE . 20.55 57.67 19.32
C32 LHG IE . 21.07 58.70 18.33
C33 LHG IE . 20.15 59.89 18.13
C34 LHG IE . 20.87 61.16 17.74
C35 LHG IE . 20.24 62.43 18.30
C36 LHG IE . 21.12 63.67 18.16
C37 LHG IE . 20.34 64.95 17.96
C38 LHG IE . 21.21 66.13 17.62
O1 LHG JE . 29.34 52.15 22.35
C1 LHG JE . 30.71 52.13 22.71
C2 LHG JE . 31.61 52.40 21.52
O2 LHG JE . 32.09 51.18 20.98
C3 LHG JE . 32.78 53.31 21.82
O3 LHG JE . 33.06 54.12 20.68
P LHG JE . 32.90 55.71 20.78
O4 LHG JE . 33.77 56.20 21.87
O5 LHG JE . 33.03 56.29 19.42
O6 LHG JE . 31.36 55.89 21.25
C4 LHG JE . 30.94 57.16 21.77
C5 LHG JE . 30.30 56.95 23.13
C6 LHG JE . 30.94 55.88 23.95
O7 LHG JE . 30.39 58.19 23.89
C7 LHG JE . 29.77 59.26 23.33
O9 LHG JE . 30.37 60.23 22.98
C8 LHG JE . 28.30 59.06 23.22
C9 LHG JE . 27.51 59.84 24.25
C10 LHG JE . 26.14 59.24 24.55
O8 LHG JE . 30.06 55.66 25.07
C23 LHG JE . 30.65 55.43 26.25
O10 LHG JE . 30.81 54.34 26.71
C24 LHG JE . 31.06 56.71 26.91
C11 LHG JE . 25.89 59.00 26.02
C12 LHG JE . 25.10 60.10 26.71
C13 LHG JE . 25.17 60.06 28.23
C14 LHG JE . 24.49 61.23 28.92
C15 LHG JE . 25.43 62.35 29.22
C16 LHG JE . 25.15 63.42 29.94
C17 LHG JE . 26.13 64.27 30.66
C18 LHG JE . 26.13 65.72 30.18
C19 LHG JE . 27.26 66.55 30.78
C20 LHG JE . 26.82 67.91 31.31
C21 LHG JE . 27.86 68.61 32.14
C22 LHG JE . 27.96 70.09 31.85
C25 LHG JE . 31.57 56.53 28.33
C26 LHG JE . 30.47 56.65 29.36
C27 LHG JE . 30.91 57.29 30.67
C28 LHG JE . 29.94 57.07 31.81
C29 LHG JE . 29.44 58.36 32.44
C30 LHG JE . 30.48 59.46 32.52
C31 LHG JE . 30.07 60.65 33.40
C32 LHG JE . 30.15 61.99 32.69
C33 LHG JE . 29.14 63.01 33.21
C34 LHG JE . 29.59 64.44 33.07
C35 LHG JE . 29.11 65.36 34.18
C36 LHG JE . 29.79 66.72 34.21
C37 LHG JE . 28.91 67.83 34.70
C38 LHG JE . 29.52 69.21 34.53
O1 LHG KE . -70.56 -70.69 -43.92
C1 LHG KE . -70.34 -69.93 -42.74
C2 LHG KE . -69.32 -70.58 -41.84
O2 LHG KE . -69.96 -71.32 -40.81
C3 LHG KE . -68.34 -69.61 -41.21
O3 LHG KE . -67.06 -70.23 -41.09
P LHG KE . -65.81 -69.64 -41.91
O4 LHG KE . -65.63 -68.22 -41.52
O5 LHG KE . -64.67 -70.58 -41.78
O6 LHG KE . -66.31 -69.67 -43.43
C4 LHG KE . -65.62 -68.91 -44.42
C5 LHG KE . -66.59 -68.01 -45.15
C6 LHG KE . -67.67 -67.46 -44.28
O7 LHG KE . -65.85 -66.89 -45.71
C7 LHG KE . -64.89 -67.21 -46.60
O9 LHG KE . -63.72 -66.97 -46.41
C8 LHG KE . -65.44 -67.86 -47.82
C9 LHG KE . -65.48 -66.95 -49.04
C10 LHG KE . -66.52 -67.35 -50.07
O8 LHG KE . -68.62 -66.84 -45.19
C23 LHG KE . -69.16 -65.69 -44.78
O10 LHG KE . -70.25 -65.63 -44.26
C24 LHG KE . -68.26 -64.53 -45.05
C11 LHG KE . -67.47 -66.24 -50.45
C12 LHG KE . -67.08 -65.51 -51.73
C13 LHG KE . -67.77 -64.17 -51.92
C14 LHG KE . -67.30 -63.38 -53.13
C15 LHG KE . -66.22 -62.41 -52.81
C16 LHG KE . -65.72 -61.50 -53.62
C17 LHG KE . -65.03 -60.24 -53.22
C18 LHG KE . -63.60 -60.15 -53.72
C19 LHG KE . -62.84 -58.96 -53.16
C20 LHG KE . -62.06 -58.18 -54.19
C21 LHG KE . -61.53 -56.85 -53.70
C22 LHG KE . -60.13 -56.56 -54.16
C25 LHG KE . -68.90 -63.19 -44.77
C26 LHG KE . -69.59 -62.61 -45.99
C27 LHG KE . -69.51 -61.10 -46.09
C28 LHG KE . -70.49 -60.48 -47.06
C29 LHG KE . -69.85 -59.65 -48.16
C30 LHG KE . -68.64 -58.84 -47.69
C31 LHG KE . -68.16 -57.81 -48.68
C32 LHG KE . -66.69 -57.92 -49.05
C33 LHG KE . -66.35 -57.45 -50.45
C34 LHG KE . -64.95 -56.92 -50.62
C35 LHG KE . -64.82 -55.79 -51.61
C36 LHG KE . -63.49 -55.06 -51.57
C37 LHG KE . -63.02 -54.53 -52.90
C38 LHG KE . -61.62 -54.00 -52.88
O1 LHG LE . -68.27 -57.78 -37.88
C1 LHG LE . -67.70 -57.36 -36.63
C2 LHG LE . -66.38 -58.06 -36.37
O2 LHG LE . -66.58 -59.18 -35.51
C3 LHG LE . -65.31 -57.16 -35.78
O3 LHG LE . -64.04 -57.55 -36.29
P LHG LE . -63.19 -56.52 -37.19
O4 LHG LE . -62.99 -55.28 -36.42
O5 LHG LE . -62.03 -57.25 -37.75
O6 LHG LE . -64.20 -56.21 -38.41
C4 LHG LE . -63.94 -55.08 -39.25
C5 LHG LE . -65.17 -54.19 -39.30
C6 LHG LE . -65.92 -54.12 -38.00
O7 LHG LE . -64.76 -52.84 -39.65
C7 LHG LE . -64.14 -52.70 -40.84
O9 LHG LE . -63.01 -52.34 -40.94
C8 LHG LE . -65.04 -53.06 -41.97
C9 LHG LE . -65.56 -51.86 -42.74
C10 LHG LE . -66.87 -52.13 -43.47
O8 LHG LE . -67.17 -53.45 -38.31
C23 LHG LE . -67.61 -52.59 -37.39
O10 LHG LE . -68.44 -52.87 -36.58
C24 LHG LE . -66.94 -51.26 -37.52
C11 LHG LE . -67.96 -51.13 -43.14
C12 LHG LE . -68.10 -50.00 -44.15
C13 LHG LE . -68.91 -48.82 -43.66
C14 LHG LE . -68.94 -47.63 -44.63
C15 LHG LE . -67.89 -46.62 -44.35
C16 LHG LE . -67.76 -45.45 -44.92
C17 LHG LE . -67.08 -44.26 -44.35
C18 LHG LE . -65.92 -43.77 -45.20
C19 LHG LE . -65.09 -42.68 -44.54
C20 LHG LE . -64.77 -41.50 -45.44
C21 LHG LE . -64.21 -40.31 -44.72
C22 LHG LE . -63.08 -39.64 -45.46
C25 LHG LE . -67.54 -50.19 -36.62
C26 LHG LE . -68.65 -49.41 -37.30
C27 LHG LE . -68.71 -47.94 -36.90
C28 LHG LE . -70.01 -47.26 -37.27
C29 LHG LE . -69.85 -46.04 -38.17
C30 LHG LE . -68.61 -45.21 -37.85
C31 LHG LE . -68.59 -43.86 -38.54
C32 LHG LE . -67.33 -43.59 -39.35
C33 LHG LE . -67.55 -42.68 -40.54
C34 LHG LE . -66.32 -41.89 -40.94
C35 LHG LE . -66.63 -40.50 -41.49
C36 LHG LE . -65.41 -39.60 -41.61
C37 LHG LE . -65.49 -38.64 -42.76
C38 LHG LE . -64.20 -37.88 -43.01
O1 LHG ME . -64.92 -47.01 -28.87
C1 LHG ME . -63.98 -46.88 -27.80
C2 LHG ME . -62.61 -47.37 -28.19
O2 LHG ME . -62.41 -48.71 -27.74
C3 LHG ME . -61.46 -46.51 -27.70
O3 LHG ME . -60.42 -46.50 -28.67
P LHG ME . -60.02 -45.12 -29.40
O4 LHG ME . -59.65 -44.14 -28.34
O5 LHG ME . -59.07 -45.43 -30.50
O6 LHG ME . -61.41 -44.65 -30.06
C4 LHG ME . -61.54 -43.29 -30.52
C5 LHG ME . -62.76 -42.66 -29.88
C6 LHG ME . -63.02 -43.11 -28.48
O7 LHG ME . -62.60 -41.22 -29.86
C7 LHG ME . -62.45 -40.64 -31.06
O9 LHG ME . -61.45 -40.06 -31.39
C8 LHG ME . -63.66 -40.80 -31.92
C9 LHG ME . -64.49 -39.54 -32.04
C10 LHG ME . -65.95 -39.81 -32.38
O8 LHG ME . -64.34 -42.62 -28.14
C23 LHG ME . -64.49 -42.16 -26.89
O10 LHG ME . -64.97 -42.80 -26.00
C24 LHG ME . -64.00 -40.74 -26.77
C11 LHG ME . -66.94 -39.17 -31.42
C12 LHG ME . -67.49 -37.84 -31.90
C13 LHG ME . -68.16 -37.02 -30.81
C14 LHG ME . -68.61 -35.63 -31.26
C15 LHG ME . -67.59 -34.57 -31.00
C16 LHG ME . -67.76 -33.27 -31.15
C17 LHG ME . -67.00 -32.20 -30.46
C18 LHG ME . -66.25 -31.28 -31.41
C19 LHG ME . -65.32 -30.31 -30.70
C20 LHG ME . -65.43 -28.88 -31.21
C21 LHG ME . -64.72 -27.87 -30.34
C22 LHG ME . -63.98 -26.82 -31.13
C25 LHG ME . -64.32 -40.11 -25.43
C26 LHG ME . -65.65 -39.39 -25.43
C27 LHG ME . -65.67 -38.13 -24.56
C28 LHG ME . -67.07 -37.62 -24.26
C29 LHG ME . -67.31 -36.18 -24.69
C30 LHG ME . -66.10 -35.27 -24.52
C31 LHG ME . -66.41 -33.79 -24.68
C32 LHG ME . -65.54 -33.09 -25.70
C33 LHG ME . -66.22 -31.92 -26.39
C34 LHG ME . -65.27 -30.83 -26.85
C35 LHG ME . -65.85 -29.43 -26.79
C36 LHG ME . -64.82 -28.33 -26.97
C37 LHG ME . -65.36 -27.09 -27.64
C38 LHG ME . -64.29 -26.09 -28.01
O1 LHG NE . -59.38 -38.92 -18.27
C1 LHG NE . -58.16 -38.94 -17.56
C2 LHG NE . -56.97 -39.04 -18.50
O2 LHG NE . -56.54 -40.40 -18.60
C3 LHG NE . -55.80 -38.17 -18.11
O3 LHG NE . -55.15 -37.70 -19.30
P LHG NE . -55.13 -36.11 -19.60
O4 LHG NE . -54.48 -35.43 -18.46
O5 LHG NE . -54.61 -35.92 -20.98
O6 LHG NE . -56.69 -35.73 -19.60
C4 LHG NE . -57.07 -34.34 -19.52
C5 LHG NE . -58.04 -34.16 -18.37
C6 LHG NE . -57.76 -35.04 -17.19
O7 LHG NE . -57.97 -32.78 -17.91
C7 LHG NE . -58.29 -31.85 -18.84
O9 LHG NE . -57.52 -31.03 -19.24
C8 LHG NE . -59.72 -31.97 -19.28
C9 LHG NE . -60.62 -30.90 -18.71
C10 LHG NE . -62.08 -31.32 -18.65
O8 LHG NE . -58.90 -34.91 -16.32
C23 LHG NE . -58.64 -34.86 -15.01
O10 LHG NE . -58.73 -35.82 -14.29
C24 LHG NE . -58.24 -33.49 -14.57
C11 LHG NE . -62.72 -31.17 -17.28
C12 LHG NE . -63.49 -29.89 -17.09
C13 LHG NE . -63.80 -29.55 -15.64
C14 LHG NE . -64.47 -28.19 -15.44
C15 LHG NE . -63.50 -27.10 -15.16
C16 LHG NE . -63.80 -25.87 -14.80
C17 LHG NE . -62.92 -24.92 -14.06
C18 LHG NE . -62.62 -23.65 -14.84
C19 LHG NE . -61.58 -22.76 -14.17
C20 LHG NE . -61.95 -21.30 -14.10
C21 LHG NE . -61.06 -20.48 -13.20
C22 LHG NE . -60.71 -19.13 -13.79
C25 LHG NE . -58.11 -33.35 -13.06
C26 LHG NE . -59.40 -32.90 -12.41
C27 LHG NE . -59.21 -31.98 -11.22
C28 LHG NE . -60.45 -31.84 -10.35
C29 LHG NE . -60.92 -30.40 -10.18
C30 LHG NE . -59.79 -29.37 -10.09
C31 LHG NE . -60.25 -28.00 -9.64
C32 LHG NE . -59.83 -26.87 -10.57
C33 LHG NE . -60.80 -25.70 -10.59
C34 LHG NE . -60.15 -24.37 -10.93
C35 LHG NE . -60.76 -23.18 -10.22
C36 LHG NE . -59.94 -21.91 -10.33
C37 LHG NE . -60.76 -20.64 -10.35
C38 LHG NE . -59.96 -19.41 -10.66
O1 LHG OE . -51.09 -33.43 -7.81
C1 LHG OE . -49.68 -33.44 -7.56
C2 LHG OE . -48.90 -33.05 -8.80
O2 LHG OE . -48.43 -34.21 -9.48
C3 LHG OE . -47.73 -32.12 -8.52
O3 LHG OE . -47.57 -31.22 -9.62
P LHG OE . -47.77 -29.64 -9.37
O4 LHG OE . -46.81 -29.22 -8.31
O5 LHG OE . -47.77 -28.96 -10.68
O6 LHG OE . -49.26 -29.56 -8.75
C4 LHG OE . -49.67 -28.35 -8.10
C5 LHG OE . -50.18 -28.69 -6.71
C6 LHG OE . -49.45 -29.80 -6.04
O7 LHG OE . -50.07 -27.51 -5.86
C7 LHG OE . -50.75 -26.43 -6.28
O9 LHG OE . -50.22 -25.40 -6.60
C8 LHG OE . -52.23 -26.67 -6.28
C9 LHG OE . -52.95 -25.99 -5.13
C10 LHG OE . -54.27 -26.66 -4.77
O8 LHG OE . -50.23 -30.15 -4.87
C23 LHG OE . -49.54 -30.44 -3.77
O10 LHG OE . -49.30 -31.56 -3.42
C24 LHG OE . -49.10 -29.20 -3.05
C11 LHG OE . -54.39 -27.04 -3.30
C12 LHG OE . -55.15 -26.02 -2.46
C13 LHG OE . -54.94 -26.18 -0.96
C14 LHG OE . -55.59 -25.09 -0.13
C15 LHG OE . -54.67 -23.97 0.19
C16 LHG OE . -54.92 -22.97 1.01
C17 LHG OE . -53.90 -22.14 1.72
C18 LHG OE . -53.98 -20.66 1.36
C19 LHG OE . -52.83 -19.84 1.94
C20 LHG OE . -53.26 -18.55 2.60
C21 LHG OE . -52.17 -17.88 3.41
C22 LHG OE . -52.14 -16.39 3.23
C25 LHG OE . -48.47 -29.49 -1.70
C26 LHG OE . -49.48 -29.48 -0.56
C27 LHG OE . -48.95 -28.94 0.75
C28 LHG OE . -49.81 -29.28 1.96
C29 LHG OE . -50.29 -28.06 2.73
C30 LHG OE . -49.28 -26.93 2.81
C31 LHG OE . -49.64 -25.84 3.81
C32 LHG OE . -49.66 -24.45 3.23
C33 LHG OE . -50.65 -23.51 3.90
C34 LHG OE . -50.25 -22.05 3.84
C35 LHG OE . -50.66 -21.24 5.06
C36 LHG OE . -50.02 -19.87 5.15
C37 LHG OE . -50.89 -18.83 5.80
C38 LHG OE . -50.33 -17.42 5.69
O1 LHG PE . -40.06 -29.85 0.80
C1 LHG PE . -38.66 -29.67 0.58
C2 LHG PE . -38.39 -28.80 -0.63
O2 LHG PE . -38.11 -29.61 -1.77
C3 LHG PE . -37.27 -27.81 -0.44
O3 LHG PE . -37.56 -26.61 -1.16
P LHG PE . -37.77 -25.23 -0.34
O4 LHG PE . -36.54 -24.97 0.45
O5 LHG PE . -38.28 -24.21 -1.28
O6 LHG PE . -38.95 -25.60 0.69
C4 LHG PE . -39.19 -24.73 1.81
C5 LHG PE . -39.17 -25.55 3.08
C6 LHG PE . -38.17 -26.66 3.09
O7 LHG PE . -38.85 -24.66 4.20
C7 LHG PE . -39.71 -23.65 4.41
O9 LHG PE . -39.39 -22.50 4.31
C8 LHG PE . -41.07 -24.14 4.78
C9 LHG PE . -41.39 -23.98 6.26
C10 LHG PE . -42.45 -24.94 6.75
O8 LHG PE . -38.46 -27.46 4.25
C23 LHG PE . -37.40 -27.93 4.92
O10 LHG PE . -36.99 -29.05 4.78
C24 LHG PE . -36.83 -26.91 5.85
C11 LHG PE . -42.03 -25.75 7.97
C12 LHG PE . -42.51 -25.18 9.29
C13 LHG PE . -41.78 -25.73 10.51
C14 LHG PE . -42.18 -25.06 11.82
C15 LHG PE . -41.27 -23.93 12.20
C16 LHG PE . -41.29 -23.28 13.34
C17 LHG PE . -40.15 -22.53 13.94
C18 LHG PE . -40.45 -21.05 14.14
C19 LHG PE . -39.23 -20.24 14.57
C20 LHG PE . -39.50 -19.30 15.73
C21 LHG PE . -38.24 -18.71 16.33
C22 LHG PE . -38.38 -17.25 16.67
C25 LHG PE . -35.76 -27.45 6.76
C26 LHG PE . -36.31 -27.97 8.08
C27 LHG PE . -35.39 -27.74 9.26
C28 LHG PE . -35.74 -28.56 10.49
C29 LHG PE . -36.02 -27.74 11.74
C30 LHG PE . -35.12 -26.51 11.88
C31 LHG PE . -35.18 -25.85 13.24
C32 LHG PE . -35.51 -24.37 13.20
C33 LHG PE . -36.26 -23.87 14.42
C34 LHG PE . -36.01 -22.40 14.73
C35 LHG PE . -36.02 -22.08 16.22
C36 LHG PE . -35.49 -20.69 16.55
C37 LHG PE . -36.14 -20.07 17.75
C38 LHG PE . -35.76 -18.62 17.96
O1 LHG QE . -27.01 -27.01 6.27
C1 LHG QE . -25.78 -26.54 5.70
C2 LHG QE . -26.01 -25.31 4.84
O2 LHG QE . -26.09 -25.69 3.46
C3 LHG QE . -24.96 -24.24 5.00
O3 LHG QE . -25.58 -22.95 4.85
P LHG QE . -25.57 -21.94 6.10
O4 LHG QE . -24.17 -21.70 6.51
O5 LHG QE . -26.46 -20.79 5.77
O6 LHG QE . -26.30 -22.79 7.26
C4 LHG QE . -26.20 -22.35 8.62
C5 LHG QE . -25.68 -23.48 9.48
C6 LHG QE . -24.66 -24.35 8.79
O7 LHG QE . -25.04 -22.93 10.67
C7 LHG QE . -25.84 -22.19 11.45
O9 LHG QE . -25.67 -21.02 11.66
C8 LHG QE . -26.96 -23.00 12.05
C9 LHG QE . -26.75 -23.32 13.51
C10 LHG QE . -27.49 -24.57 13.96
O8 LHG QE . -24.47 -25.50 9.66
C23 LHG QE . -23.22 -25.95 9.77
O10 LHG QE . -22.80 -26.88 9.13
C24 LHG QE . -22.43 -25.16 10.77
C11 LHG QE . -26.62 -25.61 14.64
C12 LHG QE . -26.65 -25.55 16.15
C13 LHG QE . -25.51 -26.29 16.83
C14 LHG QE . -25.47 -26.12 18.34
C15 LHG QE . -24.57 -25.00 18.78
C16 LHG QE . -24.24 -24.73 20.02
C17 LHG QE . -23.01 -23.99 20.45
C18 LHG QE . -23.32 -22.72 21.22
C19 LHG QE . -22.09 -21.86 21.50
C20 LHG QE . -22.00 -21.36 22.93
C21 LHG QE . -20.66 -20.77 23.29
C22 LHG QE . -20.77 -19.51 24.11
C25 LHG QE . -21.07 -25.74 11.06
C26 LHG QE . -21.09 -26.71 12.23
C27 LHG QE . -19.82 -26.67 13.08
C28 LHG QE . -19.67 -27.87 14.01
C29 LHG QE . -19.56 -27.50 15.47
C30 LHG QE . -18.75 -26.24 15.73
C31 LHG QE . -18.38 -26.02 17.19
C32 LHG QE . -18.80 -24.68 17.75
C33 LHG QE . -19.12 -24.69 19.24
C34 LHG QE . -18.87 -23.36 19.93
C35 LHG QE . -18.38 -23.50 21.36
C36 LHG QE . -17.86 -22.20 21.96
C37 LHG QE . -18.11 -22.08 23.44
C38 LHG QE . -17.78 -20.71 23.99
O1 LHG RE . -13.09 -23.61 8.08
C1 LHG RE . -12.18 -22.79 7.37
C2 LHG RE . -12.78 -21.42 7.06
O2 LHG RE . -13.31 -21.39 5.75
C3 LHG RE . -11.82 -20.27 7.25
O3 LHG RE . -12.53 -19.12 7.75
P LHG RE . -12.17 -18.54 9.19
O4 LHG RE . -10.73 -18.19 9.20
O5 LHG RE . -13.19 -17.52 9.55
O6 LHG RE . -12.38 -19.81 10.16
C4 LHG RE . -11.84 -19.77 11.50
C5 LHG RE . -10.97 -21.00 11.72
C6 LHG RE . -10.21 -21.43 10.50
O7 LHG RE . -10.00 -20.70 12.77
C7 LHG RE . -10.53 -20.38 13.96
O9 LHG RE . -10.38 -19.31 14.47
C8 LHG RE . -11.31 -21.52 14.55
C9 LHG RE . -10.58 -22.22 15.68
C10 LHG RE . -11.04 -23.65 15.89
O8 LHG RE . -9.64 -22.72 10.82
C23 LHG RE . -8.41 -22.96 10.38
O10 LHG RE . -8.17 -23.57 9.39
C24 LHG RE . -7.38 -22.36 11.30
C11 LHG RE . -9.91 -24.66 15.88
C12 LHG RE . -9.41 -25.06 17.26
C13 LHG RE . -8.06 -25.75 17.26
C14 LHG RE . -7.50 -26.03 18.65
C15 LHG RE . -6.59 -24.95 19.15
C16 LHG RE . -5.86 -24.99 20.24
C17 LHG RE . -4.62 -24.21 20.49
C18 LHG RE . -4.73 -23.28 21.70
C19 LHG RE . -3.54 -22.35 21.85
C20 LHG RE . -2.99 -22.28 23.27
C21 LHG RE . -1.66 -21.58 23.37
C22 LHG RE . -1.56 -20.66 24.57
C25 LHG RE . -5.96 -22.74 10.94
C26 LHG RE . -5.50 -24.00 11.68
C27 LHG RE . -4.03 -24.00 12.05
C28 LHG RE . -3.49 -25.36 12.43
C29 LHG RE . -2.88 -25.42 13.82
C30 LHG RE . -2.13 -24.17 14.23
C31 LHG RE . -1.29 -24.33 15.48
C32 LHG RE . -1.58 -23.31 16.56
C33 LHG RE . -1.35 -23.81 17.98
C34 LHG RE . -0.98 -22.72 18.96
C35 LHG RE . -0.01 -23.18 20.05
C36 LHG RE . 0.59 -22.04 20.86
C37 LHG RE . 0.88 -22.39 22.29
C38 LHG RE . 1.28 -21.21 23.15
O1 LHG SE . 0.32 -18.45 6.56
C1 LHG SE . 0.85 -17.30 5.92
C2 LHG SE . 0.09 -16.05 6.30
O2 LHG SE . -0.87 -15.73 5.29
C3 LHG SE . 0.98 -14.84 6.55
O3 LHG SE . 0.40 -14.04 7.59
P LHG SE . 1.21 -13.85 8.97
O4 LHG SE . 2.53 -13.26 8.65
O5 LHG SE . 0.30 -13.17 9.94
O6 LHG SE . 1.44 -15.36 9.47
C4 LHG SE . 2.39 -15.62 10.49
C5 LHG SE . 3.37 -16.67 10.02
C6 LHG SE . 3.70 -16.59 8.56
O7 LHG SE . 4.62 -16.54 10.76
C7 LHG SE . 4.53 -16.68 12.08
O9 LHG SE . 4.77 -15.80 12.86
C8 LHG SE . 4.09 -18.06 12.47
C9 LHG SE . 5.21 -18.92 13.02
C10 LHG SE . 4.95 -20.41 12.87
O8 LHG SE . 4.42 -17.80 8.24
C23 LHG SE . 5.44 -17.67 7.39
O10 LHG SE . 5.36 -17.91 6.22
C24 LHG SE . 6.68 -17.19 8.09
C11 LHG SE . 6.08 -21.16 12.17
C12 LHG SE . 7.06 -21.84 13.11
C13 LHG SE . 8.36 -22.25 12.47
C14 LHG SE . 9.39 -22.81 13.44
C15 LHG SE . 10.34 -21.77 13.96
C16 LHG SE . 11.40 -22.01 14.70
C17 LHG SE . 12.60 -21.12 14.81
C18 LHG SE . 12.85 -20.63 16.23
C19 LHG SE . 13.96 -19.58 16.31
C20 LHG SE . 14.96 -19.83 17.42
C21 LHG SE . 16.18 -18.96 17.34
C22 LHG SE . 16.64 -18.44 18.69
C25 LHG SE . 7.91 -17.20 7.20
C26 LHG SE . 8.67 -18.51 7.29
C27 LHG SE . 10.18 -18.35 7.17
C28 LHG SE . 10.92 -19.64 6.89
C29 LHG SE . 11.98 -20.00 7.92
C30 LHG SE . 12.74 -18.80 8.47
C31 LHG SE . 13.97 -19.17 9.27
C32 LHG SE . 14.00 -18.57 10.67
C33 LHG SE . 14.74 -19.43 11.69
C34 LHG SE . 15.36 -18.63 12.82
C35 LHG SE . 16.67 -19.20 13.34
C36 LHG SE . 17.44 -18.26 14.26
C37 LHG SE . 18.24 -18.96 15.33
C38 LHG SE . 18.83 -18.02 16.35
O1 LHG TE . 11.94 -10.75 2.81
C1 LHG TE . 12.15 -9.38 2.46
C2 LHG TE . 11.48 -8.46 3.45
O2 LHG TE . 10.21 -8.04 2.96
C3 LHG TE . 12.30 -7.24 3.81
O3 LHG TE . 12.08 -6.90 5.18
P LHG TE . 13.30 -6.98 6.22
O4 LHG TE . 14.38 -6.10 5.74
O5 LHG TE . 12.75 -6.80 7.59
O6 LHG TE . 13.79 -8.51 6.10
C4 LHG TE . 15.06 -8.87 6.63
C5 LHG TE . 15.89 -9.55 5.55
C6 LHG TE . 15.67 -8.98 4.18
O7 LHG TE . 17.30 -9.41 5.86
C7 LHG TE . 17.69 -9.95 7.03
O9 LHG TE . 18.12 -9.31 7.94
C8 LHG TE . 17.50 -11.44 7.04
C9 LHG TE . 18.81 -12.21 6.91
C10 LHG TE . 18.62 -13.61 6.34
O8 LHG TE . 16.32 -9.90 3.26
C23 LHG TE . 16.97 -9.35 2.24
O10 LHG TE . 16.50 -9.24 1.13
C24 LHG TE . 18.34 -8.88 2.64
C11 LHG TE . 19.48 -13.91 5.13
C12 LHG TE . 20.77 -14.64 5.45
C13 LHG TE . 21.79 -14.60 4.33
C14 LHG TE . 23.13 -15.23 4.69
C15 LHG TE . 24.13 -14.24 5.20
C16 LHG TE . 25.39 -14.48 5.45
C17 LHG TE . 26.49 -13.47 5.48
C18 LHG TE . 27.19 -13.38 6.83
C19 LHG TE . 28.17 -12.22 6.92
C20 LHG TE . 29.52 -12.60 7.52
C21 LHG TE . 30.57 -11.54 7.36
C22 LHG TE . 31.43 -11.36 8.59
C25 LHG TE . 19.18 -8.41 1.47
C26 LHG TE . 20.03 -9.52 0.87
C27 LHG TE . 21.38 -9.07 0.36
C28 LHG TE . 22.06 -10.07 -0.56
C29 LHG TE . 23.43 -10.51 -0.09
C30 LHG TE . 24.24 -9.42 0.58
C31 LHG TE . 25.70 -9.77 0.79
C32 LHG TE . 26.18 -9.63 2.22
C33 LHG TE . 27.29 -10.58 2.62
C34 LHG TE . 28.20 -10.05 3.70
C35 LHG TE . 29.65 -10.51 3.56
C36 LHG TE . 30.62 -9.75 4.46
C37 LHG TE . 31.78 -10.58 4.94
C38 LHG TE . 32.63 -9.90 5.98
O1 LHG UE . 20.96 -0.35 -1.52
C1 LHG UE . 20.94 1.07 -1.43
C2 LHG UE . 20.59 1.54 -0.03
O2 LHG UE . 19.21 1.85 0.06
C3 LHG UE . 21.40 2.73 0.44
O3 LHG UE . 21.65 2.61 1.85
P LHG UE . 23.15 2.45 2.37
O4 LHG UE . 23.94 3.61 1.90
O5 LHG UE . 23.11 2.12 3.82
O6 LHG UE . 23.68 1.14 1.59
C4 LHG UE . 25.09 0.87 1.55
C5 LHG UE . 25.52 0.69 0.11
C6 LHG UE . 24.81 1.59 -0.86
O7 LHG UE . 26.94 0.98 0.01
C7 LHG UE . 27.75 0.21 0.75
O9 LHG UE . 28.44 0.62 1.63
C8 LHG UE . 27.69 -1.23 0.31
C9 LHG UE . 28.91 -1.67 -0.47
C10 LHG UE . 28.63 -2.86 -1.38
O8 LHG UE . 25.16 1.11 -2.18
C23 LHG UE . 25.36 2.05 -3.10
O10 LHG UE . 24.54 2.37 -3.90
C24 LHG UE . 26.75 2.61 -3.01
C11 LHG UE . 29.03 -2.63 -2.83
C12 LHG UE . 30.40 -3.19 -3.20
C13 LHG UE . 30.97 -2.64 -4.49
C14 LHG UE . 32.39 -3.10 -4.79
C15 LHG UE . 33.43 -2.15 -4.30
C16 LHG UE . 34.72 -2.21 -4.56
C17 LHG UE . 35.68 -1.07 -4.53
C18 LHG UE . 36.80 -1.25 -3.50
C19 LHG UE . 37.66 -0.02 -3.35
C20 LHG UE . 39.16 -0.31 -3.35
C21 LHG UE . 40.02 0.93 -3.46
C22 LHG UE . 41.23 0.89 -2.56
C25 LHG UE . 27.10 3.54 -4.15
C26 LHG UE . 27.75 2.82 -5.32
C27 LHG UE . 28.81 3.65 -6.04
C28 LHG UE . 29.19 3.10 -7.40
C29 LHG UE . 30.67 2.79 -7.55
C30 LHG UE . 31.59 3.76 -6.85
C31 LHG UE . 33.05 3.63 -7.23
C32 LHG UE . 33.99 3.44 -6.04
C33 LHG UE . 35.22 2.62 -6.35
C34 LHG UE . 36.42 2.97 -5.49
C35 LHG UE . 37.76 2.84 -6.21
C36 LHG UE . 38.92 3.46 -5.45
C37 LHG UE . 40.24 2.75 -5.68
C38 LHG UE . 41.35 3.24 -4.77
O1 LHG VE . 27.16 12.31 -4.66
C1 LHG VE . 27.06 13.62 -4.09
C2 LHG VE . 27.20 13.59 -2.58
O2 LHG VE . 25.91 13.61 -1.96
C3 LHG VE . 28.04 14.71 -2.01
O3 LHG VE . 28.77 14.23 -0.87
P LHG VE . 30.37 14.19 -0.93
O4 LHG VE . 30.86 15.57 -1.19
O5 LHG VE . 30.86 13.46 0.27
O6 LHG VE . 30.68 13.28 -2.22
C4 LHG VE . 32.00 13.29 -2.78
C5 LHG VE . 31.91 13.62 -4.26
C6 LHG VE . 30.85 14.63 -4.60
O7 LHG VE . 33.18 14.19 -4.69
C7 LHG VE . 34.26 13.38 -4.54
O9 LHG VE . 35.17 13.64 -3.82
C8 LHG VE . 34.14 12.16 -5.39
C9 LHG VE . 35.04 12.19 -6.61
C10 LHG VE . 34.55 11.29 -7.74
O8 LHG VE . 30.75 14.62 -6.04
C23 LHG VE . 30.56 15.81 -6.62
O10 LHG VE . 29.48 16.21 -6.96
C24 LHG VE . 31.84 16.57 -6.77
C11 LHG VE . 34.40 12.00 -9.07
C12 LHG VE . 35.59 11.83 -10.00
C13 LHG VE . 35.63 12.82 -11.15
C14 LHG VE . 36.88 12.73 -12.00
C15 LHG VE . 37.96 13.68 -11.57
C16 LHG VE . 39.08 13.91 -12.21
C17 LHG VE . 39.91 15.15 -12.10
C18 LHG VE . 41.32 14.88 -11.60
C19 LHG VE . 42.11 16.15 -11.30
C20 LHG VE . 43.52 16.15 -11.86
C21 LHG VE . 44.20 17.49 -11.82
C22 LHG VE . 45.65 17.41 -11.40
C25 LHG VE . 31.71 17.84 -7.58
C26 LHG VE . 31.95 17.62 -9.05
C27 LHG VE . 32.64 18.78 -9.75
C28 LHG VE . 32.56 18.74 -11.27
C29 LHG VE . 33.90 18.76 -11.96
C30 LHG VE . 34.94 19.64 -11.28
C31 LHG VE . 36.19 19.88 -12.12
C32 LHG VE . 37.48 19.52 -11.41
C33 LHG VE . 38.59 19.08 -12.35
C34 LHG VE . 39.99 19.36 -11.83
C35 LHG VE . 41.00 19.69 -12.92
C36 LHG VE . 42.30 20.26 -12.41
C37 LHG VE . 43.50 19.90 -13.24
C38 LHG VE . 44.82 20.28 -12.61
O1 LHG WE . 30.97 26.23 -5.10
C1 LHG WE . 30.98 27.28 -4.13
C2 LHG WE . 31.64 26.83 -2.84
O2 LHG WE . 30.66 26.44 -1.89
C3 LHG WE . 32.55 27.87 -2.22
O3 LHG WE . 33.66 27.21 -1.59
P LHG WE . 35.14 27.48 -2.14
O4 LHG WE . 35.41 28.94 -2.07
O5 LHG WE . 36.07 26.53 -1.47
O6 LHG WE . 35.05 27.07 -3.69
C4 LHG WE . 36.08 27.47 -4.59
C5 LHG WE . 35.46 28.21 -5.76
C6 LHG WE . 34.27 29.05 -5.41
O7 LHG WE . 36.46 29.09 -6.36
C7 LHG WE . 37.57 28.47 -6.82
O9 LHG WE . 38.66 28.67 -6.37
C8 LHG WE . 37.26 27.55 -7.95
C9 LHG WE . 37.66 28.10 -9.31
C10 LHG WE . 36.88 27.49 -10.46
O8 LHG WE . 33.68 29.46 -6.67
C23 LHG WE . 33.22 30.71 -6.71
O10 LHG WE . 32.06 30.98 -6.56
C24 LHG WE . 34.31 31.69 -6.99
C11 LHG WE . 36.22 28.53 -11.36
C12 LHG WE . 37.02 28.84 -12.62
C13 LHG WE . 36.59 30.12 -13.31
C14 LHG WE . 37.46 30.52 -14.49
C15 LHG WE . 38.56 31.47 -14.12
C16 LHG WE . 39.36 32.08 -14.96
C17 LHG WE . 40.10 33.36 -14.70
C18 LHG WE . 41.61 33.21 -14.78
C19 LHG WE . 42.36 34.46 -14.33
C20 LHG WE . 43.48 34.87 -15.27
C21 LHG WE . 44.04 36.24 -14.98
C22 LHG WE . 45.54 36.31 -15.09
C25 LHG WE . 33.81 33.10 -7.24
C26 LHG WE . 33.54 33.36 -8.72
C27 LHG WE . 33.86 34.79 -9.14
C28 LHG WE . 33.26 35.17 -10.49
C29 LHG WE . 34.28 35.63 -11.51
C30 LHG WE . 35.42 36.44 -10.94
C31 LHG WE . 36.28 37.14 -11.98
C32 LHG WE . 37.75 36.83 -11.87
C33 LHG WE . 38.51 36.88 -13.20
C34 LHG WE . 39.97 37.25 -13.06
C35 LHG WE . 40.50 38.06 -14.24
C36 LHG WE . 41.86 38.67 -13.99
C37 LHG WE . 42.73 38.79 -15.22
C38 LHG WE . 44.15 39.21 -14.94
O1 LHG XE . 33.40 40.12 -1.99
C1 LHG XE . 33.69 40.83 -0.79
C2 LHG XE . 34.78 40.14 0.00
O2 LHG XE . 34.21 39.32 1.03
C3 LHG XE . 35.77 41.09 0.64
O3 LHG XE . 37.07 40.50 0.63
P LHG XE . 38.26 41.17 -0.23
O4 LHG XE . 38.43 42.57 0.25
O5 LHG XE . 39.41 40.26 -0.23
O6 LHG XE . 37.65 41.23 -1.72
C4 LHG XE . 38.28 42.06 -2.70
C5 LHG XE . 37.24 42.97 -3.31
C6 LHG XE . 36.20 43.45 -2.34
O7 LHG XE . 37.90 44.15 -3.84
C7 LHG XE . 38.82 43.92 -4.80
O9 LHG XE . 39.98 44.16 -4.68
C8 LHG XE . 38.19 43.32 -6.03
C9 LHG XE . 38.07 44.30 -7.18
C10 LHG XE . 36.96 43.93 -8.16
O8 LHG XE . 35.17 44.09 -3.14
C23 LHG XE . 34.63 45.19 -2.62
O10 LHG XE . 33.58 45.21 -2.03
C24 LHG XE . 35.49 46.39 -2.88
C11 LHG XE . 35.96 45.05 -8.42
C12 LHG XE . 36.25 45.86 -9.67
C13 LHG XE . 35.52 47.19 -9.73
C14 LHG XE . 35.90 48.06 -10.91
C15 LHG XE . 36.99 49.04 -10.61
C16 LHG XE . 37.40 50.00 -11.39
C17 LHG XE . 38.09 51.26 -10.96
C18 LHG XE . 39.48 51.41 -11.55
C19 LHG XE . 40.25 52.59 -10.96
C20 LHG XE . 40.94 53.46 -11.99
C21 LHG XE . 41.47 54.76 -11.45
C22 LHG XE . 42.84 55.11 -11.98
C25 LHG XE . 34.84 47.71 -2.47
C26 LHG XE . 34.06 48.34 -3.61
C27 LHG XE . 34.09 49.85 -3.62
C28 LHG XE . 33.04 50.50 -4.50
C29 LHG XE . 33.61 51.42 -5.57
C30 LHG XE . 34.81 52.22 -5.14
C31 LHG XE . 35.20 53.33 -6.09
C32 LHG XE . 36.65 53.27 -6.56
C33 LHG XE . 36.87 53.84 -7.95
C34 LHG XE . 38.26 54.41 -8.16
C35 LHG XE . 38.30 55.61 -9.09
C36 LHG XE . 39.62 56.37 -9.09
C37 LHG XE . 39.97 56.99 -10.41
C38 LHG XE . 41.38 57.55 -10.45
O1 LHG YE . 35.79 52.70 4.68
C1 LHG YE . 36.44 53.05 5.90
C2 LHG YE . 37.78 52.39 6.05
O2 LHG YE . 37.66 51.21 6.85
C3 LHG YE . 38.86 53.28 6.62
O3 LHG YE . 40.11 52.94 6.02
P LHG YE . 40.87 54.05 5.12
O4 LHG YE . 41.10 55.25 5.96
O5 LHG YE . 42.02 53.38 4.45
O6 LHG YE . 39.79 54.41 3.99
C4 LHG YE . 39.97 55.59 3.21
C5 LHG YE . 38.72 56.45 3.30
C6 LHG YE . 38.05 56.42 4.63
O7 LHG YE . 39.07 57.83 3.01
C7 LHG YE . 39.61 58.05 1.79
O9 LHG YE . 40.72 58.45 1.63
C8 LHG YE . 38.64 57.74 0.69
C9 LHG YE . 38.05 58.98 0.04
C10 LHG YE . 36.71 58.72 -0.63
O8 LHG YE . 36.77 57.08 4.45
C23 LHG YE . 36.37 57.87 5.45
O10 LHG YE . 35.60 57.52 6.29
C24 LHG YE . 37.00 59.23 5.36
C11 LHG YE . 35.60 59.66 -0.18
C12 LHG YE . 35.38 60.84 -1.10
C13 LHG YE . 34.58 61.98 -0.49
C14 LHG YE . 34.46 63.21 -1.37
C15 LHG YE . 35.52 64.23 -1.09
C16 LHG YE . 35.56 65.44 -1.60
C17 LHG YE . 36.27 66.62 -1.00
C18 LHG YE . 37.36 67.18 -1.90
C19 LHG YE . 38.20 68.25 -1.22
C20 LHG YE . 38.42 69.50 -2.07
C21 LHG YE . 39.01 70.65 -1.30
C22 LHG YE . 40.08 71.39 -2.08
C25 LHG YE . 36.44 60.22 6.35
C26 LHG YE . 35.27 61.01 5.80
C27 LHG YE . 35.20 62.45 6.29
C28 LHG YE . 33.86 63.11 6.04
C29 LHG YE . 33.94 64.39 5.22
C30 LHG YE . 35.17 65.23 5.51
C31 LHG YE . 35.13 66.63 4.92
C32 LHG YE . 36.32 66.97 4.04
C33 LHG YE . 36.01 67.94 2.92
C34 LHG YE . 37.20 68.80 2.49
C35 LHG YE . 36.81 70.20 2.05
C36 LHG YE . 37.99 71.14 1.91
C37 LHG YE . 37.82 72.18 0.83
C38 LHG YE . 39.08 72.98 0.55
#